data_2SRT
#
_entry.id   2SRT
#
_cell.length_a   1.000
_cell.length_b   1.000
_cell.length_c   1.000
_cell.angle_alpha   90.00
_cell.angle_beta   90.00
_cell.angle_gamma   90.00
#
_symmetry.space_group_name_H-M   'P 1'
#
loop_
_entity.id
_entity.type
_entity.pdbx_description
1 polymer STROMELYSIN-1
2 non-polymer 'ZINC ION'
3 non-polymer N-(R-CARBOXY-ETHYL)-ALPHA-(S)-(2-PHENYLETHYL)GLYCYL-L-ARGININE-N-PHENYLAMIDE
#
_entity_poly.entity_id   1
_entity_poly.type   'polypeptide(L)'
_entity_poly.pdbx_seq_one_letter_code
;FRTFPGIPKWRKTHLTYRIVNYTPDLPKDAVDSAVEKALKVWEEVTPLTFSRLYEGEADIMISFAVREHGDFYPFDGPGN
VLAHAYAPGPGINGDAHFDDDEQWTKDTTGTNLFLVAAHEIGHSLGLFHSANTEALMYPLYHSLTDLTRFRLSQDDINGI
QSLYGPPPDSPET
;
_entity_poly.pdbx_strand_id   A
#
loop_
_chem_comp.id
_chem_comp.type
_chem_comp.name
_chem_comp.formula
8MI non-polymer N-(R-CARBOXY-ETHYL)-ALPHA-(S)-(2-PHENYLETHYL)GLYCYL-L-ARGININE-N-PHENYLAMIDE 'C25 H35 N6 O4 1'
ZN non-polymer 'ZINC ION' 'Zn 2'
#
# COMPACT_ATOMS: atom_id res chain seq x y z
N PHE A 1 -10.81 8.10 -0.03
CA PHE A 1 -10.80 7.29 1.17
C PHE A 1 -12.20 6.79 1.52
N ARG A 2 -12.25 5.69 2.25
CA ARG A 2 -13.51 5.12 2.68
C ARG A 2 -13.32 4.24 3.92
N THR A 3 -14.42 3.69 4.39
CA THR A 3 -14.38 2.82 5.55
C THR A 3 -14.82 1.41 5.18
N PHE A 4 -15.81 0.92 5.93
CA PHE A 4 -16.27 -0.46 5.75
C PHE A 4 -17.37 -0.79 6.75
N PRO A 5 -18.01 -1.97 6.52
CA PRO A 5 -19.04 -2.46 7.43
C PRO A 5 -18.43 -2.99 8.72
N GLY A 6 -18.18 -2.07 9.66
CA GLY A 6 -17.47 -2.43 10.87
C GLY A 6 -16.34 -1.43 11.13
N ILE A 7 -16.11 -0.56 10.16
CA ILE A 7 -15.06 0.45 10.29
C ILE A 7 -13.70 -0.24 10.30
N PRO A 8 -12.90 0.07 9.24
CA PRO A 8 -11.56 -0.47 9.14
C PRO A 8 -10.60 0.23 10.11
N LYS A 9 -9.88 -0.57 10.88
CA LYS A 9 -8.98 -0.04 11.88
C LYS A 9 -8.35 -1.20 12.65
N TRP A 10 -7.02 -1.24 12.63
CA TRP A 10 -6.29 -2.25 13.37
C TRP A 10 -6.35 -1.92 14.86
N ARG A 11 -6.32 -2.95 15.68
CA ARG A 11 -6.46 -2.78 17.11
C ARG A 11 -5.10 -2.44 17.74
N LYS A 12 -4.07 -2.47 16.90
CA LYS A 12 -2.72 -2.19 17.36
C LYS A 12 -2.05 -1.22 16.40
N THR A 13 -1.16 -0.40 16.95
CA THR A 13 -0.39 0.52 16.14
C THR A 13 0.87 -0.17 15.61
N HIS A 14 1.41 -1.06 16.42
CA HIS A 14 2.61 -1.79 16.03
C HIS A 14 2.23 -2.91 15.07
N LEU A 15 2.16 -2.55 13.79
CA LEU A 15 1.77 -3.50 12.77
C LEU A 15 2.99 -4.29 12.31
N THR A 16 2.71 -5.41 11.66
CA THR A 16 3.76 -6.18 11.02
C THR A 16 3.39 -6.52 9.58
N TYR A 17 4.41 -6.65 8.74
CA TYR A 17 4.19 -7.00 7.35
C TYR A 17 5.31 -7.92 6.84
N ARG A 18 5.09 -8.45 5.65
CA ARG A 18 6.01 -9.42 5.08
C ARG A 18 5.73 -9.62 3.59
N ILE A 19 6.80 -9.68 2.82
CA ILE A 19 6.68 -9.97 1.40
C ILE A 19 6.98 -11.45 1.15
N VAL A 20 5.96 -12.16 0.70
CA VAL A 20 6.06 -13.60 0.57
C VAL A 20 6.94 -13.95 -0.64
N ASN A 21 6.75 -13.18 -1.70
CA ASN A 21 7.47 -13.44 -2.93
C ASN A 21 7.73 -12.10 -3.65
N TYR A 22 8.66 -12.15 -4.60
CA TYR A 22 9.02 -10.96 -5.33
C TYR A 22 8.73 -11.12 -6.83
N THR A 23 9.18 -10.14 -7.60
CA THR A 23 8.94 -10.15 -9.04
C THR A 23 10.25 -10.36 -9.79
N PRO A 24 10.16 -11.13 -10.91
CA PRO A 24 11.33 -11.38 -11.74
C PRO A 24 11.69 -10.15 -12.58
N ASP A 25 12.03 -9.08 -11.87
CA ASP A 25 12.36 -7.83 -12.53
C ASP A 25 13.22 -6.98 -11.59
N LEU A 26 12.76 -6.87 -10.36
CA LEU A 26 13.47 -6.10 -9.35
C LEU A 26 14.20 -7.05 -8.41
N PRO A 27 15.23 -6.49 -7.71
CA PRO A 27 15.88 -7.23 -6.63
C PRO A 27 15.00 -7.27 -5.38
N LYS A 28 15.41 -8.11 -4.44
CA LYS A 28 14.59 -8.38 -3.27
C LYS A 28 14.43 -7.10 -2.46
N ASP A 29 15.56 -6.60 -1.98
CA ASP A 29 15.54 -5.42 -1.12
C ASP A 29 14.76 -4.30 -1.81
N ALA A 30 14.87 -4.27 -3.14
CA ALA A 30 14.24 -3.21 -3.91
C ALA A 30 12.72 -3.33 -3.78
N VAL A 31 12.24 -4.56 -3.90
CA VAL A 31 10.81 -4.82 -3.83
C VAL A 31 10.31 -4.47 -2.43
N ASP A 32 10.98 -5.04 -1.43
CA ASP A 32 10.64 -4.77 -0.05
C ASP A 32 10.63 -3.26 0.19
N SER A 33 11.51 -2.57 -0.52
CA SER A 33 11.63 -1.13 -0.39
C SER A 33 10.28 -0.47 -0.72
N ALA A 34 9.65 -0.98 -1.77
CA ALA A 34 8.38 -0.43 -2.20
C ALA A 34 7.40 -0.41 -1.03
N VAL A 35 7.39 -1.52 -0.29
CA VAL A 35 6.54 -1.63 0.88
C VAL A 35 7.07 -0.69 1.97
N GLU A 36 8.33 -0.86 2.29
CA GLU A 36 8.98 0.00 3.27
C GLU A 36 8.64 1.47 3.00
N LYS A 37 8.49 1.78 1.73
CA LYS A 37 8.21 3.15 1.32
C LYS A 37 6.73 3.43 1.50
N ALA A 38 5.91 2.53 0.95
CA ALA A 38 4.47 2.68 1.05
C ALA A 38 4.08 2.85 2.52
N LEU A 39 4.72 2.07 3.37
CA LEU A 39 4.43 2.10 4.79
C LEU A 39 4.75 3.50 5.34
N LYS A 40 5.97 3.94 5.07
CA LYS A 40 6.42 5.22 5.58
C LYS A 40 5.47 6.32 5.11
N VAL A 41 5.06 6.21 3.85
CA VAL A 41 4.21 7.21 3.25
C VAL A 41 3.00 7.47 4.16
N TRP A 42 2.54 6.40 4.79
CA TRP A 42 1.34 6.47 5.62
C TRP A 42 1.78 6.75 7.06
N GLU A 43 2.96 6.26 7.39
CA GLU A 43 3.52 6.50 8.71
C GLU A 43 3.61 7.99 8.99
N GLU A 44 3.64 8.76 7.91
CA GLU A 44 3.83 10.20 8.03
C GLU A 44 2.53 10.87 8.43
N VAL A 45 1.43 10.16 8.20
CA VAL A 45 0.11 10.73 8.37
C VAL A 45 -0.74 9.81 9.25
N THR A 46 -0.05 8.92 9.95
CA THR A 46 -0.69 8.15 11.01
C THR A 46 0.31 7.88 12.14
N PRO A 47 -0.25 7.55 13.33
CA PRO A 47 0.57 7.15 14.46
C PRO A 47 1.11 5.73 14.28
N LEU A 48 0.60 5.07 13.25
CA LEU A 48 0.85 3.64 13.08
C LEU A 48 2.35 3.41 12.93
N THR A 49 2.77 2.21 13.28
CA THR A 49 4.14 1.78 13.02
C THR A 49 4.16 0.39 12.39
N PHE A 50 5.30 0.04 11.83
CA PHE A 50 5.43 -1.19 11.08
C PHE A 50 6.72 -1.92 11.43
N SER A 51 6.73 -3.22 11.18
CA SER A 51 7.90 -4.04 11.45
C SER A 51 7.90 -5.26 10.54
N ARG A 52 9.10 -5.66 10.14
CA ARG A 52 9.26 -6.81 9.26
C ARG A 52 9.55 -8.07 10.06
N LEU A 53 9.10 -9.19 9.53
CA LEU A 53 9.31 -10.47 10.18
C LEU A 53 9.97 -11.43 9.19
N TYR A 54 11.23 -11.76 9.48
CA TYR A 54 11.98 -12.67 8.63
C TYR A 54 11.25 -13.99 8.47
N GLU A 55 10.43 -14.31 9.46
CA GLU A 55 9.59 -15.49 9.40
C GLU A 55 8.35 -15.32 10.28
N GLY A 56 7.34 -16.12 9.99
CA GLY A 56 6.10 -16.06 10.74
C GLY A 56 4.97 -15.45 9.92
N GLU A 57 3.85 -15.21 10.59
CA GLU A 57 2.69 -14.64 9.93
C GLU A 57 2.52 -13.18 10.33
N ALA A 58 2.92 -12.29 9.43
CA ALA A 58 2.76 -10.86 9.66
C ALA A 58 1.32 -10.46 9.35
N ASP A 59 0.95 -9.29 9.86
CA ASP A 59 -0.40 -8.78 9.67
C ASP A 59 -0.63 -8.51 8.18
N ILE A 60 0.34 -7.85 7.58
CA ILE A 60 0.25 -7.49 6.17
C ILE A 60 1.22 -8.35 5.37
N MET A 61 0.73 -9.51 4.94
CA MET A 61 1.54 -10.42 4.17
C MET A 61 1.39 -10.17 2.66
N ILE A 62 2.23 -9.26 2.17
CA ILE A 62 2.14 -8.84 0.78
C ILE A 62 2.69 -9.96 -0.10
N SER A 63 1.84 -10.39 -1.03
CA SER A 63 2.18 -11.52 -1.88
C SER A 63 1.66 -11.30 -3.30
N PHE A 64 2.57 -11.40 -4.25
CA PHE A 64 2.22 -11.20 -5.65
C PHE A 64 1.68 -12.50 -6.27
N ALA A 65 0.98 -12.34 -7.38
CA ALA A 65 0.48 -13.49 -8.11
C ALA A 65 0.02 -13.03 -9.51
N VAL A 66 0.28 -13.88 -10.48
CA VAL A 66 -0.20 -13.65 -11.83
C VAL A 66 -1.50 -14.44 -12.04
N ARG A 67 -2.21 -14.07 -13.10
CA ARG A 67 -3.44 -14.76 -13.45
C ARG A 67 -4.25 -15.05 -12.18
N GLU A 68 -5.01 -16.14 -12.24
CA GLU A 68 -5.84 -16.54 -11.13
C GLU A 68 -4.98 -16.84 -9.90
N HIS A 69 -5.49 -16.44 -8.74
CA HIS A 69 -4.75 -16.58 -7.51
C HIS A 69 -5.73 -16.61 -6.32
N GLY A 70 -6.75 -17.44 -6.47
CA GLY A 70 -7.81 -17.50 -5.47
C GLY A 70 -8.86 -16.41 -5.72
N ASP A 71 -9.87 -16.40 -4.85
CA ASP A 71 -10.91 -15.39 -4.94
C ASP A 71 -11.37 -15.26 -6.39
N PHE A 72 -12.00 -14.14 -6.69
CA PHE A 72 -12.44 -13.86 -8.03
C PHE A 72 -11.88 -12.52 -8.53
N TYR A 73 -10.59 -12.54 -8.86
CA TYR A 73 -9.95 -11.36 -9.41
C TYR A 73 -8.73 -11.75 -10.25
N PRO A 74 -9.01 -12.42 -11.40
CA PRO A 74 -7.96 -13.08 -12.17
C PRO A 74 -7.13 -12.05 -12.94
N PHE A 75 -5.90 -11.86 -12.47
CA PHE A 75 -4.93 -11.08 -13.23
C PHE A 75 -4.82 -11.60 -14.67
N ASP A 76 -4.09 -10.83 -15.47
CA ASP A 76 -3.92 -11.17 -16.88
C ASP A 76 -2.87 -10.26 -17.50
N GLY A 77 -1.68 -10.82 -17.67
CA GLY A 77 -0.64 -10.15 -18.43
C GLY A 77 -0.32 -8.78 -17.81
N PRO A 78 0.51 -8.00 -18.55
CA PRO A 78 0.89 -6.67 -18.10
C PRO A 78 -0.27 -5.69 -18.30
N GLY A 79 -0.05 -4.47 -17.82
CA GLY A 79 -1.07 -3.44 -17.89
C GLY A 79 -2.25 -3.78 -16.98
N ASN A 80 -3.35 -3.07 -17.19
CA ASN A 80 -4.54 -3.27 -16.39
C ASN A 80 -4.17 -3.21 -14.91
N VAL A 81 -4.95 -3.91 -14.10
CA VAL A 81 -4.66 -4.04 -12.68
C VAL A 81 -3.14 -4.13 -12.49
N LEU A 82 -2.60 -3.13 -11.81
CA LEU A 82 -1.19 -3.15 -11.45
C LEU A 82 -1.02 -3.84 -10.09
N ALA A 83 -1.95 -3.54 -9.20
CA ALA A 83 -1.96 -4.19 -7.90
C ALA A 83 -3.29 -3.88 -7.20
N HIS A 84 -3.81 -4.90 -6.51
CA HIS A 84 -5.06 -4.74 -5.80
C HIS A 84 -4.88 -5.19 -4.34
N ALA A 85 -5.80 -4.75 -3.50
CA ALA A 85 -5.68 -5.00 -2.07
C ALA A 85 -7.06 -4.90 -1.42
N TYR A 86 -7.21 -5.57 -0.29
CA TYR A 86 -8.49 -5.62 0.39
C TYR A 86 -8.45 -4.84 1.71
N ALA A 87 -9.62 -4.61 2.26
CA ALA A 87 -9.72 -3.96 3.57
C ALA A 87 -8.99 -4.79 4.61
N PRO A 88 -8.81 -4.18 5.81
CA PRO A 88 -8.06 -4.82 6.87
C PRO A 88 -8.88 -5.94 7.53
N GLY A 89 -8.18 -6.98 7.93
CA GLY A 89 -8.83 -8.12 8.57
C GLY A 89 -8.05 -9.41 8.33
N PRO A 90 -8.60 -10.53 8.87
CA PRO A 90 -7.98 -11.83 8.71
C PRO A 90 -8.19 -12.36 7.29
N GLY A 91 -7.33 -13.31 6.91
CA GLY A 91 -7.49 -13.99 5.64
C GLY A 91 -7.15 -13.08 4.46
N ILE A 92 -8.03 -13.08 3.47
CA ILE A 92 -7.79 -12.31 2.26
C ILE A 92 -7.60 -10.84 2.63
N ASN A 93 -8.29 -10.43 3.69
CA ASN A 93 -8.24 -9.05 4.13
C ASN A 93 -6.85 -8.74 4.71
N GLY A 94 -6.42 -7.51 4.50
CA GLY A 94 -5.14 -7.07 5.02
C GLY A 94 -4.02 -7.34 4.01
N ASP A 95 -4.20 -8.40 3.24
CA ASP A 95 -3.20 -8.80 2.28
C ASP A 95 -3.24 -7.86 1.07
N ALA A 96 -2.21 -7.96 0.23
CA ALA A 96 -2.13 -7.14 -0.96
C ALA A 96 -1.38 -7.90 -2.05
N HIS A 97 -1.98 -7.91 -3.23
CA HIS A 97 -1.41 -8.65 -4.35
C HIS A 97 -1.02 -7.66 -5.46
N PHE A 98 0.17 -7.86 -6.00
CA PHE A 98 0.60 -7.12 -7.17
C PHE A 98 0.51 -7.98 -8.43
N ASP A 99 0.91 -7.39 -9.55
CA ASP A 99 1.01 -8.13 -10.79
C ASP A 99 2.48 -8.53 -11.03
N ASP A 100 2.73 -9.82 -10.93
CA ASP A 100 4.06 -10.35 -11.17
C ASP A 100 4.28 -10.46 -12.68
N ASP A 101 3.18 -10.42 -13.42
CA ASP A 101 3.25 -10.48 -14.87
C ASP A 101 3.35 -9.06 -15.42
N GLU A 102 4.29 -8.31 -14.87
CA GLU A 102 4.47 -6.92 -15.26
C GLU A 102 5.87 -6.43 -14.85
N GLN A 103 6.37 -5.48 -15.62
CA GLN A 103 7.65 -4.87 -15.31
C GLN A 103 7.50 -3.91 -14.12
N TRP A 104 8.61 -3.71 -13.42
CA TRP A 104 8.60 -2.88 -12.24
C TRP A 104 9.92 -2.09 -12.20
N THR A 105 9.88 -0.96 -11.50
CA THR A 105 11.05 -0.11 -11.39
C THR A 105 11.11 0.54 -10.00
N LYS A 106 12.22 1.21 -9.75
CA LYS A 106 12.46 1.78 -8.44
C LYS A 106 12.45 3.31 -8.54
N ASP A 107 11.84 3.79 -9.61
CA ASP A 107 11.77 5.23 -9.85
C ASP A 107 10.82 5.49 -11.03
N THR A 108 10.67 6.77 -11.34
CA THR A 108 9.77 7.18 -12.39
C THR A 108 10.36 6.87 -13.77
N THR A 109 10.17 5.63 -14.20
CA THR A 109 10.62 5.21 -15.50
C THR A 109 9.82 4.00 -16.00
N GLY A 110 9.60 3.07 -15.08
CA GLY A 110 8.73 1.94 -15.35
C GLY A 110 7.35 2.15 -14.73
N THR A 111 6.85 1.10 -14.10
CA THR A 111 5.68 1.22 -13.25
C THR A 111 6.10 1.30 -11.77
N ASN A 112 6.54 2.48 -11.39
CA ASN A 112 7.09 2.67 -10.06
C ASN A 112 6.37 1.76 -9.07
N LEU A 113 7.11 0.82 -8.51
CA LEU A 113 6.53 -0.19 -7.64
C LEU A 113 5.98 0.49 -6.39
N PHE A 114 6.87 1.17 -5.69
CA PHE A 114 6.48 1.88 -4.48
C PHE A 114 5.21 2.71 -4.69
N LEU A 115 5.20 3.43 -5.80
CA LEU A 115 4.06 4.26 -6.15
C LEU A 115 2.79 3.41 -6.13
N VAL A 116 2.92 2.20 -6.66
CA VAL A 116 1.80 1.29 -6.74
C VAL A 116 1.56 0.66 -5.37
N ALA A 117 2.65 0.50 -4.64
CA ALA A 117 2.60 -0.19 -3.36
C ALA A 117 1.86 0.67 -2.34
N ALA A 118 2.10 1.97 -2.43
CA ALA A 118 1.47 2.92 -1.52
C ALA A 118 -0.03 2.94 -1.78
N HIS A 119 -0.47 2.55 -2.97
CA HIS A 119 -1.95 2.44 -3.33
C HIS A 119 -2.57 1.17 -2.71
N GLU A 120 -2.01 0.02 -3.07
CA GLU A 120 -2.52 -1.25 -2.56
C GLU A 120 -2.58 -1.22 -1.03
N ILE A 121 -1.48 -0.82 -0.43
CA ILE A 121 -1.38 -0.78 1.02
C ILE A 121 -2.55 0.04 1.58
N GLY A 122 -2.90 1.08 0.84
CA GLY A 122 -3.98 1.96 1.25
C GLY A 122 -5.25 1.16 1.53
N HIS A 123 -5.54 0.24 0.63
CA HIS A 123 -6.69 -0.65 0.78
C HIS A 123 -6.50 -1.49 2.05
N SER A 124 -5.26 -1.91 2.27
CA SER A 124 -4.96 -2.76 3.41
C SER A 124 -5.12 -1.97 4.71
N LEU A 125 -4.76 -0.69 4.65
CA LEU A 125 -4.79 0.15 5.82
C LEU A 125 -6.24 0.44 6.21
N GLY A 126 -7.01 0.84 5.21
CA GLY A 126 -8.43 1.08 5.42
C GLY A 126 -8.86 2.40 4.77
N LEU A 127 -8.60 2.50 3.47
CA LEU A 127 -9.11 3.61 2.70
C LEU A 127 -9.03 3.26 1.20
N PHE A 128 -10.01 3.76 0.46
CA PHE A 128 -10.13 3.42 -0.95
C PHE A 128 -10.03 4.67 -1.83
N HIS A 129 -10.27 4.47 -3.11
CA HIS A 129 -10.13 5.54 -4.08
C HIS A 129 -10.66 6.84 -3.48
N SER A 130 -9.94 7.92 -3.72
CA SER A 130 -10.31 9.21 -3.19
C SER A 130 -10.82 10.12 -4.31
N ALA A 131 -11.27 11.30 -3.92
CA ALA A 131 -11.85 12.24 -4.88
C ALA A 131 -10.83 13.34 -5.20
N ASN A 132 -9.67 12.90 -5.66
CA ASN A 132 -8.63 13.83 -6.08
C ASN A 132 -7.72 13.15 -7.10
N THR A 133 -7.24 13.95 -8.03
CA THR A 133 -6.42 13.43 -9.12
C THR A 133 -4.94 13.45 -8.73
N GLU A 134 -4.62 14.37 -7.82
CA GLU A 134 -3.25 14.48 -7.33
C GLU A 134 -2.97 13.38 -6.30
N ALA A 135 -4.05 12.76 -5.84
CA ALA A 135 -3.92 11.69 -4.86
C ALA A 135 -3.44 10.41 -5.56
N LEU A 136 -2.73 9.60 -4.80
CA LEU A 136 -2.17 8.37 -5.34
C LEU A 136 -3.18 7.23 -5.17
N MET A 137 -4.16 7.47 -4.31
CA MET A 137 -5.23 6.51 -4.10
C MET A 137 -6.27 6.60 -5.22
N TYR A 138 -6.12 7.63 -6.05
CA TYR A 138 -6.99 7.80 -7.19
C TYR A 138 -6.92 6.58 -8.12
N PRO A 139 -8.10 6.26 -8.74
CA PRO A 139 -8.19 5.12 -9.63
C PRO A 139 -7.54 5.44 -10.98
N LEU A 140 -6.33 5.97 -10.90
CA LEU A 140 -5.56 6.25 -12.10
C LEU A 140 -4.11 6.59 -11.71
N TYR A 141 -3.19 5.98 -12.44
CA TYR A 141 -1.77 6.19 -12.17
C TYR A 141 -1.43 7.69 -12.16
N HIS A 142 -0.53 8.06 -11.26
CA HIS A 142 -0.14 9.45 -11.13
C HIS A 142 1.36 9.53 -10.78
N SER A 143 2.08 10.26 -11.61
CA SER A 143 3.51 10.42 -11.41
C SER A 143 3.84 11.89 -11.16
N LEU A 144 5.12 12.15 -10.91
CA LEU A 144 5.58 13.49 -10.64
C LEU A 144 7.00 13.67 -11.18
N THR A 145 7.30 14.89 -11.59
CA THR A 145 8.63 15.20 -12.11
C THR A 145 9.71 14.63 -11.19
N ASP A 146 9.41 14.66 -9.90
CA ASP A 146 10.34 14.14 -8.92
C ASP A 146 9.55 13.45 -7.80
N LEU A 147 9.46 12.13 -7.91
CA LEU A 147 8.68 11.36 -6.96
C LEU A 147 9.33 11.46 -5.57
N THR A 148 10.59 11.86 -5.58
CA THR A 148 11.33 12.02 -4.33
C THR A 148 10.66 13.08 -3.45
N ARG A 149 9.68 13.74 -4.04
CA ARG A 149 8.95 14.78 -3.31
C ARG A 149 7.48 14.37 -3.16
N PHE A 150 7.13 13.27 -3.79
CA PHE A 150 5.74 12.82 -3.81
C PHE A 150 5.12 12.93 -2.42
N ARG A 151 3.81 13.12 -2.42
CA ARG A 151 3.07 13.15 -1.16
C ARG A 151 1.59 12.81 -1.41
N LEU A 152 0.94 12.35 -0.36
CA LEU A 152 -0.48 12.05 -0.42
C LEU A 152 -1.27 13.35 -0.31
N SER A 153 -2.36 13.42 -1.07
CA SER A 153 -3.22 14.59 -1.04
C SER A 153 -4.07 14.58 0.23
N GLN A 154 -4.55 15.76 0.59
CA GLN A 154 -5.38 15.91 1.77
C GLN A 154 -6.56 14.94 1.71
N ASP A 155 -6.99 14.65 0.50
CA ASP A 155 -8.09 13.73 0.28
C ASP A 155 -7.76 12.38 0.92
N ASP A 156 -6.52 11.95 0.70
CA ASP A 156 -6.08 10.66 1.20
C ASP A 156 -5.97 10.72 2.72
N ILE A 157 -5.28 11.74 3.20
CA ILE A 157 -5.04 11.88 4.63
C ILE A 157 -6.39 11.93 5.37
N ASN A 158 -7.34 12.62 4.74
CA ASN A 158 -8.64 12.80 5.36
C ASN A 158 -9.06 11.52 6.09
N GLY A 159 -8.99 10.42 5.35
CA GLY A 159 -9.47 9.15 5.87
C GLY A 159 -8.45 8.51 6.80
N ILE A 160 -7.21 8.44 6.33
CA ILE A 160 -6.16 7.73 7.04
C ILE A 160 -6.04 8.30 8.46
N GLN A 161 -6.41 9.58 8.59
CA GLN A 161 -6.29 10.26 9.86
C GLN A 161 -7.61 10.17 10.64
N SER A 162 -8.70 10.30 9.91
CA SER A 162 -10.02 10.26 10.53
C SER A 162 -10.21 8.92 11.24
N LEU A 163 -9.48 7.92 10.77
CA LEU A 163 -9.59 6.58 11.31
C LEU A 163 -8.58 6.40 12.45
N TYR A 164 -7.62 7.31 12.48
CA TYR A 164 -6.58 7.26 13.50
C TYR A 164 -6.18 8.68 13.93
N GLY A 165 -5.13 9.18 13.29
CA GLY A 165 -4.66 10.52 13.57
C GLY A 165 -3.41 10.48 14.48
N PRO A 166 -2.27 10.96 13.91
CA PRO A 166 -1.05 11.05 14.67
C PRO A 166 -1.09 12.24 15.63
N PRO A 167 -0.12 12.26 16.58
CA PRO A 167 -0.03 13.33 17.55
C PRO A 167 0.52 14.61 16.91
N PRO A 168 0.34 15.74 17.64
CA PRO A 168 0.83 17.02 17.16
C PRO A 168 2.35 17.12 17.32
N ASP A 169 2.89 18.26 16.87
CA ASP A 169 4.32 18.49 16.96
C ASP A 169 4.74 18.50 18.44
N SER A 170 5.93 17.98 18.69
CA SER A 170 6.44 17.90 20.05
C SER A 170 6.69 19.30 20.59
N PRO A 171 7.48 20.09 19.81
CA PRO A 171 7.80 21.45 20.21
C PRO A 171 6.60 22.38 20.01
N GLU A 172 5.63 22.24 20.90
CA GLU A 172 4.43 23.07 20.84
C GLU A 172 3.84 23.25 22.23
N THR A 173 3.41 24.47 22.50
CA THR A 173 2.86 24.80 23.81
C THR A 173 3.62 24.05 24.91
ZN ZN B . -7.59 1.05 -5.59
ZN ZN C . -5.80 -10.69 -5.43
C1 8MI D . -6.03 -2.21 -9.46
C2 8MI D . -6.11 -1.28 -8.23
C3 8MI D . -7.35 -0.34 -8.38
O4 8MI D . -7.89 0.05 -7.36
O5 8MI D . -7.71 -0.03 -9.51
N6 8MI D . -4.83 -0.54 -8.11
C7 8MI D . -4.75 0.55 -9.14
C8 8MI D . -3.52 1.47 -8.83
C9 8MI D . -3.74 2.90 -9.39
C10 8MI D . -2.66 3.85 -8.88
C11 8MI D . -2.90 5.24 -8.87
C12 8MI D . -1.90 6.11 -8.41
C13 8MI D . -0.68 5.61 -7.95
C14 8MI D . -0.46 4.23 -7.95
C15 8MI D . -1.44 3.35 -8.41
C16 8MI D . -4.60 -0.01 -10.58
O17 8MI D . -3.68 -0.74 -10.88
N18 8MI D . -5.50 0.36 -11.47
C19 8MI D . -5.49 -0.07 -12.92
C20 8MI D . -6.94 -0.08 -13.47
C21 8MI D . -7.66 -1.38 -13.06
C22 8MI D . -9.05 -1.45 -13.70
N23 8MI D . -9.76 -2.70 -13.26
C24 8MI D . -10.97 -3.08 -13.68
N25 8MI D . -11.49 -4.21 -13.23
N26 8MI D . -11.67 -2.35 -14.54
C27 8MI D . -4.59 0.91 -13.74
O28 8MI D . -4.51 2.09 -13.46
N29 8MI D . -3.93 0.40 -14.80
C30 8MI D . -3.12 1.21 -15.57
C31 8MI D . -1.87 0.74 -15.98
C32 8MI D . -1.04 1.55 -16.76
C33 8MI D . -1.47 2.84 -17.13
C34 8MI D . -2.71 3.31 -16.72
C35 8MI D . -3.55 2.50 -15.94
H36 8MI D . -5.00 -2.51 -9.61
H37 8MI D . -6.40 -1.70 -10.34
H38 8MI D . -6.63 -3.10 -9.28
H39 8MI D . -6.24 -1.89 -7.35
H40 8MI D . -4.04 -1.20 -8.23
H41 8MI D . -5.64 1.16 -9.09
H42 8MI D . -2.63 1.04 -9.27
H43 8MI D . -3.39 1.52 -7.76
H44 8MI D . -4.71 3.26 -9.08
H45 8MI D . -3.71 2.88 -10.47
H46 8MI D . -3.84 5.62 -9.23
H47 8MI D . -2.08 7.17 -8.41
H48 8MI D . 0.08 6.28 -7.59
H49 8MI D . 0.49 3.83 -7.60
H50 8MI D . -1.25 2.28 -8.41
H51 8MI D . -6.27 0.93 -11.24
H52 8MI D . -5.07 -1.06 -12.99
H53 8MI D . -6.91 -0.02 -14.55
H54 8MI D . -7.48 0.77 -13.07
H55 8MI D . -7.76 -1.41 -11.98
H56 8MI D . -7.07 -2.24 -13.38
H57 8MI D . -8.95 -1.46 -14.78
H58 8MI D . -9.63 -0.59 -13.41
H59 8MI D . -9.25 -3.25 -12.62
H61 8MI D . -12.40 -4.50 -13.53
H62 8MI D . -11.29 -1.50 -14.90
H63 8MI D . -12.57 -2.65 -14.84
H64 8MI D . -4.01 -0.55 -15.04
H65 8MI D . -1.54 -0.25 -15.69
H66 8MI D . -0.08 1.19 -17.08
H67 8MI D . -0.83 3.46 -17.74
H68 8MI D . -3.03 4.30 -17.01
H69 8MI D . -4.51 2.86 -15.62
H60 8MI D . -10.97 -4.78 -12.59
H70 8MI D . -4.77 -0.12 -7.16
N PHE A 1 -11.01 7.37 0.72
CA PHE A 1 -11.67 8.05 1.82
C PHE A 1 -12.78 7.18 2.42
N ARG A 2 -13.26 6.26 1.61
CA ARG A 2 -14.34 5.38 2.04
C ARG A 2 -13.86 4.50 3.21
N THR A 3 -14.82 3.80 3.81
CA THR A 3 -14.53 2.94 4.94
C THR A 3 -14.90 1.49 4.61
N PHE A 4 -15.89 0.99 5.33
CA PHE A 4 -16.32 -0.38 5.16
C PHE A 4 -17.41 -0.75 6.19
N PRO A 5 -18.02 -1.94 5.96
CA PRO A 5 -19.01 -2.45 6.90
C PRO A 5 -18.35 -2.98 8.17
N GLY A 6 -18.05 -2.05 9.07
CA GLY A 6 -17.29 -2.38 10.26
C GLY A 6 -16.18 -1.35 10.51
N ILE A 7 -15.99 -0.49 9.52
CA ILE A 7 -14.99 0.56 9.62
C ILE A 7 -13.59 -0.07 9.66
N PRO A 8 -12.83 0.18 8.57
CA PRO A 8 -11.50 -0.41 8.45
C PRO A 8 -10.50 0.30 9.36
N LYS A 9 -9.80 -0.49 10.17
CA LYS A 9 -8.80 0.04 11.06
C LYS A 9 -8.31 -1.07 11.99
N TRP A 10 -7.00 -1.27 11.97
CA TRP A 10 -6.39 -2.32 12.77
C TRP A 10 -6.52 -1.93 14.25
N ARG A 11 -6.56 -2.93 15.10
CA ARG A 11 -6.74 -2.71 16.53
C ARG A 11 -5.37 -2.48 17.20
N LYS A 12 -4.33 -2.63 16.40
CA LYS A 12 -2.97 -2.45 16.89
C LYS A 12 -2.25 -1.42 16.02
N THR A 13 -1.42 -0.62 16.68
CA THR A 13 -0.65 0.39 15.97
C THR A 13 0.66 -0.20 15.47
N HIS A 14 1.24 -1.07 16.28
CA HIS A 14 2.48 -1.73 15.92
C HIS A 14 2.19 -2.82 14.88
N LEU A 15 2.01 -2.38 13.65
CA LEU A 15 1.68 -3.30 12.57
C LEU A 15 2.94 -4.07 12.16
N THR A 16 2.72 -5.25 11.60
CA THR A 16 3.80 -6.02 11.02
C THR A 16 3.45 -6.47 9.61
N TYR A 17 4.46 -6.52 8.77
CA TYR A 17 4.28 -6.97 7.39
C TYR A 17 5.44 -7.87 6.95
N ARG A 18 5.25 -8.44 5.76
CA ARG A 18 6.25 -9.37 5.23
C ARG A 18 6.03 -9.57 3.73
N ILE A 19 7.14 -9.79 3.04
CA ILE A 19 7.09 -10.08 1.62
C ILE A 19 7.28 -11.58 1.40
N VAL A 20 6.26 -12.20 0.82
CA VAL A 20 6.26 -13.64 0.65
C VAL A 20 7.09 -14.01 -0.58
N ASN A 21 6.93 -13.21 -1.62
CA ASN A 21 7.62 -13.45 -2.87
C ASN A 21 7.84 -12.12 -3.60
N TYR A 22 8.70 -12.16 -4.60
CA TYR A 22 9.02 -10.96 -5.36
C TYR A 22 8.82 -11.20 -6.86
N THR A 23 8.62 -10.09 -7.57
CA THR A 23 8.35 -10.16 -8.99
C THR A 23 9.64 -10.35 -9.78
N PRO A 24 9.55 -11.16 -10.86
CA PRO A 24 10.70 -11.47 -11.67
C PRO A 24 11.11 -10.28 -12.55
N ASP A 25 11.50 -9.20 -11.89
CA ASP A 25 11.86 -7.99 -12.59
C ASP A 25 12.75 -7.12 -11.69
N LEU A 26 12.28 -6.95 -10.45
CA LEU A 26 12.99 -6.11 -9.51
C LEU A 26 13.79 -6.99 -8.55
N PRO A 27 14.83 -6.38 -7.93
CA PRO A 27 15.57 -7.04 -6.86
C PRO A 27 14.76 -7.06 -5.56
N LYS A 28 15.27 -7.84 -4.61
CA LYS A 28 14.54 -8.06 -3.37
C LYS A 28 14.41 -6.74 -2.61
N ASP A 29 15.55 -6.21 -2.23
CA ASP A 29 15.58 -4.98 -1.46
C ASP A 29 14.68 -3.94 -2.13
N ALA A 30 14.71 -3.95 -3.45
CA ALA A 30 13.96 -2.96 -4.22
C ALA A 30 12.47 -3.13 -3.95
N VAL A 31 12.03 -4.37 -3.98
CA VAL A 31 10.63 -4.67 -3.79
C VAL A 31 10.22 -4.32 -2.35
N ASP A 32 10.97 -4.86 -1.41
CA ASP A 32 10.71 -4.63 0.00
C ASP A 32 10.65 -3.13 0.26
N SER A 33 11.48 -2.40 -0.47
CA SER A 33 11.53 -0.95 -0.35
C SER A 33 10.15 -0.36 -0.63
N ALA A 34 9.53 -0.85 -1.69
CA ALA A 34 8.25 -0.32 -2.11
C ALA A 34 7.27 -0.35 -0.95
N VAL A 35 7.34 -1.42 -0.18
CA VAL A 35 6.49 -1.57 0.99
C VAL A 35 7.04 -0.70 2.13
N GLU A 36 8.32 -0.89 2.41
CA GLU A 36 9.01 -0.06 3.38
C GLU A 36 8.68 1.42 3.16
N LYS A 37 8.43 1.75 1.90
CA LYS A 37 8.18 3.12 1.52
C LYS A 37 6.70 3.43 1.65
N ALA A 38 5.89 2.58 1.03
CA ALA A 38 4.45 2.76 1.06
C ALA A 38 3.99 2.88 2.51
N LEU A 39 4.60 2.08 3.37
CA LEU A 39 4.24 2.07 4.77
C LEU A 39 4.62 3.42 5.40
N LYS A 40 5.87 3.79 5.21
CA LYS A 40 6.38 5.02 5.80
C LYS A 40 5.52 6.20 5.34
N VAL A 41 5.07 6.10 4.10
CA VAL A 41 4.27 7.17 3.50
C VAL A 41 3.06 7.45 4.40
N TRP A 42 2.53 6.38 4.97
CA TRP A 42 1.33 6.48 5.78
C TRP A 42 1.76 6.75 7.23
N GLU A 43 2.94 6.25 7.56
CA GLU A 43 3.50 6.49 8.87
C GLU A 43 3.60 8.00 9.16
N GLU A 44 3.63 8.76 8.07
CA GLU A 44 3.80 10.20 8.18
C GLU A 44 2.48 10.87 8.57
N VAL A 45 1.40 10.14 8.34
CA VAL A 45 0.07 10.71 8.52
C VAL A 45 -0.78 9.77 9.37
N THR A 46 -0.10 8.87 10.06
CA THR A 46 -0.75 8.02 11.05
C THR A 46 0.20 7.76 12.22
N PRO A 47 -0.41 7.39 13.38
CA PRO A 47 0.36 7.00 14.54
C PRO A 47 0.96 5.61 14.38
N LEU A 48 0.54 4.94 13.31
CA LEU A 48 0.87 3.54 13.12
C LEU A 48 2.39 3.38 13.08
N THR A 49 2.84 2.19 13.44
CA THR A 49 4.25 1.85 13.31
C THR A 49 4.41 0.46 12.70
N PHE A 50 5.31 0.36 11.74
CA PHE A 50 5.46 -0.86 10.96
C PHE A 50 6.78 -1.55 11.26
N SER A 51 6.75 -2.87 11.22
CA SER A 51 7.94 -3.66 11.47
C SER A 51 7.96 -4.88 10.55
N ARG A 52 9.16 -5.26 10.13
CA ARG A 52 9.33 -6.41 9.27
C ARG A 52 9.64 -7.66 10.09
N LEU A 53 9.24 -8.80 9.55
CA LEU A 53 9.47 -10.08 10.21
C LEU A 53 10.18 -11.02 9.25
N TYR A 54 11.49 -11.14 9.43
CA TYR A 54 12.30 -11.96 8.55
C TYR A 54 11.69 -13.36 8.40
N GLU A 55 11.00 -13.79 9.44
CA GLU A 55 10.30 -15.06 9.41
C GLU A 55 9.04 -15.00 10.25
N GLY A 56 8.16 -15.98 10.03
CA GLY A 56 6.91 -16.05 10.77
C GLY A 56 5.79 -15.34 10.02
N GLU A 57 4.67 -15.18 10.71
CA GLU A 57 3.52 -14.52 10.12
C GLU A 57 3.52 -13.03 10.48
N ALA A 58 2.99 -12.23 9.56
CA ALA A 58 2.88 -10.80 9.79
C ALA A 58 1.44 -10.36 9.48
N ASP A 59 1.11 -9.18 9.99
CA ASP A 59 -0.25 -8.66 9.83
C ASP A 59 -0.53 -8.44 8.34
N ILE A 60 0.47 -7.88 7.67
CA ILE A 60 0.34 -7.61 6.25
C ILE A 60 1.31 -8.50 5.47
N MET A 61 0.80 -9.64 5.04
CA MET A 61 1.60 -10.60 4.30
C MET A 61 1.53 -10.33 2.80
N ILE A 62 2.35 -9.38 2.35
CA ILE A 62 2.29 -8.91 0.98
C ILE A 62 2.86 -10.00 0.06
N SER A 63 2.11 -10.29 -0.99
CA SER A 63 2.50 -11.34 -1.92
C SER A 63 1.91 -11.06 -3.30
N PHE A 64 2.71 -11.36 -4.32
CA PHE A 64 2.28 -11.17 -5.69
C PHE A 64 1.85 -12.49 -6.33
N ALA A 65 1.08 -12.39 -7.40
CA ALA A 65 0.62 -13.56 -8.12
C ALA A 65 0.07 -13.13 -9.48
N VAL A 66 0.30 -13.98 -10.47
CA VAL A 66 -0.31 -13.80 -11.77
C VAL A 66 -1.60 -14.63 -11.83
N ARG A 67 -2.39 -14.35 -12.87
CA ARG A 67 -3.60 -15.10 -13.10
C ARG A 67 -4.26 -15.49 -11.77
N GLU A 68 -4.67 -16.75 -11.69
CA GLU A 68 -5.38 -17.22 -10.52
C GLU A 68 -4.46 -17.26 -9.30
N HIS A 69 -5.02 -16.89 -8.16
CA HIS A 69 -4.27 -16.95 -6.92
C HIS A 69 -5.23 -16.80 -5.74
N GLY A 70 -6.35 -17.50 -5.84
CA GLY A 70 -7.42 -17.35 -4.87
C GLY A 70 -8.40 -16.25 -5.30
N ASP A 71 -9.41 -16.05 -4.47
CA ASP A 71 -10.39 -15.00 -4.74
C ASP A 71 -10.77 -15.03 -6.22
N PHE A 72 -11.26 -13.89 -6.68
CA PHE A 72 -11.60 -13.74 -8.10
C PHE A 72 -11.00 -12.46 -8.66
N TYR A 73 -9.72 -12.53 -9.00
CA TYR A 73 -9.02 -11.39 -9.56
C TYR A 73 -7.83 -11.84 -10.41
N PRO A 74 -8.14 -12.31 -11.65
CA PRO A 74 -7.13 -12.93 -12.49
C PRO A 74 -6.20 -11.88 -13.10
N PHE A 75 -4.94 -11.95 -12.71
CA PHE A 75 -3.92 -11.09 -13.27
C PHE A 75 -3.47 -11.60 -14.64
N ASP A 76 -3.44 -10.68 -15.59
CA ASP A 76 -3.02 -11.02 -16.95
C ASP A 76 -3.42 -9.89 -17.90
N GLY A 77 -2.42 -9.29 -18.51
CA GLY A 77 -2.65 -8.33 -19.57
C GLY A 77 -1.59 -7.23 -19.57
N PRO A 78 -1.60 -6.41 -20.64
CA PRO A 78 -0.69 -5.29 -20.74
C PRO A 78 -1.13 -4.14 -19.82
N GLY A 79 -0.55 -4.12 -18.63
CA GLY A 79 -0.89 -3.12 -17.65
C GLY A 79 -2.02 -3.60 -16.74
N ASN A 80 -3.24 -3.21 -17.09
CA ASN A 80 -4.40 -3.63 -16.32
C ASN A 80 -4.13 -3.44 -14.84
N VAL A 81 -4.94 -4.10 -14.03
CA VAL A 81 -4.68 -4.19 -12.60
C VAL A 81 -3.17 -4.25 -12.37
N LEU A 82 -2.65 -3.18 -11.78
CA LEU A 82 -1.25 -3.16 -11.38
C LEU A 82 -1.11 -3.82 -10.01
N ALA A 83 -2.06 -3.53 -9.14
CA ALA A 83 -2.10 -4.15 -7.83
C ALA A 83 -3.44 -3.84 -7.16
N HIS A 84 -3.95 -4.84 -6.45
CA HIS A 84 -5.20 -4.68 -5.72
C HIS A 84 -4.99 -5.10 -4.26
N ALA A 85 -5.92 -4.69 -3.42
CA ALA A 85 -5.82 -4.97 -1.99
C ALA A 85 -7.20 -4.79 -1.36
N TYR A 86 -7.36 -5.43 -0.20
CA TYR A 86 -8.65 -5.40 0.49
C TYR A 86 -8.53 -4.65 1.82
N ALA A 87 -9.66 -4.50 2.48
CA ALA A 87 -9.69 -3.92 3.81
C ALA A 87 -9.04 -4.90 4.79
N PRO A 88 -8.87 -4.41 6.05
CA PRO A 88 -8.15 -5.17 7.06
C PRO A 88 -9.01 -6.32 7.59
N GLY A 89 -8.43 -7.51 7.59
CA GLY A 89 -9.12 -8.69 8.09
C GLY A 89 -8.24 -9.94 7.95
N PRO A 90 -8.69 -11.03 8.61
CA PRO A 90 -7.97 -12.29 8.57
C PRO A 90 -8.15 -12.99 7.22
N GLY A 91 -7.25 -13.92 6.95
CA GLY A 91 -7.39 -14.77 5.78
C GLY A 91 -7.01 -14.01 4.51
N ILE A 92 -7.97 -13.93 3.60
CA ILE A 92 -7.71 -13.37 2.29
C ILE A 92 -7.69 -11.84 2.39
N ASN A 93 -8.24 -11.34 3.49
CA ASN A 93 -8.29 -9.91 3.72
C ASN A 93 -6.98 -9.46 4.38
N GLY A 94 -6.74 -8.17 4.33
CA GLY A 94 -5.56 -7.59 4.95
C GLY A 94 -4.35 -7.68 4.00
N ASP A 95 -4.29 -8.80 3.28
CA ASP A 95 -3.17 -9.04 2.38
C ASP A 95 -3.30 -8.11 1.16
N ALA A 96 -2.16 -7.80 0.57
CA ALA A 96 -2.13 -6.96 -0.61
C ALA A 96 -1.48 -7.74 -1.76
N HIS A 97 -2.06 -7.59 -2.94
CA HIS A 97 -1.62 -8.36 -4.09
C HIS A 97 -1.18 -7.40 -5.20
N PHE A 98 -0.05 -7.74 -5.82
CA PHE A 98 0.40 -7.02 -7.00
C PHE A 98 0.29 -7.90 -8.25
N ASP A 99 0.70 -7.33 -9.37
CA ASP A 99 0.85 -8.11 -10.59
C ASP A 99 2.30 -8.57 -10.73
N ASP A 100 2.46 -9.83 -11.06
CA ASP A 100 3.78 -10.38 -11.32
C ASP A 100 4.00 -10.48 -12.83
N ASP A 101 2.90 -10.49 -13.56
CA ASP A 101 2.96 -10.56 -15.01
C ASP A 101 3.03 -9.13 -15.58
N GLU A 102 3.97 -8.37 -15.06
CA GLU A 102 4.15 -6.99 -15.49
C GLU A 102 5.51 -6.46 -15.04
N GLN A 103 6.02 -5.50 -15.80
CA GLN A 103 7.28 -4.87 -15.47
C GLN A 103 7.11 -3.93 -14.28
N TRP A 104 8.21 -3.70 -13.57
CA TRP A 104 8.18 -2.86 -12.40
C TRP A 104 9.50 -2.09 -12.34
N THR A 105 9.46 -0.96 -11.65
CA THR A 105 10.64 -0.14 -11.49
C THR A 105 10.80 0.31 -10.03
N LYS A 106 12.00 0.77 -9.71
CA LYS A 106 12.25 1.32 -8.39
C LYS A 106 12.03 2.83 -8.41
N ASP A 107 12.14 3.40 -9.61
CA ASP A 107 11.94 4.83 -9.79
C ASP A 107 11.06 5.06 -11.02
N THR A 108 10.95 6.33 -11.38
CA THR A 108 10.07 6.72 -12.47
C THR A 108 10.70 6.34 -13.82
N THR A 109 10.76 5.05 -14.07
CA THR A 109 11.25 4.56 -15.35
C THR A 109 10.35 3.45 -15.87
N GLY A 110 9.18 3.32 -15.25
CA GLY A 110 8.23 2.28 -15.62
C GLY A 110 7.02 2.29 -14.69
N THR A 111 6.59 1.09 -14.32
CA THR A 111 5.54 0.95 -13.32
C THR A 111 6.16 0.99 -11.91
N ASN A 112 6.29 2.20 -11.40
CA ASN A 112 6.90 2.40 -10.09
C ASN A 112 6.15 1.55 -9.05
N LEU A 113 6.85 0.58 -8.50
CA LEU A 113 6.24 -0.36 -7.58
C LEU A 113 5.85 0.37 -6.30
N PHE A 114 6.83 1.09 -5.75
CA PHE A 114 6.62 1.81 -4.51
C PHE A 114 5.36 2.69 -4.59
N LEU A 115 5.32 3.52 -5.61
CA LEU A 115 4.22 4.45 -5.77
C LEU A 115 2.90 3.65 -5.86
N VAL A 116 3.00 2.48 -6.46
CA VAL A 116 1.84 1.62 -6.61
C VAL A 116 1.54 0.95 -5.26
N ALA A 117 2.61 0.69 -4.52
CA ALA A 117 2.49 -0.06 -3.27
C ALA A 117 1.73 0.77 -2.25
N ALA A 118 1.94 2.09 -2.32
CA ALA A 118 1.31 2.99 -1.38
C ALA A 118 -0.21 2.97 -1.62
N HIS A 119 -0.66 2.61 -2.81
CA HIS A 119 -2.13 2.46 -3.15
C HIS A 119 -2.71 1.16 -2.52
N GLU A 120 -2.14 0.02 -2.90
CA GLU A 120 -2.60 -1.26 -2.40
C GLU A 120 -2.63 -1.24 -0.86
N ILE A 121 -1.53 -0.80 -0.28
CA ILE A 121 -1.42 -0.77 1.17
C ILE A 121 -2.59 0.02 1.74
N GLY A 122 -2.93 1.10 1.06
CA GLY A 122 -4.02 1.96 1.50
C GLY A 122 -5.28 1.15 1.76
N HIS A 123 -5.54 0.20 0.87
CA HIS A 123 -6.68 -0.68 1.02
C HIS A 123 -6.49 -1.54 2.28
N SER A 124 -5.27 -2.01 2.46
CA SER A 124 -4.95 -2.83 3.61
C SER A 124 -5.10 -2.01 4.89
N LEU A 125 -4.83 -0.73 4.77
CA LEU A 125 -4.88 0.17 5.92
C LEU A 125 -6.34 0.50 6.23
N GLY A 126 -6.76 1.65 5.72
CA GLY A 126 -8.12 2.10 5.94
C GLY A 126 -8.51 3.18 4.92
N LEU A 127 -7.99 3.02 3.72
CA LEU A 127 -8.38 3.90 2.62
C LEU A 127 -8.83 3.05 1.43
N PHE A 128 -9.26 3.74 0.38
CA PHE A 128 -9.64 3.07 -0.84
C PHE A 128 -9.45 3.98 -2.05
N HIS A 129 -10.27 5.02 -2.11
CA HIS A 129 -10.22 5.95 -3.23
C HIS A 129 -10.59 7.35 -2.74
N SER A 130 -9.81 8.32 -3.19
CA SER A 130 -9.99 9.69 -2.73
C SER A 130 -10.93 10.45 -3.66
N ALA A 131 -10.34 11.22 -4.57
CA ALA A 131 -11.12 12.03 -5.48
C ALA A 131 -10.17 12.91 -6.29
N ASN A 132 -9.26 13.57 -5.58
CA ASN A 132 -8.29 14.42 -6.22
C ASN A 132 -7.46 13.61 -7.21
N THR A 133 -7.03 14.26 -8.28
CA THR A 133 -6.25 13.61 -9.30
C THR A 133 -4.76 13.71 -8.98
N GLU A 134 -4.43 14.70 -8.16
CA GLU A 134 -3.05 14.90 -7.74
C GLU A 134 -2.72 13.94 -6.59
N ALA A 135 -3.76 13.34 -6.04
CA ALA A 135 -3.59 12.38 -4.95
C ALA A 135 -3.04 11.08 -5.53
N LEU A 136 -2.63 10.20 -4.63
CA LEU A 136 -2.12 8.90 -5.03
C LEU A 136 -3.23 7.86 -4.86
N MET A 137 -4.24 8.24 -4.09
CA MET A 137 -5.34 7.33 -3.78
C MET A 137 -6.36 7.32 -4.93
N TYR A 138 -6.25 8.31 -5.79
CA TYR A 138 -7.10 8.38 -6.97
C TYR A 138 -7.14 7.04 -7.69
N PRO A 139 -8.35 6.68 -8.20
CA PRO A 139 -8.55 5.43 -8.89
C PRO A 139 -7.95 5.48 -10.30
N LEU A 140 -6.71 5.92 -10.36
CA LEU A 140 -5.99 5.96 -11.63
C LEU A 140 -4.50 6.21 -11.36
N TYR A 141 -3.68 5.70 -12.26
CA TYR A 141 -2.24 5.85 -12.13
C TYR A 141 -1.86 7.32 -11.97
N HIS A 142 -0.76 7.55 -11.25
CA HIS A 142 -0.29 8.89 -11.00
C HIS A 142 1.20 8.86 -10.64
N SER A 143 1.98 9.59 -11.43
CA SER A 143 3.42 9.62 -11.24
C SER A 143 3.94 11.05 -11.36
N LEU A 144 5.02 11.31 -10.64
CA LEU A 144 5.65 12.62 -10.69
C LEU A 144 7.12 12.46 -11.09
N THR A 145 7.51 13.22 -12.09
CA THR A 145 8.88 13.16 -12.60
C THR A 145 9.86 12.87 -11.46
N ASP A 146 9.83 13.76 -10.47
CA ASP A 146 10.63 13.57 -9.28
C ASP A 146 9.75 12.98 -8.17
N LEU A 147 9.74 11.65 -8.12
CA LEU A 147 8.87 10.95 -7.19
C LEU A 147 9.43 11.08 -5.77
N THR A 148 10.71 11.43 -5.70
CA THR A 148 11.38 11.55 -4.41
C THR A 148 10.71 12.63 -3.56
N ARG A 149 9.78 13.34 -4.18
CA ARG A 149 9.11 14.44 -3.51
C ARG A 149 7.63 14.13 -3.33
N PHE A 150 7.21 13.00 -3.89
CA PHE A 150 5.81 12.61 -3.85
C PHE A 150 5.30 12.62 -2.41
N ARG A 151 4.03 13.00 -2.27
CA ARG A 151 3.37 12.95 -0.98
C ARG A 151 1.85 12.82 -1.17
N LEU A 152 1.21 12.27 -0.15
CA LEU A 152 -0.23 12.12 -0.17
C LEU A 152 -0.89 13.49 -0.01
N SER A 153 -1.88 13.73 -0.85
CA SER A 153 -2.66 14.96 -0.76
C SER A 153 -3.54 14.95 0.48
N GLN A 154 -4.10 16.10 0.79
CA GLN A 154 -4.94 16.24 1.97
C GLN A 154 -6.16 15.33 1.85
N ASP A 155 -6.56 15.07 0.62
CA ASP A 155 -7.70 14.20 0.35
C ASP A 155 -7.47 12.85 1.02
N ASP A 156 -6.21 12.43 1.02
CA ASP A 156 -5.86 11.11 1.54
C ASP A 156 -5.76 11.17 3.06
N ILE A 157 -5.00 12.15 3.53
CA ILE A 157 -4.75 12.28 4.96
C ILE A 157 -6.08 12.46 5.69
N ASN A 158 -7.00 13.15 5.03
CA ASN A 158 -8.30 13.40 5.61
C ASN A 158 -8.88 12.09 6.15
N GLY A 159 -8.82 11.07 5.30
CA GLY A 159 -9.45 9.79 5.62
C GLY A 159 -8.57 8.99 6.59
N ILE A 160 -7.32 8.83 6.20
CA ILE A 160 -6.41 7.99 6.95
C ILE A 160 -6.37 8.46 8.41
N GLN A 161 -6.25 9.77 8.56
CA GLN A 161 -6.09 10.36 9.89
C GLN A 161 -7.43 10.34 10.64
N SER A 162 -8.50 10.40 9.87
CA SER A 162 -9.83 10.38 10.45
C SER A 162 -10.11 9.03 11.10
N LEU A 163 -9.63 7.97 10.46
CA LEU A 163 -9.80 6.63 10.97
C LEU A 163 -8.81 6.41 12.13
N TYR A 164 -7.61 6.92 11.93
CA TYR A 164 -6.57 6.79 12.95
C TYR A 164 -6.23 8.14 13.57
N GLY A 165 -5.27 8.82 12.95
CA GLY A 165 -4.93 10.18 13.35
C GLY A 165 -3.76 10.20 14.34
N PRO A 166 -2.62 10.76 13.85
CA PRO A 166 -1.44 10.88 14.69
C PRO A 166 -1.61 12.01 15.71
N PRO A 167 -0.68 12.03 16.70
CA PRO A 167 -0.71 13.06 17.73
C PRO A 167 -0.20 14.39 17.18
N PRO A 168 -0.49 15.48 17.96
CA PRO A 168 -0.06 16.81 17.57
C PRO A 168 1.44 16.99 17.81
N ASP A 169 1.94 18.16 17.45
CA ASP A 169 3.34 18.48 17.62
C ASP A 169 3.64 18.67 19.11
N SER A 170 4.92 18.60 19.43
CA SER A 170 5.34 18.76 20.82
C SER A 170 6.77 19.33 20.85
N PRO A 171 6.87 20.66 20.59
CA PRO A 171 8.15 21.33 20.60
C PRO A 171 8.65 21.53 22.03
N GLU A 172 9.91 21.97 22.13
CA GLU A 172 10.51 22.22 23.43
C GLU A 172 9.96 23.52 24.03
N THR A 173 10.17 23.66 25.33
CA THR A 173 9.69 24.85 26.03
C THR A 173 8.32 25.26 25.52
ZN ZN B . -7.85 1.17 -5.25
ZN ZN C . -4.82 -10.75 -5.53
C1 8MI D . -8.03 -0.18 -8.50
C2 8MI D . -6.95 -1.10 -7.91
C3 8MI D . -7.44 -1.65 -6.54
O4 8MI D . -7.72 -0.83 -5.66
O5 8MI D . -7.52 -2.86 -6.39
N6 8MI D . -5.68 -0.36 -7.82
C7 8MI D . -5.46 0.48 -9.03
C8 8MI D . -4.06 1.15 -8.97
C9 8MI D . -4.02 2.46 -9.82
C10 8MI D . -2.91 3.37 -9.34
C11 8MI D . -3.23 4.55 -8.63
C12 8MI D . -2.20 5.40 -8.20
C13 8MI D . -0.86 5.09 -8.47
C14 8MI D . -0.55 3.93 -9.18
C15 8MI D . -1.56 3.07 -9.61
C16 8MI D . -5.56 -0.33 -10.35
O17 8MI D . -5.26 -1.51 -10.39
N18 8MI D . -5.98 0.30 -11.44
C19 8MI D . -6.12 -0.34 -12.80
C20 8MI D . -7.62 -0.48 -13.15
C21 8MI D . -8.22 -1.73 -12.46
C22 8MI D . -9.75 -1.74 -12.61
N23 8MI D . -10.14 -1.96 -14.05
C24 8MI D . -11.37 -1.89 -14.53
N25 8MI D . -11.58 -2.06 -15.83
N26 8MI D . -12.41 -1.63 -13.74
C27 8MI D . -5.37 0.51 -13.87
O28 8MI D . -5.78 1.62 -14.19
N29 8MI D . -4.29 -0.02 -14.44
C30 8MI D . -3.59 0.67 -15.39
C31 8MI D . -3.71 0.30 -16.75
C32 8MI D . -3.00 1.00 -17.74
C33 8MI D . -2.18 2.07 -17.37
C34 8MI D . -2.05 2.44 -16.03
C35 8MI D . -2.75 1.75 -15.05
H36 8MI D . -7.89 -0.09 -9.57
H37 8MI D . -7.96 0.81 -8.05
H38 8MI D . -9.01 -0.59 -8.31
H39 8MI D . -6.83 -1.94 -8.59
H40 8MI D . -4.89 -1.03 -7.72
H41 8MI D . -6.21 1.27 -9.07
H42 8MI D . -3.31 0.46 -9.34
H43 8MI D . -3.84 1.41 -7.94
H44 8MI D . -4.96 2.96 -9.74
H45 8MI D . -3.85 2.20 -10.86
H46 8MI D . -4.25 4.79 -8.42
H47 8MI D . -2.44 6.30 -7.65
H48 8MI D . -0.07 5.76 -8.14
H49 8MI D . 0.49 3.69 -9.39
H50 8MI D . -1.31 2.18 -10.16
H51 8MI D . -6.24 1.25 -11.42
H52 8MI D . -5.67 -1.32 -12.76
H53 8MI D . -7.73 -0.58 -14.22
H54 8MI D . -8.14 0.39 -12.81
H55 8MI D . -7.96 -1.73 -11.41
H56 8MI D . -7.82 -2.62 -12.93
H57 8MI D . -10.14 -0.79 -12.28
H58 8MI D . -10.17 -2.52 -12.01
H59 8MI D . -9.37 -2.17 -14.63
H61 8MI D . -12.50 -2.01 -16.20
H62 8MI D . -12.27 -1.47 -12.77
H63 8MI D . -13.33 -1.57 -14.12
H64 8MI D . -3.96 -0.93 -14.20
H65 8MI D . -4.34 -0.52 -17.02
H66 8MI D . -3.09 0.72 -18.77
H67 8MI D . -1.63 2.61 -18.14
H68 8MI D . -1.42 3.27 -15.76
H69 8MI D . -2.66 2.04 -14.01
H60 8MI D . -10.80 -2.24 -16.43
H70 8MI D . -5.71 0.25 -6.98
N PHE A 1 -11.31 7.69 0.42
CA PHE A 1 -10.95 7.01 1.65
C PHE A 1 -12.19 6.37 2.30
N ARG A 2 -12.93 5.63 1.50
CA ARG A 2 -14.13 4.98 1.97
C ARG A 2 -13.79 3.94 3.03
N THR A 3 -14.83 3.47 3.70
CA THR A 3 -14.65 2.49 4.76
C THR A 3 -15.62 1.31 4.57
N PHE A 4 -15.07 0.11 4.72
CA PHE A 4 -15.90 -1.08 4.72
C PHE A 4 -17.03 -0.98 5.73
N PRO A 5 -17.96 -1.97 5.67
CA PRO A 5 -19.13 -1.96 6.52
C PRO A 5 -18.77 -2.36 7.95
N GLY A 6 -17.48 -2.63 8.15
CA GLY A 6 -16.98 -2.97 9.47
C GLY A 6 -15.91 -1.97 9.91
N ILE A 7 -15.73 -0.94 9.10
CA ILE A 7 -14.73 0.08 9.38
C ILE A 7 -13.36 -0.60 9.53
N PRO A 8 -12.60 -0.59 8.40
CA PRO A 8 -11.30 -1.25 8.37
C PRO A 8 -10.26 -0.44 9.14
N LYS A 9 -9.59 -1.13 10.06
CA LYS A 9 -8.57 -0.48 10.88
C LYS A 9 -8.11 -1.46 11.97
N TRP A 10 -6.81 -1.71 11.99
CA TRP A 10 -6.24 -2.62 12.96
C TRP A 10 -6.42 -1.99 14.35
N ARG A 11 -6.42 -2.87 15.35
CA ARG A 11 -6.70 -2.44 16.71
C ARG A 11 -5.39 -2.14 17.45
N LYS A 12 -4.28 -2.40 16.77
CA LYS A 12 -2.97 -2.17 17.35
C LYS A 12 -2.18 -1.23 16.43
N THR A 13 -1.29 -0.46 17.06
CA THR A 13 -0.48 0.48 16.31
C THR A 13 0.83 -0.19 15.86
N HIS A 14 1.28 -1.15 16.66
CA HIS A 14 2.49 -1.89 16.33
C HIS A 14 2.19 -2.87 15.20
N LEU A 15 2.06 -2.33 14.00
CA LEU A 15 1.68 -3.12 12.85
C LEU A 15 2.89 -3.95 12.38
N THR A 16 2.59 -5.01 11.64
CA THR A 16 3.64 -5.83 11.07
C THR A 16 3.31 -6.16 9.62
N TYR A 17 4.37 -6.32 8.83
CA TYR A 17 4.22 -6.72 7.44
C TYR A 17 5.30 -7.74 7.04
N ARG A 18 5.14 -8.26 5.83
CA ARG A 18 6.06 -9.27 5.35
C ARG A 18 5.91 -9.44 3.83
N ILE A 19 7.03 -9.74 3.18
CA ILE A 19 7.01 -10.04 1.76
C ILE A 19 7.09 -11.55 1.55
N VAL A 20 6.03 -12.10 0.99
CA VAL A 20 5.93 -13.54 0.81
C VAL A 20 6.79 -13.96 -0.38
N ASN A 21 6.74 -13.15 -1.43
CA ASN A 21 7.50 -13.43 -2.63
C ASN A 21 7.70 -12.13 -3.42
N TYR A 22 8.53 -12.22 -4.44
CA TYR A 22 8.84 -11.06 -5.26
C TYR A 22 8.53 -11.31 -6.73
N THR A 23 8.96 -10.38 -7.56
CA THR A 23 8.68 -10.46 -8.99
C THR A 23 9.98 -10.62 -9.78
N PRO A 24 9.89 -11.41 -10.87
CA PRO A 24 11.04 -11.65 -11.73
C PRO A 24 11.32 -10.42 -12.61
N ASP A 25 11.72 -9.34 -11.95
CA ASP A 25 11.99 -8.09 -12.65
C ASP A 25 12.84 -7.19 -11.76
N LEU A 26 12.40 -7.06 -10.51
CA LEU A 26 13.11 -6.24 -9.55
C LEU A 26 13.88 -7.14 -8.57
N PRO A 27 14.91 -6.55 -7.93
CA PRO A 27 15.62 -7.22 -6.86
C PRO A 27 14.79 -7.23 -5.58
N LYS A 28 15.25 -8.02 -4.62
CA LYS A 28 14.50 -8.24 -3.40
C LYS A 28 14.44 -6.93 -2.60
N ASP A 29 15.61 -6.44 -2.24
CA ASP A 29 15.71 -5.23 -1.43
C ASP A 29 14.86 -4.13 -2.08
N ALA A 30 14.86 -4.13 -3.41
CA ALA A 30 14.16 -3.10 -4.15
C ALA A 30 12.66 -3.19 -3.85
N VAL A 31 12.15 -4.41 -3.90
CA VAL A 31 10.74 -4.64 -3.68
C VAL A 31 10.38 -4.29 -2.23
N ASP A 32 11.15 -4.86 -1.31
CA ASP A 32 10.92 -4.63 0.10
C ASP A 32 10.92 -3.13 0.37
N SER A 33 11.76 -2.42 -0.37
CA SER A 33 11.86 -0.98 -0.23
C SER A 33 10.52 -0.33 -0.54
N ALA A 34 9.93 -0.76 -1.65
CA ALA A 34 8.67 -0.20 -2.10
C ALA A 34 7.67 -0.24 -0.95
N VAL A 35 7.70 -1.35 -0.22
CA VAL A 35 6.80 -1.52 0.93
C VAL A 35 7.31 -0.66 2.09
N GLU A 36 8.58 -0.84 2.40
CA GLU A 36 9.22 -0.04 3.43
C GLU A 36 8.89 1.44 3.22
N LYS A 37 8.70 1.81 1.96
CA LYS A 37 8.46 3.19 1.60
C LYS A 37 6.97 3.49 1.72
N ALA A 38 6.17 2.67 1.04
CA ALA A 38 4.73 2.86 1.03
C ALA A 38 4.22 2.92 2.47
N LEU A 39 4.71 1.98 3.28
CA LEU A 39 4.33 1.94 4.68
C LEU A 39 4.68 3.28 5.34
N LYS A 40 5.92 3.70 5.16
CA LYS A 40 6.43 4.89 5.83
C LYS A 40 5.61 6.10 5.38
N VAL A 41 5.22 6.07 4.12
CA VAL A 41 4.46 7.17 3.54
C VAL A 41 3.22 7.43 4.38
N TRP A 42 2.67 6.35 4.92
CA TRP A 42 1.44 6.44 5.70
C TRP A 42 1.84 6.72 7.15
N GLU A 43 2.98 6.17 7.54
CA GLU A 43 3.52 6.41 8.87
C GLU A 43 3.67 7.91 9.11
N GLU A 44 3.80 8.65 8.02
CA GLU A 44 4.03 10.09 8.10
C GLU A 44 2.73 10.80 8.51
N VAL A 45 1.62 10.09 8.33
CA VAL A 45 0.31 10.70 8.51
C VAL A 45 -0.56 9.79 9.38
N THR A 46 0.11 8.94 10.13
CA THR A 46 -0.58 8.13 11.13
C THR A 46 0.33 7.91 12.35
N PRO A 47 -0.32 7.56 13.49
CA PRO A 47 0.41 7.17 14.68
C PRO A 47 1.01 5.77 14.53
N LEU A 48 0.53 5.06 13.52
CA LEU A 48 0.87 3.66 13.36
C LEU A 48 2.39 3.51 13.25
N THR A 49 2.87 2.33 13.59
CA THR A 49 4.27 2.00 13.39
C THR A 49 4.41 0.58 12.84
N PHE A 50 5.25 0.46 11.82
CA PHE A 50 5.38 -0.80 11.11
C PHE A 50 6.70 -1.50 11.46
N SER A 51 6.56 -2.74 11.89
CA SER A 51 7.73 -3.55 12.23
C SER A 51 7.96 -4.61 11.15
N ARG A 52 9.18 -5.14 11.15
CA ARG A 52 9.56 -6.14 10.16
C ARG A 52 9.58 -7.53 10.80
N LEU A 53 9.22 -8.52 10.00
CA LEU A 53 9.24 -9.90 10.47
C LEU A 53 9.92 -10.79 9.42
N TYR A 54 10.77 -11.67 9.93
CA TYR A 54 11.48 -12.60 9.06
C TYR A 54 10.75 -13.94 8.98
N GLU A 55 9.76 -14.10 9.85
CA GLU A 55 8.94 -15.29 9.86
C GLU A 55 7.60 -15.01 10.53
N GLY A 56 6.70 -15.98 10.43
CA GLY A 56 5.40 -15.87 11.08
C GLY A 56 4.40 -15.16 10.18
N GLU A 57 3.22 -14.94 10.71
CA GLU A 57 2.14 -14.29 9.97
C GLU A 57 2.04 -12.83 10.37
N ALA A 58 2.53 -11.96 9.49
CA ALA A 58 2.44 -10.52 9.73
C ALA A 58 1.03 -10.04 9.37
N ASP A 59 0.70 -8.88 9.90
CA ASP A 59 -0.62 -8.31 9.67
C ASP A 59 -0.79 -8.00 8.19
N ILE A 60 0.28 -7.50 7.60
CA ILE A 60 0.26 -7.15 6.19
C ILE A 60 1.27 -8.01 5.43
N MET A 61 0.79 -9.17 4.98
CA MET A 61 1.64 -10.08 4.24
C MET A 61 1.56 -9.80 2.74
N ILE A 62 2.45 -8.94 2.29
CA ILE A 62 2.46 -8.52 0.89
C ILE A 62 2.99 -9.65 0.02
N SER A 63 2.43 -9.76 -1.17
CA SER A 63 2.80 -10.84 -2.09
C SER A 63 2.49 -10.42 -3.53
N PHE A 64 3.07 -11.17 -4.46
CA PHE A 64 2.79 -10.96 -5.87
C PHE A 64 2.15 -12.21 -6.49
N ALA A 65 1.20 -11.97 -7.38
CA ALA A 65 0.48 -13.06 -8.01
C ALA A 65 -0.04 -12.60 -9.37
N VAL A 66 -0.48 -13.57 -10.17
CA VAL A 66 -1.19 -13.28 -11.40
C VAL A 66 -2.42 -14.18 -11.50
N ARG A 67 -3.19 -13.96 -12.54
CA ARG A 67 -4.39 -14.76 -12.78
C ARG A 67 -5.03 -15.16 -11.43
N GLU A 68 -5.75 -16.26 -11.47
CA GLU A 68 -6.33 -16.82 -10.26
C GLU A 68 -5.23 -17.13 -9.24
N HIS A 69 -5.22 -16.35 -8.17
CA HIS A 69 -4.24 -16.52 -7.11
C HIS A 69 -4.95 -16.83 -5.79
N GLY A 70 -6.14 -17.39 -5.91
CA GLY A 70 -6.87 -17.87 -4.74
C GLY A 70 -8.12 -17.03 -4.50
N ASP A 71 -8.77 -16.66 -5.60
CA ASP A 71 -10.03 -15.94 -5.52
C ASP A 71 -10.52 -15.61 -6.93
N PHE A 72 -11.47 -14.70 -7.00
CA PHE A 72 -12.06 -14.32 -8.27
C PHE A 72 -11.60 -12.93 -8.71
N TYR A 73 -10.30 -12.84 -8.97
CA TYR A 73 -9.73 -11.58 -9.43
C TYR A 73 -8.41 -11.83 -10.18
N PRO A 74 -8.54 -12.54 -11.34
CA PRO A 74 -7.37 -13.01 -12.05
C PRO A 74 -6.68 -11.86 -12.79
N PHE A 75 -5.37 -11.78 -12.60
CA PHE A 75 -4.56 -10.87 -13.39
C PHE A 75 -4.14 -11.49 -14.72
N ASP A 76 -2.86 -11.39 -15.01
CA ASP A 76 -2.31 -11.99 -16.21
C ASP A 76 -2.71 -11.15 -17.43
N GLY A 77 -1.76 -10.39 -17.93
CA GLY A 77 -1.99 -9.56 -19.09
C GLY A 77 -1.16 -8.28 -19.04
N PRO A 78 -1.04 -7.60 -20.21
CA PRO A 78 -0.28 -6.37 -20.29
C PRO A 78 -1.06 -5.21 -19.68
N GLY A 79 -0.46 -4.62 -18.66
CA GLY A 79 -1.08 -3.49 -17.98
C GLY A 79 -2.24 -3.95 -17.09
N ASN A 80 -3.37 -3.28 -17.25
CA ASN A 80 -4.55 -3.59 -16.46
C ASN A 80 -4.20 -3.50 -14.97
N VAL A 81 -4.99 -4.22 -14.18
CA VAL A 81 -4.75 -4.25 -12.74
C VAL A 81 -3.26 -4.32 -12.47
N LEU A 82 -2.73 -3.23 -11.91
CA LEU A 82 -1.33 -3.19 -11.55
C LEU A 82 -1.13 -3.91 -10.20
N ALA A 83 -2.08 -3.70 -9.31
CA ALA A 83 -2.05 -4.34 -8.01
C ALA A 83 -3.31 -3.97 -7.22
N HIS A 84 -3.81 -4.94 -6.47
CA HIS A 84 -4.97 -4.70 -5.63
C HIS A 84 -4.65 -5.12 -4.19
N ALA A 85 -5.58 -4.79 -3.30
CA ALA A 85 -5.41 -5.14 -1.90
C ALA A 85 -6.80 -5.32 -1.26
N TYR A 86 -6.79 -5.96 -0.10
CA TYR A 86 -8.04 -6.27 0.59
C TYR A 86 -8.06 -5.66 1.99
N ALA A 87 -9.26 -5.34 2.44
CA ALA A 87 -9.45 -4.93 3.83
C ALA A 87 -8.98 -6.03 4.76
N PRO A 88 -9.06 -5.75 6.09
CA PRO A 88 -8.66 -6.73 7.09
C PRO A 88 -9.70 -7.84 7.23
N GLY A 89 -9.22 -8.99 7.67
CA GLY A 89 -10.08 -10.15 7.81
C GLY A 89 -9.27 -11.44 7.88
N PRO A 90 -9.73 -12.46 7.11
CA PRO A 90 -9.05 -13.74 7.08
C PRO A 90 -7.76 -13.66 6.25
N GLY A 91 -7.21 -14.83 5.97
CA GLY A 91 -5.88 -14.91 5.40
C GLY A 91 -5.83 -14.25 4.02
N ILE A 92 -7.01 -14.10 3.43
CA ILE A 92 -7.13 -13.43 2.15
C ILE A 92 -7.12 -11.91 2.36
N ASN A 93 -7.66 -11.50 3.50
CA ASN A 93 -7.77 -10.08 3.81
C ASN A 93 -6.50 -9.62 4.53
N GLY A 94 -6.22 -8.33 4.40
CA GLY A 94 -5.04 -7.76 5.04
C GLY A 94 -3.82 -7.88 4.14
N ASP A 95 -3.87 -8.85 3.23
CA ASP A 95 -2.77 -9.08 2.31
C ASP A 95 -2.79 -8.01 1.22
N ALA A 96 -1.69 -7.94 0.48
CA ALA A 96 -1.59 -7.03 -0.64
C ALA A 96 -1.01 -7.76 -1.85
N HIS A 97 -1.87 -8.05 -2.80
CA HIS A 97 -1.46 -8.80 -3.98
C HIS A 97 -1.06 -7.82 -5.10
N PHE A 98 0.18 -7.94 -5.52
CA PHE A 98 0.66 -7.18 -6.67
C PHE A 98 0.59 -8.01 -7.95
N ASP A 99 0.52 -7.32 -9.07
CA ASP A 99 0.48 -7.99 -10.37
C ASP A 99 1.88 -8.44 -10.76
N ASP A 100 2.09 -9.75 -10.67
CA ASP A 100 3.39 -10.32 -10.98
C ASP A 100 3.55 -10.38 -12.50
N ASP A 101 2.42 -10.52 -13.18
CA ASP A 101 2.43 -10.52 -14.64
C ASP A 101 2.48 -9.07 -15.14
N GLU A 102 3.46 -8.34 -14.65
CA GLU A 102 3.65 -6.96 -15.07
C GLU A 102 5.05 -6.47 -14.65
N GLN A 103 5.61 -5.61 -15.48
CA GLN A 103 6.92 -5.06 -15.22
C GLN A 103 6.85 -4.06 -14.07
N TRP A 104 7.99 -3.89 -13.40
CA TRP A 104 8.07 -3.00 -12.25
C TRP A 104 9.39 -2.25 -12.33
N THR A 105 9.41 -1.09 -11.69
CA THR A 105 10.62 -0.28 -11.64
C THR A 105 10.81 0.31 -10.24
N LYS A 106 11.89 1.05 -10.09
CA LYS A 106 12.19 1.70 -8.82
C LYS A 106 12.21 3.22 -9.01
N ASP A 107 11.68 3.64 -10.14
CA ASP A 107 11.67 5.05 -10.48
C ASP A 107 10.64 5.30 -11.59
N THR A 108 10.53 6.57 -11.97
CA THR A 108 9.55 6.96 -12.97
C THR A 108 10.06 6.63 -14.37
N THR A 109 9.97 5.35 -14.72
CA THR A 109 10.35 4.91 -16.05
C THR A 109 9.41 3.80 -16.54
N GLY A 110 9.12 2.89 -15.62
CA GLY A 110 8.12 1.86 -15.89
C GLY A 110 6.89 2.04 -15.00
N THR A 111 6.44 0.93 -14.43
CA THR A 111 5.39 0.97 -13.42
C THR A 111 6.01 1.06 -12.02
N ASN A 112 6.25 2.28 -11.60
CA ASN A 112 6.90 2.50 -10.30
C ASN A 112 6.21 1.66 -9.23
N LEU A 113 6.97 0.75 -8.66
CA LEU A 113 6.42 -0.19 -7.69
C LEU A 113 6.05 0.56 -6.41
N PHE A 114 7.03 1.27 -5.87
CA PHE A 114 6.84 1.97 -4.62
C PHE A 114 5.59 2.87 -4.66
N LEU A 115 5.51 3.66 -5.72
CA LEU A 115 4.40 4.59 -5.87
C LEU A 115 3.09 3.80 -5.90
N VAL A 116 3.16 2.62 -6.50
CA VAL A 116 1.99 1.75 -6.56
C VAL A 116 1.79 1.09 -5.19
N ALA A 117 2.90 0.86 -4.50
CA ALA A 117 2.87 0.15 -3.24
C ALA A 117 2.02 0.94 -2.25
N ALA A 118 2.19 2.26 -2.28
CA ALA A 118 1.44 3.14 -1.40
C ALA A 118 -0.06 2.94 -1.65
N HIS A 119 -0.50 2.90 -2.90
CA HIS A 119 -1.93 2.61 -3.30
C HIS A 119 -2.41 1.26 -2.67
N GLU A 120 -1.62 0.22 -2.88
CA GLU A 120 -1.94 -1.08 -2.31
C GLU A 120 -2.18 -0.95 -0.81
N ILE A 121 -1.13 -0.59 -0.09
CA ILE A 121 -1.20 -0.52 1.36
C ILE A 121 -2.45 0.26 1.76
N GLY A 122 -2.72 1.33 1.03
CA GLY A 122 -3.87 2.17 1.31
C GLY A 122 -5.13 1.32 1.50
N HIS A 123 -5.30 0.36 0.59
CA HIS A 123 -6.45 -0.53 0.66
C HIS A 123 -6.30 -1.48 1.84
N SER A 124 -5.08 -1.95 2.04
CA SER A 124 -4.80 -2.88 3.12
C SER A 124 -5.17 -2.26 4.46
N LEU A 125 -4.95 -0.94 4.56
CA LEU A 125 -5.22 -0.22 5.78
C LEU A 125 -6.73 -0.10 5.98
N GLY A 126 -7.34 0.68 5.09
CA GLY A 126 -8.79 0.85 5.13
C GLY A 126 -9.18 2.23 4.61
N LEU A 127 -8.69 2.55 3.42
CA LEU A 127 -9.11 3.77 2.75
C LEU A 127 -8.96 3.59 1.24
N PHE A 128 -10.04 3.86 0.53
CA PHE A 128 -10.09 3.59 -0.89
C PHE A 128 -10.03 4.88 -1.71
N HIS A 129 -10.16 4.73 -3.02
CA HIS A 129 -9.97 5.85 -3.92
C HIS A 129 -10.53 7.13 -3.28
N SER A 130 -9.76 8.19 -3.38
CA SER A 130 -10.16 9.46 -2.81
C SER A 130 -10.91 10.30 -3.85
N ALA A 131 -11.01 11.59 -3.57
CA ALA A 131 -11.70 12.50 -4.46
C ALA A 131 -10.82 13.72 -4.73
N ASN A 132 -9.62 13.45 -5.22
CA ASN A 132 -8.71 14.52 -5.59
C ASN A 132 -7.63 13.95 -6.52
N THR A 133 -7.16 14.81 -7.41
CA THR A 133 -6.15 14.41 -8.37
C THR A 133 -4.75 14.55 -7.77
N GLU A 134 -4.66 15.41 -6.76
CA GLU A 134 -3.39 15.66 -6.11
C GLU A 134 -3.02 14.48 -5.20
N ALA A 135 -4.01 13.64 -4.93
CA ALA A 135 -3.82 12.51 -4.06
C ALA A 135 -3.27 11.33 -4.86
N LEU A 136 -2.63 10.41 -4.15
CA LEU A 136 -2.08 9.23 -4.79
C LEU A 136 -3.13 8.12 -4.80
N MET A 137 -4.02 8.18 -3.82
CA MET A 137 -5.09 7.20 -3.71
C MET A 137 -6.06 7.30 -4.88
N TYR A 138 -6.04 8.46 -5.53
CA TYR A 138 -6.78 8.65 -6.76
C TYR A 138 -6.62 7.44 -7.69
N PRO A 139 -7.73 7.10 -8.40
CA PRO A 139 -7.80 5.86 -9.14
C PRO A 139 -6.97 5.93 -10.42
N LEU A 140 -6.97 7.11 -11.02
CA LEU A 140 -6.21 7.33 -12.23
C LEU A 140 -4.73 7.41 -11.90
N TYR A 141 -3.93 6.66 -12.65
CA TYR A 141 -2.50 6.64 -12.44
C TYR A 141 -1.87 7.99 -12.74
N HIS A 142 -0.82 8.30 -11.99
CA HIS A 142 -0.12 9.56 -12.17
C HIS A 142 1.20 9.53 -11.40
N SER A 143 2.28 9.78 -12.12
CA SER A 143 3.60 9.77 -11.52
C SER A 143 4.25 11.14 -11.69
N LEU A 144 4.83 11.62 -10.58
CA LEU A 144 5.52 12.91 -10.60
C LEU A 144 6.94 12.71 -11.13
N THR A 145 7.28 13.50 -12.14
CA THR A 145 8.59 13.41 -12.76
C THR A 145 9.64 13.05 -11.71
N ASP A 146 9.74 13.91 -10.70
CA ASP A 146 10.63 13.66 -9.58
C ASP A 146 9.82 13.06 -8.43
N LEU A 147 9.74 11.74 -8.42
CA LEU A 147 8.88 11.05 -7.46
C LEU A 147 9.44 11.27 -6.05
N THR A 148 10.71 11.65 -6.00
CA THR A 148 11.37 11.87 -4.73
C THR A 148 10.65 12.97 -3.94
N ARG A 149 9.71 13.62 -4.60
CA ARG A 149 9.00 14.73 -4.00
C ARG A 149 7.55 14.36 -3.72
N PHE A 150 7.18 13.18 -4.19
CA PHE A 150 5.81 12.71 -4.06
C PHE A 150 5.35 12.76 -2.59
N ARG A 151 4.08 13.08 -2.41
CA ARG A 151 3.50 13.09 -1.08
C ARG A 151 1.98 12.87 -1.17
N LEU A 152 1.42 12.42 -0.05
CA LEU A 152 -0.02 12.26 0.04
C LEU A 152 -0.67 13.63 0.25
N SER A 153 -1.68 13.90 -0.57
CA SER A 153 -2.41 15.16 -0.47
C SER A 153 -3.30 15.16 0.77
N GLN A 154 -3.78 16.34 1.12
CA GLN A 154 -4.61 16.50 2.30
C GLN A 154 -5.81 15.56 2.25
N ASP A 155 -6.26 15.31 1.02
CA ASP A 155 -7.42 14.44 0.82
C ASP A 155 -7.10 13.05 1.38
N ASP A 156 -5.85 12.63 1.19
CA ASP A 156 -5.44 11.31 1.62
C ASP A 156 -5.32 11.29 3.14
N ILE A 157 -4.68 12.33 3.66
CA ILE A 157 -4.45 12.41 5.10
C ILE A 157 -5.78 12.53 5.82
N ASN A 158 -6.71 13.23 5.19
CA ASN A 158 -8.03 13.43 5.76
C ASN A 158 -8.62 12.07 6.15
N GLY A 159 -8.49 11.12 5.24
CA GLY A 159 -9.08 9.81 5.45
C GLY A 159 -8.26 8.99 6.44
N ILE A 160 -6.99 8.81 6.11
CA ILE A 160 -6.11 7.99 6.93
C ILE A 160 -6.18 8.45 8.38
N GLN A 161 -6.11 9.76 8.55
CA GLN A 161 -6.08 10.34 9.88
C GLN A 161 -7.45 10.21 10.55
N SER A 162 -8.47 10.14 9.72
CA SER A 162 -9.83 10.00 10.22
C SER A 162 -10.03 8.58 10.77
N LEU A 163 -9.34 7.64 10.16
CA LEU A 163 -9.40 6.26 10.61
C LEU A 163 -8.44 6.06 11.79
N TYR A 164 -7.51 7.01 11.91
CA TYR A 164 -6.55 6.97 13.00
C TYR A 164 -6.18 8.39 13.46
N GLY A 165 -5.13 8.91 12.84
CA GLY A 165 -4.74 10.29 13.09
C GLY A 165 -3.63 10.36 14.15
N PRO A 166 -2.46 10.91 13.73
CA PRO A 166 -1.34 11.07 14.63
C PRO A 166 -1.58 12.23 15.61
N PRO A 167 -0.72 12.28 16.66
CA PRO A 167 -0.81 13.33 17.65
C PRO A 167 -0.28 14.65 17.11
N PRO A 168 -1.16 15.70 17.16
CA PRO A 168 -0.77 17.02 16.71
C PRO A 168 0.15 17.70 17.74
N ASP A 169 0.58 18.90 17.40
CA ASP A 169 1.45 19.66 18.27
C ASP A 169 1.19 21.16 18.07
N SER A 170 1.51 21.93 19.11
CA SER A 170 1.31 23.36 19.07
C SER A 170 2.47 24.03 18.32
N PRO A 171 2.14 25.16 17.64
CA PRO A 171 3.15 25.91 16.92
C PRO A 171 4.04 26.71 17.87
N GLU A 172 4.89 25.97 18.58
CA GLU A 172 5.80 26.60 19.54
C GLU A 172 6.87 27.41 18.80
N THR A 173 7.20 28.55 19.38
CA THR A 173 8.22 29.41 18.79
C THR A 173 9.00 30.14 19.88
ZN ZN B . -7.47 1.10 -5.86
ZN ZN C . -5.95 -10.94 -4.79
C1 8MI D . -6.28 -2.41 -9.46
C2 8MI D . -6.37 -1.38 -8.32
C3 8MI D . -7.59 -0.45 -8.57
O4 8MI D . -7.79 0.47 -7.79
O5 8MI D . -8.30 -0.68 -9.54
N6 8MI D . -5.08 -0.65 -8.24
C7 8MI D . -5.02 0.43 -9.28
C8 8MI D . -3.78 1.34 -9.03
C9 8MI D . -3.94 2.72 -9.72
C10 8MI D . -2.82 3.67 -9.30
C11 8MI D . -1.48 3.29 -9.51
C12 8MI D . -0.45 4.16 -9.13
C13 8MI D . -0.74 5.39 -8.53
C14 8MI D . -2.07 5.75 -8.32
C15 8MI D . -3.12 4.90 -8.70
C16 8MI D . -4.93 -0.14 -10.73
O17 8MI D . -4.03 -0.90 -11.05
N18 8MI D . -5.87 0.24 -11.59
C19 8MI D . -5.93 -0.24 -13.02
C20 8MI D . -7.40 -0.34 -13.46
C21 8MI D . -7.97 -1.74 -13.16
C22 8MI D . -9.42 -1.86 -13.66
N23 8MI D . -9.47 -1.65 -15.15
C24 8MI D . -9.09 -2.56 -16.05
N25 8MI D . -9.10 -2.23 -17.33
N26 8MI D . -8.71 -3.78 -15.70
C27 8MI D . -5.14 0.74 -13.95
O28 8MI D . -5.41 1.93 -13.98
N29 8MI D . -4.16 0.22 -14.71
C30 8MI D . -3.43 1.03 -15.55
C31 8MI D . -3.38 0.74 -16.92
C32 8MI D . -2.65 1.55 -17.79
C33 8MI D . -1.96 2.66 -17.29
C34 8MI D . -2.01 2.96 -15.93
C35 8MI D . -2.75 2.15 -15.05
H36 8MI D . -5.26 -2.75 -9.56
H37 8MI D . -6.60 -1.97 -10.39
H38 8MI D . -6.91 -3.27 -9.23
H39 8MI D . -6.52 -1.92 -7.39
H40 8MI D . -4.29 -1.31 -8.37
H41 8MI D . -5.91 1.05 -9.22
H42 8MI D . -2.90 0.85 -9.42
H43 8MI D . -3.66 1.49 -7.96
H44 8MI D . -4.89 3.14 -9.42
H45 8MI D . -3.93 2.60 -10.79
H46 8MI D . -1.24 2.35 -9.97
H47 8MI D . 0.58 3.87 -9.29
H48 8MI D . 0.06 6.04 -8.24
H49 8MI D . -2.31 6.70 -7.85
H50 8MI D . -4.14 5.19 -8.54
H51 8MI D . -6.59 0.85 -11.35
H52 8MI D . -5.46 -1.22 -13.10
H53 8MI D . -7.48 -0.16 -14.53
H54 8MI D . -7.98 0.41 -12.94
H55 8MI D . -7.95 -1.90 -12.09
H56 8MI D . -7.36 -2.50 -13.64
H57 8MI D . -10.03 -1.10 -13.17
H58 8MI D . -9.81 -2.84 -13.41
H59 8MI D . -9.81 -0.77 -15.41
H61 8MI D . -8.81 -2.90 -18.02
H62 8MI D . -8.72 -4.04 -14.73
H63 8MI D . -8.44 -4.45 -16.39
H64 8MI D . -3.95 -0.73 -14.69
H65 8MI D . -3.91 -0.13 -17.31
H66 8MI D . -2.61 1.32 -18.84
H67 8MI D . -1.39 3.29 -17.96
H68 8MI D . -1.47 3.82 -15.55
H69 8MI D . -2.78 2.39 -14.00
H60 8MI D . -9.39 -1.31 -17.61
H70 8MI D . -5.00 -0.22 -7.30
N PHE A 1 -10.67 7.61 0.71
CA PHE A 1 -11.29 8.09 1.94
C PHE A 1 -12.40 7.14 2.39
N ARG A 2 -13.23 6.76 1.43
CA ARG A 2 -14.34 5.85 1.71
C ARG A 2 -13.89 4.74 2.66
N THR A 3 -14.85 4.23 3.41
CA THR A 3 -14.56 3.20 4.40
C THR A 3 -15.54 2.04 4.26
N PHE A 4 -15.02 0.83 4.37
CA PHE A 4 -15.85 -0.36 4.36
C PHE A 4 -16.93 -0.29 5.44
N PRO A 5 -17.88 -1.24 5.37
CA PRO A 5 -18.96 -1.31 6.35
C PRO A 5 -18.44 -1.86 7.69
N GLY A 6 -18.10 -0.94 8.58
CA GLY A 6 -17.51 -1.32 9.86
C GLY A 6 -16.25 -0.51 10.14
N ILE A 7 -15.82 0.22 9.13
CA ILE A 7 -14.64 1.06 9.26
C ILE A 7 -13.40 0.18 9.45
N PRO A 8 -12.60 0.08 8.37
CA PRO A 8 -11.37 -0.71 8.41
C PRO A 8 -10.28 0.04 9.19
N LYS A 9 -9.68 -0.68 10.12
CA LYS A 9 -8.63 -0.11 10.96
C LYS A 9 -8.16 -1.15 11.97
N TRP A 10 -6.86 -1.39 11.96
CA TRP A 10 -6.28 -2.40 12.84
C TRP A 10 -6.51 -1.95 14.28
N ARG A 11 -6.55 -2.93 15.18
CA ARG A 11 -6.91 -2.68 16.55
C ARG A 11 -5.66 -2.32 17.37
N LYS A 12 -4.52 -2.40 16.71
CA LYS A 12 -3.26 -2.08 17.35
C LYS A 12 -2.41 -1.23 16.41
N THR A 13 -1.47 -0.51 16.99
CA THR A 13 -0.64 0.41 16.23
C THR A 13 0.61 -0.31 15.71
N HIS A 14 1.06 -1.27 16.50
CA HIS A 14 2.24 -2.05 16.13
C HIS A 14 1.87 -3.04 15.01
N LEU A 15 2.07 -2.60 13.79
CA LEU A 15 1.72 -3.41 12.64
C LEU A 15 2.97 -4.17 12.15
N THR A 16 2.73 -5.33 11.59
CA THR A 16 3.79 -6.08 10.93
C THR A 16 3.41 -6.38 9.48
N TYR A 17 4.44 -6.49 8.65
CA TYR A 17 4.25 -6.86 7.26
C TYR A 17 5.33 -7.83 6.79
N ARG A 18 5.13 -8.35 5.58
CA ARG A 18 6.04 -9.34 5.04
C ARG A 18 5.86 -9.46 3.53
N ILE A 19 6.95 -9.78 2.85
CA ILE A 19 6.90 -10.04 1.43
C ILE A 19 7.04 -11.54 1.18
N VAL A 20 5.98 -12.11 0.62
CA VAL A 20 5.91 -13.55 0.43
C VAL A 20 6.78 -13.94 -0.77
N ASN A 21 6.71 -13.11 -1.81
CA ASN A 21 7.48 -13.35 -3.01
C ASN A 21 7.64 -12.03 -3.77
N TYR A 22 8.47 -12.08 -4.81
CA TYR A 22 8.81 -10.89 -5.56
C TYR A 22 8.60 -11.12 -7.07
N THR A 23 9.05 -10.14 -7.85
CA THR A 23 8.87 -10.19 -9.28
C THR A 23 10.21 -10.38 -9.98
N PRO A 24 10.17 -11.15 -11.10
CA PRO A 24 11.38 -11.40 -11.87
C PRO A 24 11.77 -10.17 -12.70
N ASP A 25 12.18 -9.13 -11.99
CA ASP A 25 12.60 -7.90 -12.64
C ASP A 25 13.40 -7.05 -11.65
N LEU A 26 12.86 -6.91 -10.45
CA LEU A 26 13.52 -6.15 -9.40
C LEU A 26 14.25 -7.10 -8.47
N PRO A 27 15.28 -6.54 -7.76
CA PRO A 27 15.94 -7.26 -6.69
C PRO A 27 15.07 -7.32 -5.45
N LYS A 28 15.47 -8.17 -4.52
CA LYS A 28 14.66 -8.43 -3.33
C LYS A 28 14.53 -7.13 -2.52
N ASP A 29 15.68 -6.65 -2.05
CA ASP A 29 15.69 -5.49 -1.17
C ASP A 29 14.91 -4.35 -1.83
N ALA A 30 15.00 -4.30 -3.16
CA ALA A 30 14.37 -3.22 -3.91
C ALA A 30 12.86 -3.30 -3.72
N VAL A 31 12.33 -4.52 -3.85
CA VAL A 31 10.91 -4.73 -3.75
C VAL A 31 10.45 -4.40 -2.33
N ASP A 32 11.11 -5.02 -1.37
CA ASP A 32 10.79 -4.79 0.03
C ASP A 32 10.80 -3.30 0.33
N SER A 33 11.75 -2.62 -0.30
CA SER A 33 11.90 -1.18 -0.10
C SER A 33 10.57 -0.48 -0.43
N ALA A 34 9.98 -0.89 -1.54
CA ALA A 34 8.76 -0.28 -2.00
C ALA A 34 7.73 -0.26 -0.87
N VAL A 35 7.67 -1.38 -0.15
CA VAL A 35 6.75 -1.50 0.96
C VAL A 35 7.29 -0.71 2.15
N GLU A 36 8.55 -0.97 2.47
CA GLU A 36 9.23 -0.22 3.52
C GLU A 36 9.00 1.28 3.34
N LYS A 37 8.80 1.66 2.09
CA LYS A 37 8.63 3.07 1.75
C LYS A 37 7.15 3.44 1.86
N ALA A 38 6.34 2.68 1.13
CA ALA A 38 4.91 2.96 1.10
C ALA A 38 4.37 3.01 2.53
N LEU A 39 4.83 2.06 3.34
CA LEU A 39 4.43 2.00 4.73
C LEU A 39 4.73 3.35 5.40
N LYS A 40 5.96 3.80 5.22
CA LYS A 40 6.41 5.01 5.87
C LYS A 40 5.55 6.19 5.40
N VAL A 41 5.25 6.19 4.12
CA VAL A 41 4.46 7.26 3.54
C VAL A 41 3.18 7.46 4.36
N TRP A 42 2.70 6.36 4.91
CA TRP A 42 1.48 6.39 5.69
C TRP A 42 1.86 6.69 7.15
N GLU A 43 3.01 6.18 7.55
CA GLU A 43 3.52 6.44 8.88
C GLU A 43 3.60 7.95 9.13
N GLU A 44 3.72 8.70 8.04
CA GLU A 44 3.87 10.14 8.12
C GLU A 44 2.54 10.79 8.48
N VAL A 45 1.47 10.05 8.26
CA VAL A 45 0.13 10.60 8.41
C VAL A 45 -0.72 9.64 9.26
N THR A 46 -0.03 8.75 9.94
CA THR A 46 -0.67 7.91 10.93
C THR A 46 0.26 7.65 12.12
N PRO A 47 -0.36 7.29 13.27
CA PRO A 47 0.41 6.94 14.45
C PRO A 47 1.05 5.55 14.31
N LEU A 48 0.59 4.84 13.29
CA LEU A 48 0.94 3.43 13.16
C LEU A 48 2.46 3.30 13.09
N THR A 49 2.94 2.13 13.49
CA THR A 49 4.34 1.79 13.34
C THR A 49 4.50 0.38 12.76
N PHE A 50 5.38 0.27 11.78
CA PHE A 50 5.51 -0.96 11.02
C PHE A 50 6.83 -1.65 11.33
N SER A 51 6.73 -2.90 11.74
CA SER A 51 7.91 -3.72 12.01
C SER A 51 8.13 -4.71 10.86
N ARG A 52 9.35 -5.23 10.80
CA ARG A 52 9.72 -6.16 9.75
C ARG A 52 9.81 -7.58 10.31
N LEU A 53 9.51 -8.54 9.44
CA LEU A 53 9.60 -9.94 9.82
C LEU A 53 10.27 -10.73 8.69
N TYR A 54 11.05 -11.73 9.09
CA TYR A 54 11.73 -12.56 8.12
C TYR A 54 11.12 -13.97 8.10
N GLU A 55 10.21 -14.20 9.03
CA GLU A 55 9.52 -15.48 9.10
C GLU A 55 8.17 -15.31 9.80
N GLY A 56 7.38 -16.37 9.74
CA GLY A 56 6.09 -16.38 10.41
C GLY A 56 5.06 -15.55 9.63
N GLU A 57 4.03 -15.12 10.34
CA GLU A 57 2.96 -14.36 9.72
C GLU A 57 3.09 -12.88 10.08
N ALA A 58 2.45 -12.04 9.27
CA ALA A 58 2.43 -10.62 9.52
C ALA A 58 1.04 -10.06 9.23
N ASP A 59 0.76 -8.92 9.82
CA ASP A 59 -0.55 -8.30 9.67
C ASP A 59 -0.78 -7.95 8.19
N ILE A 60 0.30 -7.52 7.55
CA ILE A 60 0.23 -7.16 6.14
C ILE A 60 1.21 -8.04 5.35
N MET A 61 0.74 -9.21 4.96
CA MET A 61 1.56 -10.15 4.22
C MET A 61 1.43 -9.92 2.71
N ILE A 62 2.28 -9.05 2.20
CA ILE A 62 2.21 -8.65 0.80
C ILE A 62 2.74 -9.78 -0.07
N SER A 63 2.10 -9.96 -1.22
CA SER A 63 2.46 -11.05 -2.12
C SER A 63 2.13 -10.67 -3.56
N PHE A 64 2.87 -11.27 -4.48
CA PHE A 64 2.57 -11.11 -5.89
C PHE A 64 2.04 -12.42 -6.48
N ALA A 65 1.16 -12.28 -7.46
CA ALA A 65 0.54 -13.44 -8.10
C ALA A 65 0.07 -13.06 -9.50
N VAL A 66 0.20 -14.02 -10.40
CA VAL A 66 -0.40 -13.88 -11.73
C VAL A 66 -1.69 -14.72 -11.78
N ARG A 67 -2.57 -14.33 -12.69
CA ARG A 67 -3.82 -15.04 -12.87
C ARG A 67 -4.56 -15.15 -11.53
N GLU A 68 -5.62 -15.95 -11.55
CA GLU A 68 -6.39 -16.19 -10.34
C GLU A 68 -5.48 -16.65 -9.21
N HIS A 69 -5.73 -16.10 -8.03
CA HIS A 69 -4.86 -16.34 -6.89
C HIS A 69 -5.72 -16.66 -5.65
N GLY A 70 -6.67 -17.55 -5.85
CA GLY A 70 -7.60 -17.90 -4.79
C GLY A 70 -8.48 -16.69 -4.42
N ASP A 71 -9.32 -16.31 -5.35
CA ASP A 71 -10.08 -15.07 -5.21
C ASP A 71 -11.01 -14.91 -6.41
N PHE A 72 -11.65 -13.75 -6.47
CA PHE A 72 -12.59 -13.47 -7.54
C PHE A 72 -12.09 -12.34 -8.44
N TYR A 73 -10.88 -11.88 -8.14
CA TYR A 73 -10.24 -10.86 -8.96
C TYR A 73 -8.94 -11.39 -9.56
N PRO A 74 -9.06 -11.96 -10.79
CA PRO A 74 -7.93 -12.61 -11.43
C PRO A 74 -6.94 -11.57 -11.97
N PHE A 75 -5.86 -12.08 -12.55
CA PHE A 75 -4.79 -11.22 -13.03
C PHE A 75 -4.31 -11.65 -14.42
N ASP A 76 -3.15 -11.14 -14.79
CA ASP A 76 -2.50 -11.57 -16.02
C ASP A 76 -3.06 -10.76 -17.19
N GLY A 77 -2.17 -9.98 -17.80
CA GLY A 77 -2.54 -9.20 -18.97
C GLY A 77 -1.61 -7.98 -19.12
N PRO A 78 -1.66 -7.37 -20.34
CA PRO A 78 -0.86 -6.20 -20.61
C PRO A 78 -1.46 -4.95 -19.93
N GLY A 79 -0.82 -4.56 -18.84
CA GLY A 79 -1.28 -3.42 -18.07
C GLY A 79 -2.43 -3.81 -17.14
N ASN A 80 -3.52 -3.07 -17.25
CA ASN A 80 -4.68 -3.34 -16.42
C ASN A 80 -4.26 -3.35 -14.95
N VAL A 81 -5.07 -4.02 -14.14
CA VAL A 81 -4.78 -4.14 -12.72
C VAL A 81 -3.27 -4.30 -12.53
N LEU A 82 -2.69 -3.32 -11.85
CA LEU A 82 -1.28 -3.41 -11.48
C LEU A 82 -1.16 -4.08 -10.11
N ALA A 83 -2.07 -3.69 -9.22
CA ALA A 83 -2.07 -4.25 -7.88
C ALA A 83 -3.31 -3.77 -7.13
N HIS A 84 -3.86 -4.66 -6.32
CA HIS A 84 -5.06 -4.33 -5.55
C HIS A 84 -4.89 -4.80 -4.12
N ALA A 85 -5.77 -4.32 -3.25
CA ALA A 85 -5.75 -4.72 -1.86
C ALA A 85 -7.15 -4.49 -1.27
N TYR A 86 -7.32 -4.99 -0.04
CA TYR A 86 -8.62 -4.97 0.60
C TYR A 86 -8.49 -4.72 2.09
N ALA A 87 -9.62 -4.36 2.70
CA ALA A 87 -9.63 -4.06 4.13
C ALA A 87 -9.00 -5.21 4.90
N PRO A 88 -8.57 -4.90 6.15
CA PRO A 88 -7.89 -5.88 6.97
C PRO A 88 -8.89 -6.90 7.54
N GLY A 89 -8.44 -8.15 7.59
CA GLY A 89 -9.28 -9.22 8.09
C GLY A 89 -8.50 -10.54 8.15
N PRO A 90 -9.24 -11.63 8.51
CA PRO A 90 -8.63 -12.93 8.67
C PRO A 90 -8.31 -13.56 7.30
N GLY A 91 -7.03 -13.47 6.93
CA GLY A 91 -6.54 -14.21 5.79
C GLY A 91 -6.58 -13.35 4.53
N ILE A 92 -7.51 -13.69 3.64
CA ILE A 92 -7.54 -13.09 2.32
C ILE A 92 -7.58 -11.57 2.46
N ASN A 93 -8.21 -11.12 3.53
CA ASN A 93 -8.32 -9.70 3.81
C ASN A 93 -7.07 -9.23 4.57
N GLY A 94 -6.67 -8.01 4.30
CA GLY A 94 -5.48 -7.45 4.92
C GLY A 94 -4.25 -7.65 4.04
N ASP A 95 -4.25 -8.75 3.31
CA ASP A 95 -3.16 -9.06 2.40
C ASP A 95 -3.29 -8.17 1.15
N ALA A 96 -2.13 -7.85 0.58
CA ALA A 96 -2.09 -7.02 -0.61
C ALA A 96 -1.55 -7.85 -1.78
N HIS A 97 -2.29 -7.78 -2.88
CA HIS A 97 -1.95 -8.60 -4.04
C HIS A 97 -1.43 -7.71 -5.17
N PHE A 98 -0.21 -8.00 -5.59
CA PHE A 98 0.37 -7.32 -6.72
C PHE A 98 0.35 -8.21 -7.97
N ASP A 99 0.65 -7.59 -9.10
CA ASP A 99 0.76 -8.33 -10.35
C ASP A 99 2.22 -8.73 -10.58
N ASP A 100 2.41 -9.99 -10.92
CA ASP A 100 3.74 -10.49 -11.24
C ASP A 100 3.91 -10.54 -12.76
N ASP A 101 2.77 -10.51 -13.45
CA ASP A 101 2.78 -10.52 -14.91
C ASP A 101 2.91 -9.09 -15.41
N GLU A 102 3.88 -8.38 -14.86
CA GLU A 102 4.12 -7.00 -15.23
C GLU A 102 5.49 -6.53 -14.74
N GLN A 103 6.10 -5.67 -15.54
CA GLN A 103 7.39 -5.10 -15.17
C GLN A 103 7.22 -4.08 -14.07
N TRP A 104 8.29 -3.90 -13.30
CA TRP A 104 8.25 -2.98 -12.17
C TRP A 104 9.58 -2.22 -12.13
N THR A 105 9.55 -1.07 -11.48
CA THR A 105 10.74 -0.25 -11.33
C THR A 105 10.78 0.39 -9.94
N LYS A 106 11.91 1.01 -9.65
CA LYS A 106 12.10 1.65 -8.36
C LYS A 106 12.15 3.18 -8.57
N ASP A 107 11.73 3.59 -9.75
CA ASP A 107 11.79 5.00 -10.12
C ASP A 107 10.74 5.29 -11.18
N THR A 108 10.71 6.54 -11.62
CA THR A 108 9.71 6.98 -12.57
C THR A 108 10.15 6.64 -13.99
N THR A 109 10.65 5.43 -14.15
CA THR A 109 11.03 4.94 -15.46
C THR A 109 10.12 3.78 -15.89
N GLY A 110 9.43 3.22 -14.90
CA GLY A 110 8.52 2.12 -15.16
C GLY A 110 7.18 2.33 -14.48
N THR A 111 6.59 1.23 -14.03
CA THR A 111 5.45 1.31 -13.14
C THR A 111 5.92 1.34 -11.69
N ASN A 112 6.43 2.49 -11.29
CA ASN A 112 7.07 2.62 -9.98
C ASN A 112 6.33 1.74 -8.98
N LEU A 113 7.07 0.82 -8.39
CA LEU A 113 6.49 -0.14 -7.46
C LEU A 113 6.14 0.57 -6.16
N PHE A 114 7.12 1.28 -5.64
CA PHE A 114 6.95 1.97 -4.36
C PHE A 114 5.70 2.85 -4.37
N LEU A 115 5.57 3.64 -5.43
CA LEU A 115 4.46 4.55 -5.56
C LEU A 115 3.15 3.77 -5.59
N VAL A 116 3.21 2.60 -6.20
CA VAL A 116 2.05 1.72 -6.27
C VAL A 116 1.85 1.04 -4.92
N ALA A 117 2.96 0.79 -4.25
CA ALA A 117 2.93 0.10 -2.96
C ALA A 117 2.05 0.89 -1.99
N ALA A 118 2.19 2.21 -2.06
CA ALA A 118 1.43 3.08 -1.19
C ALA A 118 -0.06 2.80 -1.36
N HIS A 119 -0.58 2.87 -2.58
CA HIS A 119 -2.01 2.51 -2.92
C HIS A 119 -2.40 1.16 -2.26
N GLU A 120 -1.62 0.12 -2.56
CA GLU A 120 -1.89 -1.19 -2.01
C GLU A 120 -2.07 -1.10 -0.48
N ILE A 121 -1.00 -0.73 0.19
CA ILE A 121 -1.02 -0.66 1.64
C ILE A 121 -2.26 0.11 2.10
N GLY A 122 -2.56 1.17 1.38
CA GLY A 122 -3.70 2.01 1.72
C GLY A 122 -4.96 1.17 1.93
N HIS A 123 -5.21 0.29 0.97
CA HIS A 123 -6.38 -0.57 1.02
C HIS A 123 -6.29 -1.49 2.25
N SER A 124 -5.08 -1.93 2.52
CA SER A 124 -4.84 -2.82 3.64
C SER A 124 -5.09 -2.08 4.96
N LEU A 125 -4.77 -0.79 4.94
CA LEU A 125 -4.90 0.02 6.14
C LEU A 125 -6.36 0.39 6.36
N GLY A 126 -7.06 0.61 5.25
CA GLY A 126 -8.47 0.93 5.31
C GLY A 126 -8.81 2.07 4.34
N LEU A 127 -7.77 2.69 3.82
CA LEU A 127 -7.93 3.74 2.83
C LEU A 127 -8.38 3.13 1.50
N PHE A 128 -9.46 3.69 0.98
CA PHE A 128 -9.95 3.27 -0.33
C PHE A 128 -10.02 4.46 -1.30
N HIS A 129 -10.27 4.14 -2.55
CA HIS A 129 -10.12 5.11 -3.62
C HIS A 129 -10.69 6.45 -3.17
N SER A 130 -9.89 7.49 -3.36
CA SER A 130 -10.28 8.83 -2.96
C SER A 130 -11.08 9.51 -4.07
N ALA A 131 -11.55 10.72 -3.77
CA ALA A 131 -12.26 11.50 -4.76
C ALA A 131 -11.27 12.38 -5.52
N ASN A 132 -10.27 12.85 -4.79
CA ASN A 132 -9.24 13.67 -5.39
C ASN A 132 -8.55 12.90 -6.52
N THR A 133 -8.10 13.65 -7.51
CA THR A 133 -7.40 13.05 -8.63
C THR A 133 -5.89 13.25 -8.49
N GLU A 134 -5.52 14.26 -7.71
CA GLU A 134 -4.13 14.55 -7.46
C GLU A 134 -3.59 13.65 -6.34
N ALA A 135 -4.51 12.99 -5.67
CA ALA A 135 -4.15 12.08 -4.59
C ALA A 135 -3.54 10.81 -5.18
N LEU A 136 -2.79 10.10 -4.35
CA LEU A 136 -2.18 8.85 -4.77
C LEU A 136 -3.20 7.72 -4.62
N MET A 137 -4.20 7.96 -3.78
CA MET A 137 -5.24 6.98 -3.57
C MET A 137 -6.12 6.82 -4.81
N TYR A 138 -6.09 7.84 -5.65
CA TYR A 138 -6.85 7.82 -6.89
C TYR A 138 -6.53 6.58 -7.71
N PRO A 139 -7.61 5.90 -8.20
CA PRO A 139 -7.45 4.70 -8.99
C PRO A 139 -6.97 5.02 -10.40
N LEU A 140 -5.78 5.61 -10.47
CA LEU A 140 -5.19 5.95 -11.76
C LEU A 140 -3.71 6.29 -11.56
N TYR A 141 -2.89 5.73 -12.43
CA TYR A 141 -1.46 5.94 -12.35
C TYR A 141 -1.13 7.44 -12.33
N HIS A 142 -0.01 7.76 -11.71
CA HIS A 142 0.41 9.15 -11.58
C HIS A 142 1.92 9.21 -11.35
N SER A 143 2.60 9.93 -12.23
CA SER A 143 4.03 10.10 -12.13
C SER A 143 4.37 11.56 -11.87
N LEU A 144 5.67 11.81 -11.66
CA LEU A 144 6.14 13.15 -11.41
C LEU A 144 7.61 13.26 -11.80
N THR A 145 7.95 14.38 -12.41
CA THR A 145 9.33 14.63 -12.82
C THR A 145 10.29 14.03 -11.79
N ASP A 146 10.22 14.55 -10.58
CA ASP A 146 10.99 13.99 -9.48
C ASP A 146 10.04 13.45 -8.41
N LEU A 147 10.20 12.18 -8.10
CA LEU A 147 9.29 11.52 -7.19
C LEU A 147 9.56 12.02 -5.77
N THR A 148 10.73 12.60 -5.59
CA THR A 148 11.14 13.08 -4.27
C THR A 148 10.17 14.14 -3.77
N ARG A 149 9.26 14.54 -4.64
CA ARG A 149 8.33 15.61 -4.32
C ARG A 149 6.93 15.04 -4.05
N PHE A 150 6.80 13.74 -4.28
CA PHE A 150 5.52 13.08 -4.12
C PHE A 150 5.04 13.16 -2.67
N ARG A 151 3.73 13.33 -2.52
CA ARG A 151 3.13 13.35 -1.20
C ARG A 151 1.64 13.02 -1.29
N LEU A 152 1.14 12.37 -0.25
CA LEU A 152 -0.28 12.11 -0.15
C LEU A 152 -1.02 13.44 0.06
N SER A 153 -1.95 13.71 -0.85
CA SER A 153 -2.76 14.91 -0.77
C SER A 153 -3.58 14.90 0.53
N GLN A 154 -4.22 16.03 0.79
CA GLN A 154 -5.00 16.18 2.00
C GLN A 154 -6.11 15.14 2.05
N ASP A 155 -6.59 14.78 0.87
CA ASP A 155 -7.68 13.82 0.76
C ASP A 155 -7.26 12.51 1.44
N ASP A 156 -6.05 12.08 1.12
CA ASP A 156 -5.55 10.81 1.63
C ASP A 156 -5.47 10.87 3.16
N ILE A 157 -4.84 11.94 3.65
CA ILE A 157 -4.61 12.08 5.07
C ILE A 157 -5.96 12.20 5.79
N ASN A 158 -6.87 12.89 5.15
CA ASN A 158 -8.19 13.10 5.72
C ASN A 158 -8.80 11.75 6.12
N GLY A 159 -8.66 10.79 5.22
CA GLY A 159 -9.26 9.48 5.42
C GLY A 159 -8.41 8.62 6.35
N ILE A 160 -7.13 8.51 5.99
CA ILE A 160 -6.23 7.64 6.73
C ILE A 160 -6.23 8.04 8.21
N GLN A 161 -6.15 9.35 8.43
CA GLN A 161 -6.05 9.87 9.78
C GLN A 161 -7.39 9.73 10.51
N SER A 162 -8.45 9.72 9.70
CA SER A 162 -9.79 9.54 10.25
C SER A 162 -9.98 8.09 10.68
N LEU A 163 -9.26 7.20 10.02
CA LEU A 163 -9.31 5.79 10.37
C LEU A 163 -8.36 5.54 11.56
N TYR A 164 -7.47 6.50 11.77
CA TYR A 164 -6.49 6.37 12.85
C TYR A 164 -6.23 7.73 13.50
N GLY A 165 -5.28 8.46 12.92
CA GLY A 165 -5.04 9.83 13.32
C GLY A 165 -3.86 9.92 14.30
N PRO A 166 -2.75 10.53 13.80
CA PRO A 166 -1.57 10.71 14.62
C PRO A 166 -1.77 11.84 15.62
N PRO A 167 -0.83 11.93 16.60
CA PRO A 167 -0.90 12.96 17.62
C PRO A 167 -0.46 14.31 17.06
N PRO A 168 -0.81 15.39 17.80
CA PRO A 168 -0.44 16.74 17.40
C PRO A 168 1.04 17.00 17.65
N ASP A 169 1.47 18.19 17.26
CA ASP A 169 2.86 18.58 17.43
C ASP A 169 3.13 18.82 18.91
N SER A 170 4.40 18.66 19.29
CA SER A 170 4.80 18.83 20.67
C SER A 170 6.24 18.35 20.86
N PRO A 171 6.48 17.07 20.45
CA PRO A 171 7.81 16.49 20.55
C PRO A 171 8.73 17.05 19.46
N GLU A 172 9.99 17.22 19.83
CA GLU A 172 10.98 17.74 18.90
C GLU A 172 11.39 16.65 17.90
N THR A 173 10.52 16.42 16.93
CA THR A 173 10.78 15.41 15.92
C THR A 173 11.37 14.16 16.55
ZN ZN B . -7.28 0.09 -5.47
ZN ZN C . -6.56 -10.54 -4.97
C1 8MI D . -6.91 0.87 -8.32
C2 8MI D . -6.15 -0.35 -8.87
C3 8MI D . -6.45 -1.58 -7.97
O4 8MI D . -6.85 -1.38 -6.83
O5 8MI D . -6.28 -2.70 -8.43
N6 8MI D . -4.71 -0.02 -8.93
C7 8MI D . -4.48 1.25 -9.68
C8 8MI D . -2.95 1.59 -9.69
C9 8MI D . -2.46 2.02 -8.29
C10 8MI D . -1.66 3.32 -8.38
C11 8MI D . -0.70 3.49 -9.39
C12 8MI D . 0.04 4.68 -9.46
C13 8MI D . -0.19 5.70 -8.54
C14 8MI D . -1.14 5.54 -7.53
C15 8MI D . -1.89 4.36 -7.46
C16 8MI D . -4.98 1.17 -11.15
O17 8MI D . -5.42 2.16 -11.71
N18 8MI D . -4.92 0.00 -11.75
C19 8MI D . -5.37 -0.25 -13.17
C20 8MI D . -6.89 0.06 -13.29
C21 8MI D . -7.71 -1.16 -12.78
C22 8MI D . -9.21 -0.82 -12.81
N23 8MI D . -9.67 -0.59 -14.23
C24 8MI D . -10.04 0.59 -14.72
N25 8MI D . -10.76 0.63 -15.82
N26 8MI D . -9.69 1.73 -14.14
C27 8MI D . -4.56 0.66 -14.15
O28 8MI D . -4.82 1.85 -14.27
N29 8MI D . -3.57 0.09 -14.85
C30 8MI D . -2.82 0.83 -15.71
C31 8MI D . -2.82 0.54 -17.08
C32 8MI D . -2.05 1.30 -17.97
C33 8MI D . -1.26 2.35 -17.50
C34 8MI D . -1.24 2.65 -16.14
C35 8MI D . -2.01 1.90 -15.24
H36 8MI D . -7.84 0.54 -7.87
H37 8MI D . -7.14 1.56 -9.14
H38 8MI D . -6.31 1.38 -7.59
H39 8MI D . -6.51 -0.56 -9.87
H40 8MI D . -4.19 -0.81 -9.39
H41 8MI D . -4.99 2.07 -9.18
H42 8MI D . -2.77 2.39 -10.40
H43 8MI D . -2.40 0.71 -10.00
H44 8MI D . -1.83 1.25 -7.89
H45 8MI D . -3.30 2.17 -7.63
H46 8MI D . -0.51 2.69 -10.10
H47 8MI D . 0.78 4.80 -10.24
H48 8MI D . 0.39 6.62 -8.60
H49 8MI D . -1.32 6.33 -6.82
H50 8MI D . -2.63 4.24 -6.68
H51 8MI D . -4.57 -0.81 -11.31
H52 8MI D . -5.19 -1.28 -13.44
H53 8MI D . -7.14 0.25 -14.31
H54 8MI D . -7.12 0.92 -12.69
H55 8MI D . -7.42 -1.40 -11.78
H56 8MI D . -7.53 -2.01 -13.42
H57 8MI D . -9.39 0.06 -12.22
H58 8MI D . -9.77 -1.65 -12.38
H59 8MI D . -9.68 -1.41 -14.77
H61 8MI D . -11.04 1.51 -16.21
H62 8MI D . -9.12 1.72 -13.31
H63 8MI D . -9.98 2.61 -14.52
H64 8MI D . -3.38 -0.86 -14.78
H65 8MI D . -3.43 -0.27 -17.45
H66 8MI D . -2.06 1.07 -19.03
H67 8MI D . -0.66 2.93 -18.19
H68 8MI D . -0.63 3.47 -15.77
H69 8MI D . -2.00 2.13 -14.18
H60 8MI D . -11.03 -0.23 -16.27
H70 8MI D . -4.35 0.08 -7.96
N PHE A 1 -10.99 7.39 0.18
CA PHE A 1 -11.30 7.37 1.60
C PHE A 1 -12.68 6.77 1.86
N ARG A 2 -12.67 5.52 2.27
CA ARG A 2 -13.90 4.82 2.60
C ARG A 2 -13.66 3.80 3.71
N THR A 3 -14.76 3.24 4.20
CA THR A 3 -14.69 2.28 5.29
C THR A 3 -15.70 1.15 5.07
N PHE A 4 -15.24 -0.07 5.27
CA PHE A 4 -16.12 -1.22 5.24
C PHE A 4 -17.28 -1.05 6.22
N PRO A 5 -18.25 -2.01 6.13
CA PRO A 5 -19.32 -2.07 7.10
C PRO A 5 -18.83 -2.65 8.43
N GLY A 6 -18.36 -1.75 9.29
CA GLY A 6 -17.73 -2.16 10.53
C GLY A 6 -16.53 -1.29 10.85
N ILE A 7 -16.11 -0.53 9.85
CA ILE A 7 -15.00 0.39 10.04
C ILE A 7 -13.71 -0.40 10.27
N PRO A 8 -12.93 -0.56 9.16
CA PRO A 8 -11.65 -1.25 9.24
C PRO A 8 -10.60 -0.37 9.91
N LYS A 9 -9.88 -0.97 10.85
CA LYS A 9 -8.78 -0.28 11.51
C LYS A 9 -8.15 -1.21 12.53
N TRP A 10 -6.85 -1.44 12.36
CA TRP A 10 -6.11 -2.30 13.27
C TRP A 10 -6.24 -1.73 14.67
N ARG A 11 -6.33 -2.61 15.64
CA ARG A 11 -6.49 -2.21 17.03
C ARG A 11 -5.12 -2.00 17.68
N LYS A 12 -4.09 -2.21 16.89
CA LYS A 12 -2.72 -2.06 17.38
C LYS A 12 -1.93 -1.20 16.40
N THR A 13 -1.05 -0.38 16.97
CA THR A 13 -0.25 0.52 16.16
C THR A 13 1.01 -0.19 15.66
N HIS A 14 1.51 -1.09 16.50
CA HIS A 14 2.68 -1.87 16.14
C HIS A 14 2.29 -2.93 15.11
N LEU A 15 2.37 -2.54 13.85
CA LEU A 15 1.96 -3.42 12.76
C LEU A 15 3.17 -4.19 12.23
N THR A 16 2.89 -5.33 11.62
CA THR A 16 3.93 -6.11 10.98
C THR A 16 3.53 -6.45 9.55
N TYR A 17 4.53 -6.63 8.71
CA TYR A 17 4.30 -6.99 7.32
C TYR A 17 5.40 -7.90 6.79
N ARG A 18 5.18 -8.42 5.59
CA ARG A 18 6.12 -9.35 4.99
C ARG A 18 5.82 -9.52 3.50
N ILE A 19 6.88 -9.66 2.72
CA ILE A 19 6.74 -9.93 1.30
C ILE A 19 7.00 -11.42 1.05
N VAL A 20 5.95 -12.10 0.60
CA VAL A 20 6.02 -13.55 0.47
C VAL A 20 6.93 -13.91 -0.71
N ASN A 21 6.81 -13.14 -1.78
CA ASN A 21 7.57 -13.41 -2.99
C ASN A 21 7.78 -12.10 -3.75
N TYR A 22 8.61 -12.18 -4.78
CA TYR A 22 8.96 -11.00 -5.54
C TYR A 22 8.67 -11.20 -7.03
N THR A 23 9.00 -10.17 -7.81
CA THR A 23 8.73 -10.20 -9.24
C THR A 23 10.04 -10.31 -10.02
N PRO A 24 9.98 -11.09 -11.14
CA PRO A 24 11.15 -11.30 -11.97
C PRO A 24 11.45 -10.04 -12.81
N ASP A 25 11.77 -8.96 -12.11
CA ASP A 25 12.06 -7.71 -12.78
C ASP A 25 12.91 -6.83 -11.86
N LEU A 26 12.47 -6.72 -10.61
CA LEU A 26 13.17 -5.90 -9.64
C LEU A 26 13.97 -6.80 -8.71
N PRO A 27 15.02 -6.19 -8.08
CA PRO A 27 15.76 -6.86 -7.02
C PRO A 27 14.95 -6.89 -5.72
N LYS A 28 15.39 -7.74 -4.81
CA LYS A 28 14.64 -7.99 -3.59
C LYS A 28 14.49 -6.68 -2.81
N ASP A 29 15.64 -6.13 -2.41
CA ASP A 29 15.66 -4.94 -1.58
C ASP A 29 14.82 -3.85 -2.23
N ALA A 30 14.88 -3.82 -3.56
CA ALA A 30 14.19 -2.78 -4.32
C ALA A 30 12.68 -2.92 -4.10
N VAL A 31 12.21 -4.14 -4.21
CA VAL A 31 10.79 -4.42 -4.05
C VAL A 31 10.38 -4.12 -2.60
N ASP A 32 11.09 -4.75 -1.68
CA ASP A 32 10.82 -4.55 -0.27
C ASP A 32 10.78 -3.04 0.03
N SER A 33 11.60 -2.31 -0.70
CA SER A 33 11.68 -0.87 -0.51
C SER A 33 10.30 -0.23 -0.74
N ALA A 34 9.66 -0.66 -1.81
CA ALA A 34 8.37 -0.11 -2.19
C ALA A 34 7.41 -0.22 -0.99
N VAL A 35 7.53 -1.32 -0.28
CA VAL A 35 6.73 -1.52 0.92
C VAL A 35 7.29 -0.66 2.05
N GLU A 36 8.57 -0.86 2.34
CA GLU A 36 9.25 -0.05 3.33
C GLU A 36 8.90 1.43 3.14
N LYS A 37 8.63 1.79 1.89
CA LYS A 37 8.38 3.18 1.55
C LYS A 37 6.88 3.47 1.68
N ALA A 38 6.10 2.59 1.08
CA ALA A 38 4.65 2.73 1.12
C ALA A 38 4.20 2.86 2.57
N LEU A 39 4.79 2.03 3.42
CA LEU A 39 4.45 2.03 4.83
C LEU A 39 4.75 3.42 5.42
N LYS A 40 6.00 3.84 5.24
CA LYS A 40 6.46 5.07 5.85
C LYS A 40 5.61 6.24 5.35
N VAL A 41 5.21 6.14 4.09
CA VAL A 41 4.42 7.18 3.47
C VAL A 41 3.18 7.45 4.33
N TRP A 42 2.70 6.38 4.96
CA TRP A 42 1.50 6.48 5.78
C TRP A 42 1.92 6.77 7.22
N GLU A 43 3.10 6.25 7.57
CA GLU A 43 3.68 6.51 8.87
C GLU A 43 3.74 8.02 9.13
N GLU A 44 3.78 8.78 8.04
CA GLU A 44 3.98 10.20 8.13
C GLU A 44 2.68 10.91 8.49
N VAL A 45 1.58 10.20 8.25
CA VAL A 45 0.26 10.79 8.39
C VAL A 45 -0.61 9.88 9.27
N THR A 46 0.06 9.00 9.99
CA THR A 46 -0.61 8.19 11.00
C THR A 46 0.32 7.96 12.19
N PRO A 47 -0.30 7.62 13.35
CA PRO A 47 0.46 7.24 14.52
C PRO A 47 1.04 5.83 14.38
N LEU A 48 0.60 5.15 13.34
CA LEU A 48 0.88 3.74 13.18
C LEU A 48 2.39 3.53 13.06
N THR A 49 2.82 2.32 13.38
CA THR A 49 4.21 1.94 13.18
C THR A 49 4.29 0.55 12.52
N PHE A 50 5.46 0.27 11.97
CA PHE A 50 5.65 -0.97 11.23
C PHE A 50 6.96 -1.64 11.62
N SER A 51 6.90 -2.94 11.81
CA SER A 51 8.09 -3.71 12.14
C SER A 51 8.27 -4.85 11.13
N ARG A 52 9.52 -5.29 11.00
CA ARG A 52 9.85 -6.32 10.02
C ARG A 52 9.92 -7.68 10.71
N LEU A 53 9.46 -8.69 9.98
CA LEU A 53 9.53 -10.06 10.48
C LEU A 53 10.17 -10.94 9.41
N TYR A 54 11.42 -11.32 9.66
CA TYR A 54 12.13 -12.21 8.77
C TYR A 54 11.28 -13.43 8.41
N GLU A 55 10.44 -13.82 9.37
CA GLU A 55 9.46 -14.86 9.11
C GLU A 55 8.39 -14.87 10.22
N GLY A 56 7.18 -15.26 9.83
CA GLY A 56 6.08 -15.31 10.77
C GLY A 56 4.76 -14.98 10.08
N GLU A 57 3.77 -14.65 10.90
CA GLU A 57 2.44 -14.36 10.38
C GLU A 57 2.18 -12.85 10.41
N ALA A 58 3.15 -12.11 9.90
CA ALA A 58 3.02 -10.66 9.83
C ALA A 58 1.60 -10.30 9.37
N ASP A 59 1.13 -9.16 9.85
CA ASP A 59 -0.23 -8.75 9.59
C ASP A 59 -0.43 -8.56 8.09
N ILE A 60 0.46 -7.78 7.50
CA ILE A 60 0.35 -7.44 6.09
C ILE A 60 1.31 -8.29 5.28
N MET A 61 0.81 -9.42 4.80
CA MET A 61 1.62 -10.33 4.00
C MET A 61 1.47 -10.03 2.51
N ILE A 62 2.30 -9.11 2.05
CA ILE A 62 2.25 -8.69 0.66
C ILE A 62 2.81 -9.81 -0.22
N SER A 63 2.12 -10.05 -1.34
CA SER A 63 2.46 -11.16 -2.20
C SER A 63 2.17 -10.79 -3.67
N PHE A 64 2.78 -11.55 -4.57
CA PHE A 64 2.53 -11.38 -5.98
C PHE A 64 1.94 -12.65 -6.60
N ALA A 65 1.12 -12.45 -7.62
CA ALA A 65 0.51 -13.57 -8.32
C ALA A 65 0.00 -13.10 -9.68
N VAL A 66 0.11 -13.98 -10.66
CA VAL A 66 -0.44 -13.71 -11.98
C VAL A 66 -1.72 -14.51 -12.17
N ARG A 67 -2.46 -14.14 -13.21
CA ARG A 67 -3.68 -14.85 -13.55
C ARG A 67 -4.49 -15.15 -12.29
N GLU A 68 -5.45 -16.05 -12.44
CA GLU A 68 -6.28 -16.46 -11.31
C GLU A 68 -5.38 -16.92 -10.15
N HIS A 69 -5.56 -16.25 -9.02
CA HIS A 69 -4.79 -16.57 -7.83
C HIS A 69 -5.74 -16.99 -6.70
N GLY A 70 -6.66 -17.89 -7.04
CA GLY A 70 -7.57 -18.42 -6.05
C GLY A 70 -8.40 -17.32 -5.41
N ASP A 71 -9.18 -16.65 -6.25
CA ASP A 71 -10.08 -15.60 -5.78
C ASP A 71 -10.94 -15.11 -6.95
N PHE A 72 -11.83 -14.19 -6.63
CA PHE A 72 -12.85 -13.78 -7.57
C PHE A 72 -12.32 -12.71 -8.53
N TYR A 73 -11.08 -12.31 -8.27
CA TYR A 73 -10.42 -11.35 -9.14
C TYR A 73 -9.21 -11.97 -9.83
N PRO A 74 -9.47 -12.57 -11.02
CA PRO A 74 -8.40 -13.15 -11.82
C PRO A 74 -7.57 -12.06 -12.50
N PHE A 75 -6.30 -12.00 -12.14
CA PHE A 75 -5.37 -11.13 -12.82
C PHE A 75 -5.30 -11.45 -14.32
N ASP A 76 -4.90 -10.46 -15.09
CA ASP A 76 -4.90 -10.58 -16.53
C ASP A 76 -3.49 -10.89 -17.02
N GLY A 77 -2.62 -9.88 -16.92
CA GLY A 77 -1.26 -10.01 -17.41
C GLY A 77 -0.54 -8.66 -17.37
N PRO A 78 0.02 -8.29 -18.55
CA PRO A 78 0.71 -7.01 -18.68
C PRO A 78 -0.26 -5.85 -18.72
N GLY A 79 0.06 -4.81 -17.96
CA GLY A 79 -0.85 -3.68 -17.81
C GLY A 79 -2.00 -4.03 -16.86
N ASN A 80 -3.13 -3.36 -17.09
CA ASN A 80 -4.30 -3.59 -16.26
C ASN A 80 -3.92 -3.50 -14.79
N VAL A 81 -4.70 -4.18 -13.97
CA VAL A 81 -4.40 -4.27 -12.55
C VAL A 81 -2.88 -4.40 -12.36
N LEU A 82 -2.33 -3.45 -11.62
CA LEU A 82 -0.93 -3.52 -11.23
C LEU A 82 -0.83 -4.15 -9.84
N ALA A 83 -1.76 -3.77 -8.98
CA ALA A 83 -1.88 -4.40 -7.67
C ALA A 83 -3.21 -4.00 -7.04
N HIS A 84 -3.80 -4.96 -6.34
CA HIS A 84 -5.02 -4.69 -5.58
C HIS A 84 -4.86 -5.21 -4.16
N ALA A 85 -5.75 -4.74 -3.29
CA ALA A 85 -5.64 -5.04 -1.87
C ALA A 85 -7.01 -4.84 -1.20
N TYR A 86 -7.09 -5.29 0.03
CA TYR A 86 -8.35 -5.29 0.75
C TYR A 86 -8.16 -4.99 2.23
N ALA A 87 -9.11 -4.26 2.80
CA ALA A 87 -9.08 -3.97 4.22
C ALA A 87 -8.82 -5.25 5.01
N PRO A 88 -8.59 -5.08 6.33
CA PRO A 88 -8.26 -6.21 7.19
C PRO A 88 -9.50 -7.06 7.48
N GLY A 89 -9.24 -8.31 7.82
CA GLY A 89 -10.33 -9.26 8.05
C GLY A 89 -9.81 -10.69 8.10
N PRO A 90 -10.39 -11.55 7.24
CA PRO A 90 -9.93 -12.92 7.11
C PRO A 90 -8.60 -13.00 6.35
N GLY A 91 -8.21 -14.22 6.02
CA GLY A 91 -6.86 -14.47 5.53
C GLY A 91 -6.64 -13.78 4.18
N ILE A 92 -7.76 -13.42 3.54
CA ILE A 92 -7.70 -12.74 2.26
C ILE A 92 -7.50 -11.23 2.49
N ASN A 93 -8.05 -10.77 3.61
CA ASN A 93 -8.03 -9.35 3.92
C ASN A 93 -6.71 -8.99 4.60
N GLY A 94 -6.31 -7.74 4.41
CA GLY A 94 -5.04 -7.27 4.93
C GLY A 94 -3.91 -7.53 3.95
N ASP A 95 -4.00 -8.68 3.28
CA ASP A 95 -3.00 -9.05 2.29
C ASP A 95 -3.12 -8.12 1.09
N ALA A 96 -2.03 -8.04 0.33
CA ALA A 96 -2.01 -7.22 -0.86
C ALA A 96 -1.46 -8.05 -2.04
N HIS A 97 -2.25 -8.10 -3.10
CA HIS A 97 -1.88 -8.88 -4.27
C HIS A 97 -1.32 -7.94 -5.34
N PHE A 98 -0.11 -8.22 -5.77
CA PHE A 98 0.49 -7.50 -6.88
C PHE A 98 0.46 -8.34 -8.16
N ASP A 99 0.80 -7.70 -9.26
CA ASP A 99 0.93 -8.41 -10.53
C ASP A 99 2.40 -8.75 -10.77
N ASP A 100 2.62 -10.01 -11.14
CA ASP A 100 3.97 -10.47 -11.41
C ASP A 100 4.20 -10.50 -12.93
N ASP A 101 3.09 -10.61 -13.65
CA ASP A 101 3.15 -10.61 -15.10
C ASP A 101 3.11 -9.16 -15.61
N GLU A 102 3.97 -8.34 -15.04
CA GLU A 102 4.00 -6.93 -15.38
C GLU A 102 5.33 -6.31 -14.94
N GLN A 103 5.82 -5.39 -15.75
CA GLN A 103 7.10 -4.75 -15.47
C GLN A 103 6.99 -3.83 -14.26
N TRP A 104 8.13 -3.63 -13.61
CA TRP A 104 8.16 -2.82 -12.40
C TRP A 104 9.46 -2.00 -12.43
N THR A 105 9.42 -0.89 -11.71
CA THR A 105 10.61 -0.06 -11.57
C THR A 105 10.73 0.48 -10.14
N LYS A 106 11.89 1.05 -9.86
CA LYS A 106 12.14 1.60 -8.53
C LYS A 106 12.22 3.12 -8.63
N ASP A 107 11.49 3.67 -9.59
CA ASP A 107 11.51 5.10 -9.81
C ASP A 107 10.46 5.45 -10.89
N THR A 108 10.32 6.75 -11.12
CA THR A 108 9.35 7.23 -12.10
C THR A 108 9.85 6.96 -13.52
N THR A 109 9.84 5.70 -13.89
CA THR A 109 10.24 5.31 -15.24
C THR A 109 9.22 4.33 -15.84
N GLY A 110 8.97 3.26 -15.10
CA GLY A 110 8.00 2.27 -15.53
C GLY A 110 6.76 2.29 -14.63
N THR A 111 6.32 1.11 -14.24
CA THR A 111 5.28 0.98 -13.25
C THR A 111 5.84 1.17 -11.85
N ASN A 112 6.09 2.43 -11.50
CA ASN A 112 6.67 2.76 -10.21
C ASN A 112 6.02 1.90 -9.13
N LEU A 113 6.78 0.91 -8.66
CA LEU A 113 6.24 -0.08 -7.75
C LEU A 113 5.74 0.62 -6.49
N PHE A 114 6.63 1.37 -5.86
CA PHE A 114 6.31 2.04 -4.61
C PHE A 114 4.97 2.78 -4.73
N LEU A 115 4.83 3.53 -5.81
CA LEU A 115 3.62 4.31 -6.04
C LEU A 115 2.41 3.39 -5.95
N VAL A 116 2.58 2.18 -6.47
CA VAL A 116 1.49 1.21 -6.48
C VAL A 116 1.36 0.58 -5.09
N ALA A 117 2.51 0.44 -4.43
CA ALA A 117 2.54 -0.21 -3.13
C ALA A 117 1.79 0.65 -2.11
N ALA A 118 2.08 1.95 -2.16
CA ALA A 118 1.45 2.88 -1.25
C ALA A 118 -0.06 2.89 -1.51
N HIS A 119 -0.50 2.53 -2.72
CA HIS A 119 -1.96 2.42 -3.09
C HIS A 119 -2.60 1.13 -2.51
N GLU A 120 -2.03 -0.01 -2.89
CA GLU A 120 -2.53 -1.28 -2.41
C GLU A 120 -2.61 -1.30 -0.89
N ILE A 121 -1.52 -0.89 -0.26
CA ILE A 121 -1.45 -0.85 1.18
C ILE A 121 -2.64 -0.06 1.73
N GLY A 122 -2.97 1.00 1.00
CA GLY A 122 -4.09 1.85 1.40
C GLY A 122 -5.37 1.02 1.59
N HIS A 123 -5.60 0.12 0.66
CA HIS A 123 -6.72 -0.79 0.75
C HIS A 123 -6.61 -1.63 2.01
N SER A 124 -5.37 -2.03 2.30
CA SER A 124 -5.12 -2.87 3.47
C SER A 124 -5.28 -2.04 4.75
N LEU A 125 -4.98 -0.76 4.62
CA LEU A 125 -5.01 0.13 5.78
C LEU A 125 -6.46 0.56 6.04
N GLY A 126 -6.80 1.72 5.52
CA GLY A 126 -8.12 2.29 5.75
C GLY A 126 -8.47 3.32 4.67
N LEU A 127 -8.04 3.02 3.46
CA LEU A 127 -8.41 3.85 2.31
C LEU A 127 -8.88 2.96 1.17
N PHE A 128 -9.27 3.61 0.07
CA PHE A 128 -9.65 2.89 -1.12
C PHE A 128 -9.45 3.76 -2.37
N HIS A 129 -10.21 4.85 -2.42
CA HIS A 129 -10.13 5.75 -3.55
C HIS A 129 -10.47 7.17 -3.09
N SER A 130 -9.62 8.11 -3.48
CA SER A 130 -9.82 9.50 -3.10
C SER A 130 -10.52 10.26 -4.23
N ALA A 131 -10.90 11.49 -3.94
CA ALA A 131 -11.59 12.31 -4.91
C ALA A 131 -10.57 13.06 -5.77
N ASN A 132 -9.49 13.48 -5.11
CA ASN A 132 -8.44 14.24 -5.78
C ASN A 132 -7.79 13.35 -6.85
N THR A 133 -7.35 14.00 -7.92
CA THR A 133 -6.77 13.29 -9.04
C THR A 133 -5.25 13.26 -8.92
N GLU A 134 -4.73 14.22 -8.16
CA GLU A 134 -3.29 14.35 -8.00
C GLU A 134 -2.80 13.39 -6.90
N ALA A 135 -3.75 12.78 -6.23
CA ALA A 135 -3.43 11.88 -5.13
C ALA A 135 -2.88 10.57 -5.69
N LEU A 136 -2.18 9.84 -4.85
CA LEU A 136 -1.68 8.52 -5.21
C LEU A 136 -2.75 7.48 -4.93
N MET A 137 -3.75 7.88 -4.17
CA MET A 137 -4.84 6.99 -3.83
C MET A 137 -5.90 6.96 -4.95
N TYR A 138 -5.70 7.83 -5.92
CA TYR A 138 -6.58 7.87 -7.08
C TYR A 138 -6.48 6.59 -7.90
N PRO A 139 -7.62 6.21 -8.53
CA PRO A 139 -7.71 4.93 -9.21
C PRO A 139 -6.95 4.97 -10.55
N LEU A 140 -6.33 6.11 -10.81
CA LEU A 140 -5.55 6.28 -12.02
C LEU A 140 -4.08 6.51 -11.64
N TYR A 141 -3.20 5.89 -12.42
CA TYR A 141 -1.78 6.02 -12.19
C TYR A 141 -1.35 7.49 -12.26
N HIS A 142 -0.25 7.78 -11.58
CA HIS A 142 0.28 9.14 -11.58
C HIS A 142 1.82 9.09 -11.50
N SER A 143 2.42 10.25 -11.69
CA SER A 143 3.87 10.36 -11.65
C SER A 143 4.29 11.77 -11.26
N LEU A 144 5.58 11.94 -11.05
CA LEU A 144 6.12 13.23 -10.67
C LEU A 144 7.57 13.34 -11.12
N THR A 145 7.99 14.56 -11.39
CA THR A 145 9.36 14.82 -11.81
C THR A 145 10.34 14.07 -10.91
N ASP A 146 10.18 14.28 -9.61
CA ASP A 146 11.02 13.61 -8.63
C ASP A 146 10.13 13.09 -7.49
N LEU A 147 10.22 11.78 -7.27
CA LEU A 147 9.41 11.14 -6.26
C LEU A 147 9.91 11.54 -4.87
N THR A 148 11.15 12.02 -4.84
CA THR A 148 11.76 12.42 -3.59
C THR A 148 10.98 13.57 -2.95
N ARG A 149 10.03 14.09 -3.71
CA ARG A 149 9.22 15.19 -3.23
C ARG A 149 7.76 14.74 -3.06
N PHE A 150 7.50 13.53 -3.49
CA PHE A 150 6.14 13.01 -3.51
C PHE A 150 5.49 13.15 -2.12
N ARG A 151 4.17 13.25 -2.14
CA ARG A 151 3.41 13.31 -0.90
C ARG A 151 1.96 12.91 -1.15
N LEU A 152 1.31 12.44 -0.09
CA LEU A 152 -0.10 12.11 -0.16
C LEU A 152 -0.93 13.39 -0.10
N SER A 153 -1.95 13.44 -0.95
CA SER A 153 -2.82 14.60 -1.00
C SER A 153 -3.67 14.66 0.27
N GLN A 154 -4.10 15.88 0.59
CA GLN A 154 -4.91 16.09 1.77
C GLN A 154 -6.13 15.16 1.76
N ASP A 155 -6.63 14.91 0.56
CA ASP A 155 -7.76 14.02 0.40
C ASP A 155 -7.48 12.70 1.10
N ASP A 156 -6.24 12.25 0.97
CA ASP A 156 -5.87 10.94 1.49
C ASP A 156 -5.70 11.03 3.02
N ILE A 157 -4.93 12.03 3.44
CA ILE A 157 -4.63 12.20 4.85
C ILE A 157 -5.95 12.36 5.62
N ASN A 158 -6.86 13.08 5.00
CA ASN A 158 -8.15 13.34 5.63
C ASN A 158 -8.75 12.01 6.13
N GLY A 159 -8.66 11.00 5.26
CA GLY A 159 -9.25 9.71 5.56
C GLY A 159 -8.38 8.92 6.54
N ILE A 160 -7.11 8.83 6.19
CA ILE A 160 -6.18 8.03 6.97
C ILE A 160 -6.12 8.55 8.41
N GLN A 161 -6.52 9.81 8.55
CA GLN A 161 -6.56 10.43 9.87
C GLN A 161 -7.91 10.16 10.54
N SER A 162 -8.97 10.31 9.75
CA SER A 162 -10.32 10.12 10.26
C SER A 162 -10.42 8.77 10.96
N LEU A 163 -9.69 7.80 10.42
CA LEU A 163 -9.71 6.45 10.97
C LEU A 163 -8.73 6.38 12.16
N TYR A 164 -7.68 7.17 12.06
CA TYR A 164 -6.65 7.17 13.09
C TYR A 164 -6.26 8.60 13.48
N GLY A 165 -5.23 9.11 12.83
CA GLY A 165 -4.78 10.46 13.08
C GLY A 165 -3.64 10.48 14.11
N PRO A 166 -2.47 11.00 13.65
CA PRO A 166 -1.31 11.13 14.52
C PRO A 166 -1.49 12.29 15.50
N PRO A 167 -0.59 12.34 16.52
CA PRO A 167 -0.63 13.39 17.51
C PRO A 167 -0.09 14.70 16.94
N PRO A 168 -0.37 15.81 17.68
CA PRO A 168 0.10 17.12 17.26
C PRO A 168 1.59 17.29 17.54
N ASP A 169 2.10 18.44 17.14
CA ASP A 169 3.52 18.74 17.33
C ASP A 169 3.78 18.98 18.82
N SER A 170 5.03 18.83 19.20
CA SER A 170 5.43 19.02 20.59
C SER A 170 5.14 20.45 21.02
N PRO A 171 4.28 20.57 22.07
CA PRO A 171 3.94 21.88 22.61
C PRO A 171 5.09 22.45 23.45
N GLU A 172 6.13 22.88 22.75
CA GLU A 172 7.29 23.45 23.41
C GLU A 172 6.99 24.87 23.87
N THR A 173 5.97 25.46 23.27
CA THR A 173 5.57 26.82 23.60
C THR A 173 4.72 26.82 24.89
ZN ZN B . -7.64 1.28 -5.44
ZN ZN C . -6.51 -10.97 -5.30
C1 8MI D . -6.65 -1.80 -9.70
C2 8MI D . -6.40 -0.95 -8.44
C3 8MI D . -7.48 0.18 -8.35
O4 8MI D . -7.98 0.40 -7.26
O5 8MI D . -7.78 0.77 -9.38
N6 8MI D . -5.02 -0.42 -8.50
C7 8MI D . -4.98 0.91 -9.18
C8 8MI D . -3.57 1.56 -9.02
C9 8MI D . -3.50 2.95 -9.69
C10 8MI D . -2.23 3.69 -9.29
C11 8MI D . -0.98 3.24 -9.76
C12 8MI D . 0.18 3.91 -9.38
C13 8MI D . 0.12 5.02 -8.54
C14 8MI D . -1.12 5.47 -8.08
C15 8MI D . -2.29 4.81 -8.45
C16 8MI D . -5.30 0.80 -10.70
O17 8MI D . -5.97 1.65 -11.27
N18 8MI D . -4.81 -0.24 -11.35
C19 8MI D . -5.05 -0.50 -12.82
C20 8MI D . -6.57 -0.37 -13.12
C21 8MI D . -7.19 -1.76 -13.40
C22 8MI D . -8.66 -1.61 -13.86
N23 8MI D . -9.29 -2.97 -14.00
C24 8MI D . -9.72 -3.72 -12.98
N25 8MI D . -10.24 -4.90 -13.23
N26 8MI D . -9.64 -3.30 -11.73
C27 8MI D . -4.23 0.50 -13.69
O28 8MI D . -4.36 1.70 -13.53
N29 8MI D . -3.41 -0.01 -14.61
C30 8MI D . -2.67 0.82 -15.40
C31 8MI D . -2.68 0.65 -16.80
C32 8MI D . -1.92 1.50 -17.62
C33 8MI D . -1.13 2.50 -17.06
C34 8MI D . -1.11 2.68 -15.66
C35 8MI D . -1.87 1.84 -14.84
H36 8MI D . -5.74 -2.29 -9.99
H37 8MI D . -6.98 -1.16 -10.51
H38 8MI D . -7.41 -2.54 -9.49
H39 8MI D . -6.50 -1.59 -7.58
H40 8MI D . -4.41 -1.09 -9.00
H41 8MI D . -5.71 1.58 -8.73
H42 8MI D . -2.82 0.92 -9.46
H43 8MI D . -3.36 1.67 -7.96
H44 8MI D . -4.37 3.53 -9.38
H45 8MI D . -3.53 2.84 -10.77
H46 8MI D . -0.93 2.38 -10.42
H47 8MI D . 1.14 3.57 -9.75
H48 8MI D . 1.03 5.53 -8.26
H49 8MI D . -1.17 6.33 -7.42
H50 8MI D . -3.25 5.16 -8.08
H51 8MI D . -4.25 -0.92 -10.91
H52 8MI D . -4.73 -1.51 -13.06
H53 8MI D . -6.72 0.26 -13.98
H54 8MI D . -7.06 0.07 -12.26
H55 8MI D . -7.17 -2.35 -12.50
H56 8MI D . -6.62 -2.26 -14.17
H57 8MI D . -8.67 -1.10 -14.81
H58 8MI D . -9.20 -1.03 -13.13
H59 8MI D . -9.36 -3.28 -14.93
H61 8MI D . -10.57 -5.48 -12.48
H62 8MI D . -9.27 -2.39 -11.53
H63 8MI D . -9.97 -3.87 -10.98
H64 8MI D . -3.33 -0.98 -14.74
H65 8MI D . -3.28 -0.12 -17.24
H66 8MI D . -1.94 1.36 -18.69
H67 8MI D . -0.54 3.15 -17.69
H68 8MI D . -0.50 3.46 -15.24
H69 8MI D . -1.84 1.97 -13.77
H60 8MI D . -10.31 -5.23 -14.17
H70 8MI D . -4.66 -0.31 -7.53
N PHE A 1 -11.60 10.44 0.60
CA PHE A 1 -11.37 9.12 1.18
C PHE A 1 -12.68 8.37 1.38
N ARG A 2 -12.55 7.07 1.61
CA ARG A 2 -13.72 6.23 1.81
C ARG A 2 -13.44 5.18 2.89
N THR A 3 -14.51 4.63 3.44
CA THR A 3 -14.39 3.62 4.48
C THR A 3 -15.43 2.51 4.26
N PHE A 4 -14.96 1.28 4.41
CA PHE A 4 -15.85 0.13 4.34
C PHE A 4 -16.93 0.21 5.43
N PRO A 5 -17.91 -0.72 5.31
CA PRO A 5 -19.00 -0.78 6.28
C PRO A 5 -18.51 -1.39 7.60
N GLY A 6 -18.19 -0.52 8.53
CA GLY A 6 -17.63 -0.96 9.80
C GLY A 6 -16.33 -0.21 10.12
N ILE A 7 -15.89 0.58 9.15
CA ILE A 7 -14.69 1.37 9.32
C ILE A 7 -13.48 0.44 9.44
N PRO A 8 -12.67 0.41 8.34
CA PRO A 8 -11.46 -0.39 8.33
C PRO A 8 -10.35 0.27 9.17
N LYS A 9 -9.77 -0.54 10.04
CA LYS A 9 -8.71 -0.05 10.92
C LYS A 9 -8.26 -1.17 11.84
N TRP A 10 -6.96 -1.46 11.78
CA TRP A 10 -6.39 -2.52 12.59
C TRP A 10 -6.61 -2.16 14.06
N ARG A 11 -6.54 -3.18 14.90
CA ARG A 11 -6.85 -3.01 16.31
C ARG A 11 -5.59 -2.64 17.09
N LYS A 12 -4.48 -2.63 16.38
CA LYS A 12 -3.19 -2.33 17.00
C LYS A 12 -2.43 -1.33 16.12
N THR A 13 -1.46 -0.67 16.74
CA THR A 13 -0.64 0.29 16.03
C THR A 13 0.66 -0.35 15.56
N HIS A 14 1.14 -1.28 16.37
CA HIS A 14 2.36 -2.01 16.04
C HIS A 14 2.07 -3.03 14.94
N LEU A 15 1.95 -2.52 13.73
CA LEU A 15 1.59 -3.36 12.60
C LEU A 15 2.82 -4.14 12.13
N THR A 16 2.56 -5.25 11.46
CA THR A 16 3.63 -6.06 10.89
C THR A 16 3.34 -6.39 9.43
N TYR A 17 4.40 -6.54 8.66
CA TYR A 17 4.27 -6.90 7.26
C TYR A 17 5.39 -7.85 6.83
N ARG A 18 5.26 -8.35 5.62
CA ARG A 18 6.19 -9.34 5.11
C ARG A 18 6.05 -9.49 3.59
N ILE A 19 7.18 -9.70 2.93
CA ILE A 19 7.17 -9.98 1.51
C ILE A 19 7.32 -11.48 1.27
N VAL A 20 6.31 -12.04 0.62
CA VAL A 20 6.29 -13.48 0.39
C VAL A 20 7.19 -13.82 -0.79
N ASN A 21 7.14 -12.96 -1.81
CA ASN A 21 7.95 -13.16 -2.99
C ASN A 21 8.03 -11.84 -3.77
N TYR A 22 8.85 -11.86 -4.82
CA TYR A 22 9.08 -10.65 -5.60
C TYR A 22 8.85 -10.92 -7.09
N THR A 23 9.19 -9.93 -7.89
CA THR A 23 8.98 -10.02 -9.32
C THR A 23 10.32 -10.13 -10.07
N PRO A 24 10.31 -10.95 -11.15
CA PRO A 24 11.50 -11.14 -11.96
C PRO A 24 11.78 -9.91 -12.83
N ASP A 25 12.19 -8.84 -12.17
CA ASP A 25 12.50 -7.61 -12.87
C ASP A 25 13.26 -6.67 -11.94
N LEU A 26 12.73 -6.52 -10.74
CA LEU A 26 13.36 -5.68 -9.73
C LEU A 26 14.19 -6.56 -8.79
N PRO A 27 15.20 -5.91 -8.13
CA PRO A 27 15.95 -6.56 -7.08
C PRO A 27 15.11 -6.63 -5.79
N LYS A 28 15.55 -7.50 -4.89
CA LYS A 28 14.78 -7.76 -3.68
C LYS A 28 14.68 -6.47 -2.86
N ASP A 29 15.84 -5.94 -2.49
CA ASP A 29 15.89 -4.75 -1.66
C ASP A 29 15.00 -3.66 -2.26
N ALA A 30 15.00 -3.61 -3.59
CA ALA A 30 14.27 -2.57 -4.30
C ALA A 30 12.78 -2.72 -4.01
N VAL A 31 12.31 -3.95 -4.10
CA VAL A 31 10.90 -4.23 -3.88
C VAL A 31 10.54 -3.95 -2.43
N ASP A 32 11.31 -4.56 -1.53
CA ASP A 32 11.07 -4.39 -0.11
C ASP A 32 11.03 -2.89 0.23
N SER A 33 11.86 -2.14 -0.48
CA SER A 33 11.92 -0.71 -0.27
C SER A 33 10.55 -0.07 -0.55
N ALA A 34 9.96 -0.49 -1.66
CA ALA A 34 8.68 0.07 -2.09
C ALA A 34 7.67 -0.07 -0.94
N VAL A 35 7.75 -1.21 -0.27
CA VAL A 35 6.85 -1.47 0.85
C VAL A 35 7.32 -0.68 2.08
N GLU A 36 8.60 -0.84 2.38
CA GLU A 36 9.22 -0.04 3.42
C GLU A 36 8.80 1.43 3.28
N LYS A 37 8.64 1.85 2.04
CA LYS A 37 8.31 3.24 1.76
C LYS A 37 6.79 3.44 1.90
N ALA A 38 6.05 2.58 1.21
CA ALA A 38 4.61 2.68 1.20
C ALA A 38 4.09 2.69 2.65
N LEU A 39 4.68 1.81 3.45
CA LEU A 39 4.30 1.71 4.85
C LEU A 39 4.62 3.03 5.56
N LYS A 40 5.88 3.44 5.43
CA LYS A 40 6.37 4.59 6.18
C LYS A 40 5.61 5.84 5.73
N VAL A 41 5.18 5.81 4.48
CA VAL A 41 4.49 6.95 3.90
C VAL A 41 3.27 7.29 4.76
N TRP A 42 2.68 6.25 5.34
CA TRP A 42 1.49 6.42 6.14
C TRP A 42 1.91 6.74 7.57
N GLU A 43 3.05 6.18 7.96
CA GLU A 43 3.61 6.46 9.27
C GLU A 43 3.72 7.97 9.49
N GLU A 44 3.84 8.69 8.38
CA GLU A 44 4.06 10.13 8.45
C GLU A 44 2.76 10.86 8.77
N VAL A 45 1.66 10.16 8.55
CA VAL A 45 0.34 10.77 8.70
C VAL A 45 -0.55 9.85 9.53
N THR A 46 0.10 8.91 10.21
CA THR A 46 -0.59 8.10 11.19
C THR A 46 0.34 7.78 12.37
N PRO A 47 -0.30 7.40 13.52
CA PRO A 47 0.46 6.97 14.67
C PRO A 47 1.01 5.55 14.47
N LEU A 48 0.56 4.92 13.39
CA LEU A 48 0.85 3.52 13.17
C LEU A 48 2.37 3.33 13.11
N THR A 49 2.79 2.12 13.45
CA THR A 49 4.19 1.74 13.32
C THR A 49 4.33 0.34 12.74
N PHE A 50 5.23 0.22 11.78
CA PHE A 50 5.35 -1.01 11.01
C PHE A 50 6.65 -1.74 11.35
N SER A 51 6.54 -3.05 11.50
CA SER A 51 7.70 -3.88 11.78
C SER A 51 7.80 -5.00 10.75
N ARG A 52 9.00 -5.57 10.65
CA ARG A 52 9.25 -6.64 9.71
C ARG A 52 9.42 -7.97 10.44
N LEU A 53 8.96 -9.03 9.78
CA LEU A 53 9.09 -10.37 10.35
C LEU A 53 9.77 -11.28 9.32
N TYR A 54 10.66 -12.12 9.83
CA TYR A 54 11.38 -13.05 8.97
C TYR A 54 10.73 -14.43 9.01
N GLU A 55 9.71 -14.55 9.84
CA GLU A 55 8.97 -15.81 9.94
C GLU A 55 7.54 -15.54 10.40
N GLY A 56 6.71 -16.56 10.27
CA GLY A 56 5.33 -16.46 10.73
C GLY A 56 4.48 -15.66 9.75
N GLU A 57 3.28 -15.32 10.19
CA GLU A 57 2.36 -14.58 9.35
C GLU A 57 2.21 -13.14 9.87
N ALA A 58 2.70 -12.21 9.07
CA ALA A 58 2.58 -10.80 9.41
C ALA A 58 1.17 -10.32 9.06
N ASP A 59 0.80 -9.20 9.67
CA ASP A 59 -0.53 -8.65 9.47
C ASP A 59 -0.70 -8.25 8.00
N ILE A 60 0.39 -7.77 7.42
CA ILE A 60 0.38 -7.35 6.03
C ILE A 60 1.40 -8.18 5.24
N MET A 61 0.95 -9.35 4.82
CA MET A 61 1.82 -10.25 4.08
C MET A 61 1.71 -10.01 2.57
N ILE A 62 2.55 -9.09 2.10
CA ILE A 62 2.51 -8.70 0.69
C ILE A 62 3.10 -9.82 -0.17
N SER A 63 2.49 -10.01 -1.33
CA SER A 63 2.90 -11.08 -2.22
C SER A 63 2.61 -10.70 -3.67
N PHE A 64 3.22 -11.46 -4.58
CA PHE A 64 2.96 -11.27 -6.00
C PHE A 64 2.44 -12.57 -6.63
N ALA A 65 1.53 -12.41 -7.57
CA ALA A 65 0.95 -13.55 -8.25
C ALA A 65 0.31 -13.08 -9.55
N VAL A 66 0.41 -13.93 -10.58
CA VAL A 66 -0.29 -13.70 -11.82
C VAL A 66 -1.57 -14.51 -11.84
N ARG A 67 -2.40 -14.25 -12.85
CA ARG A 67 -3.63 -15.00 -13.03
C ARG A 67 -4.32 -15.22 -11.68
N GLU A 68 -5.20 -16.20 -11.66
CA GLU A 68 -5.93 -16.53 -10.45
C GLU A 68 -4.95 -16.99 -9.36
N HIS A 69 -5.25 -16.58 -8.13
CA HIS A 69 -4.27 -16.64 -7.06
C HIS A 69 -4.99 -16.75 -5.71
N GLY A 70 -6.10 -17.48 -5.72
CA GLY A 70 -6.86 -17.71 -4.51
C GLY A 70 -8.32 -17.33 -4.69
N ASP A 71 -8.63 -16.08 -4.39
CA ASP A 71 -9.99 -15.60 -4.47
C ASP A 71 -10.39 -15.47 -5.94
N PHE A 72 -11.49 -14.76 -6.16
CA PHE A 72 -12.02 -14.60 -7.50
C PHE A 72 -11.60 -13.26 -8.11
N TYR A 73 -10.34 -13.19 -8.50
CA TYR A 73 -9.80 -11.97 -9.09
C TYR A 73 -8.58 -12.27 -9.96
N PRO A 74 -8.86 -12.89 -11.14
CA PRO A 74 -7.80 -13.42 -11.97
C PRO A 74 -7.06 -12.30 -12.71
N PHE A 75 -5.87 -11.99 -12.19
CA PHE A 75 -4.98 -11.07 -12.88
C PHE A 75 -4.95 -11.37 -14.39
N ASP A 76 -4.95 -10.30 -15.16
CA ASP A 76 -4.99 -10.43 -16.61
C ASP A 76 -3.57 -10.65 -17.14
N GLY A 77 -2.74 -9.64 -16.92
CA GLY A 77 -1.37 -9.69 -17.42
C GLY A 77 -0.76 -8.29 -17.46
N PRO A 78 -0.30 -7.90 -18.68
CA PRO A 78 0.29 -6.58 -18.88
C PRO A 78 -0.79 -5.50 -18.90
N GLY A 79 -0.54 -4.45 -18.14
CA GLY A 79 -1.52 -3.39 -17.99
C GLY A 79 -2.63 -3.80 -17.02
N ASN A 80 -3.77 -3.12 -17.16
CA ASN A 80 -4.92 -3.42 -16.32
C ASN A 80 -4.49 -3.36 -14.85
N VAL A 81 -5.25 -4.04 -14.01
CA VAL A 81 -4.92 -4.12 -12.60
C VAL A 81 -3.41 -4.30 -12.43
N LEU A 82 -2.80 -3.31 -11.82
CA LEU A 82 -1.37 -3.40 -11.51
C LEU A 82 -1.19 -4.13 -10.18
N ALA A 83 -2.08 -3.81 -9.24
CA ALA A 83 -2.06 -4.48 -7.95
C ALA A 83 -3.37 -4.17 -7.21
N HIS A 84 -3.86 -5.17 -6.49
CA HIS A 84 -5.11 -5.03 -5.78
C HIS A 84 -4.92 -5.51 -4.33
N ALA A 85 -5.84 -5.07 -3.47
CA ALA A 85 -5.76 -5.39 -2.06
C ALA A 85 -7.16 -5.32 -1.45
N TYR A 86 -7.27 -5.86 -0.25
CA TYR A 86 -8.56 -5.94 0.43
C TYR A 86 -8.54 -5.17 1.75
N ALA A 87 -9.73 -4.84 2.22
CA ALA A 87 -9.88 -4.31 3.56
C ALA A 87 -9.52 -5.40 4.58
N PRO A 88 -9.56 -5.01 5.88
CA PRO A 88 -9.21 -5.92 6.95
C PRO A 88 -10.32 -6.95 7.17
N GLY A 89 -9.92 -8.21 7.29
CA GLY A 89 -10.87 -9.29 7.47
C GLY A 89 -10.16 -10.59 7.86
N PRO A 90 -10.55 -11.68 7.16
CA PRO A 90 -9.92 -12.98 7.40
C PRO A 90 -8.52 -13.04 6.80
N GLY A 91 -7.94 -14.24 6.82
CA GLY A 91 -6.55 -14.40 6.46
C GLY A 91 -6.33 -14.10 4.97
N ILE A 92 -7.43 -14.06 4.24
CA ILE A 92 -7.38 -13.76 2.82
C ILE A 92 -7.37 -12.24 2.62
N ASN A 93 -7.94 -11.55 3.59
CA ASN A 93 -7.99 -10.10 3.53
C ASN A 93 -6.72 -9.53 4.18
N GLY A 94 -6.53 -8.23 4.01
CA GLY A 94 -5.39 -7.55 4.60
C GLY A 94 -4.17 -7.65 3.67
N ASP A 95 -4.03 -8.81 3.05
CA ASP A 95 -2.90 -9.05 2.16
C ASP A 95 -3.06 -8.18 0.91
N ALA A 96 -1.93 -7.93 0.27
CA ALA A 96 -1.92 -7.15 -0.96
C ALA A 96 -1.22 -7.95 -2.06
N HIS A 97 -1.95 -8.20 -3.13
CA HIS A 97 -1.42 -8.97 -4.24
C HIS A 97 -1.02 -8.03 -5.37
N PHE A 98 0.24 -8.13 -5.77
CA PHE A 98 0.73 -7.39 -6.92
C PHE A 98 0.83 -8.29 -8.15
N ASP A 99 0.92 -7.65 -9.30
CA ASP A 99 1.09 -8.39 -10.55
C ASP A 99 2.56 -8.77 -10.72
N ASP A 100 2.78 -10.01 -11.12
CA ASP A 100 4.12 -10.47 -11.44
C ASP A 100 4.29 -10.51 -12.96
N ASP A 101 3.17 -10.60 -13.65
CA ASP A 101 3.18 -10.59 -15.10
C ASP A 101 3.13 -9.14 -15.59
N GLU A 102 4.01 -8.33 -15.03
CA GLU A 102 4.06 -6.92 -15.38
C GLU A 102 5.41 -6.32 -14.96
N GLN A 103 5.82 -5.30 -15.70
CA GLN A 103 7.08 -4.63 -15.42
C GLN A 103 6.91 -3.70 -14.21
N TRP A 104 8.03 -3.45 -13.54
CA TRP A 104 8.02 -2.62 -12.34
C TRP A 104 9.31 -1.79 -12.33
N THR A 105 9.23 -0.66 -11.65
CA THR A 105 10.39 0.21 -11.51
C THR A 105 10.47 0.77 -10.09
N LYS A 106 11.57 1.44 -9.82
CA LYS A 106 11.79 2.01 -8.49
C LYS A 106 11.55 3.51 -8.55
N ASP A 107 11.56 4.05 -9.76
CA ASP A 107 11.40 5.48 -9.94
C ASP A 107 10.42 5.73 -11.09
N THR A 108 10.23 7.00 -11.40
CA THR A 108 9.31 7.40 -12.44
C THR A 108 9.87 7.02 -13.82
N THR A 109 9.76 5.75 -14.15
CA THR A 109 10.21 5.26 -15.44
C THR A 109 9.20 4.27 -16.02
N GLY A 110 8.78 3.34 -15.19
CA GLY A 110 7.78 2.37 -15.59
C GLY A 110 6.56 2.42 -14.66
N THR A 111 6.13 1.23 -14.23
CA THR A 111 5.10 1.14 -13.21
C THR A 111 5.72 1.32 -11.82
N ASN A 112 6.02 2.58 -11.51
CA ASN A 112 6.63 2.89 -10.23
C ASN A 112 6.01 2.03 -9.14
N LEU A 113 6.80 1.06 -8.68
CA LEU A 113 6.29 0.07 -7.75
C LEU A 113 5.77 0.76 -6.49
N PHE A 114 6.65 1.53 -5.88
CA PHE A 114 6.33 2.17 -4.60
C PHE A 114 4.99 2.90 -4.68
N LEU A 115 4.82 3.65 -5.76
CA LEU A 115 3.60 4.40 -5.97
C LEU A 115 2.39 3.46 -5.83
N VAL A 116 2.56 2.25 -6.35
CA VAL A 116 1.51 1.25 -6.28
C VAL A 116 1.51 0.61 -4.89
N ALA A 117 2.69 0.47 -4.34
CA ALA A 117 2.84 -0.12 -3.01
C ALA A 117 2.00 0.66 -2.01
N ALA A 118 2.12 1.99 -2.09
CA ALA A 118 1.42 2.85 -1.15
C ALA A 118 -0.09 2.69 -1.36
N HIS A 119 -0.57 2.77 -2.59
CA HIS A 119 -2.01 2.47 -2.96
C HIS A 119 -2.46 1.10 -2.36
N GLU A 120 -1.67 0.07 -2.65
CA GLU A 120 -1.97 -1.26 -2.12
C GLU A 120 -2.13 -1.21 -0.61
N ILE A 121 -1.06 -0.81 0.06
CA ILE A 121 -1.05 -0.77 1.52
C ILE A 121 -2.29 0.00 2.00
N GLY A 122 -2.60 1.07 1.28
CA GLY A 122 -3.74 1.91 1.64
C GLY A 122 -5.00 1.04 1.84
N HIS A 123 -5.16 0.06 0.96
CA HIS A 123 -6.30 -0.83 1.05
C HIS A 123 -6.19 -1.68 2.31
N SER A 124 -4.97 -2.12 2.58
CA SER A 124 -4.73 -2.96 3.76
C SER A 124 -5.01 -2.17 5.03
N LEU A 125 -4.84 -0.86 4.93
CA LEU A 125 -5.07 0.02 6.07
C LEU A 125 -6.56 0.30 6.20
N GLY A 126 -6.96 1.45 5.67
CA GLY A 126 -8.36 1.85 5.74
C GLY A 126 -8.65 2.96 4.73
N LEU A 127 -7.95 2.90 3.60
CA LEU A 127 -8.21 3.81 2.51
C LEU A 127 -8.55 3.02 1.25
N PHE A 128 -9.01 3.72 0.23
CA PHE A 128 -9.32 3.10 -1.04
C PHE A 128 -9.11 4.08 -2.20
N HIS A 129 -10.15 4.83 -2.50
CA HIS A 129 -10.15 5.68 -3.68
C HIS A 129 -10.61 7.09 -3.28
N SER A 130 -9.64 8.01 -3.24
CA SER A 130 -9.92 9.37 -2.87
C SER A 130 -10.63 10.10 -4.02
N ALA A 131 -11.08 11.31 -3.73
CA ALA A 131 -11.78 12.11 -4.72
C ALA A 131 -10.74 12.87 -5.57
N ASN A 132 -9.71 13.34 -4.88
CA ASN A 132 -8.65 14.09 -5.55
C ASN A 132 -8.00 13.19 -6.60
N THR A 133 -7.54 13.83 -7.68
CA THR A 133 -6.92 13.10 -8.77
C THR A 133 -5.39 13.15 -8.64
N GLU A 134 -4.93 14.11 -7.83
CA GLU A 134 -3.51 14.31 -7.65
C GLU A 134 -3.00 13.45 -6.48
N ALA A 135 -3.95 12.80 -5.81
CA ALA A 135 -3.61 11.94 -4.69
C ALA A 135 -3.05 10.62 -5.21
N LEU A 136 -2.58 9.80 -4.28
CA LEU A 136 -1.92 8.56 -4.63
C LEU A 136 -2.93 7.40 -4.53
N MET A 137 -3.92 7.61 -3.69
CA MET A 137 -4.94 6.59 -3.47
C MET A 137 -5.93 6.56 -4.64
N TYR A 138 -5.85 7.58 -5.48
CA TYR A 138 -6.66 7.64 -6.68
C TYR A 138 -6.47 6.39 -7.54
N PRO A 139 -7.59 5.94 -8.18
CA PRO A 139 -7.61 4.65 -8.84
C PRO A 139 -6.83 4.69 -10.15
N LEU A 140 -6.76 5.88 -10.72
CA LEU A 140 -6.04 6.07 -11.98
C LEU A 140 -4.56 6.30 -11.68
N TYR A 141 -3.72 5.67 -12.48
CA TYR A 141 -2.28 5.80 -12.33
C TYR A 141 -1.87 7.28 -12.33
N HIS A 142 -0.71 7.53 -11.75
CA HIS A 142 -0.19 8.89 -11.67
C HIS A 142 1.34 8.84 -11.63
N SER A 143 1.94 10.02 -11.84
CA SER A 143 3.39 10.12 -11.84
C SER A 143 3.80 11.57 -11.52
N LEU A 144 5.11 11.78 -11.48
CA LEU A 144 5.65 13.09 -11.18
C LEU A 144 7.04 13.21 -11.78
N THR A 145 7.42 14.44 -12.10
CA THR A 145 8.72 14.70 -12.68
C THR A 145 9.83 14.29 -11.71
N ASP A 146 9.49 14.30 -10.42
CA ASP A 146 10.41 13.83 -9.40
C ASP A 146 9.61 13.12 -8.31
N LEU A 147 9.75 11.80 -8.31
CA LEU A 147 8.99 10.97 -7.37
C LEU A 147 9.48 11.25 -5.95
N THR A 148 10.70 11.74 -5.86
CA THR A 148 11.30 12.04 -4.57
C THR A 148 10.56 13.18 -3.88
N ARG A 149 9.67 13.80 -4.64
CA ARG A 149 8.91 14.93 -4.14
C ARG A 149 7.47 14.52 -3.85
N PHE A 150 7.16 13.29 -4.21
CA PHE A 150 5.81 12.77 -4.02
C PHE A 150 5.30 13.09 -2.61
N ARG A 151 3.97 13.13 -2.50
CA ARG A 151 3.34 13.27 -1.20
C ARG A 151 1.90 12.75 -1.25
N LEU A 152 1.39 12.38 -0.08
CA LEU A 152 -0.01 12.07 0.05
C LEU A 152 -0.83 13.37 0.10
N SER A 153 -1.81 13.44 -0.78
CA SER A 153 -2.68 14.60 -0.84
C SER A 153 -3.49 14.72 0.46
N GLN A 154 -4.10 15.88 0.64
CA GLN A 154 -4.85 16.15 1.85
C GLN A 154 -6.05 15.20 1.96
N ASP A 155 -6.51 14.76 0.80
CA ASP A 155 -7.62 13.82 0.74
C ASP A 155 -7.24 12.54 1.49
N ASP A 156 -5.98 12.17 1.35
CA ASP A 156 -5.51 10.91 1.90
C ASP A 156 -5.35 11.05 3.42
N ILE A 157 -4.68 12.12 3.81
CA ILE A 157 -4.40 12.35 5.22
C ILE A 157 -5.71 12.54 5.98
N ASN A 158 -6.60 13.30 5.37
CA ASN A 158 -7.89 13.58 5.99
C ASN A 158 -8.51 12.27 6.47
N GLY A 159 -8.51 11.28 5.58
CA GLY A 159 -9.14 10.01 5.87
C GLY A 159 -8.26 9.17 6.80
N ILE A 160 -7.02 8.99 6.40
CA ILE A 160 -6.11 8.11 7.12
C ILE A 160 -6.06 8.52 8.58
N GLN A 161 -6.27 9.82 8.81
CA GLN A 161 -6.24 10.36 10.15
C GLN A 161 -7.59 10.16 10.85
N SER A 162 -8.64 10.26 10.05
CA SER A 162 -9.99 10.06 10.57
C SER A 162 -10.14 8.63 11.09
N LEU A 163 -9.34 7.73 10.51
CA LEU A 163 -9.36 6.34 10.93
C LEU A 163 -8.42 6.16 12.11
N TYR A 164 -7.49 7.09 12.25
CA TYR A 164 -6.51 7.03 13.31
C TYR A 164 -6.11 8.43 13.78
N GLY A 165 -5.11 8.98 13.12
CA GLY A 165 -4.67 10.33 13.41
C GLY A 165 -3.52 10.32 14.43
N PRO A 166 -2.35 10.84 13.98
CA PRO A 166 -1.19 10.92 14.85
C PRO A 166 -1.34 12.05 15.86
N PRO A 167 -0.44 12.03 16.89
CA PRO A 167 -0.46 13.06 17.92
C PRO A 167 0.11 14.37 17.40
N PRO A 168 -0.14 15.46 18.18
CA PRO A 168 0.37 16.77 17.82
C PRO A 168 1.87 16.88 18.09
N ASP A 169 2.40 18.07 17.83
CA ASP A 169 3.81 18.32 18.07
C ASP A 169 4.13 18.04 19.55
N SER A 170 5.38 17.70 19.79
CA SER A 170 5.82 17.36 21.13
C SER A 170 5.27 16.00 21.54
N PRO A 171 6.06 15.27 22.37
CA PRO A 171 5.65 13.97 22.86
C PRO A 171 4.59 14.12 23.95
N GLU A 172 3.45 14.65 23.55
CA GLU A 172 2.36 14.89 24.49
C GLU A 172 1.02 14.48 23.87
N THR A 173 0.05 14.22 24.73
CA THR A 173 -1.27 13.82 24.29
C THR A 173 -1.16 12.90 23.06
ZN ZN B . -7.54 0.75 -5.32
ZN ZN C . -5.80 -10.81 -5.30
C1 8MI D . -7.42 -0.36 -8.76
C2 8MI D . -6.34 -1.25 -8.12
C3 8MI D . -6.93 -1.92 -6.84
O4 8MI D . -7.21 -1.20 -5.89
O5 8MI D . -7.08 -3.13 -6.84
N6 8MI D . -5.15 -0.41 -7.84
C7 8MI D . -4.87 0.52 -8.97
C8 8MI D . -3.52 1.26 -8.73
C9 8MI D . -3.48 2.62 -9.45
C10 8MI D . -2.25 3.42 -9.05
C11 8MI D . -1.01 3.15 -9.66
C12 8MI D . 0.13 3.88 -9.29
C13 8MI D . 0.04 4.87 -8.30
C14 8MI D . -1.19 5.13 -7.69
C15 8MI D . -2.34 4.41 -8.06
C16 8MI D . -4.80 -0.20 -10.34
O17 8MI D . -4.32 -1.32 -10.44
N18 8MI D . -5.27 0.43 -11.40
C19 8MI D . -5.25 -0.13 -12.80
C20 8MI D . -6.70 -0.16 -13.35
C21 8MI D . -7.49 -1.34 -12.74
C22 8MI D . -9.01 -1.12 -12.92
N23 8MI D . -9.77 -2.20 -12.20
C24 8MI D . -11.10 -2.34 -12.25
N25 8MI D . -11.65 -3.36 -11.61
N26 8MI D . -11.87 -1.52 -12.93
C27 8MI D . -4.34 0.75 -13.71
O28 8MI D . -4.03 1.89 -13.39
N29 8MI D . -3.90 0.20 -14.85
C30 8MI D . -3.13 0.93 -15.72
C31 8MI D . -3.49 2.24 -16.04
C32 8MI D . -2.70 2.99 -16.92
C33 8MI D . -1.56 2.43 -17.50
C34 8MI D . -1.20 1.12 -17.19
C35 8MI D . -1.97 0.36 -16.30
H36 8MI D . -7.47 0.59 -8.23
H37 8MI D . -8.38 -0.85 -8.70
H38 8MI D . -7.18 -0.17 -9.80
H39 8MI D . -6.09 -2.02 -8.82
H40 8MI D . -4.33 -1.04 -7.68
H41 8MI D . -5.65 1.27 -9.02
H42 8MI D . -2.70 0.63 -9.09
H43 8MI D . -3.39 1.42 -7.66
H44 8MI D . -4.38 3.19 -9.19
H45 8MI D . -3.48 2.47 -10.52
H46 8MI D . -0.94 2.40 -10.43
H47 8MI D . 1.08 3.67 -9.76
H48 8MI D . 0.91 5.42 -8.01
H49 8MI D . -1.26 5.89 -6.93
H50 8MI D . -3.28 4.62 -7.58
H51 8MI D . -5.69 1.32 -11.33
H52 8MI D . -4.86 -1.13 -12.78
H53 8MI D . -6.67 -0.28 -14.43
H54 8MI D . -7.19 0.77 -13.12
H55 8MI D . -7.26 -1.40 -11.68
H56 8MI D . -7.21 -2.26 -13.21
H57 8MI D . -9.24 -1.14 -13.97
H58 8MI D . -9.28 -0.15 -12.50
H59 8MI D . -9.20 -2.81 -11.68
H61 8MI D . -12.64 -3.48 -11.63
H62 8MI D . -11.46 -0.76 -13.44
H63 8MI D . -12.86 -1.65 -12.96
H64 8MI D . -4.14 -0.72 -15.11
H65 8MI D . -4.37 2.69 -15.60
H66 8MI D . -2.98 4.01 -17.16
H67 8MI D . -0.96 3.01 -18.18
H68 8MI D . -0.31 0.69 -17.64
H69 8MI D . -1.69 -0.66 -16.06
H60 8MI D . -11.08 -4.00 -11.10
H70 8MI D . -5.32 0.13 -6.96
N PHE A 1 -11.14 8.18 -0.35
CA PHE A 1 -11.18 7.84 1.06
C PHE A 1 -12.58 7.39 1.47
N ARG A 2 -12.66 6.16 1.96
CA ARG A 2 -13.91 5.63 2.46
C ARG A 2 -13.65 4.62 3.58
N THR A 3 -14.73 4.18 4.21
CA THR A 3 -14.63 3.16 5.25
C THR A 3 -15.59 2.01 4.95
N PHE A 4 -15.07 0.80 5.08
CA PHE A 4 -15.88 -0.39 4.92
C PHE A 4 -16.95 -0.47 6.01
N PRO A 5 -17.86 -1.48 5.86
CA PRO A 5 -18.89 -1.70 6.85
C PRO A 5 -18.32 -2.36 8.11
N GLY A 6 -17.97 -1.51 9.07
CA GLY A 6 -17.29 -1.98 10.27
C GLY A 6 -16.09 -1.08 10.61
N ILE A 7 -15.76 -0.21 9.66
CA ILE A 7 -14.68 0.74 9.86
C ILE A 7 -13.36 -0.02 9.98
N PRO A 8 -12.58 0.01 8.87
CA PRO A 8 -11.30 -0.68 8.83
C PRO A 8 -10.24 0.07 9.63
N LYS A 9 -9.58 -0.66 10.51
CA LYS A 9 -8.52 -0.08 11.33
C LYS A 9 -8.04 -1.11 12.35
N TRP A 10 -6.75 -1.38 12.31
CA TRP A 10 -6.16 -2.35 13.21
C TRP A 10 -6.36 -1.84 14.64
N ARG A 11 -6.35 -2.79 15.57
CA ARG A 11 -6.60 -2.47 16.96
C ARG A 11 -5.30 -2.11 17.68
N LYS A 12 -4.21 -2.24 16.93
CA LYS A 12 -2.89 -1.92 17.47
C LYS A 12 -2.19 -0.90 16.55
N THR A 13 -1.34 -0.09 17.16
CA THR A 13 -0.63 0.93 16.42
C THR A 13 0.62 0.34 15.76
N HIS A 14 1.26 -0.55 16.49
CA HIS A 14 2.45 -1.21 15.98
C HIS A 14 2.06 -2.42 15.13
N LEU A 15 2.27 -2.27 13.83
CA LEU A 15 1.85 -3.30 12.88
C LEU A 15 3.08 -4.04 12.37
N THR A 16 2.81 -5.18 11.74
CA THR A 16 3.87 -5.94 11.10
C THR A 16 3.50 -6.27 9.65
N TYR A 17 4.52 -6.40 8.83
CA TYR A 17 4.32 -6.80 7.44
C TYR A 17 5.42 -7.75 6.99
N ARG A 18 5.23 -8.30 5.79
CA ARG A 18 6.17 -9.27 5.25
C ARG A 18 5.98 -9.42 3.74
N ILE A 19 7.09 -9.64 3.05
CA ILE A 19 7.05 -9.92 1.63
C ILE A 19 7.21 -11.42 1.41
N VAL A 20 6.16 -12.02 0.85
CA VAL A 20 6.14 -13.46 0.65
C VAL A 20 7.01 -13.81 -0.56
N ASN A 21 6.92 -12.98 -1.59
CA ASN A 21 7.69 -13.20 -2.80
C ASN A 21 7.80 -11.88 -3.57
N TYR A 22 8.62 -11.89 -4.60
CA TYR A 22 8.88 -10.69 -5.38
C TYR A 22 8.58 -10.93 -6.87
N THR A 23 8.96 -9.94 -7.67
CA THR A 23 8.67 -10.00 -9.09
C THR A 23 9.97 -10.15 -9.88
N PRO A 24 9.89 -10.95 -10.99
CA PRO A 24 11.03 -11.14 -11.86
C PRO A 24 11.28 -9.91 -12.72
N ASP A 25 11.65 -8.82 -12.06
CA ASP A 25 11.87 -7.56 -12.75
C ASP A 25 12.72 -6.65 -11.87
N LEU A 26 12.32 -6.54 -10.61
CA LEU A 26 13.05 -5.73 -9.66
C LEU A 26 13.86 -6.62 -8.73
N PRO A 27 14.90 -6.01 -8.10
CA PRO A 27 15.65 -6.69 -7.06
C PRO A 27 14.84 -6.74 -5.75
N LYS A 28 15.33 -7.55 -4.82
CA LYS A 28 14.59 -7.81 -3.60
C LYS A 28 14.52 -6.54 -2.76
N ASP A 29 15.69 -6.03 -2.42
CA ASP A 29 15.77 -4.81 -1.61
C ASP A 29 14.86 -3.74 -2.21
N ALA A 30 14.85 -3.71 -3.54
CA ALA A 30 14.12 -2.67 -4.26
C ALA A 30 12.62 -2.81 -3.94
N VAL A 31 12.14 -4.03 -4.02
CA VAL A 31 10.73 -4.30 -3.79
C VAL A 31 10.38 -3.99 -2.34
N ASP A 32 11.16 -4.57 -1.44
CA ASP A 32 10.94 -4.36 -0.02
C ASP A 32 10.93 -2.86 0.28
N SER A 33 11.73 -2.13 -0.47
CA SER A 33 11.84 -0.69 -0.30
C SER A 33 10.48 -0.04 -0.57
N ALA A 34 9.83 -0.51 -1.62
CA ALA A 34 8.55 0.05 -2.02
C ALA A 34 7.58 -0.02 -0.85
N VAL A 35 7.65 -1.14 -0.13
CA VAL A 35 6.78 -1.33 1.03
C VAL A 35 7.32 -0.52 2.21
N GLU A 36 8.60 -0.72 2.48
CA GLU A 36 9.29 0.11 3.46
C GLU A 36 8.95 1.58 3.24
N LYS A 37 8.70 1.92 1.98
CA LYS A 37 8.42 3.29 1.61
C LYS A 37 6.94 3.59 1.85
N ALA A 38 6.10 2.83 1.17
CA ALA A 38 4.66 3.04 1.24
C ALA A 38 4.22 3.05 2.70
N LEU A 39 4.72 2.06 3.44
CA LEU A 39 4.44 1.98 4.86
C LEU A 39 4.83 3.29 5.54
N LYS A 40 6.06 3.71 5.28
CA LYS A 40 6.61 4.86 5.97
C LYS A 40 5.90 6.13 5.52
N VAL A 41 5.34 6.06 4.32
CA VAL A 41 4.65 7.20 3.75
C VAL A 41 3.39 7.49 4.57
N TRP A 42 2.80 6.43 5.08
CA TRP A 42 1.57 6.55 5.85
C TRP A 42 1.94 6.87 7.29
N GLU A 43 3.09 6.35 7.71
CA GLU A 43 3.60 6.62 9.04
C GLU A 43 3.72 8.11 9.28
N GLU A 44 3.86 8.85 8.19
CA GLU A 44 4.08 10.28 8.26
C GLU A 44 2.77 11.00 8.59
N VAL A 45 1.67 10.29 8.36
CA VAL A 45 0.35 10.91 8.47
C VAL A 45 -0.52 10.04 9.38
N THR A 46 0.13 9.16 10.11
CA THR A 46 -0.55 8.41 11.16
C THR A 46 0.43 8.11 12.31
N PRO A 47 -0.17 7.78 13.49
CA PRO A 47 0.64 7.38 14.64
C PRO A 47 1.17 5.96 14.46
N LEU A 48 0.70 5.31 13.42
CA LEU A 48 0.94 3.88 13.24
C LEU A 48 2.44 3.65 13.06
N THR A 49 2.88 2.44 13.39
CA THR A 49 4.23 2.02 13.10
C THR A 49 4.24 0.65 12.43
N PHE A 50 5.39 0.29 11.89
CA PHE A 50 5.51 -0.95 11.14
C PHE A 50 6.82 -1.66 11.46
N SER A 51 6.80 -2.98 11.31
CA SER A 51 7.98 -3.78 11.54
C SER A 51 8.02 -4.97 10.57
N ARG A 52 9.23 -5.41 10.27
CA ARG A 52 9.42 -6.52 9.35
C ARG A 52 9.62 -7.82 10.12
N LEU A 53 9.23 -8.92 9.49
CA LEU A 53 9.41 -10.23 10.09
C LEU A 53 10.09 -11.16 9.07
N TYR A 54 10.88 -12.08 9.60
CA TYR A 54 11.59 -13.03 8.75
C TYR A 54 10.95 -14.41 8.81
N GLU A 55 9.96 -14.53 9.69
CA GLU A 55 9.25 -15.79 9.84
C GLU A 55 7.84 -15.54 10.39
N GLY A 56 7.04 -16.60 10.38
CA GLY A 56 5.69 -16.51 10.92
C GLY A 56 4.80 -15.68 10.01
N GLU A 57 3.72 -15.18 10.59
CA GLU A 57 2.77 -14.38 9.84
C GLU A 57 2.79 -12.92 10.33
N ALA A 58 2.68 -12.01 9.37
CA ALA A 58 2.62 -10.60 9.70
C ALA A 58 1.21 -10.07 9.43
N ASP A 59 0.93 -8.91 10.00
CA ASP A 59 -0.39 -8.31 9.84
C ASP A 59 -0.64 -8.00 8.36
N ILE A 60 0.41 -7.52 7.71
CA ILE A 60 0.32 -7.20 6.30
C ILE A 60 1.32 -8.03 5.52
N MET A 61 0.88 -9.21 5.11
CA MET A 61 1.73 -10.12 4.37
C MET A 61 1.61 -9.89 2.86
N ILE A 62 2.44 -8.99 2.36
CA ILE A 62 2.38 -8.60 0.97
C ILE A 62 2.96 -9.74 0.11
N SER A 63 2.35 -9.92 -1.06
CA SER A 63 2.75 -11.00 -1.94
C SER A 63 2.43 -10.62 -3.40
N PHE A 64 3.05 -11.36 -4.30
CA PHE A 64 2.77 -11.19 -5.72
C PHE A 64 2.19 -12.47 -6.32
N ALA A 65 1.39 -12.28 -7.37
CA ALA A 65 0.77 -13.40 -8.05
C ALA A 65 0.33 -12.96 -9.45
N VAL A 66 0.02 -13.96 -10.26
CA VAL A 66 -0.61 -13.69 -11.55
C VAL A 66 -1.78 -14.66 -11.76
N ARG A 67 -2.31 -14.65 -12.97
CA ARG A 67 -3.38 -15.56 -13.32
C ARG A 67 -4.33 -15.75 -12.14
N GLU A 68 -5.06 -16.87 -12.18
CA GLU A 68 -5.89 -17.26 -11.04
C GLU A 68 -5.01 -17.65 -9.86
N HIS A 69 -4.86 -16.72 -8.93
CA HIS A 69 -3.97 -16.92 -7.79
C HIS A 69 -4.79 -17.29 -6.56
N GLY A 70 -5.76 -18.16 -6.77
CA GLY A 70 -6.60 -18.62 -5.68
C GLY A 70 -7.63 -17.56 -5.29
N ASP A 71 -8.20 -16.93 -6.31
CA ASP A 71 -9.20 -15.91 -6.10
C ASP A 71 -9.91 -15.61 -7.42
N PHE A 72 -10.89 -14.73 -7.34
CA PHE A 72 -11.83 -14.55 -8.44
C PHE A 72 -11.32 -13.49 -9.42
N TYR A 73 -10.19 -12.90 -9.09
CA TYR A 73 -9.56 -11.93 -9.96
C TYR A 73 -8.24 -12.46 -10.52
N PRO A 74 -8.33 -13.01 -11.77
CA PRO A 74 -7.15 -13.51 -12.44
C PRO A 74 -6.29 -12.36 -12.97
N PHE A 75 -4.98 -12.60 -12.97
CA PHE A 75 -4.04 -11.60 -13.46
C PHE A 75 -3.44 -12.01 -14.81
N ASP A 76 -3.55 -11.10 -15.76
CA ASP A 76 -3.10 -11.38 -17.11
C ASP A 76 -3.56 -10.26 -18.04
N GLY A 77 -2.59 -9.57 -18.61
CA GLY A 77 -2.87 -8.58 -19.64
C GLY A 77 -1.80 -7.48 -19.65
N PRO A 78 -1.82 -6.66 -20.73
CA PRO A 78 -0.92 -5.53 -20.84
C PRO A 78 -1.36 -4.39 -19.93
N GLY A 79 -0.74 -4.33 -18.76
CA GLY A 79 -1.08 -3.33 -17.77
C GLY A 79 -2.19 -3.81 -16.84
N ASN A 80 -3.40 -3.41 -17.15
CA ASN A 80 -4.56 -3.84 -16.38
C ASN A 80 -4.25 -3.70 -14.89
N VAL A 81 -5.07 -4.36 -14.08
CA VAL A 81 -4.79 -4.47 -12.66
C VAL A 81 -3.28 -4.58 -12.45
N LEU A 82 -2.73 -3.58 -11.77
CA LEU A 82 -1.33 -3.60 -11.40
C LEU A 82 -1.17 -4.29 -10.05
N ALA A 83 -2.14 -4.03 -9.17
CA ALA A 83 -2.14 -4.65 -7.87
C ALA A 83 -3.42 -4.27 -7.13
N HIS A 84 -3.97 -5.24 -6.40
CA HIS A 84 -5.20 -5.02 -5.66
C HIS A 84 -4.98 -5.37 -4.18
N ALA A 85 -5.90 -4.92 -3.36
CA ALA A 85 -5.84 -5.19 -1.94
C ALA A 85 -7.24 -5.06 -1.32
N TYR A 86 -7.34 -5.46 -0.07
CA TYR A 86 -8.63 -5.47 0.61
C TYR A 86 -8.48 -5.04 2.08
N ALA A 87 -9.58 -4.59 2.64
CA ALA A 87 -9.62 -4.26 4.05
C ALA A 87 -9.23 -5.48 4.88
N PRO A 88 -9.23 -5.30 6.23
CA PRO A 88 -8.93 -6.40 7.13
C PRO A 88 -10.09 -7.36 7.23
N GLY A 89 -9.77 -8.61 7.53
CA GLY A 89 -10.77 -9.67 7.59
C GLY A 89 -10.11 -11.05 7.62
N PRO A 90 -10.57 -11.92 6.69
CA PRO A 90 -10.01 -13.26 6.58
C PRO A 90 -8.64 -13.23 5.91
N GLY A 91 -8.15 -14.42 5.57
CA GLY A 91 -6.77 -14.56 5.14
C GLY A 91 -6.53 -13.82 3.82
N ILE A 92 -7.62 -13.51 3.14
CA ILE A 92 -7.54 -12.77 1.89
C ILE A 92 -7.44 -11.28 2.20
N ASN A 93 -8.04 -10.89 3.32
CA ASN A 93 -8.07 -9.49 3.70
C ASN A 93 -6.80 -9.13 4.46
N GLY A 94 -6.46 -7.85 4.42
CA GLY A 94 -5.25 -7.38 5.05
C GLY A 94 -4.04 -7.54 4.12
N ASP A 95 -4.06 -8.63 3.38
CA ASP A 95 -2.98 -8.91 2.44
C ASP A 95 -3.15 -8.00 1.21
N ALA A 96 -2.08 -7.91 0.43
CA ALA A 96 -2.11 -7.14 -0.80
C ALA A 96 -1.39 -7.92 -1.90
N HIS A 97 -2.16 -8.28 -2.92
CA HIS A 97 -1.60 -9.01 -4.05
C HIS A 97 -1.12 -8.02 -5.12
N PHE A 98 0.15 -8.16 -5.46
CA PHE A 98 0.70 -7.40 -6.58
C PHE A 98 0.77 -8.25 -7.84
N ASP A 99 0.63 -7.57 -8.98
CA ASP A 99 0.62 -8.25 -10.26
C ASP A 99 2.05 -8.54 -10.71
N ASP A 100 2.39 -9.82 -10.71
CA ASP A 100 3.71 -10.24 -11.15
C ASP A 100 3.76 -10.20 -12.69
N ASP A 101 2.58 -10.33 -13.29
CA ASP A 101 2.47 -10.27 -14.73
C ASP A 101 2.44 -8.81 -15.18
N GLU A 102 3.44 -8.06 -14.71
CA GLU A 102 3.56 -6.66 -15.08
C GLU A 102 4.95 -6.15 -14.73
N GLN A 103 5.39 -5.15 -15.48
CA GLN A 103 6.67 -4.51 -15.21
C GLN A 103 6.56 -3.60 -13.99
N TRP A 104 7.71 -3.37 -13.37
CA TRP A 104 7.75 -2.55 -12.18
C TRP A 104 9.04 -1.71 -12.22
N THR A 105 9.00 -0.59 -11.52
CA THR A 105 10.18 0.26 -11.41
C THR A 105 10.31 0.80 -9.98
N LYS A 106 11.53 1.16 -9.62
CA LYS A 106 11.77 1.82 -8.36
C LYS A 106 11.72 3.33 -8.55
N ASP A 107 11.92 3.74 -9.80
CA ASP A 107 11.86 5.15 -10.15
C ASP A 107 10.68 5.40 -11.09
N THR A 108 10.79 6.48 -11.84
CA THR A 108 9.72 6.85 -12.77
C THR A 108 10.14 6.51 -14.20
N THR A 109 10.26 5.21 -14.47
CA THR A 109 10.55 4.74 -15.81
C THR A 109 9.64 3.57 -16.18
N GLY A 110 8.59 3.41 -15.39
CA GLY A 110 7.63 2.34 -15.63
C GLY A 110 6.44 2.47 -14.68
N THR A 111 5.99 1.32 -14.17
CA THR A 111 4.97 1.30 -13.15
C THR A 111 5.60 1.43 -11.76
N ASN A 112 5.73 2.68 -11.33
CA ASN A 112 6.36 2.98 -10.05
C ASN A 112 5.76 2.07 -8.98
N LEU A 113 6.58 1.13 -8.51
CA LEU A 113 6.10 0.12 -7.58
C LEU A 113 5.60 0.79 -6.31
N PHE A 114 6.51 1.49 -5.65
CA PHE A 114 6.19 2.13 -4.39
C PHE A 114 4.83 2.84 -4.46
N LEU A 115 4.67 3.65 -5.49
CA LEU A 115 3.48 4.46 -5.63
C LEU A 115 2.25 3.56 -5.64
N VAL A 116 2.43 2.38 -6.20
CA VAL A 116 1.36 1.38 -6.20
C VAL A 116 1.32 0.69 -4.83
N ALA A 117 2.50 0.56 -4.23
CA ALA A 117 2.60 -0.10 -2.94
C ALA A 117 1.72 0.61 -1.92
N ALA A 118 1.82 1.94 -1.94
CA ALA A 118 1.09 2.75 -0.99
C ALA A 118 -0.40 2.62 -1.24
N HIS A 119 -0.83 2.58 -2.50
CA HIS A 119 -2.26 2.29 -2.90
C HIS A 119 -2.75 0.95 -2.30
N GLU A 120 -2.00 -0.11 -2.58
CA GLU A 120 -2.30 -1.41 -2.01
C GLU A 120 -2.40 -1.30 -0.48
N ILE A 121 -1.32 -0.86 0.13
CA ILE A 121 -1.28 -0.71 1.57
C ILE A 121 -2.53 0.04 2.04
N GLY A 122 -2.84 1.11 1.31
CA GLY A 122 -3.97 1.94 1.66
C GLY A 122 -5.22 1.09 1.94
N HIS A 123 -5.46 0.15 1.03
CA HIS A 123 -6.62 -0.72 1.14
C HIS A 123 -6.47 -1.61 2.38
N SER A 124 -5.26 -2.09 2.57
CA SER A 124 -4.95 -2.96 3.71
C SER A 124 -5.23 -2.21 5.02
N LEU A 125 -4.91 -0.92 5.00
CA LEU A 125 -5.09 -0.10 6.18
C LEU A 125 -6.58 0.22 6.36
N GLY A 126 -7.07 1.08 5.48
CA GLY A 126 -8.48 1.46 5.52
C GLY A 126 -8.73 2.71 4.66
N LEU A 127 -8.20 2.67 3.45
CA LEU A 127 -8.44 3.73 2.49
C LEU A 127 -9.04 3.15 1.21
N PHE A 128 -9.58 4.03 0.39
CA PHE A 128 -10.17 3.62 -0.87
C PHE A 128 -10.18 4.77 -1.88
N HIS A 129 -10.39 4.42 -3.14
CA HIS A 129 -10.21 5.36 -4.22
C HIS A 129 -10.78 6.72 -3.83
N SER A 130 -9.95 7.75 -4.02
CA SER A 130 -10.34 9.10 -3.62
C SER A 130 -10.81 9.88 -4.85
N ALA A 131 -11.37 11.05 -4.58
CA ALA A 131 -11.87 11.90 -5.64
C ALA A 131 -10.74 12.77 -6.17
N ASN A 132 -9.85 13.16 -5.27
CA ASN A 132 -8.73 14.03 -5.63
C ASN A 132 -7.83 13.29 -6.62
N THR A 133 -7.25 14.07 -7.53
CA THR A 133 -6.40 13.51 -8.56
C THR A 133 -4.93 13.59 -8.14
N GLU A 134 -4.69 14.40 -7.11
CA GLU A 134 -3.34 14.59 -6.61
C GLU A 134 -2.97 13.46 -5.64
N ALA A 135 -3.98 12.69 -5.27
CA ALA A 135 -3.78 11.58 -4.36
C ALA A 135 -3.35 10.35 -5.16
N LEU A 136 -2.52 9.52 -4.53
CA LEU A 136 -2.05 8.30 -5.15
C LEU A 136 -3.13 7.22 -5.02
N MET A 137 -4.14 7.54 -4.23
CA MET A 137 -5.26 6.62 -4.04
C MET A 137 -6.27 6.73 -5.18
N TYR A 138 -6.18 7.85 -5.90
CA TYR A 138 -7.04 8.06 -7.05
C TYR A 138 -6.99 6.88 -8.01
N PRO A 139 -8.18 6.54 -8.58
CA PRO A 139 -8.28 5.40 -9.45
C PRO A 139 -7.69 5.71 -10.83
N LEU A 140 -6.45 6.18 -10.81
CA LEU A 140 -5.70 6.37 -12.04
C LEU A 140 -4.23 6.61 -11.70
N TYR A 141 -3.37 5.89 -12.40
CA TYR A 141 -1.95 5.95 -12.14
C TYR A 141 -1.45 7.40 -12.15
N HIS A 142 -0.38 7.63 -11.41
CA HIS A 142 0.19 8.96 -11.30
C HIS A 142 1.71 8.87 -11.18
N SER A 143 2.36 10.01 -11.33
CA SER A 143 3.81 10.07 -11.22
C SER A 143 4.25 11.51 -10.94
N LEU A 144 5.54 11.67 -10.72
CA LEU A 144 6.10 12.98 -10.44
C LEU A 144 7.53 13.04 -10.99
N THR A 145 7.93 14.25 -11.38
CA THR A 145 9.26 14.46 -11.91
C THR A 145 10.31 13.90 -10.94
N ASP A 146 9.99 13.98 -9.66
CA ASP A 146 10.86 13.43 -8.63
C ASP A 146 10.02 12.63 -7.64
N LEU A 147 9.99 11.31 -7.84
CA LEU A 147 9.14 10.45 -7.06
C LEU A 147 9.62 10.44 -5.60
N THR A 148 10.89 10.74 -5.44
CA THR A 148 11.51 10.71 -4.13
C THR A 148 10.85 11.76 -3.21
N ARG A 149 10.24 12.75 -3.85
CA ARG A 149 9.63 13.84 -3.11
C ARG A 149 8.11 13.63 -3.03
N PHE A 150 7.65 12.59 -3.70
CA PHE A 150 6.23 12.28 -3.71
C PHE A 150 5.62 12.45 -2.31
N ARG A 151 4.32 12.71 -2.30
CA ARG A 151 3.59 12.83 -1.05
C ARG A 151 2.10 12.58 -1.27
N LEU A 152 1.42 12.20 -0.20
CA LEU A 152 -0.01 11.98 -0.26
C LEU A 152 -0.73 13.33 -0.16
N SER A 153 -1.76 13.48 -0.98
CA SER A 153 -2.56 14.69 -0.96
C SER A 153 -3.39 14.76 0.31
N GLN A 154 -3.91 15.94 0.59
CA GLN A 154 -4.69 16.15 1.80
C GLN A 154 -5.85 15.16 1.87
N ASP A 155 -6.33 14.78 0.70
CA ASP A 155 -7.45 13.87 0.61
C ASP A 155 -7.11 12.57 1.34
N ASP A 156 -5.90 12.10 1.10
CA ASP A 156 -5.47 10.82 1.64
C ASP A 156 -5.30 10.94 3.15
N ILE A 157 -4.69 12.04 3.56
CA ILE A 157 -4.39 12.24 4.98
C ILE A 157 -5.71 12.43 5.74
N ASN A 158 -6.63 13.15 5.10
CA ASN A 158 -7.91 13.44 5.73
C ASN A 158 -8.54 12.13 6.21
N GLY A 159 -8.46 11.11 5.37
CA GLY A 159 -9.09 9.83 5.67
C GLY A 159 -8.24 9.02 6.66
N ILE A 160 -6.97 8.89 6.32
CA ILE A 160 -6.07 8.06 7.10
C ILE A 160 -6.02 8.58 8.54
N GLN A 161 -6.27 9.88 8.67
CA GLN A 161 -6.26 10.51 9.98
C GLN A 161 -7.63 10.38 10.65
N SER A 162 -8.66 10.53 9.83
CA SER A 162 -10.02 10.38 10.32
C SER A 162 -10.20 9.00 10.97
N LEU A 163 -9.42 8.05 10.48
CA LEU A 163 -9.45 6.71 11.03
C LEU A 163 -8.53 6.63 12.25
N TYR A 164 -7.47 7.41 12.20
CA TYR A 164 -6.49 7.41 13.28
C TYR A 164 -6.09 8.84 13.65
N GLY A 165 -5.03 9.31 13.02
CA GLY A 165 -4.56 10.67 13.23
C GLY A 165 -3.41 10.70 14.24
N PRO A 166 -2.24 11.20 13.75
CA PRO A 166 -1.07 11.31 14.60
C PRO A 166 -1.22 12.48 15.58
N PRO A 167 -0.28 12.51 16.58
CA PRO A 167 -0.29 13.56 17.58
C PRO A 167 0.24 14.87 17.00
N PRO A 168 -0.01 15.98 17.74
CA PRO A 168 0.46 17.29 17.31
C PRO A 168 1.97 17.43 17.56
N ASP A 169 2.49 18.59 17.17
CA ASP A 169 3.90 18.87 17.35
C ASP A 169 4.20 19.03 18.84
N SER A 170 5.48 18.91 19.17
CA SER A 170 5.90 18.96 20.56
C SER A 170 5.55 20.33 21.15
N PRO A 171 6.02 21.40 20.46
CA PRO A 171 5.77 22.75 20.92
C PRO A 171 4.32 23.17 20.65
N GLU A 172 3.47 22.86 21.62
CA GLU A 172 2.05 23.21 21.52
C GLU A 172 1.88 24.72 21.75
N THR A 173 2.23 25.48 20.73
CA THR A 173 2.13 26.93 20.79
C THR A 173 1.45 27.47 19.54
ZN ZN B . -7.61 0.25 -5.46
ZN ZN C . -5.88 -11.40 -5.35
C1 8MI D . -6.02 -2.64 -9.32
C2 8MI D . -6.08 -1.51 -8.26
C3 8MI D . -7.41 -0.73 -8.42
O4 8MI D . -7.95 -0.28 -7.42
O5 8MI D . -7.88 -0.58 -9.55
N6 8MI D . -4.88 -0.67 -8.40
C7 8MI D . -5.04 0.32 -9.52
C8 8MI D . -3.95 1.42 -9.43
C9 8MI D . -4.53 2.75 -8.90
C10 8MI D . -3.43 3.70 -8.47
C11 8MI D . -3.40 5.02 -8.97
C12 8MI D . -2.37 5.89 -8.57
C13 8MI D . -1.38 5.45 -7.70
C14 8MI D . -1.40 4.14 -7.20
C15 8MI D . -2.43 3.27 -7.58
C16 8MI D . -4.94 -0.36 -10.91
O17 8MI D . -4.08 -1.19 -11.15
N18 8MI D . -5.81 0.00 -11.85
C19 8MI D . -5.83 -0.56 -13.25
C20 8MI D . -7.30 -0.79 -13.68
C21 8MI D . -7.84 -2.12 -13.09
C22 8MI D . -9.36 -2.19 -13.25
N23 8MI D . -9.89 -3.46 -12.62
C24 8MI D . -10.02 -3.65 -11.31
N25 8MI D . -10.45 -4.80 -10.87
N26 8MI D . -9.73 -2.69 -10.43
C27 8MI D . -5.11 0.42 -14.23
O28 8MI D . -5.60 1.52 -14.49
N29 8MI D . -3.97 0.00 -14.79
C30 8MI D . -3.29 0.82 -15.65
C31 8MI D . -3.03 0.38 -16.97
C32 8MI D . -2.33 1.21 -17.86
C33 8MI D . -1.90 2.47 -17.44
C34 8MI D . -2.15 2.92 -16.15
C35 8MI D . -2.84 2.09 -15.25
H36 8MI D . -6.61 -3.48 -8.98
H37 8MI D . -5.01 -2.94 -9.47
H38 8MI D . -6.44 -2.27 -10.25
H39 8MI D . -6.08 -1.98 -7.28
H40 8MI D . -4.05 -1.27 -8.58
H41 8MI D . -6.01 0.79 -9.45
H42 8MI D . -3.52 1.58 -10.40
H43 8MI D . -3.18 1.09 -8.75
H44 8MI D . -5.18 2.54 -8.05
H45 8MI D . -5.13 3.22 -9.68
H46 8MI D . -4.16 5.36 -9.65
H47 8MI D . -2.35 6.89 -8.96
H48 8MI D . -0.59 6.12 -7.40
H49 8MI D . -0.63 3.81 -6.53
H50 8MI D . -2.44 2.26 -7.20
H51 8MI D . -6.51 0.67 -11.68
H52 8MI D . -5.31 -1.50 -13.26
H53 8MI D . -7.36 -0.83 -14.76
H54 8MI D . -7.91 0.04 -13.32
H55 8MI D . -7.60 -2.17 -12.04
H56 8MI D . -7.37 -2.95 -13.60
H57 8MI D . -9.62 -2.20 -14.31
H58 8MI D . -9.82 -1.33 -12.79
H59 8MI D . -10.13 -4.16 -13.27
H61 8MI D . -10.56 -4.96 -9.89
H62 8MI D . -9.42 -1.80 -10.75
H63 8MI D . -9.84 -2.85 -9.45
H64 8MI D . -3.59 -0.88 -14.60
H65 8MI D . -3.37 -0.59 -17.29
H66 8MI D . -2.14 0.87 -18.87
H67 8MI D . -1.36 3.10 -18.15
H68 8MI D . -1.80 3.89 -15.84
H69 8MI D . -3.04 2.44 -14.25
H60 8MI D . -10.68 -5.54 -11.52
H70 8MI D . -4.73 -0.15 -7.51
N PHE A 1 -10.85 8.40 -0.22
CA PHE A 1 -10.80 7.69 1.05
C PHE A 1 -12.22 7.39 1.56
N ARG A 2 -12.31 6.33 2.35
CA ARG A 2 -13.58 5.97 2.97
C ARG A 2 -13.39 4.77 3.90
N THR A 3 -14.48 4.42 4.58
CA THR A 3 -14.44 3.30 5.52
C THR A 3 -15.38 2.19 5.06
N PHE A 4 -14.90 0.97 5.14
CA PHE A 4 -15.74 -0.19 4.94
C PHE A 4 -16.93 -0.19 5.91
N PRO A 5 -17.87 -1.14 5.68
CA PRO A 5 -19.09 -1.19 6.47
C PRO A 5 -18.81 -1.76 7.86
N GLY A 6 -17.58 -2.18 8.07
CA GLY A 6 -17.16 -2.69 9.36
C GLY A 6 -16.10 -1.78 9.99
N ILE A 7 -15.85 -0.67 9.32
CA ILE A 7 -14.84 0.27 9.79
C ILE A 7 -13.49 -0.44 9.92
N PRO A 8 -12.64 -0.24 8.88
CA PRO A 8 -11.32 -0.85 8.86
C PRO A 8 -10.38 -0.14 9.84
N LYS A 9 -9.72 -0.94 10.67
CA LYS A 9 -8.82 -0.40 11.67
C LYS A 9 -8.23 -1.55 12.49
N TRP A 10 -6.91 -1.61 12.51
CA TRP A 10 -6.22 -2.64 13.25
C TRP A 10 -6.30 -2.29 14.75
N ARG A 11 -6.27 -3.33 15.57
CA ARG A 11 -6.46 -3.15 16.99
C ARG A 11 -5.15 -2.74 17.66
N LYS A 12 -4.10 -2.68 16.85
CA LYS A 12 -2.79 -2.35 17.36
C LYS A 12 -2.12 -1.35 16.41
N THR A 13 -1.26 -0.51 16.99
CA THR A 13 -0.52 0.45 16.19
C THR A 13 0.78 -0.18 15.66
N HIS A 14 1.32 -1.10 16.45
CA HIS A 14 2.54 -1.79 16.07
C HIS A 14 2.22 -2.81 14.97
N LEU A 15 2.00 -2.30 13.77
CA LEU A 15 1.61 -3.15 12.66
C LEU A 15 2.79 -4.01 12.23
N THR A 16 2.47 -5.09 11.55
CA THR A 16 3.50 -5.97 11.01
C THR A 16 3.17 -6.35 9.56
N TYR A 17 4.23 -6.58 8.79
CA TYR A 17 4.07 -7.00 7.41
C TYR A 17 5.17 -7.98 7.00
N ARG A 18 5.04 -8.50 5.79
CA ARG A 18 5.99 -9.48 5.29
C ARG A 18 5.88 -9.58 3.76
N ILE A 19 7.02 -9.87 3.15
CA ILE A 19 7.06 -10.09 1.71
C ILE A 19 7.22 -11.58 1.42
N VAL A 20 6.22 -12.14 0.78
CA VAL A 20 6.18 -13.58 0.54
C VAL A 20 7.06 -13.91 -0.67
N ASN A 21 6.96 -13.05 -1.67
CA ASN A 21 7.70 -13.26 -2.91
C ASN A 21 7.89 -11.93 -3.63
N TYR A 22 8.69 -11.95 -4.67
CA TYR A 22 8.97 -10.75 -5.44
C TYR A 22 8.65 -10.96 -6.92
N THR A 23 9.05 -9.99 -7.73
CA THR A 23 8.79 -10.04 -9.16
C THR A 23 10.09 -10.21 -9.94
N PRO A 24 10.00 -11.00 -11.04
CA PRO A 24 11.15 -11.23 -11.89
C PRO A 24 11.45 -10.01 -12.76
N ASP A 25 11.86 -8.94 -12.09
CA ASP A 25 12.14 -7.69 -12.78
C ASP A 25 13.01 -6.80 -11.87
N LEU A 26 12.57 -6.68 -10.63
CA LEU A 26 13.29 -5.88 -9.66
C LEU A 26 14.09 -6.81 -8.73
N PRO A 27 15.13 -6.21 -8.07
CA PRO A 27 15.85 -6.92 -7.03
C PRO A 27 15.03 -6.96 -5.74
N LYS A 28 15.45 -7.83 -4.84
CA LYS A 28 14.67 -8.11 -3.64
C LYS A 28 14.52 -6.82 -2.83
N ASP A 29 15.65 -6.29 -2.39
CA ASP A 29 15.65 -5.13 -1.52
C ASP A 29 14.84 -4.01 -2.17
N ALA A 30 14.92 -3.95 -3.49
CA ALA A 30 14.26 -2.90 -4.23
C ALA A 30 12.74 -3.04 -4.07
N VAL A 31 12.28 -4.28 -4.21
CA VAL A 31 10.86 -4.56 -4.09
C VAL A 31 10.40 -4.26 -2.66
N ASP A 32 11.09 -4.88 -1.71
CA ASP A 32 10.77 -4.67 -0.31
C ASP A 32 10.70 -3.16 -0.03
N SER A 33 11.58 -2.43 -0.69
CA SER A 33 11.65 -0.98 -0.49
C SER A 33 10.28 -0.35 -0.76
N ALA A 34 9.64 -0.84 -1.81
CA ALA A 34 8.34 -0.29 -2.22
C ALA A 34 7.38 -0.38 -1.04
N VAL A 35 7.46 -1.48 -0.31
CA VAL A 35 6.64 -1.67 0.87
C VAL A 35 7.18 -0.80 2.01
N GLU A 36 8.46 -1.01 2.31
CA GLU A 36 9.14 -0.18 3.28
C GLU A 36 8.85 1.30 3.04
N LYS A 37 8.58 1.60 1.77
CA LYS A 37 8.34 2.98 1.37
C LYS A 37 6.85 3.31 1.58
N ALA A 38 6.01 2.46 1.02
CA ALA A 38 4.56 2.65 1.13
C ALA A 38 4.20 2.77 2.61
N LEU A 39 4.82 1.94 3.43
CA LEU A 39 4.55 1.94 4.86
C LEU A 39 4.93 3.30 5.45
N LYS A 40 6.15 3.71 5.17
CA LYS A 40 6.66 4.96 5.71
C LYS A 40 5.76 6.11 5.25
N VAL A 41 5.28 6.01 4.03
CA VAL A 41 4.46 7.05 3.44
C VAL A 41 3.26 7.32 4.34
N TRP A 42 2.70 6.23 4.86
CA TRP A 42 1.49 6.32 5.66
C TRP A 42 1.91 6.59 7.10
N GLU A 43 3.08 6.07 7.46
CA GLU A 43 3.61 6.27 8.80
C GLU A 43 3.73 7.77 9.10
N GLU A 44 3.81 8.55 8.03
CA GLU A 44 4.01 9.98 8.16
C GLU A 44 2.71 10.67 8.54
N VAL A 45 1.61 9.96 8.31
CA VAL A 45 0.29 10.55 8.45
C VAL A 45 -0.57 9.68 9.36
N THR A 46 0.12 8.83 10.13
CA THR A 46 -0.54 8.08 11.18
C THR A 46 0.42 7.83 12.35
N PRO A 47 -0.16 7.49 13.52
CA PRO A 47 0.63 7.11 14.68
C PRO A 47 1.19 5.70 14.52
N LEU A 48 0.71 5.02 13.48
CA LEU A 48 1.01 3.61 13.31
C LEU A 48 2.53 3.42 13.25
N THR A 49 2.96 2.21 13.60
CA THR A 49 4.34 1.84 13.44
C THR A 49 4.46 0.41 12.88
N PHE A 50 5.32 0.27 11.89
CA PHE A 50 5.40 -0.98 11.15
C PHE A 50 6.66 -1.77 11.52
N SER A 51 6.57 -3.07 11.33
CA SER A 51 7.69 -3.94 11.64
C SER A 51 7.66 -5.19 10.75
N ARG A 52 8.84 -5.74 10.52
CA ARG A 52 8.95 -6.92 9.68
C ARG A 52 9.09 -8.18 10.55
N LEU A 53 8.67 -9.30 9.98
CA LEU A 53 8.76 -10.57 10.67
C LEU A 53 9.48 -11.58 9.79
N TYR A 54 10.67 -11.98 10.22
CA TYR A 54 11.48 -12.91 9.47
C TYR A 54 10.73 -14.22 9.22
N GLU A 55 9.77 -14.49 10.09
CA GLU A 55 8.92 -15.65 9.93
C GLU A 55 7.56 -15.42 10.63
N GLY A 56 6.62 -16.28 10.29
CA GLY A 56 5.29 -16.19 10.88
C GLY A 56 4.33 -15.43 9.95
N GLU A 57 3.11 -15.25 10.43
CA GLU A 57 2.10 -14.56 9.65
C GLU A 57 1.94 -13.12 10.14
N ALA A 58 2.46 -12.20 9.34
CA ALA A 58 2.36 -10.79 9.66
C ALA A 58 0.95 -10.30 9.32
N ASP A 59 0.60 -9.16 9.88
CA ASP A 59 -0.72 -8.59 9.69
C ASP A 59 -0.92 -8.25 8.22
N ILE A 60 0.14 -7.74 7.61
CA ILE A 60 0.10 -7.37 6.21
C ILE A 60 1.12 -8.21 5.44
N MET A 61 0.68 -9.39 5.03
CA MET A 61 1.54 -10.32 4.32
C MET A 61 1.47 -10.08 2.81
N ILE A 62 2.34 -9.20 2.34
CA ILE A 62 2.32 -8.79 0.95
C ILE A 62 2.85 -9.93 0.08
N SER A 63 2.09 -10.24 -0.96
CA SER A 63 2.42 -11.38 -1.81
C SER A 63 1.92 -11.12 -3.23
N PHE A 64 2.85 -11.22 -4.17
CA PHE A 64 2.52 -11.04 -5.58
C PHE A 64 2.03 -12.34 -6.21
N ALA A 65 1.24 -12.19 -7.27
CA ALA A 65 0.73 -13.33 -7.99
C ALA A 65 0.17 -12.87 -9.34
N VAL A 66 0.40 -13.70 -10.35
CA VAL A 66 -0.22 -13.47 -11.65
C VAL A 66 -1.47 -14.35 -11.78
N ARG A 67 -2.25 -14.05 -12.80
CA ARG A 67 -3.44 -14.85 -13.08
C ARG A 67 -4.17 -15.19 -11.78
N GLU A 68 -5.00 -16.23 -11.86
CA GLU A 68 -5.72 -16.70 -10.69
C GLU A 68 -4.77 -16.93 -9.52
N HIS A 69 -5.20 -16.50 -8.35
CA HIS A 69 -4.37 -16.62 -7.17
C HIS A 69 -5.26 -16.74 -5.93
N GLY A 70 -6.37 -17.44 -6.10
CA GLY A 70 -7.33 -17.60 -5.03
C GLY A 70 -8.44 -16.55 -5.12
N ASP A 71 -9.31 -16.57 -4.12
CA ASP A 71 -10.38 -15.58 -4.04
C ASP A 71 -10.99 -15.38 -5.42
N PHE A 72 -11.59 -14.22 -5.61
CA PHE A 72 -12.18 -13.87 -6.89
C PHE A 72 -11.59 -12.56 -7.42
N TYR A 73 -10.32 -12.63 -7.80
CA TYR A 73 -9.67 -11.50 -8.43
C TYR A 73 -8.58 -11.97 -9.40
N PRO A 74 -9.03 -12.58 -10.52
CA PRO A 74 -8.12 -13.22 -11.44
C PRO A 74 -7.35 -12.19 -12.27
N PHE A 75 -6.10 -11.98 -11.91
CA PHE A 75 -5.22 -11.14 -12.70
C PHE A 75 -5.17 -11.61 -14.15
N ASP A 76 -4.69 -10.72 -15.02
CA ASP A 76 -4.68 -11.00 -16.44
C ASP A 76 -3.51 -10.25 -17.09
N GLY A 77 -2.37 -10.93 -17.13
CA GLY A 77 -1.23 -10.41 -17.87
C GLY A 77 -0.84 -9.02 -17.37
N PRO A 78 0.04 -8.35 -18.17
CA PRO A 78 0.52 -7.03 -17.81
C PRO A 78 -0.56 -5.97 -18.06
N GLY A 79 -0.26 -4.75 -17.64
CA GLY A 79 -1.22 -3.67 -17.72
C GLY A 79 -2.40 -3.91 -16.78
N ASN A 80 -3.50 -3.22 -17.07
CA ASN A 80 -4.68 -3.29 -16.22
C ASN A 80 -4.24 -3.19 -14.76
N VAL A 81 -5.01 -3.85 -13.90
CA VAL A 81 -4.63 -3.99 -12.51
C VAL A 81 -3.11 -4.09 -12.39
N LEU A 82 -2.52 -3.11 -11.72
CA LEU A 82 -1.10 -3.16 -11.44
C LEU A 82 -0.88 -3.78 -10.06
N ALA A 83 -1.77 -3.44 -9.14
CA ALA A 83 -1.76 -4.04 -7.82
C ALA A 83 -3.05 -3.69 -7.08
N HIS A 84 -3.55 -4.67 -6.34
CA HIS A 84 -4.76 -4.46 -5.56
C HIS A 84 -4.53 -4.96 -4.13
N ALA A 85 -5.49 -4.62 -3.27
CA ALA A 85 -5.35 -4.91 -1.85
C ALA A 85 -6.73 -4.96 -1.20
N TYR A 86 -6.83 -5.76 -0.14
CA TYR A 86 -8.11 -6.02 0.48
C TYR A 86 -8.18 -5.41 1.89
N ALA A 87 -9.38 -4.98 2.25
CA ALA A 87 -9.61 -4.51 3.60
C ALA A 87 -9.27 -5.61 4.60
N PRO A 88 -9.40 -5.27 5.91
CA PRO A 88 -9.09 -6.22 6.97
C PRO A 88 -10.19 -7.27 7.11
N GLY A 89 -9.82 -8.40 7.67
CA GLY A 89 -10.76 -9.50 7.83
C GLY A 89 -10.03 -10.80 8.21
N PRO A 90 -10.34 -11.88 7.46
CA PRO A 90 -9.66 -13.15 7.65
C PRO A 90 -8.25 -13.10 7.06
N GLY A 91 -7.61 -14.27 7.06
CA GLY A 91 -6.20 -14.35 6.70
C GLY A 91 -5.99 -13.99 5.23
N ILE A 92 -7.08 -13.98 4.49
CA ILE A 92 -7.03 -13.67 3.07
C ILE A 92 -7.15 -12.14 2.90
N ASN A 93 -7.72 -11.51 3.89
CA ASN A 93 -7.85 -10.05 3.89
C ASN A 93 -6.59 -9.45 4.51
N GLY A 94 -6.42 -8.15 4.28
CA GLY A 94 -5.29 -7.43 4.83
C GLY A 94 -4.03 -7.65 3.97
N ASP A 95 -4.14 -8.59 3.05
CA ASP A 95 -3.03 -8.92 2.18
C ASP A 95 -2.92 -7.86 1.07
N ALA A 96 -1.86 -7.98 0.29
CA ALA A 96 -1.64 -7.07 -0.82
C ALA A 96 -1.08 -7.84 -2.01
N HIS A 97 -1.80 -7.77 -3.12
CA HIS A 97 -1.43 -8.53 -4.31
C HIS A 97 -1.00 -7.56 -5.41
N PHE A 98 0.21 -7.79 -5.91
CA PHE A 98 0.69 -7.07 -7.08
C PHE A 98 0.60 -7.95 -8.33
N ASP A 99 0.87 -7.33 -9.47
CA ASP A 99 0.94 -8.07 -10.72
C ASP A 99 2.40 -8.42 -11.02
N ASP A 100 2.70 -9.71 -10.88
CA ASP A 100 4.06 -10.18 -11.11
C ASP A 100 4.32 -10.24 -12.61
N ASP A 101 3.24 -10.39 -13.37
CA ASP A 101 3.34 -10.44 -14.81
C ASP A 101 3.31 -9.01 -15.37
N GLU A 102 4.19 -8.19 -14.83
CA GLU A 102 4.27 -6.80 -15.25
C GLU A 102 5.60 -6.19 -14.82
N GLN A 103 6.09 -5.26 -15.64
CA GLN A 103 7.35 -4.61 -15.36
C GLN A 103 7.21 -3.65 -14.18
N TRP A 104 8.33 -3.43 -13.51
CA TRP A 104 8.33 -2.57 -12.33
C TRP A 104 9.65 -1.79 -12.31
N THR A 105 9.61 -0.66 -11.63
CA THR A 105 10.80 0.17 -11.47
C THR A 105 10.87 0.75 -10.06
N LYS A 106 11.95 1.48 -9.81
CA LYS A 106 12.15 2.10 -8.52
C LYS A 106 12.14 3.62 -8.67
N ASP A 107 11.54 4.07 -9.77
CA ASP A 107 11.51 5.49 -10.09
C ASP A 107 10.53 5.73 -11.24
N THR A 108 10.42 7.00 -11.62
CA THR A 108 9.51 7.38 -12.68
C THR A 108 10.09 7.03 -14.05
N THR A 109 10.22 5.73 -14.29
CA THR A 109 10.68 5.26 -15.58
C THR A 109 9.71 4.23 -16.15
N GLY A 110 9.31 3.30 -15.31
CA GLY A 110 8.32 2.31 -15.69
C GLY A 110 7.04 2.44 -14.84
N THR A 111 6.60 1.32 -14.31
CA THR A 111 5.53 1.33 -13.32
C THR A 111 6.12 1.44 -11.91
N ASN A 112 6.17 2.66 -11.42
CA ASN A 112 6.74 2.92 -10.11
C ASN A 112 6.08 2.00 -9.07
N LEU A 113 6.84 1.01 -8.62
CA LEU A 113 6.31 0.01 -7.72
C LEU A 113 5.87 0.68 -6.42
N PHE A 114 6.83 1.33 -5.77
CA PHE A 114 6.57 1.96 -4.49
C PHE A 114 5.29 2.79 -4.54
N LEU A 115 5.18 3.61 -5.58
CA LEU A 115 4.05 4.50 -5.72
C LEU A 115 2.76 3.66 -5.79
N VAL A 116 2.87 2.52 -6.43
CA VAL A 116 1.74 1.62 -6.58
C VAL A 116 1.53 0.87 -5.26
N ALA A 117 2.63 0.68 -4.55
CA ALA A 117 2.58 -0.06 -3.30
C ALA A 117 1.86 0.77 -2.23
N ALA A 118 2.12 2.06 -2.26
CA ALA A 118 1.47 2.98 -1.34
C ALA A 118 -0.04 3.01 -1.64
N HIS A 119 -0.44 2.66 -2.86
CA HIS A 119 -1.90 2.56 -3.26
C HIS A 119 -2.55 1.28 -2.67
N GLU A 120 -2.00 0.13 -3.02
CA GLU A 120 -2.52 -1.13 -2.53
C GLU A 120 -2.60 -1.10 -1.00
N ILE A 121 -1.49 -0.76 -0.38
CA ILE A 121 -1.39 -0.75 1.07
C ILE A 121 -2.55 0.06 1.64
N GLY A 122 -2.87 1.15 0.96
CA GLY A 122 -3.95 2.03 1.40
C GLY A 122 -5.25 1.25 1.55
N HIS A 123 -5.45 0.32 0.63
CA HIS A 123 -6.63 -0.54 0.68
C HIS A 123 -6.55 -1.44 1.92
N SER A 124 -5.34 -1.88 2.21
CA SER A 124 -5.12 -2.75 3.36
C SER A 124 -5.32 -1.98 4.66
N LEU A 125 -4.93 -0.71 4.62
CA LEU A 125 -5.01 0.13 5.80
C LEU A 125 -6.46 0.48 6.10
N GLY A 126 -7.11 1.04 5.09
CA GLY A 126 -8.55 1.27 5.17
C GLY A 126 -8.93 2.60 4.53
N LEU A 127 -8.54 2.76 3.28
CA LEU A 127 -9.06 3.84 2.46
C LEU A 127 -9.05 3.40 0.98
N PHE A 128 -10.01 3.94 0.24
CA PHE A 128 -10.17 3.57 -1.15
C PHE A 128 -10.10 4.79 -2.06
N HIS A 129 -10.31 4.54 -3.35
CA HIS A 129 -10.10 5.57 -4.36
C HIS A 129 -10.61 6.91 -3.83
N SER A 130 -9.83 7.95 -4.10
CA SER A 130 -10.14 9.27 -3.59
C SER A 130 -10.61 10.17 -4.74
N ALA A 131 -10.97 11.40 -4.37
CA ALA A 131 -11.50 12.34 -5.34
C ALA A 131 -10.32 13.09 -5.99
N ASN A 132 -9.43 13.57 -5.14
CA ASN A 132 -8.30 14.35 -5.62
C ASN A 132 -7.54 13.55 -6.67
N THR A 133 -6.96 14.28 -7.62
CA THR A 133 -6.24 13.64 -8.71
C THR A 133 -4.75 13.54 -8.39
N GLU A 134 -4.28 14.49 -7.60
CA GLU A 134 -2.90 14.48 -7.16
C GLU A 134 -2.65 13.36 -6.17
N ALA A 135 -3.75 12.85 -5.61
CA ALA A 135 -3.67 11.77 -4.64
C ALA A 135 -3.28 10.48 -5.37
N LEU A 136 -2.37 9.73 -4.75
CA LEU A 136 -1.90 8.49 -5.33
C LEU A 136 -3.00 7.43 -5.24
N MET A 137 -4.00 7.73 -4.43
CA MET A 137 -5.13 6.83 -4.26
C MET A 137 -6.16 7.04 -5.38
N TYR A 138 -5.92 8.06 -6.17
CA TYR A 138 -6.77 8.33 -7.32
C TYR A 138 -6.71 7.20 -8.34
N PRO A 139 -7.89 6.84 -8.87
CA PRO A 139 -7.98 5.75 -9.84
C PRO A 139 -7.47 6.22 -11.21
N LEU A 140 -6.24 6.71 -11.22
CA LEU A 140 -5.60 7.10 -12.46
C LEU A 140 -4.10 7.32 -12.21
N TYR A 141 -3.30 6.67 -13.04
CA TYR A 141 -1.86 6.73 -12.89
C TYR A 141 -1.31 8.08 -13.37
N HIS A 142 -0.29 8.55 -12.68
CA HIS A 142 0.36 9.80 -13.05
C HIS A 142 1.65 9.97 -12.24
N SER A 143 2.75 10.10 -12.98
CA SER A 143 4.05 10.23 -12.35
C SER A 143 4.41 11.70 -12.17
N LEU A 144 4.91 12.02 -10.99
CA LEU A 144 5.32 13.38 -10.69
C LEU A 144 6.69 13.64 -11.30
N THR A 145 6.90 14.90 -11.68
CA THR A 145 8.16 15.29 -12.28
C THR A 145 9.33 14.78 -11.44
N ASP A 146 9.14 14.79 -10.14
CA ASP A 146 10.14 14.25 -9.22
C ASP A 146 9.44 13.43 -8.14
N LEU A 147 9.59 12.11 -8.26
CA LEU A 147 8.90 11.20 -7.36
C LEU A 147 9.43 11.38 -5.95
N THR A 148 10.66 11.88 -5.87
CA THR A 148 11.31 12.09 -4.59
C THR A 148 10.56 13.14 -3.77
N ARG A 149 9.69 13.86 -4.47
CA ARG A 149 8.92 14.92 -3.83
C ARG A 149 7.48 14.45 -3.57
N PHE A 150 7.19 13.26 -4.07
CA PHE A 150 5.84 12.71 -3.95
C PHE A 150 5.31 12.89 -2.53
N ARG A 151 3.99 13.07 -2.44
CA ARG A 151 3.34 13.17 -1.16
C ARG A 151 1.85 12.85 -1.30
N LEU A 152 1.30 12.24 -0.26
CA LEU A 152 -0.13 11.97 -0.22
C LEU A 152 -0.90 13.29 -0.09
N SER A 153 -2.00 13.36 -0.83
CA SER A 153 -2.87 14.53 -0.76
C SER A 153 -3.72 14.47 0.50
N GLN A 154 -4.21 15.64 0.91
CA GLN A 154 -5.03 15.73 2.10
C GLN A 154 -6.20 14.76 2.02
N ASP A 155 -6.65 14.52 0.79
CA ASP A 155 -7.75 13.60 0.56
C ASP A 155 -7.43 12.26 1.24
N ASP A 156 -6.18 11.84 1.09
CA ASP A 156 -5.77 10.53 1.59
C ASP A 156 -5.64 10.60 3.11
N ILE A 157 -4.94 11.63 3.57
CA ILE A 157 -4.64 11.77 4.98
C ILE A 157 -5.94 11.85 5.77
N ASN A 158 -6.93 12.51 5.16
CA ASN A 158 -8.22 12.70 5.81
C ASN A 158 -8.72 11.36 6.33
N GLY A 159 -8.59 10.35 5.49
CA GLY A 159 -9.13 9.03 5.82
C GLY A 159 -8.21 8.27 6.76
N ILE A 160 -6.94 8.22 6.38
CA ILE A 160 -5.97 7.44 7.13
C ILE A 160 -5.91 7.95 8.57
N GLN A 161 -6.31 9.20 8.73
CA GLN A 161 -6.30 9.83 10.05
C GLN A 161 -7.66 9.64 10.73
N SER A 162 -8.70 9.65 9.92
CA SER A 162 -10.05 9.49 10.43
C SER A 162 -10.16 8.17 11.20
N LEU A 163 -9.36 7.20 10.76
CA LEU A 163 -9.38 5.89 11.38
C LEU A 163 -8.39 5.87 12.55
N TYR A 164 -7.43 6.80 12.49
CA TYR A 164 -6.41 6.87 13.52
C TYR A 164 -6.05 8.32 13.82
N GLY A 165 -5.03 8.81 13.13
CA GLY A 165 -4.61 10.19 13.28
C GLY A 165 -3.45 10.31 14.29
N PRO A 166 -2.31 10.84 13.78
CA PRO A 166 -1.14 11.02 14.62
C PRO A 166 -1.31 12.20 15.57
N PRO A 167 -0.40 12.28 16.57
CA PRO A 167 -0.44 13.37 17.54
C PRO A 167 0.08 14.66 16.93
N PRO A 168 -0.21 15.80 17.64
CA PRO A 168 0.22 17.10 17.18
C PRO A 168 1.73 17.29 17.42
N ASP A 169 2.22 18.44 17.00
CA ASP A 169 3.63 18.75 17.17
C ASP A 169 3.95 18.87 18.66
N SER A 170 5.15 18.44 19.01
CA SER A 170 5.57 18.46 20.40
C SER A 170 6.87 17.66 20.57
N PRO A 171 6.81 16.38 20.11
CA PRO A 171 7.97 15.51 20.19
C PRO A 171 9.01 15.87 19.13
N GLU A 172 9.70 16.98 19.39
CA GLU A 172 10.73 17.44 18.48
C GLU A 172 11.75 18.31 19.23
N THR A 173 13.01 18.11 18.88
CA THR A 173 14.08 18.86 19.52
C THR A 173 13.82 19.02 21.02
ZN ZN B . -7.43 1.11 -5.82
ZN ZN C . -5.85 -10.78 -5.24
C1 8MI D . -5.63 -2.05 -9.52
C2 8MI D . -5.69 -0.91 -8.48
C3 8MI D . -7.03 -0.13 -8.65
O4 8MI D . -7.63 0.19 -7.64
O5 8MI D . -7.41 0.11 -9.79
N6 8MI D . -4.49 -0.05 -8.65
C7 8MI D . -4.66 0.89 -9.79
C8 8MI D . -3.51 1.93 -9.79
C9 8MI D . -4.03 3.33 -9.38
C10 8MI D . -2.87 4.23 -8.94
C11 8MI D . -1.96 3.79 -7.97
C12 8MI D . -0.90 4.61 -7.57
C13 8MI D . -0.75 5.89 -8.13
C14 8MI D . -1.67 6.34 -9.10
C15 8MI D . -2.72 5.51 -9.50
C16 8MI D . -4.65 0.15 -11.16
O17 8MI D . -3.76 -0.64 -11.45
N18 8MI D . -5.64 0.42 -12.01
C19 8MI D . -5.76 -0.21 -13.38
C20 8MI D . -7.26 -0.36 -13.73
C21 8MI D . -7.85 -1.62 -13.05
C22 8MI D . -9.36 -1.72 -13.33
N23 8MI D . -9.88 -3.06 -12.88
C24 8MI D . -9.80 -4.18 -13.60
N25 8MI D . -10.39 -5.28 -13.13
N26 8MI D . -9.16 -4.23 -14.75
C27 8MI D . -5.03 0.68 -14.44
O28 8MI D . -5.54 1.72 -14.85
N29 8MI D . -3.85 0.26 -14.89
C30 8MI D . -3.16 0.99 -15.82
C31 8MI D . -2.95 0.48 -17.11
C32 8MI D . -2.24 1.23 -18.07
C33 8MI D . -1.73 2.48 -17.73
C34 8MI D . -1.92 3.00 -16.45
C35 8MI D . -2.64 2.26 -15.49
H36 8MI D . -4.60 -2.33 -9.69
H37 8MI D . -6.08 -1.72 -10.45
H38 8MI D . -6.18 -2.91 -9.14
H39 8MI D . -5.67 -1.36 -7.50
H40 8MI D . -3.66 -0.65 -8.80
H41 8MI D . -5.60 1.41 -9.70
H42 8MI D . -3.07 2.00 -10.78
H43 8MI D . -2.75 1.62 -9.09
H44 8MI D . -4.72 3.22 -8.55
H45 8MI D . -4.55 3.80 -10.20
H46 8MI D . -2.07 2.80 -7.54
H47 8MI D . -0.20 4.27 -6.84
H48 8MI D . 0.05 6.53 -7.82
H49 8MI D . -1.55 7.32 -9.52
H50 8MI D . -3.43 5.86 -10.24
H51 8MI D . -6.36 1.04 -11.79
H52 8MI D . -5.29 -1.18 -13.38
H53 8MI D . -7.37 -0.46 -14.80
H54 8MI D . -7.80 0.52 -13.40
H55 8MI D . -7.69 -1.54 -11.98
H56 8MI D . -7.35 -2.50 -13.43
H57 8MI D . -9.53 -1.61 -14.39
H58 8MI D . -9.88 -0.93 -12.79
H59 8MI D . -10.28 -3.05 -11.99
H61 8MI D . -10.34 -6.13 -13.66
H62 8MI D . -8.71 -3.41 -15.11
H63 8MI D . -9.12 -5.08 -15.28
H64 8MI D . -3.45 -0.59 -14.59
H65 8MI D . -3.35 -0.49 -17.37
H66 8MI D . -2.10 0.83 -19.05
H67 8MI D . -1.19 3.05 -18.46
H68 8MI D . -1.53 3.97 -16.19
H69 8MI D . -2.79 2.66 -14.50
H60 8MI D . -10.87 -5.26 -12.26
H70 8MI D . -4.35 0.49 -7.77
N PHE A 1 -11.57 9.50 0.52
CA PHE A 1 -11.68 8.98 1.87
C PHE A 1 -13.00 8.24 2.08
N ARG A 2 -12.90 6.94 2.30
CA ARG A 2 -14.07 6.13 2.56
C ARG A 2 -13.75 5.05 3.60
N THR A 3 -14.80 4.53 4.22
CA THR A 3 -14.65 3.46 5.18
C THR A 3 -15.54 2.27 4.80
N PHE A 4 -14.95 1.09 4.86
CA PHE A 4 -15.70 -0.13 4.61
C PHE A 4 -16.77 -0.33 5.68
N PRO A 5 -17.64 -1.36 5.44
CA PRO A 5 -18.70 -1.68 6.38
C PRO A 5 -18.14 -2.40 7.61
N GLY A 6 -17.83 -1.62 8.62
CA GLY A 6 -17.14 -2.14 9.79
C GLY A 6 -16.01 -1.22 10.22
N ILE A 7 -15.68 -0.27 9.35
CA ILE A 7 -14.65 0.70 9.64
C ILE A 7 -13.29 -0.01 9.76
N PRO A 8 -12.49 0.12 8.67
CA PRO A 8 -11.19 -0.53 8.62
C PRO A 8 -10.18 0.21 9.50
N LYS A 9 -9.54 -0.56 10.36
CA LYS A 9 -8.53 0.01 11.26
C LYS A 9 -8.10 -1.06 12.27
N TRP A 10 -6.80 -1.32 12.29
CA TRP A 10 -6.24 -2.29 13.21
C TRP A 10 -6.36 -1.71 14.63
N ARG A 11 -6.49 -2.62 15.59
CA ARG A 11 -6.65 -2.21 16.98
C ARG A 11 -5.28 -1.94 17.61
N LYS A 12 -4.24 -2.19 16.83
CA LYS A 12 -2.88 -1.97 17.30
C LYS A 12 -2.17 -1.01 16.35
N THR A 13 -1.18 -0.31 16.89
CA THR A 13 -0.39 0.60 16.10
C THR A 13 0.88 -0.08 15.59
N HIS A 14 1.38 -1.01 16.40
CA HIS A 14 2.56 -1.75 16.03
C HIS A 14 2.21 -2.79 14.96
N LEU A 15 2.12 -2.31 13.73
CA LEU A 15 1.72 -3.17 12.62
C LEU A 15 2.92 -4.00 12.16
N THR A 16 2.61 -5.07 11.44
CA THR A 16 3.64 -5.91 10.88
C THR A 16 3.29 -6.30 9.44
N TYR A 17 4.33 -6.53 8.65
CA TYR A 17 4.15 -6.95 7.27
C TYR A 17 5.24 -7.94 6.85
N ARG A 18 5.09 -8.46 5.64
CA ARG A 18 6.04 -9.43 5.12
C ARG A 18 5.90 -9.54 3.59
N ILE A 19 7.04 -9.77 2.95
CA ILE A 19 7.04 -10.01 1.52
C ILE A 19 7.23 -11.51 1.25
N VAL A 20 6.20 -12.11 0.68
CA VAL A 20 6.20 -13.55 0.48
C VAL A 20 7.06 -13.91 -0.73
N ASN A 21 6.95 -13.07 -1.76
CA ASN A 21 7.71 -13.28 -2.98
C ASN A 21 7.81 -11.97 -3.74
N TYR A 22 8.60 -12.00 -4.81
CA TYR A 22 8.87 -10.79 -5.58
C TYR A 22 8.69 -11.06 -7.08
N THR A 23 8.98 -10.03 -7.87
CA THR A 23 8.78 -10.11 -9.30
C THR A 23 10.12 -10.26 -10.02
N PRO A 24 10.09 -11.04 -11.14
CA PRO A 24 11.29 -11.27 -11.92
C PRO A 24 11.66 -10.03 -12.74
N ASP A 25 11.95 -8.95 -12.03
CA ASP A 25 12.30 -7.70 -12.69
C ASP A 25 13.12 -6.84 -11.73
N LEU A 26 12.62 -6.73 -10.51
CA LEU A 26 13.29 -5.93 -9.50
C LEU A 26 14.08 -6.86 -8.57
N PRO A 27 15.10 -6.27 -7.90
CA PRO A 27 15.79 -6.96 -6.82
C PRO A 27 14.93 -6.99 -5.55
N LYS A 28 15.33 -7.85 -4.63
CA LYS A 28 14.53 -8.10 -3.45
C LYS A 28 14.38 -6.79 -2.66
N ASP A 29 15.51 -6.27 -2.20
CA ASP A 29 15.50 -5.10 -1.34
C ASP A 29 14.71 -3.98 -2.02
N ALA A 30 14.81 -3.95 -3.35
CA ALA A 30 14.17 -2.91 -4.12
C ALA A 30 12.66 -3.01 -3.96
N VAL A 31 12.16 -4.23 -4.09
CA VAL A 31 10.73 -4.49 -3.98
C VAL A 31 10.27 -4.16 -2.56
N ASP A 32 10.94 -4.77 -1.60
CA ASP A 32 10.63 -4.53 -0.20
C ASP A 32 10.58 -3.02 0.05
N SER A 33 11.49 -2.31 -0.60
CA SER A 33 11.59 -0.88 -0.42
C SER A 33 10.23 -0.22 -0.68
N ALA A 34 9.58 -0.67 -1.75
CA ALA A 34 8.31 -0.10 -2.16
C ALA A 34 7.34 -0.15 -0.98
N VAL A 35 7.42 -1.23 -0.22
CA VAL A 35 6.57 -1.41 0.94
C VAL A 35 7.15 -0.59 2.10
N GLU A 36 8.44 -0.80 2.35
CA GLU A 36 9.15 -0.01 3.34
C GLU A 36 8.91 1.48 3.11
N LYS A 37 8.60 1.80 1.86
CA LYS A 37 8.41 3.20 1.48
C LYS A 37 6.95 3.58 1.63
N ALA A 38 6.10 2.78 1.02
CA ALA A 38 4.66 3.00 1.10
C ALA A 38 4.24 3.10 2.57
N LEU A 39 4.71 2.13 3.35
CA LEU A 39 4.42 2.11 4.77
C LEU A 39 4.86 3.44 5.40
N LYS A 40 6.12 3.78 5.14
CA LYS A 40 6.70 4.95 5.76
C LYS A 40 5.95 6.20 5.30
N VAL A 41 5.38 6.10 4.10
CA VAL A 41 4.62 7.21 3.55
C VAL A 41 3.40 7.50 4.42
N TRP A 42 2.85 6.42 4.97
CA TRP A 42 1.62 6.53 5.76
C TRP A 42 2.02 6.85 7.20
N GLU A 43 3.21 6.39 7.58
CA GLU A 43 3.73 6.65 8.90
C GLU A 43 3.67 8.15 9.20
N GLU A 44 3.70 8.94 8.14
CA GLU A 44 3.83 10.38 8.28
C GLU A 44 2.48 11.00 8.64
N VAL A 45 1.42 10.25 8.36
CA VAL A 45 0.08 10.79 8.46
C VAL A 45 -0.76 9.87 9.36
N THR A 46 -0.06 8.98 10.07
CA THR A 46 -0.68 8.23 11.13
C THR A 46 0.35 7.89 12.22
N PRO A 47 -0.17 7.56 13.43
CA PRO A 47 0.68 7.20 14.54
C PRO A 47 1.24 5.79 14.36
N LEU A 48 0.75 5.12 13.32
CA LEU A 48 1.05 3.71 13.13
C LEU A 48 2.56 3.52 13.05
N THR A 49 2.99 2.32 13.42
CA THR A 49 4.39 1.97 13.26
C THR A 49 4.53 0.53 12.73
N PHE A 50 5.41 0.37 11.76
CA PHE A 50 5.51 -0.89 11.05
C PHE A 50 6.83 -1.59 11.39
N SER A 51 6.72 -2.86 11.75
CA SER A 51 7.89 -3.67 12.06
C SER A 51 8.09 -4.75 10.99
N ARG A 52 9.28 -5.29 10.97
CA ARG A 52 9.62 -6.33 10.00
C ARG A 52 9.65 -7.69 10.68
N LEU A 53 9.18 -8.70 9.94
CA LEU A 53 9.17 -10.06 10.45
C LEU A 53 9.90 -10.97 9.46
N TYR A 54 11.04 -11.48 9.90
CA TYR A 54 11.84 -12.34 9.06
C TYR A 54 11.17 -13.71 8.87
N GLU A 55 10.17 -13.95 9.72
CA GLU A 55 9.37 -15.15 9.58
C GLU A 55 8.05 -14.99 10.35
N GLY A 56 7.13 -15.90 10.07
CA GLY A 56 5.85 -15.90 10.75
C GLY A 56 4.77 -15.23 9.90
N GLU A 57 3.57 -15.15 10.47
CA GLU A 57 2.45 -14.56 9.76
C GLU A 57 2.27 -13.10 10.21
N ALA A 58 2.76 -12.20 9.38
CA ALA A 58 2.60 -10.78 9.64
C ALA A 58 1.17 -10.35 9.32
N ASP A 59 0.78 -9.21 9.86
CA ASP A 59 -0.57 -8.71 9.67
C ASP A 59 -0.79 -8.39 8.19
N ILE A 60 0.25 -7.84 7.58
CA ILE A 60 0.18 -7.47 6.17
C ILE A 60 1.17 -8.32 5.37
N MET A 61 0.69 -9.46 4.92
CA MET A 61 1.53 -10.37 4.16
C MET A 61 1.43 -10.07 2.65
N ILE A 62 2.29 -9.18 2.21
CA ILE A 62 2.29 -8.77 0.81
C ILE A 62 2.90 -9.88 -0.05
N SER A 63 2.27 -10.12 -1.17
CA SER A 63 2.68 -11.21 -2.05
C SER A 63 2.37 -10.86 -3.50
N PHE A 64 2.89 -11.68 -4.40
CA PHE A 64 2.65 -11.51 -5.82
C PHE A 64 2.06 -12.79 -6.43
N ALA A 65 1.29 -12.60 -7.49
CA ALA A 65 0.72 -13.73 -8.21
C ALA A 65 0.20 -13.25 -9.57
N VAL A 66 0.38 -14.10 -10.57
CA VAL A 66 -0.18 -13.83 -11.88
C VAL A 66 -1.48 -14.64 -12.06
N ARG A 67 -2.25 -14.25 -13.06
CA ARG A 67 -3.47 -14.97 -13.38
C ARG A 67 -4.21 -15.35 -12.10
N GLU A 68 -5.07 -16.36 -12.23
CA GLU A 68 -5.78 -16.88 -11.08
C GLU A 68 -4.82 -17.11 -9.91
N HIS A 69 -5.21 -16.59 -8.76
CA HIS A 69 -4.47 -16.87 -7.54
C HIS A 69 -5.46 -17.09 -6.38
N GLY A 70 -6.58 -17.71 -6.73
CA GLY A 70 -7.65 -17.89 -5.77
C GLY A 70 -8.71 -16.78 -5.91
N ASP A 71 -9.66 -16.79 -4.99
CA ASP A 71 -10.67 -15.74 -4.95
C ASP A 71 -11.16 -15.46 -6.36
N PHE A 72 -11.70 -14.27 -6.55
CA PHE A 72 -12.20 -13.86 -7.85
C PHE A 72 -11.53 -12.55 -8.30
N TYR A 73 -10.26 -12.66 -8.63
CA TYR A 73 -9.52 -11.52 -9.16
C TYR A 73 -8.35 -11.98 -10.04
N PRO A 74 -8.70 -12.49 -11.24
CA PRO A 74 -7.71 -13.13 -12.10
C PRO A 74 -6.81 -12.08 -12.77
N PHE A 75 -5.54 -12.11 -12.38
CA PHE A 75 -4.56 -11.20 -12.96
C PHE A 75 -4.26 -11.59 -14.42
N ASP A 76 -3.20 -10.99 -14.94
CA ASP A 76 -2.75 -11.32 -16.28
C ASP A 76 -3.56 -10.52 -17.30
N GLY A 77 -2.87 -9.64 -18.00
CA GLY A 77 -3.51 -8.84 -19.04
C GLY A 77 -2.60 -7.69 -19.48
N PRO A 78 -3.09 -6.94 -20.51
CA PRO A 78 -2.35 -5.78 -21.00
C PRO A 78 -2.46 -4.61 -20.03
N GLY A 79 -1.59 -4.63 -19.03
CA GLY A 79 -1.61 -3.60 -18.01
C GLY A 79 -2.65 -3.91 -16.94
N ASN A 80 -3.75 -3.16 -16.98
CA ASN A 80 -4.84 -3.38 -16.05
C ASN A 80 -4.29 -3.41 -14.62
N VAL A 81 -5.01 -4.12 -13.76
CA VAL A 81 -4.60 -4.26 -12.38
C VAL A 81 -3.07 -4.40 -12.32
N LEU A 82 -2.46 -3.48 -11.58
CA LEU A 82 -1.04 -3.60 -11.28
C LEU A 82 -0.87 -4.22 -9.88
N ALA A 83 -1.73 -3.80 -8.98
CA ALA A 83 -1.77 -4.40 -7.65
C ALA A 83 -3.08 -4.01 -6.96
N HIS A 84 -3.62 -4.97 -6.21
CA HIS A 84 -4.85 -4.73 -5.47
C HIS A 84 -4.68 -5.22 -4.04
N ALA A 85 -5.62 -4.82 -3.19
CA ALA A 85 -5.51 -5.07 -1.77
C ALA A 85 -6.90 -5.06 -1.13
N TYR A 86 -7.02 -5.78 -0.02
CA TYR A 86 -8.31 -5.91 0.64
C TYR A 86 -8.29 -5.23 2.00
N ALA A 87 -9.48 -4.81 2.42
CA ALA A 87 -9.66 -4.32 3.78
C ALA A 87 -9.23 -5.40 4.77
N PRO A 88 -9.32 -5.05 6.08
CA PRO A 88 -8.96 -5.99 7.13
C PRO A 88 -10.05 -7.05 7.31
N GLY A 89 -9.62 -8.22 7.77
CA GLY A 89 -10.53 -9.34 7.94
C GLY A 89 -9.76 -10.65 8.09
N PRO A 90 -10.24 -11.69 7.34
CA PRO A 90 -9.61 -12.99 7.36
C PRO A 90 -8.30 -12.97 6.58
N GLY A 91 -7.76 -14.17 6.36
CA GLY A 91 -6.41 -14.31 5.84
C GLY A 91 -6.30 -13.71 4.43
N ILE A 92 -7.46 -13.54 3.80
CA ILE A 92 -7.51 -12.95 2.48
C ILE A 92 -7.48 -11.43 2.62
N ASN A 93 -8.04 -10.95 3.72
CA ASN A 93 -8.12 -9.52 3.95
C ASN A 93 -6.85 -9.05 4.65
N GLY A 94 -6.44 -7.83 4.31
CA GLY A 94 -5.22 -7.27 4.86
C GLY A 94 -4.03 -7.56 3.96
N ASP A 95 -4.17 -8.62 3.17
CA ASP A 95 -3.10 -9.01 2.25
C ASP A 95 -3.10 -8.06 1.04
N ALA A 96 -1.96 -8.04 0.37
CA ALA A 96 -1.82 -7.20 -0.81
C ALA A 96 -1.26 -8.04 -1.96
N HIS A 97 -2.02 -8.09 -3.05
CA HIS A 97 -1.62 -8.88 -4.21
C HIS A 97 -1.13 -7.96 -5.33
N PHE A 98 0.09 -8.20 -5.76
CA PHE A 98 0.63 -7.49 -6.90
C PHE A 98 0.61 -8.35 -8.15
N ASP A 99 0.91 -7.72 -9.28
CA ASP A 99 1.06 -8.45 -10.53
C ASP A 99 2.54 -8.80 -10.73
N ASP A 100 2.76 -10.06 -11.08
CA ASP A 100 4.11 -10.53 -11.34
C ASP A 100 4.34 -10.59 -12.86
N ASP A 101 3.24 -10.66 -13.58
CA ASP A 101 3.30 -10.69 -15.04
C ASP A 101 3.29 -9.25 -15.58
N GLU A 102 4.20 -8.45 -15.03
CA GLU A 102 4.30 -7.06 -15.45
C GLU A 102 5.65 -6.48 -15.01
N GLN A 103 6.11 -5.49 -15.77
CA GLN A 103 7.35 -4.81 -15.45
C GLN A 103 7.17 -3.92 -14.22
N TRP A 104 8.27 -3.67 -13.54
CA TRP A 104 8.24 -2.85 -12.34
C TRP A 104 9.54 -2.04 -12.29
N THR A 105 9.48 -0.93 -11.57
CA THR A 105 10.66 -0.10 -11.37
C THR A 105 10.70 0.43 -9.95
N LYS A 106 11.80 1.11 -9.63
CA LYS A 106 11.97 1.70 -8.31
C LYS A 106 12.02 3.22 -8.44
N ASP A 107 11.42 3.72 -9.51
CA ASP A 107 11.42 5.14 -9.77
C ASP A 107 10.44 5.44 -10.91
N THR A 108 10.40 6.71 -11.29
CA THR A 108 9.49 7.15 -12.35
C THR A 108 10.09 6.86 -13.72
N THR A 109 9.79 5.67 -14.23
CA THR A 109 10.25 5.30 -15.56
C THR A 109 9.39 4.16 -16.11
N GLY A 110 9.12 3.19 -15.26
CA GLY A 110 8.22 2.11 -15.62
C GLY A 110 6.93 2.17 -14.80
N THR A 111 6.56 1.02 -14.26
CA THR A 111 5.48 0.95 -13.29
C THR A 111 6.01 1.16 -11.88
N ASN A 112 6.18 2.43 -11.52
CA ASN A 112 6.70 2.76 -10.21
C ASN A 112 6.02 1.90 -9.14
N LEU A 113 6.78 0.95 -8.61
CA LEU A 113 6.22 -0.04 -7.72
C LEU A 113 5.67 0.66 -6.47
N PHE A 114 6.54 1.44 -5.84
CA PHE A 114 6.18 2.10 -4.60
C PHE A 114 4.85 2.84 -4.73
N LEU A 115 4.73 3.59 -5.83
CA LEU A 115 3.53 4.34 -6.10
C LEU A 115 2.32 3.40 -6.03
N VAL A 116 2.51 2.19 -6.53
CA VAL A 116 1.44 1.21 -6.55
C VAL A 116 1.31 0.58 -5.17
N ALA A 117 2.44 0.50 -4.47
CA ALA A 117 2.47 -0.15 -3.17
C ALA A 117 1.69 0.72 -2.17
N ALA A 118 1.95 2.01 -2.21
CA ALA A 118 1.30 2.94 -1.32
C ALA A 118 -0.20 2.93 -1.58
N HIS A 119 -0.63 2.54 -2.77
CA HIS A 119 -2.09 2.39 -3.15
C HIS A 119 -2.68 1.08 -2.52
N GLU A 120 -2.10 -0.04 -2.88
CA GLU A 120 -2.56 -1.33 -2.37
C GLU A 120 -2.59 -1.30 -0.84
N ILE A 121 -1.48 -0.87 -0.27
CA ILE A 121 -1.35 -0.83 1.18
C ILE A 121 -2.51 0.00 1.75
N GLY A 122 -2.83 1.08 1.06
CA GLY A 122 -3.91 1.95 1.48
C GLY A 122 -5.20 1.14 1.73
N HIS A 123 -5.47 0.23 0.81
CA HIS A 123 -6.64 -0.62 0.93
C HIS A 123 -6.51 -1.48 2.18
N SER A 124 -5.29 -1.92 2.45
CA SER A 124 -5.02 -2.76 3.60
C SER A 124 -5.22 -1.97 4.89
N LEU A 125 -4.71 -0.75 4.88
CA LEU A 125 -4.78 0.10 6.07
C LEU A 125 -6.24 0.47 6.34
N GLY A 126 -6.81 1.19 5.38
CA GLY A 126 -8.21 1.60 5.50
C GLY A 126 -8.49 2.82 4.62
N LEU A 127 -8.10 2.71 3.37
CA LEU A 127 -8.35 3.77 2.40
C LEU A 127 -9.07 3.18 1.18
N PHE A 128 -9.63 4.08 0.37
CA PHE A 128 -10.26 3.67 -0.86
C PHE A 128 -10.32 4.83 -1.86
N HIS A 129 -10.49 4.48 -3.12
CA HIS A 129 -10.33 5.45 -4.20
C HIS A 129 -10.84 6.82 -3.73
N SER A 130 -9.93 7.78 -3.71
CA SER A 130 -10.25 9.10 -3.23
C SER A 130 -11.03 9.87 -4.29
N ALA A 131 -11.51 11.05 -3.90
CA ALA A 131 -12.25 11.91 -4.82
C ALA A 131 -11.26 12.69 -5.68
N ASN A 132 -10.16 13.09 -5.05
CA ASN A 132 -9.11 13.81 -5.75
C ASN A 132 -8.54 12.93 -6.87
N THR A 133 -8.10 13.59 -7.93
CA THR A 133 -7.56 12.88 -9.07
C THR A 133 -6.03 12.97 -9.07
N GLU A 134 -5.52 13.82 -8.19
CA GLU A 134 -4.08 14.03 -8.09
C GLU A 134 -3.50 13.19 -6.97
N ALA A 135 -4.39 12.52 -6.23
CA ALA A 135 -3.97 11.71 -5.12
C ALA A 135 -3.47 10.36 -5.62
N LEU A 136 -2.59 9.76 -4.84
CA LEU A 136 -2.02 8.47 -5.21
C LEU A 136 -3.04 7.37 -4.93
N MET A 137 -4.08 7.74 -4.21
CA MET A 137 -5.17 6.82 -3.91
C MET A 137 -6.13 6.71 -5.09
N TYR A 138 -5.99 7.63 -6.03
CA TYR A 138 -6.80 7.62 -7.22
C TYR A 138 -6.47 6.40 -8.10
N PRO A 139 -7.55 5.80 -8.67
CA PRO A 139 -7.38 4.62 -9.50
C PRO A 139 -6.82 4.98 -10.87
N LEU A 140 -5.61 5.54 -10.84
CA LEU A 140 -4.91 5.88 -12.07
C LEU A 140 -3.46 6.20 -11.76
N TYR A 141 -2.57 5.61 -12.54
CA TYR A 141 -1.15 5.77 -12.32
C TYR A 141 -0.76 7.26 -12.28
N HIS A 142 0.27 7.55 -11.50
CA HIS A 142 0.73 8.92 -11.35
C HIS A 142 2.26 8.95 -11.44
N SER A 143 2.78 10.18 -11.47
CA SER A 143 4.23 10.37 -11.51
C SER A 143 4.57 11.81 -11.14
N LEU A 144 5.85 12.03 -10.91
CA LEU A 144 6.33 13.36 -10.56
C LEU A 144 7.81 13.50 -10.97
N THR A 145 8.21 14.73 -11.19
CA THR A 145 9.59 15.02 -11.56
C THR A 145 10.56 14.31 -10.61
N ASP A 146 10.17 14.27 -9.34
CA ASP A 146 10.96 13.58 -8.33
C ASP A 146 10.03 13.05 -7.25
N LEU A 147 10.21 11.77 -6.94
CA LEU A 147 9.34 11.10 -5.98
C LEU A 147 9.80 11.42 -4.57
N THR A 148 11.05 11.86 -4.47
CA THR A 148 11.64 12.14 -3.17
C THR A 148 10.88 13.25 -2.47
N ARG A 149 9.97 13.87 -3.21
CA ARG A 149 9.17 14.95 -2.67
C ARG A 149 7.68 14.56 -2.63
N PHE A 150 7.41 13.40 -3.19
CA PHE A 150 6.03 12.93 -3.31
C PHE A 150 5.30 13.05 -1.97
N ARG A 151 3.98 13.17 -2.07
CA ARG A 151 3.15 13.22 -0.88
C ARG A 151 1.72 12.77 -1.21
N LEU A 152 1.02 12.32 -0.18
CA LEU A 152 -0.38 11.94 -0.33
C LEU A 152 -1.24 13.20 -0.22
N SER A 153 -2.22 13.29 -1.12
CA SER A 153 -3.14 14.41 -1.12
C SER A 153 -3.92 14.44 0.19
N GLN A 154 -4.46 15.62 0.50
CA GLN A 154 -5.19 15.81 1.74
C GLN A 154 -6.34 14.80 1.83
N ASP A 155 -6.81 14.38 0.68
CA ASP A 155 -7.90 13.42 0.61
C ASP A 155 -7.48 12.15 1.36
N ASP A 156 -6.23 11.75 1.14
CA ASP A 156 -5.73 10.50 1.68
C ASP A 156 -5.55 10.64 3.20
N ILE A 157 -4.96 11.76 3.59
CA ILE A 157 -4.68 12.00 4.99
C ILE A 157 -5.99 12.17 5.76
N ASN A 158 -6.94 12.81 5.11
CA ASN A 158 -8.23 13.06 5.72
C ASN A 158 -8.80 11.74 6.27
N GLY A 159 -8.69 10.71 5.46
CA GLY A 159 -9.27 9.42 5.80
C GLY A 159 -8.36 8.66 6.76
N ILE A 160 -7.12 8.46 6.33
CA ILE A 160 -6.19 7.66 7.09
C ILE A 160 -6.09 8.21 8.52
N GLN A 161 -5.96 9.52 8.59
CA GLN A 161 -5.77 10.18 9.88
C GLN A 161 -7.07 10.19 10.67
N SER A 162 -8.17 10.15 9.93
CA SER A 162 -9.49 10.12 10.55
C SER A 162 -9.73 8.76 11.19
N LEU A 163 -9.16 7.73 10.57
CA LEU A 163 -9.28 6.38 11.10
C LEU A 163 -8.30 6.20 12.26
N TYR A 164 -7.34 7.12 12.32
CA TYR A 164 -6.34 7.08 13.39
C TYR A 164 -5.98 8.50 13.83
N GLY A 165 -4.98 9.06 13.17
CA GLY A 165 -4.59 10.44 13.44
C GLY A 165 -3.38 10.48 14.38
N PRO A 166 -2.25 11.00 13.83
CA PRO A 166 -1.03 11.13 14.62
C PRO A 166 -1.14 12.29 15.61
N PRO A 167 -0.17 12.32 16.56
CA PRO A 167 -0.13 13.38 17.56
C PRO A 167 0.37 14.70 16.96
N PRO A 168 0.13 15.80 17.71
CA PRO A 168 0.57 17.12 17.26
C PRO A 168 2.09 17.28 17.44
N ASP A 169 2.57 18.44 17.02
CA ASP A 169 3.99 18.73 17.13
C ASP A 169 4.42 18.68 18.60
N SER A 170 5.63 18.19 18.82
CA SER A 170 6.15 18.06 20.16
C SER A 170 7.42 17.21 20.16
N PRO A 171 7.28 15.99 19.59
CA PRO A 171 8.42 15.08 19.49
C PRO A 171 9.39 15.52 18.40
N GLU A 172 10.03 16.66 18.65
CA GLU A 172 11.00 17.20 17.71
C GLU A 172 12.36 16.52 17.90
N THR A 173 12.47 15.32 17.34
CA THR A 173 13.70 14.56 17.44
C THR A 173 13.82 13.57 16.27
ZN ZN B . -7.66 0.83 -5.59
ZN ZN C . -5.77 -11.04 -5.31
C1 8MI D . -5.95 -2.44 -9.34
C2 8MI D . -6.03 -1.44 -8.16
C3 8MI D . -7.25 -0.49 -8.40
O4 8MI D . -7.86 -0.10 -7.41
O5 8MI D . -7.54 -0.17 -9.54
N6 8MI D . -4.75 -0.72 -8.06
C7 8MI D . -4.64 0.35 -9.10
C8 8MI D . -3.33 1.17 -8.90
C9 8MI D . -3.46 2.59 -9.50
C10 8MI D . -2.22 3.42 -9.18
C11 8MI D . -2.31 4.52 -8.31
C12 8MI D . -1.18 5.28 -8.02
C13 8MI D . 0.05 4.97 -8.61
C14 8MI D . 0.15 3.89 -9.49
C15 8MI D . -0.98 3.11 -9.78
C16 8MI D . -4.63 -0.23 -10.54
O17 8MI D . -3.74 -0.99 -10.91
N18 8MI D . -5.61 0.12 -11.36
C19 8MI D . -5.77 -0.40 -12.77
C20 8MI D . -7.27 -0.44 -13.14
C21 8MI D . -7.90 -1.78 -12.68
C22 8MI D . -9.34 -1.91 -13.23
N23 8MI D . -9.95 -3.21 -12.76
C24 8MI D . -11.18 -3.62 -13.08
N25 8MI D . -11.60 -4.78 -12.62
N26 8MI D . -11.98 -2.91 -13.86
C27 8MI D . -4.99 0.51 -13.77
O28 8MI D . -5.44 1.58 -14.13
N29 8MI D . -3.80 0.07 -14.22
C30 8MI D . -3.08 0.81 -15.11
C31 8MI D . -2.90 2.18 -14.88
C32 8MI D . -2.16 2.95 -15.80
C33 8MI D . -1.61 2.35 -16.94
C34 8MI D . -1.78 0.98 -17.16
C35 8MI D . -2.53 0.20 -16.25
H36 8MI D . -6.31 -1.97 -10.24
H37 8MI D . -6.56 -3.31 -9.12
H38 8MI D . -4.93 -2.75 -9.47
H39 8MI D . -6.21 -2.00 -7.26
H40 8MI D . -3.96 -1.39 -8.16
H41 8MI D . -5.48 1.03 -9.02
H42 8MI D . -2.51 0.65 -9.36
H43 8MI D . -3.14 1.26 -7.84
H44 8MI D . -4.33 3.07 -9.09
H45 8MI D . -3.57 2.52 -10.58
H46 8MI D . -3.26 4.76 -7.85
H47 8MI D . -1.25 6.12 -7.34
H48 8MI D . 0.92 5.56 -8.39
H49 8MI D . 1.10 3.65 -9.95
H50 8MI D . -0.90 2.28 -10.46
H51 8MI D . -6.31 0.76 -11.09
H52 8MI D . -5.36 -1.40 -12.83
H53 8MI D . -7.39 -0.34 -14.20
H54 8MI D . -7.78 0.37 -12.64
H55 8MI D . -7.93 -1.83 -11.61
H56 8MI D . -7.30 -2.60 -13.06
H57 8MI D . -9.31 -1.89 -14.31
H58 8MI D . -9.93 -1.08 -12.88
H59 8MI D . -9.36 -3.73 -12.18
H61 8MI D . -12.52 -5.10 -12.84
H62 8MI D . -11.66 -2.04 -14.24
H63 8MI D . -12.89 -3.23 -14.11
H64 8MI D . -3.44 -0.80 -13.93
H65 8MI D . -3.32 2.66 -14.01
H66 8MI D . -2.01 4.01 -15.63
H67 8MI D . -1.04 2.94 -17.63
H68 8MI D . -1.36 0.52 -18.03
H69 8MI D . -2.66 -0.85 -16.43
H60 8MI D . -11.01 -5.33 -12.03
H70 8MI D . -4.68 -0.28 -7.11
N PHE A 1 -12.82 9.06 -0.67
CA PHE A 1 -12.55 8.48 0.64
C PHE A 1 -13.66 7.53 1.06
N ARG A 2 -13.28 6.30 1.37
CA ARG A 2 -14.24 5.29 1.76
C ARG A 2 -13.73 4.49 2.97
N THR A 3 -14.60 3.66 3.51
CA THR A 3 -14.25 2.84 4.66
C THR A 3 -14.63 1.39 4.42
N PHE A 4 -15.65 0.95 5.15
CA PHE A 4 -16.10 -0.43 5.05
C PHE A 4 -17.21 -0.72 6.06
N PRO A 5 -17.86 -1.90 5.88
CA PRO A 5 -18.91 -2.33 6.80
C PRO A 5 -18.29 -2.83 8.11
N GLY A 6 -18.05 -1.89 9.01
CA GLY A 6 -17.36 -2.19 10.26
C GLY A 6 -16.19 -1.23 10.48
N ILE A 7 -15.93 -0.41 9.47
CA ILE A 7 -14.86 0.56 9.56
C ILE A 7 -13.51 -0.18 9.60
N PRO A 8 -12.69 0.07 8.54
CA PRO A 8 -11.38 -0.54 8.45
C PRO A 8 -10.40 0.13 9.41
N LYS A 9 -9.74 -0.71 10.22
CA LYS A 9 -8.79 -0.21 11.19
C LYS A 9 -8.29 -1.38 12.05
N TRP A 10 -6.98 -1.55 12.06
CA TRP A 10 -6.37 -2.59 12.86
C TRP A 10 -6.55 -2.23 14.33
N ARG A 11 -6.44 -3.25 15.18
CA ARG A 11 -6.72 -3.09 16.59
C ARG A 11 -5.46 -2.65 17.34
N LYS A 12 -4.37 -2.57 16.59
CA LYS A 12 -3.09 -2.21 17.17
C LYS A 12 -2.40 -1.18 16.27
N THR A 13 -1.51 -0.41 16.88
CA THR A 13 -0.73 0.57 16.14
C THR A 13 0.57 -0.05 15.63
N HIS A 14 1.11 -0.96 16.43
CA HIS A 14 2.34 -1.64 16.07
C HIS A 14 2.01 -2.77 15.08
N LEU A 15 1.92 -2.39 13.81
CA LEU A 15 1.54 -3.34 12.77
C LEU A 15 2.78 -4.10 12.31
N THR A 16 2.53 -5.27 11.72
CA THR A 16 3.60 -6.04 11.12
C THR A 16 3.28 -6.34 9.65
N TYR A 17 4.34 -6.51 8.87
CA TYR A 17 4.18 -6.83 7.46
C TYR A 17 5.29 -7.77 6.98
N ARG A 18 5.12 -8.29 5.78
CA ARG A 18 6.07 -9.23 5.23
C ARG A 18 5.81 -9.43 3.72
N ILE A 19 6.90 -9.53 2.98
CA ILE A 19 6.81 -9.83 1.56
C ILE A 19 7.09 -11.32 1.34
N VAL A 20 6.06 -12.03 0.91
CA VAL A 20 6.13 -13.48 0.80
C VAL A 20 7.05 -13.85 -0.37
N ASN A 21 6.92 -13.09 -1.44
CA ASN A 21 7.70 -13.34 -2.63
C ASN A 21 7.86 -12.05 -3.42
N TYR A 22 8.73 -12.09 -4.42
CA TYR A 22 9.00 -10.92 -5.24
C TYR A 22 8.71 -11.20 -6.72
N THR A 23 8.95 -10.20 -7.54
CA THR A 23 8.67 -10.31 -8.96
C THR A 23 9.98 -10.40 -9.74
N PRO A 24 9.94 -11.26 -10.80
CA PRO A 24 11.13 -11.47 -11.63
C PRO A 24 11.38 -10.28 -12.55
N ASP A 25 11.76 -9.17 -11.94
CA ASP A 25 12.03 -7.95 -12.69
C ASP A 25 12.84 -6.99 -11.81
N LEU A 26 12.35 -6.81 -10.59
CA LEU A 26 13.03 -5.95 -9.64
C LEU A 26 13.85 -6.81 -8.67
N PRO A 27 14.88 -6.15 -8.06
CA PRO A 27 15.64 -6.80 -7.00
C PRO A 27 14.84 -6.84 -5.70
N LYS A 28 15.30 -7.68 -4.79
CA LYS A 28 14.57 -7.93 -3.56
C LYS A 28 14.50 -6.63 -2.75
N ASP A 29 15.67 -6.10 -2.43
CA ASP A 29 15.76 -4.89 -1.63
C ASP A 29 14.85 -3.82 -2.23
N ALA A 30 14.83 -3.77 -3.55
CA ALA A 30 14.10 -2.73 -4.26
C ALA A 30 12.62 -2.84 -3.92
N VAL A 31 12.12 -4.07 -3.97
CA VAL A 31 10.72 -4.32 -3.70
C VAL A 31 10.42 -4.02 -2.23
N ASP A 32 11.21 -4.66 -1.37
CA ASP A 32 11.02 -4.49 0.06
C ASP A 32 11.03 -3.00 0.40
N SER A 33 11.81 -2.25 -0.36
CA SER A 33 11.93 -0.81 -0.15
C SER A 33 10.59 -0.14 -0.44
N ALA A 34 9.97 -0.57 -1.53
CA ALA A 34 8.70 0.02 -1.94
C ALA A 34 7.68 -0.14 -0.81
N VAL A 35 7.82 -1.23 -0.08
CA VAL A 35 6.96 -1.48 1.07
C VAL A 35 7.46 -0.63 2.25
N GLU A 36 8.74 -0.77 2.53
CA GLU A 36 9.38 0.05 3.56
C GLU A 36 9.03 1.52 3.36
N LYS A 37 8.79 1.88 2.10
CA LYS A 37 8.55 3.26 1.75
C LYS A 37 7.04 3.54 1.79
N ALA A 38 6.30 2.64 1.17
CA ALA A 38 4.85 2.78 1.12
C ALA A 38 4.30 2.84 2.55
N LEU A 39 4.75 1.90 3.36
CA LEU A 39 4.35 1.87 4.77
C LEU A 39 4.69 3.21 5.41
N LYS A 40 5.95 3.61 5.27
CA LYS A 40 6.45 4.79 5.94
C LYS A 40 5.67 6.02 5.47
N VAL A 41 5.28 5.97 4.20
CA VAL A 41 4.57 7.08 3.59
C VAL A 41 3.33 7.40 4.43
N TRP A 42 2.77 6.36 5.03
CA TRP A 42 1.54 6.50 5.79
C TRP A 42 1.92 6.79 7.24
N GLU A 43 3.06 6.27 7.64
CA GLU A 43 3.60 6.54 8.97
C GLU A 43 3.71 8.05 9.18
N GLU A 44 3.82 8.77 8.07
CA GLU A 44 4.03 10.21 8.13
C GLU A 44 2.71 10.91 8.48
N VAL A 45 1.62 10.19 8.29
CA VAL A 45 0.30 10.77 8.44
C VAL A 45 -0.57 9.84 9.29
N THR A 46 0.10 8.95 10.01
CA THR A 46 -0.58 8.13 11.00
C THR A 46 0.35 7.86 12.19
N PRO A 47 -0.29 7.50 13.33
CA PRO A 47 0.47 7.09 14.51
C PRO A 47 1.03 5.68 14.34
N LEU A 48 0.53 5.00 13.32
CA LEU A 48 0.84 3.59 13.14
C LEU A 48 2.36 3.41 13.04
N THR A 49 2.81 2.23 13.44
CA THR A 49 4.21 1.87 13.27
C THR A 49 4.33 0.45 12.73
N PHE A 50 5.20 0.29 11.74
CA PHE A 50 5.30 -0.96 11.02
C PHE A 50 6.60 -1.69 11.37
N SER A 51 6.47 -2.99 11.62
CA SER A 51 7.62 -3.82 11.92
C SER A 51 7.70 -4.97 10.93
N ARG A 52 8.93 -5.34 10.59
CA ARG A 52 9.16 -6.42 9.64
C ARG A 52 9.38 -7.73 10.38
N LEU A 53 9.06 -8.83 9.69
CA LEU A 53 9.25 -10.15 10.27
C LEU A 53 9.93 -11.04 9.24
N TYR A 54 10.76 -11.96 9.76
CA TYR A 54 11.47 -12.89 8.90
C TYR A 54 10.75 -14.24 8.84
N GLU A 55 9.76 -14.38 9.70
CA GLU A 55 8.93 -15.59 9.71
C GLU A 55 7.56 -15.29 10.31
N GLY A 56 6.69 -16.29 10.25
CA GLY A 56 5.36 -16.17 10.82
C GLY A 56 4.45 -15.39 9.87
N GLU A 57 3.22 -15.18 10.32
CA GLU A 57 2.24 -14.48 9.52
C GLU A 57 2.09 -13.04 10.01
N ALA A 58 2.66 -12.12 9.23
CA ALA A 58 2.55 -10.71 9.54
C ALA A 58 1.14 -10.22 9.20
N ASP A 59 0.76 -9.12 9.82
CA ASP A 59 -0.59 -8.58 9.64
C ASP A 59 -0.77 -8.16 8.17
N ILE A 60 0.30 -7.64 7.60
CA ILE A 60 0.28 -7.22 6.21
C ILE A 60 1.28 -8.05 5.41
N MET A 61 0.83 -9.21 4.98
CA MET A 61 1.67 -10.11 4.21
C MET A 61 1.54 -9.85 2.71
N ILE A 62 2.40 -8.98 2.21
CA ILE A 62 2.35 -8.60 0.81
C ILE A 62 2.90 -9.75 -0.04
N SER A 63 2.38 -9.84 -1.26
CA SER A 63 2.78 -10.90 -2.17
C SER A 63 2.54 -10.47 -3.61
N PHE A 64 3.21 -11.16 -4.53
CA PHE A 64 2.98 -10.95 -5.95
C PHE A 64 2.45 -12.22 -6.61
N ALA A 65 1.42 -12.04 -7.43
CA ALA A 65 0.74 -13.16 -8.03
C ALA A 65 0.21 -12.77 -9.41
N VAL A 66 -0.18 -13.76 -10.18
CA VAL A 66 -0.97 -13.53 -11.38
C VAL A 66 -2.17 -14.47 -11.39
N ARG A 67 -2.93 -14.40 -12.47
CA ARG A 67 -4.07 -15.28 -12.66
C ARG A 67 -4.76 -15.54 -11.31
N GLU A 68 -5.47 -16.65 -11.26
CA GLU A 68 -6.11 -17.08 -10.02
C GLU A 68 -5.06 -17.43 -8.97
N HIS A 69 -4.86 -16.51 -8.04
CA HIS A 69 -3.91 -16.72 -6.96
C HIS A 69 -4.65 -17.02 -5.67
N GLY A 70 -5.98 -16.91 -5.75
CA GLY A 70 -6.81 -17.15 -4.58
C GLY A 70 -8.28 -16.84 -4.90
N ASP A 71 -8.64 -15.59 -4.70
CA ASP A 71 -10.00 -15.15 -4.98
C ASP A 71 -10.23 -15.10 -6.49
N PHE A 72 -11.32 -14.46 -6.88
CA PHE A 72 -11.69 -14.39 -8.27
C PHE A 72 -11.26 -13.06 -8.89
N TYR A 73 -9.97 -12.96 -9.17
CA TYR A 73 -9.41 -11.73 -9.70
C TYR A 73 -8.09 -11.98 -10.42
N PRO A 74 -8.19 -12.76 -11.54
CA PRO A 74 -7.01 -13.28 -12.20
C PRO A 74 -6.29 -12.18 -12.98
N PHE A 75 -4.97 -12.18 -12.87
CA PHE A 75 -4.15 -11.30 -13.69
C PHE A 75 -3.67 -12.01 -14.96
N ASP A 76 -3.56 -11.22 -16.02
CA ASP A 76 -3.15 -11.77 -17.30
C ASP A 76 -2.81 -10.61 -18.25
N GLY A 77 -3.81 -9.77 -18.48
CA GLY A 77 -3.67 -8.69 -19.45
C GLY A 77 -2.43 -7.84 -19.15
N PRO A 78 -1.87 -7.25 -20.24
CA PRO A 78 -0.73 -6.35 -20.09
C PRO A 78 -1.17 -5.00 -19.53
N GLY A 79 -0.54 -4.61 -18.43
CA GLY A 79 -0.93 -3.40 -17.73
C GLY A 79 -2.15 -3.65 -16.85
N ASN A 80 -3.22 -2.94 -17.18
CA ASN A 80 -4.46 -3.07 -16.44
C ASN A 80 -4.16 -3.08 -14.94
N VAL A 81 -4.99 -3.80 -14.20
CA VAL A 81 -4.73 -4.02 -12.78
C VAL A 81 -3.22 -4.11 -12.55
N LEU A 82 -2.70 -3.07 -11.90
CA LEU A 82 -1.31 -3.07 -11.48
C LEU A 82 -1.17 -3.85 -10.18
N ALA A 83 -2.19 -3.73 -9.35
CA ALA A 83 -2.22 -4.45 -8.08
C ALA A 83 -3.54 -4.17 -7.37
N HIS A 84 -4.05 -5.21 -6.71
CA HIS A 84 -5.26 -5.06 -5.92
C HIS A 84 -4.96 -5.38 -4.45
N ALA A 85 -5.90 -5.03 -3.59
CA ALA A 85 -5.76 -5.30 -2.17
C ALA A 85 -7.15 -5.29 -1.51
N TYR A 86 -7.17 -5.68 -0.25
CA TYR A 86 -8.41 -5.76 0.49
C TYR A 86 -8.32 -4.98 1.80
N ALA A 87 -9.48 -4.77 2.42
CA ALA A 87 -9.53 -4.16 3.73
C ALA A 87 -8.91 -5.10 4.76
N PRO A 88 -8.77 -4.59 6.01
CA PRO A 88 -8.08 -5.33 7.05
C PRO A 88 -8.93 -6.48 7.58
N GLY A 89 -8.42 -7.68 7.40
CA GLY A 89 -9.11 -8.87 7.87
C GLY A 89 -8.19 -10.10 7.83
N PRO A 90 -8.66 -11.18 8.50
CA PRO A 90 -7.87 -12.41 8.58
C PRO A 90 -7.92 -13.16 7.25
N GLY A 91 -6.79 -13.76 6.90
CA GLY A 91 -6.73 -14.67 5.76
C GLY A 91 -6.61 -13.90 4.45
N ILE A 92 -7.65 -14.01 3.63
CA ILE A 92 -7.60 -13.49 2.27
C ILE A 92 -7.59 -11.97 2.33
N ASN A 93 -8.12 -11.44 3.42
CA ASN A 93 -8.19 -10.00 3.61
C ASN A 93 -6.89 -9.52 4.27
N GLY A 94 -6.68 -8.21 4.22
CA GLY A 94 -5.52 -7.61 4.85
C GLY A 94 -4.31 -7.67 3.92
N ASP A 95 -4.19 -8.78 3.21
CA ASP A 95 -3.06 -9.00 2.34
C ASP A 95 -3.14 -8.05 1.14
N ALA A 96 -2.00 -7.89 0.47
CA ALA A 96 -1.94 -7.07 -0.73
C ALA A 96 -1.23 -7.85 -1.83
N HIS A 97 -2.00 -8.21 -2.85
CA HIS A 97 -1.45 -8.94 -3.97
C HIS A 97 -1.11 -7.98 -5.11
N PHE A 98 0.14 -8.03 -5.53
CA PHE A 98 0.59 -7.20 -6.65
C PHE A 98 0.59 -8.02 -7.95
N ASP A 99 0.40 -7.29 -9.05
CA ASP A 99 0.31 -7.93 -10.35
C ASP A 99 1.71 -8.29 -10.83
N ASP A 100 2.03 -9.57 -10.73
CA ASP A 100 3.33 -10.06 -11.15
C ASP A 100 3.36 -10.13 -12.68
N ASP A 101 2.19 -10.26 -13.26
CA ASP A 101 2.07 -10.32 -14.71
C ASP A 101 2.17 -8.91 -15.28
N GLU A 102 3.20 -8.20 -14.85
CA GLU A 102 3.43 -6.83 -15.32
C GLU A 102 4.81 -6.35 -14.89
N GLN A 103 5.40 -5.52 -15.73
CA GLN A 103 6.72 -4.99 -15.46
C GLN A 103 6.67 -3.98 -14.32
N TRP A 104 7.79 -3.85 -13.63
CA TRP A 104 7.87 -2.98 -12.47
C TRP A 104 9.16 -2.16 -12.57
N THR A 105 9.17 -1.04 -11.87
CA THR A 105 10.37 -0.23 -11.77
C THR A 105 10.52 0.32 -10.35
N LYS A 106 11.67 0.95 -10.12
CA LYS A 106 11.94 1.55 -8.81
C LYS A 106 12.07 3.06 -8.97
N ASP A 107 11.38 3.58 -9.98
CA ASP A 107 11.44 5.01 -10.28
C ASP A 107 10.40 5.34 -11.34
N THR A 108 10.35 6.62 -11.68
CA THR A 108 9.38 7.10 -12.65
C THR A 108 9.85 6.78 -14.08
N THR A 109 9.51 5.58 -14.52
CA THR A 109 9.85 5.18 -15.88
C THR A 109 8.90 4.08 -16.35
N GLY A 110 8.63 3.14 -15.45
CA GLY A 110 7.64 2.11 -15.71
C GLY A 110 6.46 2.21 -14.73
N THR A 111 6.02 1.05 -14.29
CA THR A 111 5.03 0.99 -13.21
C THR A 111 5.71 1.17 -11.86
N ASN A 112 5.99 2.41 -11.53
CA ASN A 112 6.67 2.72 -10.28
C ASN A 112 6.06 1.90 -9.14
N LEU A 113 6.81 0.92 -8.68
CA LEU A 113 6.29 -0.04 -7.72
C LEU A 113 5.81 0.72 -6.47
N PHE A 114 6.72 1.49 -5.90
CA PHE A 114 6.45 2.17 -4.64
C PHE A 114 5.12 2.92 -4.71
N LEU A 115 4.91 3.58 -5.84
CA LEU A 115 3.69 4.35 -6.04
C LEU A 115 2.47 3.43 -5.85
N VAL A 116 2.62 2.20 -6.33
CA VAL A 116 1.56 1.22 -6.22
C VAL A 116 1.55 0.64 -4.80
N ALA A 117 2.74 0.47 -4.26
CA ALA A 117 2.89 -0.08 -2.92
C ALA A 117 2.09 0.78 -1.93
N ALA A 118 2.28 2.09 -2.05
CA ALA A 118 1.64 3.01 -1.14
C ALA A 118 0.11 2.94 -1.32
N HIS A 119 -0.36 2.61 -2.51
CA HIS A 119 -1.84 2.46 -2.82
C HIS A 119 -2.39 1.12 -2.24
N GLU A 120 -1.73 0.03 -2.60
CA GLU A 120 -2.11 -1.27 -2.09
C GLU A 120 -2.23 -1.24 -0.56
N ILE A 121 -1.18 -0.74 0.07
CA ILE A 121 -1.15 -0.64 1.53
C ILE A 121 -2.40 0.10 2.00
N GLY A 122 -2.74 1.15 1.27
CA GLY A 122 -3.91 1.95 1.61
C GLY A 122 -5.14 1.07 1.85
N HIS A 123 -5.36 0.16 0.91
CA HIS A 123 -6.47 -0.77 1.02
C HIS A 123 -6.32 -1.61 2.29
N SER A 124 -5.10 -2.05 2.53
CA SER A 124 -4.82 -2.89 3.68
C SER A 124 -5.09 -2.11 4.97
N LEU A 125 -4.90 -0.80 4.88
CA LEU A 125 -5.09 0.06 6.05
C LEU A 125 -6.56 0.41 6.18
N GLY A 126 -6.91 1.59 5.69
CA GLY A 126 -8.28 2.08 5.80
C GLY A 126 -8.55 3.16 4.75
N LEU A 127 -7.91 3.01 3.60
CA LEU A 127 -8.21 3.86 2.46
C LEU A 127 -8.66 2.99 1.29
N PHE A 128 -9.08 3.65 0.22
CA PHE A 128 -9.47 2.96 -0.99
C PHE A 128 -9.28 3.85 -2.22
N HIS A 129 -10.11 4.88 -2.29
CA HIS A 129 -10.11 5.76 -3.46
C HIS A 129 -10.48 7.18 -3.04
N SER A 130 -9.63 8.11 -3.40
CA SER A 130 -9.85 9.50 -3.06
C SER A 130 -10.65 10.20 -4.16
N ALA A 131 -10.97 11.47 -3.92
CA ALA A 131 -11.71 12.25 -4.88
C ALA A 131 -10.73 12.97 -5.81
N ASN A 132 -9.65 13.45 -5.22
CA ASN A 132 -8.65 14.18 -5.99
C ASN A 132 -7.92 13.20 -6.92
N THR A 133 -7.52 13.72 -8.06
CA THR A 133 -6.83 12.91 -9.06
C THR A 133 -5.31 13.06 -8.90
N GLU A 134 -4.92 14.10 -8.17
CA GLU A 134 -3.52 14.36 -7.94
C GLU A 134 -2.97 13.45 -6.83
N ALA A 135 -3.90 12.86 -6.10
CA ALA A 135 -3.54 11.99 -4.99
C ALA A 135 -3.13 10.62 -5.55
N LEU A 136 -2.33 9.91 -4.76
CA LEU A 136 -1.85 8.60 -5.16
C LEU A 136 -2.92 7.55 -4.83
N MET A 137 -3.88 7.97 -4.03
CA MET A 137 -4.94 7.07 -3.60
C MET A 137 -6.03 6.98 -4.67
N TYR A 138 -5.91 7.82 -5.68
CA TYR A 138 -6.85 7.81 -6.78
C TYR A 138 -6.63 6.60 -7.68
N PRO A 139 -7.76 6.07 -8.22
CA PRO A 139 -7.71 4.89 -9.07
C PRO A 139 -7.18 5.24 -10.45
N LEU A 140 -5.96 5.76 -10.47
CA LEU A 140 -5.29 6.04 -11.73
C LEU A 140 -3.80 6.32 -11.45
N TYR A 141 -2.96 5.71 -12.27
CA TYR A 141 -1.52 5.90 -12.12
C TYR A 141 -1.08 7.27 -12.65
N HIS A 142 0.00 7.77 -12.07
CA HIS A 142 0.54 9.05 -12.47
C HIS A 142 1.88 9.29 -11.80
N SER A 143 2.89 9.53 -12.61
CA SER A 143 4.24 9.75 -12.11
C SER A 143 4.52 11.25 -11.99
N LEU A 144 5.10 11.63 -10.86
CA LEU A 144 5.47 13.00 -10.63
C LEU A 144 6.87 13.26 -11.21
N THR A 145 7.11 14.53 -11.54
CA THR A 145 8.41 14.92 -12.06
C THR A 145 9.51 14.51 -11.09
N ASP A 146 9.16 14.45 -9.82
CA ASP A 146 10.08 14.00 -8.80
C ASP A 146 9.30 13.31 -7.68
N LEU A 147 9.80 12.14 -7.31
CA LEU A 147 9.11 11.30 -6.33
C LEU A 147 9.83 11.40 -4.98
N THR A 148 11.09 11.83 -5.06
CA THR A 148 11.92 11.87 -3.86
C THR A 148 11.33 12.81 -2.82
N ARG A 149 10.32 13.57 -3.25
CA ARG A 149 9.64 14.48 -2.36
C ARG A 149 8.15 14.15 -2.29
N PHE A 150 7.75 13.20 -3.13
CA PHE A 150 6.34 12.83 -3.23
C PHE A 150 5.66 12.87 -1.86
N ARG A 151 4.38 13.20 -1.89
CA ARG A 151 3.59 13.22 -0.67
C ARG A 151 2.12 12.96 -0.98
N LEU A 152 1.44 12.35 0.00
CA LEU A 152 0.02 12.06 -0.16
C LEU A 152 -0.77 13.36 -0.08
N SER A 153 -1.78 13.45 -0.94
CA SER A 153 -2.63 14.62 -0.98
C SER A 153 -3.49 14.68 0.29
N GLN A 154 -3.93 15.90 0.61
CA GLN A 154 -4.72 16.10 1.81
C GLN A 154 -5.91 15.15 1.85
N ASP A 155 -6.44 14.87 0.66
CA ASP A 155 -7.58 13.98 0.53
C ASP A 155 -7.27 12.67 1.26
N ASP A 156 -6.06 12.19 1.07
CA ASP A 156 -5.67 10.88 1.60
C ASP A 156 -5.50 10.98 3.11
N ILE A 157 -4.82 12.04 3.53
CA ILE A 157 -4.53 12.24 4.93
C ILE A 157 -5.84 12.39 5.71
N ASN A 158 -6.80 13.03 5.06
CA ASN A 158 -8.09 13.26 5.68
C ASN A 158 -8.64 11.93 6.22
N GLY A 159 -8.62 10.92 5.36
CA GLY A 159 -9.20 9.64 5.70
C GLY A 159 -8.27 8.84 6.62
N ILE A 160 -7.02 8.74 6.21
CA ILE A 160 -6.07 7.91 6.92
C ILE A 160 -6.00 8.37 8.38
N GLN A 161 -6.28 9.64 8.58
CA GLN A 161 -6.24 10.22 9.92
C GLN A 161 -7.59 10.06 10.61
N SER A 162 -8.65 10.16 9.81
CA SER A 162 -10.00 10.04 10.33
C SER A 162 -10.17 8.69 11.02
N LEU A 163 -9.44 7.71 10.53
CA LEU A 163 -9.53 6.36 11.06
C LEU A 163 -8.50 6.18 12.18
N TYR A 164 -7.55 7.10 12.21
CA TYR A 164 -6.52 7.06 13.24
C TYR A 164 -6.09 8.48 13.61
N GLY A 165 -5.08 8.96 12.90
CA GLY A 165 -4.61 10.32 13.09
C GLY A 165 -3.50 10.38 14.13
N PRO A 166 -2.33 10.92 13.69
CA PRO A 166 -1.18 11.05 14.58
C PRO A 166 -1.38 12.21 15.56
N PRO A 167 -0.51 12.24 16.60
CA PRO A 167 -0.57 13.28 17.61
C PRO A 167 -0.01 14.59 17.06
N PRO A 168 -0.32 15.71 17.80
CA PRO A 168 0.16 17.01 17.41
C PRO A 168 1.65 17.18 17.72
N ASP A 169 2.18 18.34 17.36
CA ASP A 169 3.59 18.62 17.59
C ASP A 169 3.71 19.81 18.54
N SER A 170 4.71 19.74 19.40
CA SER A 170 4.95 20.81 20.37
C SER A 170 5.50 22.05 19.66
N PRO A 171 6.62 21.83 18.91
CA PRO A 171 7.28 22.92 18.22
C PRO A 171 6.49 23.35 16.99
N GLU A 172 6.78 24.56 16.53
CA GLU A 172 6.10 25.10 15.36
C GLU A 172 6.70 24.51 14.08
N THR A 173 5.96 23.59 13.49
CA THR A 173 6.40 22.93 12.27
C THR A 173 5.87 23.67 11.04
ZN ZN B . -7.63 1.43 -5.00
ZN ZN C . -5.63 -10.99 -4.96
C1 8MI D . -7.40 -0.02 -8.70
C2 8MI D . -6.31 -0.80 -7.94
C3 8MI D . -6.85 -1.17 -6.53
O4 8MI D . -7.58 -0.38 -5.96
O5 8MI D . -6.51 -2.25 -6.05
N6 8MI D . -5.07 0.02 -7.90
C7 8MI D . -4.95 0.86 -9.12
C8 8MI D . -3.60 1.64 -9.09
C9 8MI D . -3.70 2.90 -8.19
C10 8MI D . -2.39 3.69 -8.22
C11 8MI D . -2.41 5.08 -8.38
C12 8MI D . -1.19 5.79 -8.41
C13 8MI D . 0.02 5.12 -8.28
C14 8MI D . 0.04 3.74 -8.12
C15 8MI D . -1.16 3.02 -8.08
C16 8MI D . -5.01 0.02 -10.42
O17 8MI D . -4.59 -1.12 -10.46
N18 8MI D . -5.51 0.61 -11.50
C19 8MI D . -5.60 -0.05 -12.86
C20 8MI D . -7.09 -0.34 -13.19
C21 8MI D . -7.64 -1.46 -12.29
C22 8MI D . -9.06 -1.13 -11.80
N23 8MI D . -9.55 -2.18 -10.84
C24 8MI D . -10.65 -2.07 -10.09
N25 8MI D . -10.92 -3.03 -9.22
N26 8MI D . -11.48 -1.05 -10.20
C27 8MI D . -4.96 0.85 -13.95
O28 8MI D . -5.38 1.97 -14.17
N29 8MI D . -3.93 0.35 -14.64
C30 8MI D . -3.32 1.10 -15.61
C31 8MI D . -3.30 0.64 -16.94
C32 8MI D . -2.67 1.40 -17.93
C33 8MI D . -2.05 2.62 -17.61
C34 8MI D . -2.07 3.07 -16.29
C35 8MI D . -2.70 2.32 -15.29
H36 8MI D . -7.43 0.99 -8.33
H37 8MI D . -8.36 -0.49 -8.55
H38 8MI D . -7.16 -0.01 -9.76
H39 8MI D . -6.11 -1.72 -8.49
H40 8MI D . -4.25 -0.62 -7.81
H41 8MI D . -5.75 1.58 -9.14
H42 8MI D . -3.34 1.93 -10.09
H43 8MI D . -2.83 0.99 -8.70
H44 8MI D . -3.90 2.59 -7.17
H45 8MI D . -4.50 3.54 -8.54
H46 8MI D . -3.34 5.60 -8.49
H47 8MI D . -1.21 6.86 -8.54
H48 8MI D . 0.94 5.68 -8.31
H49 8MI D . 0.98 3.22 -8.02
H50 8MI D . -1.14 1.94 -7.95
H51 8MI D . -5.86 1.53 -11.49
H52 8MI D . -5.06 -1.00 -12.83
H53 8MI D . -7.19 -0.63 -14.22
H54 8MI D . -7.67 0.57 -13.01
H55 8MI D . -7.00 -1.59 -11.43
H56 8MI D . -7.67 -2.39 -12.85
H57 8MI D . -9.74 -1.10 -12.65
H58 8MI D . -9.06 -0.16 -11.31
H59 8MI D . -8.96 -2.97 -10.79
H61 8MI D . -11.75 -2.96 -8.65
H62 8MI D . -11.28 -0.32 -10.87
H63 8MI D . -12.30 -0.98 -9.64
H64 8MI D . -3.61 -0.56 -14.49
H65 8MI D . -3.78 -0.30 -17.19
H66 8MI D . -2.66 1.04 -18.96
H67 8MI D . -1.57 3.20 -18.38
H68 8MI D . -1.59 4.01 -16.04
H69 8MI D . -2.71 2.67 -14.26
H60 8MI D . -10.31 -3.82 -9.12
H70 8MI D . -5.12 0.63 -7.05
N PHE A 1 -11.89 10.02 0.34
CA PHE A 1 -11.68 8.79 1.07
C PHE A 1 -13.01 8.17 1.50
N ARG A 2 -12.96 6.88 1.78
CA ARG A 2 -14.15 6.16 2.22
C ARG A 2 -13.79 5.11 3.27
N THR A 3 -14.82 4.59 3.92
CA THR A 3 -14.62 3.56 4.92
C THR A 3 -15.62 2.42 4.72
N PHE A 4 -15.10 1.20 4.81
CA PHE A 4 -15.95 0.02 4.71
C PHE A 4 -16.99 0.00 5.82
N PRO A 5 -17.95 -0.96 5.69
CA PRO A 5 -19.00 -1.10 6.68
C PRO A 5 -18.46 -1.77 7.95
N GLY A 6 -18.13 -0.93 8.92
CA GLY A 6 -17.51 -1.42 10.14
C GLY A 6 -16.24 -0.62 10.46
N ILE A 7 -15.85 0.21 9.51
CA ILE A 7 -14.67 1.05 9.69
C ILE A 7 -13.42 0.17 9.76
N PRO A 8 -12.62 0.21 8.65
CA PRO A 8 -11.39 -0.54 8.59
C PRO A 8 -10.30 0.13 9.44
N LYS A 9 -9.68 -0.67 10.29
CA LYS A 9 -8.65 -0.17 11.18
C LYS A 9 -8.16 -1.31 12.08
N TRP A 10 -6.86 -1.53 12.05
CA TRP A 10 -6.26 -2.59 12.84
C TRP A 10 -6.38 -2.21 14.31
N ARG A 11 -6.36 -3.23 15.17
CA ARG A 11 -6.59 -3.03 16.58
C ARG A 11 -5.28 -2.67 17.29
N LYS A 12 -4.21 -2.67 16.51
CA LYS A 12 -2.89 -2.37 17.04
C LYS A 12 -2.17 -1.40 16.11
N THR A 13 -1.30 -0.59 16.70
CA THR A 13 -0.54 0.39 15.93
C THR A 13 0.75 -0.25 15.40
N HIS A 14 1.26 -1.20 16.16
CA HIS A 14 2.47 -1.91 15.77
C HIS A 14 2.13 -2.92 14.68
N LEU A 15 2.28 -2.48 13.43
CA LEU A 15 1.95 -3.31 12.30
C LEU A 15 3.22 -4.06 11.84
N THR A 16 3.00 -5.27 11.35
CA THR A 16 4.08 -6.03 10.74
C THR A 16 3.69 -6.47 9.33
N TYR A 17 4.69 -6.59 8.48
CA TYR A 17 4.46 -6.97 7.09
C TYR A 17 5.59 -7.85 6.57
N ARG A 18 5.37 -8.41 5.38
CA ARG A 18 6.35 -9.30 4.78
C ARG A 18 6.03 -9.52 3.31
N ILE A 19 7.08 -9.52 2.50
CA ILE A 19 6.94 -9.81 1.08
C ILE A 19 7.32 -11.26 0.81
N VAL A 20 6.34 -12.03 0.38
CA VAL A 20 6.51 -13.48 0.28
C VAL A 20 7.31 -13.80 -0.98
N ASN A 21 7.02 -13.06 -2.04
CA ASN A 21 7.65 -13.32 -3.33
C ASN A 21 7.96 -11.99 -4.01
N TYR A 22 8.77 -12.08 -5.06
CA TYR A 22 9.20 -10.88 -5.77
C TYR A 22 8.97 -11.03 -7.28
N THR A 23 9.38 -10.00 -8.01
CA THR A 23 9.17 -9.97 -9.45
C THR A 23 10.50 -10.07 -10.19
N PRO A 24 10.46 -10.77 -11.36
CA PRO A 24 11.65 -10.91 -12.18
C PRO A 24 11.97 -9.62 -12.92
N ASP A 25 12.35 -8.60 -12.15
CA ASP A 25 12.68 -7.31 -12.72
C ASP A 25 13.46 -6.49 -11.71
N LEU A 26 12.95 -6.48 -10.48
CA LEU A 26 13.60 -5.76 -9.40
C LEU A 26 14.36 -6.76 -8.52
N PRO A 27 15.35 -6.22 -7.77
CA PRO A 27 15.99 -6.98 -6.71
C PRO A 27 15.08 -7.08 -5.48
N LYS A 28 15.48 -7.95 -4.56
CA LYS A 28 14.61 -8.31 -3.46
C LYS A 28 14.32 -7.06 -2.62
N ASP A 29 15.39 -6.50 -2.05
CA ASP A 29 15.24 -5.42 -1.10
C ASP A 29 14.57 -4.23 -1.78
N ALA A 30 14.78 -4.15 -3.09
CA ALA A 30 14.24 -3.04 -3.87
C ALA A 30 12.72 -3.10 -3.83
N VAL A 31 12.19 -4.31 -3.97
CA VAL A 31 10.75 -4.52 -3.93
C VAL A 31 10.24 -4.20 -2.53
N ASP A 32 10.83 -4.86 -1.55
CA ASP A 32 10.49 -4.62 -0.16
C ASP A 32 10.49 -3.12 0.11
N SER A 33 11.40 -2.42 -0.57
CA SER A 33 11.55 -0.99 -0.38
C SER A 33 10.22 -0.29 -0.63
N ALA A 34 9.56 -0.72 -1.71
CA ALA A 34 8.30 -0.10 -2.10
C ALA A 34 7.32 -0.16 -0.93
N VAL A 35 7.42 -1.24 -0.16
CA VAL A 35 6.58 -1.42 1.01
C VAL A 35 7.16 -0.60 2.17
N GLU A 36 8.45 -0.79 2.39
CA GLU A 36 9.16 0.01 3.37
C GLU A 36 8.84 1.49 3.18
N LYS A 37 8.56 1.85 1.94
CA LYS A 37 8.35 3.25 1.58
C LYS A 37 6.85 3.56 1.68
N ALA A 38 6.05 2.70 1.05
CA ALA A 38 4.61 2.88 1.07
C ALA A 38 4.12 2.97 2.52
N LEU A 39 4.62 2.05 3.32
CA LEU A 39 4.26 2.03 4.74
C LEU A 39 4.62 3.37 5.37
N LYS A 40 5.88 3.75 5.20
CA LYS A 40 6.39 4.96 5.82
C LYS A 40 5.57 6.16 5.35
N VAL A 41 5.17 6.11 4.09
CA VAL A 41 4.40 7.20 3.51
C VAL A 41 3.16 7.46 4.39
N TRP A 42 2.67 6.40 4.99
CA TRP A 42 1.45 6.49 5.78
C TRP A 42 1.86 6.79 7.23
N GLU A 43 3.01 6.27 7.61
CA GLU A 43 3.55 6.54 8.93
C GLU A 43 3.63 8.05 9.18
N GLU A 44 3.72 8.79 8.09
CA GLU A 44 3.89 10.23 8.18
C GLU A 44 2.58 10.91 8.54
N VAL A 45 1.49 10.18 8.31
CA VAL A 45 0.16 10.74 8.47
C VAL A 45 -0.68 9.83 9.36
N THR A 46 0.01 8.94 10.05
CA THR A 46 -0.63 8.13 11.08
C THR A 46 0.34 7.86 12.22
N PRO A 47 -0.22 7.48 13.39
CA PRO A 47 0.58 7.07 14.53
C PRO A 47 1.13 5.66 14.31
N LEU A 48 0.64 5.01 13.26
CA LEU A 48 0.94 3.61 13.04
C LEU A 48 2.46 3.42 12.96
N THR A 49 2.89 2.21 13.25
CA THR A 49 4.29 1.85 13.09
C THR A 49 4.41 0.52 12.32
N PHE A 50 5.58 0.32 11.75
CA PHE A 50 5.80 -0.84 10.89
C PHE A 50 7.16 -1.48 11.18
N SER A 51 7.17 -2.81 11.11
CA SER A 51 8.39 -3.56 11.36
C SER A 51 8.52 -4.69 10.35
N ARG A 52 9.76 -4.99 10.00
CA ARG A 52 10.03 -6.05 9.04
C ARG A 52 10.18 -7.40 9.76
N LEU A 53 9.76 -8.45 9.08
CA LEU A 53 9.87 -9.79 9.62
C LEU A 53 10.53 -10.70 8.58
N TYR A 54 11.55 -11.41 9.04
CA TYR A 54 12.28 -12.31 8.15
C TYR A 54 11.63 -13.70 8.13
N GLU A 55 10.68 -13.90 9.04
CA GLU A 55 9.92 -15.13 9.08
C GLU A 55 8.62 -14.92 9.85
N GLY A 56 7.75 -15.93 9.78
CA GLY A 56 6.49 -15.89 10.50
C GLY A 56 5.41 -15.20 9.67
N GLU A 57 4.20 -15.21 10.21
CA GLU A 57 3.08 -14.60 9.53
C GLU A 57 2.90 -13.15 9.99
N ALA A 58 3.37 -12.25 9.15
CA ALA A 58 3.24 -10.82 9.45
C ALA A 58 1.78 -10.39 9.22
N ASP A 59 1.46 -9.23 9.75
CA ASP A 59 0.10 -8.72 9.66
C ASP A 59 -0.25 -8.46 8.19
N ILE A 60 0.74 -7.96 7.47
CA ILE A 60 0.55 -7.65 6.06
C ILE A 60 1.53 -8.48 5.23
N MET A 61 1.06 -9.64 4.79
CA MET A 61 1.88 -10.52 3.99
C MET A 61 1.68 -10.25 2.49
N ILE A 62 2.44 -9.28 2.00
CA ILE A 62 2.31 -8.85 0.62
C ILE A 62 2.87 -9.93 -0.30
N SER A 63 2.02 -10.41 -1.19
CA SER A 63 2.38 -11.51 -2.07
C SER A 63 1.77 -11.30 -3.45
N PHE A 64 2.62 -11.37 -4.46
CA PHE A 64 2.19 -11.22 -5.84
C PHE A 64 1.68 -12.54 -6.41
N ALA A 65 0.96 -12.44 -7.51
CA ALA A 65 0.46 -13.62 -8.19
C ALA A 65 -0.01 -13.24 -9.60
N VAL A 66 0.23 -14.14 -10.54
CA VAL A 66 -0.24 -13.96 -11.89
C VAL A 66 -1.49 -14.80 -12.12
N ARG A 67 -2.33 -14.34 -13.03
CA ARG A 67 -3.57 -15.04 -13.34
C ARG A 67 -4.37 -15.29 -12.06
N GLU A 68 -5.48 -15.99 -12.23
CA GLU A 68 -6.33 -16.33 -11.10
C GLU A 68 -5.49 -16.99 -10.00
N HIS A 69 -5.53 -16.38 -8.82
CA HIS A 69 -4.66 -16.78 -7.74
C HIS A 69 -5.50 -17.18 -6.52
N GLY A 70 -6.79 -17.31 -6.76
CA GLY A 70 -7.68 -17.85 -5.75
C GLY A 70 -8.33 -16.73 -4.93
N ASP A 71 -9.14 -15.93 -5.61
CA ASP A 71 -9.96 -14.95 -4.93
C ASP A 71 -10.87 -14.26 -5.96
N PHE A 72 -11.67 -13.33 -5.47
CA PHE A 72 -12.75 -12.77 -6.27
C PHE A 72 -12.19 -11.97 -7.44
N TYR A 73 -10.92 -11.60 -7.32
CA TYR A 73 -10.26 -10.84 -8.37
C TYR A 73 -9.13 -11.66 -9.00
N PRO A 74 -9.46 -12.32 -10.14
CA PRO A 74 -8.46 -13.00 -10.93
C PRO A 74 -7.60 -12.02 -11.71
N PHE A 75 -6.30 -12.27 -11.69
CA PHE A 75 -5.38 -11.52 -12.52
C PHE A 75 -5.36 -12.07 -13.96
N ASP A 76 -4.67 -11.34 -14.83
CA ASP A 76 -4.60 -11.73 -16.23
C ASP A 76 -3.54 -10.87 -16.93
N GLY A 77 -2.40 -11.48 -17.18
CA GLY A 77 -1.39 -10.86 -18.03
C GLY A 77 -0.95 -9.51 -17.48
N PRO A 78 -0.11 -8.80 -18.28
CA PRO A 78 0.37 -7.49 -17.88
C PRO A 78 -0.73 -6.43 -18.03
N GLY A 79 -0.36 -5.20 -17.72
CA GLY A 79 -1.31 -4.10 -17.79
C GLY A 79 -2.47 -4.33 -16.82
N ASN A 80 -3.56 -3.61 -17.09
CA ASN A 80 -4.75 -3.72 -16.25
C ASN A 80 -4.34 -3.56 -14.78
N VAL A 81 -5.15 -4.15 -13.91
CA VAL A 81 -4.84 -4.15 -12.50
C VAL A 81 -3.33 -4.30 -12.31
N LEU A 82 -2.74 -3.30 -11.69
CA LEU A 82 -1.33 -3.34 -11.34
C LEU A 82 -1.18 -3.98 -9.96
N ALA A 83 -2.09 -3.62 -9.07
CA ALA A 83 -2.13 -4.23 -7.75
C ALA A 83 -3.47 -3.91 -7.09
N HIS A 84 -3.99 -4.89 -6.36
CA HIS A 84 -5.22 -4.70 -5.63
C HIS A 84 -5.00 -5.05 -4.15
N ALA A 85 -5.90 -4.53 -3.31
CA ALA A 85 -5.76 -4.71 -1.88
C ALA A 85 -7.13 -4.55 -1.22
N TYR A 86 -7.27 -5.17 -0.06
CA TYR A 86 -8.58 -5.31 0.57
C TYR A 86 -8.53 -4.89 2.04
N ALA A 87 -9.67 -4.44 2.53
CA ALA A 87 -9.80 -4.13 3.94
C ALA A 87 -9.56 -5.40 4.76
N PRO A 88 -9.50 -5.22 6.10
CA PRO A 88 -9.22 -6.33 7.00
C PRO A 88 -10.44 -7.24 7.14
N GLY A 89 -10.16 -8.49 7.44
CA GLY A 89 -11.21 -9.48 7.59
C GLY A 89 -10.64 -10.86 7.93
N PRO A 90 -10.95 -11.85 7.05
CA PRO A 90 -10.35 -13.17 7.17
C PRO A 90 -8.90 -13.15 6.70
N GLY A 91 -8.31 -14.34 6.67
CA GLY A 91 -6.87 -14.46 6.46
C GLY A 91 -6.49 -14.07 5.04
N ILE A 92 -7.50 -13.98 4.19
CA ILE A 92 -7.28 -13.64 2.80
C ILE A 92 -7.36 -12.12 2.63
N ASN A 93 -8.05 -11.49 3.56
CA ASN A 93 -8.17 -10.04 3.56
C ASN A 93 -6.98 -9.42 4.27
N GLY A 94 -6.81 -8.12 4.08
CA GLY A 94 -5.69 -7.41 4.69
C GLY A 94 -4.44 -7.51 3.80
N ASP A 95 -4.28 -8.67 3.19
CA ASP A 95 -3.15 -8.90 2.30
C ASP A 95 -3.30 -8.02 1.06
N ALA A 96 -2.22 -7.95 0.29
CA ALA A 96 -2.23 -7.18 -0.94
C ALA A 96 -1.46 -7.93 -2.02
N HIS A 97 -2.07 -8.02 -3.19
CA HIS A 97 -1.46 -8.71 -4.31
C HIS A 97 -1.10 -7.71 -5.41
N PHE A 98 0.08 -7.88 -5.97
CA PHE A 98 0.47 -7.12 -7.15
C PHE A 98 0.38 -8.00 -8.41
N ASP A 99 0.66 -7.37 -9.54
CA ASP A 99 0.76 -8.10 -10.79
C ASP A 99 2.22 -8.50 -11.03
N ASP A 100 2.50 -9.77 -10.81
CA ASP A 100 3.85 -10.29 -11.00
C ASP A 100 4.14 -10.42 -12.50
N ASP A 101 3.06 -10.53 -13.27
CA ASP A 101 3.18 -10.62 -14.71
C ASP A 101 3.29 -9.20 -15.30
N GLU A 102 4.19 -8.42 -14.71
CA GLU A 102 4.37 -7.04 -15.13
C GLU A 102 5.73 -6.52 -14.68
N GLN A 103 6.25 -5.58 -15.45
CA GLN A 103 7.52 -4.93 -15.10
C GLN A 103 7.31 -3.96 -13.94
N TRP A 104 8.38 -3.73 -13.20
CA TRP A 104 8.32 -2.85 -12.04
C TRP A 104 9.63 -2.07 -11.97
N THR A 105 9.56 -0.91 -11.34
CA THR A 105 10.74 -0.08 -11.15
C THR A 105 10.76 0.51 -9.74
N LYS A 106 11.89 1.12 -9.40
CA LYS A 106 12.07 1.69 -8.07
C LYS A 106 12.08 3.22 -8.19
N ASP A 107 11.57 3.71 -9.31
CA ASP A 107 11.58 5.14 -9.57
C ASP A 107 10.60 5.44 -10.71
N THR A 108 10.46 6.73 -10.99
CA THR A 108 9.55 7.16 -12.04
C THR A 108 10.13 6.85 -13.42
N THR A 109 10.09 5.58 -13.77
CA THR A 109 10.61 5.14 -15.05
C THR A 109 9.65 4.15 -15.70
N GLY A 110 9.35 3.09 -14.95
CA GLY A 110 8.39 2.10 -15.41
C GLY A 110 7.07 2.20 -14.64
N THR A 111 6.61 1.05 -14.18
CA THR A 111 5.49 1.03 -13.24
C THR A 111 5.99 1.21 -11.81
N ASN A 112 6.21 2.46 -11.45
CA ASN A 112 6.75 2.77 -10.13
C ASN A 112 6.06 1.91 -9.07
N LEU A 113 6.81 0.95 -8.57
CA LEU A 113 6.24 -0.04 -7.65
C LEU A 113 5.70 0.68 -6.41
N PHE A 114 6.56 1.46 -5.79
CA PHE A 114 6.22 2.14 -4.56
C PHE A 114 4.89 2.90 -4.71
N LEU A 115 4.79 3.62 -5.81
CA LEU A 115 3.59 4.41 -6.07
C LEU A 115 2.37 3.49 -6.03
N VAL A 116 2.55 2.28 -6.54
CA VAL A 116 1.47 1.31 -6.57
C VAL A 116 1.32 0.69 -5.18
N ALA A 117 2.44 0.59 -4.48
CA ALA A 117 2.45 -0.06 -3.18
C ALA A 117 1.70 0.81 -2.17
N ALA A 118 2.01 2.09 -2.19
CA ALA A 118 1.40 3.03 -1.26
C ALA A 118 -0.10 3.10 -1.53
N HIS A 119 -0.55 2.74 -2.73
CA HIS A 119 -2.01 2.64 -3.09
C HIS A 119 -2.63 1.34 -2.50
N GLU A 120 -2.09 0.21 -2.92
CA GLU A 120 -2.60 -1.08 -2.46
C GLU A 120 -2.65 -1.12 -0.94
N ILE A 121 -1.52 -0.77 -0.34
CA ILE A 121 -1.41 -0.77 1.12
C ILE A 121 -2.56 0.04 1.71
N GLY A 122 -2.88 1.14 1.05
CA GLY A 122 -3.94 2.01 1.51
C GLY A 122 -5.22 1.22 1.80
N HIS A 123 -5.57 0.36 0.85
CA HIS A 123 -6.75 -0.48 1.00
C HIS A 123 -6.55 -1.43 2.18
N SER A 124 -5.33 -1.95 2.30
CA SER A 124 -5.00 -2.84 3.39
C SER A 124 -5.19 -2.13 4.73
N LEU A 125 -4.80 -0.86 4.75
CA LEU A 125 -4.90 -0.06 5.97
C LEU A 125 -6.38 0.24 6.24
N GLY A 126 -6.95 1.04 5.35
CA GLY A 126 -8.36 1.38 5.44
C GLY A 126 -8.69 2.63 4.62
N LEU A 127 -8.16 2.64 3.40
CA LEU A 127 -8.44 3.73 2.47
C LEU A 127 -9.13 3.16 1.23
N PHE A 128 -9.62 4.08 0.40
CA PHE A 128 -10.24 3.68 -0.86
C PHE A 128 -10.24 4.85 -1.85
N HIS A 129 -10.44 4.51 -3.12
CA HIS A 129 -10.31 5.49 -4.18
C HIS A 129 -10.90 6.83 -3.72
N SER A 130 -10.03 7.83 -3.67
CA SER A 130 -10.43 9.14 -3.17
C SER A 130 -11.30 9.86 -4.20
N ALA A 131 -10.64 10.65 -5.04
CA ALA A 131 -11.35 11.44 -6.03
C ALA A 131 -10.35 12.36 -6.74
N ASN A 132 -9.51 13.00 -5.93
CA ASN A 132 -8.48 13.88 -6.47
C ASN A 132 -7.56 13.08 -7.39
N THR A 133 -7.03 13.78 -8.38
CA THR A 133 -6.10 13.15 -9.32
C THR A 133 -4.67 13.29 -8.79
N GLU A 134 -4.48 14.23 -7.89
CA GLU A 134 -3.18 14.44 -7.28
C GLU A 134 -2.92 13.39 -6.20
N ALA A 135 -4.00 12.74 -5.78
CA ALA A 135 -3.91 11.71 -4.75
C ALA A 135 -3.48 10.39 -5.39
N LEU A 136 -2.60 9.69 -4.69
CA LEU A 136 -2.11 8.41 -5.16
C LEU A 136 -3.17 7.34 -4.92
N MET A 137 -4.14 7.69 -4.09
CA MET A 137 -5.27 6.82 -3.85
C MET A 137 -6.20 6.76 -5.07
N TYR A 138 -5.98 7.70 -5.98
CA TYR A 138 -6.75 7.74 -7.21
C TYR A 138 -6.43 6.55 -8.10
N PRO A 139 -7.51 5.95 -8.68
CA PRO A 139 -7.35 4.80 -9.56
C PRO A 139 -6.82 5.23 -10.93
N LEU A 140 -5.62 5.80 -10.91
CA LEU A 140 -4.98 6.23 -12.14
C LEU A 140 -3.51 6.54 -11.86
N TYR A 141 -2.66 6.01 -12.73
CA TYR A 141 -1.22 6.20 -12.58
C TYR A 141 -0.84 7.65 -12.86
N HIS A 142 0.16 8.12 -12.12
CA HIS A 142 0.67 9.47 -12.31
C HIS A 142 1.99 9.64 -11.56
N SER A 143 3.01 10.04 -12.31
CA SER A 143 4.34 10.17 -11.74
C SER A 143 4.68 11.65 -11.56
N LEU A 144 5.75 11.89 -10.81
CA LEU A 144 6.21 13.25 -10.56
C LEU A 144 7.68 13.37 -10.98
N THR A 145 8.06 14.60 -11.29
CA THR A 145 9.43 14.87 -11.70
C THR A 145 10.41 14.18 -10.74
N ASP A 146 10.12 14.32 -9.46
CA ASP A 146 10.93 13.67 -8.43
C ASP A 146 10.02 13.13 -7.32
N LEU A 147 10.13 11.83 -7.09
CA LEU A 147 9.27 11.18 -6.12
C LEU A 147 9.67 11.62 -4.71
N THR A 148 10.89 12.14 -4.61
CA THR A 148 11.39 12.60 -3.33
C THR A 148 10.53 13.74 -2.79
N ARG A 149 9.63 14.20 -3.63
CA ARG A 149 8.75 15.30 -3.25
C ARG A 149 7.31 14.81 -3.13
N PHE A 150 7.11 13.55 -3.51
CA PHE A 150 5.77 12.99 -3.53
C PHE A 150 5.08 13.13 -2.17
N ARG A 151 3.77 13.17 -2.21
CA ARG A 151 2.98 13.27 -1.00
C ARG A 151 1.55 12.77 -1.23
N LEU A 152 0.91 12.37 -0.15
CA LEU A 152 -0.49 12.00 -0.20
C LEU A 152 -1.35 13.27 -0.09
N SER A 153 -2.35 13.35 -0.96
CA SER A 153 -3.27 14.47 -0.94
C SER A 153 -4.04 14.52 0.38
N GLN A 154 -4.52 15.70 0.71
CA GLN A 154 -5.26 15.89 1.94
C GLN A 154 -6.44 14.92 2.00
N ASP A 155 -6.92 14.55 0.81
CA ASP A 155 -8.02 13.60 0.72
C ASP A 155 -7.64 12.31 1.46
N ASP A 156 -6.41 11.89 1.27
CA ASP A 156 -5.95 10.63 1.80
C ASP A 156 -5.74 10.76 3.31
N ILE A 157 -5.07 11.84 3.69
CA ILE A 157 -4.72 12.05 5.08
C ILE A 157 -6.01 12.17 5.91
N ASN A 158 -6.98 12.88 5.35
CA ASN A 158 -8.24 13.10 6.02
C ASN A 158 -8.80 11.75 6.49
N GLY A 159 -8.75 10.77 5.59
CA GLY A 159 -9.30 9.47 5.88
C GLY A 159 -8.39 8.67 6.80
N ILE A 160 -7.13 8.57 6.39
CA ILE A 160 -6.16 7.75 7.10
C ILE A 160 -6.06 8.22 8.56
N GLN A 161 -6.36 9.50 8.75
CA GLN A 161 -6.32 10.07 10.08
C GLN A 161 -7.66 9.87 10.80
N SER A 162 -8.72 9.95 10.02
CA SER A 162 -10.06 9.74 10.55
C SER A 162 -10.17 8.34 11.16
N LEU A 163 -9.34 7.44 10.66
CA LEU A 163 -9.33 6.07 11.14
C LEU A 163 -8.33 5.96 12.30
N TYR A 164 -7.43 6.92 12.37
CA TYR A 164 -6.41 6.93 13.40
C TYR A 164 -6.04 8.35 13.81
N GLY A 165 -5.05 8.89 13.11
CA GLY A 165 -4.64 10.27 13.34
C GLY A 165 -3.46 10.33 14.33
N PRO A 166 -2.32 10.87 13.83
CA PRO A 166 -1.13 10.99 14.66
C PRO A 166 -1.29 12.15 15.65
N PRO A 167 -0.35 12.17 16.65
CA PRO A 167 -0.37 13.22 17.66
C PRO A 167 0.15 14.54 17.08
N PRO A 168 -0.10 15.64 17.83
CA PRO A 168 0.34 16.96 17.43
C PRO A 168 1.85 17.12 17.65
N ASP A 169 2.36 18.28 17.25
CA ASP A 169 3.77 18.57 17.41
C ASP A 169 4.08 18.75 18.89
N SER A 170 5.27 18.31 19.28
CA SER A 170 5.69 18.41 20.67
C SER A 170 4.59 17.89 21.59
N PRO A 171 4.36 16.55 21.54
CA PRO A 171 3.34 15.93 22.36
C PRO A 171 3.79 15.84 23.82
N GLU A 172 2.83 15.56 24.69
CA GLU A 172 3.12 15.44 26.11
C GLU A 172 2.09 14.52 26.78
N THR A 173 2.36 14.22 28.05
CA THR A 173 1.47 13.36 28.81
C THR A 173 0.13 14.05 29.04
ZN ZN B . -7.55 0.88 -5.39
ZN ZN C . -5.63 -10.94 -5.23
C1 8MI D . -7.53 -0.15 -8.87
C2 8MI D . -6.43 -1.06 -8.27
C3 8MI D . -6.99 -1.75 -6.99
O4 8MI D . -7.22 -1.05 -6.01
O5 8MI D . -7.18 -2.95 -7.02
N6 8MI D . -5.23 -0.24 -8.01
C7 8MI D . -4.89 0.62 -9.18
C8 8MI D . -3.54 1.34 -8.95
C9 8MI D . -3.52 2.75 -9.58
C10 8MI D . -2.25 3.50 -9.21
C11 8MI D . -1.03 3.16 -9.82
C12 8MI D . 0.14 3.84 -9.47
C13 8MI D . 0.11 4.87 -8.51
C14 8MI D . -1.10 5.20 -7.91
C15 8MI D . -2.28 4.53 -8.25
C16 8MI D . -4.80 -0.19 -10.50
O17 8MI D . -4.37 -1.34 -10.51
N18 8MI D . -5.19 0.41 -11.62
C19 8MI D . -5.13 -0.23 -12.99
C20 8MI D . -6.56 -0.27 -13.60
C21 8MI D . -7.37 -1.44 -13.00
C22 8MI D . -8.84 -1.35 -13.45
N23 8MI D . -9.54 -0.24 -12.72
C24 8MI D . -10.10 -0.36 -11.51
N25 8MI D . -10.76 0.66 -11.01
N26 8MI D . -9.99 -1.48 -10.81
C27 8MI D . -4.16 0.55 -13.91
O28 8MI D . -3.88 1.72 -13.69
N29 8MI D . -3.64 -0.10 -14.96
C30 8MI D . -2.80 0.55 -15.83
C31 8MI D . -1.63 -0.08 -16.27
C32 8MI D . -0.77 0.57 -17.16
C33 8MI D . -1.08 1.86 -17.62
C34 8MI D . -2.25 2.49 -17.20
C35 8MI D . -3.12 1.84 -16.30
H36 8MI D . -8.50 -0.61 -8.72
H37 8MI D . -7.35 -0.01 -9.93
H38 8MI D . -7.51 0.81 -8.38
H39 8MI D . -6.20 -1.82 -9.00
H40 8MI D . -4.43 -0.87 -7.78
H41 8MI D . -5.66 1.37 -9.30
H42 8MI D . -2.73 0.74 -9.38
H43 8MI D . -3.37 1.44 -7.88
H44 8MI D . -4.37 3.30 -9.23
H45 8MI D . -3.58 2.66 -10.66
H46 8MI D . -0.99 2.37 -10.56
H47 8MI D . 1.09 3.58 -9.94
H48 8MI D . 1.01 5.38 -8.25
H49 8MI D . -1.14 5.99 -7.17
H50 8MI D . -3.22 4.79 -7.78
H51 8MI D . -5.54 1.31 -11.63
H52 8MI D . -4.76 -1.25 -12.89
H53 8MI D . -6.49 -0.39 -14.67
H54 8MI D . -7.06 0.66 -13.37
H55 8MI D . -7.33 -1.40 -11.93
H56 8MI D . -6.95 -2.38 -13.34
H57 8MI D . -9.33 -2.29 -13.25
H58 8MI D . -8.88 -1.16 -14.52
H59 8MI D . -9.56 0.60 -13.22
H61 8MI D . -11.18 0.59 -10.10
H62 8MI D . -9.46 -2.25 -11.17
H63 8MI D . -10.40 -1.55 -9.91
H64 8MI D . -3.85 -1.04 -15.14
H65 8MI D . -1.38 -1.07 -15.92
H66 8MI D . 0.14 0.09 -17.49
H67 8MI D . -0.41 2.36 -18.31
H68 8MI D . -2.49 3.48 -17.55
H69 8MI D . -4.01 2.33 -15.97
H60 8MI D . -10.84 1.51 -11.52
H70 8MI D . -5.41 0.37 -7.18
N PHE A 1 -11.67 9.82 0.24
CA PHE A 1 -11.48 8.60 0.98
C PHE A 1 -12.82 7.96 1.36
N ARG A 2 -12.77 6.66 1.62
CA ARG A 2 -13.97 5.94 2.01
C ARG A 2 -13.64 4.90 3.08
N THR A 3 -14.69 4.39 3.72
CA THR A 3 -14.51 3.40 4.76
C THR A 3 -15.50 2.25 4.57
N PHE A 4 -14.99 1.03 4.72
CA PHE A 4 -15.83 -0.15 4.67
C PHE A 4 -16.92 -0.10 5.75
N PRO A 5 -17.86 -1.07 5.65
CA PRO A 5 -18.94 -1.16 6.62
C PRO A 5 -18.43 -1.75 7.95
N GLY A 6 -18.10 -0.85 8.86
CA GLY A 6 -17.52 -1.26 10.13
C GLY A 6 -16.25 -0.44 10.43
N ILE A 7 -15.83 0.33 9.45
CA ILE A 7 -14.66 1.18 9.61
C ILE A 7 -13.42 0.31 9.74
N PRO A 8 -12.61 0.27 8.64
CA PRO A 8 -11.37 -0.50 8.65
C PRO A 8 -10.30 0.22 9.46
N LYS A 9 -9.67 -0.54 10.35
CA LYS A 9 -8.63 0.02 11.21
C LYS A 9 -8.13 -1.07 12.16
N TRP A 10 -6.82 -1.30 12.12
CA TRP A 10 -6.21 -2.32 12.94
C TRP A 10 -6.39 -1.93 14.41
N ARG A 11 -6.45 -2.95 15.25
CA ARG A 11 -6.79 -2.73 16.66
C ARG A 11 -5.53 -2.39 17.45
N LYS A 12 -4.40 -2.43 16.77
CA LYS A 12 -3.13 -2.11 17.39
C LYS A 12 -2.32 -1.20 16.46
N THR A 13 -1.43 -0.43 17.07
CA THR A 13 -0.61 0.50 16.33
C THR A 13 0.67 -0.18 15.83
N HIS A 14 1.12 -1.14 16.61
CA HIS A 14 2.31 -1.90 16.26
C HIS A 14 1.98 -2.87 15.13
N LEU A 15 2.03 -2.36 13.90
CA LEU A 15 1.68 -3.15 12.74
C LEU A 15 2.91 -3.95 12.29
N THR A 16 2.63 -5.10 11.71
CA THR A 16 3.68 -5.92 11.14
C THR A 16 3.38 -6.25 9.67
N TYR A 17 4.44 -6.39 8.89
CA TYR A 17 4.30 -6.74 7.49
C TYR A 17 5.43 -7.69 7.06
N ARG A 18 5.25 -8.27 5.88
CA ARG A 18 6.18 -9.25 5.38
C ARG A 18 5.93 -9.54 3.90
N ILE A 19 7.01 -9.55 3.14
CA ILE A 19 6.92 -9.85 1.72
C ILE A 19 7.16 -11.35 1.49
N VAL A 20 6.14 -12.00 0.97
CA VAL A 20 6.18 -13.44 0.79
C VAL A 20 7.14 -13.79 -0.35
N ASN A 21 7.06 -12.99 -1.42
CA ASN A 21 7.87 -13.23 -2.59
C ASN A 21 8.03 -11.92 -3.37
N TYR A 22 8.93 -11.96 -4.36
CA TYR A 22 9.20 -10.79 -5.16
C TYR A 22 8.81 -11.03 -6.62
N THR A 23 9.17 -10.07 -7.46
CA THR A 23 8.84 -10.15 -8.88
C THR A 23 10.10 -10.26 -9.72
N PRO A 24 9.99 -11.08 -10.82
CA PRO A 24 11.12 -11.30 -11.70
C PRO A 24 11.37 -10.08 -12.59
N ASP A 25 11.79 -9.00 -11.95
CA ASP A 25 12.05 -7.76 -12.67
C ASP A 25 12.90 -6.85 -11.80
N LEU A 26 12.50 -6.71 -10.55
CA LEU A 26 13.24 -5.88 -9.61
C LEU A 26 14.04 -6.78 -8.67
N PRO A 27 15.08 -6.17 -8.04
CA PRO A 27 15.83 -6.85 -7.00
C PRO A 27 15.03 -6.90 -5.70
N LYS A 28 15.50 -7.75 -4.80
CA LYS A 28 14.76 -8.04 -3.58
C LYS A 28 14.66 -6.76 -2.73
N ASP A 29 15.84 -6.23 -2.40
CA ASP A 29 15.90 -5.04 -1.55
C ASP A 29 15.03 -3.94 -2.15
N ALA A 30 15.02 -3.89 -3.47
CA ALA A 30 14.31 -2.84 -4.18
C ALA A 30 12.81 -2.96 -3.88
N VAL A 31 12.31 -4.18 -3.95
CA VAL A 31 10.90 -4.44 -3.73
C VAL A 31 10.56 -4.14 -2.27
N ASP A 32 11.32 -4.76 -1.38
CA ASP A 32 11.11 -4.58 0.05
C ASP A 32 11.10 -3.09 0.37
N SER A 33 11.91 -2.35 -0.37
CA SER A 33 12.01 -0.92 -0.18
C SER A 33 10.66 -0.26 -0.45
N ALA A 34 10.05 -0.65 -1.55
CA ALA A 34 8.77 -0.08 -1.95
C ALA A 34 7.78 -0.21 -0.79
N VAL A 35 7.94 -1.29 -0.04
CA VAL A 35 7.09 -1.52 1.13
C VAL A 35 7.61 -0.67 2.30
N GLU A 36 8.90 -0.83 2.57
CA GLU A 36 9.55 0.02 3.56
C GLU A 36 9.11 1.47 3.39
N LYS A 37 8.89 1.84 2.14
CA LYS A 37 8.61 3.24 1.81
C LYS A 37 7.11 3.49 1.87
N ALA A 38 6.37 2.66 1.16
CA ALA A 38 4.93 2.82 1.07
C ALA A 38 4.35 2.87 2.49
N LEU A 39 4.85 1.98 3.33
CA LEU A 39 4.44 1.95 4.73
C LEU A 39 4.73 3.30 5.38
N LYS A 40 5.98 3.72 5.25
CA LYS A 40 6.44 4.93 5.91
C LYS A 40 5.60 6.12 5.41
N VAL A 41 5.25 6.05 4.13
CA VAL A 41 4.50 7.13 3.51
C VAL A 41 3.23 7.39 4.32
N TRP A 42 2.73 6.33 4.93
CA TRP A 42 1.50 6.42 5.70
C TRP A 42 1.87 6.70 7.17
N GLU A 43 3.03 6.18 7.55
CA GLU A 43 3.56 6.44 8.89
C GLU A 43 3.66 7.95 9.13
N GLU A 44 3.76 8.69 8.05
CA GLU A 44 3.93 10.13 8.13
C GLU A 44 2.61 10.79 8.53
N VAL A 45 1.53 10.06 8.34
CA VAL A 45 0.20 10.62 8.51
C VAL A 45 -0.63 9.69 9.38
N THR A 46 0.07 8.81 10.10
CA THR A 46 -0.56 8.01 11.13
C THR A 46 0.41 7.78 12.29
N PRO A 47 -0.19 7.43 13.46
CA PRO A 47 0.62 7.07 14.62
C PRO A 47 1.20 5.66 14.47
N LEU A 48 0.71 4.96 13.45
CA LEU A 48 1.03 3.56 13.29
C LEU A 48 2.56 3.38 13.24
N THR A 49 2.99 2.19 13.60
CA THR A 49 4.39 1.83 13.46
C THR A 49 4.52 0.43 12.84
N PHE A 50 5.41 0.34 11.85
CA PHE A 50 5.50 -0.87 11.05
C PHE A 50 6.77 -1.65 11.37
N SER A 51 6.60 -2.95 11.57
CA SER A 51 7.73 -3.83 11.79
C SER A 51 7.71 -4.98 10.78
N ARG A 52 8.85 -5.63 10.65
CA ARG A 52 8.98 -6.73 9.72
C ARG A 52 9.21 -8.05 10.48
N LEU A 53 8.80 -9.14 9.86
CA LEU A 53 8.99 -10.46 10.43
C LEU A 53 9.58 -11.40 9.39
N TYR A 54 10.64 -12.08 9.79
CA TYR A 54 11.32 -13.00 8.89
C TYR A 54 10.61 -14.35 8.84
N GLU A 55 9.64 -14.51 9.74
CA GLU A 55 8.84 -15.71 9.76
C GLU A 55 7.45 -15.42 10.33
N GLY A 56 6.59 -16.43 10.27
CA GLY A 56 5.25 -16.31 10.81
C GLY A 56 4.35 -15.51 9.86
N GLU A 57 3.19 -15.14 10.37
CA GLU A 57 2.23 -14.40 9.58
C GLU A 57 2.11 -12.97 10.08
N ALA A 58 2.65 -12.05 9.29
CA ALA A 58 2.56 -10.63 9.61
C ALA A 58 1.18 -10.12 9.26
N ASP A 59 0.82 -8.99 9.87
CA ASP A 59 -0.50 -8.42 9.67
C ASP A 59 -0.67 -8.03 8.20
N ILE A 60 0.40 -7.50 7.62
CA ILE A 60 0.39 -7.10 6.23
C ILE A 60 1.39 -7.95 5.45
N MET A 61 0.93 -9.12 5.06
CA MET A 61 1.79 -10.07 4.35
C MET A 61 1.72 -9.85 2.84
N ILE A 62 2.55 -8.93 2.36
CA ILE A 62 2.51 -8.54 0.96
C ILE A 62 3.04 -9.68 0.11
N SER A 63 2.49 -9.77 -1.11
CA SER A 63 2.87 -10.84 -2.01
C SER A 63 2.61 -10.40 -3.46
N PHE A 64 3.32 -11.05 -4.38
CA PHE A 64 3.09 -10.83 -5.79
C PHE A 64 2.56 -12.09 -6.46
N ALA A 65 1.47 -11.92 -7.20
CA ALA A 65 0.79 -13.07 -7.80
C ALA A 65 0.29 -12.67 -9.19
N VAL A 66 -0.20 -13.67 -9.91
CA VAL A 66 -0.82 -13.42 -11.20
C VAL A 66 -2.01 -14.37 -11.38
N ARG A 67 -2.68 -14.24 -12.51
CA ARG A 67 -3.76 -15.14 -12.85
C ARG A 67 -4.50 -15.59 -11.59
N GLU A 68 -4.95 -16.84 -11.62
CA GLU A 68 -5.59 -17.42 -10.45
C GLU A 68 -4.56 -17.65 -9.33
N HIS A 69 -4.49 -16.67 -8.44
CA HIS A 69 -3.59 -16.77 -7.30
C HIS A 69 -4.42 -17.05 -6.03
N GLY A 70 -5.36 -17.98 -6.18
CA GLY A 70 -6.27 -18.28 -5.09
C GLY A 70 -7.18 -17.09 -4.78
N ASP A 71 -7.97 -16.71 -5.77
CA ASP A 71 -8.76 -15.50 -5.67
C ASP A 71 -9.73 -15.43 -6.85
N PHE A 72 -10.43 -14.31 -6.94
CA PHE A 72 -11.44 -14.13 -7.97
C PHE A 72 -11.02 -13.05 -8.97
N TYR A 73 -9.90 -12.42 -8.68
CA TYR A 73 -9.36 -11.40 -9.55
C TYR A 73 -8.01 -11.82 -10.15
N PRO A 74 -8.09 -12.56 -11.29
CA PRO A 74 -6.90 -13.06 -11.94
C PRO A 74 -6.16 -11.93 -12.67
N PHE A 75 -4.84 -12.04 -12.70
CA PHE A 75 -4.03 -11.10 -13.46
C PHE A 75 -3.55 -11.74 -14.76
N ASP A 76 -3.74 -11.00 -15.85
CA ASP A 76 -3.39 -11.50 -17.17
C ASP A 76 -3.24 -10.32 -18.13
N GLY A 77 -4.33 -9.60 -18.30
CA GLY A 77 -4.37 -8.50 -19.25
C GLY A 77 -3.14 -7.61 -19.10
N PRO A 78 -2.70 -7.04 -20.26
CA PRO A 78 -1.58 -6.12 -20.26
C PRO A 78 -1.99 -4.75 -19.70
N GLY A 79 -1.20 -4.27 -18.76
CA GLY A 79 -1.55 -3.04 -18.06
C GLY A 79 -2.67 -3.29 -17.05
N ASN A 80 -3.72 -2.48 -17.15
CA ASN A 80 -4.86 -2.62 -16.28
C ASN A 80 -4.38 -2.81 -14.83
N VAL A 81 -5.17 -3.55 -14.07
CA VAL A 81 -4.82 -3.84 -12.69
C VAL A 81 -3.30 -3.97 -12.57
N LEU A 82 -2.71 -3.06 -11.81
CA LEU A 82 -1.30 -3.15 -11.49
C LEU A 82 -1.13 -3.85 -10.14
N ALA A 83 -2.13 -3.65 -9.28
CA ALA A 83 -2.16 -4.36 -8.01
C ALA A 83 -3.46 -4.02 -7.27
N HIS A 84 -4.01 -5.01 -6.61
CA HIS A 84 -5.24 -4.82 -5.85
C HIS A 84 -4.96 -5.10 -4.38
N ALA A 85 -5.89 -4.64 -3.53
CA ALA A 85 -5.80 -4.89 -2.11
C ALA A 85 -7.18 -4.71 -1.47
N TYR A 86 -7.29 -5.13 -0.22
CA TYR A 86 -8.55 -5.10 0.47
C TYR A 86 -8.38 -4.67 1.93
N ALA A 87 -9.49 -4.28 2.55
CA ALA A 87 -9.49 -3.98 3.96
C ALA A 87 -9.12 -5.24 4.75
N PRO A 88 -9.03 -5.07 6.09
CA PRO A 88 -8.76 -6.20 6.97
C PRO A 88 -10.00 -7.09 7.13
N GLY A 89 -9.74 -8.35 7.40
CA GLY A 89 -10.81 -9.33 7.54
C GLY A 89 -10.25 -10.74 7.71
N PRO A 90 -10.66 -11.65 6.79
CA PRO A 90 -10.12 -13.00 6.76
C PRO A 90 -8.69 -13.00 6.20
N GLY A 91 -8.18 -14.21 6.02
CA GLY A 91 -6.77 -14.38 5.69
C GLY A 91 -6.45 -13.83 4.31
N ILE A 92 -7.51 -13.58 3.55
CA ILE A 92 -7.35 -13.08 2.20
C ILE A 92 -7.38 -11.55 2.22
N ASN A 93 -7.93 -11.02 3.31
CA ASN A 93 -7.97 -9.58 3.50
C ASN A 93 -6.68 -9.14 4.22
N GLY A 94 -6.44 -7.83 4.17
CA GLY A 94 -5.26 -7.27 4.80
C GLY A 94 -4.04 -7.41 3.90
N ASP A 95 -3.98 -8.55 3.22
CA ASP A 95 -2.88 -8.80 2.29
C ASP A 95 -3.07 -7.95 1.03
N ALA A 96 -1.95 -7.57 0.44
CA ALA A 96 -1.97 -6.78 -0.77
C ALA A 96 -1.24 -7.52 -1.89
N HIS A 97 -1.99 -7.89 -2.91
CA HIS A 97 -1.42 -8.63 -4.03
C HIS A 97 -0.99 -7.66 -5.12
N PHE A 98 0.29 -7.72 -5.45
CA PHE A 98 0.81 -7.00 -6.60
C PHE A 98 0.73 -7.84 -7.87
N ASP A 99 0.54 -7.14 -8.99
CA ASP A 99 0.41 -7.81 -10.27
C ASP A 99 1.79 -8.15 -10.81
N ASP A 100 2.17 -9.41 -10.65
CA ASP A 100 3.47 -9.87 -11.11
C ASP A 100 3.46 -9.98 -12.64
N ASP A 101 2.26 -10.13 -13.18
CA ASP A 101 2.11 -10.22 -14.62
C ASP A 101 2.19 -8.82 -15.23
N GLU A 102 3.21 -8.09 -14.83
CA GLU A 102 3.41 -6.73 -15.31
C GLU A 102 4.82 -6.25 -14.97
N GLN A 103 5.26 -5.25 -15.73
CA GLN A 103 6.58 -4.68 -15.52
C GLN A 103 6.59 -3.81 -14.25
N TRP A 104 7.78 -3.64 -13.70
CA TRP A 104 7.94 -2.80 -12.53
C TRP A 104 9.32 -2.13 -12.61
N THR A 105 9.43 -1.00 -11.92
CA THR A 105 10.72 -0.35 -11.77
C THR A 105 10.88 0.19 -10.34
N LYS A 106 12.07 0.73 -10.08
CA LYS A 106 12.35 1.30 -8.78
C LYS A 106 12.44 2.82 -8.90
N ASP A 107 11.88 3.33 -9.98
CA ASP A 107 11.90 4.76 -10.23
C ASP A 107 10.86 5.10 -11.31
N THR A 108 10.97 6.31 -11.83
CA THR A 108 10.00 6.79 -12.81
C THR A 108 10.46 6.43 -14.22
N THR A 109 10.54 5.12 -14.47
CA THR A 109 10.88 4.64 -15.80
C THR A 109 9.98 3.45 -16.17
N GLY A 110 8.88 3.33 -15.44
CA GLY A 110 7.93 2.25 -15.69
C GLY A 110 6.75 2.33 -14.72
N THR A 111 6.27 1.16 -14.33
CA THR A 111 5.26 1.08 -13.28
C THR A 111 5.92 1.16 -11.90
N ASN A 112 6.21 2.39 -11.49
CA ASN A 112 6.94 2.62 -10.26
C ASN A 112 6.29 1.82 -9.13
N LEU A 113 7.04 0.86 -8.62
CA LEU A 113 6.51 -0.06 -7.62
C LEU A 113 6.23 0.70 -6.33
N PHE A 114 7.23 1.42 -5.87
CA PHE A 114 7.13 2.13 -4.60
C PHE A 114 5.86 3.00 -4.56
N LEU A 115 5.52 3.55 -5.72
CA LEU A 115 4.45 4.51 -5.80
C LEU A 115 3.10 3.77 -5.85
N VAL A 116 3.14 2.59 -6.44
CA VAL A 116 1.97 1.72 -6.44
C VAL A 116 1.80 1.08 -5.07
N ALA A 117 2.93 0.82 -4.43
CA ALA A 117 2.93 0.13 -3.15
C ALA A 117 2.08 0.92 -2.15
N ALA A 118 2.29 2.23 -2.15
CA ALA A 118 1.57 3.10 -1.24
C ALA A 118 0.06 2.86 -1.40
N HIS A 119 -0.46 2.89 -2.63
CA HIS A 119 -1.91 2.62 -2.93
C HIS A 119 -2.37 1.30 -2.27
N GLU A 120 -1.70 0.22 -2.63
CA GLU A 120 -2.03 -1.10 -2.08
C GLU A 120 -2.16 -1.01 -0.56
N ILE A 121 -1.07 -0.61 0.08
CA ILE A 121 -1.02 -0.55 1.53
C ILE A 121 -2.27 0.18 2.04
N GLY A 122 -2.61 1.27 1.36
CA GLY A 122 -3.76 2.06 1.74
C GLY A 122 -4.97 1.17 2.00
N HIS A 123 -5.26 0.31 1.03
CA HIS A 123 -6.40 -0.58 1.14
C HIS A 123 -6.21 -1.52 2.33
N SER A 124 -4.99 -2.01 2.48
CA SER A 124 -4.66 -2.92 3.56
C SER A 124 -4.96 -2.24 4.91
N LEU A 125 -4.66 -0.95 4.97
CA LEU A 125 -4.87 -0.19 6.19
C LEU A 125 -6.37 0.05 6.37
N GLY A 126 -6.90 0.94 5.56
CA GLY A 126 -8.33 1.22 5.58
C GLY A 126 -8.66 2.44 4.71
N LEU A 127 -8.03 2.48 3.55
CA LEU A 127 -8.30 3.54 2.59
C LEU A 127 -8.94 2.93 1.34
N PHE A 128 -9.45 3.82 0.48
CA PHE A 128 -10.04 3.38 -0.77
C PHE A 128 -10.09 4.54 -1.77
N HIS A 129 -10.34 4.18 -3.03
CA HIS A 129 -10.17 5.12 -4.12
C HIS A 129 -10.81 6.46 -3.75
N SER A 130 -10.00 7.50 -3.79
CA SER A 130 -10.46 8.83 -3.41
C SER A 130 -11.18 9.49 -4.59
N ALA A 131 -11.87 10.57 -4.28
CA ALA A 131 -12.55 11.35 -5.30
C ALA A 131 -11.57 12.35 -5.92
N ASN A 132 -10.57 12.71 -5.12
CA ASN A 132 -9.55 13.64 -5.58
C ASN A 132 -8.65 12.94 -6.60
N THR A 133 -8.18 13.72 -7.56
CA THR A 133 -7.30 13.20 -8.59
C THR A 133 -5.84 13.55 -8.29
N GLU A 134 -5.67 14.45 -7.33
CA GLU A 134 -4.34 14.83 -6.88
C GLU A 134 -3.74 13.73 -5.99
N ALA A 135 -4.63 12.96 -5.40
CA ALA A 135 -4.20 11.94 -4.45
C ALA A 135 -3.70 10.72 -5.21
N LEU A 136 -2.94 9.88 -4.50
CA LEU A 136 -2.41 8.67 -5.09
C LEU A 136 -3.39 7.53 -4.86
N MET A 137 -4.40 7.80 -4.04
CA MET A 137 -5.46 6.83 -3.80
C MET A 137 -6.41 6.76 -4.99
N TYR A 138 -6.48 7.88 -5.72
CA TYR A 138 -7.29 7.92 -6.92
C TYR A 138 -7.05 6.69 -7.81
N PRO A 139 -8.16 6.19 -8.40
CA PRO A 139 -8.09 4.98 -9.21
C PRO A 139 -7.46 5.27 -10.57
N LEU A 140 -6.22 5.73 -10.52
CA LEU A 140 -5.47 5.99 -11.73
C LEU A 140 -3.99 6.21 -11.39
N TYR A 141 -3.14 5.57 -12.16
CA TYR A 141 -1.71 5.65 -11.93
C TYR A 141 -1.26 7.10 -11.81
N HIS A 142 -0.20 7.30 -11.04
CA HIS A 142 0.34 8.64 -10.83
C HIS A 142 1.86 8.58 -10.79
N SER A 143 2.47 9.37 -11.66
CA SER A 143 3.92 9.42 -11.75
C SER A 143 4.39 10.89 -11.77
N LEU A 144 5.59 11.09 -11.23
CA LEU A 144 6.16 12.42 -11.18
C LEU A 144 7.66 12.34 -11.49
N THR A 145 8.12 13.29 -12.30
CA THR A 145 9.51 13.34 -12.69
C THR A 145 10.41 12.99 -11.49
N ASP A 146 10.31 13.83 -10.47
CA ASP A 146 11.03 13.58 -9.23
C ASP A 146 10.08 13.01 -8.18
N LEU A 147 10.13 11.70 -8.02
CA LEU A 147 9.24 11.01 -7.11
C LEU A 147 9.55 11.43 -5.68
N THR A 148 10.76 11.96 -5.50
CA THR A 148 11.21 12.40 -4.19
C THR A 148 10.30 13.52 -3.66
N ARG A 149 9.39 13.96 -4.52
CA ARG A 149 8.53 15.07 -4.19
C ARG A 149 7.09 14.58 -3.98
N PHE A 150 6.89 13.30 -4.25
CA PHE A 150 5.57 12.71 -4.13
C PHE A 150 5.10 12.73 -2.67
N ARG A 151 3.81 12.95 -2.50
CA ARG A 151 3.21 12.93 -1.18
C ARG A 151 1.70 12.64 -1.28
N LEU A 152 1.15 12.14 -0.19
CA LEU A 152 -0.27 11.86 -0.13
C LEU A 152 -1.04 13.18 0.00
N SER A 153 -2.04 13.33 -0.85
CA SER A 153 -2.86 14.52 -0.83
C SER A 153 -3.70 14.55 0.44
N GLN A 154 -4.18 15.74 0.78
CA GLN A 154 -4.92 15.93 2.01
C GLN A 154 -6.09 14.95 2.09
N ASP A 155 -6.63 14.64 0.92
CA ASP A 155 -7.77 13.72 0.84
C ASP A 155 -7.40 12.41 1.53
N ASP A 156 -6.17 11.96 1.29
CA ASP A 156 -5.72 10.68 1.77
C ASP A 156 -5.51 10.76 3.29
N ILE A 157 -4.92 11.86 3.71
CA ILE A 157 -4.60 12.05 5.12
C ILE A 157 -5.90 12.20 5.91
N ASN A 158 -6.87 12.85 5.29
CA ASN A 158 -8.14 13.10 5.95
C ASN A 158 -8.73 11.77 6.42
N GLY A 159 -8.67 10.78 5.53
CA GLY A 159 -9.25 9.49 5.82
C GLY A 159 -8.35 8.68 6.76
N ILE A 160 -7.11 8.52 6.34
CA ILE A 160 -6.17 7.67 7.08
C ILE A 160 -6.11 8.14 8.54
N GLN A 161 -6.00 9.45 8.70
CA GLN A 161 -5.86 10.02 10.03
C GLN A 161 -7.18 9.96 10.79
N SER A 162 -8.26 9.94 10.03
CA SER A 162 -9.59 9.84 10.62
C SER A 162 -9.80 8.42 11.17
N LEU A 163 -9.17 7.46 10.53
CA LEU A 163 -9.26 6.07 10.96
C LEU A 163 -8.28 5.85 12.12
N TYR A 164 -7.32 6.76 12.23
CA TYR A 164 -6.30 6.65 13.26
C TYR A 164 -6.00 8.02 13.87
N GLY A 165 -5.07 8.73 13.24
CA GLY A 165 -4.79 10.10 13.61
C GLY A 165 -3.58 10.19 14.54
N PRO A 166 -2.47 10.73 13.98
CA PRO A 166 -1.24 10.90 14.76
C PRO A 166 -1.38 12.07 15.74
N PRO A 167 -0.39 12.14 16.68
CA PRO A 167 -0.39 13.20 17.67
C PRO A 167 0.07 14.52 17.05
N PRO A 168 -0.17 15.63 17.80
CA PRO A 168 0.22 16.94 17.35
C PRO A 168 1.73 17.15 17.49
N ASP A 169 2.18 18.33 17.10
CA ASP A 169 3.60 18.66 17.20
C ASP A 169 4.02 18.64 18.68
N SER A 170 5.25 18.21 18.89
CA SER A 170 5.77 18.09 20.25
C SER A 170 4.98 17.04 21.03
N PRO A 171 5.67 16.42 22.03
CA PRO A 171 5.03 15.40 22.86
C PRO A 171 4.09 16.05 23.87
N GLU A 172 2.82 15.66 23.77
CA GLU A 172 1.81 16.18 24.67
C GLU A 172 1.99 15.59 26.08
N THR A 173 1.30 16.19 27.03
CA THR A 173 1.36 15.73 28.41
C THR A 173 2.81 15.72 28.89
ZN ZN B . -7.28 0.25 -5.24
ZN ZN C . -5.64 -11.20 -5.16
C1 8MI D . -7.67 -0.17 -8.95
C2 8MI D . -6.47 -1.09 -8.61
C3 8MI D . -6.84 -1.97 -7.39
O4 8MI D . -6.81 -1.46 -6.28
O5 8MI D . -7.12 -3.15 -7.58
N6 8MI D . -5.27 -0.25 -8.40
C7 8MI D . -5.07 0.71 -9.51
C8 8MI D . -3.71 1.46 -9.34
C9 8MI D . -3.76 2.41 -8.12
C10 8MI D . -2.65 3.45 -8.20
C11 8MI D . -1.39 3.09 -8.73
C12 8MI D . -0.37 4.04 -8.80
C13 8MI D . -0.59 5.35 -8.36
C14 8MI D . -1.83 5.71 -7.84
C15 8MI D . -2.86 4.77 -7.77
C16 8MI D . -5.06 0.00 -10.90
O17 8MI D . -4.38 -0.99 -11.10
N18 8MI D . -5.80 0.52 -11.86
C19 8MI D . -5.89 -0.05 -13.26
C20 8MI D . -7.39 -0.24 -13.63
C21 8MI D . -7.93 -1.56 -13.02
C22 8MI D . -9.45 -1.66 -13.24
N23 8MI D . -10.18 -0.73 -12.30
C24 8MI D . -10.50 -1.02 -11.04
N25 8MI D . -11.21 -0.16 -10.35
N26 8MI D . -10.09 -2.14 -10.46
C27 8MI D . -5.20 0.91 -14.27
O28 8MI D . -5.79 1.88 -14.74
N29 8MI D . -3.95 0.63 -14.63
C30 8MI D . -3.26 1.44 -15.49
C31 8MI D . -2.59 0.89 -16.59
C32 8MI D . -1.89 1.72 -17.47
C33 8MI D . -1.85 3.11 -17.26
C34 8MI D . -2.52 3.67 -16.17
C35 8MI D . -3.22 2.84 -15.28
H36 8MI D . -7.61 0.72 -8.34
H37 8MI D . -8.59 -0.69 -8.72
H38 8MI D . -7.65 0.09 -9.99
H39 8MI D . -6.30 -1.74 -9.46
H40 8MI D . -4.44 -0.87 -8.29
H41 8MI D . -5.86 1.44 -9.52
H42 8MI D . -3.50 2.03 -10.23
H43 8MI D . -2.93 0.72 -9.19
H44 8MI D . -3.64 1.83 -7.21
H45 8MI D . -4.71 2.92 -8.08
H46 8MI D . -1.21 2.09 -9.08
H47 8MI D . 0.60 3.77 -9.20
H48 8MI D . 0.20 6.08 -8.42
H49 8MI D . -2.00 6.72 -7.49
H50 8MI D . -3.83 5.05 -7.37
H51 8MI D . -6.37 1.31 -11.73
H52 8MI D . -5.40 -1.01 -13.29
H53 8MI D . -7.49 -0.29 -14.71
H54 8MI D . -7.96 0.59 -13.26
H55 8MI D . -7.73 -1.57 -11.96
H56 8MI D . -7.45 -2.39 -13.49
H57 8MI D . -9.77 -2.68 -13.06
H58 8MI D . -9.68 -1.39 -14.27
H59 8MI D . -10.42 0.13 -12.71
H61 8MI D . -11.47 -0.37 -9.40
H62 8MI D . -9.53 -2.79 -10.98
H63 8MI D . -10.34 -2.35 -9.52
H64 8MI D . -3.49 -0.18 -14.29
H65 8MI D . -2.61 -0.17 -16.76
H66 8MI D . -1.37 1.30 -18.32
H67 8MI D . -1.31 3.74 -17.94
H68 8MI D . -2.48 4.73 -16.00
H69 8MI D . -3.74 3.27 -14.43
H60 8MI D . -11.52 0.70 -10.77
H70 8MI D . -5.39 0.28 -7.50
N PHE A 1 -11.09 9.38 0.12
CA PHE A 1 -11.00 8.48 1.26
C PHE A 1 -12.39 8.05 1.72
N ARG A 2 -12.41 6.94 2.44
CA ARG A 2 -13.66 6.43 3.00
C ARG A 2 -13.40 5.18 3.84
N THR A 3 -14.48 4.66 4.42
CA THR A 3 -14.38 3.48 5.27
C THR A 3 -15.32 2.39 4.76
N PHE A 4 -14.79 1.17 4.73
CA PHE A 4 -15.60 0.01 4.38
C PHE A 4 -16.48 -0.40 5.56
N PRO A 5 -17.33 -1.43 5.30
CA PRO A 5 -18.34 -1.83 6.27
C PRO A 5 -17.70 -2.60 7.43
N GLY A 6 -17.50 -1.90 8.53
CA GLY A 6 -16.72 -2.44 9.63
C GLY A 6 -15.69 -1.42 10.11
N ILE A 7 -15.48 -0.39 9.30
CA ILE A 7 -14.51 0.64 9.62
C ILE A 7 -13.12 0.01 9.68
N PRO A 8 -12.31 0.28 8.62
CA PRO A 8 -11.00 -0.34 8.50
C PRO A 8 -10.00 0.29 9.47
N LYS A 9 -9.37 -0.57 10.25
CA LYS A 9 -8.39 -0.12 11.24
C LYS A 9 -8.02 -1.28 12.16
N TRP A 10 -6.72 -1.55 12.20
CA TRP A 10 -6.22 -2.59 13.08
C TRP A 10 -6.42 -2.14 14.53
N ARG A 11 -6.24 -3.08 15.44
CA ARG A 11 -6.48 -2.81 16.85
C ARG A 11 -5.17 -2.45 17.55
N LYS A 12 -4.10 -2.49 16.78
CA LYS A 12 -2.78 -2.17 17.32
C LYS A 12 -2.10 -1.15 16.41
N THR A 13 -1.23 -0.36 17.02
CA THR A 13 -0.47 0.64 16.27
C THR A 13 0.80 0.03 15.68
N HIS A 14 1.42 -0.83 16.47
CA HIS A 14 2.62 -1.52 16.04
C HIS A 14 2.25 -2.66 15.10
N LEU A 15 2.22 -2.36 13.81
CA LEU A 15 1.79 -3.31 12.81
C LEU A 15 3.01 -4.12 12.33
N THR A 16 2.72 -5.20 11.63
CA THR A 16 3.78 -6.01 11.03
C THR A 16 3.45 -6.34 9.58
N TYR A 17 4.50 -6.49 8.79
CA TYR A 17 4.33 -6.86 7.39
C TYR A 17 5.44 -7.83 6.95
N ARG A 18 5.29 -8.33 5.73
CA ARG A 18 6.23 -9.29 5.20
C ARG A 18 6.05 -9.43 3.68
N ILE A 19 7.17 -9.54 2.99
CA ILE A 19 7.14 -9.81 1.56
C ILE A 19 7.28 -11.32 1.33
N VAL A 20 6.24 -11.90 0.77
CA VAL A 20 6.20 -13.34 0.58
C VAL A 20 7.06 -13.71 -0.64
N ASN A 21 6.97 -12.89 -1.66
CA ASN A 21 7.74 -13.11 -2.87
C ASN A 21 7.84 -11.79 -3.66
N TYR A 22 8.64 -11.83 -4.71
CA TYR A 22 8.91 -10.64 -5.49
C TYR A 22 8.68 -10.90 -6.98
N THR A 23 9.00 -9.88 -7.78
CA THR A 23 8.80 -9.98 -9.22
C THR A 23 10.14 -10.16 -9.93
N PRO A 24 10.12 -10.98 -11.02
CA PRO A 24 11.32 -11.23 -11.79
C PRO A 24 11.67 -10.02 -12.66
N ASP A 25 12.09 -8.95 -11.99
CA ASP A 25 12.45 -7.73 -12.69
C ASP A 25 13.24 -6.83 -11.73
N LEU A 26 12.69 -6.66 -10.54
CA LEU A 26 13.34 -5.83 -9.53
C LEU A 26 14.14 -6.72 -8.57
N PRO A 27 15.13 -6.09 -7.89
CA PRO A 27 15.82 -6.75 -6.80
C PRO A 27 14.95 -6.81 -5.55
N LYS A 28 15.36 -7.68 -4.63
CA LYS A 28 14.56 -7.93 -3.44
C LYS A 28 14.44 -6.65 -2.62
N ASP A 29 15.60 -6.14 -2.23
CA ASP A 29 15.64 -4.95 -1.38
C ASP A 29 14.78 -3.85 -2.01
N ALA A 30 14.82 -3.79 -3.33
CA ALA A 30 14.14 -2.73 -4.06
C ALA A 30 12.64 -2.84 -3.80
N VAL A 31 12.13 -4.06 -3.90
CA VAL A 31 10.72 -4.31 -3.72
C VAL A 31 10.32 -4.00 -2.28
N ASP A 32 11.05 -4.61 -1.36
CA ASP A 32 10.79 -4.40 0.06
C ASP A 32 10.78 -2.91 0.35
N SER A 33 11.64 -2.18 -0.35
CA SER A 33 11.78 -0.76 -0.12
C SER A 33 10.47 -0.04 -0.48
N ALA A 34 9.86 -0.49 -1.57
CA ALA A 34 8.61 0.08 -2.02
C ALA A 34 7.57 -0.03 -0.90
N VAL A 35 7.62 -1.15 -0.20
CA VAL A 35 6.74 -1.36 0.94
C VAL A 35 7.19 -0.48 2.11
N GLU A 36 8.44 -0.69 2.50
CA GLU A 36 9.04 0.14 3.53
C GLU A 36 8.73 1.61 3.28
N LYS A 37 8.64 1.95 1.99
CA LYS A 37 8.39 3.32 1.60
C LYS A 37 6.90 3.63 1.75
N ALA A 38 6.08 2.73 1.21
CA ALA A 38 4.64 2.89 1.30
C ALA A 38 4.24 3.00 2.77
N LEU A 39 4.95 2.25 3.60
CA LEU A 39 4.63 2.22 5.02
C LEU A 39 4.94 3.60 5.64
N LYS A 40 6.15 4.06 5.38
CA LYS A 40 6.58 5.33 5.92
C LYS A 40 5.63 6.44 5.45
N VAL A 41 5.21 6.31 4.20
CA VAL A 41 4.36 7.32 3.60
C VAL A 41 3.15 7.57 4.51
N TRP A 42 2.65 6.50 5.10
CA TRP A 42 1.46 6.57 5.94
C TRP A 42 1.92 6.85 7.36
N GLU A 43 3.09 6.32 7.70
CA GLU A 43 3.68 6.56 9.01
C GLU A 43 3.81 8.07 9.26
N GLU A 44 3.81 8.82 8.16
CA GLU A 44 4.01 10.26 8.25
C GLU A 44 2.71 10.95 8.62
N VAL A 45 1.61 10.25 8.40
CA VAL A 45 0.29 10.84 8.57
C VAL A 45 -0.56 9.94 9.46
N THR A 46 0.12 9.05 10.17
CA THR A 46 -0.53 8.27 11.21
C THR A 46 0.42 8.04 12.38
N PRO A 47 -0.18 7.68 13.55
CA PRO A 47 0.60 7.29 14.71
C PRO A 47 1.17 5.88 14.53
N LEU A 48 0.69 5.22 13.49
CA LEU A 48 0.97 3.81 13.31
C LEU A 48 2.48 3.59 13.19
N THR A 49 2.90 2.38 13.52
CA THR A 49 4.27 1.97 13.27
C THR A 49 4.31 0.60 12.59
N PHE A 50 5.48 0.28 12.05
CA PHE A 50 5.62 -0.95 11.28
C PHE A 50 6.94 -1.66 11.63
N SER A 51 6.81 -2.92 12.01
CA SER A 51 7.97 -3.74 12.29
C SER A 51 8.16 -4.78 11.18
N ARG A 52 9.36 -5.33 11.12
CA ARG A 52 9.69 -6.31 10.11
C ARG A 52 9.75 -7.71 10.73
N LEU A 53 9.38 -8.69 9.91
CA LEU A 53 9.41 -10.07 10.35
C LEU A 53 10.11 -10.93 9.29
N TYR A 54 10.91 -11.87 9.75
CA TYR A 54 11.62 -12.77 8.86
C TYR A 54 11.00 -14.17 8.87
N GLU A 55 9.99 -14.33 9.73
CA GLU A 55 9.28 -15.59 9.83
C GLU A 55 7.87 -15.36 10.37
N GLY A 56 7.05 -16.40 10.27
CA GLY A 56 5.70 -16.35 10.79
C GLY A 56 4.78 -15.58 9.83
N GLU A 57 3.60 -15.27 10.34
CA GLU A 57 2.60 -14.56 9.54
C GLU A 57 2.44 -13.14 10.05
N ALA A 58 2.88 -12.19 9.23
CA ALA A 58 2.74 -10.78 9.56
C ALA A 58 1.30 -10.33 9.26
N ASP A 59 0.93 -9.22 9.87
CA ASP A 59 -0.42 -8.70 9.70
C ASP A 59 -0.63 -8.30 8.24
N ILE A 60 0.44 -7.77 7.64
CA ILE A 60 0.38 -7.35 6.25
C ILE A 60 1.40 -8.16 5.44
N MET A 61 0.97 -9.34 5.02
CA MET A 61 1.84 -10.22 4.25
C MET A 61 1.72 -9.96 2.75
N ILE A 62 2.50 -8.99 2.29
CA ILE A 62 2.41 -8.58 0.90
C ILE A 62 3.02 -9.65 0.01
N SER A 63 2.36 -9.88 -1.12
CA SER A 63 2.76 -10.95 -2.02
C SER A 63 2.46 -10.55 -3.47
N PHE A 64 3.11 -11.26 -4.38
CA PHE A 64 2.80 -11.10 -5.79
C PHE A 64 2.22 -12.39 -6.38
N ALA A 65 1.35 -12.23 -7.36
CA ALA A 65 0.68 -13.36 -7.96
C ALA A 65 0.20 -12.98 -9.36
N VAL A 66 -0.19 -13.99 -10.13
CA VAL A 66 -0.78 -13.75 -11.43
C VAL A 66 -1.91 -14.77 -11.66
N ARG A 67 -2.46 -14.73 -12.87
CA ARG A 67 -3.41 -15.74 -13.29
C ARG A 67 -4.12 -16.34 -12.08
N GLU A 68 -3.63 -17.50 -11.65
CA GLU A 68 -4.25 -18.21 -10.54
C GLU A 68 -3.52 -17.89 -9.24
N HIS A 69 -4.27 -17.36 -8.29
CA HIS A 69 -3.73 -17.11 -6.96
C HIS A 69 -4.88 -17.07 -5.94
N GLY A 70 -5.91 -17.86 -6.23
CA GLY A 70 -7.10 -17.85 -5.41
C GLY A 70 -8.04 -16.71 -5.82
N ASP A 71 -9.00 -16.44 -4.95
CA ASP A 71 -9.92 -15.33 -5.18
C ASP A 71 -10.47 -15.42 -6.61
N PHE A 72 -11.14 -14.35 -7.01
CA PHE A 72 -11.84 -14.33 -8.28
C PHE A 72 -11.44 -13.11 -9.12
N TYR A 73 -10.28 -12.57 -8.80
CA TYR A 73 -9.63 -11.62 -9.69
C TYR A 73 -8.37 -12.23 -10.32
N PRO A 74 -8.55 -12.76 -11.56
CA PRO A 74 -7.44 -13.35 -12.28
C PRO A 74 -6.50 -12.28 -12.84
N PHE A 75 -5.23 -12.63 -12.89
CA PHE A 75 -4.22 -11.71 -13.41
C PHE A 75 -3.65 -12.21 -14.73
N ASP A 76 -3.59 -11.29 -15.70
CA ASP A 76 -3.11 -11.63 -17.02
C ASP A 76 -3.04 -10.36 -17.87
N GLY A 77 -4.13 -9.62 -17.86
CA GLY A 77 -4.23 -8.43 -18.70
C GLY A 77 -2.88 -7.72 -18.79
N PRO A 78 -2.53 -7.31 -20.04
CA PRO A 78 -1.31 -6.54 -20.26
C PRO A 78 -1.48 -5.10 -19.80
N GLY A 79 -0.90 -4.80 -18.64
CA GLY A 79 -1.14 -3.53 -17.98
C GLY A 79 -2.31 -3.64 -17.00
N ASN A 80 -3.32 -2.81 -17.24
CA ASN A 80 -4.54 -2.88 -16.45
C ASN A 80 -4.17 -3.03 -14.97
N VAL A 81 -5.05 -3.71 -14.25
CA VAL A 81 -4.79 -4.00 -12.84
C VAL A 81 -3.29 -4.20 -12.63
N LEU A 82 -2.68 -3.24 -11.95
CA LEU A 82 -1.29 -3.37 -11.57
C LEU A 82 -1.19 -4.13 -10.24
N ALA A 83 -2.20 -3.92 -9.40
CA ALA A 83 -2.24 -4.60 -8.12
C ALA A 83 -3.56 -4.24 -7.41
N HIS A 84 -4.07 -5.21 -6.67
CA HIS A 84 -5.29 -5.01 -5.92
C HIS A 84 -5.03 -5.24 -4.43
N ALA A 85 -5.94 -4.72 -3.61
CA ALA A 85 -5.85 -4.93 -2.18
C ALA A 85 -7.24 -4.73 -1.56
N TYR A 86 -7.37 -5.20 -0.32
CA TYR A 86 -8.65 -5.19 0.35
C TYR A 86 -8.51 -4.71 1.80
N ALA A 87 -9.64 -4.29 2.36
CA ALA A 87 -9.67 -3.94 3.77
C ALA A 87 -9.34 -5.17 4.61
N PRO A 88 -9.30 -4.97 5.96
CA PRO A 88 -9.02 -6.06 6.87
C PRO A 88 -10.23 -6.99 7.02
N GLY A 89 -9.94 -8.22 7.41
CA GLY A 89 -10.99 -9.23 7.54
C GLY A 89 -10.38 -10.61 7.78
N PRO A 90 -10.82 -11.58 6.93
CA PRO A 90 -10.29 -12.93 7.00
C PRO A 90 -8.89 -12.99 6.40
N GLY A 91 -8.38 -14.21 6.27
CA GLY A 91 -6.99 -14.41 5.89
C GLY A 91 -6.74 -13.94 4.46
N ILE A 92 -7.84 -13.74 3.74
CA ILE A 92 -7.75 -13.28 2.36
C ILE A 92 -7.66 -11.76 2.34
N ASN A 93 -8.22 -11.15 3.37
CA ASN A 93 -8.19 -9.70 3.50
C ASN A 93 -6.92 -9.28 4.22
N GLY A 94 -6.65 -7.98 4.18
CA GLY A 94 -5.47 -7.44 4.83
C GLY A 94 -4.23 -7.55 3.93
N ASP A 95 -4.15 -8.67 3.23
CA ASP A 95 -3.04 -8.91 2.33
C ASP A 95 -3.24 -8.09 1.05
N ALA A 96 -2.14 -7.88 0.35
CA ALA A 96 -2.19 -7.15 -0.91
C ALA A 96 -1.43 -7.93 -1.98
N HIS A 97 -2.17 -8.37 -2.99
CA HIS A 97 -1.57 -9.09 -4.10
C HIS A 97 -1.18 -8.11 -5.20
N PHE A 98 0.09 -8.18 -5.57
CA PHE A 98 0.58 -7.38 -6.68
C PHE A 98 0.67 -8.22 -7.96
N ASP A 99 0.50 -7.55 -9.09
CA ASP A 99 0.47 -8.23 -10.37
C ASP A 99 1.90 -8.56 -10.80
N ASP A 100 2.26 -9.82 -10.66
CA ASP A 100 3.57 -10.28 -11.08
C ASP A 100 3.61 -10.35 -12.61
N ASP A 101 2.42 -10.49 -13.19
CA ASP A 101 2.30 -10.50 -14.64
C ASP A 101 2.32 -9.05 -15.15
N GLU A 102 3.31 -8.31 -14.68
CA GLU A 102 3.46 -6.92 -15.08
C GLU A 102 4.87 -6.42 -14.78
N GLN A 103 5.30 -5.43 -15.55
CA GLN A 103 6.60 -4.83 -15.33
C GLN A 103 6.56 -3.91 -14.10
N TRP A 104 7.73 -3.70 -13.52
CA TRP A 104 7.84 -2.89 -12.32
C TRP A 104 9.15 -2.11 -12.40
N THR A 105 9.18 -1.00 -11.67
CA THR A 105 10.39 -0.21 -11.56
C THR A 105 10.57 0.29 -10.13
N LYS A 106 11.74 0.88 -9.88
CA LYS A 106 12.00 1.49 -8.58
C LYS A 106 12.01 3.02 -8.74
N ASP A 107 11.63 3.45 -9.93
CA ASP A 107 11.63 4.87 -10.24
C ASP A 107 10.63 5.15 -11.37
N THR A 108 10.61 6.40 -11.81
CA THR A 108 9.71 6.80 -12.88
C THR A 108 10.24 6.34 -14.23
N THR A 109 10.37 5.02 -14.36
CA THR A 109 10.82 4.44 -15.61
C THR A 109 9.88 3.30 -16.04
N GLY A 110 8.77 3.20 -15.33
CA GLY A 110 7.80 2.15 -15.60
C GLY A 110 6.62 2.23 -14.64
N THR A 111 6.18 1.07 -14.19
CA THR A 111 5.17 0.99 -13.15
C THR A 111 5.81 1.18 -11.78
N ASN A 112 6.11 2.44 -11.46
CA ASN A 112 6.73 2.76 -10.19
C ASN A 112 6.06 1.94 -9.08
N LEU A 113 6.79 0.94 -8.61
CA LEU A 113 6.23 -0.02 -7.68
C LEU A 113 5.69 0.70 -6.46
N PHE A 114 6.56 1.48 -5.84
CA PHE A 114 6.22 2.15 -4.59
C PHE A 114 4.86 2.83 -4.69
N LEU A 115 4.69 3.60 -5.76
CA LEU A 115 3.45 4.33 -5.98
C LEU A 115 2.27 3.36 -5.84
N VAL A 116 2.46 2.16 -6.33
CA VAL A 116 1.43 1.14 -6.26
C VAL A 116 1.42 0.52 -4.87
N ALA A 117 2.62 0.40 -4.30
CA ALA A 117 2.76 -0.17 -2.97
C ALA A 117 1.90 0.62 -1.99
N ALA A 118 2.02 1.93 -2.07
CA ALA A 118 1.30 2.81 -1.16
C ALA A 118 -0.20 2.70 -1.42
N HIS A 119 -0.62 2.60 -2.67
CA HIS A 119 -2.06 2.34 -3.07
C HIS A 119 -2.57 1.01 -2.45
N GLU A 120 -1.87 -0.07 -2.75
CA GLU A 120 -2.23 -1.37 -2.22
C GLU A 120 -2.36 -1.31 -0.69
N ILE A 121 -1.30 -0.79 -0.07
CA ILE A 121 -1.28 -0.69 1.38
C ILE A 121 -2.49 0.13 1.85
N GLY A 122 -2.80 1.15 1.08
CA GLY A 122 -3.92 2.03 1.42
C GLY A 122 -5.17 1.21 1.74
N HIS A 123 -5.44 0.24 0.89
CA HIS A 123 -6.59 -0.63 1.08
C HIS A 123 -6.38 -1.50 2.31
N SER A 124 -5.16 -1.99 2.46
CA SER A 124 -4.82 -2.86 3.57
C SER A 124 -5.01 -2.11 4.89
N LEU A 125 -4.74 -0.82 4.85
CA LEU A 125 -4.84 0.00 6.04
C LEU A 125 -6.30 0.39 6.26
N GLY A 126 -6.79 1.25 5.39
CA GLY A 126 -8.17 1.71 5.48
C GLY A 126 -8.40 2.93 4.59
N LEU A 127 -8.12 2.75 3.31
CA LEU A 127 -8.41 3.78 2.32
C LEU A 127 -8.95 3.13 1.05
N PHE A 128 -9.72 3.91 0.31
CA PHE A 128 -10.24 3.45 -0.97
C PHE A 128 -10.27 4.60 -1.98
N HIS A 129 -10.43 4.22 -3.25
CA HIS A 129 -10.27 5.17 -4.34
C HIS A 129 -10.89 6.52 -3.93
N SER A 130 -10.07 7.56 -4.05
CA SER A 130 -10.49 8.88 -3.62
C SER A 130 -11.00 9.68 -4.82
N ALA A 131 -11.51 10.87 -4.52
CA ALA A 131 -12.05 11.74 -5.55
C ALA A 131 -10.91 12.60 -6.13
N ASN A 132 -10.08 13.08 -5.22
CA ASN A 132 -8.98 13.95 -5.61
C ASN A 132 -8.04 13.20 -6.55
N THR A 133 -7.45 13.93 -7.48
CA THR A 133 -6.52 13.34 -8.42
C THR A 133 -5.08 13.48 -7.92
N GLU A 134 -4.89 14.45 -7.05
CA GLU A 134 -3.59 14.67 -6.43
C GLU A 134 -3.22 13.49 -5.55
N ALA A 135 -4.24 12.79 -5.08
CA ALA A 135 -4.04 11.67 -4.19
C ALA A 135 -3.57 10.46 -5.00
N LEU A 136 -2.80 9.60 -4.34
CA LEU A 136 -2.27 8.41 -4.99
C LEU A 136 -3.31 7.29 -4.92
N MET A 137 -4.31 7.50 -4.07
CA MET A 137 -5.40 6.56 -3.95
C MET A 137 -6.36 6.66 -5.13
N TYR A 138 -6.31 7.82 -5.79
CA TYR A 138 -7.12 8.03 -6.98
C TYR A 138 -6.95 6.88 -7.97
N PRO A 139 -8.10 6.47 -8.58
CA PRO A 139 -8.07 5.37 -9.53
C PRO A 139 -7.50 5.81 -10.87
N LEU A 140 -6.27 6.31 -10.82
CA LEU A 140 -5.57 6.76 -12.01
C LEU A 140 -4.09 6.96 -11.69
N TYR A 141 -3.24 6.42 -12.55
CA TYR A 141 -1.81 6.53 -12.36
C TYR A 141 -1.32 7.93 -12.71
N HIS A 142 -0.35 8.40 -11.94
CA HIS A 142 0.23 9.71 -12.17
C HIS A 142 1.61 9.78 -11.50
N SER A 143 2.61 10.09 -12.32
CA SER A 143 3.98 10.17 -11.84
C SER A 143 4.35 11.61 -11.53
N LEU A 144 5.59 11.79 -11.09
CA LEU A 144 6.08 13.13 -10.76
C LEU A 144 7.54 13.23 -11.18
N THR A 145 7.95 14.46 -11.49
CA THR A 145 9.32 14.72 -11.89
C THR A 145 10.30 14.02 -10.94
N ASP A 146 10.00 14.14 -9.65
CA ASP A 146 10.79 13.45 -8.64
C ASP A 146 9.85 12.65 -7.73
N LEU A 147 9.76 11.36 -8.02
CA LEU A 147 8.87 10.48 -7.29
C LEU A 147 9.30 10.42 -5.83
N THR A 148 10.56 10.74 -5.61
CA THR A 148 11.13 10.67 -4.27
C THR A 148 10.65 11.86 -3.43
N ARG A 149 9.92 12.75 -4.10
CA ARG A 149 9.33 13.89 -3.42
C ARG A 149 7.82 13.70 -3.27
N PHE A 150 7.34 12.62 -3.87
CA PHE A 150 5.91 12.33 -3.84
C PHE A 150 5.34 12.52 -2.43
N ARG A 151 4.05 12.80 -2.39
CA ARG A 151 3.36 12.93 -1.12
C ARG A 151 1.86 12.70 -1.31
N LEU A 152 1.22 12.22 -0.25
CA LEU A 152 -0.21 12.01 -0.26
C LEU A 152 -0.92 13.37 -0.20
N SER A 153 -2.09 13.42 -0.83
CA SER A 153 -2.90 14.63 -0.81
C SER A 153 -3.75 14.67 0.46
N GLN A 154 -4.33 15.83 0.72
CA GLN A 154 -5.10 16.04 1.93
C GLN A 154 -6.24 15.02 2.01
N ASP A 155 -6.76 14.66 0.85
CA ASP A 155 -7.83 13.69 0.77
C ASP A 155 -7.43 12.42 1.54
N ASP A 156 -6.20 11.99 1.29
CA ASP A 156 -5.72 10.75 1.87
C ASP A 156 -5.56 10.91 3.38
N ILE A 157 -4.90 11.99 3.76
CA ILE A 157 -4.58 12.22 5.17
C ILE A 157 -5.87 12.36 5.96
N ASN A 158 -6.83 13.04 5.35
CA ASN A 158 -8.11 13.30 6.01
C ASN A 158 -8.68 11.98 6.53
N GLY A 159 -8.67 10.98 5.67
CA GLY A 159 -9.26 9.70 6.00
C GLY A 159 -8.36 8.90 6.94
N ILE A 160 -7.09 8.80 6.55
CA ILE A 160 -6.13 8.01 7.30
C ILE A 160 -6.03 8.54 8.73
N GLN A 161 -6.36 9.82 8.87
CA GLN A 161 -6.37 10.44 10.18
C GLN A 161 -7.70 10.17 10.89
N SER A 162 -8.78 10.32 10.14
CA SER A 162 -10.11 10.10 10.69
C SER A 162 -10.18 8.70 11.32
N LEU A 163 -9.37 7.79 10.78
CA LEU A 163 -9.34 6.43 11.27
C LEU A 163 -8.43 6.36 12.50
N TYR A 164 -7.41 7.20 12.48
CA TYR A 164 -6.45 7.23 13.57
C TYR A 164 -6.02 8.67 13.89
N GLY A 165 -5.05 9.14 13.12
CA GLY A 165 -4.57 10.50 13.28
C GLY A 165 -3.43 10.56 14.30
N PRO A 166 -2.27 11.08 13.84
CA PRO A 166 -1.11 11.23 14.71
C PRO A 166 -1.28 12.39 15.68
N PRO A 167 -0.39 12.43 16.70
CA PRO A 167 -0.43 13.49 17.69
C PRO A 167 0.11 14.80 17.11
N PRO A 168 -0.17 15.91 17.85
CA PRO A 168 0.30 17.22 17.42
C PRO A 168 1.80 17.38 17.70
N ASP A 169 2.32 18.53 17.32
CA ASP A 169 3.73 18.83 17.52
C ASP A 169 3.98 19.05 19.01
N SER A 170 5.25 18.93 19.39
CA SER A 170 5.64 19.13 20.77
C SER A 170 7.09 19.59 20.84
N PRO A 171 7.29 20.91 20.57
CA PRO A 171 8.62 21.49 20.59
C PRO A 171 9.09 21.69 22.04
N GLU A 172 9.40 20.58 22.69
CA GLU A 172 9.87 20.63 24.06
C GLU A 172 11.24 21.31 24.14
N THR A 173 12.00 21.15 23.06
CA THR A 173 13.32 21.75 22.98
C THR A 173 14.04 21.63 24.32
ZN ZN B . -7.46 0.33 -5.46
ZN ZN C . -5.82 -11.36 -5.39
C1 8MI D . -7.55 -0.37 -9.16
C2 8MI D . -6.40 -1.23 -8.59
C3 8MI D . -6.94 -2.07 -7.39
O4 8MI D . -7.12 -1.50 -6.33
O5 8MI D . -7.16 -3.26 -7.57
N6 8MI D . -5.29 -0.34 -8.21
C7 8MI D . -4.98 0.64 -9.30
C8 8MI D . -3.67 1.41 -8.98
C9 8MI D . -3.69 2.84 -9.59
C10 8MI D . -2.45 3.61 -9.19
C11 8MI D . -2.56 4.82 -8.47
C12 8MI D . -1.43 5.54 -8.10
C13 8MI D . -0.16 5.06 -8.45
C14 8MI D . -0.02 3.86 -9.17
C15 8MI D . -1.17 3.15 -9.53
C16 8MI D . -4.84 -0.04 -10.69
O17 8MI D . -4.19 -1.07 -10.81
N18 8MI D . -5.41 0.53 -11.73
C19 8MI D . -5.36 -0.01 -13.14
C20 8MI D . -6.82 -0.14 -13.69
C21 8MI D . -7.47 -1.43 -13.16
C22 8MI D . -9.00 -1.36 -13.34
N23 8MI D . -9.35 -1.07 -14.77
C24 8MI D . -9.27 -1.95 -15.77
N25 8MI D . -9.51 -1.54 -17.00
N26 8MI D . -8.97 -3.22 -15.56
C27 8MI D . -4.51 0.92 -14.04
O28 8MI D . -4.74 2.12 -14.10
N29 8MI D . -3.54 0.35 -14.77
C30 8MI D . -2.75 1.12 -15.59
C31 8MI D . -2.73 0.86 -16.98
C32 8MI D . -1.93 1.64 -17.82
C33 8MI D . -1.15 2.67 -17.30
C34 8MI D . -1.15 2.93 -15.92
C35 8MI D . -1.96 2.16 -15.07
H36 8MI D . -7.35 -0.16 -10.20
H37 8MI D . -7.63 0.56 -8.61
H38 8MI D . -8.48 -0.92 -9.08
H39 8MI D . -6.07 -1.91 -9.36
H40 8MI D . -4.44 -0.91 -8.02
H41 8MI D . -5.79 1.37 -9.37
H42 8MI D . -2.83 0.86 -9.39
H43 8MI D . -3.57 1.49 -7.91
H44 8MI D . -4.57 3.36 -9.23
H45 8MI D . -3.74 2.77 -10.68
H46 8MI D . -3.54 5.19 -8.20
H47 8MI D . -1.52 6.46 -7.56
H48 8MI D . 0.72 5.62 -8.17
H49 8MI D . 0.95 3.50 -9.44
H50 8MI D . -1.06 2.22 -10.09
H51 8MI D . -5.92 1.37 -11.65
H52 8MI D . -4.90 -1.00 -13.12
H53 8MI D . -6.79 -0.16 -14.76
H54 8MI D . -7.39 0.72 -13.35
H55 8MI D . -7.24 -1.57 -12.12
H56 8MI D . -7.09 -2.28 -13.72
H57 8MI D . -9.40 -0.57 -12.70
H58 8MI D . -9.44 -2.30 -13.05
H59 8MI D . -9.64 -0.13 -14.92
H61 8MI D . -9.45 -2.19 -17.77
H62 8MI D . -8.81 -3.54 -14.62
H63 8MI D . -8.92 -3.86 -16.32
H64 8MI D . -3.37 -0.62 -14.73
H65 8MI D . -3.34 0.07 -17.37
H66 8MI D . -1.93 1.44 -18.88
H67 8MI D . -0.53 3.26 -17.95
H68 8MI D . -0.55 3.72 -15.53
H69 8MI D . -1.96 2.36 -14.01
H60 8MI D . -9.74 -0.58 -17.18
H70 8MI D . -5.54 0.18 -7.35
N PHE A 1 -11.16 7.14 0.61
CA PHE A 1 -12.04 7.78 1.57
C PHE A 1 -13.01 6.77 2.18
N ARG A 2 -13.38 5.79 1.38
CA ARG A 2 -14.30 4.76 1.82
C ARG A 2 -13.71 3.99 3.00
N THR A 3 -14.55 3.15 3.60
CA THR A 3 -14.14 2.40 4.77
C THR A 3 -14.53 0.93 4.62
N PHE A 4 -15.51 0.53 5.42
CA PHE A 4 -15.95 -0.86 5.41
C PHE A 4 -17.05 -1.09 6.46
N PRO A 5 -17.72 -2.28 6.35
CA PRO A 5 -18.74 -2.65 7.32
C PRO A 5 -18.11 -3.07 8.64
N GLY A 6 -17.83 -2.08 9.48
CA GLY A 6 -17.11 -2.33 10.71
C GLY A 6 -15.92 -1.37 10.85
N ILE A 7 -15.70 -0.60 9.80
CA ILE A 7 -14.62 0.37 9.79
C ILE A 7 -13.27 -0.38 9.82
N PRO A 8 -12.47 -0.16 8.74
CA PRO A 8 -11.17 -0.80 8.64
C PRO A 8 -10.16 -0.12 9.57
N LYS A 9 -9.52 -0.94 10.38
CA LYS A 9 -8.55 -0.43 11.34
C LYS A 9 -8.11 -1.57 12.27
N TRP A 10 -6.81 -1.80 12.30
CA TRP A 10 -6.25 -2.87 13.10
C TRP A 10 -6.49 -2.52 14.57
N ARG A 11 -6.34 -3.52 15.43
CA ARG A 11 -6.71 -3.39 16.82
C ARG A 11 -5.52 -2.83 17.62
N LYS A 12 -4.41 -2.67 16.93
CA LYS A 12 -3.20 -2.14 17.55
C LYS A 12 -2.55 -1.13 16.62
N THR A 13 -1.69 -0.30 17.19
CA THR A 13 -1.00 0.72 16.43
C THR A 13 0.27 0.15 15.80
N HIS A 14 0.84 -0.83 16.49
CA HIS A 14 2.05 -1.48 16.01
C HIS A 14 1.68 -2.60 15.04
N LEU A 15 1.84 -2.32 13.75
CA LEU A 15 1.46 -3.26 12.72
C LEU A 15 2.70 -4.03 12.24
N THR A 16 2.45 -5.15 11.61
CA THR A 16 3.52 -5.93 11.00
C THR A 16 3.20 -6.23 9.54
N TYR A 17 4.25 -6.53 8.79
CA TYR A 17 4.09 -6.89 7.39
C TYR A 17 5.20 -7.85 6.94
N ARG A 18 5.01 -8.39 5.75
CA ARG A 18 5.91 -9.42 5.25
C ARG A 18 5.69 -9.63 3.74
N ILE A 19 6.79 -9.61 3.01
CA ILE A 19 6.74 -9.89 1.58
C ILE A 19 6.97 -11.39 1.36
N VAL A 20 5.91 -12.06 0.91
CA VAL A 20 5.93 -13.51 0.80
C VAL A 20 6.87 -13.90 -0.34
N ASN A 21 6.78 -13.16 -1.43
CA ASN A 21 7.56 -13.47 -2.62
C ASN A 21 7.82 -12.18 -3.40
N TYR A 22 8.72 -12.27 -4.37
CA TYR A 22 9.06 -11.12 -5.19
C TYR A 22 8.68 -11.37 -6.66
N THR A 23 9.00 -10.40 -7.49
CA THR A 23 8.68 -10.47 -8.90
C THR A 23 9.95 -10.57 -9.75
N PRO A 24 9.85 -11.39 -10.82
CA PRO A 24 10.99 -11.58 -11.71
C PRO A 24 11.18 -10.36 -12.62
N ASP A 25 11.55 -9.26 -11.99
CA ASP A 25 11.73 -8.02 -12.73
C ASP A 25 12.58 -7.05 -11.88
N LEU A 26 12.19 -6.94 -10.62
CA LEU A 26 12.90 -6.05 -9.71
C LEU A 26 13.77 -6.89 -8.76
N PRO A 27 14.80 -6.22 -8.18
CA PRO A 27 15.60 -6.84 -7.14
C PRO A 27 14.83 -6.88 -5.81
N LYS A 28 15.37 -7.65 -4.87
CA LYS A 28 14.69 -7.88 -3.61
C LYS A 28 14.58 -6.56 -2.85
N ASP A 29 15.73 -6.00 -2.52
CA ASP A 29 15.77 -4.76 -1.77
C ASP A 29 14.80 -3.75 -2.39
N ALA A 30 14.77 -3.76 -3.72
CA ALA A 30 13.99 -2.76 -4.45
C ALA A 30 12.51 -2.90 -4.08
N VAL A 31 12.07 -4.15 -4.01
CA VAL A 31 10.67 -4.42 -3.71
C VAL A 31 10.40 -4.11 -2.24
N ASP A 32 11.17 -4.73 -1.37
CA ASP A 32 10.97 -4.58 0.05
C ASP A 32 11.01 -3.09 0.41
N SER A 33 11.82 -2.35 -0.33
CA SER A 33 11.90 -0.91 -0.13
C SER A 33 10.55 -0.26 -0.42
N ALA A 34 10.00 -0.61 -1.57
CA ALA A 34 8.72 -0.05 -2.00
C ALA A 34 7.72 -0.16 -0.85
N VAL A 35 7.79 -1.28 -0.15
CA VAL A 35 6.91 -1.51 0.99
C VAL A 35 7.40 -0.69 2.18
N GLU A 36 8.68 -0.85 2.48
CA GLU A 36 9.30 -0.06 3.53
C GLU A 36 8.96 1.42 3.38
N LYS A 37 8.74 1.82 2.13
CA LYS A 37 8.47 3.20 1.82
C LYS A 37 6.96 3.46 1.91
N ALA A 38 6.22 2.61 1.22
CA ALA A 38 4.76 2.75 1.19
C ALA A 38 4.23 2.78 2.62
N LEU A 39 4.72 1.84 3.42
CA LEU A 39 4.32 1.78 4.81
C LEU A 39 4.64 3.12 5.50
N LYS A 40 5.90 3.52 5.38
CA LYS A 40 6.38 4.67 6.11
C LYS A 40 5.61 5.92 5.65
N VAL A 41 5.21 5.89 4.39
CA VAL A 41 4.53 7.03 3.79
C VAL A 41 3.29 7.37 4.63
N TRP A 42 2.71 6.32 5.21
CA TRP A 42 1.48 6.48 5.96
C TRP A 42 1.84 6.79 7.42
N GLU A 43 3.00 6.29 7.81
CA GLU A 43 3.52 6.57 9.14
C GLU A 43 3.58 8.07 9.38
N GLU A 44 3.67 8.81 8.27
CA GLU A 44 3.84 10.25 8.35
C GLU A 44 2.51 10.93 8.67
N VAL A 45 1.43 10.21 8.42
CA VAL A 45 0.10 10.76 8.57
C VAL A 45 -0.76 9.82 9.42
N THR A 46 -0.08 8.95 10.13
CA THR A 46 -0.75 8.13 11.13
C THR A 46 0.18 7.89 12.33
N PRO A 47 -0.46 7.56 13.49
CA PRO A 47 0.28 7.16 14.66
C PRO A 47 0.84 5.73 14.51
N LEU A 48 0.40 5.08 13.45
CA LEU A 48 0.68 3.66 13.28
C LEU A 48 2.19 3.47 13.07
N THR A 49 2.65 2.28 13.43
CA THR A 49 4.02 1.89 13.13
C THR A 49 4.05 0.53 12.44
N PHE A 50 5.20 0.19 11.90
CA PHE A 50 5.34 -1.02 11.11
C PHE A 50 6.59 -1.80 11.50
N SER A 51 6.54 -3.10 11.26
CA SER A 51 7.68 -3.96 11.57
C SER A 51 7.63 -5.22 10.69
N ARG A 52 8.81 -5.68 10.32
CA ARG A 52 8.93 -6.83 9.45
C ARG A 52 9.16 -8.10 10.26
N LEU A 53 8.74 -9.22 9.69
CA LEU A 53 8.92 -10.51 10.35
C LEU A 53 9.57 -11.49 9.35
N TYR A 54 10.27 -12.46 9.91
CA TYR A 54 10.93 -13.47 9.09
C TYR A 54 10.15 -14.78 9.08
N GLU A 55 9.09 -14.80 9.88
CA GLU A 55 8.22 -15.97 9.95
C GLU A 55 6.82 -15.58 10.42
N GLY A 56 5.90 -16.50 10.28
CA GLY A 56 4.54 -16.30 10.75
C GLY A 56 3.74 -15.45 9.77
N GLU A 57 2.52 -15.10 10.18
CA GLU A 57 1.65 -14.31 9.34
C GLU A 57 1.56 -12.88 9.86
N ALA A 58 2.27 -11.98 9.18
CA ALA A 58 2.24 -10.58 9.53
C ALA A 58 0.86 -10.00 9.17
N ASP A 59 0.58 -8.84 9.73
CA ASP A 59 -0.72 -8.20 9.54
C ASP A 59 -0.90 -7.88 8.06
N ILE A 60 0.14 -7.30 7.47
CA ILE A 60 0.10 -6.93 6.07
C ILE A 60 1.10 -7.78 5.29
N MET A 61 0.61 -8.89 4.78
CA MET A 61 1.43 -9.78 3.97
C MET A 61 1.30 -9.43 2.48
N ILE A 62 2.42 -9.01 1.91
CA ILE A 62 2.43 -8.60 0.52
C ILE A 62 2.97 -9.74 -0.34
N SER A 63 2.35 -9.91 -1.50
CA SER A 63 2.73 -10.99 -2.41
C SER A 63 2.40 -10.61 -3.85
N PHE A 64 2.97 -11.35 -4.77
CA PHE A 64 2.70 -11.15 -6.17
C PHE A 64 2.16 -12.44 -6.82
N ALA A 65 1.28 -12.25 -7.80
CA ALA A 65 0.70 -13.39 -8.50
C ALA A 65 0.13 -12.91 -9.84
N VAL A 66 0.27 -13.76 -10.84
CA VAL A 66 -0.42 -13.56 -12.10
C VAL A 66 -1.69 -14.41 -12.13
N ARG A 67 -2.63 -13.99 -12.96
CA ARG A 67 -3.88 -14.71 -13.12
C ARG A 67 -4.49 -15.01 -11.74
N GLU A 68 -5.47 -15.91 -11.75
CA GLU A 68 -6.14 -16.30 -10.52
C GLU A 68 -5.11 -16.82 -9.51
N HIS A 69 -5.37 -16.51 -8.25
CA HIS A 69 -4.35 -16.62 -7.23
C HIS A 69 -5.00 -16.68 -5.85
N GLY A 70 -6.15 -17.36 -5.80
CA GLY A 70 -6.87 -17.51 -4.55
C GLY A 70 -8.31 -17.00 -4.68
N ASP A 71 -8.49 -15.74 -4.31
CA ASP A 71 -9.80 -15.12 -4.36
C ASP A 71 -10.19 -14.90 -5.82
N PHE A 72 -11.32 -14.22 -6.01
CA PHE A 72 -11.83 -13.97 -7.35
C PHE A 72 -11.30 -12.64 -7.89
N TYR A 73 -10.07 -12.69 -8.40
CA TYR A 73 -9.45 -11.50 -8.97
C TYR A 73 -8.34 -11.90 -9.95
N PRO A 74 -8.77 -12.29 -11.18
CA PRO A 74 -7.84 -12.86 -12.14
C PRO A 74 -6.96 -11.77 -12.76
N PHE A 75 -5.66 -11.90 -12.50
CA PHE A 75 -4.70 -10.97 -13.07
C PHE A 75 -4.33 -11.36 -14.50
N ASP A 76 -3.30 -10.70 -15.01
CA ASP A 76 -2.78 -11.02 -16.33
C ASP A 76 -3.60 -10.28 -17.39
N GLY A 77 -2.93 -9.37 -18.08
CA GLY A 77 -3.57 -8.61 -19.13
C GLY A 77 -2.72 -7.40 -19.53
N PRO A 78 -3.23 -6.64 -20.55
CA PRO A 78 -2.54 -5.46 -21.01
C PRO A 78 -2.69 -4.31 -20.02
N GLY A 79 -1.84 -4.31 -19.01
CA GLY A 79 -1.90 -3.30 -17.98
C GLY A 79 -2.97 -3.65 -16.94
N ASN A 80 -4.08 -2.92 -17.01
CA ASN A 80 -5.20 -3.15 -16.11
C ASN A 80 -4.68 -3.23 -14.67
N VAL A 81 -5.46 -3.89 -13.83
CA VAL A 81 -5.08 -4.07 -12.43
C VAL A 81 -3.57 -4.29 -12.35
N LEU A 82 -2.90 -3.34 -11.70
CA LEU A 82 -1.48 -3.49 -11.45
C LEU A 82 -1.26 -4.16 -10.10
N ALA A 83 -2.25 -4.01 -9.22
CA ALA A 83 -2.11 -4.48 -7.86
C ALA A 83 -3.35 -4.07 -7.06
N HIS A 84 -3.73 -4.94 -6.13
CA HIS A 84 -4.89 -4.68 -5.30
C HIS A 84 -4.65 -5.23 -3.89
N ALA A 85 -5.55 -4.88 -2.99
CA ALA A 85 -5.45 -5.32 -1.61
C ALA A 85 -6.85 -5.45 -1.01
N TYR A 86 -6.89 -6.01 0.19
CA TYR A 86 -8.16 -6.19 0.89
C TYR A 86 -8.14 -5.49 2.24
N ALA A 87 -9.34 -5.19 2.74
CA ALA A 87 -9.48 -4.59 4.05
C ALA A 87 -8.71 -5.42 5.08
N PRO A 88 -8.51 -4.81 6.27
CA PRO A 88 -7.62 -5.38 7.27
C PRO A 88 -8.27 -6.59 7.95
N GLY A 89 -7.58 -7.73 7.87
CA GLY A 89 -8.06 -8.94 8.49
C GLY A 89 -7.06 -10.08 8.32
N PRO A 90 -7.33 -11.19 9.06
CA PRO A 90 -6.44 -12.35 8.99
C PRO A 90 -6.65 -13.13 7.69
N GLY A 91 -5.60 -13.85 7.29
CA GLY A 91 -5.71 -14.76 6.18
C GLY A 91 -5.67 -14.00 4.85
N ILE A 92 -6.73 -14.18 4.08
CA ILE A 92 -6.77 -13.65 2.72
C ILE A 92 -6.93 -12.13 2.77
N ASN A 93 -7.42 -11.66 3.91
CA ASN A 93 -7.60 -10.23 4.11
C ASN A 93 -6.30 -9.61 4.62
N GLY A 94 -6.19 -8.31 4.45
CA GLY A 94 -5.01 -7.58 4.90
C GLY A 94 -3.88 -7.70 3.88
N ASP A 95 -3.78 -8.86 3.27
CA ASP A 95 -2.72 -9.13 2.32
C ASP A 95 -2.83 -8.17 1.14
N ALA A 96 -1.69 -7.80 0.59
CA ALA A 96 -1.66 -6.92 -0.57
C ALA A 96 -1.13 -7.69 -1.78
N HIS A 97 -1.99 -7.81 -2.79
CA HIS A 97 -1.66 -8.59 -3.96
C HIS A 97 -1.16 -7.66 -5.07
N PHE A 98 -0.03 -8.02 -5.65
CA PHE A 98 0.49 -7.30 -6.79
C PHE A 98 0.54 -8.18 -8.04
N ASP A 99 0.55 -7.53 -9.19
CA ASP A 99 0.69 -8.23 -10.45
C ASP A 99 2.15 -8.62 -10.66
N ASP A 100 2.35 -9.83 -11.15
CA ASP A 100 3.70 -10.33 -11.41
C ASP A 100 3.99 -10.24 -12.90
N ASP A 101 2.93 -10.28 -13.68
CA ASP A 101 3.06 -10.28 -15.14
C ASP A 101 3.45 -8.89 -15.61
N GLU A 102 3.10 -7.90 -14.80
CA GLU A 102 3.32 -6.51 -15.17
C GLU A 102 4.76 -6.10 -14.82
N GLN A 103 5.27 -5.15 -15.59
CA GLN A 103 6.61 -4.63 -15.34
C GLN A 103 6.60 -3.71 -14.13
N TRP A 104 7.77 -3.58 -13.51
CA TRP A 104 7.90 -2.77 -12.31
C TRP A 104 9.23 -2.01 -12.40
N THR A 105 9.28 -0.89 -11.69
CA THR A 105 10.50 -0.10 -11.64
C THR A 105 10.71 0.46 -10.23
N LYS A 106 11.94 0.88 -9.96
CA LYS A 106 12.26 1.47 -8.68
C LYS A 106 12.30 2.99 -8.82
N ASP A 107 11.74 3.46 -9.94
CA ASP A 107 11.71 4.89 -10.21
C ASP A 107 10.68 5.18 -11.29
N THR A 108 10.66 6.43 -11.73
CA THR A 108 9.65 6.87 -12.69
C THR A 108 10.08 6.55 -14.12
N THR A 109 10.38 5.27 -14.34
CA THR A 109 10.69 4.80 -15.67
C THR A 109 9.80 3.61 -16.05
N GLY A 110 8.87 3.31 -15.15
CA GLY A 110 7.93 2.22 -15.39
C GLY A 110 6.66 2.42 -14.56
N THR A 111 6.12 1.30 -14.10
CA THR A 111 5.05 1.33 -13.11
C THR A 111 5.63 1.37 -11.70
N ASN A 112 6.21 2.50 -11.36
CA ASN A 112 6.91 2.63 -10.09
C ASN A 112 6.19 1.80 -9.03
N LEU A 113 6.88 0.77 -8.56
CA LEU A 113 6.28 -0.18 -7.64
C LEU A 113 5.92 0.54 -6.34
N PHE A 114 6.82 1.39 -5.90
CA PHE A 114 6.66 2.06 -4.62
C PHE A 114 5.40 2.93 -4.60
N LEU A 115 5.16 3.59 -5.73
CA LEU A 115 3.97 4.42 -5.88
C LEU A 115 2.73 3.53 -5.75
N VAL A 116 2.83 2.34 -6.32
CA VAL A 116 1.73 1.40 -6.28
C VAL A 116 1.64 0.75 -4.90
N ALA A 117 2.81 0.58 -4.29
CA ALA A 117 2.89 -0.03 -2.98
C ALA A 117 2.05 0.78 -1.99
N ALA A 118 2.27 2.09 -2.01
CA ALA A 118 1.57 2.98 -1.10
C ALA A 118 0.07 2.85 -1.32
N HIS A 119 -0.38 2.78 -2.57
CA HIS A 119 -1.84 2.55 -2.92
C HIS A 119 -2.37 1.22 -2.30
N GLU A 120 -1.68 0.13 -2.63
CA GLU A 120 -2.04 -1.17 -2.09
C GLU A 120 -2.14 -1.11 -0.56
N ILE A 121 -1.03 -0.72 0.05
CA ILE A 121 -0.96 -0.60 1.49
C ILE A 121 -2.18 0.17 2.00
N GLY A 122 -2.50 1.23 1.27
CA GLY A 122 -3.65 2.06 1.62
C GLY A 122 -4.93 1.22 1.69
N HIS A 123 -5.11 0.40 0.67
CA HIS A 123 -6.28 -0.47 0.61
C HIS A 123 -6.24 -1.45 1.79
N SER A 124 -5.03 -1.85 2.15
CA SER A 124 -4.86 -2.78 3.25
C SER A 124 -5.18 -2.09 4.58
N LEU A 125 -4.77 -0.83 4.68
CA LEU A 125 -4.97 -0.06 5.90
C LEU A 125 -6.46 0.25 6.06
N GLY A 126 -6.96 1.08 5.17
CA GLY A 126 -8.37 1.43 5.17
C GLY A 126 -8.62 2.69 4.34
N LEU A 127 -8.03 2.71 3.16
CA LEU A 127 -8.26 3.79 2.22
C LEU A 127 -8.82 3.23 0.91
N PHE A 128 -9.28 4.13 0.07
CA PHE A 128 -9.80 3.74 -1.24
C PHE A 128 -9.80 4.94 -2.20
N HIS A 129 -10.08 4.64 -3.46
CA HIS A 129 -9.86 5.60 -4.53
C HIS A 129 -10.41 6.96 -4.11
N SER A 130 -9.52 7.95 -4.13
CA SER A 130 -9.88 9.29 -3.72
C SER A 130 -10.51 10.05 -4.90
N ALA A 131 -10.99 11.24 -4.60
CA ALA A 131 -11.62 12.07 -5.62
C ALA A 131 -10.54 12.88 -6.34
N ASN A 132 -9.59 13.36 -5.56
CA ASN A 132 -8.51 14.16 -6.11
C ASN A 132 -7.75 13.35 -7.16
N THR A 133 -7.27 14.06 -8.17
CA THR A 133 -6.55 13.41 -9.26
C THR A 133 -5.05 13.56 -9.07
N GLU A 134 -4.69 14.38 -8.10
CA GLU A 134 -3.28 14.62 -7.80
C GLU A 134 -2.83 13.72 -6.64
N ALA A 135 -3.79 13.01 -6.08
CA ALA A 135 -3.50 12.12 -4.97
C ALA A 135 -2.94 10.81 -5.52
N LEU A 136 -2.25 10.08 -4.64
CA LEU A 136 -1.72 8.78 -5.00
C LEU A 136 -2.81 7.72 -4.86
N MET A 137 -3.81 8.05 -4.05
CA MET A 137 -4.91 7.14 -3.82
C MET A 137 -5.82 7.05 -5.05
N TYR A 138 -5.65 8.01 -5.95
CA TYR A 138 -6.41 8.02 -7.18
C TYR A 138 -6.17 6.73 -7.99
N PRO A 139 -7.25 6.28 -8.67
CA PRO A 139 -7.24 4.98 -9.31
C PRO A 139 -6.38 5.00 -10.59
N LEU A 140 -6.11 6.20 -11.06
CA LEU A 140 -5.34 6.37 -12.28
C LEU A 140 -3.88 6.64 -11.91
N TYR A 141 -2.99 6.05 -12.69
CA TYR A 141 -1.57 6.21 -12.46
C TYR A 141 -1.17 7.69 -12.50
N HIS A 142 -0.09 8.01 -11.80
CA HIS A 142 0.35 9.39 -11.70
C HIS A 142 1.81 9.42 -11.26
N SER A 143 2.63 10.06 -12.09
CA SER A 143 4.06 10.17 -11.80
C SER A 143 4.43 11.62 -11.56
N LEU A 144 5.67 11.82 -11.15
CA LEU A 144 6.17 13.15 -10.87
C LEU A 144 7.61 13.29 -11.38
N THR A 145 7.94 14.48 -11.81
CA THR A 145 9.28 14.75 -12.33
C THR A 145 10.34 14.19 -11.38
N ASP A 146 10.05 14.30 -10.09
CA ASP A 146 10.91 13.73 -9.08
C ASP A 146 10.06 13.10 -7.97
N LEU A 147 9.99 11.79 -8.00
CA LEU A 147 9.12 11.05 -7.09
C LEU A 147 9.66 11.21 -5.66
N THR A 148 10.91 11.63 -5.58
CA THR A 148 11.55 11.79 -4.28
C THR A 148 10.83 12.84 -3.45
N ARG A 149 9.90 13.54 -4.10
CA ARG A 149 9.17 14.61 -3.45
C ARG A 149 7.71 14.21 -3.26
N PHE A 150 7.35 13.05 -3.81
CA PHE A 150 5.98 12.59 -3.76
C PHE A 150 5.42 12.69 -2.33
N ARG A 151 4.13 12.97 -2.26
CA ARG A 151 3.45 13.03 -0.98
C ARG A 151 1.96 12.75 -1.16
N LEU A 152 1.36 12.20 -0.12
CA LEU A 152 -0.08 11.95 -0.12
C LEU A 152 -0.82 13.29 -0.06
N SER A 153 -1.89 13.37 -0.84
CA SER A 153 -2.70 14.58 -0.89
C SER A 153 -3.59 14.65 0.34
N GLN A 154 -4.19 15.81 0.53
CA GLN A 154 -5.04 16.05 1.69
C GLN A 154 -6.24 15.10 1.67
N ASP A 155 -6.62 14.70 0.47
CA ASP A 155 -7.73 13.79 0.30
C ASP A 155 -7.38 12.43 0.93
N ASP A 156 -6.09 12.13 0.92
CA ASP A 156 -5.62 10.85 1.41
C ASP A 156 -5.53 10.90 2.94
N ILE A 157 -4.92 11.97 3.43
CA ILE A 157 -4.73 12.13 4.85
C ILE A 157 -6.10 12.28 5.52
N ASN A 158 -7.00 12.94 4.82
CA ASN A 158 -8.35 13.16 5.34
C ASN A 158 -8.91 11.84 5.85
N GLY A 159 -8.74 10.80 5.04
CA GLY A 159 -9.31 9.50 5.36
C GLY A 159 -8.44 8.77 6.39
N ILE A 160 -7.17 8.65 6.07
CA ILE A 160 -6.27 7.87 6.90
C ILE A 160 -6.32 8.39 8.34
N GLN A 161 -6.28 9.70 8.46
CA GLN A 161 -6.21 10.34 9.76
C GLN A 161 -7.56 10.23 10.47
N SER A 162 -8.61 10.13 9.67
CA SER A 162 -9.96 10.02 10.21
C SER A 162 -10.16 8.66 10.85
N LEU A 163 -9.41 7.68 10.35
CA LEU A 163 -9.48 6.33 10.88
C LEU A 163 -8.54 6.20 12.08
N TYR A 164 -7.63 7.17 12.18
CA TYR A 164 -6.69 7.19 13.29
C TYR A 164 -6.22 8.62 13.58
N GLY A 165 -5.24 9.05 12.79
CA GLY A 165 -4.71 10.40 12.93
C GLY A 165 -3.64 10.47 14.02
N PRO A 166 -2.46 11.00 13.64
CA PRO A 166 -1.36 11.13 14.57
C PRO A 166 -1.60 12.29 15.55
N PRO A 167 -0.77 12.32 16.63
CA PRO A 167 -0.88 13.37 17.62
C PRO A 167 -0.30 14.68 17.10
N PRO A 168 -1.15 15.75 17.13
CA PRO A 168 -0.72 17.06 16.70
C PRO A 168 0.18 17.71 17.76
N ASP A 169 0.66 18.90 17.42
CA ASP A 169 1.52 19.64 18.33
C ASP A 169 0.70 20.16 19.52
N SER A 170 1.41 20.45 20.60
CA SER A 170 0.75 20.95 21.80
C SER A 170 1.79 21.60 22.72
N PRO A 171 2.16 22.86 22.36
CA PRO A 171 3.13 23.61 23.15
C PRO A 171 2.51 24.12 24.45
N GLU A 172 2.31 23.18 25.38
CA GLU A 172 1.72 23.53 26.66
C GLU A 172 1.87 22.36 27.64
N THR A 173 1.61 21.17 27.12
CA THR A 173 1.73 19.96 27.92
C THR A 173 3.20 19.63 28.17
ZN ZN B . -7.23 0.74 -5.91
ZN ZN C . -5.17 -10.65 -5.25
C1 8MI D . -3.67 -0.65 -9.32
C2 8MI D . -4.54 -0.26 -8.11
C3 8MI D . -5.97 -0.83 -8.31
O4 8MI D . -6.84 -0.45 -7.54
O5 8MI D . -6.17 -1.62 -9.21
N6 8MI D . -4.51 1.22 -7.97
C7 8MI D . -4.55 1.88 -9.30
C8 8MI D . -3.12 1.91 -9.93
C9 8MI D . -2.82 3.29 -10.58
C10 8MI D . -1.66 3.98 -9.88
C11 8MI D . -0.33 3.55 -10.12
C12 8MI D . 0.73 4.18 -9.48
C13 8MI D . 0.49 5.22 -8.58
C14 8MI D . -0.82 5.65 -8.33
C15 8MI D . -1.90 5.03 -8.98
C16 8MI D . -5.50 1.16 -10.30
O17 8MI D . -6.55 0.66 -9.92
N18 8MI D . -5.13 1.10 -11.57
C19 8MI D . -5.85 0.27 -12.62
C20 8MI D . -7.38 0.45 -12.44
C21 8MI D . -8.02 -0.85 -11.92
C22 8MI D . -9.49 -0.94 -12.36
N23 8MI D . -10.29 0.17 -11.73
C24 8MI D . -10.97 0.06 -10.58
N25 8MI D . -11.83 1.00 -10.26
N26 8MI D . -10.79 -0.96 -9.77
C27 8MI D . -5.40 0.70 -14.04
O28 8MI D . -5.90 1.67 -14.60
N29 8MI D . -4.45 -0.01 -14.64
C30 8MI D . -3.94 0.37 -15.86
C31 8MI D . -4.74 0.24 -17.01
C32 8MI D . -4.23 0.63 -18.26
C33 8MI D . -2.93 1.14 -18.37
C34 8MI D . -2.14 1.25 -17.23
C35 8MI D . -2.64 0.87 -15.97
H36 8MI D . -2.72 -0.14 -9.26
H37 8MI D . -4.17 -0.38 -10.24
H38 8MI D . -3.49 -1.72 -9.30
H39 8MI D . -4.10 -0.71 -7.22
H40 8MI D . -3.65 1.50 -7.46
H41 8MI D . -4.89 2.91 -9.20
H42 8MI D . -3.04 1.14 -10.67
H43 8MI D . -2.39 1.73 -9.15
H44 8MI D . -3.70 3.92 -10.51
H45 8MI D . -2.58 3.15 -11.63
H46 8MI D . -0.15 2.74 -10.82
H47 8MI D . 1.74 3.85 -9.67
H48 8MI D . 1.32 5.70 -8.08
H49 8MI D . -0.99 6.46 -7.65
H50 8MI D . -2.90 5.36 -8.79
H51 8MI D . -4.37 1.60 -11.92
H52 8MI D . -5.60 -0.77 -12.48
H53 8MI D . -7.82 0.70 -13.40
H54 8MI D . -7.57 1.26 -11.75
H55 8MI D . -7.97 -0.86 -10.84
H56 8MI D . -7.47 -1.71 -12.30
H57 8MI D . -9.90 -1.89 -12.05
H58 8MI D . -9.55 -0.86 -13.44
H59 8MI D . -10.28 1.00 -12.25
H61 8MI D . -12.36 0.95 -9.41
H62 8MI D . -10.12 -1.68 -9.98
H63 8MI D . -11.32 -1.02 -8.91
H64 8MI D . -4.10 -0.84 -14.23
H65 8MI D . -5.74 -0.15 -16.93
H66 8MI D . -4.85 0.53 -19.14
H67 8MI D . -2.55 1.43 -19.33
H68 8MI D . -1.14 1.65 -17.31
H69 8MI D . -2.02 0.98 -15.09
H60 8MI D . -11.97 1.79 -10.87
H70 8MI D . -5.34 1.52 -7.41
N PHE A 1 -11.01 7.59 0.37
CA PHE A 1 -10.71 6.94 1.64
C PHE A 1 -11.99 6.42 2.30
N ARG A 2 -12.72 5.61 1.53
CA ARG A 2 -13.98 5.06 2.01
C ARG A 2 -13.71 4.06 3.15
N THR A 3 -14.78 3.70 3.83
CA THR A 3 -14.68 2.75 4.93
C THR A 3 -15.67 1.60 4.75
N PHE A 4 -15.17 0.40 4.95
CA PHE A 4 -16.02 -0.78 4.90
C PHE A 4 -17.14 -0.71 5.94
N PRO A 5 -18.08 -1.67 5.86
CA PRO A 5 -19.15 -1.77 6.83
C PRO A 5 -18.64 -2.35 8.15
N GLY A 6 -18.19 -1.45 9.02
CA GLY A 6 -17.55 -1.85 10.26
C GLY A 6 -16.33 -0.97 10.55
N ILE A 7 -15.96 -0.19 9.55
CA ILE A 7 -14.85 0.75 9.70
C ILE A 7 -13.55 -0.04 9.90
N PRO A 8 -12.79 -0.16 8.79
CA PRO A 8 -11.54 -0.91 8.83
C PRO A 8 -10.44 -0.11 9.53
N LYS A 9 -9.78 -0.76 10.48
CA LYS A 9 -8.70 -0.14 11.21
C LYS A 9 -8.18 -1.11 12.28
N TRP A 10 -6.90 -1.39 12.21
CA TRP A 10 -6.27 -2.30 13.16
C TRP A 10 -6.45 -1.71 14.56
N ARG A 11 -6.47 -2.61 15.54
CA ARG A 11 -6.68 -2.20 16.92
C ARG A 11 -5.32 -1.93 17.59
N LYS A 12 -4.26 -2.19 16.85
CA LYS A 12 -2.92 -1.96 17.35
C LYS A 12 -2.18 -1.02 16.40
N THR A 13 -1.24 -0.28 16.96
CA THR A 13 -0.43 0.65 16.18
C THR A 13 0.83 -0.04 15.67
N HIS A 14 1.32 -0.98 16.48
CA HIS A 14 2.51 -1.73 16.11
C HIS A 14 2.15 -2.75 15.03
N LEU A 15 1.99 -2.26 13.80
CA LEU A 15 1.58 -3.10 12.69
C LEU A 15 2.78 -3.96 12.25
N THR A 16 2.45 -5.05 11.59
CA THR A 16 3.48 -5.92 11.02
C THR A 16 3.16 -6.25 9.57
N TYR A 17 4.21 -6.38 8.78
CA TYR A 17 4.06 -6.74 7.38
C TYR A 17 5.14 -7.71 6.93
N ARG A 18 4.96 -8.25 5.74
CA ARG A 18 5.87 -9.27 5.23
C ARG A 18 5.62 -9.50 3.74
N ILE A 19 6.72 -9.58 2.99
CA ILE A 19 6.64 -9.89 1.57
C ILE A 19 6.86 -11.38 1.38
N VAL A 20 5.82 -12.04 0.86
CA VAL A 20 5.84 -13.49 0.73
C VAL A 20 6.82 -13.89 -0.38
N ASN A 21 6.78 -13.11 -1.46
CA ASN A 21 7.62 -13.40 -2.61
C ASN A 21 7.86 -12.11 -3.39
N TYR A 22 8.81 -12.19 -4.33
CA TYR A 22 9.17 -11.03 -5.12
C TYR A 22 8.81 -11.24 -6.59
N THR A 23 9.14 -10.25 -7.40
CA THR A 23 8.80 -10.29 -8.81
C THR A 23 10.08 -10.39 -9.66
N PRO A 24 9.98 -11.20 -10.74
CA PRO A 24 11.12 -11.42 -11.62
C PRO A 24 11.36 -10.20 -12.51
N ASP A 25 11.81 -9.12 -11.88
CA ASP A 25 12.09 -7.90 -12.60
C ASP A 25 12.96 -6.98 -11.73
N LEU A 26 12.52 -6.83 -10.49
CA LEU A 26 13.23 -5.98 -9.55
C LEU A 26 14.07 -6.87 -8.61
N PRO A 27 15.10 -6.23 -7.98
CA PRO A 27 15.86 -6.88 -6.93
C PRO A 27 15.04 -6.93 -5.63
N LYS A 28 15.49 -7.79 -4.72
CA LYS A 28 14.74 -8.05 -3.51
C LYS A 28 14.60 -6.75 -2.72
N ASP A 29 15.74 -6.20 -2.33
CA ASP A 29 15.75 -5.02 -1.49
C ASP A 29 14.88 -3.93 -2.11
N ALA A 30 14.94 -3.87 -3.44
CA ALA A 30 14.26 -2.81 -4.16
C ALA A 30 12.75 -2.91 -3.90
N VAL A 31 12.25 -4.14 -3.98
CA VAL A 31 10.84 -4.38 -3.78
C VAL A 31 10.47 -4.08 -2.33
N ASP A 32 11.15 -4.75 -1.43
CA ASP A 32 10.89 -4.58 -0.01
C ASP A 32 10.90 -3.09 0.34
N SER A 33 11.76 -2.36 -0.36
CA SER A 33 11.88 -0.93 -0.14
C SER A 33 10.54 -0.24 -0.42
N ALA A 34 9.94 -0.62 -1.54
CA ALA A 34 8.69 -0.02 -1.96
C ALA A 34 7.66 -0.16 -0.83
N VAL A 35 7.77 -1.25 -0.10
CA VAL A 35 6.90 -1.48 1.04
C VAL A 35 7.40 -0.65 2.23
N GLU A 36 8.68 -0.81 2.53
CA GLU A 36 9.33 0.03 3.53
C GLU A 36 9.00 1.50 3.29
N LYS A 37 8.74 1.81 2.03
CA LYS A 37 8.51 3.19 1.63
C LYS A 37 7.02 3.50 1.75
N ALA A 38 6.22 2.68 1.11
CA ALA A 38 4.78 2.86 1.13
C ALA A 38 4.29 2.91 2.57
N LEU A 39 4.74 1.93 3.35
CA LEU A 39 4.41 1.89 4.77
C LEU A 39 4.77 3.23 5.42
N LYS A 40 6.01 3.63 5.21
CA LYS A 40 6.54 4.82 5.88
C LYS A 40 5.77 6.05 5.38
N VAL A 41 5.34 5.97 4.14
CA VAL A 41 4.61 7.08 3.52
C VAL A 41 3.37 7.39 4.34
N TRP A 42 2.78 6.34 4.89
CA TRP A 42 1.55 6.47 5.66
C TRP A 42 1.96 6.77 7.11
N GLU A 43 3.08 6.20 7.51
CA GLU A 43 3.61 6.44 8.84
C GLU A 43 3.72 7.95 9.10
N GLU A 44 3.89 8.69 8.02
CA GLU A 44 4.12 10.12 8.13
C GLU A 44 2.82 10.85 8.49
N VAL A 45 1.71 10.15 8.28
CA VAL A 45 0.40 10.78 8.39
C VAL A 45 -0.48 9.93 9.30
N THR A 46 0.16 9.05 10.05
CA THR A 46 -0.52 8.34 11.13
C THR A 46 0.47 7.97 12.24
N PRO A 47 -0.09 7.64 13.42
CA PRO A 47 0.73 7.25 14.56
C PRO A 47 1.28 5.84 14.38
N LEU A 48 0.79 5.17 13.35
CA LEU A 48 1.06 3.76 13.17
C LEU A 48 2.57 3.53 13.08
N THR A 49 2.98 2.32 13.45
CA THR A 49 4.37 1.92 13.28
C THR A 49 4.45 0.50 12.73
N PHE A 50 5.31 0.32 11.74
CA PHE A 50 5.35 -0.92 10.99
C PHE A 50 6.62 -1.71 11.30
N SER A 51 6.44 -3.01 11.47
CA SER A 51 7.57 -3.90 11.67
C SER A 51 7.52 -5.05 10.66
N ARG A 52 8.64 -5.73 10.53
CA ARG A 52 8.75 -6.84 9.59
C ARG A 52 8.94 -8.16 10.35
N LEU A 53 8.49 -9.24 9.72
CA LEU A 53 8.64 -10.56 10.31
C LEU A 53 9.19 -11.52 9.26
N TYR A 54 10.16 -12.32 9.69
CA TYR A 54 10.78 -13.29 8.79
C TYR A 54 10.03 -14.62 8.83
N GLU A 55 9.04 -14.69 9.72
CA GLU A 55 8.22 -15.88 9.82
C GLU A 55 6.85 -15.52 10.40
N GLY A 56 5.98 -16.53 10.48
CA GLY A 56 4.67 -16.35 11.07
C GLY A 56 3.71 -15.69 10.07
N GLU A 57 2.77 -14.94 10.62
CA GLU A 57 1.77 -14.28 9.80
C GLU A 57 1.67 -12.80 10.18
N ALA A 58 2.31 -11.97 9.36
CA ALA A 58 2.26 -10.53 9.57
C ALA A 58 0.88 -10.00 9.18
N ASP A 59 0.54 -8.87 9.77
CA ASP A 59 -0.78 -8.28 9.55
C ASP A 59 -0.93 -7.92 8.07
N ILE A 60 0.16 -7.47 7.49
CA ILE A 60 0.16 -7.07 6.09
C ILE A 60 1.13 -7.96 5.31
N MET A 61 0.62 -9.09 4.85
CA MET A 61 1.43 -10.03 4.10
C MET A 61 1.34 -9.74 2.60
N ILE A 62 2.25 -8.90 2.13
CA ILE A 62 2.27 -8.52 0.73
C ILE A 62 2.80 -9.68 -0.11
N SER A 63 2.31 -9.76 -1.34
CA SER A 63 2.69 -10.84 -2.22
C SER A 63 2.53 -10.40 -3.68
N PHE A 64 3.24 -11.09 -4.56
CA PHE A 64 3.09 -10.86 -5.99
C PHE A 64 2.68 -12.15 -6.71
N ALA A 65 1.65 -12.03 -7.53
CA ALA A 65 1.09 -13.19 -8.20
C ALA A 65 0.50 -12.77 -9.55
N VAL A 66 0.16 -13.76 -10.35
CA VAL A 66 -0.58 -13.51 -11.57
C VAL A 66 -1.73 -14.54 -11.68
N ARG A 67 -2.34 -14.55 -12.86
CA ARG A 67 -3.39 -15.52 -13.13
C ARG A 67 -4.26 -15.72 -11.89
N GLU A 68 -4.91 -16.88 -11.84
CA GLU A 68 -5.67 -17.26 -10.66
C GLU A 68 -4.72 -17.61 -9.51
N HIS A 69 -4.61 -16.67 -8.58
CA HIS A 69 -3.68 -16.83 -7.46
C HIS A 69 -4.46 -17.20 -6.21
N GLY A 70 -5.29 -18.22 -6.34
CA GLY A 70 -6.16 -18.63 -5.25
C GLY A 70 -7.21 -17.56 -4.96
N ASP A 71 -8.07 -17.33 -5.95
CA ASP A 71 -9.00 -16.22 -5.89
C ASP A 71 -9.88 -16.22 -7.15
N PHE A 72 -10.63 -15.14 -7.30
CA PHE A 72 -11.51 -15.00 -8.45
C PHE A 72 -11.23 -13.70 -9.20
N TYR A 73 -10.09 -13.11 -8.89
CA TYR A 73 -9.56 -12.03 -9.71
C TYR A 73 -8.24 -12.44 -10.37
N PRO A 74 -8.37 -12.96 -11.62
CA PRO A 74 -7.22 -13.46 -12.35
C PRO A 74 -6.35 -12.31 -12.88
N PHE A 75 -5.05 -12.54 -12.88
CA PHE A 75 -4.11 -11.54 -13.36
C PHE A 75 -3.53 -11.93 -14.72
N ASP A 76 -3.58 -10.99 -15.64
CA ASP A 76 -3.13 -11.25 -17.00
C ASP A 76 -3.37 -10.00 -17.86
N GLY A 77 -2.28 -9.39 -18.28
CA GLY A 77 -2.36 -8.27 -19.20
C GLY A 77 -1.18 -7.31 -19.01
N PRO A 78 -0.73 -6.73 -20.15
CA PRO A 78 0.31 -5.72 -20.10
C PRO A 78 -0.26 -4.38 -19.61
N GLY A 79 0.15 -4.01 -18.40
CA GLY A 79 -0.41 -2.85 -17.75
C GLY A 79 -1.65 -3.21 -16.94
N ASN A 80 -2.76 -2.58 -17.31
CA ASN A 80 -4.03 -2.87 -16.66
C ASN A 80 -3.82 -2.91 -15.14
N VAL A 81 -4.67 -3.68 -14.48
CA VAL A 81 -4.53 -3.88 -13.05
C VAL A 81 -3.05 -3.99 -12.70
N LEU A 82 -2.59 -3.03 -11.91
CA LEU A 82 -1.21 -3.04 -11.46
C LEU A 82 -1.11 -3.80 -10.14
N ALA A 83 -2.14 -3.64 -9.32
CA ALA A 83 -2.17 -4.32 -8.03
C ALA A 83 -3.50 -4.01 -7.34
N HIS A 84 -4.00 -5.01 -6.62
CA HIS A 84 -5.23 -4.83 -5.85
C HIS A 84 -4.95 -5.16 -4.38
N ALA A 85 -5.90 -4.78 -3.54
CA ALA A 85 -5.79 -5.05 -2.12
C ALA A 85 -7.18 -5.03 -1.48
N TYR A 86 -7.23 -5.40 -0.21
CA TYR A 86 -8.50 -5.52 0.49
C TYR A 86 -8.36 -5.05 1.94
N ALA A 87 -9.50 -4.72 2.53
CA ALA A 87 -9.53 -4.24 3.89
C ALA A 87 -8.79 -5.23 4.80
N PRO A 88 -8.42 -4.73 6.01
CA PRO A 88 -7.64 -5.54 6.94
C PRO A 88 -8.52 -6.61 7.60
N GLY A 89 -7.86 -7.68 8.04
CA GLY A 89 -8.58 -8.78 8.67
C GLY A 89 -7.88 -10.11 8.38
N PRO A 90 -8.57 -11.22 8.76
CA PRO A 90 -8.05 -12.55 8.53
C PRO A 90 -8.19 -12.94 7.05
N GLY A 91 -7.27 -13.77 6.61
CA GLY A 91 -7.36 -14.34 5.27
C GLY A 91 -6.92 -13.32 4.21
N ILE A 92 -7.71 -13.24 3.16
CA ILE A 92 -7.38 -12.36 2.04
C ILE A 92 -7.28 -10.92 2.54
N ASN A 93 -7.99 -10.65 3.62
CA ASN A 93 -8.04 -9.31 4.17
C ASN A 93 -6.67 -8.96 4.76
N GLY A 94 -6.27 -7.72 4.55
CA GLY A 94 -5.00 -7.24 5.06
C GLY A 94 -3.88 -7.45 4.04
N ASP A 95 -4.03 -8.49 3.24
CA ASP A 95 -3.03 -8.83 2.25
C ASP A 95 -3.11 -7.85 1.08
N ALA A 96 -2.00 -7.75 0.36
CA ALA A 96 -1.94 -6.90 -0.82
C ALA A 96 -1.24 -7.65 -1.95
N HIS A 97 -2.01 -7.99 -2.97
CA HIS A 97 -1.48 -8.72 -4.10
C HIS A 97 -1.07 -7.74 -5.20
N PHE A 98 0.19 -7.81 -5.60
CA PHE A 98 0.67 -7.03 -6.71
C PHE A 98 0.70 -7.86 -8.00
N ASP A 99 0.42 -7.19 -9.11
CA ASP A 99 0.38 -7.86 -10.40
C ASP A 99 1.80 -8.16 -10.87
N ASP A 100 2.16 -9.44 -10.80
CA ASP A 100 3.48 -9.87 -11.25
C ASP A 100 3.51 -9.88 -12.78
N ASP A 101 2.33 -10.03 -13.36
CA ASP A 101 2.22 -10.09 -14.81
C ASP A 101 2.52 -8.70 -15.40
N GLU A 102 2.57 -7.72 -14.51
CA GLU A 102 2.92 -6.36 -14.91
C GLU A 102 4.34 -6.03 -14.46
N GLN A 103 5.04 -5.31 -15.32
CA GLN A 103 6.43 -4.96 -15.05
C GLN A 103 6.50 -3.90 -13.95
N TRP A 104 7.62 -3.89 -13.25
CA TRP A 104 7.80 -2.99 -12.11
C TRP A 104 9.13 -2.26 -12.29
N THR A 105 9.22 -1.12 -11.64
CA THR A 105 10.46 -0.34 -11.66
C THR A 105 10.65 0.38 -10.33
N LYS A 106 11.88 0.81 -10.10
CA LYS A 106 12.24 1.44 -8.84
C LYS A 106 12.36 2.95 -9.04
N ASP A 107 11.87 3.40 -10.19
CA ASP A 107 11.97 4.80 -10.53
C ASP A 107 10.89 5.14 -11.56
N THR A 108 10.86 6.41 -11.95
CA THR A 108 9.89 6.87 -12.93
C THR A 108 10.27 6.41 -14.33
N THR A 109 10.19 5.11 -14.53
CA THR A 109 10.51 4.53 -15.83
C THR A 109 9.45 3.52 -16.24
N GLY A 110 9.16 2.59 -15.34
CA GLY A 110 8.12 1.61 -15.56
C GLY A 110 6.84 1.98 -14.82
N THR A 111 6.27 0.99 -14.16
CA THR A 111 5.19 1.25 -13.21
C THR A 111 5.76 1.38 -11.80
N ASN A 112 6.21 2.58 -11.49
CA ASN A 112 6.86 2.84 -10.22
C ASN A 112 6.18 2.02 -9.13
N LEU A 113 6.90 1.01 -8.65
CA LEU A 113 6.33 0.07 -7.69
C LEU A 113 5.95 0.82 -6.41
N PHE A 114 6.94 1.52 -5.86
CA PHE A 114 6.76 2.18 -4.58
C PHE A 114 5.50 3.04 -4.58
N LEU A 115 5.29 3.74 -5.69
CA LEU A 115 4.15 4.62 -5.83
C LEU A 115 2.86 3.79 -5.69
N VAL A 116 2.90 2.60 -6.26
CA VAL A 116 1.74 1.71 -6.23
C VAL A 116 1.65 1.06 -4.85
N ALA A 117 2.82 0.80 -4.28
CA ALA A 117 2.88 0.18 -2.96
C ALA A 117 2.06 1.00 -1.96
N ALA A 118 2.23 2.31 -2.06
CA ALA A 118 1.51 3.22 -1.19
C ALA A 118 0.00 3.02 -1.39
N HIS A 119 -0.47 3.01 -2.63
CA HIS A 119 -1.91 2.70 -2.99
C HIS A 119 -2.34 1.35 -2.36
N GLU A 120 -1.60 0.30 -2.68
CA GLU A 120 -1.89 -1.02 -2.15
C GLU A 120 -2.05 -0.96 -0.63
N ILE A 121 -0.97 -0.56 0.03
CA ILE A 121 -0.97 -0.51 1.48
C ILE A 121 -2.23 0.20 1.98
N GLY A 122 -2.53 1.32 1.34
CA GLY A 122 -3.66 2.12 1.75
C GLY A 122 -4.91 1.27 1.95
N HIS A 123 -5.09 0.33 1.03
CA HIS A 123 -6.26 -0.53 1.07
C HIS A 123 -6.19 -1.46 2.29
N SER A 124 -4.97 -1.91 2.57
CA SER A 124 -4.74 -2.82 3.68
C SER A 124 -4.98 -2.10 5.00
N LEU A 125 -4.73 -0.79 4.99
CA LEU A 125 -4.86 0.00 6.19
C LEU A 125 -6.33 0.20 6.52
N GLY A 126 -7.08 0.63 5.51
CA GLY A 126 -8.52 0.80 5.65
C GLY A 126 -8.97 2.13 5.05
N LEU A 127 -8.56 2.35 3.81
CA LEU A 127 -9.02 3.51 3.06
C LEU A 127 -8.91 3.21 1.56
N PHE A 128 -9.99 3.52 0.86
CA PHE A 128 -10.12 3.12 -0.53
C PHE A 128 -10.18 4.34 -1.45
N HIS A 129 -10.33 4.07 -2.74
CA HIS A 129 -10.19 5.11 -3.75
C HIS A 129 -10.81 6.41 -3.21
N SER A 130 -10.07 7.49 -3.40
CA SER A 130 -10.53 8.80 -2.95
C SER A 130 -11.19 9.55 -4.11
N ALA A 131 -11.85 10.64 -3.76
CA ALA A 131 -12.53 11.45 -4.76
C ALA A 131 -11.53 12.43 -5.38
N ASN A 132 -10.59 12.88 -4.56
CA ASN A 132 -9.60 13.83 -5.01
C ASN A 132 -8.76 13.20 -6.12
N THR A 133 -8.28 14.05 -7.02
CA THR A 133 -7.47 13.59 -8.13
C THR A 133 -6.00 13.88 -7.87
N GLU A 134 -5.75 14.55 -6.75
CA GLU A 134 -4.39 14.88 -6.36
C GLU A 134 -3.81 13.76 -5.49
N ALA A 135 -4.70 12.91 -4.99
CA ALA A 135 -4.30 11.81 -4.13
C ALA A 135 -3.86 10.62 -4.99
N LEU A 136 -2.98 9.81 -4.42
CA LEU A 136 -2.48 8.64 -5.12
C LEU A 136 -3.51 7.52 -5.00
N MET A 137 -4.40 7.67 -4.04
CA MET A 137 -5.47 6.70 -3.85
C MET A 137 -6.51 6.80 -4.96
N TYR A 138 -6.49 7.93 -5.65
CA TYR A 138 -7.38 8.14 -6.78
C TYR A 138 -7.21 7.02 -7.81
N PRO A 139 -8.38 6.53 -8.33
CA PRO A 139 -8.37 5.46 -9.30
C PRO A 139 -7.93 5.97 -10.68
N LEU A 140 -6.70 6.47 -10.73
CA LEU A 140 -6.13 6.92 -11.99
C LEU A 140 -4.63 7.11 -11.81
N TYR A 141 -3.88 6.50 -12.73
CA TYR A 141 -2.43 6.53 -12.63
C TYR A 141 -1.88 7.91 -13.01
N HIS A 142 -0.75 8.24 -12.40
CA HIS A 142 -0.11 9.51 -12.68
C HIS A 142 1.31 9.51 -12.09
N SER A 143 2.28 9.74 -12.96
CA SER A 143 3.67 9.75 -12.55
C SER A 143 4.06 11.15 -12.09
N LEU A 144 5.20 11.22 -11.41
CA LEU A 144 5.71 12.51 -10.93
C LEU A 144 7.21 12.57 -11.18
N THR A 145 7.61 13.65 -11.86
CA THR A 145 9.02 13.85 -12.16
C THR A 145 9.90 13.32 -11.04
N ASP A 146 9.74 13.91 -9.87
CA ASP A 146 10.51 13.51 -8.70
C ASP A 146 9.62 12.63 -7.81
N LEU A 147 9.65 11.33 -8.10
CA LEU A 147 8.89 10.37 -7.32
C LEU A 147 9.47 10.30 -5.91
N THR A 148 10.72 10.70 -5.80
CA THR A 148 11.40 10.71 -4.51
C THR A 148 10.79 11.77 -3.60
N ARG A 149 9.99 12.63 -4.20
CA ARG A 149 9.38 13.73 -3.47
C ARG A 149 7.87 13.53 -3.37
N PHE A 150 7.40 12.49 -4.05
CA PHE A 150 5.98 12.19 -4.05
C PHE A 150 5.41 12.20 -2.64
N ARG A 151 4.17 12.65 -2.53
CA ARG A 151 3.49 12.68 -1.25
C ARG A 151 1.99 12.43 -1.44
N LEU A 152 1.34 12.03 -0.35
CA LEU A 152 -0.10 11.86 -0.37
C LEU A 152 -0.77 13.21 -0.17
N SER A 153 -1.78 13.47 -1.00
CA SER A 153 -2.51 14.72 -0.94
C SER A 153 -3.30 14.80 0.37
N GLN A 154 -3.82 15.99 0.63
CA GLN A 154 -4.51 16.24 1.89
C GLN A 154 -5.67 15.24 2.06
N ASP A 155 -6.25 14.85 0.94
CA ASP A 155 -7.38 13.94 0.95
C ASP A 155 -6.95 12.63 1.62
N ASP A 156 -5.84 12.10 1.16
CA ASP A 156 -5.36 10.81 1.64
C ASP A 156 -5.12 10.91 3.15
N ILE A 157 -4.58 12.04 3.57
CA ILE A 157 -4.26 12.23 4.98
C ILE A 157 -5.56 12.42 5.77
N ASN A 158 -6.49 13.14 5.16
CA ASN A 158 -7.76 13.43 5.81
C ASN A 158 -8.41 12.12 6.26
N GLY A 159 -8.36 11.14 5.37
CA GLY A 159 -8.99 9.86 5.64
C GLY A 159 -8.16 9.03 6.62
N ILE A 160 -6.91 8.81 6.24
CA ILE A 160 -6.01 7.98 7.04
C ILE A 160 -5.99 8.51 8.48
N GLN A 161 -6.24 9.81 8.60
CA GLN A 161 -6.28 10.44 9.91
C GLN A 161 -7.63 10.17 10.59
N SER A 162 -8.68 10.28 9.80
CA SER A 162 -10.02 10.08 10.32
C SER A 162 -10.15 8.67 10.90
N LEU A 163 -9.34 7.77 10.36
CA LEU A 163 -9.35 6.38 10.81
C LEU A 163 -8.34 6.21 11.94
N TYR A 164 -7.45 7.18 12.05
CA TYR A 164 -6.44 7.16 13.10
C TYR A 164 -6.06 8.58 13.53
N GLY A 165 -5.02 9.10 12.90
CA GLY A 165 -4.58 10.46 13.17
C GLY A 165 -3.41 10.47 14.17
N PRO A 166 -2.25 11.01 13.69
CA PRO A 166 -1.09 11.12 14.54
C PRO A 166 -1.24 12.27 15.54
N PRO A 167 -0.31 12.30 16.53
CA PRO A 167 -0.32 13.35 17.54
C PRO A 167 0.16 14.68 16.97
N PRO A 168 -0.72 15.71 17.10
CA PRO A 168 -0.37 17.05 16.64
C PRO A 168 0.61 17.72 17.60
N ASP A 169 1.02 18.92 17.24
CA ASP A 169 1.95 19.68 18.06
C ASP A 169 1.32 19.96 19.42
N SER A 170 2.17 20.03 20.43
CA SER A 170 1.72 20.28 21.78
C SER A 170 2.85 20.91 22.61
N PRO A 171 3.07 22.23 22.36
CA PRO A 171 4.11 22.96 23.07
C PRO A 171 3.68 23.27 24.51
N GLU A 172 3.69 22.22 25.33
CA GLU A 172 3.30 22.37 26.72
C GLU A 172 4.19 23.41 27.41
N THR A 173 5.44 23.45 26.99
CA THR A 173 6.39 24.39 27.54
C THR A 173 6.52 24.20 29.05
ZN ZN B . -7.26 0.48 -5.46
ZN ZN C . -5.65 -11.22 -5.24
C1 8MI D . -7.54 -0.29 -9.15
C2 8MI D . -6.30 -1.06 -8.66
C3 8MI D . -6.67 -1.89 -7.41
O4 8MI D . -6.76 -1.31 -6.34
O5 8MI D . -6.86 -3.09 -7.54
N6 8MI D . -5.21 -0.08 -8.42
C7 8MI D . -5.08 0.88 -9.54
C8 8MI D . -3.85 1.82 -9.29
C9 8MI D . -4.32 3.24 -8.86
C10 8MI D . -3.12 4.12 -8.54
C11 8MI D . -3.00 5.39 -9.13
C12 8MI D . -1.90 6.19 -8.86
C13 8MI D . -0.91 5.75 -7.98
C14 8MI D . -1.03 4.49 -7.38
C15 8MI D . -2.12 3.67 -7.66
C16 8MI D . -4.88 0.16 -10.91
O17 8MI D . -4.24 -0.87 -10.99
N18 8MI D . -5.43 0.73 -11.98
C19 8MI D . -5.34 0.14 -13.37
C20 8MI D . -6.78 -0.06 -13.92
C21 8MI D . -7.40 -1.36 -13.37
C22 8MI D . -8.88 -1.46 -13.78
N23 8MI D . -9.45 -2.78 -13.32
C24 8MI D . -9.83 -3.06 -12.08
N25 8MI D . -10.28 -4.26 -11.81
N26 8MI D . -9.78 -2.15 -11.12
C27 8MI D . -4.52 1.08 -14.30
O28 8MI D . -4.72 2.28 -14.32
N29 8MI D . -3.60 0.51 -15.09
C30 8MI D . -2.87 1.27 -15.96
C31 8MI D . -2.99 1.07 -17.34
C32 8MI D . -2.25 1.84 -18.24
C33 8MI D . -1.38 2.82 -17.77
C34 8MI D . -1.23 3.03 -16.39
C35 8MI D . -1.97 2.26 -15.48
H36 8MI D . -7.45 -0.07 -10.20
H37 8MI D . -7.65 0.64 -8.61
H38 8MI D . -8.43 -0.89 -8.99
H39 8MI D . -6.00 -1.74 -9.45
H40 8MI D . -4.32 -0.60 -8.28
H41 8MI D . -5.97 1.49 -9.61
H42 8MI D . -3.27 1.90 -10.20
H43 8MI D . -3.24 1.41 -8.52
H44 8MI D . -4.95 3.15 -7.98
H45 8MI D . -4.90 3.69 -9.65
H46 8MI D . -3.77 5.75 -9.82
H47 8MI D . -1.81 7.17 -9.31
H48 8MI D . -0.06 6.37 -7.76
H49 8MI D . -0.25 4.14 -6.70
H50 8MI D . -2.21 2.70 -7.19
H51 8MI D . -5.93 1.57 -11.94
H52 8MI D . -4.84 -0.83 -13.32
H53 8MI D . -6.75 -0.11 -15.00
H54 8MI D . -7.39 0.78 -13.63
H55 8MI D . -7.34 -1.35 -12.29
H56 8MI D . -6.86 -2.21 -13.75
H57 8MI D . -8.96 -1.39 -14.86
H58 8MI D . -9.44 -0.65 -13.33
H59 8MI D . -9.52 -3.45 -14.05
H61 8MI D . -10.57 -4.49 -10.87
H62 8MI D . -9.45 -1.23 -11.32
H63 8MI D . -10.06 -2.38 -10.19
H64 8MI D . -3.42 -0.46 -15.06
H65 8MI D . -3.68 0.31 -17.71
H66 8MI D . -2.36 1.69 -19.31
H67 8MI D . -0.80 3.42 -18.46
H68 8MI D . -0.55 3.78 -16.03
H69 8MI D . -1.86 2.42 -14.42
H60 8MI D . -10.34 -4.96 -12.52
H70 8MI D . -5.42 0.44 -7.54
N PHE A 1 -11.68 10.09 0.17
CA PHE A 1 -11.50 8.91 0.98
C PHE A 1 -12.84 8.28 1.34
N ARG A 2 -12.79 7.00 1.67
CA ARG A 2 -13.98 6.28 2.07
C ARG A 2 -13.65 5.23 3.13
N THR A 3 -14.71 4.67 3.72
CA THR A 3 -14.53 3.66 4.75
C THR A 3 -15.53 2.52 4.54
N PHE A 4 -15.02 1.30 4.69
CA PHE A 4 -15.88 0.13 4.68
C PHE A 4 -17.03 0.28 5.67
N PRO A 5 -18.01 -0.66 5.57
CA PRO A 5 -19.21 -0.57 6.36
C PRO A 5 -18.95 -0.96 7.83
N GLY A 6 -17.72 -1.38 8.07
CA GLY A 6 -17.30 -1.74 9.41
C GLY A 6 -16.15 -0.84 9.90
N ILE A 7 -15.85 0.16 9.09
CA ILE A 7 -14.76 1.06 9.39
C ILE A 7 -13.47 0.27 9.52
N PRO A 8 -12.64 0.32 8.45
CA PRO A 8 -11.37 -0.38 8.44
C PRO A 8 -10.33 0.32 9.31
N LYS A 9 -9.72 -0.45 10.20
CA LYS A 9 -8.74 0.11 11.13
C LYS A 9 -8.22 -1.01 12.03
N TRP A 10 -6.92 -1.18 12.02
CA TRP A 10 -6.29 -2.21 12.82
C TRP A 10 -6.42 -1.82 14.30
N ARG A 11 -6.47 -2.84 15.14
CA ARG A 11 -6.68 -2.62 16.56
C ARG A 11 -5.34 -2.35 17.26
N LYS A 12 -4.28 -2.47 16.49
CA LYS A 12 -2.94 -2.25 17.02
C LYS A 12 -2.21 -1.23 16.15
N THR A 13 -1.29 -0.51 16.78
CA THR A 13 -0.49 0.47 16.07
C THR A 13 0.79 -0.17 15.53
N HIS A 14 1.29 -1.14 16.30
CA HIS A 14 2.50 -1.85 15.90
C HIS A 14 2.14 -2.92 14.86
N LEU A 15 2.08 -2.48 13.61
CA LEU A 15 1.70 -3.37 12.52
C LEU A 15 2.92 -4.14 12.04
N THR A 16 2.65 -5.27 11.39
CA THR A 16 3.71 -6.07 10.82
C THR A 16 3.37 -6.45 9.38
N TYR A 17 4.42 -6.61 8.58
CA TYR A 17 4.25 -7.01 7.19
C TYR A 17 5.33 -8.00 6.76
N ARG A 18 5.19 -8.50 5.55
CA ARG A 18 6.14 -9.48 5.02
C ARG A 18 6.03 -9.54 3.50
N ILE A 19 7.16 -9.86 2.88
CA ILE A 19 7.19 -10.09 1.44
C ILE A 19 7.40 -11.58 1.18
N VAL A 20 6.41 -12.17 0.52
CA VAL A 20 6.43 -13.60 0.27
C VAL A 20 7.34 -13.89 -0.93
N ASN A 21 7.22 -13.03 -1.94
CA ASN A 21 8.01 -13.18 -3.15
C ASN A 21 8.07 -11.85 -3.89
N TYR A 22 8.89 -11.82 -4.93
CA TYR A 22 9.10 -10.60 -5.68
C TYR A 22 8.98 -10.85 -7.19
N THR A 23 9.21 -9.80 -7.96
CA THR A 23 9.06 -9.87 -9.40
C THR A 23 10.43 -10.02 -10.07
N PRO A 24 10.45 -10.83 -11.15
CA PRO A 24 11.69 -11.10 -11.86
C PRO A 24 12.10 -9.89 -12.71
N ASP A 25 12.39 -8.80 -12.04
CA ASP A 25 12.78 -7.58 -12.71
C ASP A 25 13.56 -6.69 -11.75
N LEU A 26 13.00 -6.51 -10.56
CA LEU A 26 13.65 -5.71 -9.54
C LEU A 26 14.45 -6.60 -8.61
N PRO A 27 15.45 -5.99 -7.91
CA PRO A 27 16.14 -6.67 -6.83
C PRO A 27 15.27 -6.75 -5.59
N LYS A 28 15.67 -7.63 -4.67
CA LYS A 28 14.85 -7.94 -3.52
C LYS A 28 14.66 -6.67 -2.69
N ASP A 29 15.78 -6.12 -2.23
CA ASP A 29 15.74 -4.97 -1.35
C ASP A 29 14.91 -3.86 -2.00
N ALA A 30 15.03 -3.77 -3.32
CA ALA A 30 14.37 -2.71 -4.06
C ALA A 30 12.85 -2.86 -3.90
N VAL A 31 12.38 -4.09 -4.08
CA VAL A 31 10.96 -4.36 -3.98
C VAL A 31 10.49 -4.10 -2.56
N ASP A 32 11.17 -4.74 -1.62
CA ASP A 32 10.85 -4.56 -0.20
C ASP A 32 10.77 -3.07 0.11
N SER A 33 11.68 -2.32 -0.49
CA SER A 33 11.74 -0.88 -0.26
C SER A 33 10.39 -0.24 -0.54
N ALA A 34 9.79 -0.67 -1.63
CA ALA A 34 8.52 -0.11 -2.07
C ALA A 34 7.50 -0.24 -0.93
N VAL A 35 7.61 -1.35 -0.20
CA VAL A 35 6.73 -1.59 0.92
C VAL A 35 7.22 -0.81 2.14
N GLU A 36 8.50 -1.01 2.45
CA GLU A 36 9.15 -0.21 3.46
C GLU A 36 8.81 1.28 3.28
N LYS A 37 8.58 1.64 2.03
CA LYS A 37 8.35 3.03 1.68
C LYS A 37 6.85 3.33 1.80
N ALA A 38 6.06 2.53 1.10
CA ALA A 38 4.62 2.72 1.09
C ALA A 38 4.10 2.73 2.54
N LEU A 39 4.58 1.77 3.32
CA LEU A 39 4.21 1.70 4.71
C LEU A 39 4.57 3.02 5.40
N LYS A 40 5.83 3.40 5.25
CA LYS A 40 6.36 4.53 6.00
C LYS A 40 5.63 5.81 5.57
N VAL A 41 5.21 5.83 4.32
CA VAL A 41 4.54 6.98 3.77
C VAL A 41 3.34 7.35 4.65
N TRP A 42 2.75 6.32 5.23
CA TRP A 42 1.53 6.49 6.01
C TRP A 42 1.94 6.82 7.45
N GLU A 43 3.14 6.38 7.80
CA GLU A 43 3.69 6.67 9.12
C GLU A 43 3.72 8.18 9.36
N GLU A 44 3.74 8.92 8.26
CA GLU A 44 3.83 10.37 8.35
C GLU A 44 2.48 10.97 8.72
N VAL A 45 1.44 10.19 8.49
CA VAL A 45 0.08 10.70 8.62
C VAL A 45 -0.73 9.74 9.51
N THR A 46 -0.01 8.85 10.17
CA THR A 46 -0.62 8.01 11.18
C THR A 46 0.37 7.75 12.32
N PRO A 47 -0.20 7.36 13.50
CA PRO A 47 0.62 6.98 14.64
C PRO A 47 1.24 5.60 14.43
N LEU A 48 0.84 4.96 13.34
CA LEU A 48 1.13 3.55 13.15
C LEU A 48 2.65 3.36 13.07
N THR A 49 3.08 2.16 13.45
CA THR A 49 4.48 1.78 13.27
C THR A 49 4.57 0.37 12.69
N PHE A 50 5.46 0.23 11.71
CA PHE A 50 5.52 -1.00 10.94
C PHE A 50 6.82 -1.76 11.25
N SER A 51 6.71 -3.09 11.20
CA SER A 51 7.87 -3.93 11.42
C SER A 51 7.82 -5.15 10.49
N ARG A 52 8.99 -5.69 10.20
CA ARG A 52 9.09 -6.83 9.33
C ARG A 52 9.36 -8.10 10.14
N LEU A 53 8.92 -9.23 9.59
CA LEU A 53 9.12 -10.51 10.24
C LEU A 53 9.82 -11.47 9.28
N TYR A 54 10.78 -12.21 9.82
CA TYR A 54 11.56 -13.13 9.02
C TYR A 54 10.75 -14.39 8.68
N GLU A 55 9.64 -14.55 9.39
CA GLU A 55 8.72 -15.63 9.12
C GLU A 55 7.38 -15.38 9.80
N GLY A 56 6.39 -16.20 9.44
CA GLY A 56 5.08 -16.11 10.06
C GLY A 56 4.16 -15.20 9.26
N GLU A 57 2.87 -15.36 9.50
CA GLU A 57 1.87 -14.57 8.80
C GLU A 57 1.75 -13.18 9.43
N ALA A 58 2.55 -12.25 8.90
CA ALA A 58 2.51 -10.88 9.36
C ALA A 58 1.12 -10.30 9.09
N ASP A 59 0.87 -9.14 9.67
CA ASP A 59 -0.43 -8.50 9.55
C ASP A 59 -0.68 -8.14 8.09
N ILE A 60 0.39 -7.75 7.42
CA ILE A 60 0.31 -7.40 6.00
C ILE A 60 1.25 -8.32 5.21
N MET A 61 0.71 -9.43 4.75
CA MET A 61 1.52 -10.42 4.05
C MET A 61 1.51 -10.16 2.55
N ILE A 62 2.35 -9.22 2.13
CA ILE A 62 2.38 -8.79 0.74
C ILE A 62 3.00 -9.91 -0.11
N SER A 63 2.43 -10.08 -1.30
CA SER A 63 2.87 -11.13 -2.19
C SER A 63 2.54 -10.76 -3.64
N PHE A 64 3.27 -11.38 -4.55
CA PHE A 64 2.99 -11.22 -5.97
C PHE A 64 2.45 -12.52 -6.58
N ALA A 65 1.54 -12.37 -7.53
CA ALA A 65 0.96 -13.52 -8.19
C ALA A 65 0.49 -13.11 -9.59
N VAL A 66 0.65 -14.03 -10.53
CA VAL A 66 0.14 -13.83 -11.87
C VAL A 66 -1.11 -14.70 -12.07
N ARG A 67 -1.79 -14.46 -13.18
CA ARG A 67 -2.96 -15.25 -13.53
C ARG A 67 -3.83 -15.47 -12.30
N GLU A 68 -4.71 -16.45 -12.40
CA GLU A 68 -5.55 -16.83 -11.29
C GLU A 68 -4.71 -17.09 -10.04
N HIS A 69 -5.07 -16.41 -8.96
CA HIS A 69 -4.32 -16.53 -7.72
C HIS A 69 -5.28 -16.70 -6.55
N GLY A 70 -6.24 -17.60 -6.74
CA GLY A 70 -7.26 -17.84 -5.73
C GLY A 70 -8.21 -16.65 -5.64
N ASP A 71 -8.87 -16.54 -4.49
CA ASP A 71 -9.75 -15.42 -4.23
C ASP A 71 -10.69 -15.23 -5.43
N PHE A 72 -11.44 -14.14 -5.38
CA PHE A 72 -12.46 -13.89 -6.39
C PHE A 72 -11.97 -12.88 -7.43
N TYR A 73 -10.79 -12.34 -7.16
CA TYR A 73 -10.19 -11.39 -8.08
C TYR A 73 -8.87 -11.93 -8.64
N PRO A 74 -8.99 -12.62 -9.82
CA PRO A 74 -7.82 -13.19 -10.47
C PRO A 74 -6.99 -12.11 -11.15
N PHE A 75 -5.83 -12.51 -11.63
CA PHE A 75 -4.98 -11.62 -12.42
C PHE A 75 -4.96 -12.05 -13.88
N ASP A 76 -4.63 -11.09 -14.75
CA ASP A 76 -4.68 -11.32 -16.17
C ASP A 76 -3.46 -10.67 -16.83
N GLY A 77 -2.33 -11.34 -16.70
CA GLY A 77 -1.12 -10.92 -17.39
C GLY A 77 -0.80 -9.45 -17.08
N PRO A 78 -0.03 -8.83 -18.01
CA PRO A 78 0.39 -7.46 -17.84
C PRO A 78 -0.77 -6.49 -18.11
N GLY A 79 -0.51 -5.22 -17.83
CA GLY A 79 -1.56 -4.20 -17.95
C GLY A 79 -2.69 -4.46 -16.96
N ASN A 80 -3.83 -3.83 -17.23
CA ASN A 80 -4.98 -3.96 -16.36
C ASN A 80 -4.55 -3.76 -14.91
N VAL A 81 -5.26 -4.43 -14.01
CA VAL A 81 -4.86 -4.45 -12.61
C VAL A 81 -3.33 -4.51 -12.53
N LEU A 82 -2.77 -3.45 -11.96
CA LEU A 82 -1.35 -3.44 -11.63
C LEU A 82 -1.14 -4.07 -10.27
N ALA A 83 -2.03 -3.73 -9.35
CA ALA A 83 -2.03 -4.36 -8.03
C ALA A 83 -3.28 -3.92 -7.27
N HIS A 84 -3.83 -4.86 -6.51
CA HIS A 84 -5.06 -4.60 -5.77
C HIS A 84 -4.84 -4.94 -4.30
N ALA A 85 -5.68 -4.36 -3.45
CA ALA A 85 -5.61 -4.61 -2.03
C ALA A 85 -7.00 -4.45 -1.42
N TYR A 86 -7.15 -4.99 -0.22
CA TYR A 86 -8.47 -5.08 0.41
C TYR A 86 -8.40 -4.75 1.89
N ALA A 87 -9.53 -4.33 2.43
CA ALA A 87 -9.61 -3.97 3.84
C ALA A 87 -9.12 -5.15 4.69
N PRO A 88 -9.03 -4.89 6.02
CA PRO A 88 -8.53 -5.90 6.94
C PRO A 88 -9.58 -6.98 7.18
N GLY A 89 -9.16 -8.04 7.84
CA GLY A 89 -10.04 -9.17 8.11
C GLY A 89 -9.23 -10.44 8.38
N PRO A 90 -9.70 -11.56 7.76
CA PRO A 90 -8.99 -12.82 7.87
C PRO A 90 -7.74 -12.82 6.99
N GLY A 91 -7.12 -13.99 6.89
CA GLY A 91 -5.82 -14.09 6.25
C GLY A 91 -5.92 -13.72 4.77
N ILE A 92 -7.15 -13.67 4.27
CA ILE A 92 -7.40 -13.31 2.89
C ILE A 92 -7.40 -11.78 2.75
N ASN A 93 -7.93 -11.13 3.77
CA ASN A 93 -8.00 -9.67 3.77
C ASN A 93 -6.70 -9.11 4.35
N GLY A 94 -6.50 -7.82 4.10
CA GLY A 94 -5.30 -7.16 4.58
C GLY A 94 -4.13 -7.36 3.61
N ASP A 95 -4.08 -8.56 3.05
CA ASP A 95 -3.02 -8.89 2.10
C ASP A 95 -3.19 -8.03 0.85
N ALA A 96 -2.06 -7.76 0.21
CA ALA A 96 -2.06 -6.97 -1.00
C ALA A 96 -1.32 -7.72 -2.11
N HIS A 97 -2.05 -8.00 -3.19
CA HIS A 97 -1.50 -8.76 -4.29
C HIS A 97 -1.02 -7.80 -5.39
N PHE A 98 0.23 -7.97 -5.76
CA PHE A 98 0.78 -7.27 -6.92
C PHE A 98 0.73 -8.16 -8.17
N ASP A 99 1.10 -7.56 -9.29
CA ASP A 99 1.24 -8.32 -10.52
C ASP A 99 2.72 -8.64 -10.74
N ASP A 100 2.98 -9.91 -11.01
CA ASP A 100 4.35 -10.35 -11.26
C ASP A 100 4.59 -10.44 -12.76
N ASP A 101 3.49 -10.56 -13.50
CA ASP A 101 3.56 -10.62 -14.95
C ASP A 101 3.54 -9.20 -15.52
N GLU A 102 4.44 -8.38 -15.00
CA GLU A 102 4.53 -6.99 -15.43
C GLU A 102 5.87 -6.40 -15.02
N GLN A 103 6.29 -5.39 -15.78
CA GLN A 103 7.53 -4.69 -15.47
C GLN A 103 7.33 -3.76 -14.27
N TRP A 104 8.42 -3.49 -13.58
CA TRP A 104 8.37 -2.67 -12.39
C TRP A 104 9.69 -1.87 -12.31
N THR A 105 9.62 -0.74 -11.62
CA THR A 105 10.80 0.08 -11.41
C THR A 105 10.80 0.64 -9.99
N LYS A 106 11.88 1.35 -9.68
CA LYS A 106 12.01 1.99 -8.37
C LYS A 106 12.06 3.50 -8.54
N ASP A 107 11.48 3.97 -9.63
CA ASP A 107 11.49 5.39 -9.93
C ASP A 107 10.50 5.66 -11.07
N THR A 108 10.40 6.94 -11.43
CA THR A 108 9.49 7.35 -12.49
C THR A 108 10.08 6.97 -13.85
N THR A 109 10.07 5.68 -14.13
CA THR A 109 10.57 5.18 -15.40
C THR A 109 9.59 4.16 -15.99
N GLY A 110 9.18 3.22 -15.16
CA GLY A 110 8.22 2.22 -15.58
C GLY A 110 6.94 2.32 -14.74
N THR A 111 6.45 1.15 -14.32
CA THR A 111 5.34 1.10 -13.40
C THR A 111 5.81 1.35 -11.96
N ASN A 112 6.02 2.62 -11.66
CA ASN A 112 6.52 3.01 -10.35
C ASN A 112 5.94 2.07 -9.29
N LEU A 113 6.80 1.22 -8.77
CA LEU A 113 6.36 0.18 -7.84
C LEU A 113 5.82 0.84 -6.57
N PHE A 114 6.71 1.49 -5.85
CA PHE A 114 6.35 2.11 -4.59
C PHE A 114 5.03 2.89 -4.72
N LEU A 115 4.96 3.71 -5.75
CA LEU A 115 3.80 4.55 -5.96
C LEU A 115 2.54 3.67 -6.01
N VAL A 116 2.70 2.49 -6.59
CA VAL A 116 1.62 1.53 -6.64
C VAL A 116 1.49 0.83 -5.28
N ALA A 117 2.64 0.64 -4.64
CA ALA A 117 2.68 -0.07 -3.38
C ALA A 117 1.83 0.68 -2.35
N ALA A 118 2.01 1.99 -2.31
CA ALA A 118 1.31 2.81 -1.34
C ALA A 118 -0.19 2.67 -1.55
N HIS A 119 -0.69 2.84 -2.77
CA HIS A 119 -2.13 2.59 -3.15
C HIS A 119 -2.64 1.27 -2.52
N GLU A 120 -1.93 0.19 -2.82
CA GLU A 120 -2.27 -1.11 -2.24
C GLU A 120 -2.40 -1.00 -0.72
N ILE A 121 -1.29 -0.70 -0.08
CA ILE A 121 -1.25 -0.64 1.38
C ILE A 121 -2.43 0.20 1.87
N GLY A 122 -2.76 1.22 1.09
CA GLY A 122 -3.85 2.11 1.44
C GLY A 122 -5.11 1.32 1.80
N HIS A 123 -5.44 0.37 0.94
CA HIS A 123 -6.63 -0.45 1.14
C HIS A 123 -6.43 -1.34 2.38
N SER A 124 -5.23 -1.88 2.49
CA SER A 124 -4.89 -2.74 3.62
C SER A 124 -5.14 -2.00 4.93
N LEU A 125 -4.79 -0.71 4.93
CA LEU A 125 -4.97 0.10 6.11
C LEU A 125 -6.45 0.43 6.29
N GLY A 126 -6.99 1.15 5.31
CA GLY A 126 -8.41 1.48 5.31
C GLY A 126 -8.69 2.73 4.49
N LEU A 127 -8.14 2.74 3.28
CA LEU A 127 -8.39 3.83 2.35
C LEU A 127 -8.99 3.27 1.06
N PHE A 128 -9.47 4.18 0.24
CA PHE A 128 -10.04 3.80 -1.05
C PHE A 128 -9.99 4.96 -2.04
N HIS A 129 -10.26 4.64 -3.30
CA HIS A 129 -10.09 5.61 -4.37
C HIS A 129 -10.63 6.97 -3.92
N SER A 130 -9.74 7.96 -3.94
CA SER A 130 -10.10 9.29 -3.48
C SER A 130 -10.71 10.09 -4.62
N ALA A 131 -11.17 11.28 -4.29
CA ALA A 131 -11.76 12.18 -5.28
C ALA A 131 -10.65 13.02 -5.91
N ASN A 132 -9.72 13.43 -5.07
CA ASN A 132 -8.60 14.24 -5.53
C ASN A 132 -7.80 13.48 -6.57
N THR A 133 -7.23 14.22 -7.51
CA THR A 133 -6.45 13.62 -8.57
C THR A 133 -4.96 13.70 -8.24
N GLU A 134 -4.63 14.59 -7.32
CA GLU A 134 -3.25 14.79 -6.92
C GLU A 134 -2.88 13.86 -5.77
N ALA A 135 -3.89 13.14 -5.30
CA ALA A 135 -3.70 12.22 -4.19
C ALA A 135 -3.12 10.90 -4.73
N LEU A 136 -2.90 9.97 -3.80
CA LEU A 136 -2.25 8.72 -4.15
C LEU A 136 -3.31 7.66 -4.44
N MET A 137 -4.33 7.63 -3.58
CA MET A 137 -5.35 6.60 -3.65
C MET A 137 -6.16 6.72 -4.95
N TYR A 138 -6.07 7.90 -5.56
CA TYR A 138 -6.72 8.12 -6.83
C TYR A 138 -6.53 6.94 -7.77
N PRO A 139 -7.65 6.56 -8.47
CA PRO A 139 -7.69 5.32 -9.22
C PRO A 139 -6.86 5.43 -10.50
N LEU A 140 -6.94 6.60 -11.12
CA LEU A 140 -6.23 6.84 -12.36
C LEU A 140 -4.74 7.00 -12.07
N TYR A 141 -3.93 6.30 -12.86
CA TYR A 141 -2.49 6.32 -12.66
C TYR A 141 -1.92 7.71 -12.92
N HIS A 142 -0.91 8.05 -12.14
CA HIS A 142 -0.25 9.34 -12.28
C HIS A 142 1.01 9.37 -11.43
N SER A 143 2.12 9.68 -12.09
CA SER A 143 3.41 9.69 -11.44
C SER A 143 4.04 11.08 -11.53
N LEU A 144 4.57 11.54 -10.39
CA LEU A 144 5.22 12.84 -10.34
C LEU A 144 6.66 12.70 -10.83
N THR A 145 7.02 13.58 -11.76
CA THR A 145 8.35 13.55 -12.34
C THR A 145 9.38 13.16 -11.28
N ASP A 146 9.47 13.98 -10.24
CA ASP A 146 10.36 13.71 -9.13
C ASP A 146 9.59 12.96 -8.04
N LEU A 147 9.62 11.63 -8.14
CA LEU A 147 8.87 10.79 -7.24
C LEU A 147 9.36 11.02 -5.81
N THR A 148 10.60 11.46 -5.71
CA THR A 148 11.21 11.67 -4.41
C THR A 148 10.47 12.76 -3.63
N ARG A 149 9.72 13.56 -4.37
CA ARG A 149 9.00 14.67 -3.78
C ARG A 149 7.53 14.27 -3.51
N PHE A 150 7.19 13.08 -3.96
CA PHE A 150 5.83 12.58 -3.82
C PHE A 150 5.31 12.81 -2.40
N ARG A 151 4.00 12.94 -2.30
CA ARG A 151 3.36 13.11 -1.00
C ARG A 151 1.89 12.70 -1.08
N LEU A 152 1.34 12.37 0.09
CA LEU A 152 -0.09 12.09 0.18
C LEU A 152 -0.85 13.41 0.32
N SER A 153 -1.85 13.57 -0.55
CA SER A 153 -2.65 14.78 -0.53
C SER A 153 -3.60 14.76 0.68
N GLN A 154 -4.18 15.93 0.95
CA GLN A 154 -5.01 16.09 2.13
C GLN A 154 -6.16 15.07 2.12
N ASP A 155 -6.65 14.79 0.92
CA ASP A 155 -7.75 13.86 0.77
C ASP A 155 -7.39 12.53 1.43
N ASP A 156 -6.16 12.09 1.18
CA ASP A 156 -5.73 10.78 1.63
C ASP A 156 -5.58 10.78 3.15
N ILE A 157 -5.03 11.87 3.66
CA ILE A 157 -4.80 12.00 5.10
C ILE A 157 -6.14 12.12 5.82
N ASN A 158 -7.07 12.80 5.16
CA ASN A 158 -8.37 13.04 5.75
C ASN A 158 -8.93 11.73 6.30
N GLY A 159 -8.80 10.69 5.49
CA GLY A 159 -9.38 9.40 5.82
C GLY A 159 -8.47 8.63 6.79
N ILE A 160 -7.22 8.50 6.38
CA ILE A 160 -6.26 7.68 7.13
C ILE A 160 -6.23 8.16 8.58
N GLN A 161 -6.15 9.47 8.74
CA GLN A 161 -6.01 10.06 10.07
C GLN A 161 -7.33 9.97 10.83
N SER A 162 -8.41 9.93 10.07
CA SER A 162 -9.74 9.84 10.67
C SER A 162 -9.96 8.43 11.23
N LEU A 163 -9.32 7.46 10.58
CA LEU A 163 -9.42 6.08 11.02
C LEU A 163 -8.40 5.83 12.14
N TYR A 164 -7.43 6.73 12.23
CA TYR A 164 -6.38 6.60 13.22
C TYR A 164 -6.07 7.95 13.87
N GLY A 165 -5.17 8.68 13.23
CA GLY A 165 -4.87 10.04 13.65
C GLY A 165 -3.66 10.06 14.58
N PRO A 166 -2.54 10.65 14.06
CA PRO A 166 -1.33 10.78 14.85
C PRO A 166 -1.47 11.90 15.87
N PRO A 167 -0.49 11.95 16.81
CA PRO A 167 -0.49 12.96 17.85
C PRO A 167 -0.04 14.32 17.28
N PRO A 168 -0.32 15.39 18.08
CA PRO A 168 0.05 16.74 17.67
C PRO A 168 1.56 16.96 17.83
N ASP A 169 1.99 18.15 17.44
CA ASP A 169 3.41 18.50 17.53
C ASP A 169 3.73 18.89 18.98
N SER A 170 5.02 18.95 19.27
CA SER A 170 5.47 19.24 20.62
C SER A 170 4.93 20.59 21.07
N PRO A 171 5.21 21.63 20.25
CA PRO A 171 4.74 22.98 20.54
C PRO A 171 3.23 23.10 20.26
N GLU A 172 2.44 22.45 21.10
CA GLU A 172 1.01 22.49 20.94
C GLU A 172 0.46 23.87 21.33
N THR A 173 0.16 24.66 20.32
CA THR A 173 -0.36 26.00 20.55
C THR A 173 -1.34 26.38 19.43
ZN ZN B . -7.68 0.86 -5.31
ZN ZN C . -5.86 -10.78 -5.44
C1 8MI D . -8.06 -0.47 -8.76
C2 8MI D . -6.99 -1.41 -8.16
C3 8MI D . -7.48 -1.90 -6.76
O4 8MI D . -7.44 -1.11 -5.83
O5 8MI D . -7.87 -3.06 -6.66
N6 8MI D . -5.71 -0.68 -8.11
C7 8MI D . -5.50 0.15 -9.32
C8 8MI D . -4.09 0.81 -9.30
C9 8MI D . -4.04 2.08 -10.19
C10 8MI D . -3.08 3.11 -9.60
C11 8MI D . -1.69 2.99 -9.82
C12 8MI D . -0.81 3.93 -9.28
C13 8MI D . -1.31 4.99 -8.51
C14 8MI D . -2.68 5.11 -8.28
C15 8MI D . -3.57 4.17 -8.83
C16 8MI D . -5.64 -0.66 -10.64
O17 8MI D . -5.36 -1.86 -10.66
N18 8MI D . -6.05 -0.03 -11.72
C19 8MI D . -6.20 -0.68 -13.08
C20 8MI D . -7.71 -0.86 -13.40
C21 8MI D . -8.24 -2.15 -12.76
C22 8MI D . -9.77 -2.25 -12.96
N23 8MI D . -10.27 -3.59 -12.47
C24 8MI D . -10.38 -3.94 -11.19
N25 8MI D . -10.72 -5.17 -10.88
N26 8MI D . -10.16 -3.07 -10.22
C27 8MI D . -5.50 0.19 -14.17
O28 8MI D . -5.98 1.25 -14.53
N29 8MI D . -4.38 -0.29 -14.71
C30 8MI D . -3.70 0.44 -15.66
C31 8MI D . -3.07 1.64 -15.31
C32 8MI D . -2.39 2.38 -16.26
C33 8MI D . -2.32 1.94 -17.59
C34 8MI D . -2.95 0.74 -17.96
C35 8MI D . -3.64 -0.01 -17.00
H36 8MI D . -7.94 -0.42 -9.83
H37 8MI D . -7.96 0.52 -8.34
H38 8MI D . -9.05 -0.85 -8.53
H39 8MI D . -6.91 -2.26 -8.81
H40 8MI D . -4.93 -1.37 -8.02
H41 8MI D . -6.25 0.95 -9.34
H42 8MI D . -3.36 0.09 -9.65
H43 8MI D . -3.85 1.08 -8.28
H44 8MI D . -5.03 2.50 -10.24
H45 8MI D . -3.72 1.81 -11.19
H46 8MI D . -1.32 2.17 -10.42
H47 8MI D . 0.24 3.83 -9.46
H48 8MI D . -0.62 5.71 -8.09
H49 8MI D . -3.06 5.92 -7.68
H50 8MI D . -4.63 4.27 -8.65
H51 8MI D . -6.30 0.92 -11.72
H52 8MI D . -5.72 -1.65 -13.06
H53 8MI D . -7.85 -0.91 -14.47
H54 8MI D . -8.25 -0.01 -13.01
H55 8MI D . -8.03 -2.16 -11.70
H56 8MI D . -7.77 -3.00 -13.22
H57 8MI D . -10.00 -2.15 -14.02
H58 8MI D . -10.26 -1.46 -12.41
H59 8MI D . -10.52 -4.20 -13.20
H61 8MI D . -10.80 -5.46 -9.93
H62 8MI D . -9.92 -2.12 -10.43
H63 8MI D . -10.25 -3.35 -9.25
H64 8MI D . -4.00 -1.16 -14.45
H65 8MI D . -3.11 1.99 -14.29
H66 8MI D . -1.89 3.31 -15.99
H67 8MI D . -1.80 2.51 -18.34
H68 8MI D . -2.91 0.40 -18.98
H69 8MI D . -4.13 -0.93 -17.28
H60 8MI D . -10.90 -5.84 -11.61
H70 8MI D . -5.70 -0.07 -7.26
N PHE A 1 -10.96 7.97 -0.19
CA PHE A 1 -10.96 7.34 1.13
C PHE A 1 -12.38 7.03 1.59
N ARG A 2 -12.49 5.98 2.39
CA ARG A 2 -13.77 5.59 2.94
C ARG A 2 -13.61 4.38 3.87
N THR A 3 -14.72 3.97 4.47
CA THR A 3 -14.71 2.87 5.41
C THR A 3 -15.54 1.70 4.87
N PHE A 4 -14.99 0.51 5.02
CA PHE A 4 -15.72 -0.70 4.71
C PHE A 4 -16.66 -1.09 5.86
N PRO A 5 -17.46 -2.16 5.61
CA PRO A 5 -18.49 -2.55 6.56
C PRO A 5 -17.87 -3.24 7.78
N GLY A 6 -17.78 -2.49 8.86
CA GLY A 6 -17.05 -2.95 10.03
C GLY A 6 -16.05 -1.88 10.49
N ILE A 7 -15.87 -0.87 9.66
CA ILE A 7 -14.92 0.18 9.94
C ILE A 7 -13.51 -0.40 9.98
N PRO A 8 -12.69 0.01 8.98
CA PRO A 8 -11.32 -0.47 8.89
C PRO A 8 -10.43 0.19 9.94
N LYS A 9 -9.72 -0.65 10.68
CA LYS A 9 -8.87 -0.16 11.74
C LYS A 9 -8.29 -1.35 12.53
N TRP A 10 -6.98 -1.40 12.59
CA TRP A 10 -6.30 -2.47 13.30
C TRP A 10 -6.47 -2.23 14.80
N ARG A 11 -6.35 -3.31 15.56
CA ARG A 11 -6.60 -3.25 16.99
C ARG A 11 -5.33 -2.83 17.73
N LYS A 12 -4.26 -2.67 16.96
CA LYS A 12 -2.98 -2.29 17.53
C LYS A 12 -2.27 -1.31 16.59
N THR A 13 -1.40 -0.51 17.17
CA THR A 13 -0.62 0.45 16.40
C THR A 13 0.67 -0.19 15.90
N HIS A 14 1.15 -1.16 16.66
CA HIS A 14 2.34 -1.89 16.28
C HIS A 14 2.00 -2.87 15.15
N LEU A 15 1.96 -2.33 13.94
CA LEU A 15 1.57 -3.12 12.79
C LEU A 15 2.75 -3.98 12.33
N THR A 16 2.41 -5.05 11.64
CA THR A 16 3.43 -5.94 11.08
C THR A 16 3.14 -6.24 9.61
N TYR A 17 4.19 -6.55 8.87
CA TYR A 17 4.05 -6.91 7.48
C TYR A 17 5.14 -7.90 7.05
N ARG A 18 4.97 -8.42 5.85
CA ARG A 18 5.88 -9.45 5.35
C ARG A 18 5.78 -9.55 3.83
N ILE A 19 6.93 -9.84 3.21
CA ILE A 19 6.96 -10.07 1.78
C ILE A 19 7.04 -11.58 1.53
N VAL A 20 6.01 -12.08 0.86
CA VAL A 20 5.91 -13.51 0.61
C VAL A 20 6.79 -13.90 -0.58
N ASN A 21 6.79 -13.02 -1.57
CA ASN A 21 7.60 -13.25 -2.76
C ASN A 21 7.76 -11.93 -3.52
N TYR A 22 8.58 -11.98 -4.56
CA TYR A 22 8.86 -10.79 -5.35
C TYR A 22 8.55 -11.04 -6.83
N THR A 23 9.00 -10.11 -7.66
CA THR A 23 8.73 -10.18 -9.08
C THR A 23 10.03 -10.36 -9.86
N PRO A 24 9.95 -11.19 -10.93
CA PRO A 24 11.11 -11.46 -11.78
C PRO A 24 11.40 -10.26 -12.69
N ASP A 25 11.83 -9.17 -12.05
CA ASP A 25 12.13 -7.96 -12.79
C ASP A 25 13.00 -7.05 -11.91
N LEU A 26 12.55 -6.87 -10.68
CA LEU A 26 13.27 -6.02 -9.74
C LEU A 26 14.07 -6.90 -8.78
N PRO A 27 15.10 -6.28 -8.15
CA PRO A 27 15.83 -6.92 -7.07
C PRO A 27 15.01 -6.92 -5.78
N LYS A 28 15.43 -7.77 -4.85
CA LYS A 28 14.66 -7.97 -3.63
C LYS A 28 14.62 -6.67 -2.84
N ASP A 29 15.80 -6.16 -2.51
CA ASP A 29 15.92 -4.96 -1.71
C ASP A 29 15.06 -3.86 -2.33
N ALA A 30 15.06 -3.83 -3.66
CA ALA A 30 14.37 -2.78 -4.38
C ALA A 30 12.86 -2.89 -4.10
N VAL A 31 12.36 -4.11 -4.18
CA VAL A 31 10.94 -4.34 -3.95
C VAL A 31 10.60 -4.03 -2.49
N ASP A 32 11.38 -4.62 -1.60
CA ASP A 32 11.16 -4.41 -0.17
C ASP A 32 11.14 -2.90 0.12
N SER A 33 11.93 -2.17 -0.64
CA SER A 33 12.05 -0.74 -0.44
C SER A 33 10.71 -0.07 -0.75
N ALA A 34 10.08 -0.53 -1.82
CA ALA A 34 8.80 0.03 -2.24
C ALA A 34 7.80 -0.10 -1.10
N VAL A 35 7.90 -1.21 -0.38
CA VAL A 35 7.05 -1.44 0.77
C VAL A 35 7.52 -0.56 1.93
N GLU A 36 8.79 -0.71 2.27
CA GLU A 36 9.41 0.15 3.27
C GLU A 36 9.05 1.61 3.01
N LYS A 37 8.87 1.93 1.73
CA LYS A 37 8.58 3.29 1.32
C LYS A 37 7.09 3.58 1.51
N ALA A 38 6.27 2.73 0.90
CA ALA A 38 4.83 2.89 0.98
C ALA A 38 4.41 2.95 2.45
N LEU A 39 5.07 2.13 3.25
CA LEU A 39 4.75 2.05 4.67
C LEU A 39 5.05 3.41 5.33
N LYS A 40 6.25 3.90 5.05
CA LYS A 40 6.69 5.17 5.64
C LYS A 40 5.75 6.28 5.19
N VAL A 41 5.35 6.20 3.92
CA VAL A 41 4.48 7.21 3.35
C VAL A 41 3.25 7.38 4.24
N TRP A 42 2.82 6.28 4.83
CA TRP A 42 1.63 6.28 5.65
C TRP A 42 2.05 6.55 7.10
N GLU A 43 3.22 6.03 7.44
CA GLU A 43 3.74 6.19 8.79
C GLU A 43 3.86 7.68 9.13
N GLU A 44 3.95 8.49 8.09
CA GLU A 44 4.16 9.92 8.26
C GLU A 44 2.85 10.61 8.61
N VAL A 45 1.75 9.91 8.33
CA VAL A 45 0.43 10.49 8.48
C VAL A 45 -0.42 9.57 9.36
N THR A 46 0.26 8.73 10.12
CA THR A 46 -0.41 7.93 11.13
C THR A 46 0.52 7.72 12.33
N PRO A 47 -0.12 7.39 13.50
CA PRO A 47 0.64 6.99 14.67
C PRO A 47 1.19 5.57 14.52
N LEU A 48 0.70 4.89 13.50
CA LEU A 48 1.00 3.48 13.33
C LEU A 48 2.51 3.29 13.16
N THR A 49 2.98 2.12 13.55
CA THR A 49 4.36 1.75 13.32
C THR A 49 4.46 0.33 12.77
N PHE A 50 5.28 0.19 11.74
CA PHE A 50 5.37 -1.08 11.03
C PHE A 50 6.64 -1.83 11.42
N SER A 51 6.46 -3.11 11.75
CA SER A 51 7.57 -3.96 12.12
C SER A 51 7.68 -5.15 11.17
N ARG A 52 8.89 -5.63 11.00
CA ARG A 52 9.13 -6.76 10.11
C ARG A 52 9.07 -8.07 10.90
N LEU A 53 8.78 -9.14 10.17
CA LEU A 53 8.72 -10.46 10.78
C LEU A 53 9.46 -11.46 9.89
N TYR A 54 10.54 -12.00 10.45
CA TYR A 54 11.34 -12.98 9.73
C TYR A 54 10.52 -14.21 9.37
N GLU A 55 9.45 -14.41 10.13
CA GLU A 55 8.51 -15.47 9.82
C GLU A 55 7.20 -15.26 10.59
N GLY A 56 6.17 -15.99 10.15
CA GLY A 56 4.87 -15.90 10.80
C GLY A 56 3.89 -15.09 9.95
N GLU A 57 2.64 -15.08 10.40
CA GLU A 57 1.60 -14.38 9.68
C GLU A 57 1.52 -12.92 10.14
N ALA A 58 2.12 -12.04 9.36
CA ALA A 58 2.09 -10.62 9.64
C ALA A 58 0.72 -10.06 9.26
N ASP A 59 0.42 -8.89 9.80
CA ASP A 59 -0.87 -8.25 9.55
C ASP A 59 -0.99 -7.92 8.06
N ILE A 60 0.07 -7.32 7.53
CA ILE A 60 0.09 -6.95 6.13
C ILE A 60 1.07 -7.85 5.38
N MET A 61 0.55 -8.98 4.94
CA MET A 61 1.37 -9.95 4.21
C MET A 61 1.32 -9.67 2.71
N ILE A 62 2.33 -8.94 2.25
CA ILE A 62 2.38 -8.53 0.86
C ILE A 62 2.90 -9.67 -0.01
N SER A 63 2.35 -9.77 -1.20
CA SER A 63 2.70 -10.86 -2.10
C SER A 63 2.46 -10.44 -3.55
N PHE A 64 3.05 -11.20 -4.46
CA PHE A 64 2.78 -11.01 -5.88
C PHE A 64 2.16 -12.26 -6.50
N ALA A 65 1.16 -12.04 -7.34
CA ALA A 65 0.41 -13.13 -7.92
C ALA A 65 -0.07 -12.74 -9.32
N VAL A 66 -0.54 -13.73 -10.06
CA VAL A 66 -1.19 -13.48 -11.33
C VAL A 66 -2.44 -14.36 -11.44
N ARG A 67 -3.19 -14.15 -12.51
CA ARG A 67 -4.37 -14.95 -12.76
C ARG A 67 -5.04 -15.33 -11.44
N GLU A 68 -5.62 -16.52 -11.43
CA GLU A 68 -6.25 -17.04 -10.23
C GLU A 68 -5.20 -17.36 -9.16
N HIS A 69 -5.07 -16.44 -8.22
CA HIS A 69 -4.14 -16.63 -7.12
C HIS A 69 -4.92 -16.92 -5.83
N GLY A 70 -6.22 -17.12 -6.00
CA GLY A 70 -7.08 -17.42 -4.87
C GLY A 70 -8.54 -17.05 -5.18
N ASP A 71 -8.89 -15.82 -4.85
CA ASP A 71 -10.24 -15.34 -5.07
C ASP A 71 -10.46 -15.12 -6.56
N PHE A 72 -11.60 -14.51 -6.88
CA PHE A 72 -11.96 -14.30 -8.27
C PHE A 72 -11.49 -12.92 -8.75
N TYR A 73 -10.20 -12.85 -9.01
CA TYR A 73 -9.60 -11.61 -9.50
C TYR A 73 -8.31 -11.88 -10.27
N PRO A 74 -8.47 -12.54 -11.45
CA PRO A 74 -7.33 -13.03 -12.20
C PRO A 74 -6.61 -11.88 -12.90
N PHE A 75 -5.29 -11.86 -12.73
CA PHE A 75 -4.46 -10.86 -13.40
C PHE A 75 -4.05 -11.34 -14.79
N ASP A 76 -4.30 -10.47 -15.77
CA ASP A 76 -4.14 -10.86 -17.16
C ASP A 76 -2.66 -10.74 -17.55
N GLY A 77 -2.23 -9.51 -17.74
CA GLY A 77 -0.88 -9.25 -18.23
C GLY A 77 -0.49 -7.79 -18.02
N PRO A 78 0.16 -7.21 -19.07
CA PRO A 78 0.65 -5.85 -18.99
C PRO A 78 -0.49 -4.84 -19.10
N GLY A 79 -0.41 -3.81 -18.27
CA GLY A 79 -1.48 -2.83 -18.20
C GLY A 79 -2.56 -3.25 -17.21
N ASN A 80 -3.73 -2.63 -17.33
CA ASN A 80 -4.84 -2.95 -16.47
C ASN A 80 -4.38 -2.93 -15.01
N VAL A 81 -5.12 -3.64 -14.17
CA VAL A 81 -4.79 -3.73 -12.77
C VAL A 81 -3.28 -3.94 -12.61
N LEU A 82 -2.64 -2.97 -11.95
CA LEU A 82 -1.23 -3.10 -11.63
C LEU A 82 -1.08 -3.84 -10.30
N ALA A 83 -2.01 -3.56 -9.40
CA ALA A 83 -2.07 -4.29 -8.14
C ALA A 83 -3.35 -3.91 -7.40
N HIS A 84 -3.91 -4.90 -6.72
CA HIS A 84 -5.09 -4.66 -5.90
C HIS A 84 -4.77 -4.98 -4.44
N ALA A 85 -5.74 -4.69 -3.58
CA ALA A 85 -5.60 -5.00 -2.17
C ALA A 85 -6.99 -5.04 -1.52
N TYR A 86 -7.03 -5.63 -0.34
CA TYR A 86 -8.29 -5.77 0.39
C TYR A 86 -8.27 -4.95 1.68
N ALA A 87 -9.44 -4.87 2.31
CA ALA A 87 -9.55 -4.17 3.58
C ALA A 87 -8.79 -4.94 4.65
N PRO A 88 -8.67 -4.30 5.84
CA PRO A 88 -7.91 -4.89 6.93
C PRO A 88 -8.68 -6.03 7.58
N GLY A 89 -7.93 -7.00 8.10
CA GLY A 89 -8.54 -8.15 8.75
C GLY A 89 -7.76 -9.43 8.42
N PRO A 90 -8.23 -10.55 9.02
CA PRO A 90 -7.61 -11.84 8.79
C PRO A 90 -7.95 -12.39 7.41
N GLY A 91 -7.15 -13.35 6.97
CA GLY A 91 -7.41 -14.05 5.72
C GLY A 91 -7.02 -13.17 4.52
N ILE A 92 -7.94 -13.11 3.56
CA ILE A 92 -7.67 -12.36 2.34
C ILE A 92 -7.47 -10.89 2.69
N ASN A 93 -8.06 -10.48 3.80
CA ASN A 93 -7.97 -9.10 4.24
C ASN A 93 -6.57 -8.83 4.80
N GLY A 94 -6.15 -7.58 4.67
CA GLY A 94 -4.85 -7.18 5.19
C GLY A 94 -3.75 -7.39 4.14
N ASP A 95 -3.94 -8.42 3.33
CA ASP A 95 -2.95 -8.77 2.33
C ASP A 95 -3.01 -7.75 1.19
N ALA A 96 -1.87 -7.62 0.50
CA ALA A 96 -1.81 -6.76 -0.68
C ALA A 96 -1.12 -7.52 -1.81
N HIS A 97 -1.92 -7.84 -2.83
CA HIS A 97 -1.41 -8.61 -3.94
C HIS A 97 -0.99 -7.68 -5.08
N PHE A 98 0.27 -7.78 -5.45
CA PHE A 98 0.77 -7.09 -6.62
C PHE A 98 0.66 -7.96 -7.88
N ASP A 99 0.58 -7.29 -9.02
CA ASP A 99 0.47 -8.00 -10.28
C ASP A 99 1.86 -8.44 -10.75
N ASP A 100 2.10 -9.74 -10.61
CA ASP A 100 3.38 -10.30 -11.04
C ASP A 100 3.41 -10.38 -12.56
N ASP A 101 2.22 -10.42 -13.14
CA ASP A 101 2.09 -10.44 -14.59
C ASP A 101 2.18 -9.01 -15.12
N GLU A 102 3.17 -8.29 -14.62
CA GLU A 102 3.36 -6.90 -15.00
C GLU A 102 4.81 -6.47 -14.77
N GLN A 103 5.24 -5.51 -15.58
CA GLN A 103 6.58 -4.95 -15.42
C GLN A 103 6.62 -4.01 -14.21
N TRP A 104 7.82 -3.86 -13.67
CA TRP A 104 8.00 -3.03 -12.49
C TRP A 104 9.34 -2.30 -12.64
N THR A 105 9.44 -1.18 -11.93
CA THR A 105 10.67 -0.41 -11.93
C THR A 105 10.90 0.23 -10.56
N LYS A 106 12.16 0.59 -10.32
CA LYS A 106 12.54 1.13 -9.02
C LYS A 106 12.70 2.64 -9.14
N ASP A 107 11.96 3.22 -10.07
CA ASP A 107 12.03 4.66 -10.31
C ASP A 107 11.10 5.02 -11.47
N THR A 108 11.04 6.31 -11.75
CA THR A 108 10.15 6.81 -12.79
C THR A 108 10.66 6.38 -14.17
N THR A 109 10.47 5.10 -14.47
CA THR A 109 10.86 4.57 -15.76
C THR A 109 9.80 3.60 -16.28
N GLY A 110 9.39 2.69 -15.40
CA GLY A 110 8.33 1.75 -15.74
C GLY A 110 7.05 2.07 -14.98
N THR A 111 6.47 1.03 -14.40
CA THR A 111 5.37 1.22 -13.45
C THR A 111 5.93 1.33 -12.03
N ASN A 112 6.24 2.55 -11.64
CA ASN A 112 6.88 2.80 -10.36
C ASN A 112 6.21 1.93 -9.30
N LEU A 113 6.96 0.96 -8.80
CA LEU A 113 6.41 -0.03 -7.88
C LEU A 113 5.99 0.66 -6.60
N PHE A 114 6.88 1.52 -6.10
CA PHE A 114 6.66 2.17 -4.83
C PHE A 114 5.38 3.01 -4.84
N LEU A 115 5.15 3.65 -5.97
CA LEU A 115 3.95 4.46 -6.15
C LEU A 115 2.72 3.56 -6.03
N VAL A 116 2.85 2.36 -6.58
CA VAL A 116 1.75 1.40 -6.54
C VAL A 116 1.70 0.76 -5.14
N ALA A 117 2.87 0.63 -4.54
CA ALA A 117 2.96 0.02 -3.22
C ALA A 117 2.12 0.82 -2.22
N ALA A 118 2.27 2.14 -2.30
CA ALA A 118 1.54 3.01 -1.40
C ALA A 118 0.03 2.85 -1.64
N HIS A 119 -0.41 2.88 -2.89
CA HIS A 119 -1.86 2.61 -3.28
C HIS A 119 -2.38 1.30 -2.62
N GLU A 120 -1.67 0.22 -2.87
CA GLU A 120 -2.07 -1.08 -2.33
C GLU A 120 -2.33 -0.97 -0.83
N ILE A 121 -1.27 -0.65 -0.11
CA ILE A 121 -1.34 -0.59 1.35
C ILE A 121 -2.53 0.28 1.75
N GLY A 122 -2.76 1.33 0.97
CA GLY A 122 -3.88 2.21 1.22
C GLY A 122 -5.16 1.43 1.50
N HIS A 123 -5.38 0.41 0.68
CA HIS A 123 -6.54 -0.46 0.86
C HIS A 123 -6.41 -1.23 2.17
N SER A 124 -5.19 -1.68 2.44
CA SER A 124 -4.94 -2.50 3.61
C SER A 124 -5.27 -1.73 4.88
N LEU A 125 -4.83 -0.48 4.90
CA LEU A 125 -4.92 0.32 6.12
C LEU A 125 -6.38 0.67 6.38
N GLY A 126 -7.01 1.24 5.36
CA GLY A 126 -8.44 1.50 5.41
C GLY A 126 -8.80 2.80 4.69
N LEU A 127 -8.41 2.87 3.43
CA LEU A 127 -8.92 3.92 2.55
C LEU A 127 -8.88 3.41 1.11
N PHE A 128 -9.91 3.77 0.36
CA PHE A 128 -10.05 3.30 -1.01
C PHE A 128 -10.04 4.46 -1.99
N HIS A 129 -10.25 4.13 -3.26
CA HIS A 129 -10.17 5.13 -4.32
C HIS A 129 -10.75 6.45 -3.82
N SER A 130 -9.95 7.50 -3.96
CA SER A 130 -10.36 8.82 -3.50
C SER A 130 -10.97 9.61 -4.66
N ALA A 131 -11.50 10.78 -4.33
CA ALA A 131 -12.14 11.62 -5.32
C ALA A 131 -11.07 12.48 -6.02
N ASN A 132 -10.15 12.99 -5.21
CA ASN A 132 -9.10 13.85 -5.73
C ASN A 132 -8.32 13.10 -6.81
N THR A 133 -7.82 13.86 -7.78
CA THR A 133 -7.02 13.28 -8.84
C THR A 133 -5.54 13.43 -8.52
N GLU A 134 -5.23 14.44 -7.73
CA GLU A 134 -3.86 14.68 -7.31
C GLU A 134 -3.44 13.65 -6.26
N ALA A 135 -4.43 12.99 -5.69
CA ALA A 135 -4.18 11.99 -4.67
C ALA A 135 -3.66 10.71 -5.34
N LEU A 136 -3.01 9.89 -4.53
CA LEU A 136 -2.40 8.67 -5.03
C LEU A 136 -3.41 7.52 -4.94
N MET A 137 -4.32 7.64 -3.97
CA MET A 137 -5.36 6.65 -3.80
C MET A 137 -6.28 6.60 -5.01
N TYR A 138 -6.24 7.67 -5.80
CA TYR A 138 -7.02 7.73 -7.02
C TYR A 138 -6.64 6.60 -7.98
N PRO A 139 -7.69 6.00 -8.61
CA PRO A 139 -7.47 4.88 -9.51
C PRO A 139 -6.90 5.36 -10.84
N LEU A 140 -5.69 5.89 -10.77
CA LEU A 140 -4.99 6.32 -11.98
C LEU A 140 -3.53 6.59 -11.63
N TYR A 141 -2.65 6.17 -12.55
CA TYR A 141 -1.23 6.42 -12.38
C TYR A 141 -0.89 7.87 -12.69
N HIS A 142 0.08 8.39 -11.94
CA HIS A 142 0.53 9.76 -12.14
C HIS A 142 1.77 10.02 -11.29
N SER A 143 2.84 10.44 -11.96
CA SER A 143 4.10 10.69 -11.29
C SER A 143 4.27 12.19 -11.06
N LEU A 144 4.71 12.52 -9.85
CA LEU A 144 5.02 13.90 -9.51
C LEU A 144 6.35 14.30 -10.17
N THR A 145 6.58 15.59 -10.22
CA THR A 145 7.83 16.11 -10.76
C THR A 145 9.01 15.26 -10.27
N ASP A 146 8.89 14.80 -9.03
CA ASP A 146 9.87 13.90 -8.47
C ASP A 146 9.18 12.89 -7.55
N LEU A 147 9.28 11.62 -7.92
CA LEU A 147 8.58 10.58 -7.21
C LEU A 147 9.21 10.41 -5.82
N THR A 148 10.45 10.84 -5.71
CA THR A 148 11.17 10.74 -4.45
C THR A 148 10.61 11.76 -3.44
N ARG A 149 9.83 12.69 -3.96
CA ARG A 149 9.24 13.72 -3.12
C ARG A 149 7.71 13.56 -3.09
N PHE A 150 7.23 12.63 -3.89
CA PHE A 150 5.80 12.37 -3.95
C PHE A 150 5.19 12.34 -2.55
N ARG A 151 3.96 12.84 -2.47
CA ARG A 151 3.23 12.81 -1.22
C ARG A 151 1.74 12.58 -1.48
N LEU A 152 1.04 12.16 -0.43
CA LEU A 152 -0.39 11.95 -0.53
C LEU A 152 -1.11 13.28 -0.28
N SER A 153 -2.10 13.53 -1.13
CA SER A 153 -2.94 14.70 -0.96
C SER A 153 -3.81 14.55 0.29
N GLN A 154 -4.43 15.66 0.68
CA GLN A 154 -5.22 15.68 1.90
C GLN A 154 -6.35 14.66 1.82
N ASP A 155 -6.84 14.45 0.61
CA ASP A 155 -7.92 13.52 0.39
C ASP A 155 -7.54 12.15 0.96
N ASP A 156 -6.31 11.75 0.67
CA ASP A 156 -5.83 10.45 1.10
C ASP A 156 -5.78 10.41 2.64
N ILE A 157 -5.13 11.41 3.21
CA ILE A 157 -4.92 11.44 4.65
C ILE A 157 -6.28 11.46 5.35
N ASN A 158 -7.22 12.16 4.74
CA ASN A 158 -8.55 12.30 5.33
C ASN A 158 -8.93 11.01 6.04
N GLY A 159 -8.75 9.90 5.32
CA GLY A 159 -9.15 8.61 5.84
C GLY A 159 -8.11 8.06 6.82
N ILE A 160 -6.86 8.08 6.39
CA ILE A 160 -5.78 7.50 7.16
C ILE A 160 -5.71 8.19 8.52
N GLN A 161 -6.28 9.39 8.57
CA GLN A 161 -6.26 10.18 9.79
C GLN A 161 -7.57 9.98 10.57
N SER A 162 -8.67 10.00 9.83
CA SER A 162 -9.98 9.86 10.45
C SER A 162 -10.06 8.55 11.21
N LEU A 163 -9.43 7.53 10.66
CA LEU A 163 -9.48 6.20 11.24
C LEU A 163 -8.39 6.09 12.32
N TYR A 164 -7.46 7.03 12.27
CA TYR A 164 -6.35 7.03 13.21
C TYR A 164 -5.86 8.46 13.47
N GLY A 165 -4.85 8.86 12.71
CA GLY A 165 -4.32 10.20 12.81
C GLY A 165 -3.27 10.29 13.92
N PRO A 166 -2.07 10.81 13.53
CA PRO A 166 -0.98 10.96 14.49
C PRO A 166 -1.24 12.14 15.43
N PRO A 167 -0.42 12.18 16.52
CA PRO A 167 -0.54 13.25 17.50
C PRO A 167 0.05 14.56 16.95
N PRO A 168 -0.29 15.68 17.65
CA PRO A 168 0.21 16.97 17.27
C PRO A 168 1.69 17.13 17.66
N ASP A 169 2.24 18.29 17.31
CA ASP A 169 3.63 18.58 17.62
C ASP A 169 3.79 18.69 19.14
N SER A 170 5.02 18.42 19.59
CA SER A 170 5.32 18.46 21.01
C SER A 170 4.27 17.64 21.77
N PRO A 171 4.34 16.29 21.60
CA PRO A 171 3.41 15.40 22.26
C PRO A 171 3.76 15.25 23.74
N GLU A 172 3.51 16.32 24.49
CA GLU A 172 3.79 16.32 25.91
C GLU A 172 2.74 15.49 26.65
N THR A 173 1.49 15.72 26.30
CA THR A 173 0.39 14.99 26.92
C THR A 173 0.61 14.86 28.42
ZN ZN B . -7.35 0.78 -5.61
ZN ZN C . -5.79 -10.94 -4.88
C1 8MI D . -7.33 -0.13 -9.21
C2 8MI D . -6.21 -0.97 -8.58
C3 8MI D . -6.78 -1.75 -7.36
O4 8MI D . -7.08 -1.11 -6.35
O5 8MI D . -6.90 -2.97 -7.45
N6 8MI D . -5.08 -0.07 -8.22
C7 8MI D . -4.79 0.90 -9.31
C8 8MI D . -3.47 1.65 -9.03
C9 8MI D . -3.45 3.05 -9.68
C10 8MI D . -2.18 3.81 -9.32
C11 8MI D . -0.94 3.36 -9.79
C12 8MI D . 0.24 4.05 -9.45
C13 8MI D . 0.17 5.19 -8.63
C14 8MI D . -1.07 5.64 -8.17
C15 8MI D . -2.25 4.95 -8.51
C16 8MI D . -4.69 0.22 -10.69
O17 8MI D . -4.10 -0.85 -10.83
N18 8MI D . -5.25 0.83 -11.73
C19 8MI D . -5.25 0.29 -13.14
C20 8MI D . -6.70 0.20 -13.66
C21 8MI D . -7.39 -1.09 -13.19
C22 8MI D . -8.91 -1.02 -13.42
N23 8MI D . -9.19 -0.81 -14.90
C24 8MI D . -9.09 -1.76 -15.83
N25 8MI D . -9.30 -1.43 -17.09
N26 8MI D . -8.79 -3.02 -15.53
C27 8MI D . -4.39 1.19 -14.06
O28 8MI D . -4.48 2.40 -14.02
N29 8MI D . -3.54 0.59 -14.91
C30 8MI D . -2.74 1.33 -15.75
C31 8MI D . -2.78 1.09 -17.13
C32 8MI D . -1.98 1.84 -18.00
C33 8MI D . -1.13 2.83 -17.49
C34 8MI D . -1.09 3.07 -16.12
C35 8MI D . -1.90 2.33 -15.24
H36 8MI D . -7.41 0.81 -8.68
H37 8MI D . -8.27 -0.64 -9.13
H38 8MI D . -7.10 0.06 -10.25
H39 8MI D . -5.87 -1.68 -9.32
H40 8MI D . -4.24 -0.64 -8.02
H41 8MI D . -5.59 1.64 -9.36
H42 8MI D . -2.64 1.06 -9.40
H43 8MI D . -3.35 1.77 -7.96
H44 8MI D . -4.31 3.61 -9.35
H45 8MI D . -3.51 2.95 -10.76
H46 8MI D . -0.88 2.48 -10.42
H47 8MI D . 1.19 3.70 -9.81
H48 8MI D . 1.07 5.71 -8.38
H49 8MI D . -1.13 6.51 -7.54
H50 8MI D . -3.19 5.31 -8.14
H51 8MI D . -5.72 1.69 -11.64
H52 8MI D . -4.82 -0.71 -13.14
H53 8MI D . -6.71 0.23 -14.74
H54 8MI D . -7.26 1.06 -13.29
H55 8MI D . -7.20 -1.23 -12.12
H56 8MI D . -6.97 -1.93 -13.73
H57 8MI D . -9.32 -0.20 -12.86
H58 8MI D . -9.35 -1.95 -13.10
H59 8MI D . -9.45 0.11 -15.11
H61 8MI D . -9.24 -2.13 -17.80
H62 8MI D . -8.64 -3.28 -14.57
H63 8MI D . -8.74 -3.71 -16.24
H64 8MI D . -3.46 -0.39 -14.95
H65 8MI D . -3.44 0.32 -17.53
H66 8MI D . -2.02 1.65 -19.06
H67 8MI D . -0.52 3.41 -18.16
H68 8MI D . -0.44 3.84 -15.73
H69 8MI D . -1.86 2.52 -14.17
H60 8MI D . -9.54 -0.49 -17.33
H70 8MI D . -5.34 0.44 -7.34
N PHE A 1 -10.16 7.01 0.71
CA PHE A 1 -10.75 7.84 1.75
C PHE A 1 -11.93 7.12 2.43
N ARG A 2 -12.64 6.34 1.62
CA ARG A 2 -13.86 5.71 2.09
C ARG A 2 -13.52 4.60 3.10
N THR A 3 -14.56 3.94 3.57
CA THR A 3 -14.40 2.94 4.62
C THR A 3 -15.46 1.85 4.48
N PHE A 4 -15.05 0.62 4.79
CA PHE A 4 -15.98 -0.48 4.89
C PHE A 4 -17.08 -0.18 5.92
N PRO A 5 -18.12 -1.06 5.91
CA PRO A 5 -19.16 -0.98 6.92
C PRO A 5 -18.67 -1.50 8.26
N GLY A 6 -18.18 -0.59 9.08
CA GLY A 6 -17.60 -0.95 10.37
C GLY A 6 -16.28 -0.22 10.60
N ILE A 7 -15.81 0.44 9.55
CA ILE A 7 -14.58 1.21 9.63
C ILE A 7 -13.40 0.25 9.82
N PRO A 8 -12.66 0.04 8.71
CA PRO A 8 -11.47 -0.80 8.75
C PRO A 8 -10.31 -0.08 9.43
N LYS A 9 -9.68 -0.80 10.36
CA LYS A 9 -8.56 -0.23 11.09
C LYS A 9 -8.06 -1.26 12.10
N TRP A 10 -6.78 -1.59 11.98
CA TRP A 10 -6.16 -2.54 12.90
C TRP A 10 -6.31 -2.00 14.32
N ARG A 11 -6.52 -2.92 15.25
CA ARG A 11 -6.75 -2.54 16.64
C ARG A 11 -5.42 -2.24 17.33
N LYS A 12 -4.34 -2.53 16.62
CA LYS A 12 -3.01 -2.28 17.15
C LYS A 12 -2.33 -1.20 16.30
N THR A 13 -1.37 -0.52 16.92
CA THR A 13 -0.61 0.49 16.22
C THR A 13 0.68 -0.11 15.64
N HIS A 14 1.20 -1.11 16.36
CA HIS A 14 2.41 -1.78 15.92
C HIS A 14 2.05 -2.83 14.85
N LEU A 15 2.07 -2.38 13.61
CA LEU A 15 1.68 -3.24 12.51
C LEU A 15 2.90 -4.03 12.02
N THR A 16 2.63 -5.11 11.30
CA THR A 16 3.69 -5.91 10.73
C THR A 16 3.36 -6.26 9.27
N TYR A 17 4.41 -6.47 8.50
CA TYR A 17 4.25 -6.84 7.10
C TYR A 17 5.37 -7.78 6.65
N ARG A 18 5.26 -8.24 5.40
CA ARG A 18 6.23 -9.17 4.86
C ARG A 18 6.08 -9.24 3.34
N ILE A 19 7.20 -9.55 2.68
CA ILE A 19 7.18 -9.79 1.24
C ILE A 19 7.41 -11.28 0.99
N VAL A 20 6.40 -11.91 0.41
CA VAL A 20 6.43 -13.35 0.20
C VAL A 20 7.36 -13.66 -0.98
N ASN A 21 7.22 -12.85 -2.03
CA ASN A 21 8.00 -13.06 -3.24
C ASN A 21 8.17 -11.72 -3.97
N TYR A 22 9.01 -11.74 -4.98
CA TYR A 22 9.34 -10.52 -5.71
C TYR A 22 9.27 -10.76 -7.22
N THR A 23 9.05 -9.67 -7.94
CA THR A 23 8.88 -9.76 -9.39
C THR A 23 10.22 -9.97 -10.07
N PRO A 24 10.19 -10.78 -11.17
CA PRO A 24 11.39 -11.07 -11.93
C PRO A 24 11.80 -9.87 -12.78
N ASP A 25 12.34 -8.86 -12.11
CA ASP A 25 12.78 -7.67 -12.79
C ASP A 25 13.58 -6.79 -11.83
N LEU A 26 13.01 -6.61 -10.63
CA LEU A 26 13.65 -5.80 -9.62
C LEU A 26 14.43 -6.70 -8.66
N PRO A 27 15.43 -6.08 -7.98
CA PRO A 27 16.12 -6.75 -6.89
C PRO A 27 15.24 -6.80 -5.63
N LYS A 28 15.63 -7.67 -4.71
CA LYS A 28 14.83 -7.90 -3.52
C LYS A 28 14.70 -6.60 -2.72
N ASP A 29 15.85 -6.11 -2.30
CA ASP A 29 15.87 -4.92 -1.45
C ASP A 29 15.05 -3.81 -2.11
N ALA A 30 15.12 -3.77 -3.43
CA ALA A 30 14.44 -2.72 -4.17
C ALA A 30 12.93 -2.83 -3.96
N VAL A 31 12.45 -4.06 -4.07
CA VAL A 31 11.02 -4.31 -3.94
C VAL A 31 10.58 -3.99 -2.50
N ASP A 32 11.32 -4.58 -1.56
CA ASP A 32 11.02 -4.36 -0.15
C ASP A 32 11.00 -2.86 0.14
N SER A 33 11.87 -2.14 -0.56
CA SER A 33 11.98 -0.71 -0.37
C SER A 33 10.66 -0.04 -0.71
N ALA A 34 10.06 -0.48 -1.81
CA ALA A 34 8.80 0.08 -2.24
C ALA A 34 7.78 0.01 -1.11
N VAL A 35 7.74 -1.14 -0.46
CA VAL A 35 6.84 -1.34 0.66
C VAL A 35 7.30 -0.48 1.84
N GLU A 36 8.56 -0.66 2.21
CA GLU A 36 9.15 0.16 3.25
C GLU A 36 8.77 1.63 3.07
N LYS A 37 8.72 2.04 1.81
CA LYS A 37 8.38 3.41 1.48
C LYS A 37 6.88 3.62 1.69
N ALA A 38 6.10 2.73 1.07
CA ALA A 38 4.66 2.82 1.15
C ALA A 38 4.24 2.88 2.62
N LEU A 39 4.96 2.14 3.45
CA LEU A 39 4.65 2.07 4.86
C LEU A 39 4.90 3.43 5.50
N LYS A 40 6.10 3.95 5.29
CA LYS A 40 6.51 5.20 5.90
C LYS A 40 5.59 6.32 5.43
N VAL A 41 5.18 6.21 4.18
CA VAL A 41 4.33 7.23 3.58
C VAL A 41 3.10 7.46 4.46
N TRP A 42 2.57 6.36 4.97
CA TRP A 42 1.36 6.42 5.79
C TRP A 42 1.80 6.72 7.23
N GLU A 43 2.98 6.23 7.57
CA GLU A 43 3.53 6.48 8.89
C GLU A 43 3.62 7.98 9.16
N GLU A 44 3.68 8.74 8.08
CA GLU A 44 3.84 10.18 8.18
C GLU A 44 2.51 10.83 8.57
N VAL A 45 1.44 10.10 8.35
CA VAL A 45 0.10 10.65 8.51
C VAL A 45 -0.74 9.70 9.38
N THR A 46 -0.04 8.84 10.10
CA THR A 46 -0.68 8.02 11.11
C THR A 46 0.27 7.79 12.29
N PRO A 47 -0.34 7.42 13.45
CA PRO A 47 0.45 7.04 14.62
C PRO A 47 1.04 5.64 14.45
N LEU A 48 0.57 4.95 13.42
CA LEU A 48 0.91 3.56 13.21
C LEU A 48 2.44 3.43 13.12
N THR A 49 2.92 2.24 13.47
CA THR A 49 4.32 1.92 13.29
C THR A 49 4.48 0.51 12.71
N PHE A 50 5.35 0.42 11.72
CA PHE A 50 5.50 -0.83 10.97
C PHE A 50 6.81 -1.53 11.32
N SER A 51 6.68 -2.78 11.73
CA SER A 51 7.85 -3.59 12.03
C SER A 51 8.06 -4.62 10.92
N ARG A 52 9.26 -5.18 10.90
CA ARG A 52 9.62 -6.15 9.87
C ARG A 52 9.67 -7.55 10.47
N LEU A 53 9.25 -8.52 9.66
CA LEU A 53 9.30 -9.92 10.07
C LEU A 53 9.96 -10.75 8.98
N TYR A 54 10.88 -11.60 9.39
CA TYR A 54 11.59 -12.46 8.46
C TYR A 54 10.96 -13.85 8.42
N GLU A 55 9.98 -14.06 9.29
CA GLU A 55 9.27 -15.32 9.34
C GLU A 55 7.85 -15.11 9.86
N GLY A 56 7.02 -16.13 9.65
CA GLY A 56 5.67 -16.11 10.18
C GLY A 56 4.76 -15.25 9.30
N GLU A 57 3.48 -15.27 9.63
CA GLU A 57 2.48 -14.54 8.85
C GLU A 57 2.26 -13.15 9.45
N ALA A 58 2.98 -12.18 8.89
CA ALA A 58 2.79 -10.80 9.27
C ALA A 58 1.35 -10.38 8.97
N ASP A 59 0.93 -9.29 9.61
CA ASP A 59 -0.42 -8.81 9.46
C ASP A 59 -0.66 -8.39 8.00
N ILE A 60 0.37 -7.82 7.41
CA ILE A 60 0.31 -7.41 6.02
C ILE A 60 1.29 -8.23 5.19
N MET A 61 0.84 -9.40 4.78
CA MET A 61 1.70 -10.32 4.04
C MET A 61 1.60 -10.06 2.53
N ILE A 62 2.40 -9.09 2.08
CA ILE A 62 2.35 -8.67 0.69
C ILE A 62 3.00 -9.74 -0.17
N SER A 63 2.36 -10.01 -1.30
CA SER A 63 2.80 -11.07 -2.19
C SER A 63 2.42 -10.75 -3.64
N PHE A 64 3.05 -11.46 -4.55
CA PHE A 64 2.71 -11.34 -5.97
C PHE A 64 2.16 -12.65 -6.51
N ALA A 65 1.40 -12.54 -7.58
CA ALA A 65 0.85 -13.71 -8.25
C ALA A 65 0.48 -13.36 -9.68
N VAL A 66 0.71 -14.31 -10.57
CA VAL A 66 0.31 -14.15 -11.96
C VAL A 66 -0.88 -15.07 -12.25
N ARG A 67 -1.61 -14.72 -13.31
CA ARG A 67 -2.74 -15.52 -13.73
C ARG A 67 -3.64 -15.84 -12.53
N GLU A 68 -4.40 -16.91 -12.67
CA GLU A 68 -5.27 -17.36 -11.59
C GLU A 68 -4.46 -17.57 -10.31
N HIS A 69 -4.89 -16.90 -9.26
CA HIS A 69 -4.20 -16.98 -7.98
C HIS A 69 -5.22 -17.15 -6.85
N GLY A 70 -6.36 -17.72 -7.21
CA GLY A 70 -7.42 -17.94 -6.24
C GLY A 70 -8.33 -16.70 -6.14
N ASP A 71 -9.07 -16.65 -5.04
CA ASP A 71 -9.95 -15.52 -4.80
C ASP A 71 -10.78 -15.24 -6.05
N PHE A 72 -11.55 -14.16 -5.98
CA PHE A 72 -12.47 -13.83 -7.05
C PHE A 72 -11.87 -12.81 -8.01
N TYR A 73 -10.69 -12.34 -7.64
CA TYR A 73 -9.96 -11.40 -8.49
C TYR A 73 -8.65 -12.01 -8.98
N PRO A 74 -8.74 -12.77 -10.11
CA PRO A 74 -7.57 -13.41 -10.68
C PRO A 74 -6.69 -12.38 -11.42
N PHE A 75 -5.52 -12.84 -11.81
CA PHE A 75 -4.65 -12.03 -12.66
C PHE A 75 -4.50 -12.67 -14.04
N ASP A 76 -3.70 -12.02 -14.87
CA ASP A 76 -3.33 -12.58 -16.16
C ASP A 76 -2.87 -11.46 -17.08
N GLY A 77 -3.85 -10.75 -17.63
CA GLY A 77 -3.57 -9.79 -18.69
C GLY A 77 -2.49 -8.79 -18.26
N PRO A 78 -1.71 -8.32 -19.27
CA PRO A 78 -0.73 -7.28 -19.03
C PRO A 78 -1.41 -5.91 -18.88
N GLY A 79 -0.78 -5.06 -18.09
CA GLY A 79 -1.38 -3.79 -17.72
C GLY A 79 -2.54 -3.99 -16.75
N ASN A 80 -3.60 -3.23 -16.98
CA ASN A 80 -4.80 -3.34 -16.16
C ASN A 80 -4.41 -3.40 -14.68
N VAL A 81 -5.24 -4.06 -13.90
CA VAL A 81 -4.93 -4.30 -12.51
C VAL A 81 -3.42 -4.51 -12.35
N LEU A 82 -2.79 -3.56 -11.67
CA LEU A 82 -1.37 -3.69 -11.35
C LEU A 82 -1.23 -4.39 -10.00
N ALA A 83 -2.16 -4.09 -9.11
CA ALA A 83 -2.15 -4.67 -7.78
C ALA A 83 -3.42 -4.27 -7.04
N HIS A 84 -3.93 -5.21 -6.25
CA HIS A 84 -5.15 -4.97 -5.50
C HIS A 84 -4.95 -5.46 -4.05
N ALA A 85 -5.82 -4.96 -3.18
CA ALA A 85 -5.75 -5.31 -1.78
C ALA A 85 -7.13 -5.13 -1.14
N TYR A 86 -7.21 -5.52 0.13
CA TYR A 86 -8.49 -5.51 0.83
C TYR A 86 -8.32 -5.07 2.27
N ALA A 87 -9.23 -4.22 2.72
CA ALA A 87 -9.28 -3.83 4.12
C ALA A 87 -9.43 -5.09 4.98
N PRO A 88 -8.98 -4.96 6.26
CA PRO A 88 -8.89 -6.12 7.14
C PRO A 88 -10.27 -6.54 7.63
N GLY A 89 -10.53 -7.84 7.54
CA GLY A 89 -11.78 -8.39 8.01
C GLY A 89 -11.69 -9.91 8.17
N PRO A 90 -11.95 -10.63 7.04
CA PRO A 90 -11.70 -12.06 6.98
C PRO A 90 -10.21 -12.35 6.87
N GLY A 91 -9.90 -13.64 6.82
CA GLY A 91 -8.52 -14.09 6.89
C GLY A 91 -7.83 -13.97 5.54
N ILE A 92 -8.64 -13.74 4.51
CA ILE A 92 -8.11 -13.60 3.16
C ILE A 92 -7.82 -12.13 2.88
N ASN A 93 -8.40 -11.28 3.71
CA ASN A 93 -8.19 -9.85 3.57
C ASN A 93 -6.92 -9.43 4.32
N GLY A 94 -6.55 -8.17 4.16
CA GLY A 94 -5.36 -7.65 4.81
C GLY A 94 -4.14 -7.79 3.90
N ASP A 95 -4.16 -8.85 3.10
CA ASP A 95 -3.08 -9.10 2.17
C ASP A 95 -3.20 -8.15 0.98
N ALA A 96 -2.11 -8.02 0.24
CA ALA A 96 -2.11 -7.22 -0.98
C ALA A 96 -1.45 -8.01 -2.11
N HIS A 97 -2.22 -8.21 -3.16
CA HIS A 97 -1.76 -8.99 -4.30
C HIS A 97 -1.22 -8.05 -5.38
N PHE A 98 0.03 -8.28 -5.77
CA PHE A 98 0.61 -7.56 -6.88
C PHE A 98 0.72 -8.45 -8.12
N ASP A 99 0.91 -7.80 -9.26
CA ASP A 99 1.09 -8.52 -10.51
C ASP A 99 2.58 -8.78 -10.73
N ASP A 100 2.89 -10.05 -10.97
CA ASP A 100 4.26 -10.43 -11.25
C ASP A 100 4.44 -10.57 -12.76
N ASP A 101 3.31 -10.59 -13.47
CA ASP A 101 3.34 -10.70 -14.92
C ASP A 101 3.32 -9.29 -15.52
N GLU A 102 4.00 -8.37 -14.84
CA GLU A 102 4.07 -7.01 -15.31
C GLU A 102 5.46 -6.42 -15.03
N GLN A 103 5.74 -5.30 -15.66
CA GLN A 103 6.99 -4.60 -15.45
C GLN A 103 6.91 -3.73 -14.19
N TRP A 104 8.06 -3.47 -13.60
CA TRP A 104 8.12 -2.67 -12.38
C TRP A 104 9.45 -1.92 -12.37
N THR A 105 9.45 -0.79 -11.69
CA THR A 105 10.67 -0.02 -11.53
C THR A 105 10.77 0.54 -10.11
N LYS A 106 11.87 1.23 -9.86
CA LYS A 106 12.10 1.81 -8.55
C LYS A 106 12.13 3.34 -8.67
N ASP A 107 11.56 3.82 -9.76
CA ASP A 107 11.57 5.25 -10.05
C ASP A 107 10.55 5.56 -11.15
N THR A 108 10.45 6.83 -11.46
CA THR A 108 9.50 7.28 -12.48
C THR A 108 10.02 6.92 -13.88
N THR A 109 9.99 5.63 -14.18
CA THR A 109 10.41 5.16 -15.49
C THR A 109 9.39 4.16 -16.05
N GLY A 110 8.99 3.23 -15.20
CA GLY A 110 7.97 2.27 -15.57
C GLY A 110 6.75 2.38 -14.65
N THR A 111 6.28 1.24 -14.19
CA THR A 111 5.26 1.21 -13.15
C THR A 111 5.90 1.28 -11.76
N ASN A 112 6.36 2.48 -11.43
CA ASN A 112 7.04 2.68 -10.15
C ASN A 112 6.32 1.88 -9.07
N LEU A 113 6.98 0.81 -8.64
CA LEU A 113 6.38 -0.13 -7.71
C LEU A 113 5.93 0.63 -6.45
N PHE A 114 6.85 1.41 -5.92
CA PHE A 114 6.59 2.12 -4.67
C PHE A 114 5.28 2.90 -4.75
N LEU A 115 5.08 3.58 -5.87
CA LEU A 115 3.87 4.34 -6.08
C LEU A 115 2.65 3.42 -5.92
N VAL A 116 2.80 2.20 -6.40
CA VAL A 116 1.72 1.23 -6.33
C VAL A 116 1.67 0.62 -4.92
N ALA A 117 2.85 0.51 -4.33
CA ALA A 117 2.96 -0.05 -2.99
C ALA A 117 2.11 0.78 -2.03
N ALA A 118 2.23 2.09 -2.16
CA ALA A 118 1.50 3.00 -1.30
C ALA A 118 0.00 2.81 -1.52
N HIS A 119 -0.46 2.80 -2.77
CA HIS A 119 -1.91 2.54 -3.13
C HIS A 119 -2.39 1.18 -2.54
N GLU A 120 -1.63 0.14 -2.81
CA GLU A 120 -1.97 -1.19 -2.34
C GLU A 120 -2.25 -1.15 -0.83
N ILE A 121 -1.24 -0.73 -0.09
CA ILE A 121 -1.34 -0.72 1.37
C ILE A 121 -2.61 0.02 1.78
N GLY A 122 -2.92 1.07 1.02
CA GLY A 122 -4.11 1.85 1.29
C GLY A 122 -5.34 0.96 1.41
N HIS A 123 -5.46 0.02 0.48
CA HIS A 123 -6.55 -0.94 0.51
C HIS A 123 -6.42 -1.81 1.75
N SER A 124 -5.18 -2.14 2.09
CA SER A 124 -4.92 -3.02 3.20
C SER A 124 -5.25 -2.30 4.52
N LEU A 125 -5.13 -0.99 4.48
CA LEU A 125 -5.33 -0.19 5.68
C LEU A 125 -6.82 0.14 5.83
N GLY A 126 -7.17 1.36 5.47
CA GLY A 126 -8.52 1.83 5.66
C GLY A 126 -8.92 2.84 4.57
N LEU A 127 -8.25 2.71 3.43
CA LEU A 127 -8.59 3.52 2.28
C LEU A 127 -8.95 2.61 1.10
N PHE A 128 -9.49 3.23 0.06
CA PHE A 128 -9.70 2.53 -1.20
C PHE A 128 -9.50 3.47 -2.39
N HIS A 129 -10.26 4.56 -2.37
CA HIS A 129 -10.22 5.52 -3.46
C HIS A 129 -10.60 6.91 -2.92
N SER A 130 -10.10 7.92 -3.62
CA SER A 130 -10.37 9.30 -3.23
C SER A 130 -11.01 10.06 -4.40
N ALA A 131 -11.54 11.23 -4.08
CA ALA A 131 -12.19 12.06 -5.08
C ALA A 131 -11.15 12.96 -5.74
N ASN A 132 -10.14 13.32 -4.95
CA ASN A 132 -9.10 14.22 -5.43
C ASN A 132 -8.18 13.47 -6.39
N THR A 133 -7.65 14.20 -7.36
CA THR A 133 -6.71 13.62 -8.31
C THR A 133 -5.27 13.89 -7.87
N GLU A 134 -5.14 14.86 -6.97
CA GLU A 134 -3.83 15.19 -6.43
C GLU A 134 -3.34 14.06 -5.51
N ALA A 135 -4.29 13.31 -4.99
CA ALA A 135 -3.98 12.24 -4.05
C ALA A 135 -3.48 11.02 -4.84
N LEU A 136 -2.77 10.16 -4.12
CA LEU A 136 -2.24 8.95 -4.72
C LEU A 136 -3.29 7.84 -4.60
N MET A 137 -4.21 8.04 -3.67
CA MET A 137 -5.29 7.09 -3.47
C MET A 137 -6.27 7.10 -4.64
N TYR A 138 -6.21 8.19 -5.41
CA TYR A 138 -7.03 8.30 -6.60
C TYR A 138 -6.87 7.08 -7.50
N PRO A 139 -8.02 6.62 -8.05
CA PRO A 139 -8.03 5.43 -8.90
C PRO A 139 -7.44 5.74 -10.27
N LEU A 140 -6.17 6.13 -10.28
CA LEU A 140 -5.47 6.38 -11.52
C LEU A 140 -3.97 6.51 -11.23
N TYR A 141 -3.18 5.83 -12.04
CA TYR A 141 -1.73 5.91 -11.92
C TYR A 141 -1.26 7.37 -11.91
N HIS A 142 -0.10 7.58 -11.30
CA HIS A 142 0.42 8.92 -11.12
C HIS A 142 1.93 8.92 -11.37
N SER A 143 2.47 10.13 -11.48
CA SER A 143 3.91 10.28 -11.68
C SER A 143 4.31 11.74 -11.44
N LEU A 144 5.61 11.94 -11.26
CA LEU A 144 6.13 13.26 -11.00
C LEU A 144 7.59 13.34 -11.49
N THR A 145 8.00 14.55 -11.82
CA THR A 145 9.37 14.78 -12.25
C THR A 145 10.36 14.15 -11.27
N ASP A 146 9.98 14.18 -9.99
CA ASP A 146 10.80 13.58 -8.95
C ASP A 146 9.89 12.86 -7.95
N LEU A 147 9.90 11.54 -8.04
CA LEU A 147 9.02 10.73 -7.21
C LEU A 147 9.46 10.83 -5.75
N THR A 148 10.72 11.17 -5.57
CA THR A 148 11.28 11.29 -4.24
C THR A 148 10.61 12.44 -3.48
N ARG A 149 9.83 13.22 -4.22
CA ARG A 149 9.20 14.39 -3.66
C ARG A 149 7.70 14.15 -3.46
N PHE A 150 7.25 12.99 -3.93
CA PHE A 150 5.85 12.63 -3.84
C PHE A 150 5.39 12.62 -2.37
N ARG A 151 4.13 13.01 -2.19
CA ARG A 151 3.52 12.95 -0.87
C ARG A 151 2.00 12.86 -0.99
N LEU A 152 1.38 12.32 0.05
CA LEU A 152 -0.06 12.16 0.07
C LEU A 152 -0.70 13.53 0.25
N SER A 153 -1.69 13.81 -0.60
CA SER A 153 -2.41 15.07 -0.53
C SER A 153 -3.35 15.06 0.67
N GLN A 154 -3.86 16.24 1.00
CA GLN A 154 -4.68 16.41 2.19
C GLN A 154 -5.85 15.42 2.16
N ASP A 155 -6.36 15.20 0.96
CA ASP A 155 -7.51 14.33 0.78
C ASP A 155 -7.22 12.96 1.41
N ASP A 156 -6.01 12.48 1.16
CA ASP A 156 -5.64 11.15 1.58
C ASP A 156 -5.50 11.11 3.10
N ILE A 157 -4.89 12.16 3.64
CA ILE A 157 -4.65 12.24 5.07
C ILE A 157 -5.99 12.41 5.79
N ASN A 158 -6.89 13.14 5.15
CA ASN A 158 -8.20 13.40 5.73
C ASN A 158 -8.83 12.07 6.17
N GLY A 159 -8.69 11.08 5.30
CA GLY A 159 -9.30 9.78 5.55
C GLY A 159 -8.47 8.98 6.55
N ILE A 160 -7.22 8.74 6.18
CA ILE A 160 -6.36 7.88 6.98
C ILE A 160 -6.35 8.36 8.43
N GLN A 161 -6.20 9.67 8.58
CA GLN A 161 -6.09 10.26 9.89
C GLN A 161 -7.42 10.16 10.65
N SER A 162 -8.49 10.06 9.87
CA SER A 162 -9.82 9.91 10.44
C SER A 162 -10.00 8.50 10.99
N LEU A 163 -9.35 7.55 10.32
CA LEU A 163 -9.37 6.17 10.78
C LEU A 163 -8.40 6.00 11.94
N TYR A 164 -7.46 6.93 12.04
CA TYR A 164 -6.47 6.90 13.09
C TYR A 164 -6.13 8.31 13.57
N GLY A 165 -5.11 8.88 12.93
CA GLY A 165 -4.73 10.25 13.21
C GLY A 165 -3.58 10.30 14.23
N PRO A 166 -2.43 10.84 13.77
CA PRO A 166 -1.26 10.97 14.64
C PRO A 166 -1.45 12.12 15.62
N PRO A 167 -0.55 12.16 16.65
CA PRO A 167 -0.60 13.20 17.65
C PRO A 167 -0.06 14.52 17.10
N PRO A 168 -0.35 15.62 17.83
CA PRO A 168 0.12 16.94 17.43
C PRO A 168 1.61 17.11 17.73
N ASP A 169 2.13 18.26 17.33
CA ASP A 169 3.54 18.55 17.55
C ASP A 169 3.80 18.77 19.04
N SER A 170 4.96 18.32 19.48
CA SER A 170 5.33 18.44 20.88
C SER A 170 4.18 17.95 21.77
N PRO A 171 3.95 16.61 21.70
CA PRO A 171 2.88 16.00 22.48
C PRO A 171 3.27 15.90 23.95
N GLU A 172 3.45 17.05 24.58
CA GLU A 172 3.84 17.10 25.98
C GLU A 172 2.64 17.47 26.84
N THR A 173 2.60 16.87 28.03
CA THR A 173 1.50 17.13 28.95
C THR A 173 2.03 17.22 30.39
ZN ZN B . -7.58 1.35 -5.55
ZN ZN C . -6.00 -11.39 -5.64
C1 8MI D . -6.04 -2.20 -9.10
C2 8MI D . -6.03 -1.11 -8.00
C3 8MI D . -7.17 -0.09 -8.29
O4 8MI D . -7.79 0.37 -7.34
O5 8MI D . -7.41 0.20 -9.45
N6 8MI D . -4.70 -0.48 -7.95
C7 8MI D . -4.53 0.52 -9.04
C8 8MI D . -3.21 1.32 -8.85
C9 8MI D . -3.29 2.73 -9.49
C10 8MI D . -2.05 3.54 -9.15
C11 8MI D . -0.80 3.19 -9.69
C12 8MI D . 0.34 3.94 -9.37
C13 8MI D . 0.23 5.04 -8.52
C14 8MI D . -1.00 5.40 -7.98
C15 8MI D . -2.15 4.66 -8.30
C16 8MI D . -4.51 -0.13 -10.45
O17 8MI D . -3.68 -0.97 -10.74
N18 8MI D . -5.42 0.27 -11.33
C19 8MI D . -5.53 -0.27 -12.73
C20 8MI D . -7.02 -0.29 -13.16
C21 8MI D . -7.64 -1.69 -12.88
C22 8MI D . -9.16 -1.65 -13.12
N23 8MI D . -9.44 -1.33 -14.56
C24 8MI D . -9.37 -2.20 -15.57
N25 8MI D . -9.65 -1.81 -16.79
N26 8MI D . -9.05 -3.48 -15.36
C27 8MI D . -4.69 0.61 -13.71
O28 8MI D . -4.90 1.81 -13.82
N29 8MI D . -3.76 0.01 -14.45
C30 8MI D . -2.97 0.73 -15.31
C31 8MI D . -2.97 0.41 -16.68
C32 8MI D . -2.17 1.14 -17.57
C33 8MI D . -1.37 2.19 -17.10
C34 8MI D . -1.38 2.52 -15.74
C35 8MI D . -2.16 1.79 -14.85
H36 8MI D . -5.02 -2.55 -9.25
H37 8MI D . -6.42 -1.79 -10.02
H38 8MI D . -6.66 -3.03 -8.79
H39 8MI D . -6.23 -1.59 -7.06
H40 8MI D . -3.97 -1.22 -8.04
H41 8MI D . -5.36 1.23 -9.01
H42 8MI D . -2.39 0.77 -9.29
H43 8MI D . -3.02 1.43 -7.78
H44 8MI D . -4.17 3.23 -9.12
H45 8MI D . -3.37 2.62 -10.57
H46 8MI D . -0.72 2.34 -10.35
H47 8MI D . 1.30 3.66 -9.79
H48 8MI D . 1.11 5.61 -8.27
H49 8MI D . -1.08 6.24 -7.32
H50 8MI D . -3.10 4.93 -7.88
H51 8MI D . -6.09 0.94 -11.11
H52 8MI D . -5.13 -1.28 -12.76
H53 8MI D . -7.10 -0.08 -14.22
H54 8MI D . -7.56 0.45 -12.61
H55 8MI D . -7.45 -1.95 -11.85
H56 8MI D . -7.19 -2.42 -13.54
H57 8MI D . -9.61 -0.89 -12.49
H58 8MI D . -9.58 -2.62 -12.87
H59 8MI D . -9.68 -0.38 -14.72
H61 8MI D . -9.60 -2.45 -17.56
H62 8MI D . -8.85 -3.80 -14.43
H63 8MI D . -9.01 -4.12 -16.12
H64 8MI D . -3.61 -0.96 -14.40
H65 8MI D . -3.57 -0.41 -17.04
H66 8MI D . -2.17 0.89 -18.62
H67 8MI D . -0.77 2.75 -17.79
H68 8MI D . -0.77 3.33 -15.38
H69 8MI D . -2.17 2.04 -13.79
H60 8MI D . -9.91 -0.85 -16.96
H70 8MI D . -4.58 -0.02 -7.02
N PHE A 1 -10.60 7.90 0.10
CA PHE A 1 -10.68 7.16 1.35
C PHE A 1 -12.11 6.73 1.64
N ARG A 2 -12.23 5.56 2.23
CA ARG A 2 -13.55 5.02 2.57
C ARG A 2 -13.44 4.09 3.78
N THR A 3 -14.60 3.69 4.29
CA THR A 3 -14.66 2.78 5.41
C THR A 3 -15.69 1.67 5.16
N PHE A 4 -15.27 0.45 5.44
CA PHE A 4 -16.19 -0.68 5.39
C PHE A 4 -17.30 -0.54 6.43
N PRO A 5 -18.30 -1.45 6.33
CA PRO A 5 -19.38 -1.49 7.31
C PRO A 5 -18.90 -2.10 8.64
N GLY A 6 -18.48 -1.21 9.53
CA GLY A 6 -17.89 -1.65 10.79
C GLY A 6 -16.62 -0.86 11.09
N ILE A 7 -16.17 -0.11 10.09
CA ILE A 7 -14.98 0.72 10.26
C ILE A 7 -13.76 -0.19 10.45
N PRO A 8 -12.96 -0.31 9.36
CA PRO A 8 -11.72 -1.07 9.42
C PRO A 8 -10.63 -0.29 10.15
N LYS A 9 -9.93 -1.00 11.01
CA LYS A 9 -8.87 -0.39 11.80
C LYS A 9 -8.24 -1.45 12.72
N TRP A 10 -6.93 -1.60 12.57
CA TRP A 10 -6.20 -2.57 13.36
C TRP A 10 -6.30 -2.17 14.82
N ARG A 11 -6.24 -3.16 15.69
CA ARG A 11 -6.46 -2.94 17.11
C ARG A 11 -5.15 -2.51 17.79
N LYS A 12 -4.09 -2.51 16.99
CA LYS A 12 -2.78 -2.12 17.49
C LYS A 12 -2.12 -1.18 16.49
N THR A 13 -1.23 -0.35 17.01
CA THR A 13 -0.51 0.61 16.18
C THR A 13 0.75 -0.04 15.60
N HIS A 14 1.32 -0.95 16.37
CA HIS A 14 2.50 -1.67 15.93
C HIS A 14 2.10 -2.72 14.88
N LEU A 15 2.04 -2.27 13.64
CA LEU A 15 1.63 -3.14 12.55
C LEU A 15 2.82 -3.96 12.07
N THR A 16 2.51 -5.05 11.38
CA THR A 16 3.55 -5.89 10.80
C THR A 16 3.21 -6.24 9.36
N TYR A 17 4.24 -6.56 8.60
CA TYR A 17 4.05 -6.97 7.21
C TYR A 17 5.13 -7.95 6.78
N ARG A 18 4.95 -8.51 5.60
CA ARG A 18 5.85 -9.55 5.10
C ARG A 18 5.72 -9.67 3.58
N ILE A 19 6.84 -10.01 2.95
CA ILE A 19 6.84 -10.28 1.52
C ILE A 19 6.90 -11.79 1.30
N VAL A 20 5.86 -12.30 0.67
CA VAL A 20 5.76 -13.73 0.44
C VAL A 20 6.65 -14.11 -0.75
N ASN A 21 6.67 -13.24 -1.74
CA ASN A 21 7.52 -13.44 -2.90
C ASN A 21 7.66 -12.12 -3.66
N TYR A 22 8.59 -12.10 -4.59
CA TYR A 22 8.90 -10.89 -5.32
C TYR A 22 8.66 -11.08 -6.82
N THR A 23 9.18 -10.14 -7.61
CA THR A 23 8.99 -10.17 -9.04
C THR A 23 10.33 -10.38 -9.75
N PRO A 24 10.28 -11.23 -10.81
CA PRO A 24 11.46 -11.47 -11.63
C PRO A 24 11.75 -10.27 -12.55
N ASP A 25 11.95 -9.12 -11.92
CA ASP A 25 12.17 -7.89 -12.67
C ASP A 25 12.97 -6.91 -11.82
N LEU A 26 12.54 -6.77 -10.58
CA LEU A 26 13.24 -5.90 -9.63
C LEU A 26 14.05 -6.76 -8.66
N PRO A 27 15.09 -6.11 -8.06
CA PRO A 27 15.85 -6.75 -6.99
C PRO A 27 15.05 -6.77 -5.69
N LYS A 28 15.56 -7.55 -4.74
CA LYS A 28 14.86 -7.73 -3.48
C LYS A 28 14.76 -6.39 -2.75
N ASP A 29 15.92 -5.86 -2.38
CA ASP A 29 15.96 -4.63 -1.60
C ASP A 29 15.06 -3.58 -2.25
N ALA A 30 15.05 -3.60 -3.58
CA ALA A 30 14.30 -2.63 -4.34
C ALA A 30 12.81 -2.78 -4.02
N VAL A 31 12.36 -4.03 -4.05
CA VAL A 31 10.95 -4.32 -3.83
C VAL A 31 10.59 -4.01 -2.37
N ASP A 32 11.36 -4.59 -1.47
CA ASP A 32 11.12 -4.42 -0.05
C ASP A 32 11.04 -2.93 0.27
N SER A 33 11.87 -2.17 -0.42
CA SER A 33 11.90 -0.73 -0.23
C SER A 33 10.52 -0.14 -0.53
N ALA A 34 9.98 -0.53 -1.67
CA ALA A 34 8.70 0.00 -2.11
C ALA A 34 7.67 -0.14 -0.98
N VAL A 35 7.79 -1.24 -0.26
CA VAL A 35 6.89 -1.50 0.85
C VAL A 35 7.34 -0.67 2.06
N GLU A 36 8.62 -0.81 2.39
CA GLU A 36 9.22 0.00 3.44
C GLU A 36 8.83 1.47 3.26
N LYS A 37 8.62 1.85 2.01
CA LYS A 37 8.33 3.24 1.69
C LYS A 37 6.82 3.46 1.75
N ALA A 38 6.09 2.59 1.05
CA ALA A 38 4.65 2.71 1.00
C ALA A 38 4.08 2.74 2.41
N LEU A 39 4.62 1.86 3.25
CA LEU A 39 4.19 1.77 4.63
C LEU A 39 4.46 3.11 5.33
N LYS A 40 5.71 3.54 5.24
CA LYS A 40 6.15 4.71 5.99
C LYS A 40 5.36 5.93 5.52
N VAL A 41 5.01 5.92 4.24
CA VAL A 41 4.30 7.03 3.65
C VAL A 41 3.07 7.36 4.51
N TRP A 42 2.51 6.32 5.10
CA TRP A 42 1.28 6.47 5.87
C TRP A 42 1.66 6.83 7.30
N GLU A 43 2.81 6.31 7.73
CA GLU A 43 3.32 6.61 9.06
C GLU A 43 3.43 8.11 9.26
N GLU A 44 3.52 8.83 8.15
CA GLU A 44 3.71 10.27 8.19
C GLU A 44 2.39 10.98 8.51
N VAL A 45 1.31 10.24 8.31
CA VAL A 45 -0.02 10.82 8.42
C VAL A 45 -0.88 9.96 9.34
N THR A 46 -0.20 9.09 10.07
CA THR A 46 -0.84 8.35 11.15
C THR A 46 0.19 7.90 12.18
N PRO A 47 -0.31 7.57 13.40
CA PRO A 47 0.55 7.16 14.49
C PRO A 47 1.06 5.74 14.27
N LEU A 48 0.51 5.08 13.25
CA LEU A 48 0.76 3.67 13.03
C LEU A 48 2.27 3.46 12.80
N THR A 49 2.72 2.26 13.15
CA THR A 49 4.09 1.87 12.84
C THR A 49 4.10 0.49 12.17
N PHE A 50 5.26 0.16 11.63
CA PHE A 50 5.39 -1.07 10.85
C PHE A 50 6.67 -1.82 11.21
N SER A 51 6.66 -3.12 10.98
CA SER A 51 7.80 -3.96 11.29
C SER A 51 7.80 -5.20 10.40
N ARG A 52 9.00 -5.65 10.06
CA ARG A 52 9.14 -6.81 9.21
C ARG A 52 9.27 -8.08 10.05
N LEU A 53 8.81 -9.18 9.46
CA LEU A 53 8.89 -10.47 10.14
C LEU A 53 9.52 -11.50 9.20
N TYR A 54 10.71 -11.94 9.60
CA TYR A 54 11.44 -12.91 8.79
C TYR A 54 10.63 -14.18 8.59
N GLU A 55 9.70 -14.42 9.51
CA GLU A 55 8.79 -15.54 9.38
C GLU A 55 7.52 -15.29 10.20
N GLY A 56 6.53 -16.13 9.95
CA GLY A 56 5.26 -16.01 10.67
C GLY A 56 4.22 -15.30 9.80
N GLU A 57 3.05 -15.09 10.40
CA GLU A 57 1.97 -14.41 9.71
C GLU A 57 1.87 -12.96 10.15
N ALA A 58 2.32 -12.07 9.28
CA ALA A 58 2.27 -10.65 9.56
C ALA A 58 0.87 -10.12 9.22
N ASP A 59 0.58 -8.94 9.73
CA ASP A 59 -0.73 -8.33 9.51
C ASP A 59 -0.92 -8.07 8.02
N ILE A 60 0.11 -7.50 7.41
CA ILE A 60 0.06 -7.17 5.99
C ILE A 60 1.04 -8.06 5.23
N MET A 61 0.53 -9.19 4.77
CA MET A 61 1.36 -10.14 4.04
C MET A 61 1.29 -9.87 2.53
N ILE A 62 2.24 -9.06 2.06
CA ILE A 62 2.26 -8.68 0.67
C ILE A 62 2.77 -9.85 -0.17
N SER A 63 2.17 -9.99 -1.35
CA SER A 63 2.50 -11.11 -2.22
C SER A 63 2.32 -10.70 -3.68
N PHE A 64 3.01 -11.43 -4.55
CA PHE A 64 2.84 -11.24 -5.98
C PHE A 64 2.35 -12.53 -6.65
N ALA A 65 1.50 -12.34 -7.66
CA ALA A 65 0.94 -13.48 -8.37
C ALA A 65 0.37 -13.00 -9.70
N VAL A 66 0.50 -13.86 -10.71
CA VAL A 66 -0.15 -13.61 -11.99
C VAL A 66 -1.42 -14.45 -12.07
N ARG A 67 -2.34 -14.00 -12.91
CA ARG A 67 -3.59 -14.72 -13.11
C ARG A 67 -4.23 -15.07 -11.77
N GLU A 68 -5.29 -15.86 -11.84
CA GLU A 68 -5.98 -16.31 -10.64
C GLU A 68 -4.97 -16.86 -9.64
N HIS A 69 -5.22 -16.54 -8.37
CA HIS A 69 -4.20 -16.74 -7.35
C HIS A 69 -4.89 -17.10 -6.02
N GLY A 70 -6.03 -17.76 -6.14
CA GLY A 70 -6.76 -18.21 -4.96
C GLY A 70 -8.21 -17.75 -5.02
N ASP A 71 -8.46 -16.59 -4.43
CA ASP A 71 -9.81 -16.05 -4.34
C ASP A 71 -10.28 -15.62 -5.73
N PHE A 72 -11.44 -15.00 -5.77
CA PHE A 72 -12.04 -14.60 -7.02
C PHE A 72 -11.54 -13.21 -7.45
N TYR A 73 -10.32 -13.18 -7.96
CA TYR A 73 -9.75 -11.96 -8.50
C TYR A 73 -8.73 -12.28 -9.59
N PRO A 74 -9.24 -12.72 -10.77
CA PRO A 74 -8.39 -13.28 -11.80
C PRO A 74 -7.62 -12.17 -12.52
N PHE A 75 -6.39 -11.96 -12.07
CA PHE A 75 -5.45 -11.16 -12.83
C PHE A 75 -5.43 -11.57 -14.30
N ASP A 76 -4.96 -10.66 -15.14
CA ASP A 76 -4.98 -10.88 -16.58
C ASP A 76 -3.55 -11.11 -17.06
N GLY A 77 -2.77 -10.05 -17.04
CA GLY A 77 -1.40 -10.11 -17.53
C GLY A 77 -0.73 -8.73 -17.47
N PRO A 78 -0.08 -8.36 -18.60
CA PRO A 78 0.61 -7.08 -18.67
C PRO A 78 -0.39 -5.93 -18.82
N GLY A 79 -0.11 -4.84 -18.11
CA GLY A 79 -1.02 -3.72 -18.06
C GLY A 79 -2.20 -4.01 -17.13
N ASN A 80 -3.30 -3.31 -17.38
CA ASN A 80 -4.50 -3.50 -16.60
C ASN A 80 -4.16 -3.41 -15.12
N VAL A 81 -4.97 -4.08 -14.30
CA VAL A 81 -4.71 -4.15 -12.88
C VAL A 81 -3.20 -4.27 -12.65
N LEU A 82 -2.63 -3.23 -12.06
CA LEU A 82 -1.24 -3.26 -11.67
C LEU A 82 -1.10 -3.99 -10.33
N ALA A 83 -2.02 -3.67 -9.43
CA ALA A 83 -2.06 -4.34 -8.14
C ALA A 83 -3.32 -3.91 -7.39
N HIS A 84 -3.89 -4.86 -6.66
CA HIS A 84 -5.09 -4.59 -5.87
C HIS A 84 -4.83 -4.95 -4.41
N ALA A 85 -5.73 -4.49 -3.56
CA ALA A 85 -5.66 -4.81 -2.14
C ALA A 85 -7.05 -4.66 -1.51
N TYR A 86 -7.18 -5.18 -0.30
CA TYR A 86 -8.47 -5.21 0.37
C TYR A 86 -8.33 -4.81 1.84
N ALA A 87 -9.42 -4.27 2.37
CA ALA A 87 -9.45 -3.88 3.77
C ALA A 87 -8.96 -5.03 4.64
N PRO A 88 -8.75 -4.73 5.94
CA PRO A 88 -8.30 -5.74 6.89
C PRO A 88 -9.44 -6.68 7.26
N GLY A 89 -9.07 -7.87 7.72
CA GLY A 89 -10.05 -8.89 8.07
C GLY A 89 -9.39 -10.26 8.17
N PRO A 90 -10.02 -11.25 7.48
CA PRO A 90 -9.49 -12.60 7.45
C PRO A 90 -8.27 -12.68 6.54
N GLY A 91 -7.85 -13.92 6.27
CA GLY A 91 -6.58 -14.15 5.60
C GLY A 91 -6.61 -13.59 4.18
N ILE A 92 -7.82 -13.33 3.70
CA ILE A 92 -7.99 -12.75 2.38
C ILE A 92 -7.81 -11.24 2.46
N ASN A 93 -8.19 -10.69 3.60
CA ASN A 93 -8.14 -9.26 3.80
C ASN A 93 -6.78 -8.88 4.37
N GLY A 94 -6.44 -7.60 4.22
CA GLY A 94 -5.18 -7.09 4.74
C GLY A 94 -4.04 -7.31 3.74
N ASP A 95 -4.11 -8.44 3.05
CA ASP A 95 -3.08 -8.80 2.08
C ASP A 95 -3.13 -7.80 0.92
N ALA A 96 -2.01 -7.72 0.21
CA ALA A 96 -1.93 -6.89 -0.98
C ALA A 96 -1.28 -7.71 -2.11
N HIS A 97 -2.03 -7.85 -3.20
CA HIS A 97 -1.59 -8.66 -4.31
C HIS A 97 -1.10 -7.76 -5.45
N PHE A 98 0.16 -7.98 -5.84
CA PHE A 98 0.70 -7.28 -6.99
C PHE A 98 0.65 -8.17 -8.24
N ASP A 99 0.96 -7.56 -9.37
CA ASP A 99 1.06 -8.30 -10.63
C ASP A 99 2.53 -8.64 -10.90
N ASP A 100 2.76 -9.89 -11.24
CA ASP A 100 4.10 -10.34 -11.58
C ASP A 100 4.26 -10.38 -13.10
N ASP A 101 3.12 -10.41 -13.77
CA ASP A 101 3.13 -10.47 -15.23
C ASP A 101 3.22 -9.06 -15.80
N GLU A 102 4.22 -8.33 -15.31
CA GLU A 102 4.46 -6.98 -15.79
C GLU A 102 5.78 -6.44 -15.21
N GLN A 103 6.44 -5.61 -16.01
CA GLN A 103 7.70 -5.03 -15.60
C GLN A 103 7.47 -3.99 -14.50
N TRP A 104 8.51 -3.80 -13.70
CA TRP A 104 8.43 -2.86 -12.58
C TRP A 104 9.72 -2.05 -12.56
N THR A 105 9.64 -0.88 -11.95
CA THR A 105 10.80 -0.02 -11.79
C THR A 105 10.86 0.54 -10.37
N LYS A 106 11.98 1.19 -10.07
CA LYS A 106 12.17 1.77 -8.76
C LYS A 106 12.23 3.30 -8.88
N ASP A 107 11.69 3.78 -10.00
CA ASP A 107 11.69 5.21 -10.26
C ASP A 107 10.63 5.51 -11.33
N THR A 108 10.50 6.80 -11.63
CA THR A 108 9.51 7.24 -12.60
C THR A 108 10.00 6.97 -14.03
N THR A 109 10.10 5.68 -14.33
CA THR A 109 10.48 5.26 -15.68
C THR A 109 9.48 4.26 -16.23
N GLY A 110 9.19 3.24 -15.43
CA GLY A 110 8.18 2.26 -15.79
C GLY A 110 6.98 2.34 -14.84
N THR A 111 6.54 1.17 -14.40
CA THR A 111 5.53 1.09 -13.36
C THR A 111 6.19 1.18 -11.98
N ASN A 112 6.43 2.40 -11.54
CA ASN A 112 7.07 2.63 -10.26
C ASN A 112 6.36 1.80 -9.18
N LEU A 113 7.06 0.77 -8.72
CA LEU A 113 6.46 -0.18 -7.80
C LEU A 113 6.04 0.54 -6.53
N PHE A 114 6.93 1.41 -6.06
CA PHE A 114 6.72 2.07 -4.78
C PHE A 114 5.44 2.91 -4.80
N LEU A 115 5.23 3.57 -5.93
CA LEU A 115 4.04 4.40 -6.11
C LEU A 115 2.79 3.52 -6.00
N VAL A 116 2.90 2.32 -6.55
CA VAL A 116 1.79 1.38 -6.54
C VAL A 116 1.69 0.74 -5.16
N ALA A 117 2.85 0.56 -4.53
CA ALA A 117 2.91 -0.05 -3.22
C ALA A 117 2.07 0.76 -2.24
N ALA A 118 2.26 2.08 -2.30
CA ALA A 118 1.53 2.98 -1.42
C ALA A 118 0.03 2.79 -1.63
N HIS A 119 -0.44 2.82 -2.87
CA HIS A 119 -1.89 2.55 -3.23
C HIS A 119 -2.39 1.24 -2.54
N GLU A 120 -1.71 0.14 -2.84
CA GLU A 120 -2.10 -1.14 -2.27
C GLU A 120 -2.25 -1.04 -0.75
N ILE A 121 -1.14 -0.69 -0.11
CA ILE A 121 -1.10 -0.65 1.34
C ILE A 121 -2.30 0.14 1.86
N GLY A 122 -2.61 1.22 1.16
CA GLY A 122 -3.73 2.07 1.53
C GLY A 122 -5.00 1.25 1.76
N HIS A 123 -5.26 0.34 0.82
CA HIS A 123 -6.41 -0.54 0.92
C HIS A 123 -6.27 -1.44 2.14
N SER A 124 -5.07 -1.98 2.31
CA SER A 124 -4.80 -2.89 3.40
C SER A 124 -5.13 -2.22 4.74
N LEU A 125 -4.75 -0.96 4.84
CA LEU A 125 -4.96 -0.20 6.07
C LEU A 125 -6.46 -0.05 6.32
N GLY A 126 -7.13 0.57 5.35
CA GLY A 126 -8.58 0.71 5.41
C GLY A 126 -9.02 2.04 4.81
N LEU A 127 -8.57 2.28 3.59
CA LEU A 127 -9.04 3.42 2.82
C LEU A 127 -8.86 3.15 1.33
N PHE A 128 -9.82 3.61 0.55
CA PHE A 128 -9.87 3.27 -0.86
C PHE A 128 -9.77 4.54 -1.73
N HIS A 129 -9.86 4.32 -3.04
CA HIS A 129 -9.66 5.40 -3.98
C HIS A 129 -10.35 6.67 -3.46
N SER A 130 -9.65 7.78 -3.61
CA SER A 130 -10.13 9.05 -3.08
C SER A 130 -10.99 9.77 -4.12
N ALA A 131 -10.41 10.80 -4.71
CA ALA A 131 -11.13 11.63 -5.65
C ALA A 131 -10.17 12.66 -6.26
N ASN A 132 -9.38 13.27 -5.39
CA ASN A 132 -8.39 14.23 -5.83
C ASN A 132 -7.42 13.56 -6.81
N THR A 133 -6.94 14.35 -7.75
CA THR A 133 -5.97 13.88 -8.72
C THR A 133 -4.54 14.06 -8.18
N GLU A 134 -4.43 14.96 -7.22
CA GLU A 134 -3.15 15.19 -6.56
C GLU A 134 -2.86 14.07 -5.56
N ALA A 135 -3.91 13.36 -5.21
CA ALA A 135 -3.78 12.26 -4.25
C ALA A 135 -3.15 11.06 -4.94
N LEU A 136 -2.82 10.05 -4.14
CA LEU A 136 -2.16 8.86 -4.65
C LEU A 136 -3.16 7.71 -4.73
N MET A 137 -4.05 7.68 -3.74
CA MET A 137 -5.04 6.63 -3.67
C MET A 137 -5.97 6.67 -4.89
N TYR A 138 -5.98 7.81 -5.57
CA TYR A 138 -6.72 7.95 -6.80
C TYR A 138 -6.51 6.74 -7.70
N PRO A 139 -7.59 6.38 -8.44
CA PRO A 139 -7.60 5.12 -9.18
C PRO A 139 -6.74 5.21 -10.43
N LEU A 140 -6.83 6.36 -11.09
CA LEU A 140 -6.11 6.58 -12.33
C LEU A 140 -4.61 6.75 -12.01
N TYR A 141 -3.80 6.01 -12.76
CA TYR A 141 -2.36 6.06 -12.56
C TYR A 141 -1.86 7.52 -12.50
N HIS A 142 -0.76 7.69 -11.80
CA HIS A 142 -0.21 9.02 -11.60
C HIS A 142 1.32 8.94 -11.48
N SER A 143 1.96 10.08 -11.70
CA SER A 143 3.40 10.16 -11.59
C SER A 143 3.83 11.60 -11.38
N LEU A 144 5.15 11.78 -11.26
CA LEU A 144 5.69 13.11 -11.03
C LEU A 144 7.12 13.16 -11.59
N THR A 145 7.49 14.35 -12.06
CA THR A 145 8.82 14.55 -12.59
C THR A 145 9.88 14.19 -11.54
N ASP A 146 9.50 14.34 -10.29
CA ASP A 146 10.38 13.99 -9.19
C ASP A 146 9.56 13.35 -8.06
N LEU A 147 9.76 12.04 -7.92
CA LEU A 147 8.92 11.26 -7.02
C LEU A 147 9.51 11.32 -5.61
N THR A 148 10.77 11.73 -5.54
CA THR A 148 11.47 11.74 -4.27
C THR A 148 10.82 12.74 -3.30
N ARG A 149 9.84 13.46 -3.82
CA ARG A 149 9.15 14.46 -3.03
C ARG A 149 7.68 14.11 -2.90
N PHE A 150 7.28 13.07 -3.61
CA PHE A 150 5.88 12.65 -3.62
C PHE A 150 5.31 12.65 -2.19
N ARG A 151 4.03 13.02 -2.12
CA ARG A 151 3.33 13.00 -0.84
C ARG A 151 1.84 12.76 -1.06
N LEU A 152 1.18 12.27 -0.02
CA LEU A 152 -0.25 12.06 -0.06
C LEU A 152 -0.95 13.41 0.13
N SER A 153 -1.98 13.61 -0.68
CA SER A 153 -2.75 14.85 -0.61
C SER A 153 -3.71 14.80 0.58
N GLN A 154 -4.25 15.97 0.90
CA GLN A 154 -5.11 16.09 2.06
C GLN A 154 -6.26 15.09 1.98
N ASP A 155 -6.70 14.84 0.75
CA ASP A 155 -7.81 13.92 0.54
C ASP A 155 -7.48 12.58 1.17
N ASP A 156 -6.23 12.17 1.01
CA ASP A 156 -5.80 10.85 1.46
C ASP A 156 -5.67 10.87 2.98
N ILE A 157 -5.07 11.94 3.48
CA ILE A 157 -4.82 12.07 4.91
C ILE A 157 -6.16 12.17 5.64
N ASN A 158 -7.12 12.81 4.99
CA ASN A 158 -8.42 13.02 5.58
C ASN A 158 -8.92 11.71 6.20
N GLY A 159 -8.81 10.64 5.43
CA GLY A 159 -9.36 9.36 5.83
C GLY A 159 -8.44 8.65 6.81
N ILE A 160 -7.20 8.46 6.39
CA ILE A 160 -6.24 7.71 7.18
C ILE A 160 -6.21 8.27 8.59
N GLN A 161 -6.12 9.59 8.68
CA GLN A 161 -5.98 10.26 9.96
C GLN A 161 -7.32 10.24 10.72
N SER A 162 -8.39 10.17 9.95
CA SER A 162 -9.73 10.11 10.53
C SER A 162 -9.95 8.75 11.20
N LEU A 163 -9.33 7.74 10.62
CA LEU A 163 -9.42 6.39 11.17
C LEU A 163 -8.48 6.27 12.37
N TYR A 164 -7.55 7.21 12.44
CA TYR A 164 -6.56 7.22 13.50
C TYR A 164 -6.14 8.64 13.87
N GLY A 165 -5.12 9.12 13.19
CA GLY A 165 -4.65 10.47 13.39
C GLY A 165 -3.44 10.51 14.33
N PRO A 166 -2.31 11.04 13.80
CA PRO A 166 -1.09 11.13 14.58
C PRO A 166 -1.17 12.27 15.60
N PRO A 167 -0.19 12.27 16.55
CA PRO A 167 -0.15 13.29 17.57
C PRO A 167 0.36 14.62 17.00
N PRO A 168 -0.48 15.68 17.16
CA PRO A 168 -0.11 17.01 16.71
C PRO A 168 0.93 17.65 17.63
N ASP A 169 1.36 18.83 17.26
CA ASP A 169 2.34 19.56 18.05
C ASP A 169 1.68 20.12 19.31
N SER A 170 2.51 20.45 20.28
CA SER A 170 2.02 20.98 21.53
C SER A 170 1.36 22.35 21.30
N PRO A 171 0.25 22.59 22.04
CA PRO A 171 -0.43 23.87 21.98
C PRO A 171 0.35 24.95 22.72
N GLU A 172 -0.14 26.18 22.62
CA GLU A 172 0.50 27.30 23.27
C GLU A 172 0.38 27.18 24.79
N THR A 173 -0.64 26.44 25.21
CA THR A 173 -0.86 26.20 26.63
C THR A 173 -1.14 24.72 26.88
ZN ZN B . -7.18 0.10 -5.59
ZN ZN C . -5.92 -10.98 -5.32
C1 8MI D . -7.06 0.50 -8.77
C2 8MI D . -6.06 -0.66 -8.95
C3 8MI D . -6.40 -1.80 -7.95
O4 8MI D . -6.83 -1.49 -6.84
O5 8MI D . -6.22 -2.96 -8.31
N6 8MI D . -4.69 -0.12 -8.79
C7 8MI D . -4.52 1.18 -9.49
C8 8MI D . -3.06 1.67 -9.36
C9 8MI D . -2.82 2.96 -10.20
C10 8MI D . -1.63 3.73 -9.67
C11 8MI D . -1.82 4.73 -8.69
C12 8MI D . -0.72 5.46 -8.20
C13 8MI D . 0.57 5.19 -8.68
C14 8MI D . 0.76 4.21 -9.66
C15 8MI D . -0.34 3.48 -10.15
C16 8MI D . -4.87 1.07 -11.00
O17 8MI D . -5.35 2.02 -11.61
N18 8MI D . -4.66 -0.08 -11.61
C19 8MI D . -4.90 -0.33 -13.08
C20 8MI D . -6.40 -0.04 -13.40
C21 8MI D . -7.27 -1.26 -13.01
C22 8MI D . -8.77 -0.89 -13.08
N23 8MI D . -9.11 0.05 -11.96
C24 8MI D . -10.27 0.72 -11.84
N25 8MI D . -10.42 1.58 -10.86
N26 8MI D . -11.27 0.52 -12.70
C27 8MI D . -3.98 0.58 -13.94
O28 8MI D . -3.74 1.74 -13.60
N29 8MI D . -3.46 0.06 -15.05
C30 8MI D . -2.63 0.81 -15.85
C31 8MI D . -3.00 2.12 -16.19
C32 8MI D . -2.16 2.89 -17.01
C33 8MI D . -0.96 2.36 -17.49
C34 8MI D . -0.59 1.05 -17.16
C35 8MI D . -1.42 0.27 -16.34
H36 8MI D . -8.05 0.08 -8.59
H37 8MI D . -7.09 1.11 -9.66
H38 8MI D . -6.78 1.10 -7.92
H39 8MI D . -6.17 -1.05 -9.96
H40 8MI D . -4.01 -0.83 -9.15
H41 8MI D . -5.18 1.91 -9.05
H42 8MI D . -2.38 0.90 -9.70
H43 8MI D . -2.86 1.89 -8.32
H44 8MI D . -3.71 3.57 -10.15
H45 8MI D . -2.64 2.69 -11.24
H46 8MI D . -2.81 4.94 -8.31
H47 8MI D . -0.87 6.21 -7.45
H48 8MI D . 1.40 5.75 -8.32
H49 8MI D . 1.75 4.01 -10.04
H50 8MI D . -0.17 2.72 -10.90
H51 8MI D . -4.31 -0.87 -11.14
H52 8MI D . -4.69 -1.37 -13.31
H53 8MI D . -6.51 0.16 -14.46
H54 8MI D . -6.72 0.81 -12.84
H55 8MI D . -7.03 -1.58 -12.01
H56 8MI D . -7.07 -2.07 -13.70
H57 8MI D . -9.37 -1.78 -13.00
H58 8MI D . -8.98 -0.41 -14.03
H59 8MI D . -8.39 0.15 -11.29
H61 8MI D . -11.28 2.08 -10.76
H62 8MI D . -11.16 -0.14 -13.44
H63 8MI D . -12.13 1.01 -12.59
H64 8MI D . -3.65 -0.87 -15.33
H65 8MI D . -3.92 2.53 -15.83
H66 8MI D . -2.44 3.90 -17.28
H67 8MI D . -0.32 2.95 -18.13
H68 8MI D . 0.34 0.65 -17.53
H69 8MI D . -1.13 -0.74 -16.08
H60 8MI D . -9.68 1.73 -10.21
H70 8MI D . -4.51 0.01 -7.77
N PHE A 1 -10.89 8.40 0.07
CA PHE A 1 -10.86 7.56 1.25
C PHE A 1 -12.28 7.17 1.67
N ARG A 2 -12.37 6.08 2.43
CA ARG A 2 -13.65 5.60 2.91
C ARG A 2 -13.44 4.47 3.93
N THR A 3 -14.55 4.03 4.50
CA THR A 3 -14.50 2.99 5.53
C THR A 3 -15.50 1.89 5.20
N PHE A 4 -15.05 0.66 5.35
CA PHE A 4 -15.93 -0.49 5.29
C PHE A 4 -17.08 -0.36 6.29
N PRO A 5 -18.06 -1.29 6.18
CA PRO A 5 -19.23 -1.26 7.03
C PRO A 5 -18.89 -1.74 8.45
N GLY A 6 -17.61 -2.01 8.65
CA GLY A 6 -17.14 -2.42 9.96
C GLY A 6 -16.02 -1.51 10.45
N ILE A 7 -15.81 -0.43 9.70
CA ILE A 7 -14.75 0.51 10.04
C ILE A 7 -13.42 -0.23 10.15
N PRO A 8 -12.65 -0.22 9.04
CA PRO A 8 -11.38 -0.92 9.00
C PRO A 8 -10.31 -0.15 9.78
N LYS A 9 -9.64 -0.87 10.67
CA LYS A 9 -8.59 -0.27 11.47
C LYS A 9 -8.07 -1.32 12.47
N TRP A 10 -6.77 -1.57 12.39
CA TRP A 10 -6.15 -2.55 13.27
C TRP A 10 -6.30 -2.06 14.71
N ARG A 11 -6.43 -3.01 15.62
CA ARG A 11 -6.73 -2.70 17.01
C ARG A 11 -5.45 -2.31 17.75
N LYS A 12 -4.33 -2.41 17.04
CA LYS A 12 -3.04 -2.05 17.60
C LYS A 12 -2.30 -1.11 16.64
N THR A 13 -1.37 -0.37 17.21
CA THR A 13 -0.61 0.58 16.42
C THR A 13 0.65 -0.08 15.84
N HIS A 14 1.15 -1.06 16.58
CA HIS A 14 2.33 -1.79 16.14
C HIS A 14 1.93 -2.80 15.06
N LEU A 15 1.94 -2.34 13.83
CA LEU A 15 1.56 -3.18 12.71
C LEU A 15 2.78 -3.98 12.23
N THR A 16 2.49 -5.14 11.65
CA THR A 16 3.54 -5.95 11.05
C THR A 16 3.19 -6.28 9.60
N TYR A 17 4.23 -6.44 8.79
CA TYR A 17 4.04 -6.82 7.40
C TYR A 17 5.17 -7.74 6.93
N ARG A 18 5.01 -8.23 5.71
CA ARG A 18 5.95 -9.20 5.17
C ARG A 18 5.82 -9.26 3.64
N ILE A 19 6.93 -9.62 3.01
CA ILE A 19 6.91 -9.88 1.57
C ILE A 19 7.05 -11.39 1.34
N VAL A 20 6.00 -11.96 0.76
CA VAL A 20 5.95 -13.40 0.56
C VAL A 20 6.85 -13.79 -0.60
N ASN A 21 6.81 -12.97 -1.64
CA ASN A 21 7.61 -13.22 -2.82
C ASN A 21 7.80 -11.91 -3.60
N TYR A 22 8.64 -11.97 -4.61
CA TYR A 22 8.96 -10.79 -5.39
C TYR A 22 8.79 -11.06 -6.89
N THR A 23 9.13 -10.04 -7.67
CA THR A 23 8.93 -10.12 -9.11
C THR A 23 10.27 -10.30 -9.83
N PRO A 24 10.24 -11.11 -10.92
CA PRO A 24 11.44 -11.34 -11.71
C PRO A 24 11.77 -10.13 -12.57
N ASP A 25 12.07 -9.02 -11.91
CA ASP A 25 12.40 -7.79 -12.60
C ASP A 25 13.21 -6.88 -11.66
N LEU A 26 12.72 -6.75 -10.44
CA LEU A 26 13.40 -5.93 -9.45
C LEU A 26 14.14 -6.85 -8.48
N PRO A 27 15.16 -6.26 -7.79
CA PRO A 27 15.83 -6.95 -6.71
C PRO A 27 14.96 -6.97 -5.45
N LYS A 28 15.37 -7.79 -4.49
CA LYS A 28 14.56 -8.02 -3.31
C LYS A 28 14.48 -6.73 -2.49
N ASP A 29 15.65 -6.25 -2.09
CA ASP A 29 15.72 -5.05 -1.27
C ASP A 29 14.89 -3.95 -1.93
N ALA A 30 14.94 -3.92 -3.25
CA ALA A 30 14.28 -2.86 -4.00
C ALA A 30 12.77 -2.93 -3.75
N VAL A 31 12.25 -4.14 -3.82
CA VAL A 31 10.82 -4.34 -3.63
C VAL A 31 10.45 -4.01 -2.18
N ASP A 32 11.19 -4.62 -1.26
CA ASP A 32 10.95 -4.39 0.16
C ASP A 32 10.97 -2.88 0.43
N SER A 33 11.81 -2.19 -0.32
CA SER A 33 11.97 -0.75 -0.14
C SER A 33 10.66 -0.03 -0.50
N ALA A 34 10.07 -0.48 -1.59
CA ALA A 34 8.82 0.10 -2.05
C ALA A 34 7.78 0.02 -0.92
N VAL A 35 7.80 -1.10 -0.23
CA VAL A 35 6.91 -1.30 0.90
C VAL A 35 7.37 -0.41 2.06
N GLU A 36 8.62 -0.60 2.45
CA GLU A 36 9.23 0.24 3.46
C GLU A 36 8.91 1.71 3.18
N LYS A 37 8.81 2.03 1.90
CA LYS A 37 8.56 3.40 1.49
C LYS A 37 7.06 3.71 1.66
N ALA A 38 6.25 2.81 1.11
CA ALA A 38 4.80 2.96 1.22
C ALA A 38 4.41 3.07 2.69
N LEU A 39 5.12 2.32 3.52
CA LEU A 39 4.82 2.27 4.93
C LEU A 39 5.11 3.64 5.57
N LYS A 40 6.32 4.13 5.29
CA LYS A 40 6.74 5.40 5.83
C LYS A 40 5.79 6.51 5.36
N VAL A 41 5.39 6.41 4.11
CA VAL A 41 4.50 7.39 3.52
C VAL A 41 3.26 7.54 4.41
N TRP A 42 2.79 6.41 4.92
CA TRP A 42 1.59 6.40 5.73
C TRP A 42 2.00 6.70 7.17
N GLU A 43 3.19 6.25 7.53
CA GLU A 43 3.70 6.47 8.88
C GLU A 43 3.76 7.95 9.19
N GLU A 44 3.82 8.75 8.12
CA GLU A 44 3.97 10.19 8.27
C GLU A 44 2.62 10.82 8.64
N VAL A 45 1.56 10.08 8.39
CA VAL A 45 0.22 10.60 8.58
C VAL A 45 -0.59 9.63 9.44
N THR A 46 0.14 8.79 10.17
CA THR A 46 -0.47 7.97 11.20
C THR A 46 0.50 7.78 12.37
N PRO A 47 -0.09 7.47 13.55
CA PRO A 47 0.71 7.09 14.71
C PRO A 47 1.26 5.67 14.56
N LEU A 48 0.79 4.99 13.53
CA LEU A 48 1.08 3.58 13.36
C LEU A 48 2.59 3.38 13.26
N THR A 49 3.02 2.17 13.64
CA THR A 49 4.41 1.79 13.47
C THR A 49 4.51 0.40 12.85
N PHE A 50 5.38 0.28 11.87
CA PHE A 50 5.47 -0.94 11.08
C PHE A 50 6.73 -1.73 11.44
N SER A 51 6.61 -3.05 11.34
CA SER A 51 7.74 -3.92 11.63
C SER A 51 7.73 -5.11 10.67
N ARG A 52 8.93 -5.58 10.35
CA ARG A 52 9.07 -6.70 9.44
C ARG A 52 9.29 -8.00 10.22
N LEU A 53 8.81 -9.09 9.66
CA LEU A 53 8.95 -10.40 10.29
C LEU A 53 9.59 -11.38 9.31
N TYR A 54 10.72 -11.93 9.72
CA TYR A 54 11.42 -12.90 8.89
C TYR A 54 10.54 -14.12 8.63
N GLU A 55 9.62 -14.36 9.54
CA GLU A 55 8.64 -15.42 9.37
C GLU A 55 7.47 -15.24 10.34
N GLY A 56 6.38 -15.92 10.05
CA GLY A 56 5.20 -15.87 10.90
C GLY A 56 3.98 -15.41 10.11
N GLU A 57 3.10 -14.69 10.80
CA GLU A 57 1.89 -14.19 10.18
C GLU A 57 1.74 -12.69 10.43
N ALA A 58 2.44 -11.91 9.62
CA ALA A 58 2.38 -10.46 9.72
C ALA A 58 0.97 -10.00 9.33
N ASP A 59 0.62 -8.82 9.82
CA ASP A 59 -0.71 -8.28 9.58
C ASP A 59 -0.89 -8.04 8.07
N ILE A 60 0.02 -7.26 7.51
CA ILE A 60 -0.03 -6.93 6.11
C ILE A 60 0.94 -7.84 5.34
N MET A 61 0.40 -8.96 4.88
CA MET A 61 1.21 -9.95 4.18
C MET A 61 1.22 -9.68 2.67
N ILE A 62 2.15 -8.84 2.26
CA ILE A 62 2.23 -8.44 0.86
C ILE A 62 2.82 -9.58 0.05
N SER A 63 2.20 -9.83 -1.11
CA SER A 63 2.58 -10.95 -1.94
C SER A 63 2.31 -10.63 -3.41
N PHE A 64 2.84 -11.47 -4.28
CA PHE A 64 2.64 -11.30 -5.71
C PHE A 64 2.07 -12.59 -6.33
N ALA A 65 1.36 -12.41 -7.43
CA ALA A 65 0.79 -13.53 -8.14
C ALA A 65 0.38 -13.10 -9.55
N VAL A 66 0.58 -14.00 -10.51
CA VAL A 66 0.13 -13.76 -11.86
C VAL A 66 -1.13 -14.59 -12.13
N ARG A 67 -1.89 -14.14 -13.12
CA ARG A 67 -3.07 -14.88 -13.55
C ARG A 67 -3.95 -15.22 -12.34
N GLU A 68 -4.89 -16.12 -12.57
CA GLU A 68 -5.78 -16.56 -11.50
C GLU A 68 -4.97 -16.92 -10.26
N HIS A 69 -5.13 -16.10 -9.23
CA HIS A 69 -4.59 -16.42 -7.92
C HIS A 69 -5.73 -16.71 -6.95
N GLY A 70 -6.66 -17.55 -7.40
CA GLY A 70 -7.87 -17.79 -6.66
C GLY A 70 -8.80 -16.59 -6.70
N ASP A 71 -9.63 -16.48 -5.67
CA ASP A 71 -10.48 -15.31 -5.51
C ASP A 71 -11.20 -15.03 -6.83
N PHE A 72 -11.83 -13.87 -6.88
CA PHE A 72 -12.67 -13.52 -8.02
C PHE A 72 -12.00 -12.44 -8.88
N TYR A 73 -10.81 -12.05 -8.45
CA TYR A 73 -10.04 -11.07 -9.20
C TYR A 73 -8.72 -11.68 -9.70
N PRO A 74 -8.76 -12.15 -10.97
CA PRO A 74 -7.59 -12.74 -11.59
C PRO A 74 -6.58 -11.66 -11.98
N PHE A 75 -5.56 -12.09 -12.72
CA PHE A 75 -4.52 -11.18 -13.16
C PHE A 75 -4.06 -11.52 -14.58
N ASP A 76 -2.99 -10.87 -15.00
CA ASP A 76 -2.41 -11.13 -16.30
C ASP A 76 -3.19 -10.37 -17.37
N GLY A 77 -2.50 -9.42 -18.00
CA GLY A 77 -3.10 -8.66 -19.07
C GLY A 77 -2.20 -7.50 -19.50
N PRO A 78 -2.67 -6.74 -20.52
CA PRO A 78 -1.93 -5.58 -21.00
C PRO A 78 -2.05 -4.42 -20.03
N GLY A 79 -1.24 -4.48 -18.97
CA GLY A 79 -1.29 -3.47 -17.93
C GLY A 79 -2.42 -3.76 -16.94
N ASN A 80 -3.51 -3.02 -17.09
CA ASN A 80 -4.66 -3.21 -16.23
C ASN A 80 -4.22 -3.27 -14.77
N VAL A 81 -5.04 -3.94 -13.97
CA VAL A 81 -4.72 -4.11 -12.56
C VAL A 81 -3.22 -4.39 -12.41
N LEU A 82 -2.57 -3.55 -11.62
CA LEU A 82 -1.16 -3.75 -11.31
C LEU A 82 -1.05 -4.43 -9.93
N ALA A 83 -1.92 -4.00 -9.03
CA ALA A 83 -1.94 -4.55 -7.68
C ALA A 83 -3.19 -4.05 -6.94
N HIS A 84 -3.71 -4.92 -6.09
CA HIS A 84 -4.89 -4.58 -5.32
C HIS A 84 -4.72 -5.07 -3.88
N ALA A 85 -5.62 -4.61 -3.02
CA ALA A 85 -5.61 -5.03 -1.63
C ALA A 85 -7.02 -4.91 -1.06
N TYR A 86 -7.16 -5.31 0.20
CA TYR A 86 -8.45 -5.34 0.85
C TYR A 86 -8.33 -5.04 2.34
N ALA A 87 -9.40 -4.49 2.89
CA ALA A 87 -9.44 -4.19 4.31
C ALA A 87 -8.95 -5.40 5.10
N PRO A 88 -8.81 -5.20 6.44
CA PRO A 88 -8.32 -6.25 7.31
C PRO A 88 -9.40 -7.32 7.55
N GLY A 89 -8.94 -8.50 7.92
CA GLY A 89 -9.84 -9.62 8.14
C GLY A 89 -9.09 -10.95 8.12
N PRO A 90 -9.69 -11.94 7.43
CA PRO A 90 -9.06 -13.25 7.29
C PRO A 90 -7.92 -13.21 6.29
N GLY A 91 -7.44 -14.38 5.92
CA GLY A 91 -6.20 -14.49 5.18
C GLY A 91 -6.32 -13.80 3.81
N ILE A 92 -7.56 -13.57 3.41
CA ILE A 92 -7.83 -12.90 2.16
C ILE A 92 -7.72 -11.39 2.36
N ASN A 93 -8.13 -10.95 3.54
CA ASN A 93 -8.17 -9.53 3.84
C ASN A 93 -6.83 -9.12 4.48
N GLY A 94 -6.51 -7.85 4.33
CA GLY A 94 -5.28 -7.32 4.88
C GLY A 94 -4.11 -7.54 3.92
N ASP A 95 -4.13 -8.68 3.25
CA ASP A 95 -3.07 -9.03 2.32
C ASP A 95 -3.19 -8.17 1.07
N ALA A 96 -2.05 -7.82 0.51
CA ALA A 96 -2.00 -7.02 -0.70
C ALA A 96 -1.43 -7.87 -1.84
N HIS A 97 -2.22 -7.99 -2.90
CA HIS A 97 -1.83 -8.79 -4.04
C HIS A 97 -1.21 -7.90 -5.13
N PHE A 98 -0.03 -8.28 -5.57
CA PHE A 98 0.63 -7.58 -6.65
C PHE A 98 0.73 -8.47 -7.90
N ASP A 99 0.94 -7.83 -9.03
CA ASP A 99 1.19 -8.55 -10.27
C ASP A 99 2.68 -8.83 -10.40
N ASP A 100 2.99 -10.06 -10.77
CA ASP A 100 4.38 -10.47 -10.95
C ASP A 100 4.73 -10.49 -12.43
N ASP A 101 3.69 -10.62 -13.25
CA ASP A 101 3.88 -10.74 -14.68
C ASP A 101 4.12 -9.35 -15.28
N GLU A 102 3.76 -8.34 -14.50
CA GLU A 102 3.90 -6.96 -14.96
C GLU A 102 5.30 -6.44 -14.62
N GLN A 103 5.74 -5.47 -15.40
CA GLN A 103 7.02 -4.83 -15.15
C GLN A 103 6.93 -3.89 -13.95
N TRP A 104 8.08 -3.65 -13.34
CA TRP A 104 8.13 -2.79 -12.17
C TRP A 104 9.44 -2.00 -12.22
N THR A 105 9.44 -0.85 -11.58
CA THR A 105 10.63 -0.02 -11.50
C THR A 105 10.76 0.56 -10.09
N LYS A 106 11.91 1.19 -9.86
CA LYS A 106 12.21 1.75 -8.54
C LYS A 106 11.85 3.24 -8.53
N ASP A 107 11.79 3.81 -9.73
CA ASP A 107 11.55 5.24 -9.87
C ASP A 107 10.64 5.48 -11.07
N THR A 108 10.57 6.74 -11.47
CA THR A 108 9.70 7.13 -12.57
C THR A 108 10.30 6.70 -13.91
N THR A 109 10.23 5.40 -14.17
CA THR A 109 10.69 4.88 -15.45
C THR A 109 9.63 3.94 -16.04
N GLY A 110 9.14 3.05 -15.20
CA GLY A 110 8.11 2.11 -15.61
C GLY A 110 6.87 2.22 -14.71
N THR A 111 6.40 1.07 -14.27
CA THR A 111 5.34 1.02 -13.27
C THR A 111 5.93 1.21 -11.87
N ASN A 112 6.21 2.46 -11.53
CA ASN A 112 6.84 2.77 -10.25
C ASN A 112 6.20 1.91 -9.16
N LEU A 113 6.99 0.99 -8.64
CA LEU A 113 6.47 0.01 -7.69
C LEU A 113 5.94 0.74 -6.45
N PHE A 114 6.81 1.51 -5.84
CA PHE A 114 6.47 2.19 -4.59
C PHE A 114 5.11 2.87 -4.69
N LEU A 115 4.95 3.65 -5.75
CA LEU A 115 3.71 4.37 -5.98
C LEU A 115 2.53 3.40 -5.85
N VAL A 116 2.75 2.19 -6.34
CA VAL A 116 1.71 1.17 -6.29
C VAL A 116 1.66 0.56 -4.90
N ALA A 117 2.85 0.38 -4.32
CA ALA A 117 2.96 -0.20 -3.00
C ALA A 117 2.08 0.61 -2.02
N ALA A 118 2.22 1.92 -2.10
CA ALA A 118 1.51 2.81 -1.20
C ALA A 118 0.00 2.66 -1.42
N HIS A 119 -0.46 2.68 -2.67
CA HIS A 119 -1.91 2.40 -3.03
C HIS A 119 -2.40 1.09 -2.38
N GLU A 120 -1.63 0.03 -2.55
CA GLU A 120 -1.98 -1.25 -1.98
C GLU A 120 -2.24 -1.11 -0.48
N ILE A 121 -1.20 -0.72 0.24
CA ILE A 121 -1.27 -0.66 1.69
C ILE A 121 -2.54 0.11 2.10
N GLY A 122 -2.80 1.18 1.39
CA GLY A 122 -3.98 1.98 1.65
C GLY A 122 -5.24 1.11 1.71
N HIS A 123 -5.36 0.23 0.72
CA HIS A 123 -6.48 -0.69 0.67
C HIS A 123 -6.45 -1.63 1.86
N SER A 124 -5.24 -2.01 2.24
CA SER A 124 -5.05 -2.93 3.35
C SER A 124 -5.45 -2.25 4.67
N LEU A 125 -5.19 -0.95 4.72
CA LEU A 125 -5.44 -0.20 5.94
C LEU A 125 -6.94 0.04 6.09
N GLY A 126 -7.41 1.13 5.50
CA GLY A 126 -8.81 1.49 5.59
C GLY A 126 -9.12 2.71 4.72
N LEU A 127 -8.55 2.69 3.51
CA LEU A 127 -8.90 3.68 2.51
C LEU A 127 -8.64 3.09 1.12
N PHE A 128 -9.57 3.38 0.22
CA PHE A 128 -9.59 2.71 -1.07
C PHE A 128 -9.34 3.71 -2.21
N HIS A 129 -10.31 4.59 -2.40
CA HIS A 129 -10.29 5.49 -3.54
C HIS A 129 -10.73 6.89 -3.12
N SER A 130 -10.02 7.88 -3.63
CA SER A 130 -10.30 9.26 -3.27
C SER A 130 -11.09 9.94 -4.39
N ALA A 131 -11.65 11.10 -4.06
CA ALA A 131 -12.36 11.89 -5.04
C ALA A 131 -11.36 12.70 -5.88
N ASN A 132 -10.17 12.86 -5.32
CA ASN A 132 -9.13 13.60 -6.00
C ASN A 132 -8.49 12.70 -7.07
N THR A 133 -8.05 13.34 -8.14
CA THR A 133 -7.43 12.61 -9.24
C THR A 133 -5.92 12.82 -9.24
N GLU A 134 -5.47 13.61 -8.27
CA GLU A 134 -4.04 13.89 -8.14
C GLU A 134 -3.46 13.10 -6.98
N ALA A 135 -4.33 12.41 -6.26
CA ALA A 135 -3.91 11.62 -5.13
C ALA A 135 -3.47 10.24 -5.60
N LEU A 136 -2.56 9.65 -4.84
CA LEU A 136 -2.03 8.34 -5.16
C LEU A 136 -3.07 7.27 -4.83
N MET A 137 -4.06 7.69 -4.05
CA MET A 137 -5.11 6.78 -3.62
C MET A 137 -6.18 6.62 -4.70
N TYR A 138 -6.05 7.42 -5.74
CA TYR A 138 -6.96 7.35 -6.88
C TYR A 138 -6.66 6.14 -7.74
N PRO A 139 -7.75 5.54 -8.28
CA PRO A 139 -7.62 4.35 -9.11
C PRO A 139 -7.09 4.70 -10.50
N LEU A 140 -5.90 5.28 -10.51
CA LEU A 140 -5.22 5.59 -11.76
C LEU A 140 -3.77 5.96 -11.47
N TYR A 141 -2.88 5.41 -12.28
CA TYR A 141 -1.46 5.70 -12.13
C TYR A 141 -1.18 7.20 -12.27
N HIS A 142 -0.20 7.66 -11.51
CA HIS A 142 0.14 9.07 -11.50
C HIS A 142 1.63 9.24 -11.20
N SER A 143 2.31 9.93 -12.11
CA SER A 143 3.74 10.15 -11.97
C SER A 143 4.01 11.62 -11.68
N LEU A 144 5.26 11.90 -11.32
CA LEU A 144 5.66 13.27 -11.02
C LEU A 144 7.08 13.50 -11.55
N THR A 145 7.36 14.75 -11.88
CA THR A 145 8.67 15.12 -12.39
C THR A 145 9.76 14.56 -11.47
N ASP A 146 9.48 14.57 -10.18
CA ASP A 146 10.40 14.01 -9.21
C ASP A 146 9.61 13.21 -8.17
N LEU A 147 9.71 11.89 -8.27
CA LEU A 147 8.95 11.01 -7.39
C LEU A 147 9.45 11.19 -5.96
N THR A 148 10.68 11.65 -5.84
CA THR A 148 11.29 11.84 -4.54
C THR A 148 10.54 12.92 -3.75
N ARG A 149 9.80 13.74 -4.49
CA ARG A 149 9.06 14.83 -3.89
C ARG A 149 7.60 14.44 -3.68
N PHE A 150 7.27 13.25 -4.16
CA PHE A 150 5.89 12.76 -4.08
C PHE A 150 5.31 13.01 -2.69
N ARG A 151 3.99 13.12 -2.65
CA ARG A 151 3.29 13.24 -1.37
C ARG A 151 1.83 12.79 -1.53
N LEU A 152 1.24 12.40 -0.41
CA LEU A 152 -0.18 12.08 -0.40
C LEU A 152 -0.99 13.37 -0.38
N SER A 153 -2.14 13.31 -1.03
CA SER A 153 -3.08 14.43 -1.02
C SER A 153 -3.70 14.57 0.36
N GLN A 154 -4.30 15.73 0.59
CA GLN A 154 -4.95 16.01 1.86
C GLN A 154 -6.14 15.07 2.06
N ASP A 155 -6.70 14.62 0.94
CA ASP A 155 -7.81 13.69 0.98
C ASP A 155 -7.34 12.37 1.62
N ASP A 156 -6.15 11.95 1.24
CA ASP A 156 -5.62 10.69 1.71
C ASP A 156 -5.43 10.75 3.23
N ILE A 157 -4.85 11.85 3.67
CA ILE A 157 -4.57 12.03 5.09
C ILE A 157 -5.88 12.20 5.84
N ASN A 158 -6.80 12.92 5.22
CA ASN A 158 -8.09 13.18 5.82
C ASN A 158 -8.68 11.87 6.33
N GLY A 159 -8.58 10.85 5.50
CA GLY A 159 -9.16 9.55 5.82
C GLY A 159 -8.30 8.79 6.82
N ILE A 160 -7.08 8.51 6.40
CA ILE A 160 -6.19 7.68 7.21
C ILE A 160 -6.08 8.26 8.61
N GLN A 161 -5.89 9.57 8.66
CA GLN A 161 -5.67 10.25 9.93
C GLN A 161 -6.97 10.29 10.73
N SER A 162 -8.08 10.22 10.01
CA SER A 162 -9.39 10.22 10.64
C SER A 162 -9.64 8.86 11.31
N LEU A 163 -9.15 7.82 10.66
CA LEU A 163 -9.25 6.48 11.20
C LEU A 163 -8.27 6.31 12.37
N TYR A 164 -7.24 7.14 12.34
CA TYR A 164 -6.23 7.11 13.39
C TYR A 164 -5.80 8.52 13.78
N GLY A 165 -4.80 9.02 13.07
CA GLY A 165 -4.35 10.39 13.28
C GLY A 165 -3.21 10.44 14.29
N PRO A 166 -2.03 10.94 13.80
CA PRO A 166 -0.87 11.08 14.65
C PRO A 166 -1.02 12.27 15.60
N PRO A 167 -0.13 12.32 16.63
CA PRO A 167 -0.15 13.40 17.60
C PRO A 167 0.43 14.68 16.99
N PRO A 168 0.16 15.82 17.70
CA PRO A 168 0.66 17.10 17.25
C PRO A 168 2.16 17.23 17.54
N ASP A 169 2.72 18.37 17.13
CA ASP A 169 4.13 18.64 17.34
C ASP A 169 4.38 18.83 18.84
N SER A 170 5.65 18.69 19.22
CA SER A 170 6.03 18.76 20.61
C SER A 170 5.62 20.11 21.19
N PRO A 171 6.08 21.19 20.51
CA PRO A 171 5.77 22.55 20.96
C PRO A 171 4.32 22.91 20.65
N GLU A 172 3.41 22.33 21.42
CA GLU A 172 2.00 22.60 21.25
C GLU A 172 1.69 24.06 21.59
N THR A 173 0.86 24.67 20.76
CA THR A 173 0.51 26.06 20.96
C THR A 173 -0.79 26.39 20.20
ZN ZN B . -7.43 0.91 -5.81
ZN ZN C . -6.29 -10.88 -5.24
C1 8MI D . -4.83 -1.20 -9.96
C2 8MI D . -5.35 -0.30 -8.81
C3 8MI D . -6.44 -1.07 -8.01
O4 8MI D . -7.25 -0.41 -7.37
O5 8MI D . -6.45 -2.29 -8.08
N6 8MI D . -5.83 0.97 -9.38
C7 8MI D . -4.82 1.57 -10.31
C8 8MI D . -3.43 1.63 -9.62
C9 8MI D . -3.46 2.58 -8.39
C10 8MI D . -2.20 3.45 -8.36
C11 8MI D . -2.32 4.85 -8.39
C12 8MI D . -1.16 5.64 -8.36
C13 8MI D . 0.10 5.05 -8.31
C14 8MI D . 0.22 3.65 -8.28
C15 8MI D . -0.93 2.85 -8.31
C16 8MI D . -4.68 0.76 -11.63
O17 8MI D . -3.58 0.39 -12.03
N18 8MI D . -5.79 0.50 -12.32
C19 8MI D . -5.82 -0.30 -13.60
C20 8MI D . -7.29 -0.51 -14.03
C21 8MI D . -7.93 -1.65 -13.19
C22 8MI D . -9.47 -1.56 -13.27
N23 8MI D . -10.08 -2.65 -12.43
C24 8MI D . -10.11 -2.65 -11.09
N25 8MI D . -10.61 -3.70 -10.47
N26 8MI D . -9.67 -1.62 -10.38
C27 8MI D . -5.03 0.46 -14.72
O28 8MI D . -5.56 1.35 -15.38
N29 8MI D . -3.76 0.09 -14.92
C30 8MI D . -3.00 0.74 -15.87
C31 8MI D . -3.24 0.50 -17.23
C32 8MI D . -2.48 1.14 -18.22
C33 8MI D . -1.46 2.03 -17.83
C34 8MI D . -1.21 2.28 -16.49
C35 8MI D . -1.98 1.64 -15.50
H36 8MI D . -5.52 -1.15 -10.79
H37 8MI D . -4.75 -2.22 -9.61
H38 8MI D . -3.86 -0.85 -10.28
H39 8MI D . -4.51 -0.10 -8.15
H40 8MI D . -6.05 1.64 -8.61
H41 8MI D . -5.12 2.58 -10.57
H42 8MI D . -2.69 1.98 -10.32
H43 8MI D . -3.16 0.64 -9.29
H44 8MI D . -3.50 1.99 -7.49
H45 8MI D . -4.33 3.21 -8.44
H46 8MI D . -3.29 5.31 -8.42
H47 8MI D . -1.25 6.71 -8.38
H48 8MI D . 0.99 5.66 -8.29
H49 8MI D . 1.20 3.20 -8.24
H50 8MI D . -0.83 1.78 -8.28
H51 8MI D . -6.68 0.81 -12.02
H52 8MI D . -5.35 -1.26 -13.44
H53 8MI D . -7.32 -0.78 -15.08
H54 8MI D . -7.85 0.40 -13.87
H55 8MI D . -7.62 -1.56 -12.17
H56 8MI D . -7.60 -2.61 -13.58
H57 8MI D . -9.78 -1.68 -14.29
H58 8MI D . -9.78 -0.59 -12.91
H59 8MI D . -10.47 -3.38 -12.96
H61 8MI D . -10.63 -3.71 -9.46
H62 8MI D . -9.31 -0.81 -10.85
H63 8MI D . -9.70 -1.64 -9.38
H64 8MI D . -3.34 -0.63 -14.42
H65 8MI D . -4.02 -0.19 -17.53
H66 8MI D . -2.66 0.96 -19.26
H67 8MI D . -0.87 2.53 -18.59
H68 8MI D . -0.43 2.96 -16.19
H69 8MI D . -1.79 1.82 -14.45
H60 8MI D . -10.95 -4.48 -10.99
H70 8MI D . -6.71 0.79 -9.91
N PHE A 1 -9.39 7.65 0.04
CA PHE A 1 -9.88 8.53 1.09
C PHE A 1 -11.00 7.86 1.88
N ARG A 2 -12.05 7.50 1.16
CA ARG A 2 -13.22 6.90 1.79
C ARG A 2 -12.82 5.64 2.57
N THR A 3 -13.77 5.15 3.36
CA THR A 3 -13.53 3.96 4.17
C THR A 3 -14.57 2.88 3.86
N PHE A 4 -14.36 1.72 4.44
CA PHE A 4 -15.30 0.63 4.30
C PHE A 4 -16.38 0.68 5.38
N PRO A 5 -17.42 -0.16 5.20
CA PRO A 5 -18.56 -0.17 6.11
C PRO A 5 -18.20 -0.83 7.44
N GLY A 6 -18.40 -0.08 8.52
CA GLY A 6 -18.00 -0.54 9.84
C GLY A 6 -16.58 -0.07 10.17
N ILE A 7 -15.97 0.60 9.20
CA ILE A 7 -14.61 1.08 9.37
C ILE A 7 -13.74 -0.05 9.93
N PRO A 8 -13.44 -1.03 9.04
CA PRO A 8 -12.50 -2.09 9.40
C PRO A 8 -11.07 -1.59 9.37
N LYS A 9 -10.35 -1.89 10.45
CA LYS A 9 -9.00 -1.39 10.61
C LYS A 9 -8.31 -2.15 11.75
N TRP A 10 -7.01 -2.35 11.59
CA TRP A 10 -6.23 -3.05 12.59
C TRP A 10 -6.46 -2.36 13.94
N ARG A 11 -6.42 -3.16 14.99
CA ARG A 11 -6.74 -2.67 16.33
C ARG A 11 -5.46 -2.29 17.07
N LYS A 12 -4.33 -2.53 16.42
CA LYS A 12 -3.04 -2.25 17.03
C LYS A 12 -2.27 -1.28 16.13
N THR A 13 -1.37 -0.54 16.76
CA THR A 13 -0.55 0.41 16.02
C THR A 13 0.76 -0.25 15.58
N HIS A 14 1.22 -1.18 16.40
CA HIS A 14 2.44 -1.92 16.09
C HIS A 14 2.16 -2.95 15.00
N LEU A 15 2.05 -2.45 13.77
CA LEU A 15 1.71 -3.30 12.64
C LEU A 15 2.95 -4.06 12.18
N THR A 16 2.71 -5.21 11.56
CA THR A 16 3.78 -6.01 11.01
C THR A 16 3.48 -6.36 9.55
N TYR A 17 4.54 -6.44 8.76
CA TYR A 17 4.41 -6.81 7.36
C TYR A 17 5.57 -7.71 6.93
N ARG A 18 5.41 -8.30 5.75
CA ARG A 18 6.37 -9.27 5.27
C ARG A 18 6.16 -9.52 3.77
N ILE A 19 7.27 -9.68 3.07
CA ILE A 19 7.23 -9.98 1.65
C ILE A 19 7.30 -11.50 1.46
N VAL A 20 6.28 -12.03 0.82
CA VAL A 20 6.18 -13.46 0.62
C VAL A 20 7.05 -13.88 -0.57
N ASN A 21 7.00 -13.05 -1.60
CA ASN A 21 7.77 -13.32 -2.81
C ASN A 21 7.95 -12.01 -3.59
N TYR A 22 8.80 -12.09 -4.61
CA TYR A 22 9.12 -10.91 -5.41
C TYR A 22 8.83 -11.16 -6.88
N THR A 23 9.17 -10.17 -7.70
CA THR A 23 8.91 -10.25 -9.13
C THR A 23 10.22 -10.37 -9.90
N PRO A 24 10.18 -11.20 -10.97
CA PRO A 24 11.34 -11.39 -11.82
C PRO A 24 11.58 -10.17 -12.72
N ASP A 25 11.91 -9.06 -12.08
CA ASP A 25 12.13 -7.82 -12.80
C ASP A 25 12.95 -6.86 -11.94
N LEU A 26 12.52 -6.73 -10.69
CA LEU A 26 13.22 -5.86 -9.75
C LEU A 26 14.06 -6.72 -8.80
N PRO A 27 15.07 -6.06 -8.17
CA PRO A 27 15.83 -6.68 -7.11
C PRO A 27 15.00 -6.73 -5.81
N LYS A 28 15.47 -7.53 -4.87
CA LYS A 28 14.72 -7.79 -3.66
C LYS A 28 14.65 -6.53 -2.80
N ASP A 29 15.82 -5.96 -2.56
CA ASP A 29 15.91 -4.77 -1.74
C ASP A 29 15.03 -3.67 -2.34
N ALA A 30 14.99 -3.64 -3.66
CA ALA A 30 14.26 -2.60 -4.37
C ALA A 30 12.78 -2.71 -4.02
N VAL A 31 12.28 -3.93 -4.08
CA VAL A 31 10.87 -4.18 -3.82
C VAL A 31 10.57 -3.86 -2.37
N ASP A 32 11.35 -4.45 -1.48
CA ASP A 32 11.18 -4.23 -0.06
C ASP A 32 11.18 -2.74 0.23
N SER A 33 11.95 -2.01 -0.57
CA SER A 33 12.05 -0.56 -0.41
C SER A 33 10.70 0.08 -0.69
N ALA A 34 10.06 -0.39 -1.76
CA ALA A 34 8.78 0.18 -2.17
C ALA A 34 7.78 0.04 -1.04
N VAL A 35 7.87 -1.08 -0.34
CA VAL A 35 6.99 -1.32 0.80
C VAL A 35 7.47 -0.49 1.99
N GLU A 36 8.75 -0.64 2.31
CA GLU A 36 9.37 0.22 3.30
C GLU A 36 8.96 1.68 3.09
N LYS A 37 8.79 2.03 1.83
CA LYS A 37 8.46 3.40 1.47
C LYS A 37 6.96 3.63 1.67
N ALA A 38 6.18 2.79 1.00
CA ALA A 38 4.73 2.92 1.06
C ALA A 38 4.28 2.95 2.52
N LEU A 39 4.91 2.10 3.32
CA LEU A 39 4.57 2.02 4.73
C LEU A 39 4.87 3.35 5.40
N LYS A 40 6.07 3.84 5.19
CA LYS A 40 6.53 5.05 5.84
C LYS A 40 5.65 6.23 5.38
N VAL A 41 5.24 6.16 4.12
CA VAL A 41 4.44 7.22 3.54
C VAL A 41 3.19 7.44 4.41
N TRP A 42 2.68 6.34 4.94
CA TRP A 42 1.47 6.40 5.75
C TRP A 42 1.88 6.72 7.18
N GLU A 43 3.04 6.22 7.57
CA GLU A 43 3.57 6.50 8.89
C GLU A 43 3.69 8.00 9.11
N GLU A 44 3.80 8.72 8.00
CA GLU A 44 3.98 10.17 8.06
C GLU A 44 2.66 10.85 8.43
N VAL A 45 1.57 10.12 8.23
CA VAL A 45 0.25 10.69 8.39
C VAL A 45 -0.60 9.78 9.28
N THR A 46 0.07 8.88 9.97
CA THR A 46 -0.58 8.07 10.98
C THR A 46 0.37 7.81 12.15
N PRO A 47 -0.24 7.45 13.32
CA PRO A 47 0.53 7.05 14.48
C PRO A 47 1.11 5.65 14.30
N LEU A 48 0.66 4.99 13.24
CA LEU A 48 0.97 3.58 13.05
C LEU A 48 2.48 3.40 12.98
N THR A 49 2.91 2.19 13.33
CA THR A 49 4.31 1.82 13.16
C THR A 49 4.43 0.41 12.59
N PHE A 50 5.32 0.27 11.62
CA PHE A 50 5.41 -0.97 10.87
C PHE A 50 6.75 -1.68 11.16
N SER A 51 6.66 -2.98 11.35
CA SER A 51 7.85 -3.79 11.60
C SER A 51 7.91 -4.95 10.63
N ARG A 52 9.13 -5.32 10.26
CA ARG A 52 9.34 -6.42 9.32
C ARG A 52 9.48 -7.74 10.08
N LEU A 53 9.05 -8.81 9.42
CA LEU A 53 9.17 -10.14 9.99
C LEU A 53 9.79 -11.08 8.96
N TYR A 54 10.84 -11.77 9.40
CA TYR A 54 11.54 -12.69 8.52
C TYR A 54 10.91 -14.09 8.57
N GLU A 55 9.95 -14.24 9.48
CA GLU A 55 9.22 -15.49 9.60
C GLU A 55 7.85 -15.24 10.23
N GLY A 56 7.08 -16.32 10.32
CA GLY A 56 5.77 -16.25 10.95
C GLY A 56 4.74 -15.63 10.01
N GLU A 57 3.70 -15.06 10.61
CA GLU A 57 2.64 -14.45 9.84
C GLU A 57 2.48 -12.98 10.23
N ALA A 58 2.95 -12.11 9.34
CA ALA A 58 2.82 -10.68 9.56
C ALA A 58 1.42 -10.22 9.17
N ASP A 59 1.00 -9.11 9.76
CA ASP A 59 -0.34 -8.60 9.54
C ASP A 59 -0.50 -8.23 8.06
N ILE A 60 0.57 -7.70 7.50
CA ILE A 60 0.56 -7.32 6.09
C ILE A 60 1.58 -8.17 5.32
N MET A 61 1.12 -9.34 4.91
CA MET A 61 1.97 -10.26 4.18
C MET A 61 1.88 -10.00 2.66
N ILE A 62 2.70 -9.06 2.21
CA ILE A 62 2.63 -8.62 0.83
C ILE A 62 3.16 -9.71 -0.09
N SER A 63 2.42 -9.97 -1.15
CA SER A 63 2.74 -11.05 -2.05
C SER A 63 2.46 -10.65 -3.50
N PHE A 64 3.03 -11.41 -4.42
CA PHE A 64 2.80 -11.17 -5.83
C PHE A 64 2.23 -12.42 -6.51
N ALA A 65 1.38 -12.18 -7.50
CA ALA A 65 0.79 -13.27 -8.25
C ALA A 65 0.28 -12.75 -9.59
N VAL A 66 -0.29 -13.65 -10.38
CA VAL A 66 -0.80 -13.30 -11.69
C VAL A 66 -2.17 -13.94 -11.90
N ARG A 67 -2.90 -13.41 -12.88
CA ARG A 67 -4.18 -13.98 -13.24
C ARG A 67 -4.83 -14.65 -12.02
N GLU A 68 -4.56 -15.94 -11.88
CA GLU A 68 -5.19 -16.72 -10.83
C GLU A 68 -4.25 -16.81 -9.62
N HIS A 69 -4.84 -16.63 -8.45
CA HIS A 69 -4.10 -16.82 -7.21
C HIS A 69 -5.09 -17.06 -6.05
N GLY A 70 -6.16 -17.75 -6.39
CA GLY A 70 -7.16 -18.10 -5.39
C GLY A 70 -8.20 -16.98 -5.22
N ASP A 71 -8.96 -17.07 -4.15
CA ASP A 71 -9.94 -16.05 -3.83
C ASP A 71 -10.69 -15.65 -5.11
N PHE A 72 -11.28 -14.47 -5.06
CA PHE A 72 -12.09 -13.99 -6.18
C PHE A 72 -11.60 -12.62 -6.65
N TYR A 73 -10.50 -12.65 -7.39
CA TYR A 73 -9.96 -11.44 -7.96
C TYR A 73 -9.03 -11.74 -9.14
N PRO A 74 -9.65 -12.09 -10.28
CA PRO A 74 -8.90 -12.65 -11.41
C PRO A 74 -8.10 -11.56 -12.13
N PHE A 75 -6.85 -11.45 -11.75
CA PHE A 75 -5.92 -10.59 -12.46
C PHE A 75 -6.00 -10.85 -13.97
N ASP A 76 -5.56 -9.85 -14.73
CA ASP A 76 -5.65 -9.92 -16.17
C ASP A 76 -4.35 -10.46 -16.74
N GLY A 77 -3.27 -9.72 -16.47
CA GLY A 77 -1.96 -10.09 -16.99
C GLY A 77 -1.10 -8.86 -17.23
N PRO A 78 -0.68 -8.69 -18.51
CA PRO A 78 0.14 -7.54 -18.88
C PRO A 78 -0.71 -6.27 -18.96
N GLY A 79 -0.48 -5.38 -18.01
CA GLY A 79 -1.27 -4.17 -17.92
C GLY A 79 -2.43 -4.36 -16.94
N ASN A 80 -3.49 -3.58 -17.16
CA ASN A 80 -4.67 -3.68 -16.34
C ASN A 80 -4.27 -3.65 -14.87
N VAL A 81 -5.11 -4.26 -14.04
CA VAL A 81 -4.83 -4.36 -12.62
C VAL A 81 -3.32 -4.54 -12.41
N LEU A 82 -2.70 -3.47 -11.92
CA LEU A 82 -1.29 -3.53 -11.56
C LEU A 82 -1.14 -4.21 -10.20
N ALA A 83 -2.04 -3.86 -9.30
CA ALA A 83 -2.04 -4.46 -7.98
C ALA A 83 -3.32 -4.08 -7.25
N HIS A 84 -3.84 -5.03 -6.48
CA HIS A 84 -5.04 -4.80 -5.70
C HIS A 84 -4.80 -5.26 -4.26
N ALA A 85 -5.72 -4.87 -3.39
CA ALA A 85 -5.62 -5.23 -1.98
C ALA A 85 -7.02 -5.24 -1.37
N TYR A 86 -7.14 -5.96 -0.26
CA TYR A 86 -8.41 -6.07 0.44
C TYR A 86 -8.43 -5.19 1.69
N ALA A 87 -9.64 -4.98 2.20
CA ALA A 87 -9.80 -4.37 3.50
C ALA A 87 -9.67 -5.46 4.58
N PRO A 88 -9.27 -5.02 5.80
CA PRO A 88 -8.94 -5.95 6.86
C PRO A 88 -10.20 -6.57 7.47
N GLY A 89 -10.38 -7.85 7.20
CA GLY A 89 -11.54 -8.57 7.70
C GLY A 89 -11.18 -10.00 8.08
N PRO A 90 -11.39 -10.93 7.12
CA PRO A 90 -11.00 -12.31 7.31
C PRO A 90 -9.49 -12.49 7.18
N GLY A 91 -9.05 -13.72 7.35
CA GLY A 91 -7.63 -14.02 7.41
C GLY A 91 -7.02 -14.02 6.01
N ILE A 92 -7.89 -14.03 5.01
CA ILE A 92 -7.44 -14.01 3.63
C ILE A 92 -7.20 -12.57 3.20
N ASN A 93 -7.88 -11.65 3.88
CA ASN A 93 -7.74 -10.24 3.58
C ASN A 93 -6.54 -9.67 4.35
N GLY A 94 -6.23 -8.41 4.06
CA GLY A 94 -5.09 -7.77 4.68
C GLY A 94 -3.86 -7.87 3.77
N ASP A 95 -3.69 -9.04 3.18
CA ASP A 95 -2.60 -9.26 2.25
C ASP A 95 -2.80 -8.37 1.01
N ALA A 96 -1.69 -7.87 0.50
CA ALA A 96 -1.74 -7.03 -0.69
C ALA A 96 -1.16 -7.81 -1.88
N HIS A 97 -1.98 -7.92 -2.92
CA HIS A 97 -1.62 -8.75 -4.06
C HIS A 97 -1.18 -7.85 -5.23
N PHE A 98 0.04 -8.06 -5.67
CA PHE A 98 0.56 -7.34 -6.82
C PHE A 98 0.54 -8.22 -8.07
N ASP A 99 0.62 -7.57 -9.22
CA ASP A 99 0.68 -8.28 -10.49
C ASP A 99 2.14 -8.58 -10.83
N ASP A 100 2.44 -9.86 -10.96
CA ASP A 100 3.77 -10.28 -11.34
C ASP A 100 3.90 -10.28 -12.86
N ASP A 101 2.75 -10.28 -13.52
CA ASP A 101 2.72 -10.37 -14.96
C ASP A 101 2.72 -8.97 -15.57
N GLU A 102 3.68 -8.17 -15.12
CA GLU A 102 3.88 -6.86 -15.70
C GLU A 102 5.21 -6.26 -15.22
N GLN A 103 5.62 -5.19 -15.89
CA GLN A 103 6.91 -4.58 -15.60
C GLN A 103 6.82 -3.73 -14.34
N TRP A 104 7.98 -3.54 -13.70
CA TRP A 104 8.05 -2.75 -12.49
C TRP A 104 9.32 -1.90 -12.56
N THR A 105 9.31 -0.83 -11.78
CA THR A 105 10.47 0.04 -11.71
C THR A 105 10.62 0.60 -10.29
N LYS A 106 11.75 1.28 -10.06
CA LYS A 106 12.05 1.82 -8.75
C LYS A 106 12.22 3.33 -8.86
N ASP A 107 11.57 3.90 -9.85
CA ASP A 107 11.66 5.33 -10.10
C ASP A 107 10.63 5.73 -11.15
N THR A 108 10.56 7.04 -11.40
CA THR A 108 9.60 7.57 -12.34
C THR A 108 10.04 7.30 -13.78
N THR A 109 9.76 6.09 -14.23
CA THR A 109 10.08 5.71 -15.60
C THR A 109 9.19 4.55 -16.05
N GLY A 110 9.01 3.60 -15.15
CA GLY A 110 8.09 2.50 -15.39
C GLY A 110 6.77 2.71 -14.63
N THR A 111 6.23 1.62 -14.12
CA THR A 111 5.16 1.71 -13.14
C THR A 111 5.73 1.75 -11.72
N ASN A 112 6.31 2.88 -11.39
CA ASN A 112 7.04 3.01 -10.13
C ASN A 112 6.35 2.16 -9.06
N LEU A 113 7.03 1.09 -8.68
CA LEU A 113 6.43 0.10 -7.79
C LEU A 113 5.87 0.79 -6.56
N PHE A 114 6.72 1.58 -5.92
CA PHE A 114 6.36 2.24 -4.68
C PHE A 114 4.99 2.90 -4.79
N LEU A 115 4.83 3.70 -5.84
CA LEU A 115 3.58 4.40 -6.07
C LEU A 115 2.42 3.42 -5.94
N VAL A 116 2.66 2.20 -6.40
CA VAL A 116 1.65 1.16 -6.32
C VAL A 116 1.61 0.59 -4.90
N ALA A 117 2.81 0.38 -4.37
CA ALA A 117 2.93 -0.18 -3.03
C ALA A 117 2.05 0.61 -2.06
N ALA A 118 2.13 1.93 -2.18
CA ALA A 118 1.41 2.81 -1.28
C ALA A 118 -0.10 2.60 -1.45
N HIS A 119 -0.60 2.68 -2.68
CA HIS A 119 -2.03 2.31 -3.02
C HIS A 119 -2.43 0.97 -2.35
N GLU A 120 -1.62 -0.06 -2.60
CA GLU A 120 -1.88 -1.38 -2.03
C GLU A 120 -2.09 -1.26 -0.52
N ILE A 121 -1.02 -0.86 0.16
CA ILE A 121 -1.05 -0.77 1.61
C ILE A 121 -2.32 -0.04 2.05
N GLY A 122 -2.62 1.04 1.34
CA GLY A 122 -3.79 1.84 1.66
C GLY A 122 -5.02 0.97 1.85
N HIS A 123 -5.24 0.08 0.89
CA HIS A 123 -6.38 -0.82 0.94
C HIS A 123 -6.26 -1.73 2.16
N SER A 124 -5.05 -2.21 2.38
CA SER A 124 -4.79 -3.11 3.49
C SER A 124 -5.13 -2.43 4.82
N LEU A 125 -4.86 -1.13 4.86
CA LEU A 125 -5.12 -0.35 6.07
C LEU A 125 -6.62 -0.13 6.21
N GLY A 126 -7.13 0.77 5.38
CA GLY A 126 -8.56 1.04 5.37
C GLY A 126 -8.88 2.26 4.49
N LEU A 127 -8.18 2.33 3.36
CA LEU A 127 -8.42 3.40 2.41
C LEU A 127 -8.94 2.80 1.10
N PHE A 128 -9.52 3.65 0.28
CA PHE A 128 -9.96 3.25 -1.05
C PHE A 128 -9.94 4.44 -2.01
N HIS A 129 -10.11 4.13 -3.30
CA HIS A 129 -9.83 5.10 -4.33
C HIS A 129 -10.43 6.45 -3.96
N SER A 130 -9.57 7.46 -3.96
CA SER A 130 -9.99 8.80 -3.56
C SER A 130 -10.69 9.48 -4.74
N ALA A 131 -11.21 10.66 -4.47
CA ALA A 131 -11.87 11.46 -5.50
C ALA A 131 -10.83 12.35 -6.20
N ASN A 132 -9.87 12.80 -5.41
CA ASN A 132 -8.81 13.65 -5.93
C ASN A 132 -7.98 12.86 -6.94
N THR A 133 -7.47 13.58 -7.93
CA THR A 133 -6.67 12.96 -8.97
C THR A 133 -5.18 13.11 -8.67
N GLU A 134 -4.86 14.18 -7.94
CA GLU A 134 -3.48 14.43 -7.56
C GLU A 134 -3.02 13.42 -6.52
N ALA A 135 -4.00 12.78 -5.89
CA ALA A 135 -3.71 11.82 -4.84
C ALA A 135 -3.17 10.53 -5.48
N LEU A 136 -2.50 9.74 -4.66
CA LEU A 136 -1.95 8.48 -5.12
C LEU A 136 -2.98 7.37 -4.91
N MET A 137 -3.88 7.61 -3.97
CA MET A 137 -4.96 6.67 -3.71
C MET A 137 -5.84 6.50 -4.94
N TYR A 138 -5.86 7.54 -5.76
CA TYR A 138 -6.56 7.48 -7.04
C TYR A 138 -6.10 6.26 -7.85
N PRO A 139 -7.06 5.70 -8.64
CA PRO A 139 -6.81 4.46 -9.34
C PRO A 139 -5.90 4.68 -10.55
N LEU A 140 -6.16 5.76 -11.27
CA LEU A 140 -5.43 6.06 -12.48
C LEU A 140 -4.00 6.48 -12.13
N TYR A 141 -3.05 5.92 -12.85
CA TYR A 141 -1.64 6.19 -12.59
C TYR A 141 -1.32 7.66 -12.81
N HIS A 142 -0.32 8.14 -12.08
CA HIS A 142 0.12 9.51 -12.20
C HIS A 142 1.51 9.67 -11.59
N SER A 143 2.29 10.56 -12.19
CA SER A 143 3.65 10.77 -11.75
C SER A 143 3.81 12.19 -11.18
N LEU A 144 5.05 12.53 -10.84
CA LEU A 144 5.34 13.84 -10.29
C LEU A 144 6.75 14.26 -10.70
N THR A 145 6.97 15.56 -10.68
CA THR A 145 8.29 16.10 -11.03
C THR A 145 9.37 15.42 -10.21
N ASP A 146 9.04 15.15 -8.95
CA ASP A 146 9.97 14.46 -8.06
C ASP A 146 9.19 13.50 -7.17
N LEU A 147 9.65 12.25 -7.17
CA LEU A 147 8.91 11.18 -6.51
C LEU A 147 9.50 10.95 -5.12
N THR A 148 10.73 11.39 -4.95
CA THR A 148 11.43 11.18 -3.69
C THR A 148 10.89 12.13 -2.61
N ARG A 149 10.24 13.17 -3.07
CA ARG A 149 9.58 14.11 -2.16
C ARG A 149 8.07 13.88 -2.16
N PHE A 150 7.64 12.99 -3.04
CA PHE A 150 6.22 12.69 -3.17
C PHE A 150 5.53 12.67 -1.81
N ARG A 151 4.24 12.99 -1.83
CA ARG A 151 3.44 12.92 -0.63
C ARG A 151 1.96 12.75 -0.99
N LEU A 152 1.22 12.21 -0.03
CA LEU A 152 -0.20 11.97 -0.25
C LEU A 152 -0.97 13.29 -0.12
N SER A 153 -2.04 13.39 -0.89
CA SER A 153 -2.87 14.58 -0.86
C SER A 153 -3.72 14.60 0.41
N GLN A 154 -4.18 15.79 0.76
CA GLN A 154 -5.00 15.96 1.95
C GLN A 154 -6.20 15.01 1.91
N ASP A 155 -6.66 14.75 0.70
CA ASP A 155 -7.78 13.84 0.52
C ASP A 155 -7.48 12.51 1.19
N ASP A 156 -6.23 12.10 1.08
CA ASP A 156 -5.81 10.80 1.58
C ASP A 156 -5.62 10.87 3.10
N ILE A 157 -4.92 11.91 3.52
CA ILE A 157 -4.61 12.08 4.93
C ILE A 157 -5.91 12.20 5.72
N ASN A 158 -6.87 12.89 5.13
CA ASN A 158 -8.16 13.08 5.76
C ASN A 158 -8.73 11.72 6.18
N GLY A 159 -8.63 10.78 5.28
CA GLY A 159 -9.21 9.46 5.50
C GLY A 159 -8.34 8.64 6.46
N ILE A 160 -7.05 8.58 6.13
CA ILE A 160 -6.13 7.74 6.88
C ILE A 160 -6.12 8.19 8.34
N GLN A 161 -6.38 9.47 8.54
CA GLN A 161 -6.41 10.03 9.89
C GLN A 161 -7.77 9.74 10.53
N SER A 162 -8.80 9.74 9.70
CA SER A 162 -10.14 9.41 10.16
C SER A 162 -10.16 7.98 10.71
N LEU A 163 -9.24 7.18 10.22
CA LEU A 163 -9.10 5.81 10.70
C LEU A 163 -8.29 5.82 12.00
N TYR A 164 -7.34 6.74 12.07
CA TYR A 164 -6.47 6.83 13.23
C TYR A 164 -6.14 8.29 13.56
N GLY A 165 -5.14 8.81 12.87
CA GLY A 165 -4.71 10.18 13.08
C GLY A 165 -3.58 10.26 14.11
N PRO A 166 -2.43 10.81 13.66
CA PRO A 166 -1.28 10.95 14.53
C PRO A 166 -1.47 12.10 15.52
N PRO A 167 -0.58 12.13 16.55
CA PRO A 167 -0.64 13.17 17.56
C PRO A 167 -0.11 14.51 17.00
N PRO A 168 -0.42 15.60 17.76
CA PRO A 168 0.02 16.92 17.37
C PRO A 168 1.52 17.10 17.64
N ASP A 169 2.01 18.28 17.28
CA ASP A 169 3.41 18.60 17.48
C ASP A 169 3.73 18.52 18.98
N SER A 170 4.94 18.06 19.27
CA SER A 170 5.37 17.90 20.64
C SER A 170 6.70 17.15 20.69
N PRO A 171 6.70 15.93 20.08
CA PRO A 171 7.90 15.12 20.04
C PRO A 171 8.91 15.67 19.01
N GLU A 172 9.52 16.79 19.39
CA GLU A 172 10.50 17.43 18.53
C GLU A 172 11.79 16.62 18.49
N THR A 173 12.30 16.43 17.28
CA THR A 173 13.53 15.66 17.11
C THR A 173 14.70 16.60 16.82
ZN ZN B . -7.27 -0.18 -5.59
ZN ZN C . -5.25 -10.82 -5.07
C1 8MI D . -6.97 0.35 -8.51
C2 8MI D . -6.15 -0.88 -8.95
C3 8MI D . -6.39 -2.03 -7.94
O4 8MI D . -6.75 -1.75 -6.82
O5 8MI D . -6.19 -3.18 -8.31
N6 8MI D . -4.73 -0.49 -9.09
C7 8MI D . -4.59 0.81 -9.80
C8 8MI D . -3.09 1.23 -9.84
C9 8MI D . -2.55 1.50 -8.42
C10 8MI D . -1.58 2.68 -8.42
C11 8MI D . -0.45 2.66 -9.24
C12 8MI D . 0.44 3.75 -9.24
C13 8MI D . 0.20 4.85 -8.42
C14 8MI D . -0.94 4.88 -7.60
C15 8MI D . -1.82 3.79 -7.60
C16 8MI D . -5.12 0.75 -11.26
O17 8MI D . -5.59 1.73 -11.79
N18 8MI D . -5.07 -0.42 -11.88
C19 8MI D . -5.50 -0.64 -13.32
C20 8MI D . -7.03 -0.36 -13.42
C21 8MI D . -7.84 -1.56 -12.91
C22 8MI D . -9.34 -1.30 -13.08
N23 8MI D . -10.14 -2.49 -12.60
C24 8MI D . -10.27 -3.64 -13.28
N25 8MI D . -10.96 -4.62 -12.74
N26 8MI D . -9.73 -3.81 -14.48
C27 8MI D . -4.70 0.30 -14.26
O28 8MI D . -5.02 1.46 -14.44
N29 8MI D . -3.65 -0.23 -14.90
C30 8MI D . -2.88 0.55 -15.73
C31 8MI D . -2.68 0.15 -17.07
C32 8MI D . -1.90 0.94 -17.93
C33 8MI D . -1.31 2.12 -17.45
C34 8MI D . -1.50 2.51 -16.13
C35 8MI D . -2.28 1.73 -15.27
H36 8MI D . -7.16 0.98 -9.37
H37 8MI D . -6.40 0.92 -7.77
H38 8MI D . -7.91 0.03 -8.08
H39 8MI D . -6.53 -1.19 -9.92
H40 8MI D . -4.22 -1.24 -9.60
H41 8MI D . -5.14 1.57 -9.27
H42 8MI D . -2.99 2.13 -10.44
H43 8MI D . -2.52 0.44 -10.28
H44 8MI D . -2.02 0.62 -8.07
H45 8MI D . -3.37 1.70 -7.74
H46 8MI D . -0.25 1.81 -9.88
H47 8MI D . 1.31 3.73 -9.88
H48 8MI D . 0.88 5.69 -8.43
H49 8MI D . -1.12 5.73 -6.97
H50 8MI D . -2.70 3.82 -6.96
H51 8MI D . -4.71 -1.23 -11.46
H52 8MI D . -5.31 -1.66 -13.60
H53 8MI D . -7.29 -0.16 -14.46
H54 8MI D . -7.26 0.52 -12.83
H55 8MI D . -7.63 -1.72 -11.86
H56 8MI D . -7.56 -2.45 -13.46
H57 8MI D . -9.56 -1.13 -14.12
H58 8MI D . -9.63 -0.43 -12.50
H59 8MI D . -10.56 -2.35 -11.73
H61 8MI D . -11.07 -5.49 -13.23
H62 8MI D . -9.19 -3.07 -14.89
H63 8MI D . -9.83 -4.67 -14.96
H64 8MI D . -3.41 -1.17 -14.81
H65 8MI D . -3.13 -0.75 -17.44
H66 8MI D . -1.75 0.64 -18.94
H67 8MI D . -0.71 2.71 -18.12
H68 8MI D . -1.04 3.42 -15.77
H69 8MI D . -2.43 2.04 -14.24
H60 8MI D . -11.37 -4.51 -11.83
H70 8MI D . -4.32 -0.41 -8.13
N PHE A 1 -11.22 8.53 -0.43
CA PHE A 1 -11.19 8.15 0.97
C PHE A 1 -12.60 7.74 1.45
N ARG A 2 -12.66 6.58 2.08
CA ARG A 2 -13.90 6.13 2.68
C ARG A 2 -13.65 4.84 3.48
N THR A 3 -14.70 4.41 4.17
CA THR A 3 -14.59 3.26 5.04
C THR A 3 -15.50 2.13 4.54
N PHE A 4 -14.95 0.92 4.55
CA PHE A 4 -15.73 -0.26 4.27
C PHE A 4 -16.81 -0.49 5.33
N PRO A 5 -17.67 -1.50 5.05
CA PRO A 5 -18.74 -1.84 5.99
C PRO A 5 -18.18 -2.60 7.20
N GLY A 6 -17.86 -1.84 8.24
CA GLY A 6 -17.21 -2.41 9.41
C GLY A 6 -16.06 -1.51 9.88
N ILE A 7 -15.73 -0.53 9.04
CA ILE A 7 -14.69 0.43 9.37
C ILE A 7 -13.35 -0.30 9.45
N PRO A 8 -12.54 -0.14 8.37
CA PRO A 8 -11.25 -0.78 8.30
C PRO A 8 -10.23 -0.08 9.20
N LYS A 9 -9.57 -0.87 10.03
CA LYS A 9 -8.55 -0.33 10.92
C LYS A 9 -8.09 -1.43 11.87
N TRP A 10 -6.77 -1.67 11.85
CA TRP A 10 -6.19 -2.67 12.74
C TRP A 10 -6.37 -2.19 14.18
N ARG A 11 -6.44 -3.16 15.08
CA ARG A 11 -6.75 -2.84 16.47
C ARG A 11 -5.47 -2.52 17.24
N LYS A 12 -4.34 -2.65 16.54
CA LYS A 12 -3.06 -2.35 17.14
C LYS A 12 -2.30 -1.37 16.25
N THR A 13 -1.43 -0.59 16.89
CA THR A 13 -0.66 0.40 16.17
C THR A 13 0.65 -0.21 15.66
N HIS A 14 1.24 -1.05 16.49
CA HIS A 14 2.49 -1.71 16.14
C HIS A 14 2.21 -2.81 15.12
N LEU A 15 2.04 -2.40 13.88
CA LEU A 15 1.69 -3.33 12.81
C LEU A 15 2.94 -4.10 12.38
N THR A 16 2.70 -5.25 11.76
CA THR A 16 3.79 -6.02 11.17
C THR A 16 3.46 -6.37 9.72
N TYR A 17 4.51 -6.50 8.92
CA TYR A 17 4.36 -6.85 7.53
C TYR A 17 5.50 -7.77 7.06
N ARG A 18 5.32 -8.32 5.87
CA ARG A 18 6.30 -9.25 5.32
C ARG A 18 6.05 -9.46 3.83
N ILE A 19 7.14 -9.60 3.09
CA ILE A 19 7.06 -9.90 1.68
C ILE A 19 7.36 -11.39 1.46
N VAL A 20 6.36 -12.10 0.96
CA VAL A 20 6.46 -13.54 0.81
C VAL A 20 7.35 -13.86 -0.39
N ASN A 21 7.17 -13.10 -1.46
CA ASN A 21 7.91 -13.32 -2.68
C ASN A 21 8.05 -12.00 -3.44
N TYR A 22 8.85 -12.03 -4.49
CA TYR A 22 9.11 -10.84 -5.28
C TYR A 22 8.75 -11.06 -6.74
N THR A 23 9.14 -10.10 -7.57
CA THR A 23 8.83 -10.15 -8.99
C THR A 23 10.11 -10.29 -9.81
N PRO A 24 9.99 -11.07 -10.92
CA PRO A 24 11.13 -11.29 -11.79
C PRO A 24 11.42 -10.06 -12.64
N ASP A 25 11.78 -8.97 -11.97
CA ASP A 25 12.06 -7.73 -12.66
C ASP A 25 12.95 -6.85 -11.76
N LEU A 26 12.53 -6.74 -10.51
CA LEU A 26 13.25 -5.91 -9.55
C LEU A 26 14.05 -6.81 -8.62
N PRO A 27 15.07 -6.19 -7.95
CA PRO A 27 15.81 -6.87 -6.91
C PRO A 27 14.99 -6.97 -5.62
N LYS A 28 15.51 -7.75 -4.68
CA LYS A 28 14.78 -8.05 -3.46
C LYS A 28 14.65 -6.78 -2.62
N ASP A 29 15.79 -6.24 -2.25
CA ASP A 29 15.82 -5.05 -1.41
C ASP A 29 14.92 -3.98 -2.01
N ALA A 30 14.89 -3.95 -3.33
CA ALA A 30 14.15 -2.93 -4.05
C ALA A 30 12.66 -3.07 -3.73
N VAL A 31 12.19 -4.31 -3.78
CA VAL A 31 10.79 -4.59 -3.54
C VAL A 31 10.44 -4.26 -2.10
N ASP A 32 11.24 -4.82 -1.19
CA ASP A 32 11.02 -4.58 0.23
C ASP A 32 11.03 -3.08 0.50
N SER A 33 11.82 -2.37 -0.28
CA SER A 33 11.91 -0.92 -0.15
C SER A 33 10.55 -0.28 -0.47
N ALA A 34 9.95 -0.75 -1.56
CA ALA A 34 8.68 -0.23 -1.99
C ALA A 34 7.68 -0.30 -0.83
N VAL A 35 7.77 -1.39 -0.09
CA VAL A 35 6.90 -1.57 1.07
C VAL A 35 7.38 -0.65 2.19
N GLU A 36 8.66 -0.75 2.51
CA GLU A 36 9.27 0.13 3.49
C GLU A 36 8.82 1.57 3.24
N LYS A 37 8.65 1.90 1.96
CA LYS A 37 8.29 3.25 1.58
C LYS A 37 6.79 3.45 1.76
N ALA A 38 6.03 2.58 1.09
CA ALA A 38 4.58 2.69 1.10
C ALA A 38 4.08 2.76 2.56
N LEU A 39 4.75 1.99 3.40
CA LEU A 39 4.39 1.94 4.81
C LEU A 39 4.67 3.29 5.46
N LYS A 40 5.90 3.75 5.28
CA LYS A 40 6.37 4.95 5.96
C LYS A 40 5.52 6.14 5.48
N VAL A 41 5.10 6.06 4.23
CA VAL A 41 4.33 7.14 3.64
C VAL A 41 3.12 7.44 4.53
N TRP A 42 2.61 6.39 5.16
CA TRP A 42 1.41 6.51 5.98
C TRP A 42 1.86 6.77 7.42
N GLU A 43 3.00 6.20 7.76
CA GLU A 43 3.57 6.40 9.09
C GLU A 43 3.71 7.90 9.38
N GLU A 44 3.80 8.67 8.30
CA GLU A 44 4.04 10.10 8.42
C GLU A 44 2.73 10.82 8.78
N VAL A 45 1.63 10.14 8.51
CA VAL A 45 0.32 10.75 8.66
C VAL A 45 -0.58 9.84 9.50
N THR A 46 0.06 8.92 10.21
CA THR A 46 -0.63 8.10 11.18
C THR A 46 0.27 7.81 12.38
N PRO A 47 -0.38 7.43 13.52
CA PRO A 47 0.36 7.03 14.70
C PRO A 47 0.93 5.62 14.53
N LEU A 48 0.45 4.94 13.50
CA LEU A 48 0.79 3.54 13.29
C LEU A 48 2.31 3.40 13.21
N THR A 49 2.78 2.20 13.55
CA THR A 49 4.18 1.88 13.40
C THR A 49 4.34 0.47 12.82
N PHE A 50 5.21 0.36 11.82
CA PHE A 50 5.35 -0.87 11.07
C PHE A 50 6.67 -1.58 11.40
N SER A 51 6.56 -2.86 11.67
CA SER A 51 7.74 -3.67 11.96
C SER A 51 7.86 -4.80 10.94
N ARG A 52 9.05 -5.34 10.83
CA ARG A 52 9.31 -6.44 9.91
C ARG A 52 9.61 -7.73 10.69
N LEU A 53 9.26 -8.85 10.07
CA LEU A 53 9.50 -10.15 10.67
C LEU A 53 10.24 -11.04 9.69
N TYR A 54 11.37 -11.57 10.13
CA TYR A 54 12.20 -12.40 9.28
C TYR A 54 11.63 -13.81 9.16
N GLU A 55 10.65 -14.09 10.00
CA GLU A 55 9.96 -15.37 9.94
C GLU A 55 8.59 -15.26 10.62
N GLY A 56 7.80 -16.31 10.46
CA GLY A 56 6.49 -16.37 11.09
C GLY A 56 5.43 -15.69 10.21
N GLU A 57 4.47 -15.07 10.89
CA GLU A 57 3.39 -14.40 10.18
C GLU A 57 3.38 -12.90 10.52
N ALA A 58 2.93 -12.11 9.55
CA ALA A 58 2.82 -10.68 9.75
C ALA A 58 1.41 -10.23 9.35
N ASP A 59 1.00 -9.11 9.92
CA ASP A 59 -0.34 -8.60 9.70
C ASP A 59 -0.54 -8.29 8.23
N ILE A 60 0.51 -7.72 7.63
CA ILE A 60 0.48 -7.38 6.22
C ILE A 60 1.47 -8.26 5.45
N MET A 61 1.00 -9.41 5.04
CA MET A 61 1.84 -10.37 4.33
C MET A 61 1.78 -10.13 2.82
N ILE A 62 2.58 -9.19 2.37
CA ILE A 62 2.54 -8.77 0.97
C ILE A 62 3.11 -9.89 0.10
N SER A 63 2.52 -10.02 -1.09
CA SER A 63 2.94 -11.05 -2.02
C SER A 63 2.60 -10.64 -3.45
N PHE A 64 3.29 -11.27 -4.39
CA PHE A 64 3.00 -11.06 -5.80
C PHE A 64 2.37 -12.32 -6.42
N ALA A 65 1.38 -12.08 -7.26
CA ALA A 65 0.63 -13.18 -7.85
C ALA A 65 0.16 -12.78 -9.25
N VAL A 66 -0.20 -13.79 -10.03
CA VAL A 66 -0.96 -13.57 -11.25
C VAL A 66 -2.17 -14.51 -11.27
N ARG A 67 -2.89 -14.46 -12.39
CA ARG A 67 -4.03 -15.35 -12.58
C ARG A 67 -4.77 -15.55 -11.26
N GLU A 68 -5.50 -16.65 -11.18
CA GLU A 68 -6.16 -17.05 -9.96
C GLU A 68 -5.12 -17.30 -8.86
N HIS A 69 -5.10 -16.40 -7.89
CA HIS A 69 -4.16 -16.50 -6.78
C HIS A 69 -4.93 -16.67 -5.47
N GLY A 70 -6.24 -16.85 -5.60
CA GLY A 70 -7.09 -16.98 -4.44
C GLY A 70 -8.55 -16.67 -4.79
N ASP A 71 -8.94 -15.43 -4.56
CA ASP A 71 -10.28 -14.98 -4.89
C ASP A 71 -10.40 -14.83 -6.41
N PHE A 72 -11.59 -14.44 -6.85
CA PHE A 72 -11.87 -14.32 -8.26
C PHE A 72 -11.39 -12.96 -8.80
N TYR A 73 -10.10 -12.89 -9.07
CA TYR A 73 -9.51 -11.68 -9.62
C TYR A 73 -8.19 -11.98 -10.30
N PRO A 74 -8.27 -12.79 -11.40
CA PRO A 74 -7.08 -13.31 -12.04
C PRO A 74 -6.35 -12.23 -12.84
N PHE A 75 -5.03 -12.25 -12.73
CA PHE A 75 -4.20 -11.37 -13.55
C PHE A 75 -3.76 -12.09 -14.83
N ASP A 76 -3.87 -11.37 -15.94
CA ASP A 76 -3.54 -11.95 -17.23
C ASP A 76 -3.17 -10.84 -18.21
N GLY A 77 -4.16 -10.01 -18.50
CA GLY A 77 -3.99 -8.97 -19.50
C GLY A 77 -2.77 -8.09 -19.19
N PRO A 78 -2.13 -7.59 -20.27
CA PRO A 78 -1.00 -6.69 -20.12
C PRO A 78 -1.47 -5.28 -19.71
N GLY A 79 -0.74 -4.71 -18.76
CA GLY A 79 -1.15 -3.45 -18.18
C GLY A 79 -2.31 -3.63 -17.20
N ASN A 80 -3.31 -2.78 -17.36
CA ASN A 80 -4.51 -2.87 -16.53
C ASN A 80 -4.11 -3.02 -15.07
N VAL A 81 -4.95 -3.73 -14.32
CA VAL A 81 -4.65 -4.01 -12.93
C VAL A 81 -3.13 -4.14 -12.75
N LEU A 82 -2.58 -3.19 -12.00
CA LEU A 82 -1.16 -3.24 -11.67
C LEU A 82 -0.98 -3.97 -10.34
N ALA A 83 -1.97 -3.79 -9.46
CA ALA A 83 -1.94 -4.46 -8.18
C ALA A 83 -3.19 -4.06 -7.38
N HIS A 84 -3.74 -5.04 -6.67
CA HIS A 84 -4.94 -4.81 -5.89
C HIS A 84 -4.67 -5.17 -4.43
N ALA A 85 -5.62 -4.82 -3.57
CA ALA A 85 -5.51 -5.11 -2.15
C ALA A 85 -6.91 -5.17 -1.54
N TYR A 86 -6.97 -5.74 -0.35
CA TYR A 86 -8.25 -5.96 0.32
C TYR A 86 -8.27 -5.28 1.69
N ALA A 87 -9.48 -4.91 2.11
CA ALA A 87 -9.69 -4.46 3.47
C ALA A 87 -9.32 -5.58 4.44
N PRO A 88 -9.42 -5.25 5.76
CA PRO A 88 -9.10 -6.22 6.80
C PRO A 88 -10.22 -7.25 6.94
N GLY A 89 -9.82 -8.45 7.36
CA GLY A 89 -10.75 -9.54 7.50
C GLY A 89 -10.03 -10.86 7.81
N PRO A 90 -10.44 -11.92 7.08
CA PRO A 90 -9.80 -13.22 7.22
C PRO A 90 -8.43 -13.22 6.51
N GLY A 91 -7.84 -14.41 6.45
CA GLY A 91 -6.47 -14.53 6.00
C GLY A 91 -6.33 -14.12 4.53
N ILE A 92 -7.47 -14.05 3.86
CA ILE A 92 -7.49 -13.66 2.45
C ILE A 92 -7.53 -12.14 2.35
N ASN A 93 -8.07 -11.51 3.39
CA ASN A 93 -8.10 -10.06 3.44
C ASN A 93 -6.84 -9.55 4.12
N GLY A 94 -6.65 -8.23 4.05
CA GLY A 94 -5.53 -7.59 4.71
C GLY A 94 -4.28 -7.65 3.83
N ASP A 95 -4.12 -8.77 3.14
CA ASP A 95 -2.95 -8.98 2.31
C ASP A 95 -3.08 -8.13 1.04
N ALA A 96 -1.93 -7.71 0.53
CA ALA A 96 -1.89 -6.91 -0.68
C ALA A 96 -1.18 -7.69 -1.78
N HIS A 97 -1.95 -8.05 -2.80
CA HIS A 97 -1.42 -8.82 -3.90
C HIS A 97 -1.00 -7.88 -5.03
N PHE A 98 0.29 -7.96 -5.37
CA PHE A 98 0.79 -7.25 -6.54
C PHE A 98 0.69 -8.11 -7.80
N ASP A 99 0.59 -7.43 -8.93
CA ASP A 99 0.46 -8.12 -10.21
C ASP A 99 1.85 -8.51 -10.72
N ASP A 100 2.14 -9.80 -10.63
CA ASP A 100 3.43 -10.30 -11.08
C ASP A 100 3.45 -10.34 -12.61
N ASP A 101 2.26 -10.40 -13.19
CA ASP A 101 2.13 -10.40 -14.63
C ASP A 101 2.24 -8.95 -15.14
N GLU A 102 3.28 -8.27 -14.68
CA GLU A 102 3.51 -6.90 -15.10
C GLU A 102 4.93 -6.47 -14.74
N GLN A 103 5.46 -5.54 -15.53
CA GLN A 103 6.78 -5.01 -15.29
C GLN A 103 6.74 -4.06 -14.08
N TRP A 104 7.90 -3.88 -13.47
CA TRP A 104 8.02 -3.00 -12.32
C TRP A 104 9.35 -2.25 -12.42
N THR A 105 9.39 -1.10 -11.79
CA THR A 105 10.61 -0.30 -11.76
C THR A 105 10.80 0.33 -10.38
N LYS A 106 11.99 0.88 -10.17
CA LYS A 106 12.32 1.48 -8.90
C LYS A 106 12.02 2.98 -8.96
N ASP A 107 12.01 3.50 -10.18
CA ASP A 107 11.85 4.93 -10.38
C ASP A 107 10.84 5.17 -11.51
N THR A 108 10.64 6.43 -11.82
CA THR A 108 9.69 6.81 -12.86
C THR A 108 10.22 6.43 -14.24
N THR A 109 10.14 5.14 -14.53
CA THR A 109 10.56 4.63 -15.82
C THR A 109 9.53 3.65 -16.37
N GLY A 110 9.13 2.72 -15.53
CA GLY A 110 8.09 1.77 -15.89
C GLY A 110 6.87 1.92 -14.99
N THR A 111 6.42 0.78 -14.46
CA THR A 111 5.39 0.78 -13.44
C THR A 111 6.01 0.95 -12.05
N ASN A 112 6.20 2.20 -11.67
CA ASN A 112 6.81 2.51 -10.38
C ASN A 112 6.16 1.64 -9.31
N LEU A 113 6.99 0.78 -8.72
CA LEU A 113 6.51 -0.18 -7.74
C LEU A 113 6.05 0.57 -6.49
N PHE A 114 7.02 1.16 -5.80
CA PHE A 114 6.74 1.87 -4.56
C PHE A 114 5.48 2.70 -4.68
N LEU A 115 5.43 3.51 -5.73
CA LEU A 115 4.32 4.41 -5.93
C LEU A 115 3.00 3.61 -5.92
N VAL A 116 3.08 2.42 -6.50
CA VAL A 116 1.92 1.54 -6.54
C VAL A 116 1.75 0.88 -5.18
N ALA A 117 2.87 0.62 -4.53
CA ALA A 117 2.87 -0.06 -3.25
C ALA A 117 2.02 0.73 -2.26
N ALA A 118 2.15 2.04 -2.34
CA ALA A 118 1.41 2.93 -1.45
C ALA A 118 -0.09 2.74 -1.68
N HIS A 119 -0.54 2.73 -2.93
CA HIS A 119 -1.99 2.49 -3.31
C HIS A 119 -2.50 1.15 -2.71
N GLU A 120 -1.77 0.08 -3.00
CA GLU A 120 -2.11 -1.22 -2.45
C GLU A 120 -2.29 -1.12 -0.93
N ILE A 121 -1.22 -0.75 -0.26
CA ILE A 121 -1.23 -0.66 1.19
C ILE A 121 -2.44 0.17 1.64
N GLY A 122 -2.72 1.20 0.87
CA GLY A 122 -3.85 2.07 1.17
C GLY A 122 -5.11 1.26 1.45
N HIS A 123 -5.33 0.26 0.59
CA HIS A 123 -6.50 -0.60 0.74
C HIS A 123 -6.32 -1.50 1.96
N SER A 124 -5.10 -1.95 2.14
CA SER A 124 -4.79 -2.83 3.28
C SER A 124 -5.13 -2.11 4.59
N LEU A 125 -4.83 -0.82 4.62
CA LEU A 125 -5.05 -0.04 5.82
C LEU A 125 -6.55 0.23 5.98
N GLY A 126 -7.06 1.08 5.08
CA GLY A 126 -8.48 1.40 5.09
C GLY A 126 -8.75 2.70 4.32
N LEU A 127 -8.19 2.75 3.12
CA LEU A 127 -8.46 3.87 2.22
C LEU A 127 -9.00 3.33 0.90
N PHE A 128 -9.80 4.15 0.25
CA PHE A 128 -10.24 3.85 -1.11
C PHE A 128 -10.26 5.12 -1.97
N HIS A 129 -10.39 4.90 -3.28
CA HIS A 129 -10.15 5.96 -4.24
C HIS A 129 -10.75 7.27 -3.72
N SER A 130 -10.01 8.35 -3.91
CA SER A 130 -10.45 9.65 -3.45
C SER A 130 -10.97 10.49 -4.63
N ALA A 131 -11.64 11.59 -4.28
CA ALA A 131 -12.20 12.46 -5.29
C ALA A 131 -11.08 13.33 -5.89
N ASN A 132 -10.19 13.76 -5.02
CA ASN A 132 -9.08 14.60 -5.44
C ASN A 132 -8.21 13.84 -6.44
N THR A 133 -7.65 14.58 -7.37
CA THR A 133 -6.79 13.99 -8.39
C THR A 133 -5.31 14.21 -8.05
N GLU A 134 -5.09 15.07 -7.07
CA GLU A 134 -3.75 15.32 -6.58
C GLU A 134 -3.30 14.19 -5.66
N ALA A 135 -4.28 13.51 -5.09
CA ALA A 135 -4.00 12.47 -4.11
C ALA A 135 -3.41 11.26 -4.82
N LEU A 136 -2.89 10.34 -4.02
CA LEU A 136 -2.34 9.10 -4.55
C LEU A 136 -3.42 8.02 -4.54
N MET A 137 -4.43 8.24 -3.71
CA MET A 137 -5.53 7.30 -3.62
C MET A 137 -6.36 7.30 -4.91
N TYR A 138 -6.36 8.44 -5.58
CA TYR A 138 -7.04 8.56 -6.86
C TYR A 138 -6.77 7.33 -7.73
N PRO A 139 -7.79 6.96 -8.54
CA PRO A 139 -7.81 5.66 -9.19
C PRO A 139 -6.84 5.63 -10.37
N LEU A 140 -6.74 6.75 -11.04
CA LEU A 140 -5.84 6.89 -12.17
C LEU A 140 -4.40 6.98 -11.66
N TYR A 141 -3.51 6.25 -12.32
CA TYR A 141 -2.12 6.21 -11.91
C TYR A 141 -1.59 7.62 -11.62
N HIS A 142 -0.68 7.69 -10.66
CA HIS A 142 -0.14 8.97 -10.25
C HIS A 142 1.38 8.97 -10.46
N SER A 143 1.84 9.96 -11.21
CA SER A 143 3.26 10.09 -11.49
C SER A 143 3.70 11.53 -11.27
N LEU A 144 5.01 11.71 -11.15
CA LEU A 144 5.58 13.02 -10.94
C LEU A 144 7.02 13.06 -11.45
N THR A 145 7.43 14.23 -11.90
CA THR A 145 8.79 14.41 -12.39
C THR A 145 9.80 13.86 -11.37
N ASP A 146 9.44 13.98 -10.10
CA ASP A 146 10.27 13.46 -9.04
C ASP A 146 9.39 12.68 -8.04
N LEU A 147 9.31 11.38 -8.27
CA LEU A 147 8.49 10.53 -7.42
C LEU A 147 9.09 10.49 -6.01
N THR A 148 10.37 10.80 -5.94
CA THR A 148 11.08 10.79 -4.67
C THR A 148 10.54 11.89 -3.75
N ARG A 149 9.74 12.76 -4.34
CA ARG A 149 9.21 13.91 -3.61
C ARG A 149 7.70 13.77 -3.44
N PHE A 150 7.15 12.74 -4.07
CA PHE A 150 5.72 12.48 -3.99
C PHE A 150 5.23 12.57 -2.54
N ARG A 151 4.00 13.03 -2.39
CA ARG A 151 3.38 13.13 -1.07
C ARG A 151 1.88 12.91 -1.17
N LEU A 152 1.32 12.34 -0.12
CA LEU A 152 -0.12 12.19 -0.02
C LEU A 152 -0.77 13.57 0.10
N SER A 153 -1.81 13.78 -0.68
CA SER A 153 -2.56 15.02 -0.63
C SER A 153 -3.40 15.08 0.64
N GLN A 154 -3.87 16.28 0.95
CA GLN A 154 -4.65 16.48 2.17
C GLN A 154 -5.82 15.51 2.21
N ASP A 155 -6.36 15.22 1.04
CA ASP A 155 -7.48 14.30 0.93
C ASP A 155 -7.09 12.96 1.58
N ASP A 156 -5.91 12.49 1.21
CA ASP A 156 -5.45 11.20 1.71
C ASP A 156 -5.37 11.24 3.24
N ILE A 157 -4.71 12.27 3.73
CA ILE A 157 -4.45 12.38 5.16
C ILE A 157 -5.79 12.51 5.91
N ASN A 158 -6.70 13.24 5.29
CA ASN A 158 -8.01 13.48 5.89
C ASN A 158 -8.61 12.14 6.32
N GLY A 159 -8.51 11.17 5.43
CA GLY A 159 -9.13 9.88 5.65
C GLY A 159 -8.28 9.02 6.59
N ILE A 160 -7.00 8.93 6.28
CA ILE A 160 -6.10 8.05 7.02
C ILE A 160 -6.07 8.49 8.48
N GLN A 161 -6.35 9.76 8.70
CA GLN A 161 -6.36 10.32 10.04
C GLN A 161 -7.74 10.13 10.69
N SER A 162 -8.77 10.32 9.87
CA SER A 162 -10.13 10.14 10.34
C SER A 162 -10.30 8.74 10.94
N LEU A 163 -9.52 7.81 10.42
CA LEU A 163 -9.55 6.45 10.91
C LEU A 163 -8.65 6.32 12.13
N TYR A 164 -7.56 7.09 12.10
CA TYR A 164 -6.60 7.05 13.18
C TYR A 164 -6.21 8.47 13.63
N GLY A 165 -5.17 8.98 13.01
CA GLY A 165 -4.73 10.34 13.29
C GLY A 165 -3.61 10.36 14.34
N PRO A 166 -2.43 10.88 13.90
CA PRO A 166 -1.29 10.99 14.79
C PRO A 166 -1.47 12.13 15.79
N PRO A 167 -0.60 12.14 16.83
CA PRO A 167 -0.65 13.18 17.84
C PRO A 167 -0.08 14.49 17.31
N PRO A 168 -0.36 15.59 18.05
CA PRO A 168 0.14 16.90 17.67
C PRO A 168 1.63 17.04 17.98
N ASP A 169 2.17 18.19 17.64
CA ASP A 169 3.59 18.46 17.87
C ASP A 169 3.79 19.96 18.02
N SER A 170 4.96 20.32 18.54
CA SER A 170 5.31 21.72 18.74
C SER A 170 6.82 21.89 18.79
N PRO A 171 7.46 21.84 17.59
CA PRO A 171 8.89 21.98 17.50
C PRO A 171 9.32 23.44 17.71
N GLU A 172 9.16 23.90 18.94
CA GLU A 172 9.53 25.25 19.29
C GLU A 172 9.98 25.32 20.75
N THR A 173 10.55 24.21 21.22
CA THR A 173 11.01 24.14 22.60
C THR A 173 12.05 23.03 22.74
ZN ZN B . -7.56 0.97 -5.75
ZN ZN C . -5.84 -10.74 -4.90
C1 8MI D . -6.42 -2.60 -9.23
C2 8MI D . -6.44 -1.48 -8.18
C3 8MI D . -7.63 -0.51 -8.50
O4 8MI D . -7.93 0.34 -7.67
O5 8MI D . -8.21 -0.64 -9.56
N6 8MI D . -5.13 -0.79 -8.17
C7 8MI D . -5.07 0.28 -9.21
C8 8MI D . -3.80 1.16 -8.99
C9 8MI D . -4.00 2.57 -9.63
C10 8MI D . -2.90 3.52 -9.16
C11 8MI D . -1.55 3.20 -9.40
C12 8MI D . -0.53 4.07 -8.96
C13 8MI D . -0.87 5.24 -8.28
C14 8MI D . -2.21 5.55 -8.04
C15 8MI D . -3.22 4.70 -8.48
C16 8MI D . -5.02 -0.31 -10.65
O17 8MI D . -4.33 -1.29 -10.91
N18 8MI D . -5.74 0.29 -11.59
C19 8MI D . -5.81 -0.16 -13.03
C20 8MI D . -7.29 -0.28 -13.45
C21 8MI D . -7.83 -1.71 -13.15
C22 8MI D . -9.36 -1.71 -13.16
N23 8MI D . -9.90 -1.03 -11.92
C24 8MI D . -11.18 -0.76 -11.68
N25 8MI D . -11.51 -0.14 -10.58
N26 8MI D . -12.13 -1.12 -12.53
C27 8MI D . -5.05 0.84 -13.94
O28 8MI D . -5.42 2.01 -14.04
N29 8MI D . -4.00 0.39 -14.64
C30 8MI D . -3.31 1.22 -15.47
C31 8MI D . -3.33 0.99 -16.86
C32 8MI D . -2.61 1.84 -17.72
C33 8MI D . -1.88 2.90 -17.20
C34 8MI D . -1.85 3.13 -15.83
C35 8MI D . -2.56 2.30 -14.95
H36 8MI D . -7.20 -3.31 -9.01
H37 8MI D . -5.46 -3.11 -9.20
H38 8MI D . -6.56 -2.18 -10.21
H39 8MI D . -6.62 -1.93 -7.22
H40 8MI D . -4.38 -1.50 -8.33
H41 8MI D . -5.94 0.90 -9.14
H42 8MI D . -2.95 0.68 -9.44
H43 8MI D . -3.64 1.27 -7.94
H44 8MI D . -4.96 2.96 -9.34
H45 8MI D . -3.95 2.49 -10.71
H46 8MI D . -1.28 2.29 -9.93
H47 8MI D . 0.50 3.83 -9.15
H48 8MI D . -0.09 5.91 -7.95
H49 8MI D . -2.47 6.47 -7.52
H50 8MI D . -4.26 4.94 -8.30
H51 8MI D . -6.29 1.08 -11.40
H52 8MI D . -5.34 -1.13 -13.12
H53 8MI D . -7.39 -0.09 -14.52
H54 8MI D . -7.88 0.44 -12.90
H55 8MI D . -7.48 -2.02 -12.17
H56 8MI D . -7.47 -2.39 -13.90
H57 8MI D . -9.73 -2.73 -13.19
H58 8MI D . -9.72 -1.18 -14.03
H59 8MI D . -9.19 -0.79 -11.27
H61 8MI D . -12.47 0.08 -10.38
H62 8MI D . -11.89 -1.62 -13.38
H63 8MI D . -13.10 -0.92 -12.34
H64 8MI D . -3.72 -0.56 -14.57
H65 8MI D . -3.90 0.16 -17.26
H66 8MI D . -2.63 1.66 -18.78
H67 8MI D . -1.33 3.55 -17.87
H68 8MI D . -1.28 3.96 -15.44
H69 8MI D . -2.53 2.48 -13.89
H60 8MI D . -10.81 0.14 -9.92
H70 8MI D . -4.98 -0.36 -7.23
N PHE A 1 -10.97 7.88 0.37
CA PHE A 1 -11.02 7.13 1.62
C PHE A 1 -12.47 6.79 1.98
N ARG A 2 -12.60 5.78 2.84
CA ARG A 2 -13.91 5.38 3.32
C ARG A 2 -13.79 4.21 4.29
N THR A 3 -14.93 3.79 4.82
CA THR A 3 -14.96 2.70 5.78
C THR A 3 -15.77 1.53 5.24
N PHE A 4 -15.22 0.34 5.41
CA PHE A 4 -15.96 -0.88 5.12
C PHE A 4 -16.83 -1.28 6.31
N PRO A 5 -17.63 -2.37 6.10
CA PRO A 5 -18.60 -2.79 7.10
C PRO A 5 -17.91 -3.46 8.29
N GLY A 6 -17.73 -2.69 9.34
CA GLY A 6 -16.91 -3.12 10.46
C GLY A 6 -15.93 -2.04 10.88
N ILE A 7 -15.81 -1.02 10.04
CA ILE A 7 -14.88 0.06 10.29
C ILE A 7 -13.45 -0.48 10.24
N PRO A 8 -12.71 -0.07 9.18
CA PRO A 8 -11.35 -0.54 8.99
C PRO A 8 -10.39 0.15 9.96
N LYS A 9 -9.67 -0.67 10.71
CA LYS A 9 -8.76 -0.17 11.71
C LYS A 9 -8.22 -1.32 12.56
N TRP A 10 -6.91 -1.44 12.58
CA TRP A 10 -6.25 -2.47 13.38
C TRP A 10 -6.35 -2.05 14.85
N ARG A 11 -6.27 -3.05 15.72
CA ARG A 11 -6.43 -2.81 17.15
C ARG A 11 -5.09 -2.43 17.77
N LYS A 12 -4.06 -2.46 16.95
CA LYS A 12 -2.71 -2.15 17.41
C LYS A 12 -2.08 -1.13 16.46
N THR A 13 -1.12 -0.40 16.98
CA THR A 13 -0.37 0.55 16.18
C THR A 13 0.87 -0.12 15.58
N HIS A 14 1.46 -1.02 16.37
CA HIS A 14 2.64 -1.74 15.92
C HIS A 14 2.24 -2.83 14.93
N LEU A 15 2.06 -2.42 13.69
CA LEU A 15 1.61 -3.34 12.65
C LEU A 15 2.77 -4.23 12.21
N THR A 16 2.42 -5.29 11.49
CA THR A 16 3.43 -6.17 10.93
C THR A 16 3.09 -6.50 9.47
N TYR A 17 4.13 -6.61 8.66
CA TYR A 17 3.96 -7.03 7.28
C TYR A 17 5.06 -8.02 6.86
N ARG A 18 4.88 -8.58 5.68
CA ARG A 18 5.80 -9.61 5.20
C ARG A 18 5.67 -9.75 3.69
N ILE A 19 6.83 -9.76 3.02
CA ILE A 19 6.88 -9.98 1.60
C ILE A 19 7.11 -11.46 1.31
N VAL A 20 6.11 -12.07 0.70
CA VAL A 20 6.14 -13.51 0.47
C VAL A 20 7.09 -13.81 -0.68
N ASN A 21 7.02 -12.98 -1.71
CA ASN A 21 7.86 -13.16 -2.88
C ASN A 21 7.95 -11.83 -3.64
N TYR A 22 8.80 -11.83 -4.65
CA TYR A 22 9.04 -10.62 -5.43
C TYR A 22 8.69 -10.84 -6.90
N THR A 23 9.15 -9.91 -7.73
CA THR A 23 8.86 -9.95 -9.15
C THR A 23 10.15 -10.09 -9.95
N PRO A 24 10.05 -10.88 -11.06
CA PRO A 24 11.18 -11.08 -11.94
C PRO A 24 11.43 -9.83 -12.81
N ASP A 25 11.87 -8.77 -12.15
CA ASP A 25 12.14 -7.52 -12.84
C ASP A 25 12.97 -6.62 -11.94
N LEU A 26 12.53 -6.50 -10.69
CA LEU A 26 13.25 -5.69 -9.72
C LEU A 26 14.04 -6.60 -8.79
N PRO A 27 15.06 -6.01 -8.12
CA PRO A 27 15.77 -6.69 -7.06
C PRO A 27 14.94 -6.77 -5.79
N LYS A 28 15.36 -7.64 -4.89
CA LYS A 28 14.56 -7.96 -3.72
C LYS A 28 14.39 -6.71 -2.86
N ASP A 29 15.51 -6.16 -2.44
CA ASP A 29 15.50 -5.01 -1.54
C ASP A 29 14.66 -3.89 -2.19
N ALA A 30 14.75 -3.80 -3.51
CA ALA A 30 14.10 -2.73 -4.24
C ALA A 30 12.58 -2.88 -4.07
N VAL A 31 12.11 -4.09 -4.23
CA VAL A 31 10.69 -4.37 -4.13
C VAL A 31 10.21 -4.07 -2.70
N ASP A 32 10.88 -4.70 -1.74
CA ASP A 32 10.55 -4.50 -0.35
C ASP A 32 10.51 -3.00 -0.05
N SER A 33 11.39 -2.27 -0.71
CA SER A 33 11.51 -0.84 -0.49
C SER A 33 10.16 -0.16 -0.78
N ALA A 34 9.53 -0.62 -1.86
CA ALA A 34 8.27 -0.04 -2.27
C ALA A 34 7.26 -0.12 -1.12
N VAL A 35 7.32 -1.24 -0.40
CA VAL A 35 6.47 -1.42 0.75
C VAL A 35 7.00 -0.59 1.92
N GLU A 36 8.27 -0.80 2.23
CA GLU A 36 8.94 0.01 3.23
C GLU A 36 8.67 1.51 2.98
N LYS A 37 8.45 1.82 1.71
CA LYS A 37 8.26 3.20 1.31
C LYS A 37 6.79 3.58 1.51
N ALA A 38 5.92 2.78 0.91
CA ALA A 38 4.49 3.00 1.05
C ALA A 38 4.12 3.09 2.53
N LEU A 39 4.73 2.22 3.32
CA LEU A 39 4.44 2.16 4.73
C LEU A 39 4.87 3.48 5.39
N LYS A 40 6.09 3.88 5.10
CA LYS A 40 6.64 5.10 5.67
C LYS A 40 5.76 6.28 5.24
N VAL A 41 5.28 6.21 4.01
CA VAL A 41 4.47 7.29 3.46
C VAL A 41 3.26 7.52 4.37
N TRP A 42 2.70 6.41 4.84
CA TRP A 42 1.50 6.48 5.67
C TRP A 42 1.94 6.74 7.11
N GLU A 43 3.11 6.22 7.44
CA GLU A 43 3.66 6.42 8.77
C GLU A 43 3.78 7.90 9.09
N GLU A 44 3.83 8.70 8.03
CA GLU A 44 4.05 10.12 8.18
C GLU A 44 2.75 10.83 8.53
N VAL A 45 1.65 10.15 8.25
CA VAL A 45 0.33 10.75 8.40
C VAL A 45 -0.55 9.84 9.26
N THR A 46 0.11 8.95 9.99
CA THR A 46 -0.57 8.17 11.01
C THR A 46 0.36 7.94 12.20
N PRO A 47 -0.27 7.60 13.36
CA PRO A 47 0.49 7.21 14.54
C PRO A 47 1.05 5.79 14.39
N LEU A 48 0.60 5.13 13.34
CA LEU A 48 0.85 3.70 13.20
C LEU A 48 2.34 3.48 12.97
N THR A 49 2.79 2.28 13.33
CA THR A 49 4.13 1.84 12.97
C THR A 49 4.08 0.46 12.32
N PHE A 50 5.20 0.07 11.73
CA PHE A 50 5.26 -1.16 10.97
C PHE A 50 6.55 -1.93 11.29
N SER A 51 6.39 -3.23 11.50
CA SER A 51 7.53 -4.11 11.72
C SER A 51 7.51 -5.25 10.71
N ARG A 52 8.51 -6.11 10.83
CA ARG A 52 8.63 -7.25 9.93
C ARG A 52 8.82 -8.54 10.73
N LEU A 53 8.37 -9.64 10.13
CA LEU A 53 8.48 -10.94 10.78
C LEU A 53 9.28 -11.88 9.88
N TYR A 54 10.36 -12.40 10.43
CA TYR A 54 11.25 -13.28 9.67
C TYR A 54 10.51 -14.51 9.15
N GLU A 55 9.52 -14.93 9.94
CA GLU A 55 8.72 -16.09 9.58
C GLU A 55 7.32 -15.98 10.17
N GLY A 56 6.44 -16.84 9.69
CA GLY A 56 5.07 -16.87 10.17
C GLY A 56 4.19 -15.92 9.36
N GLU A 57 3.07 -15.55 9.96
CA GLU A 57 2.12 -14.68 9.30
C GLU A 57 2.19 -13.26 9.87
N ALA A 58 2.05 -12.29 8.99
CA ALA A 58 2.03 -10.89 9.40
C ALA A 58 0.64 -10.30 9.11
N ASP A 59 0.38 -9.17 9.74
CA ASP A 59 -0.92 -8.53 9.60
C ASP A 59 -1.11 -8.10 8.15
N ILE A 60 -0.01 -7.72 7.52
CA ILE A 60 -0.05 -7.32 6.12
C ILE A 60 0.93 -8.18 5.32
N MET A 61 0.42 -9.31 4.84
CA MET A 61 1.23 -10.23 4.08
C MET A 61 1.16 -9.92 2.58
N ILE A 62 2.21 -9.26 2.09
CA ILE A 62 2.24 -8.82 0.71
C ILE A 62 2.89 -9.90 -0.15
N SER A 63 2.35 -10.05 -1.36
CA SER A 63 2.79 -11.11 -2.25
C SER A 63 2.60 -10.67 -3.70
N PHE A 64 3.17 -11.46 -4.60
CA PHE A 64 3.02 -11.22 -6.02
C PHE A 64 2.54 -12.47 -6.76
N ALA A 65 1.64 -12.27 -7.70
CA ALA A 65 1.12 -13.38 -8.47
C ALA A 65 0.39 -12.83 -9.71
N VAL A 66 0.52 -13.55 -10.81
CA VAL A 66 -0.26 -13.25 -12.00
C VAL A 66 -1.54 -14.10 -12.00
N ARG A 67 -2.34 -13.89 -13.03
CA ARG A 67 -3.53 -14.71 -13.23
C ARG A 67 -4.24 -14.96 -11.90
N GLU A 68 -5.02 -16.02 -11.86
CA GLU A 68 -5.72 -16.40 -10.65
C GLU A 68 -4.72 -16.94 -9.61
N HIS A 69 -4.94 -16.53 -8.38
CA HIS A 69 -3.94 -16.74 -7.34
C HIS A 69 -4.64 -16.98 -5.99
N GLY A 70 -5.83 -17.55 -6.08
CA GLY A 70 -6.60 -17.85 -4.89
C GLY A 70 -8.07 -17.47 -5.06
N ASP A 71 -8.37 -16.23 -4.71
CA ASP A 71 -9.74 -15.74 -4.78
C ASP A 71 -10.11 -15.52 -6.26
N PHE A 72 -11.19 -14.79 -6.45
CA PHE A 72 -11.70 -14.53 -7.79
C PHE A 72 -11.27 -13.15 -8.29
N TYR A 73 -9.99 -13.07 -8.65
CA TYR A 73 -9.45 -11.82 -9.17
C TYR A 73 -8.23 -12.09 -10.05
N PRO A 74 -8.50 -12.69 -11.25
CA PRO A 74 -7.42 -13.16 -12.10
C PRO A 74 -6.71 -12.00 -12.80
N PHE A 75 -5.52 -11.70 -12.31
CA PHE A 75 -4.68 -10.71 -12.96
C PHE A 75 -4.58 -10.97 -14.46
N ASP A 76 -4.80 -9.92 -15.23
CA ASP A 76 -4.93 -10.06 -16.68
C ASP A 76 -3.59 -9.75 -17.33
N GLY A 77 -2.62 -10.59 -17.05
CA GLY A 77 -1.30 -10.47 -17.66
C GLY A 77 -0.74 -9.06 -17.47
N PRO A 78 -0.04 -8.56 -18.52
CA PRO A 78 0.56 -7.25 -18.47
C PRO A 78 -0.50 -6.15 -18.62
N GLY A 79 -0.29 -5.06 -17.90
CA GLY A 79 -1.26 -3.98 -17.88
C GLY A 79 -2.39 -4.28 -16.89
N ASN A 80 -3.49 -3.58 -17.08
CA ASN A 80 -4.65 -3.75 -16.21
C ASN A 80 -4.21 -3.71 -14.75
N VAL A 81 -4.97 -4.40 -13.92
CA VAL A 81 -4.64 -4.49 -12.50
C VAL A 81 -3.12 -4.53 -12.34
N LEU A 82 -2.60 -3.48 -11.70
CA LEU A 82 -1.19 -3.45 -11.35
C LEU A 82 -0.99 -4.07 -9.96
N ALA A 83 -1.93 -3.76 -9.08
CA ALA A 83 -1.94 -4.38 -7.76
C ALA A 83 -3.29 -4.10 -7.09
N HIS A 84 -3.77 -5.10 -6.37
CA HIS A 84 -5.02 -4.97 -5.65
C HIS A 84 -4.81 -5.35 -4.18
N ALA A 85 -5.76 -4.93 -3.36
CA ALA A 85 -5.63 -5.11 -1.91
C ALA A 85 -7.02 -5.09 -1.28
N TYR A 86 -7.17 -5.89 -0.23
CA TYR A 86 -8.44 -5.99 0.45
C TYR A 86 -8.45 -5.12 1.72
N ALA A 87 -9.64 -5.00 2.30
CA ALA A 87 -9.78 -4.29 3.57
C ALA A 87 -9.02 -5.04 4.66
N PRO A 88 -8.85 -4.36 5.82
CA PRO A 88 -8.10 -4.93 6.92
C PRO A 88 -8.90 -6.01 7.64
N GLY A 89 -8.19 -7.01 8.13
CA GLY A 89 -8.82 -8.10 8.84
C GLY A 89 -8.05 -9.41 8.64
N PRO A 90 -8.62 -10.51 9.20
CA PRO A 90 -8.02 -11.82 9.06
C PRO A 90 -8.22 -12.38 7.66
N GLY A 91 -7.35 -13.32 7.30
CA GLY A 91 -7.50 -14.03 6.05
C GLY A 91 -7.07 -13.17 4.86
N ILE A 92 -7.88 -13.20 3.81
CA ILE A 92 -7.56 -12.47 2.60
C ILE A 92 -7.47 -10.98 2.92
N ASN A 93 -8.14 -10.60 4.00
CA ASN A 93 -8.17 -9.20 4.40
C ASN A 93 -6.77 -8.81 4.90
N GLY A 94 -6.37 -7.60 4.52
CA GLY A 94 -5.08 -7.08 4.95
C GLY A 94 -3.99 -7.39 3.93
N ASP A 95 -4.20 -8.48 3.20
CA ASP A 95 -3.21 -8.94 2.24
C ASP A 95 -3.23 -8.01 1.02
N ALA A 96 -2.10 -7.98 0.33
CA ALA A 96 -1.99 -7.18 -0.87
C ALA A 96 -1.20 -7.95 -1.94
N HIS A 97 -1.83 -8.10 -3.10
CA HIS A 97 -1.20 -8.82 -4.19
C HIS A 97 -0.89 -7.85 -5.33
N PHE A 98 0.28 -8.04 -5.92
CA PHE A 98 0.67 -7.26 -7.09
C PHE A 98 0.60 -8.11 -8.36
N ASP A 99 0.80 -7.44 -9.48
CA ASP A 99 0.89 -8.13 -10.76
C ASP A 99 2.35 -8.46 -11.04
N ASP A 100 2.65 -9.76 -11.06
CA ASP A 100 3.99 -10.23 -11.31
C ASP A 100 4.28 -10.16 -12.81
N ASP A 101 3.21 -10.20 -13.58
CA ASP A 101 3.33 -10.25 -15.03
C ASP A 101 3.74 -8.86 -15.55
N GLU A 102 3.37 -7.85 -14.77
CA GLU A 102 3.61 -6.47 -15.18
C GLU A 102 5.04 -6.07 -14.85
N GLN A 103 5.56 -5.13 -15.61
CA GLN A 103 6.90 -4.61 -15.38
C GLN A 103 6.91 -3.66 -14.18
N TRP A 104 8.09 -3.54 -13.58
CA TRP A 104 8.24 -2.71 -12.40
C TRP A 104 9.58 -1.96 -12.52
N THR A 105 9.63 -0.83 -11.85
CA THR A 105 10.85 -0.02 -11.84
C THR A 105 11.07 0.61 -10.46
N LYS A 106 12.24 1.20 -10.30
CA LYS A 106 12.64 1.72 -9.01
C LYS A 106 12.55 3.25 -9.02
N ASP A 107 11.94 3.75 -10.08
CA ASP A 107 11.80 5.19 -10.25
C ASP A 107 10.79 5.47 -11.36
N THR A 108 10.70 6.74 -11.74
CA THR A 108 9.71 7.17 -12.72
C THR A 108 10.17 6.80 -14.13
N THR A 109 10.15 5.50 -14.40
CA THR A 109 10.46 5.02 -15.74
C THR A 109 9.38 4.02 -16.20
N GLY A 110 9.11 3.05 -15.34
CA GLY A 110 8.08 2.07 -15.62
C GLY A 110 6.80 2.37 -14.86
N THR A 111 6.24 1.33 -14.26
CA THR A 111 5.16 1.50 -13.31
C THR A 111 5.71 1.56 -11.87
N ASN A 112 6.29 2.69 -11.55
CA ASN A 112 6.99 2.84 -10.27
C ASN A 112 6.24 2.03 -9.20
N LEU A 113 6.90 0.98 -8.74
CA LEU A 113 6.24 0.00 -7.88
C LEU A 113 5.63 0.72 -6.68
N PHE A 114 6.48 1.49 -6.00
CA PHE A 114 6.07 2.14 -4.77
C PHE A 114 4.72 2.85 -4.94
N LEU A 115 4.61 3.57 -6.05
CA LEU A 115 3.40 4.32 -6.33
C LEU A 115 2.19 3.39 -6.23
N VAL A 116 2.39 2.17 -6.70
CA VAL A 116 1.31 1.18 -6.68
C VAL A 116 1.22 0.58 -5.28
N ALA A 117 2.38 0.47 -4.64
CA ALA A 117 2.45 -0.15 -3.32
C ALA A 117 1.69 0.72 -2.31
N ALA A 118 1.89 2.02 -2.43
CA ALA A 118 1.23 2.96 -1.53
C ALA A 118 -0.27 2.96 -1.80
N HIS A 119 -0.70 2.55 -2.98
CA HIS A 119 -2.16 2.39 -3.35
C HIS A 119 -2.75 1.11 -2.71
N GLU A 120 -2.15 -0.03 -3.04
CA GLU A 120 -2.61 -1.30 -2.51
C GLU A 120 -2.68 -1.25 -0.99
N ILE A 121 -1.57 -0.82 -0.39
CA ILE A 121 -1.46 -0.77 1.06
C ILE A 121 -2.63 0.04 1.61
N GLY A 122 -2.96 1.11 0.91
CA GLY A 122 -4.03 1.99 1.34
C GLY A 122 -5.32 1.21 1.58
N HIS A 123 -5.56 0.24 0.71
CA HIS A 123 -6.73 -0.60 0.83
C HIS A 123 -6.62 -1.46 2.10
N SER A 124 -5.40 -1.91 2.36
CA SER A 124 -5.15 -2.75 3.51
C SER A 124 -5.28 -1.94 4.80
N LEU A 125 -4.87 -0.67 4.71
CA LEU A 125 -4.87 0.20 5.87
C LEU A 125 -6.31 0.51 6.26
N GLY A 126 -7.07 1.01 5.29
CA GLY A 126 -8.46 1.32 5.51
C GLY A 126 -8.84 2.64 4.84
N LEU A 127 -8.59 2.71 3.54
CA LEU A 127 -9.01 3.84 2.74
C LEU A 127 -8.94 3.49 1.26
N PHE A 128 -10.02 3.80 0.55
CA PHE A 128 -10.11 3.46 -0.86
C PHE A 128 -10.03 4.73 -1.72
N HIS A 129 -10.23 4.54 -3.01
CA HIS A 129 -10.10 5.63 -3.97
C HIS A 129 -10.58 6.93 -3.32
N SER A 130 -9.77 7.96 -3.46
CA SER A 130 -10.10 9.26 -2.90
C SER A 130 -10.96 10.06 -3.88
N ALA A 131 -11.37 11.23 -3.44
CA ALA A 131 -12.20 12.10 -4.27
C ALA A 131 -11.30 12.93 -5.17
N ASN A 132 -10.11 13.22 -4.67
CA ASN A 132 -9.16 14.04 -5.41
C ASN A 132 -8.49 13.19 -6.49
N THR A 133 -8.11 13.85 -7.57
CA THR A 133 -7.48 13.17 -8.69
C THR A 133 -5.96 13.29 -8.62
N GLU A 134 -5.51 14.27 -7.85
CA GLU A 134 -4.10 14.53 -7.71
C GLU A 134 -3.48 13.58 -6.68
N ALA A 135 -4.35 12.89 -5.97
CA ALA A 135 -3.91 11.98 -4.92
C ALA A 135 -3.41 10.68 -5.55
N LEU A 136 -2.82 9.84 -4.71
CA LEU A 136 -2.22 8.61 -5.20
C LEU A 136 -3.22 7.47 -5.05
N MET A 137 -4.16 7.65 -4.13
CA MET A 137 -5.22 6.68 -3.92
C MET A 137 -6.20 6.69 -5.10
N TYR A 138 -6.11 7.75 -5.88
CA TYR A 138 -6.92 7.85 -7.10
C TYR A 138 -6.54 6.76 -8.10
N PRO A 139 -7.60 6.17 -8.71
CA PRO A 139 -7.39 5.06 -9.65
C PRO A 139 -6.85 5.56 -10.98
N LEU A 140 -5.63 6.09 -10.93
CA LEU A 140 -4.96 6.58 -12.13
C LEU A 140 -3.49 6.83 -11.82
N TYR A 141 -2.65 6.31 -12.71
CA TYR A 141 -1.20 6.47 -12.55
C TYR A 141 -0.77 7.89 -12.88
N HIS A 142 0.28 8.34 -12.20
CA HIS A 142 0.82 9.66 -12.44
C HIS A 142 2.14 9.83 -11.68
N SER A 143 3.18 10.15 -12.43
CA SER A 143 4.50 10.28 -11.85
C SER A 143 4.81 11.75 -11.56
N LEU A 144 5.90 11.96 -10.85
CA LEU A 144 6.33 13.31 -10.51
C LEU A 144 7.81 13.48 -10.86
N THR A 145 8.18 14.72 -11.14
CA THR A 145 9.56 15.04 -11.46
C THR A 145 10.51 14.23 -10.57
N ASP A 146 10.33 14.41 -9.26
CA ASP A 146 11.09 13.65 -8.29
C ASP A 146 10.13 12.83 -7.42
N LEU A 147 10.02 11.55 -7.75
CA LEU A 147 9.08 10.69 -7.07
C LEU A 147 9.50 10.55 -5.60
N THR A 148 10.78 10.75 -5.36
CA THR A 148 11.33 10.63 -4.02
C THR A 148 10.72 11.70 -3.11
N ARG A 149 10.23 12.76 -3.74
CA ARG A 149 9.65 13.86 -2.99
C ARG A 149 8.13 13.72 -2.93
N PHE A 150 7.63 12.71 -3.62
CA PHE A 150 6.20 12.47 -3.69
C PHE A 150 5.56 12.65 -2.31
N ARG A 151 4.27 12.95 -2.33
CA ARG A 151 3.50 13.05 -1.09
C ARG A 151 2.02 12.81 -1.38
N LEU A 152 1.31 12.39 -0.35
CA LEU A 152 -0.12 12.15 -0.46
C LEU A 152 -0.87 13.48 -0.38
N SER A 153 -2.00 13.53 -1.08
CA SER A 153 -2.85 14.71 -1.04
C SER A 153 -3.64 14.74 0.27
N GLN A 154 -4.05 15.95 0.65
CA GLN A 154 -4.77 16.13 1.89
C GLN A 154 -5.99 15.21 1.94
N ASP A 155 -6.54 14.94 0.76
CA ASP A 155 -7.70 14.07 0.64
C ASP A 155 -7.39 12.72 1.31
N ASP A 156 -6.16 12.27 1.09
CA ASP A 156 -5.76 10.96 1.58
C ASP A 156 -5.50 11.02 3.08
N ILE A 157 -4.81 12.07 3.49
CA ILE A 157 -4.47 12.25 4.89
C ILE A 157 -5.75 12.38 5.71
N ASN A 158 -6.74 13.04 5.11
CA ASN A 158 -8.01 13.25 5.77
C ASN A 158 -8.55 11.91 6.27
N GLY A 159 -8.55 10.93 5.38
CA GLY A 159 -9.13 9.64 5.68
C GLY A 159 -8.22 8.83 6.61
N ILE A 160 -6.96 8.73 6.20
CA ILE A 160 -6.00 7.92 6.93
C ILE A 160 -5.93 8.41 8.38
N GLN A 161 -6.28 9.67 8.57
CA GLN A 161 -6.23 10.27 9.88
C GLN A 161 -7.58 10.14 10.58
N SER A 162 -8.64 10.26 9.79
CA SER A 162 -9.99 10.21 10.33
C SER A 162 -10.18 8.89 11.10
N LEU A 163 -9.52 7.86 10.63
CA LEU A 163 -9.64 6.54 11.24
C LEU A 163 -8.63 6.42 12.37
N TYR A 164 -7.61 7.25 12.31
CA TYR A 164 -6.57 7.24 13.32
C TYR A 164 -6.11 8.66 13.65
N GLY A 165 -5.10 9.11 12.92
CA GLY A 165 -4.60 10.46 13.08
C GLY A 165 -3.48 10.52 14.12
N PRO A 166 -2.29 11.03 13.65
CA PRO A 166 -1.15 11.16 14.53
C PRO A 166 -1.33 12.35 15.48
N PRO A 167 -0.45 12.39 16.52
CA PRO A 167 -0.49 13.46 17.51
C PRO A 167 0.08 14.75 16.92
N PRO A 168 -0.77 15.82 16.97
CA PRO A 168 -0.33 17.13 16.49
C PRO A 168 0.63 17.79 17.49
N ASP A 169 1.09 18.97 17.11
CA ASP A 169 1.99 19.72 17.97
C ASP A 169 1.22 20.25 19.18
N SER A 170 1.97 20.71 20.17
CA SER A 170 1.39 21.11 21.43
C SER A 170 0.24 22.09 21.19
N PRO A 171 0.57 23.20 20.48
CA PRO A 171 -0.44 24.18 20.12
C PRO A 171 -1.34 23.66 18.98
N GLU A 172 -2.06 22.60 19.29
CA GLU A 172 -2.93 21.98 18.30
C GLU A 172 -3.99 22.99 17.83
N THR A 173 -4.30 23.92 18.71
CA THR A 173 -5.27 24.96 18.39
C THR A 173 -6.61 24.34 17.99
ZN ZN B . -7.80 1.00 -5.64
ZN ZN C . -5.36 -10.97 -5.18
C1 8MI D . -6.77 -2.10 -9.85
C2 8MI D . -6.54 -1.21 -8.60
C3 8MI D . -7.66 -0.14 -8.55
O4 8MI D . -8.16 0.12 -7.46
O5 8MI D . -7.98 0.42 -9.59
N6 8MI D . -5.18 -0.64 -8.67
C7 8MI D . -5.18 0.69 -9.35
C8 8MI D . -3.78 1.36 -9.22
C9 8MI D . -3.79 2.80 -9.79
C10 8MI D . -2.52 3.54 -9.40
C11 8MI D . -2.59 4.68 -8.58
C12 8MI D . -1.42 5.36 -8.24
C13 8MI D . -0.18 4.91 -8.70
C14 8MI D . -0.11 3.77 -9.51
C15 8MI D . -1.27 3.09 -9.86
C16 8MI D . -5.54 0.58 -10.86
O17 8MI D . -6.22 1.43 -11.41
N18 8MI D . -5.09 -0.48 -11.52
C19 8MI D . -5.40 -0.75 -12.98
C20 8MI D . -6.93 -0.63 -13.21
C21 8MI D . -7.55 -2.03 -13.43
C22 8MI D . -9.03 -1.91 -13.85
N23 8MI D . -9.64 -3.28 -13.99
C24 8MI D . -10.00 -4.05 -12.97
N25 8MI D . -10.48 -5.25 -13.21
N26 8MI D . -9.90 -3.64 -11.71
C27 8MI D . -4.63 0.27 -13.89
O28 8MI D . -4.91 1.46 -13.87
N29 8MI D . -3.67 -0.21 -14.67
C30 8MI D . -2.97 0.62 -15.51
C31 8MI D . -2.42 1.81 -15.00
C32 8MI D . -1.70 2.67 -15.84
C33 8MI D . -1.54 2.35 -17.19
C34 8MI D . -2.09 1.17 -17.71
C35 8MI D . -2.81 0.30 -16.87
H36 8MI D . -7.52 -2.86 -9.62
H37 8MI D . -5.85 -2.60 -10.12
H38 8MI D . -7.13 -1.50 -10.67
H39 8MI D . -6.63 -1.84 -7.73
H40 8MI D . -4.56 -1.31 -9.19
H41 8MI D . -5.91 1.33 -8.87
H42 8MI D . -3.05 0.76 -9.75
H43 8MI D . -3.51 1.39 -8.18
H44 8MI D . -4.65 3.33 -9.38
H45 8MI D . -3.88 2.77 -10.86
H46 8MI D . -3.54 5.03 -8.23
H47 8MI D . -1.47 6.25 -7.61
H48 8MI D . 0.72 5.45 -8.43
H49 8MI D . 0.85 3.43 -9.86
H50 8MI D . -1.21 2.21 -10.49
H51 8MI D . -4.52 -1.16 -11.11
H52 8MI D . -5.07 -1.74 -13.24
H53 8MI D . -7.12 -0.02 -14.08
H54 8MI D . -7.38 -0.17 -12.34
H55 8MI D . -7.49 -2.59 -12.51
H56 8MI D . -7.00 -2.55 -14.21
H57 8MI D . -9.08 -1.39 -14.80
H58 8MI D . -9.56 -1.34 -13.11
H59 8MI D . -9.76 -3.56 -14.92
H61 8MI D . -10.75 -5.85 -12.46
H62 8MI D . -9.55 -2.72 -11.51
H63 8MI D . -10.18 -4.23 -10.95
H64 8MI D . -3.46 -1.17 -14.70
H65 8MI D . -2.54 2.06 -13.96
H66 8MI D . -1.27 3.58 -15.44
H67 8MI D . -0.99 3.02 -17.85
H68 8MI D . -1.95 0.93 -18.75
H69 8MI D . -3.24 -0.60 -17.27
H60 8MI D . -10.57 -5.58 -14.16
H70 8MI D . -4.81 -0.55 -7.71
N PHE A 1 -9.95 7.71 0.54
CA PHE A 1 -10.68 8.48 1.53
C PHE A 1 -11.91 7.71 2.02
N ARG A 2 -12.46 6.91 1.12
CA ARG A 2 -13.67 6.16 1.43
C ARG A 2 -13.38 5.06 2.44
N THR A 3 -14.45 4.51 2.99
CA THR A 3 -14.33 3.50 4.03
C THR A 3 -15.40 2.42 3.86
N PHE A 4 -14.97 1.17 4.03
CA PHE A 4 -15.90 0.06 4.03
C PHE A 4 -17.03 0.28 5.05
N PRO A 5 -18.06 -0.60 4.97
CA PRO A 5 -19.23 -0.45 5.79
C PRO A 5 -18.96 -0.85 7.25
N GLY A 6 -17.74 -1.30 7.47
CA GLY A 6 -17.30 -1.65 8.82
C GLY A 6 -16.16 -0.77 9.28
N ILE A 7 -15.83 0.21 8.45
CA ILE A 7 -14.72 1.10 8.74
C ILE A 7 -13.46 0.27 9.02
N PRO A 8 -12.63 0.11 7.95
CA PRO A 8 -11.41 -0.68 8.06
C PRO A 8 -10.34 0.09 8.84
N LYS A 9 -9.73 -0.61 9.80
CA LYS A 9 -8.75 0.01 10.65
C LYS A 9 -8.25 -1.02 11.68
N TRP A 10 -6.95 -1.26 11.66
CA TRP A 10 -6.34 -2.21 12.57
C TRP A 10 -6.48 -1.68 13.98
N ARG A 11 -6.58 -2.61 14.93
CA ARG A 11 -6.80 -2.23 16.32
C ARG A 11 -5.46 -2.16 17.07
N LYS A 12 -4.40 -2.48 16.34
CA LYS A 12 -3.07 -2.46 16.91
C LYS A 12 -2.19 -1.49 16.12
N THR A 13 -1.42 -0.70 16.85
CA THR A 13 -0.55 0.28 16.23
C THR A 13 0.76 -0.38 15.79
N HIS A 14 1.21 -1.32 16.60
CA HIS A 14 2.42 -2.07 16.28
C HIS A 14 2.13 -3.06 15.15
N LEU A 15 2.08 -2.53 13.94
CA LEU A 15 1.77 -3.35 12.78
C LEU A 15 3.02 -4.10 12.34
N THR A 16 2.79 -5.28 11.78
CA THR A 16 3.88 -6.05 11.19
C THR A 16 3.53 -6.41 9.73
N TYR A 17 4.58 -6.55 8.93
CA TYR A 17 4.40 -6.89 7.52
C TYR A 17 5.55 -7.76 7.03
N ARG A 18 5.39 -8.27 5.81
CA ARG A 18 6.37 -9.16 5.23
C ARG A 18 6.11 -9.33 3.73
N ILE A 19 7.20 -9.40 2.98
CA ILE A 19 7.12 -9.67 1.56
C ILE A 19 7.45 -11.14 1.31
N VAL A 20 6.43 -11.86 0.84
CA VAL A 20 6.56 -13.31 0.69
C VAL A 20 7.46 -13.61 -0.50
N ASN A 21 7.27 -12.84 -1.56
CA ASN A 21 8.03 -13.05 -2.78
C ASN A 21 8.11 -11.74 -3.55
N TYR A 22 8.90 -11.77 -4.62
CA TYR A 22 9.11 -10.58 -5.43
C TYR A 22 8.73 -10.82 -6.89
N THR A 23 9.12 -9.88 -7.73
CA THR A 23 8.78 -9.96 -9.15
C THR A 23 10.05 -10.06 -9.99
N PRO A 24 9.96 -10.85 -11.10
CA PRO A 24 11.08 -11.03 -12.00
C PRO A 24 11.27 -9.79 -12.87
N ASP A 25 11.79 -8.74 -12.24
CA ASP A 25 12.02 -7.49 -12.95
C ASP A 25 12.84 -6.56 -12.06
N LEU A 26 12.42 -6.45 -10.81
CA LEU A 26 13.11 -5.61 -9.85
C LEU A 26 13.96 -6.48 -8.92
N PRO A 27 14.96 -5.83 -8.27
CA PRO A 27 15.74 -6.50 -7.24
C PRO A 27 14.94 -6.61 -5.93
N LYS A 28 15.46 -7.42 -5.03
CA LYS A 28 14.74 -7.74 -3.81
C LYS A 28 14.63 -6.48 -2.93
N ASP A 29 15.79 -5.91 -2.63
CA ASP A 29 15.86 -4.74 -1.78
C ASP A 29 14.94 -3.65 -2.35
N ALA A 30 14.88 -3.60 -3.66
CA ALA A 30 14.11 -2.56 -4.34
C ALA A 30 12.64 -2.71 -3.97
N VAL A 31 12.16 -3.95 -4.03
CA VAL A 31 10.76 -4.23 -3.77
C VAL A 31 10.46 -3.94 -2.30
N ASP A 32 11.26 -4.53 -1.43
CA ASP A 32 11.07 -4.38 0.00
C ASP A 32 11.06 -2.89 0.35
N SER A 33 11.85 -2.13 -0.39
CA SER A 33 11.95 -0.71 -0.16
C SER A 33 10.62 -0.03 -0.49
N ALA A 34 10.03 -0.45 -1.60
CA ALA A 34 8.75 0.10 -2.02
C ALA A 34 7.74 -0.05 -0.88
N VAL A 35 7.81 -1.19 -0.22
CA VAL A 35 6.96 -1.43 0.95
C VAL A 35 7.43 -0.54 2.11
N GLU A 36 8.68 -0.72 2.48
CA GLU A 36 9.28 0.11 3.51
C GLU A 36 8.90 1.57 3.30
N LYS A 37 8.78 1.95 2.04
CA LYS A 37 8.51 3.33 1.69
C LYS A 37 7.00 3.60 1.78
N ALA A 38 6.24 2.68 1.23
CA ALA A 38 4.80 2.79 1.24
C ALA A 38 4.30 2.84 2.70
N LEU A 39 5.02 2.13 3.55
CA LEU A 39 4.66 2.06 4.95
C LEU A 39 4.94 3.41 5.62
N LYS A 40 6.17 3.86 5.46
CA LYS A 40 6.61 5.09 6.11
C LYS A 40 5.74 6.25 5.63
N VAL A 41 5.30 6.14 4.38
CA VAL A 41 4.47 7.18 3.78
C VAL A 41 3.25 7.42 4.66
N TRP A 42 2.73 6.33 5.23
CA TRP A 42 1.53 6.42 6.05
C TRP A 42 1.96 6.72 7.48
N GLU A 43 3.13 6.19 7.84
CA GLU A 43 3.67 6.41 9.17
C GLU A 43 3.75 7.91 9.47
N GLU A 44 3.82 8.69 8.40
CA GLU A 44 4.00 10.12 8.54
C GLU A 44 2.68 10.80 8.90
N VAL A 45 1.59 10.09 8.61
CA VAL A 45 0.26 10.66 8.76
C VAL A 45 -0.61 9.70 9.57
N THR A 46 0.05 8.80 10.27
CA THR A 46 -0.63 7.94 11.23
C THR A 46 0.27 7.67 12.44
N PRO A 47 -0.38 7.29 13.56
CA PRO A 47 0.36 6.89 14.76
C PRO A 47 0.97 5.50 14.59
N LEU A 48 0.51 4.80 13.56
CA LEU A 48 0.85 3.40 13.39
C LEU A 48 2.37 3.27 13.26
N THR A 49 2.87 2.11 13.66
CA THR A 49 4.28 1.79 13.46
C THR A 49 4.42 0.40 12.83
N PHE A 50 5.29 0.34 11.83
CA PHE A 50 5.44 -0.88 11.04
C PHE A 50 6.75 -1.58 11.37
N SER A 51 6.65 -2.89 11.61
CA SER A 51 7.83 -3.70 11.87
C SER A 51 7.86 -4.87 10.89
N ARG A 52 9.04 -5.48 10.79
CA ARG A 52 9.23 -6.62 9.91
C ARG A 52 9.63 -7.85 10.70
N LEU A 53 9.24 -9.01 10.18
CA LEU A 53 9.55 -10.27 10.83
C LEU A 53 10.31 -11.18 9.86
N TYR A 54 11.39 -11.77 10.36
CA TYR A 54 12.21 -12.63 9.55
C TYR A 54 11.51 -13.95 9.25
N GLU A 55 10.46 -14.22 10.03
CA GLU A 55 9.63 -15.39 9.80
C GLU A 55 8.26 -15.21 10.45
N GLY A 56 7.36 -16.11 10.13
CA GLY A 56 6.03 -16.09 10.70
C GLY A 56 5.07 -15.30 9.82
N GLU A 57 3.80 -15.29 10.23
CA GLU A 57 2.78 -14.59 9.48
C GLU A 57 2.59 -13.18 10.02
N ALA A 58 3.16 -12.22 9.28
CA ALA A 58 3.03 -10.82 9.64
C ALA A 58 1.60 -10.36 9.33
N ASP A 59 1.26 -9.20 9.88
CA ASP A 59 -0.09 -8.67 9.74
C ASP A 59 -0.37 -8.38 8.27
N ILE A 60 0.56 -7.65 7.65
CA ILE A 60 0.43 -7.31 6.25
C ILE A 60 1.48 -8.08 5.44
N MET A 61 1.09 -9.26 5.00
CA MET A 61 1.99 -10.11 4.24
C MET A 61 1.86 -9.87 2.74
N ILE A 62 2.67 -8.93 2.25
CA ILE A 62 2.60 -8.55 0.85
C ILE A 62 3.20 -9.67 -0.01
N SER A 63 2.61 -9.85 -1.18
CA SER A 63 3.05 -10.90 -2.08
C SER A 63 2.66 -10.55 -3.52
N PHE A 64 3.34 -11.19 -4.46
CA PHE A 64 2.99 -11.05 -5.86
C PHE A 64 2.41 -12.35 -6.41
N ALA A 65 1.39 -12.21 -7.25
CA ALA A 65 0.70 -13.36 -7.78
C ALA A 65 0.16 -13.02 -9.17
N VAL A 66 -0.29 -14.05 -9.88
CA VAL A 66 -0.91 -13.87 -11.17
C VAL A 66 -2.11 -14.82 -11.29
N ARG A 67 -2.72 -14.82 -12.47
CA ARG A 67 -3.83 -15.70 -12.74
C ARG A 67 -4.66 -15.93 -11.48
N GLU A 68 -5.12 -17.16 -11.32
CA GLU A 68 -5.86 -17.53 -10.12
C GLU A 68 -4.88 -17.79 -8.97
N HIS A 69 -4.77 -16.79 -8.11
CA HIS A 69 -3.92 -16.90 -6.94
C HIS A 69 -4.78 -17.21 -5.70
N GLY A 70 -5.56 -18.28 -5.82
CA GLY A 70 -6.47 -18.65 -4.76
C GLY A 70 -7.46 -17.53 -4.47
N ASP A 71 -8.27 -17.22 -5.46
CA ASP A 71 -9.15 -16.05 -5.38
C ASP A 71 -10.06 -16.02 -6.61
N PHE A 72 -10.83 -14.94 -6.70
CA PHE A 72 -11.81 -14.82 -7.77
C PHE A 72 -11.44 -13.68 -8.73
N TYR A 73 -10.29 -13.08 -8.45
CA TYR A 73 -9.78 -12.03 -9.32
C TYR A 73 -8.47 -12.48 -9.99
N PRO A 74 -8.63 -13.05 -11.21
CA PRO A 74 -7.50 -13.60 -11.93
C PRO A 74 -6.63 -12.50 -12.53
N PHE A 75 -5.33 -12.74 -12.53
CA PHE A 75 -4.39 -11.78 -13.10
C PHE A 75 -3.88 -12.27 -14.47
N ASP A 76 -3.95 -11.37 -15.44
CA ASP A 76 -3.55 -11.70 -16.79
C ASP A 76 -3.78 -10.49 -17.70
N GLY A 77 -2.67 -9.93 -18.17
CA GLY A 77 -2.73 -8.85 -19.14
C GLY A 77 -1.62 -7.83 -18.89
N PRO A 78 -1.10 -7.26 -20.01
CA PRO A 78 -0.12 -6.20 -19.94
C PRO A 78 -0.77 -4.88 -19.50
N GLY A 79 -0.17 -4.26 -18.49
CA GLY A 79 -0.74 -3.06 -17.91
C GLY A 79 -1.96 -3.39 -17.04
N ASN A 80 -3.00 -2.60 -17.21
CA ASN A 80 -4.23 -2.83 -16.47
C ASN A 80 -3.92 -2.99 -14.99
N VAL A 81 -4.79 -3.72 -14.30
CA VAL A 81 -4.57 -4.00 -12.89
C VAL A 81 -3.08 -4.21 -12.64
N LEU A 82 -2.52 -3.32 -11.83
CA LEU A 82 -1.12 -3.44 -11.43
C LEU A 82 -1.04 -4.19 -10.11
N ALA A 83 -2.04 -3.96 -9.27
CA ALA A 83 -2.07 -4.58 -7.95
C ALA A 83 -3.38 -4.20 -7.25
N HIS A 84 -3.88 -5.14 -6.46
CA HIS A 84 -5.10 -4.90 -5.70
C HIS A 84 -4.84 -5.22 -4.22
N ALA A 85 -5.76 -4.77 -3.38
CA ALA A 85 -5.72 -5.10 -1.97
C ALA A 85 -7.10 -4.90 -1.36
N TYR A 86 -7.31 -5.52 -0.20
CA TYR A 86 -8.62 -5.58 0.40
C TYR A 86 -8.57 -5.23 1.88
N ALA A 87 -9.57 -4.48 2.33
CA ALA A 87 -9.69 -4.15 3.74
C ALA A 87 -9.67 -5.44 4.55
N PRO A 88 -9.15 -5.32 5.80
CA PRO A 88 -8.90 -6.49 6.64
C PRO A 88 -10.20 -7.05 7.19
N GLY A 89 -10.29 -8.38 7.16
CA GLY A 89 -11.47 -9.06 7.68
C GLY A 89 -11.21 -10.56 7.81
N PRO A 90 -11.50 -11.29 6.70
CA PRO A 90 -11.15 -12.70 6.62
C PRO A 90 -9.64 -12.89 6.41
N GLY A 91 -9.25 -14.15 6.34
CA GLY A 91 -7.82 -14.47 6.29
C GLY A 91 -7.27 -14.23 4.87
N ILE A 92 -8.19 -14.01 3.94
CA ILE A 92 -7.80 -13.76 2.57
C ILE A 92 -7.50 -12.26 2.39
N ASN A 93 -8.15 -11.47 3.24
CA ASN A 93 -7.98 -10.02 3.18
C ASN A 93 -6.79 -9.61 4.06
N GLY A 94 -6.50 -8.32 4.03
CA GLY A 94 -5.37 -7.80 4.78
C GLY A 94 -4.08 -7.88 3.98
N ASP A 95 -3.94 -8.98 3.25
CA ASP A 95 -2.79 -9.15 2.37
C ASP A 95 -3.00 -8.31 1.11
N ALA A 96 -1.88 -7.87 0.54
CA ALA A 96 -1.92 -7.07 -0.67
C ALA A 96 -1.23 -7.83 -1.81
N HIS A 97 -2.04 -8.23 -2.78
CA HIS A 97 -1.52 -8.97 -3.92
C HIS A 97 -1.09 -8.00 -5.02
N PHE A 98 0.17 -8.12 -5.40
CA PHE A 98 0.67 -7.36 -6.54
C PHE A 98 0.71 -8.23 -7.80
N ASP A 99 0.46 -7.59 -8.93
CA ASP A 99 0.36 -8.31 -10.19
C ASP A 99 1.77 -8.62 -10.71
N ASP A 100 2.11 -9.89 -10.66
CA ASP A 100 3.40 -10.34 -11.16
C ASP A 100 3.35 -10.39 -12.69
N ASP A 101 2.14 -10.50 -13.21
CA ASP A 101 1.93 -10.49 -14.64
C ASP A 101 1.95 -9.03 -15.13
N GLU A 102 2.97 -8.31 -14.72
CA GLU A 102 3.10 -6.91 -15.10
C GLU A 102 4.54 -6.42 -14.85
N GLN A 103 4.92 -5.42 -15.61
CA GLN A 103 6.24 -4.81 -15.44
C GLN A 103 6.27 -3.97 -14.16
N TRP A 104 7.48 -3.75 -13.67
CA TRP A 104 7.67 -2.93 -12.49
C TRP A 104 8.96 -2.13 -12.66
N THR A 105 9.03 -1.01 -11.94
CA THR A 105 10.22 -0.19 -11.98
C THR A 105 10.56 0.33 -10.58
N LYS A 106 11.78 0.81 -10.43
CA LYS A 106 12.22 1.38 -9.17
C LYS A 106 11.97 2.89 -9.19
N ASP A 107 11.66 3.39 -10.38
CA ASP A 107 11.43 4.82 -10.55
C ASP A 107 10.41 5.03 -11.67
N THR A 108 10.28 6.29 -12.07
CA THR A 108 9.29 6.67 -13.07
C THR A 108 9.79 6.30 -14.47
N THR A 109 9.83 5.00 -14.73
CA THR A 109 10.20 4.51 -16.04
C THR A 109 9.37 3.27 -16.40
N GLY A 110 8.24 3.14 -15.73
CA GLY A 110 7.35 2.02 -15.98
C GLY A 110 6.16 2.04 -15.02
N THR A 111 5.87 0.88 -14.45
CA THR A 111 4.89 0.80 -13.38
C THR A 111 5.58 1.01 -12.02
N ASN A 112 5.67 2.27 -11.63
CA ASN A 112 6.36 2.63 -10.40
C ASN A 112 5.81 1.79 -9.25
N LEU A 113 6.63 0.89 -8.76
CA LEU A 113 6.19 -0.06 -7.74
C LEU A 113 5.84 0.70 -6.46
N PHE A 114 6.81 1.44 -5.96
CA PHE A 114 6.65 2.12 -4.69
C PHE A 114 5.37 2.96 -4.67
N LEU A 115 5.12 3.63 -5.78
CA LEU A 115 3.93 4.45 -5.93
C LEU A 115 2.69 3.55 -5.76
N VAL A 116 2.79 2.34 -6.28
CA VAL A 116 1.69 1.40 -6.21
C VAL A 116 1.66 0.79 -4.80
N ALA A 117 2.84 0.62 -4.23
CA ALA A 117 2.95 0.04 -2.90
C ALA A 117 2.12 0.87 -1.91
N ALA A 118 2.26 2.18 -2.02
CA ALA A 118 1.53 3.08 -1.15
C ALA A 118 0.02 2.91 -1.38
N HIS A 119 -0.40 2.70 -2.63
CA HIS A 119 -1.85 2.50 -3.00
C HIS A 119 -2.39 1.16 -2.42
N GLU A 120 -1.69 0.08 -2.72
CA GLU A 120 -2.08 -1.22 -2.22
C GLU A 120 -2.32 -1.18 -0.72
N ILE A 121 -1.28 -0.76 0.00
CA ILE A 121 -1.34 -0.75 1.45
C ILE A 121 -2.56 0.06 1.90
N GLY A 122 -2.85 1.10 1.15
CA GLY A 122 -4.02 1.92 1.43
C GLY A 122 -5.27 1.06 1.62
N HIS A 123 -5.43 0.11 0.72
CA HIS A 123 -6.55 -0.82 0.79
C HIS A 123 -6.38 -1.71 2.04
N SER A 124 -5.14 -2.08 2.30
CA SER A 124 -4.84 -2.93 3.44
C SER A 124 -5.17 -2.21 4.74
N LEU A 125 -5.05 -0.88 4.68
CA LEU A 125 -5.23 -0.07 5.87
C LEU A 125 -6.71 0.27 6.03
N GLY A 126 -7.04 1.52 5.71
CA GLY A 126 -8.40 2.01 5.92
C GLY A 126 -8.82 2.95 4.79
N LEU A 127 -8.03 2.95 3.73
CA LEU A 127 -8.30 3.81 2.59
C LEU A 127 -8.67 2.93 1.38
N PHE A 128 -9.10 3.60 0.32
CA PHE A 128 -9.45 2.89 -0.90
C PHE A 128 -9.23 3.79 -2.13
N HIS A 129 -9.99 4.88 -2.17
CA HIS A 129 -9.93 5.78 -3.30
C HIS A 129 -10.23 7.21 -2.84
N SER A 130 -9.45 8.14 -3.36
CA SER A 130 -9.57 9.54 -2.97
C SER A 130 -10.50 10.26 -3.94
N ALA A 131 -10.73 11.54 -3.64
CA ALA A 131 -11.54 12.38 -4.51
C ALA A 131 -10.62 13.24 -5.39
N ASN A 132 -9.56 13.72 -4.78
CA ASN A 132 -8.60 14.55 -5.48
C ASN A 132 -7.85 13.69 -6.50
N THR A 133 -7.30 14.37 -7.51
CA THR A 133 -6.60 13.68 -8.58
C THR A 133 -5.10 13.65 -8.29
N GLU A 134 -4.64 14.67 -7.58
CA GLU A 134 -3.22 14.80 -7.29
C GLU A 134 -2.83 13.88 -6.13
N ALA A 135 -3.84 13.29 -5.52
CA ALA A 135 -3.61 12.42 -4.38
C ALA A 135 -3.07 11.08 -4.87
N LEU A 136 -2.84 10.19 -3.91
CA LEU A 136 -2.21 8.91 -4.21
C LEU A 136 -3.30 7.86 -4.46
N MET A 137 -4.25 7.82 -3.53
CA MET A 137 -5.27 6.77 -3.56
C MET A 137 -6.19 6.95 -4.77
N TYR A 138 -6.03 8.07 -5.45
CA TYR A 138 -6.75 8.31 -6.69
C TYR A 138 -6.73 7.08 -7.59
N PRO A 139 -7.95 6.68 -8.06
CA PRO A 139 -8.08 5.48 -8.86
C PRO A 139 -7.57 5.71 -10.28
N LEU A 140 -6.31 6.11 -10.36
CA LEU A 140 -5.65 6.25 -11.66
C LEU A 140 -4.15 6.44 -11.43
N TYR A 141 -3.38 5.96 -12.40
CA TYR A 141 -1.94 6.09 -12.33
C TYR A 141 -1.50 7.52 -12.66
N HIS A 142 -0.42 7.94 -12.00
CA HIS A 142 0.13 9.26 -12.24
C HIS A 142 1.48 9.38 -11.55
N SER A 143 2.50 9.69 -12.34
CA SER A 143 3.85 9.79 -11.81
C SER A 143 4.32 11.24 -11.83
N LEU A 144 4.92 11.64 -10.71
CA LEU A 144 5.45 12.99 -10.58
C LEU A 144 6.82 13.05 -11.26
N THR A 145 7.14 14.23 -11.77
CA THR A 145 8.43 14.45 -12.43
C THR A 145 9.55 13.84 -11.59
N ASP A 146 9.48 14.08 -10.28
CA ASP A 146 10.43 13.48 -9.36
C ASP A 146 9.66 12.88 -8.18
N LEU A 147 9.56 11.55 -8.20
CA LEU A 147 8.80 10.84 -7.19
C LEU A 147 9.44 11.06 -5.82
N THR A 148 10.70 11.49 -5.86
CA THR A 148 11.44 11.72 -4.62
C THR A 148 10.75 12.79 -3.78
N ARG A 149 9.76 13.44 -4.38
CA ARG A 149 9.07 14.53 -3.73
C ARG A 149 7.61 14.16 -3.47
N PHE A 150 7.23 13.00 -3.99
CA PHE A 150 5.86 12.54 -3.86
C PHE A 150 5.37 12.64 -2.41
N ARG A 151 4.11 13.02 -2.27
CA ARG A 151 3.50 13.11 -0.95
C ARG A 151 1.99 12.90 -1.06
N LEU A 152 1.44 12.34 0.01
CA LEU A 152 0.00 12.14 0.09
C LEU A 152 -0.68 13.51 0.23
N SER A 153 -1.72 13.69 -0.59
CA SER A 153 -2.49 14.92 -0.54
C SER A 153 -3.37 14.95 0.71
N GLN A 154 -3.77 16.14 1.10
CA GLN A 154 -4.59 16.32 2.29
C GLN A 154 -5.82 15.42 2.22
N ASP A 155 -6.26 15.17 1.00
CA ASP A 155 -7.38 14.28 0.78
C ASP A 155 -7.14 12.96 1.52
N ASP A 156 -5.96 12.40 1.29
CA ASP A 156 -5.64 11.09 1.82
C ASP A 156 -5.51 11.18 3.34
N ILE A 157 -4.74 12.17 3.79
CA ILE A 157 -4.45 12.30 5.20
C ILE A 157 -5.76 12.47 5.98
N ASN A 158 -6.63 13.29 5.43
CA ASN A 158 -7.91 13.56 6.06
C ASN A 158 -8.57 12.22 6.43
N GLY A 159 -8.49 11.28 5.50
CA GLY A 159 -9.11 9.98 5.70
C GLY A 159 -8.29 9.12 6.65
N ILE A 160 -7.03 8.91 6.28
CA ILE A 160 -6.18 7.99 7.02
C ILE A 160 -6.18 8.37 8.49
N GLN A 161 -6.37 9.66 8.74
CA GLN A 161 -6.38 10.18 10.10
C GLN A 161 -7.72 9.86 10.77
N SER A 162 -8.78 10.00 10.00
CA SER A 162 -10.12 9.76 10.51
C SER A 162 -10.24 8.32 11.00
N LEU A 163 -9.49 7.44 10.36
CA LEU A 163 -9.52 6.04 10.70
C LEU A 163 -8.48 5.76 11.79
N TYR A 164 -7.54 6.69 11.91
CA TYR A 164 -6.48 6.56 12.91
C TYR A 164 -6.19 7.91 13.57
N GLY A 165 -5.21 8.60 12.99
CA GLY A 165 -4.92 9.96 13.40
C GLY A 165 -3.80 10.00 14.44
N PRO A 166 -2.64 10.58 14.00
CA PRO A 166 -1.50 10.72 14.90
C PRO A 166 -1.73 11.84 15.91
N PRO A 167 -0.85 11.88 16.95
CA PRO A 167 -0.94 12.90 17.98
C PRO A 167 -0.43 14.25 17.46
N PRO A 168 -0.77 15.32 18.23
CA PRO A 168 -0.35 16.65 17.86
C PRO A 168 1.14 16.87 18.16
N ASP A 169 1.63 18.04 17.81
CA ASP A 169 3.02 18.38 18.04
C ASP A 169 3.26 18.55 19.54
N SER A 170 4.45 18.14 19.96
CA SER A 170 4.80 18.21 21.37
C SER A 170 3.67 17.65 22.23
N PRO A 171 3.47 16.32 22.12
CA PRO A 171 2.43 15.65 22.88
C PRO A 171 2.82 15.51 24.35
N GLU A 172 2.79 16.63 25.05
CA GLU A 172 3.14 16.65 26.46
C GLU A 172 1.91 16.34 27.32
N THR A 173 2.12 15.50 28.31
CA THR A 173 1.04 15.10 29.19
C THR A 173 -0.25 14.88 28.39
ZN ZN B . -7.52 1.32 -5.40
ZN ZN C . -6.00 -11.21 -5.01
C1 8MI D . -6.04 -1.95 -9.29
C2 8MI D . -6.03 -1.01 -8.07
C3 8MI D . -7.21 -0.01 -8.20
O4 8MI D . -7.78 0.35 -7.19
O5 8MI D . -7.52 0.38 -9.32
N6 8MI D . -4.72 -0.36 -7.97
C7 8MI D . -4.56 0.71 -8.99
C8 8MI D . -3.29 1.55 -8.70
C9 8MI D . -3.42 2.98 -9.28
C10 8MI D . -2.17 3.81 -8.97
C11 8MI D . -2.29 4.99 -8.23
C12 8MI D . -1.14 5.76 -7.94
C13 8MI D . 0.11 5.34 -8.40
C14 8MI D . 0.23 4.16 -9.14
C15 8MI D . -0.91 3.39 -9.43
C16 8MI D . -4.45 0.13 -10.43
O17 8MI D . -3.61 -0.71 -10.71
N18 8MI D . -5.28 0.59 -11.35
C19 8MI D . -5.33 0.09 -12.78
C20 8MI D . -6.81 0.07 -13.26
C21 8MI D . -7.38 -1.37 -13.15
C22 8MI D . -8.84 -1.40 -13.64
N23 8MI D . -8.88 -1.14 -15.14
C24 8MI D . -9.35 -0.04 -15.70
N25 8MI D . -9.67 -0.06 -16.98
N26 8MI D . -9.49 1.09 -15.01
C27 8MI D . -4.48 1.01 -13.70
O28 8MI D . -4.53 2.24 -13.59
N29 8MI D . -3.71 0.43 -14.61
C30 8MI D . -2.94 1.19 -15.46
C31 8MI D . -3.17 1.14 -16.84
C32 8MI D . -2.39 1.91 -17.72
C33 8MI D . -1.37 2.72 -17.22
C34 8MI D . -1.13 2.78 -15.84
C35 8MI D . -1.91 2.01 -14.97
H36 8MI D . -6.68 -2.80 -9.10
H37 8MI D . -5.03 -2.31 -9.48
H38 8MI D . -6.39 -1.42 -10.16
H39 8MI D . -6.20 -1.62 -7.19
H40 8MI D . -3.97 -1.07 -8.08
H41 8MI D . -5.41 1.37 -8.96
H42 8MI D . -2.42 1.07 -9.13
H43 8MI D . -3.15 1.63 -7.63
H44 8MI D . -4.28 3.47 -8.85
H45 8MI D . -3.55 2.93 -10.36
H46 8MI D . -3.25 5.32 -7.87
H47 8MI D . -1.23 6.66 -7.37
H48 8MI D . 0.99 5.93 -8.18
H49 8MI D . 1.19 3.84 -9.50
H50 8MI D . -0.81 2.48 -10.00
H51 8MI D . -5.95 1.29 -11.16
H52 8MI D . -4.93 -0.91 -12.82
H53 8MI D . -6.86 0.38 -14.28
H54 8MI D . -7.40 0.74 -12.64
H55 8MI D . -7.36 -1.68 -12.11
H56 8MI D . -6.78 -2.04 -13.73
H57 8MI D . -9.41 -0.64 -13.13
H58 8MI D . -9.26 -2.37 -13.44
H59 8MI D . -8.52 -1.89 -15.67
H61 8MI D . -10.02 0.76 -17.43
H62 8MI D . -9.22 1.12 -14.05
H63 8MI D . -9.85 1.91 -15.46
H64 8MI D . -3.66 -0.55 -14.71
H65 8MI D . -3.96 0.52 -17.23
H66 8MI D . -2.58 1.87 -18.78
H67 8MI D . -0.78 3.32 -17.90
H68 8MI D . -0.34 3.41 -15.47
H69 8MI D . -1.71 2.05 -13.90
H60 8MI D . -9.56 -0.90 -17.51
H70 8MI D . -4.62 0.06 -7.02
N PHE A 1 -14.48 9.65 5.29
CA PHE A 1 -13.98 8.87 4.17
C PHE A 1 -14.80 7.58 4.00
N ARG A 2 -14.52 6.88 2.92
CA ARG A 2 -15.16 5.60 2.65
C ARG A 2 -14.57 4.52 3.56
N THR A 3 -15.45 3.64 4.02
CA THR A 3 -15.09 2.69 5.06
C THR A 3 -16.04 1.50 5.05
N PHE A 4 -15.46 0.31 5.17
CA PHE A 4 -16.24 -0.91 5.25
C PHE A 4 -17.27 -0.82 6.37
N PRO A 5 -18.20 -1.81 6.38
CA PRO A 5 -19.22 -1.88 7.41
C PRO A 5 -18.64 -2.37 8.74
N GLY A 6 -18.30 -1.40 9.58
CA GLY A 6 -17.63 -1.71 10.84
C GLY A 6 -16.39 -0.85 11.02
N ILE A 7 -16.05 -0.12 9.96
CA ILE A 7 -14.90 0.77 10.01
C ILE A 7 -13.62 -0.06 10.11
N PRO A 8 -12.87 -0.11 8.98
CA PRO A 8 -11.61 -0.82 8.95
C PRO A 8 -10.52 -0.04 9.68
N LYS A 9 -9.81 -0.73 10.55
CA LYS A 9 -8.76 -0.10 11.34
C LYS A 9 -8.20 -1.11 12.34
N TRP A 10 -6.89 -1.29 12.30
CA TRP A 10 -6.23 -2.23 13.19
C TRP A 10 -6.39 -1.70 14.62
N ARG A 11 -6.41 -2.64 15.56
CA ARG A 11 -6.62 -2.29 16.95
C ARG A 11 -5.29 -1.98 17.63
N LYS A 12 -4.22 -2.18 16.88
CA LYS A 12 -2.87 -1.93 17.40
C LYS A 12 -2.15 -0.98 16.45
N THR A 13 -1.14 -0.31 17.00
CA THR A 13 -0.35 0.63 16.23
C THR A 13 0.88 -0.06 15.63
N HIS A 14 1.46 -0.96 16.42
CA HIS A 14 2.64 -1.69 15.99
C HIS A 14 2.23 -2.77 14.99
N LEU A 15 2.20 -2.38 13.72
CA LEU A 15 1.78 -3.28 12.67
C LEU A 15 3.00 -4.07 12.16
N THR A 16 2.71 -5.18 11.51
CA THR A 16 3.76 -5.96 10.87
C THR A 16 3.37 -6.28 9.42
N TYR A 17 4.39 -6.37 8.58
CA TYR A 17 4.18 -6.76 7.19
C TYR A 17 5.25 -7.74 6.73
N ARG A 18 5.08 -8.23 5.52
CA ARG A 18 5.98 -9.22 4.97
C ARG A 18 5.82 -9.32 3.45
N ILE A 19 6.92 -9.62 2.78
CA ILE A 19 6.88 -9.91 1.36
C ILE A 19 6.98 -11.43 1.15
N VAL A 20 5.94 -12.00 0.58
CA VAL A 20 5.87 -13.43 0.40
C VAL A 20 6.74 -13.85 -0.78
N ASN A 21 6.70 -13.01 -1.81
CA ASN A 21 7.49 -13.26 -3.01
C ASN A 21 7.64 -11.97 -3.80
N TYR A 22 8.53 -12.01 -4.79
CA TYR A 22 8.84 -10.83 -5.57
C TYR A 22 8.61 -11.08 -7.05
N THR A 23 8.92 -10.07 -7.85
CA THR A 23 8.66 -10.11 -9.28
C THR A 23 9.97 -10.24 -10.06
N PRO A 24 9.89 -11.02 -11.17
CA PRO A 24 11.05 -11.21 -12.03
C PRO A 24 11.31 -9.96 -12.88
N ASP A 25 11.67 -8.89 -12.19
CA ASP A 25 11.94 -7.63 -12.87
C ASP A 25 12.77 -6.72 -11.95
N LEU A 26 12.33 -6.63 -10.71
CA LEU A 26 13.03 -5.84 -9.71
C LEU A 26 13.78 -6.78 -8.77
N PRO A 27 14.84 -6.22 -8.11
CA PRO A 27 15.55 -6.96 -7.07
C PRO A 27 14.72 -7.00 -5.78
N LYS A 28 15.18 -7.84 -4.86
CA LYS A 28 14.44 -8.08 -3.64
C LYS A 28 14.34 -6.78 -2.83
N ASP A 29 15.51 -6.31 -2.41
CA ASP A 29 15.57 -5.14 -1.55
C ASP A 29 14.77 -4.00 -2.18
N ALA A 30 14.78 -3.98 -3.51
CA ALA A 30 14.11 -2.92 -4.24
C ALA A 30 12.61 -2.98 -3.96
N VAL A 31 12.08 -4.19 -4.03
CA VAL A 31 10.66 -4.41 -3.82
C VAL A 31 10.30 -4.07 -2.36
N ASP A 32 11.04 -4.69 -1.45
CA ASP A 32 10.80 -4.48 -0.04
C ASP A 32 10.83 -2.99 0.27
N SER A 33 11.70 -2.28 -0.45
CA SER A 33 11.84 -0.86 -0.26
C SER A 33 10.52 -0.15 -0.58
N ALA A 34 9.94 -0.53 -1.70
CA ALA A 34 8.68 0.06 -2.13
C ALA A 34 7.67 -0.01 -0.97
N VAL A 35 7.67 -1.14 -0.29
CA VAL A 35 6.80 -1.33 0.85
C VAL A 35 7.30 -0.48 2.02
N GLU A 36 8.56 -0.71 2.37
CA GLU A 36 9.20 0.08 3.41
C GLU A 36 8.88 1.56 3.24
N LYS A 37 8.76 1.96 1.98
CA LYS A 37 8.53 3.36 1.65
C LYS A 37 7.03 3.65 1.71
N ALA A 38 6.26 2.73 1.17
CA ALA A 38 4.81 2.88 1.14
C ALA A 38 4.29 2.93 2.58
N LEU A 39 4.98 2.21 3.45
CA LEU A 39 4.59 2.15 4.86
C LEU A 39 4.89 3.50 5.52
N LYS A 40 6.12 3.94 5.36
CA LYS A 40 6.55 5.18 5.98
C LYS A 40 5.67 6.33 5.48
N VAL A 41 5.27 6.22 4.22
CA VAL A 41 4.45 7.25 3.60
C VAL A 41 3.19 7.47 4.46
N TRP A 42 2.72 6.38 5.05
CA TRP A 42 1.54 6.46 5.91
C TRP A 42 2.00 6.82 7.32
N GLU A 43 3.16 6.30 7.69
CA GLU A 43 3.70 6.56 9.01
C GLU A 43 3.80 8.07 9.25
N GLU A 44 3.86 8.81 8.16
CA GLU A 44 4.09 10.25 8.24
C GLU A 44 2.78 10.96 8.59
N VAL A 45 1.68 10.26 8.38
CA VAL A 45 0.37 10.86 8.51
C VAL A 45 -0.52 9.96 9.36
N THR A 46 0.13 9.05 10.09
CA THR A 46 -0.57 8.24 11.07
C THR A 46 0.34 7.96 12.27
N PRO A 47 -0.32 7.62 13.41
CA PRO A 47 0.42 7.24 14.61
C PRO A 47 1.01 5.84 14.47
N LEU A 48 0.60 5.15 13.42
CA LEU A 48 0.88 3.73 13.30
C LEU A 48 2.38 3.53 13.06
N THR A 49 2.86 2.36 13.44
CA THR A 49 4.22 1.96 13.12
C THR A 49 4.22 0.60 12.42
N PHE A 50 5.36 0.27 11.84
CA PHE A 50 5.47 -0.94 11.05
C PHE A 50 6.76 -1.71 11.39
N SER A 51 6.75 -2.99 11.09
CA SER A 51 7.91 -3.83 11.33
C SER A 51 7.90 -5.03 10.38
N ARG A 52 9.09 -5.49 10.05
CA ARG A 52 9.24 -6.61 9.13
C ARG A 52 9.44 -7.91 9.90
N LEU A 53 9.04 -9.00 9.27
CA LEU A 53 9.22 -10.32 9.85
C LEU A 53 9.83 -11.26 8.81
N TYR A 54 10.99 -11.79 9.13
CA TYR A 54 11.70 -12.66 8.21
C TYR A 54 11.09 -14.06 8.18
N GLU A 55 10.19 -14.29 9.13
CA GLU A 55 9.47 -15.55 9.17
C GLU A 55 8.09 -15.36 9.81
N GLY A 56 7.29 -16.41 9.75
CA GLY A 56 5.98 -16.39 10.39
C GLY A 56 5.00 -15.55 9.57
N GLU A 57 3.93 -15.13 10.23
CA GLU A 57 2.90 -14.36 9.58
C GLU A 57 2.98 -12.89 10.02
N ALA A 58 2.50 -12.02 9.15
CA ALA A 58 2.47 -10.60 9.46
C ALA A 58 1.05 -10.06 9.19
N ASP A 59 0.77 -8.90 9.77
CA ASP A 59 -0.53 -8.29 9.64
C ASP A 59 -0.78 -7.96 8.16
N ILE A 60 0.27 -7.49 7.51
CA ILE A 60 0.18 -7.14 6.10
C ILE A 60 1.17 -7.99 5.30
N MET A 61 0.71 -9.17 4.93
CA MET A 61 1.56 -10.10 4.18
C MET A 61 1.43 -9.87 2.67
N ILE A 62 2.25 -8.95 2.18
CA ILE A 62 2.16 -8.56 0.78
C ILE A 62 2.73 -9.68 -0.09
N SER A 63 2.01 -9.95 -1.17
CA SER A 63 2.34 -11.09 -2.02
C SER A 63 2.09 -10.75 -3.49
N PHE A 64 2.63 -11.57 -4.36
CA PHE A 64 2.42 -11.41 -5.79
C PHE A 64 1.90 -12.70 -6.43
N ALA A 65 1.13 -12.52 -7.50
CA ALA A 65 0.65 -13.66 -8.25
C ALA A 65 0.12 -13.18 -9.60
N VAL A 66 0.35 -14.00 -10.62
CA VAL A 66 -0.26 -13.75 -11.92
C VAL A 66 -1.57 -14.53 -12.02
N ARG A 67 -2.28 -14.29 -13.12
CA ARG A 67 -3.51 -15.02 -13.39
C ARG A 67 -4.31 -15.22 -12.10
N GLU A 68 -5.01 -16.34 -12.04
CA GLU A 68 -5.80 -16.67 -10.86
C GLU A 68 -4.91 -17.30 -9.79
N HIS A 69 -5.21 -16.96 -8.55
CA HIS A 69 -4.25 -17.11 -7.47
C HIS A 69 -4.99 -17.18 -6.12
N GLY A 70 -6.19 -17.72 -6.17
CA GLY A 70 -7.01 -17.82 -4.98
C GLY A 70 -8.45 -17.37 -5.28
N ASP A 71 -8.70 -16.10 -5.06
CA ASP A 71 -10.01 -15.53 -5.31
C ASP A 71 -10.23 -15.41 -6.82
N PHE A 72 -11.25 -14.63 -7.18
CA PHE A 72 -11.59 -14.45 -8.58
C PHE A 72 -11.09 -13.10 -9.10
N TYR A 73 -9.80 -13.07 -9.38
CA TYR A 73 -9.19 -11.85 -9.90
C TYR A 73 -7.94 -12.17 -10.73
N PRO A 74 -8.18 -12.67 -11.97
CA PRO A 74 -7.11 -13.22 -12.78
C PRO A 74 -6.24 -12.11 -13.36
N PHE A 75 -5.00 -12.06 -12.90
CA PHE A 75 -4.04 -11.11 -13.42
C PHE A 75 -3.59 -11.51 -14.84
N ASP A 76 -3.72 -10.57 -15.76
CA ASP A 76 -3.59 -10.88 -17.17
C ASP A 76 -2.49 -10.01 -17.79
N GLY A 77 -1.26 -10.46 -17.61
CA GLY A 77 -0.14 -9.84 -18.30
C GLY A 77 0.07 -8.41 -17.84
N PRO A 78 0.82 -7.64 -18.68
CA PRO A 78 1.11 -6.25 -18.35
C PRO A 78 -0.12 -5.36 -18.59
N GLY A 79 -0.13 -4.22 -17.91
CA GLY A 79 -1.28 -3.34 -17.95
C GLY A 79 -2.38 -3.85 -17.02
N ASN A 80 -3.58 -3.31 -17.22
CA ASN A 80 -4.72 -3.70 -16.42
C ASN A 80 -4.34 -3.66 -14.94
N VAL A 81 -5.10 -4.42 -14.14
CA VAL A 81 -4.83 -4.50 -12.72
C VAL A 81 -3.32 -4.63 -12.49
N LEU A 82 -2.76 -3.64 -11.82
CA LEU A 82 -1.38 -3.69 -11.41
C LEU A 82 -1.27 -4.39 -10.05
N ALA A 83 -2.20 -4.04 -9.18
CA ALA A 83 -2.25 -4.65 -7.85
C ALA A 83 -3.60 -4.32 -7.20
N HIS A 84 -4.09 -5.28 -6.44
CA HIS A 84 -5.35 -5.10 -5.72
C HIS A 84 -5.20 -5.58 -4.29
N ALA A 85 -6.13 -5.13 -3.45
CA ALA A 85 -6.05 -5.43 -2.02
C ALA A 85 -7.45 -5.31 -1.42
N TYR A 86 -7.53 -5.65 -0.14
CA TYR A 86 -8.81 -5.65 0.55
C TYR A 86 -8.66 -5.14 1.99
N ALA A 87 -9.79 -4.82 2.60
CA ALA A 87 -9.80 -4.34 3.96
C ALA A 87 -9.01 -5.31 4.85
N PRO A 88 -8.64 -4.82 6.06
CA PRO A 88 -7.84 -5.60 6.98
C PRO A 88 -8.67 -6.70 7.64
N GLY A 89 -7.98 -7.70 8.16
CA GLY A 89 -8.65 -8.83 8.78
C GLY A 89 -7.92 -10.13 8.46
N PRO A 90 -8.50 -11.26 8.96
CA PRO A 90 -7.92 -12.57 8.75
C PRO A 90 -8.16 -13.04 7.31
N GLY A 91 -7.27 -13.91 6.85
CA GLY A 91 -7.43 -14.54 5.54
C GLY A 91 -7.06 -13.57 4.42
N ILE A 92 -7.93 -13.51 3.42
CA ILE A 92 -7.67 -12.68 2.25
C ILE A 92 -7.44 -11.24 2.71
N ASN A 93 -8.17 -10.85 3.74
CA ASN A 93 -8.14 -9.48 4.21
C ASN A 93 -6.76 -9.18 4.78
N GLY A 94 -6.37 -7.92 4.69
CA GLY A 94 -5.08 -7.48 5.20
C GLY A 94 -3.98 -7.65 4.15
N ASP A 95 -4.11 -8.72 3.38
CA ASP A 95 -3.11 -9.04 2.37
C ASP A 95 -3.28 -8.11 1.17
N ALA A 96 -2.20 -7.98 0.41
CA ALA A 96 -2.24 -7.19 -0.80
C ALA A 96 -1.59 -7.97 -1.94
N HIS A 97 -2.35 -8.12 -3.03
CA HIS A 97 -1.90 -8.93 -4.15
C HIS A 97 -1.43 -8.02 -5.28
N PHE A 98 -0.18 -8.26 -5.69
CA PHE A 98 0.37 -7.54 -6.83
C PHE A 98 0.49 -8.46 -8.04
N ASP A 99 0.66 -7.83 -9.20
CA ASP A 99 0.90 -8.57 -10.43
C ASP A 99 2.39 -8.89 -10.55
N ASP A 100 2.67 -10.12 -10.96
CA ASP A 100 4.04 -10.54 -11.18
C ASP A 100 4.35 -10.51 -12.68
N ASP A 101 3.29 -10.60 -13.46
CA ASP A 101 3.43 -10.64 -14.91
C ASP A 101 3.70 -9.23 -15.44
N GLU A 102 3.29 -8.25 -14.64
CA GLU A 102 3.42 -6.86 -15.04
C GLU A 102 4.85 -6.37 -14.77
N GLN A 103 5.26 -5.39 -15.55
CA GLN A 103 6.57 -4.78 -15.36
C GLN A 103 6.54 -3.85 -14.13
N TRP A 104 7.72 -3.65 -13.57
CA TRP A 104 7.84 -2.81 -12.38
C TRP A 104 9.15 -2.03 -12.49
N THR A 105 9.17 -0.86 -11.84
CA THR A 105 10.36 -0.04 -11.82
C THR A 105 10.56 0.55 -10.42
N LYS A 106 11.77 1.07 -10.21
CA LYS A 106 12.13 1.59 -8.90
C LYS A 106 11.88 3.10 -8.87
N ASP A 107 11.72 3.67 -10.06
CA ASP A 107 11.56 5.11 -10.18
C ASP A 107 10.50 5.40 -11.24
N THR A 108 10.29 6.68 -11.49
CA THR A 108 9.27 7.11 -12.45
C THR A 108 9.72 6.79 -13.88
N THR A 109 9.57 5.52 -14.24
CA THR A 109 9.90 5.07 -15.57
C THR A 109 8.83 4.13 -16.12
N GLY A 110 8.53 3.11 -15.31
CA GLY A 110 7.51 2.15 -15.67
C GLY A 110 6.27 2.31 -14.79
N THR A 111 5.81 1.18 -14.26
CA THR A 111 4.78 1.20 -13.23
C THR A 111 5.42 1.29 -11.84
N ASN A 112 5.82 2.51 -11.49
CA ASN A 112 6.53 2.73 -10.24
C ASN A 112 5.90 1.87 -9.15
N LEU A 113 6.67 0.88 -8.69
CA LEU A 113 6.14 -0.11 -7.76
C LEU A 113 5.69 0.60 -6.48
N PHE A 114 6.57 1.42 -5.95
CA PHE A 114 6.31 2.07 -4.67
C PHE A 114 4.94 2.75 -4.67
N LEU A 115 4.67 3.44 -5.77
CA LEU A 115 3.37 4.08 -5.95
C LEU A 115 2.27 3.06 -5.68
N VAL A 116 2.46 1.88 -6.23
CA VAL A 116 1.45 0.84 -6.14
C VAL A 116 1.46 0.23 -4.74
N ALA A 117 2.66 0.13 -4.18
CA ALA A 117 2.82 -0.39 -2.83
C ALA A 117 1.98 0.44 -1.86
N ALA A 118 2.11 1.76 -1.99
CA ALA A 118 1.43 2.66 -1.08
C ALA A 118 -0.08 2.56 -1.29
N HIS A 119 -0.55 2.65 -2.53
CA HIS A 119 -2.01 2.44 -2.90
C HIS A 119 -2.53 1.08 -2.35
N GLU A 120 -1.77 0.02 -2.60
CA GLU A 120 -2.15 -1.31 -2.16
C GLU A 120 -2.41 -1.29 -0.65
N ILE A 121 -1.43 -0.81 0.09
CA ILE A 121 -1.52 -0.78 1.54
C ILE A 121 -2.74 0.04 1.95
N GLY A 122 -3.02 1.06 1.16
CA GLY A 122 -4.16 1.91 1.42
C GLY A 122 -5.44 1.09 1.58
N HIS A 123 -5.56 0.07 0.75
CA HIS A 123 -6.71 -0.83 0.80
C HIS A 123 -6.61 -1.71 2.04
N SER A 124 -5.39 -2.10 2.35
CA SER A 124 -5.14 -2.94 3.52
C SER A 124 -5.45 -2.16 4.80
N LEU A 125 -5.36 -0.85 4.69
CA LEU A 125 -5.57 0.01 5.84
C LEU A 125 -7.07 0.28 6.00
N GLY A 126 -7.47 1.47 5.57
CA GLY A 126 -8.86 1.89 5.73
C GLY A 126 -9.23 2.94 4.70
N LEU A 127 -8.49 2.94 3.60
CA LEU A 127 -8.80 3.81 2.48
C LEU A 127 -9.12 2.96 1.25
N PHE A 128 -9.42 3.65 0.16
CA PHE A 128 -9.69 2.97 -1.10
C PHE A 128 -9.45 3.91 -2.29
N HIS A 129 -10.20 4.99 -2.31
CA HIS A 129 -10.10 5.96 -3.40
C HIS A 129 -10.43 7.36 -2.88
N SER A 130 -9.49 8.27 -3.08
CA SER A 130 -9.65 9.62 -2.58
C SER A 130 -10.63 10.40 -3.46
N ALA A 131 -10.07 11.12 -4.41
CA ALA A 131 -10.86 11.98 -5.29
C ALA A 131 -9.93 12.80 -6.18
N ASN A 132 -8.90 13.35 -5.57
CA ASN A 132 -7.92 14.13 -6.30
C ASN A 132 -7.20 13.22 -7.30
N THR A 133 -6.78 13.82 -8.40
CA THR A 133 -6.11 13.08 -9.45
C THR A 133 -4.58 13.12 -9.24
N GLU A 134 -4.17 14.03 -8.37
CA GLU A 134 -2.76 14.17 -8.05
C GLU A 134 -2.39 13.29 -6.87
N ALA A 135 -3.42 12.72 -6.25
CA ALA A 135 -3.22 11.85 -5.10
C ALA A 135 -2.68 10.50 -5.58
N LEU A 136 -2.18 9.73 -4.62
CA LEU A 136 -1.61 8.43 -4.93
C LEU A 136 -2.67 7.35 -4.76
N MET A 137 -3.69 7.68 -3.98
CA MET A 137 -4.79 6.76 -3.77
C MET A 137 -5.86 6.92 -4.86
N TYR A 138 -5.46 7.58 -5.94
CA TYR A 138 -6.31 7.64 -7.12
C TYR A 138 -6.14 6.39 -7.98
N PRO A 139 -7.24 6.02 -8.68
CA PRO A 139 -7.29 4.75 -9.39
C PRO A 139 -6.44 4.80 -10.67
N LEU A 140 -6.57 5.91 -11.37
CA LEU A 140 -5.79 6.13 -12.59
C LEU A 140 -4.35 6.45 -12.21
N TYR A 141 -3.43 5.80 -12.93
CA TYR A 141 -2.02 5.93 -12.61
C TYR A 141 -1.56 7.38 -12.71
N HIS A 142 -0.49 7.69 -11.98
CA HIS A 142 0.03 9.04 -11.95
C HIS A 142 1.53 9.00 -11.66
N SER A 143 2.13 10.18 -11.64
CA SER A 143 3.55 10.30 -11.36
C SER A 143 3.90 11.75 -11.04
N LEU A 144 5.20 11.99 -10.86
CA LEU A 144 5.68 13.32 -10.55
C LEU A 144 7.10 13.48 -11.09
N THR A 145 7.48 14.74 -11.30
CA THR A 145 8.82 15.05 -11.78
C THR A 145 9.87 14.46 -10.84
N ASP A 146 9.52 14.40 -9.57
CA ASP A 146 10.41 13.83 -8.57
C ASP A 146 9.57 13.13 -7.50
N LEU A 147 9.85 11.85 -7.31
CA LEU A 147 9.10 11.04 -6.36
C LEU A 147 9.82 11.03 -5.01
N THR A 148 11.11 11.36 -5.06
CA THR A 148 11.93 11.35 -3.87
C THR A 148 11.37 12.34 -2.83
N ARG A 149 10.43 13.15 -3.29
CA ARG A 149 9.82 14.14 -2.42
C ARG A 149 8.31 13.89 -2.32
N PHE A 150 7.84 12.95 -3.13
CA PHE A 150 6.42 12.69 -3.23
C PHE A 150 5.76 12.71 -1.85
N ARG A 151 4.48 13.04 -1.85
CA ARG A 151 3.69 12.96 -0.64
C ARG A 151 2.20 12.81 -0.98
N LEU A 152 1.45 12.27 -0.04
CA LEU A 152 0.03 12.05 -0.24
C LEU A 152 -0.70 13.39 -0.17
N SER A 153 -1.65 13.56 -1.08
CA SER A 153 -2.46 14.76 -1.11
C SER A 153 -3.27 14.88 0.19
N GLN A 154 -3.65 16.11 0.51
CA GLN A 154 -4.42 16.37 1.71
C GLN A 154 -5.67 15.50 1.74
N ASP A 155 -6.16 15.18 0.55
CA ASP A 155 -7.34 14.35 0.43
C ASP A 155 -7.10 13.01 1.12
N ASP A 156 -5.88 12.51 0.96
CA ASP A 156 -5.54 11.19 1.47
C ASP A 156 -5.39 11.24 2.99
N ILE A 157 -4.70 12.29 3.43
CA ILE A 157 -4.45 12.45 4.86
C ILE A 157 -5.78 12.67 5.59
N ASN A 158 -6.65 13.41 4.93
CA ASN A 158 -7.98 13.65 5.48
C ASN A 158 -8.61 12.32 5.89
N GLY A 159 -8.45 11.34 5.01
CA GLY A 159 -9.07 10.04 5.24
C GLY A 159 -8.27 9.22 6.24
N ILE A 160 -6.97 9.11 5.98
CA ILE A 160 -6.11 8.25 6.79
C ILE A 160 -6.20 8.68 8.26
N GLN A 161 -6.46 9.97 8.44
CA GLN A 161 -6.59 10.51 9.78
C GLN A 161 -7.98 10.21 10.34
N SER A 162 -8.96 10.23 9.45
CA SER A 162 -10.34 9.98 9.85
C SER A 162 -10.45 8.62 10.55
N LEU A 163 -9.58 7.72 10.15
CA LEU A 163 -9.63 6.35 10.67
C LEU A 163 -8.62 6.23 11.82
N TYR A 164 -7.69 7.16 11.85
CA TYR A 164 -6.62 7.12 12.85
C TYR A 164 -6.28 8.53 13.35
N GLY A 165 -5.25 9.09 12.74
CA GLY A 165 -4.85 10.45 13.07
C GLY A 165 -3.73 10.45 14.12
N PRO A 166 -2.55 10.99 13.70
CA PRO A 166 -1.42 11.11 14.61
C PRO A 166 -1.63 12.24 15.61
N PRO A 167 -0.74 12.27 16.63
CA PRO A 167 -0.81 13.30 17.66
C PRO A 167 -0.29 14.64 17.12
N PRO A 168 -0.60 15.73 17.87
CA PRO A 168 -0.15 17.05 17.50
C PRO A 168 1.34 17.24 17.79
N ASP A 169 1.84 18.41 17.43
CA ASP A 169 3.24 18.72 17.65
C ASP A 169 3.47 19.00 19.14
N SER A 170 4.73 18.93 19.54
CA SER A 170 5.10 19.16 20.92
C SER A 170 4.91 20.64 21.27
N PRO A 171 4.60 20.90 22.56
CA PRO A 171 4.43 22.26 23.04
C PRO A 171 5.78 22.96 23.21
N GLU A 172 5.71 24.25 23.46
CA GLU A 172 6.92 25.05 23.63
C GLU A 172 7.78 24.46 24.74
N THR A 173 7.12 23.95 25.77
CA THR A 173 7.81 23.36 26.89
C THR A 173 8.76 24.37 27.53
ZN ZN B . -7.78 1.66 -5.11
ZN ZN C . -5.15 -11.16 -5.53
C1 8MI D . -6.39 -1.25 -9.14
C2 8MI D . -6.17 -0.49 -7.81
C3 8MI D . -7.27 -0.92 -6.78
O4 8MI D . -7.92 -0.05 -6.23
O5 8MI D . -7.42 -2.12 -6.58
N6 8MI D . -6.19 0.96 -8.08
C7 8MI D . -5.21 1.32 -9.16
C8 8MI D . -3.82 0.68 -8.86
C9 8MI D . -2.76 1.16 -9.87
C10 8MI D . -1.90 2.28 -9.28
C11 8MI D . -1.54 3.39 -10.06
C12 8MI D . -0.75 4.40 -9.52
C13 8MI D . -0.30 4.30 -8.19
C14 8MI D . -0.66 3.20 -7.41
C15 8MI D . -1.45 2.19 -7.95
C16 8MI D . -5.68 0.83 -10.56
O17 8MI D . -6.73 1.24 -11.05
N18 8MI D . -4.93 -0.05 -11.19
C19 8MI D . -5.23 -0.59 -12.57
C20 8MI D . -6.76 -0.68 -12.76
C21 8MI D . -7.12 -1.88 -13.66
C22 8MI D . -8.44 -1.62 -14.40
N23 8MI D . -8.78 -2.79 -15.29
C24 8MI D . -9.86 -2.87 -16.07
N25 8MI D . -10.04 -3.96 -16.80
N26 8MI D . -10.75 -1.90 -16.13
C27 8MI D . -4.59 0.34 -13.64
O28 8MI D . -4.83 1.54 -13.66
N29 8MI D . -3.79 -0.22 -14.56
C30 8MI D . -3.15 0.55 -15.50
C31 8MI D . -3.36 0.30 -16.86
C32 8MI D . -2.71 1.09 -17.83
C33 8MI D . -1.85 2.11 -17.43
C34 8MI D . -1.64 2.36 -16.08
C35 8MI D . -2.28 1.58 -15.10
H36 8MI D . -5.45 -1.38 -9.63
H37 8MI D . -7.06 -0.68 -9.77
H38 8MI D . -6.84 -2.22 -8.93
H39 8MI D . -5.21 -0.78 -7.42
H40 8MI D . -5.95 1.48 -7.21
H41 8MI D . -5.10 2.39 -9.20
H42 8MI D . -3.90 -0.39 -8.90
H43 8MI D . -3.52 0.97 -7.87
H44 8MI D . -3.26 1.54 -10.76
H45 8MI D . -2.12 0.33 -10.16
H46 8MI D . -1.88 3.46 -11.08
H47 8MI D . -0.48 5.25 -10.12
H48 8MI D . 0.31 5.09 -7.77
H49 8MI D . -0.31 3.13 -6.39
H50 8MI D . -1.73 1.33 -7.34
H51 8MI D . -4.11 -0.42 -10.80
H52 8MI D . -4.80 -1.57 -12.68
H53 8MI D . -7.13 0.23 -13.23
H54 8MI D . -7.23 -0.80 -11.80
H55 8MI D . -7.23 -2.77 -13.05
H56 8MI D . -6.33 -2.06 -14.37
H57 8MI D . -8.34 -0.74 -15.01
H58 8MI D . -9.24 -1.47 -13.69
H59 8MI D . -8.13 -3.54 -15.23
H61 8MI D . -10.85 -4.03 -17.38
H62 8MI D . -10.61 -1.06 -15.60
H63 8MI D . -11.55 -1.97 -16.72
H64 8MI D . -3.65 -1.20 -14.59
H65 8MI D . -4.03 -0.48 -17.17
H66 8MI D . -2.88 0.89 -18.88
H67 8MI D . -1.35 2.71 -18.18
H68 8MI D . -0.96 3.15 -15.77
H69 8MI D . -2.11 1.78 -14.05
H60 8MI D . -9.38 -4.71 -16.76
H70 8MI D . -7.15 1.24 -8.37
N PHE A 1 -11.74 9.99 0.08
CA PHE A 1 -11.36 8.80 0.84
C PHE A 1 -12.60 8.06 1.35
N ARG A 2 -12.45 6.75 1.51
CA ARG A 2 -13.53 5.92 2.00
C ARG A 2 -12.98 4.84 2.94
N THR A 3 -13.88 4.26 3.72
CA THR A 3 -13.50 3.22 4.65
C THR A 3 -14.08 1.87 4.20
N PHE A 4 -15.15 1.46 4.87
CA PHE A 4 -15.80 0.21 4.55
C PHE A 4 -16.95 -0.08 5.52
N PRO A 5 -17.77 -1.11 5.15
CA PRO A 5 -18.92 -1.46 5.96
C PRO A 5 -18.49 -2.20 7.23
N GLY A 6 -18.57 -1.49 8.34
CA GLY A 6 -18.14 -2.04 9.62
C GLY A 6 -16.86 -1.37 10.09
N ILE A 7 -16.27 -0.58 9.21
CA ILE A 7 -15.03 0.10 9.52
C ILE A 7 -14.03 -0.90 10.10
N PRO A 8 -13.52 -1.80 9.22
CA PRO A 8 -12.45 -2.70 9.59
C PRO A 8 -11.11 -1.95 9.67
N LYS A 9 -10.39 -2.22 10.75
CA LYS A 9 -9.15 -1.49 11.02
C LYS A 9 -8.38 -2.21 12.12
N TRP A 10 -7.08 -2.37 11.89
CA TRP A 10 -6.22 -3.00 12.86
C TRP A 10 -6.36 -2.25 14.19
N ARG A 11 -6.59 -3.01 15.24
CA ARG A 11 -6.87 -2.42 16.55
C ARG A 11 -5.57 -2.06 17.25
N LYS A 12 -4.46 -2.41 16.61
CA LYS A 12 -3.15 -2.15 17.17
C LYS A 12 -2.40 -1.17 16.27
N THR A 13 -1.49 -0.42 16.89
CA THR A 13 -0.71 0.55 16.16
C THR A 13 0.59 -0.08 15.65
N HIS A 14 1.10 -1.01 16.45
CA HIS A 14 2.32 -1.71 16.08
C HIS A 14 2.00 -2.82 15.08
N LEU A 15 2.00 -2.45 13.80
CA LEU A 15 1.62 -3.38 12.76
C LEU A 15 2.87 -4.13 12.28
N THR A 16 2.63 -5.25 11.62
CA THR A 16 3.72 -6.01 11.02
C THR A 16 3.40 -6.32 9.56
N TYR A 17 4.46 -6.47 8.77
CA TYR A 17 4.31 -6.82 7.37
C TYR A 17 5.41 -7.79 6.93
N ARG A 18 5.26 -8.28 5.70
CA ARG A 18 6.20 -9.25 5.17
C ARG A 18 6.05 -9.37 3.66
N ILE A 19 7.17 -9.65 3.00
CA ILE A 19 7.15 -9.90 1.57
C ILE A 19 7.27 -11.40 1.32
N VAL A 20 6.23 -11.97 0.75
CA VAL A 20 6.15 -13.41 0.55
C VAL A 20 7.01 -13.78 -0.66
N ASN A 21 6.92 -12.96 -1.69
CA ASN A 21 7.67 -13.20 -2.92
C ASN A 21 7.84 -11.88 -3.67
N TYR A 22 8.63 -11.93 -4.73
CA TYR A 22 8.93 -10.74 -5.50
C TYR A 22 8.72 -10.97 -7.00
N THR A 23 9.11 -9.98 -7.79
CA THR A 23 8.88 -10.04 -9.22
C THR A 23 10.21 -10.21 -9.95
N PRO A 24 10.16 -10.99 -11.07
CA PRO A 24 11.35 -11.22 -11.88
C PRO A 24 11.67 -9.98 -12.73
N ASP A 25 12.03 -8.91 -12.03
CA ASP A 25 12.34 -7.66 -12.70
C ASP A 25 13.17 -6.78 -11.76
N LEU A 26 12.69 -6.66 -10.53
CA LEU A 26 13.38 -5.86 -9.54
C LEU A 26 14.15 -6.78 -8.59
N PRO A 27 15.17 -6.19 -7.92
CA PRO A 27 15.86 -6.87 -6.84
C PRO A 27 15.01 -6.90 -5.57
N LYS A 28 15.42 -7.72 -4.63
CA LYS A 28 14.64 -7.94 -3.42
C LYS A 28 14.56 -6.63 -2.63
N ASP A 29 15.71 -6.15 -2.20
CA ASP A 29 15.78 -4.96 -1.38
C ASP A 29 14.96 -3.86 -2.04
N ALA A 30 15.00 -3.83 -3.36
CA ALA A 30 14.33 -2.78 -4.12
C ALA A 30 12.82 -2.85 -3.86
N VAL A 31 12.30 -4.07 -3.92
CA VAL A 31 10.88 -4.28 -3.73
C VAL A 31 10.50 -3.96 -2.28
N ASP A 32 11.21 -4.62 -1.37
CA ASP A 32 10.96 -4.43 0.05
C ASP A 32 10.93 -2.93 0.37
N SER A 33 11.86 -2.21 -0.27
CA SER A 33 11.97 -0.78 -0.03
C SER A 33 10.65 -0.10 -0.36
N ALA A 34 10.08 -0.47 -1.50
CA ALA A 34 8.84 0.14 -1.95
C ALA A 34 7.78 0.01 -0.86
N VAL A 35 7.83 -1.12 -0.16
CA VAL A 35 6.91 -1.36 0.95
C VAL A 35 7.36 -0.54 2.16
N GLU A 36 8.61 -0.75 2.55
CA GLU A 36 9.22 0.05 3.59
C GLU A 36 8.93 1.54 3.36
N LYS A 37 8.76 1.89 2.09
CA LYS A 37 8.56 3.27 1.71
C LYS A 37 7.07 3.62 1.83
N ALA A 38 6.26 2.82 1.16
CA ALA A 38 4.83 3.03 1.16
C ALA A 38 4.34 3.07 2.61
N LEU A 39 4.81 2.12 3.39
CA LEU A 39 4.46 2.04 4.80
C LEU A 39 4.77 3.38 5.47
N LYS A 40 6.00 3.84 5.24
CA LYS A 40 6.47 5.07 5.87
C LYS A 40 5.58 6.23 5.42
N VAL A 41 5.25 6.22 4.14
CA VAL A 41 4.46 7.28 3.55
C VAL A 41 3.19 7.48 4.39
N TRP A 42 2.69 6.38 4.94
CA TRP A 42 1.49 6.42 5.74
C TRP A 42 1.90 6.67 7.20
N GLU A 43 3.03 6.08 7.57
CA GLU A 43 3.57 6.29 8.89
C GLU A 43 3.77 7.78 9.16
N GLU A 44 3.89 8.53 8.09
CA GLU A 44 4.16 9.96 8.20
C GLU A 44 2.88 10.72 8.57
N VAL A 45 1.76 10.05 8.33
CA VAL A 45 0.47 10.69 8.51
C VAL A 45 -0.42 9.80 9.39
N THR A 46 0.23 8.89 10.10
CA THR A 46 -0.45 8.09 11.11
C THR A 46 0.49 7.82 12.30
N PRO A 47 -0.13 7.48 13.45
CA PRO A 47 0.63 7.07 14.61
C PRO A 47 1.17 5.66 14.45
N LEU A 48 0.71 5.00 13.40
CA LEU A 48 1.01 3.59 13.20
C LEU A 48 2.53 3.39 13.19
N THR A 49 2.93 2.17 13.49
CA THR A 49 4.33 1.79 13.36
C THR A 49 4.45 0.38 12.78
N PHE A 50 5.34 0.25 11.81
CA PHE A 50 5.45 -0.99 11.05
C PHE A 50 6.77 -1.70 11.35
N SER A 51 6.66 -2.99 11.62
CA SER A 51 7.84 -3.80 11.87
C SER A 51 7.88 -4.98 10.90
N ARG A 52 9.10 -5.41 10.58
CA ARG A 52 9.30 -6.51 9.66
C ARG A 52 9.54 -7.81 10.45
N LEU A 53 9.19 -8.92 9.81
CA LEU A 53 9.37 -10.22 10.42
C LEU A 53 10.16 -11.12 9.48
N TYR A 54 11.38 -11.43 9.89
CA TYR A 54 12.26 -12.26 9.07
C TYR A 54 11.60 -13.59 8.73
N GLU A 55 10.67 -14.00 9.60
CA GLU A 55 9.88 -15.19 9.34
C GLU A 55 8.59 -15.15 10.16
N GLY A 56 7.66 -16.03 9.77
CA GLY A 56 6.39 -16.12 10.46
C GLY A 56 5.30 -15.32 9.72
N GLU A 57 4.19 -15.11 10.41
CA GLU A 57 3.07 -14.40 9.82
C GLU A 57 3.12 -12.93 10.22
N ALA A 58 2.67 -12.09 9.29
CA ALA A 58 2.59 -10.66 9.56
C ALA A 58 1.19 -10.16 9.20
N ASP A 59 0.82 -9.04 9.80
CA ASP A 59 -0.51 -8.50 9.61
C ASP A 59 -0.68 -8.10 8.14
N ILE A 60 0.40 -7.62 7.55
CA ILE A 60 0.38 -7.22 6.16
C ILE A 60 1.39 -8.04 5.38
N MET A 61 0.95 -9.22 4.95
CA MET A 61 1.82 -10.12 4.21
C MET A 61 1.71 -9.85 2.71
N ILE A 62 2.56 -8.93 2.24
CA ILE A 62 2.49 -8.49 0.86
C ILE A 62 3.04 -9.60 -0.05
N SER A 63 2.41 -9.74 -1.20
CA SER A 63 2.77 -10.80 -2.14
C SER A 63 2.46 -10.37 -3.56
N PHE A 64 3.11 -11.04 -4.51
CA PHE A 64 2.80 -10.84 -5.92
C PHE A 64 2.15 -12.09 -6.51
N ALA A 65 1.18 -11.85 -7.38
CA ALA A 65 0.40 -12.94 -7.95
C ALA A 65 -0.07 -12.54 -9.35
N VAL A 66 -0.45 -13.56 -10.12
CA VAL A 66 -1.16 -13.32 -11.36
C VAL A 66 -2.38 -14.23 -11.43
N ARG A 67 -3.05 -14.20 -12.58
CA ARG A 67 -4.21 -15.05 -12.79
C ARG A 67 -5.01 -15.20 -11.50
N GLU A 68 -5.72 -16.31 -11.41
CA GLU A 68 -6.43 -16.64 -10.17
C GLU A 68 -5.43 -17.04 -9.09
N HIS A 69 -5.22 -16.11 -8.16
CA HIS A 69 -4.28 -16.34 -7.07
C HIS A 69 -5.05 -16.72 -5.80
N GLY A 70 -5.82 -17.78 -5.92
CA GLY A 70 -6.64 -18.24 -4.80
C GLY A 70 -7.70 -17.19 -4.45
N ASP A 71 -8.63 -17.01 -5.38
CA ASP A 71 -9.57 -15.90 -5.28
C ASP A 71 -10.45 -15.87 -6.53
N PHE A 72 -11.21 -14.79 -6.66
CA PHE A 72 -12.13 -14.64 -7.77
C PHE A 72 -11.87 -13.33 -8.52
N TYR A 73 -10.68 -12.80 -8.33
CA TYR A 73 -10.19 -11.73 -9.19
C TYR A 73 -8.85 -12.08 -9.81
N PRO A 74 -8.92 -12.72 -11.02
CA PRO A 74 -7.72 -13.16 -11.71
C PRO A 74 -6.98 -11.97 -12.33
N PHE A 75 -5.66 -12.11 -12.40
CA PHE A 75 -4.85 -11.10 -13.06
C PHE A 75 -4.54 -11.50 -14.50
N ASP A 76 -4.84 -10.58 -15.41
CA ASP A 76 -4.79 -10.89 -16.83
C ASP A 76 -3.32 -10.99 -17.27
N GLY A 77 -2.70 -9.83 -17.39
CA GLY A 77 -1.34 -9.75 -17.91
C GLY A 77 -0.72 -8.39 -17.63
N PRO A 78 0.08 -7.91 -18.62
CA PRO A 78 0.77 -6.63 -18.48
C PRO A 78 -0.20 -5.47 -18.66
N GLY A 79 0.10 -4.37 -17.97
CA GLY A 79 -0.80 -3.24 -17.92
C GLY A 79 -2.01 -3.55 -17.01
N ASN A 80 -3.10 -2.84 -17.28
CA ASN A 80 -4.32 -3.04 -16.52
C ASN A 80 -4.00 -2.99 -15.03
N VAL A 81 -4.84 -3.64 -14.24
CA VAL A 81 -4.61 -3.76 -12.82
C VAL A 81 -3.11 -3.95 -12.56
N LEU A 82 -2.51 -2.93 -11.96
CA LEU A 82 -1.11 -3.01 -11.59
C LEU A 82 -0.99 -3.76 -10.25
N ALA A 83 -1.93 -3.48 -9.36
CA ALA A 83 -1.96 -4.15 -8.08
C ALA A 83 -3.23 -3.74 -7.32
N HIS A 84 -3.81 -4.71 -6.63
CA HIS A 84 -5.02 -4.47 -5.87
C HIS A 84 -4.80 -4.88 -4.41
N ALA A 85 -5.73 -4.45 -3.57
CA ALA A 85 -5.69 -4.85 -2.16
C ALA A 85 -7.09 -4.71 -1.57
N TYR A 86 -7.24 -5.21 -0.35
CA TYR A 86 -8.53 -5.25 0.30
C TYR A 86 -8.41 -4.90 1.79
N ALA A 87 -9.39 -4.15 2.26
CA ALA A 87 -9.48 -3.84 3.69
C ALA A 87 -9.54 -5.15 4.48
N PRO A 88 -9.09 -5.08 5.76
CA PRO A 88 -8.89 -6.27 6.56
C PRO A 88 -10.22 -6.84 7.03
N GLY A 89 -10.20 -8.12 7.35
CA GLY A 89 -11.40 -8.80 7.81
C GLY A 89 -11.16 -10.31 7.96
N PRO A 90 -11.49 -11.05 6.87
CA PRO A 90 -11.15 -12.46 6.80
C PRO A 90 -9.66 -12.66 6.53
N GLY A 91 -9.25 -13.93 6.51
CA GLY A 91 -7.85 -14.26 6.40
C GLY A 91 -7.34 -14.06 4.98
N ILE A 92 -8.28 -13.85 4.07
CA ILE A 92 -7.94 -13.64 2.67
C ILE A 92 -7.67 -12.15 2.45
N ASN A 93 -8.28 -11.33 3.30
CA ASN A 93 -8.11 -9.90 3.19
C ASN A 93 -6.88 -9.48 4.02
N GLY A 94 -6.58 -8.19 3.95
CA GLY A 94 -5.45 -7.64 4.68
C GLY A 94 -4.17 -7.72 3.84
N ASP A 95 -4.03 -8.84 3.14
CA ASP A 95 -2.89 -9.04 2.28
C ASP A 95 -3.04 -8.17 1.02
N ALA A 96 -1.90 -7.80 0.46
CA ALA A 96 -1.89 -6.96 -0.74
C ALA A 96 -1.24 -7.73 -1.89
N HIS A 97 -2.02 -7.93 -2.94
CA HIS A 97 -1.55 -8.70 -4.08
C HIS A 97 -1.10 -7.74 -5.19
N PHE A 98 0.17 -7.86 -5.55
CA PHE A 98 0.70 -7.09 -6.67
C PHE A 98 0.70 -7.93 -7.96
N ASP A 99 0.48 -7.25 -9.07
CA ASP A 99 0.42 -7.93 -10.35
C ASP A 99 1.82 -8.36 -10.78
N ASP A 100 2.08 -9.64 -10.64
CA ASP A 100 3.38 -10.19 -11.01
C ASP A 100 3.51 -10.27 -12.52
N ASP A 101 2.35 -10.38 -13.17
CA ASP A 101 2.32 -10.42 -14.63
C ASP A 101 2.45 -9.00 -15.18
N GLU A 102 3.44 -8.29 -14.66
CA GLU A 102 3.67 -6.92 -15.07
C GLU A 102 5.04 -6.44 -14.59
N GLN A 103 5.69 -5.64 -15.42
CA GLN A 103 7.01 -5.13 -15.09
C GLN A 103 6.90 -4.07 -13.99
N TRP A 104 7.99 -3.90 -13.27
CA TRP A 104 8.02 -2.97 -12.15
C TRP A 104 9.33 -2.19 -12.22
N THR A 105 9.30 -1.01 -11.62
CA THR A 105 10.50 -0.19 -11.53
C THR A 105 10.57 0.52 -10.17
N LYS A 106 11.70 1.16 -9.94
CA LYS A 106 11.91 1.87 -8.69
C LYS A 106 11.97 3.38 -8.97
N ASP A 107 11.27 3.78 -10.02
CA ASP A 107 11.25 5.18 -10.41
C ASP A 107 10.20 5.39 -11.50
N THR A 108 10.18 6.60 -12.04
CA THR A 108 9.22 6.94 -13.08
C THR A 108 9.77 6.54 -14.46
N THR A 109 9.53 5.29 -14.82
CA THR A 109 9.94 4.79 -16.12
C THR A 109 9.07 3.59 -16.53
N GLY A 110 8.81 2.73 -15.56
CA GLY A 110 7.88 1.63 -15.77
C GLY A 110 6.65 1.77 -14.85
N THR A 111 6.29 0.66 -14.24
CA THR A 111 5.27 0.67 -13.22
C THR A 111 5.88 1.03 -11.86
N ASN A 112 6.03 2.33 -11.63
CA ASN A 112 6.61 2.81 -10.39
C ASN A 112 6.04 2.01 -9.22
N LEU A 113 6.86 1.09 -8.71
CA LEU A 113 6.40 0.15 -7.71
C LEU A 113 6.00 0.90 -6.45
N PHE A 114 6.97 1.64 -5.91
CA PHE A 114 6.79 2.29 -4.62
C PHE A 114 5.53 3.16 -4.62
N LEU A 115 5.27 3.77 -5.78
CA LEU A 115 4.08 4.59 -5.93
C LEU A 115 2.84 3.70 -5.79
N VAL A 116 2.96 2.49 -6.31
CA VAL A 116 1.87 1.53 -6.23
C VAL A 116 1.78 0.96 -4.82
N ALA A 117 2.95 0.74 -4.24
CA ALA A 117 3.02 0.18 -2.90
C ALA A 117 2.14 0.98 -1.96
N ALA A 118 2.25 2.31 -2.07
CA ALA A 118 1.46 3.20 -1.24
C ALA A 118 -0.02 2.93 -1.46
N HIS A 119 -0.48 2.90 -2.72
CA HIS A 119 -1.90 2.52 -3.09
C HIS A 119 -2.31 1.19 -2.42
N GLU A 120 -1.53 0.15 -2.69
CA GLU A 120 -1.81 -1.16 -2.12
C GLU A 120 -2.04 -1.05 -0.62
N ILE A 121 -1.00 -0.64 0.08
CA ILE A 121 -1.06 -0.54 1.53
C ILE A 121 -2.34 0.17 1.94
N GLY A 122 -2.63 1.27 1.24
CA GLY A 122 -3.80 2.07 1.54
C GLY A 122 -5.04 1.19 1.72
N HIS A 123 -5.21 0.26 0.78
CA HIS A 123 -6.36 -0.64 0.82
C HIS A 123 -6.23 -1.57 2.02
N SER A 124 -5.02 -2.08 2.22
CA SER A 124 -4.78 -3.03 3.30
C SER A 124 -5.11 -2.39 4.64
N LEU A 125 -4.85 -1.08 4.71
CA LEU A 125 -5.09 -0.35 5.94
C LEU A 125 -6.61 -0.16 6.12
N GLY A 126 -7.11 0.92 5.55
CA GLY A 126 -8.54 1.21 5.61
C GLY A 126 -8.89 2.41 4.74
N LEU A 127 -8.20 2.52 3.62
CA LEU A 127 -8.49 3.57 2.66
C LEU A 127 -8.97 2.94 1.35
N PHE A 128 -9.41 3.81 0.45
CA PHE A 128 -9.83 3.37 -0.87
C PHE A 128 -9.80 4.53 -1.87
N HIS A 129 -10.07 4.19 -3.12
CA HIS A 129 -9.92 5.14 -4.20
C HIS A 129 -10.58 6.48 -3.82
N SER A 130 -9.75 7.50 -3.74
CA SER A 130 -10.23 8.82 -3.37
C SER A 130 -10.89 9.49 -4.58
N ALA A 131 -11.57 10.60 -4.30
CA ALA A 131 -12.24 11.34 -5.36
C ALA A 131 -11.27 12.38 -5.94
N ASN A 132 -10.35 12.83 -5.09
CA ASN A 132 -9.38 13.82 -5.49
C ASN A 132 -8.46 13.23 -6.56
N THR A 133 -8.05 14.08 -7.48
CA THR A 133 -7.20 13.66 -8.58
C THR A 133 -5.73 13.98 -8.27
N GLU A 134 -5.54 14.74 -7.21
CA GLU A 134 -4.20 15.12 -6.79
C GLU A 134 -3.60 14.04 -5.87
N ALA A 135 -4.48 13.17 -5.40
CA ALA A 135 -4.06 12.13 -4.46
C ALA A 135 -3.41 10.99 -5.25
N LEU A 136 -2.85 10.05 -4.49
CA LEU A 136 -2.20 8.90 -5.09
C LEU A 136 -3.15 7.70 -5.06
N MET A 137 -4.02 7.71 -4.07
CA MET A 137 -4.97 6.61 -3.89
C MET A 137 -6.02 6.62 -4.99
N TYR A 138 -6.11 7.75 -5.68
CA TYR A 138 -6.96 7.86 -6.85
C TYR A 138 -6.76 6.65 -7.77
N PRO A 139 -7.89 6.23 -8.42
CA PRO A 139 -7.94 4.95 -9.09
C PRO A 139 -7.15 4.99 -10.41
N LEU A 140 -6.66 6.18 -10.72
CA LEU A 140 -5.85 6.36 -11.92
C LEU A 140 -4.38 6.50 -11.53
N TYR A 141 -3.52 5.96 -12.37
CA TYR A 141 -2.09 6.01 -12.12
C TYR A 141 -1.64 7.44 -11.80
N HIS A 142 -0.46 7.54 -11.19
CA HIS A 142 0.08 8.83 -10.82
C HIS A 142 1.61 8.81 -10.99
N SER A 143 2.16 9.99 -11.17
CA SER A 143 3.60 10.14 -11.30
C SER A 143 4.01 11.60 -11.11
N LEU A 144 5.30 11.80 -10.92
CA LEU A 144 5.83 13.13 -10.70
C LEU A 144 7.24 13.23 -11.29
N THR A 145 7.61 14.45 -11.66
CA THR A 145 8.93 14.70 -12.21
C THR A 145 9.99 13.99 -11.37
N ASP A 146 9.78 14.01 -10.06
CA ASP A 146 10.69 13.33 -9.15
C ASP A 146 9.87 12.53 -8.13
N LEU A 147 10.00 11.21 -8.22
CA LEU A 147 9.21 10.33 -7.39
C LEU A 147 9.64 10.48 -5.93
N THR A 148 10.86 10.96 -5.76
CA THR A 148 11.42 11.13 -4.43
C THR A 148 10.68 12.24 -3.68
N ARG A 149 9.94 13.04 -4.45
CA ARG A 149 9.26 14.19 -3.89
C ARG A 149 7.76 13.91 -3.75
N PHE A 150 7.36 12.76 -4.25
CA PHE A 150 5.96 12.37 -4.20
C PHE A 150 5.43 12.44 -2.75
N ARG A 151 4.17 12.81 -2.65
CA ARG A 151 3.50 12.83 -1.35
C ARG A 151 1.99 12.65 -1.53
N LEU A 152 1.35 12.20 -0.47
CA LEU A 152 -0.10 12.02 -0.48
C LEU A 152 -0.77 13.39 -0.45
N SER A 153 -2.01 13.42 -0.94
CA SER A 153 -2.80 14.63 -0.88
C SER A 153 -3.61 14.67 0.43
N GLN A 154 -4.17 15.84 0.71
CA GLN A 154 -4.91 16.04 1.94
C GLN A 154 -6.08 15.07 2.01
N ASP A 155 -6.61 14.74 0.85
CA ASP A 155 -7.73 13.81 0.77
C ASP A 155 -7.35 12.51 1.49
N ASP A 156 -6.10 12.10 1.30
CA ASP A 156 -5.65 10.83 1.82
C ASP A 156 -5.43 10.95 3.33
N ILE A 157 -4.74 12.01 3.71
CA ILE A 157 -4.39 12.20 5.11
C ILE A 157 -5.67 12.37 5.94
N ASN A 158 -6.63 13.08 5.36
CA ASN A 158 -7.88 13.34 6.05
C ASN A 158 -8.49 12.02 6.50
N GLY A 159 -8.46 11.04 5.60
CA GLY A 159 -9.08 9.76 5.86
C GLY A 159 -8.19 8.90 6.78
N ILE A 160 -6.92 8.82 6.40
CA ILE A 160 -6.00 7.96 7.12
C ILE A 160 -5.90 8.42 8.57
N GLN A 161 -6.16 9.71 8.77
CA GLN A 161 -6.14 10.28 10.11
C GLN A 161 -7.49 10.05 10.79
N SER A 162 -8.56 10.22 10.02
CA SER A 162 -9.90 10.00 10.52
C SER A 162 -10.02 8.59 11.10
N LEU A 163 -9.24 7.68 10.52
CA LEU A 163 -9.24 6.31 10.98
C LEU A 163 -8.31 6.18 12.19
N TYR A 164 -7.31 7.05 12.23
CA TYR A 164 -6.32 7.00 13.28
C TYR A 164 -5.95 8.41 13.75
N GLY A 165 -4.94 8.98 13.10
CA GLY A 165 -4.54 10.35 13.37
C GLY A 165 -3.37 10.38 14.37
N PRO A 166 -2.22 10.89 13.88
CA PRO A 166 -1.04 11.01 14.71
C PRO A 166 -1.18 12.18 15.70
N PRO A 167 -0.25 12.19 16.70
CA PRO A 167 -0.26 13.26 17.69
C PRO A 167 0.30 14.56 17.12
N PRO A 168 0.04 15.67 17.85
CA PRO A 168 0.52 16.97 17.42
C PRO A 168 2.03 17.11 17.68
N ASP A 169 2.55 18.26 17.28
CA ASP A 169 3.97 18.53 17.45
C ASP A 169 4.30 18.58 18.95
N SER A 170 5.48 18.09 19.28
CA SER A 170 5.91 18.05 20.67
C SER A 170 6.09 19.46 21.21
N PRO A 171 6.91 20.25 20.47
CA PRO A 171 7.18 21.63 20.85
C PRO A 171 5.98 22.53 20.56
N GLU A 172 6.11 23.78 20.97
CA GLU A 172 5.04 24.76 20.77
C GLU A 172 4.81 24.97 19.28
N THR A 173 5.90 25.10 18.56
CA THR A 173 5.83 25.31 17.12
C THR A 173 4.99 26.56 16.81
ZN ZN B . -7.06 -0.03 -5.69
ZN ZN C . -6.13 -10.61 -5.08
C1 8MI D . -6.80 0.78 -8.63
C2 8MI D . -5.90 -0.38 -9.10
C3 8MI D . -6.18 -1.63 -8.23
O4 8MI D . -6.64 -1.46 -7.10
O5 8MI D . -5.95 -2.74 -8.69
N6 8MI D . -4.48 0.05 -9.06
C7 8MI D . -4.31 1.38 -9.72
C8 8MI D . -2.81 1.80 -9.66
C9 8MI D . -2.41 2.28 -8.24
C10 8MI D . -1.32 3.34 -8.31
C11 8MI D . -0.23 3.18 -9.18
C12 8MI D . 0.77 4.16 -9.23
C13 8MI D . 0.69 5.29 -8.43
C14 8MI D . -0.39 5.45 -7.55
C15 8MI D . -1.39 4.49 -7.49
C16 8MI D . -4.76 1.37 -11.21
O17 8MI D . -5.14 2.38 -11.76
N18 8MI D . -4.72 0.20 -11.84
C19 8MI D . -5.15 0.01 -13.28
C20 8MI D . -6.68 0.28 -13.39
C21 8MI D . -7.48 -0.98 -12.99
C22 8MI D . -8.99 -0.71 -13.11
N23 8MI D . -9.36 -0.45 -14.55
C24 8MI D . -9.43 -1.40 -15.50
N25 8MI D . -9.71 -1.04 -16.73
N26 8MI D . -9.27 -2.68 -15.22
C27 8MI D . -4.36 0.97 -14.21
O28 8MI D . -4.64 2.16 -14.28
N29 8MI D . -3.37 0.45 -14.94
C30 8MI D . -2.63 1.25 -15.77
C31 8MI D . -1.84 2.27 -15.24
C32 8MI D . -1.08 3.09 -16.08
C33 8MI D . -1.10 2.89 -17.46
C34 8MI D . -1.88 1.87 -18.01
C35 8MI D . -2.64 1.04 -17.17
H36 8MI D . -6.95 1.48 -9.45
H37 8MI D . -6.31 1.30 -7.81
H38 8MI D . -7.75 0.39 -8.30
H39 8MI D . -6.17 -0.60 -10.13
H40 8MI D . -3.89 -0.66 -9.52
H41 8MI D . -4.89 2.13 -9.20
H42 8MI D . -2.63 2.61 -10.37
H43 8MI D . -2.20 0.96 -9.94
H44 8MI D . -2.05 1.42 -7.68
H45 8MI D . -3.29 2.68 -7.73
H46 8MI D . -0.17 2.30 -9.81
H47 8MI D . 1.61 4.03 -9.91
H48 8MI D . 1.46 6.04 -8.47
H49 8MI D . -0.44 6.33 -6.92
H50 8MI D . -2.23 4.61 -6.82
H51 8MI D . -4.39 -0.62 -11.43
H52 8MI D . -4.95 -1.00 -13.58
H53 8MI D . -6.92 0.55 -14.40
H54 8MI D . -6.94 1.09 -12.73
H55 8MI D . -7.25 -1.24 -11.96
H56 8MI D . -7.20 -1.80 -13.64
H57 8MI D . -9.25 0.15 -12.52
H58 8MI D . -9.54 -1.58 -12.75
H59 8MI D . -9.54 0.49 -14.74
H61 8MI D . -9.77 -1.73 -17.45
H62 8MI D . -9.08 -2.97 -14.28
H63 8MI D . -9.34 -3.37 -15.94
H64 8MI D . -3.17 -0.51 -14.91
H65 8MI D . -1.81 2.43 -14.16
H66 8MI D . -0.46 3.88 -15.66
H67 8MI D . -0.51 3.52 -18.11
H68 8MI D . -1.90 1.72 -19.08
H69 8MI D . -3.26 0.26 -17.59
H60 8MI D . -9.84 -0.07 -16.96
H70 8MI D . -4.20 0.12 -8.06
N PHE A 1 -11.06 8.48 0.14
CA PHE A 1 -11.24 8.01 1.50
C PHE A 1 -12.61 7.34 1.67
N ARG A 2 -12.57 6.06 2.01
CA ARG A 2 -13.79 5.30 2.21
C ARG A 2 -13.60 4.29 3.35
N THR A 3 -14.72 3.75 3.79
CA THR A 3 -14.70 2.76 4.87
C THR A 3 -15.61 1.58 4.51
N PHE A 4 -15.08 0.38 4.76
CA PHE A 4 -15.88 -0.83 4.60
C PHE A 4 -16.77 -1.05 5.82
N PRO A 5 -17.62 -2.11 5.72
CA PRO A 5 -18.62 -2.37 6.75
C PRO A 5 -17.97 -2.95 8.01
N GLY A 6 -17.81 -2.10 9.01
CA GLY A 6 -17.04 -2.45 10.19
C GLY A 6 -15.97 -1.39 10.48
N ILE A 7 -15.79 -0.49 9.52
CA ILE A 7 -14.78 0.54 9.64
C ILE A 7 -13.40 -0.11 9.70
N PRO A 8 -12.59 0.16 8.64
CA PRO A 8 -11.26 -0.43 8.55
C PRO A 8 -10.29 0.25 9.50
N LYS A 9 -9.64 -0.56 10.31
CA LYS A 9 -8.72 -0.04 11.32
C LYS A 9 -8.27 -1.19 12.23
N TRP A 10 -6.96 -1.35 12.31
CA TRP A 10 -6.39 -2.40 13.15
C TRP A 10 -6.60 -1.99 14.62
N ARG A 11 -6.49 -2.99 15.48
CA ARG A 11 -6.76 -2.78 16.89
C ARG A 11 -5.46 -2.44 17.63
N LYS A 12 -4.36 -2.48 16.89
CA LYS A 12 -3.06 -2.19 17.46
C LYS A 12 -2.32 -1.20 16.56
N THR A 13 -1.39 -0.47 17.16
CA THR A 13 -0.62 0.50 16.42
C THR A 13 0.66 -0.13 15.85
N HIS A 14 1.25 -1.01 16.65
CA HIS A 14 2.45 -1.70 16.24
C HIS A 14 2.09 -2.80 15.22
N LEU A 15 2.01 -2.40 13.96
CA LEU A 15 1.60 -3.30 12.91
C LEU A 15 2.82 -4.07 12.41
N THR A 16 2.55 -5.17 11.72
CA THR A 16 3.60 -5.96 11.09
C THR A 16 3.26 -6.24 9.63
N TYR A 17 4.31 -6.43 8.84
CA TYR A 17 4.13 -6.81 7.45
C TYR A 17 5.22 -7.80 7.01
N ARG A 18 5.06 -8.30 5.80
CA ARG A 18 5.96 -9.31 5.27
C ARG A 18 5.85 -9.39 3.76
N ILE A 19 6.98 -9.67 3.12
CA ILE A 19 7.00 -9.90 1.68
C ILE A 19 7.11 -11.40 1.41
N VAL A 20 6.05 -11.95 0.84
CA VAL A 20 5.98 -13.38 0.62
C VAL A 20 6.88 -13.76 -0.56
N ASN A 21 6.84 -12.93 -1.59
CA ASN A 21 7.64 -13.17 -2.78
C ASN A 21 7.78 -11.87 -3.56
N TYR A 22 8.56 -11.94 -4.64
CA TYR A 22 8.85 -10.76 -5.43
C TYR A 22 8.69 -11.04 -6.92
N THR A 23 9.07 -10.06 -7.72
CA THR A 23 8.91 -10.16 -9.17
C THR A 23 10.27 -10.37 -9.85
N PRO A 24 10.24 -11.21 -10.91
CA PRO A 24 11.46 -11.47 -11.67
C PRO A 24 11.82 -10.29 -12.57
N ASP A 25 12.13 -9.19 -11.92
CA ASP A 25 12.48 -7.96 -12.64
C ASP A 25 13.30 -7.05 -11.72
N LEU A 26 12.77 -6.86 -10.52
CA LEU A 26 13.44 -6.02 -9.54
C LEU A 26 14.23 -6.91 -8.57
N PRO A 27 15.21 -6.27 -7.87
CA PRO A 27 15.90 -6.93 -6.78
C PRO A 27 15.02 -7.01 -5.53
N LYS A 28 15.41 -7.89 -4.62
CA LYS A 28 14.58 -8.18 -3.47
C LYS A 28 14.52 -6.95 -2.56
N ASP A 29 15.69 -6.42 -2.25
CA ASP A 29 15.77 -5.25 -1.40
C ASP A 29 14.91 -4.13 -1.98
N ALA A 30 14.92 -4.05 -3.30
CA ALA A 30 14.22 -2.97 -3.99
C ALA A 30 12.73 -3.09 -3.73
N VAL A 31 12.23 -4.32 -3.86
CA VAL A 31 10.80 -4.58 -3.69
C VAL A 31 10.40 -4.28 -2.25
N ASP A 32 11.17 -4.84 -1.33
CA ASP A 32 10.92 -4.65 0.09
C ASP A 32 10.96 -3.15 0.40
N SER A 33 11.85 -2.46 -0.29
CA SER A 33 11.99 -1.02 -0.10
C SER A 33 10.70 -0.30 -0.48
N ALA A 34 10.14 -0.72 -1.61
CA ALA A 34 8.89 -0.14 -2.07
C ALA A 34 7.87 -0.16 -0.94
N VAL A 35 7.80 -1.29 -0.26
CA VAL A 35 6.88 -1.44 0.86
C VAL A 35 7.35 -0.57 2.02
N GLU A 36 8.60 -0.78 2.42
CA GLU A 36 9.20 0.03 3.46
C GLU A 36 8.89 1.51 3.24
N LYS A 37 8.85 1.89 1.97
CA LYS A 37 8.56 3.27 1.61
C LYS A 37 7.07 3.54 1.79
N ALA A 38 6.26 2.69 1.17
CA ALA A 38 4.83 2.83 1.23
C ALA A 38 4.38 2.89 2.70
N LEU A 39 5.09 2.14 3.53
CA LEU A 39 4.76 2.06 4.94
C LEU A 39 5.07 3.40 5.61
N LYS A 40 6.28 3.87 5.38
CA LYS A 40 6.73 5.11 5.99
C LYS A 40 5.81 6.25 5.54
N VAL A 41 5.42 6.20 4.28
CA VAL A 41 4.57 7.23 3.71
C VAL A 41 3.34 7.42 4.59
N TRP A 42 2.88 6.31 5.16
CA TRP A 42 1.68 6.34 5.98
C TRP A 42 2.11 6.60 7.43
N GLU A 43 3.26 6.04 7.78
CA GLU A 43 3.78 6.20 9.12
C GLU A 43 3.92 7.68 9.47
N GLU A 44 3.99 8.50 8.43
CA GLU A 44 4.23 9.93 8.61
C GLU A 44 2.93 10.65 8.94
N VAL A 45 1.82 9.98 8.62
CA VAL A 45 0.51 10.60 8.75
C VAL A 45 -0.39 9.69 9.58
N THR A 46 0.25 8.79 10.32
CA THR A 46 -0.47 7.97 11.29
C THR A 46 0.40 7.71 12.51
N PRO A 47 -0.27 7.37 13.64
CA PRO A 47 0.44 6.99 14.85
C PRO A 47 1.01 5.57 14.72
N LEU A 48 0.62 4.91 13.64
CA LEU A 48 0.95 3.50 13.48
C LEU A 48 2.46 3.34 13.35
N THR A 49 2.93 2.14 13.70
CA THR A 49 4.33 1.80 13.50
C THR A 49 4.45 0.40 12.88
N PHE A 50 5.31 0.31 11.87
CA PHE A 50 5.43 -0.91 11.10
C PHE A 50 6.73 -1.65 11.44
N SER A 51 6.56 -2.91 11.84
CA SER A 51 7.71 -3.75 12.12
C SER A 51 7.81 -4.87 11.07
N ARG A 52 9.04 -5.20 10.73
CA ARG A 52 9.29 -6.22 9.72
C ARG A 52 9.39 -7.61 10.37
N LEU A 53 9.08 -8.62 9.57
CA LEU A 53 9.18 -9.98 10.04
C LEU A 53 9.84 -10.85 8.96
N TYR A 54 10.45 -11.93 9.40
CA TYR A 54 11.08 -12.87 8.48
C TYR A 54 10.39 -14.23 8.53
N GLU A 55 9.40 -14.33 9.41
CA GLU A 55 8.65 -15.56 9.55
C GLU A 55 7.27 -15.27 10.18
N GLY A 56 6.44 -16.30 10.16
CA GLY A 56 5.12 -16.19 10.77
C GLY A 56 4.16 -15.41 9.86
N GLU A 57 3.01 -15.07 10.42
CA GLU A 57 1.99 -14.34 9.68
C GLU A 57 1.90 -12.90 10.17
N ALA A 58 2.35 -11.99 9.32
CA ALA A 58 2.29 -10.57 9.64
C ALA A 58 0.89 -10.04 9.33
N ASP A 59 0.60 -8.88 9.87
CA ASP A 59 -0.71 -8.26 9.68
C ASP A 59 -0.92 -7.95 8.19
N ILE A 60 0.11 -7.36 7.60
CA ILE A 60 0.06 -7.00 6.19
C ILE A 60 1.06 -7.85 5.42
N MET A 61 0.57 -9.00 4.95
CA MET A 61 1.42 -9.91 4.20
C MET A 61 1.34 -9.62 2.69
N ILE A 62 2.33 -8.87 2.22
CA ILE A 62 2.35 -8.46 0.83
C ILE A 62 2.91 -9.59 -0.03
N SER A 63 2.26 -9.82 -1.16
CA SER A 63 2.62 -10.94 -2.02
C SER A 63 2.33 -10.58 -3.49
N PHE A 64 2.96 -11.32 -4.37
CA PHE A 64 2.70 -11.17 -5.80
C PHE A 64 2.19 -12.47 -6.40
N ALA A 65 1.35 -12.33 -7.42
CA ALA A 65 0.80 -13.48 -8.10
C ALA A 65 0.39 -13.08 -9.52
N VAL A 66 0.62 -14.01 -10.45
CA VAL A 66 0.11 -13.84 -11.80
C VAL A 66 -1.16 -14.66 -11.96
N ARG A 67 -1.95 -14.28 -12.96
CA ARG A 67 -3.20 -14.98 -13.22
C ARG A 67 -4.04 -15.08 -11.94
N GLU A 68 -5.03 -15.96 -11.99
CA GLU A 68 -5.85 -16.22 -10.83
C GLU A 68 -5.04 -16.90 -9.73
N HIS A 69 -5.22 -16.41 -8.51
CA HIS A 69 -4.31 -16.72 -7.43
C HIS A 69 -5.10 -17.05 -6.16
N GLY A 70 -6.34 -17.44 -6.37
CA GLY A 70 -7.21 -17.80 -5.26
C GLY A 70 -8.62 -17.25 -5.46
N ASP A 71 -8.80 -16.02 -4.99
CA ASP A 71 -10.11 -15.38 -5.08
C ASP A 71 -10.40 -15.01 -6.54
N PHE A 72 -11.44 -14.20 -6.71
CA PHE A 72 -11.88 -13.82 -8.04
C PHE A 72 -11.26 -12.49 -8.45
N TYR A 73 -9.98 -12.54 -8.79
CA TYR A 73 -9.27 -11.35 -9.23
C TYR A 73 -8.06 -11.71 -10.07
N PRO A 74 -8.33 -11.99 -11.38
CA PRO A 74 -7.31 -12.55 -12.26
C PRO A 74 -6.29 -11.48 -12.65
N PHE A 75 -5.14 -11.95 -13.11
CA PHE A 75 -4.03 -11.05 -13.41
C PHE A 75 -3.39 -11.40 -14.76
N ASP A 76 -2.20 -10.86 -14.97
CA ASP A 76 -1.39 -11.26 -16.10
C ASP A 76 -1.75 -10.42 -17.33
N GLY A 77 -2.96 -9.89 -17.29
CA GLY A 77 -3.45 -9.06 -18.39
C GLY A 77 -2.46 -7.96 -18.73
N PRO A 78 -2.58 -7.44 -19.98
CA PRO A 78 -1.71 -6.38 -20.45
C PRO A 78 -2.10 -5.04 -19.83
N GLY A 79 -1.34 -4.64 -18.82
CA GLY A 79 -1.65 -3.44 -18.07
C GLY A 79 -2.76 -3.70 -17.06
N ASN A 80 -3.79 -2.86 -17.13
CA ASN A 80 -4.94 -3.01 -16.25
C ASN A 80 -4.46 -3.13 -14.80
N VAL A 81 -5.28 -3.78 -13.99
CA VAL A 81 -4.95 -3.97 -12.59
C VAL A 81 -3.43 -4.20 -12.46
N LEU A 82 -2.78 -3.27 -11.79
CA LEU A 82 -1.37 -3.41 -11.49
C LEU A 82 -1.21 -4.14 -10.16
N ALA A 83 -2.07 -3.80 -9.22
CA ALA A 83 -2.03 -4.40 -7.91
C ALA A 83 -3.30 -4.02 -7.12
N HIS A 84 -3.74 -4.94 -6.29
CA HIS A 84 -4.92 -4.71 -5.48
C HIS A 84 -4.68 -5.21 -4.05
N ALA A 85 -5.62 -4.87 -3.17
CA ALA A 85 -5.51 -5.26 -1.78
C ALA A 85 -6.91 -5.43 -1.19
N TYR A 86 -6.94 -5.82 0.07
CA TYR A 86 -8.20 -6.02 0.76
C TYR A 86 -8.20 -5.34 2.12
N ALA A 87 -9.37 -4.84 2.50
CA ALA A 87 -9.56 -4.32 3.86
C ALA A 87 -9.17 -5.40 4.87
N PRO A 88 -9.28 -5.04 6.18
CA PRO A 88 -8.97 -5.97 7.24
C PRO A 88 -10.07 -7.01 7.40
N GLY A 89 -9.66 -8.21 7.81
CA GLY A 89 -10.59 -9.32 7.96
C GLY A 89 -9.84 -10.64 8.12
N PRO A 90 -10.30 -11.66 7.35
CA PRO A 90 -9.69 -12.98 7.42
C PRO A 90 -8.35 -13.00 6.69
N GLY A 91 -7.84 -14.20 6.48
CA GLY A 91 -6.47 -14.36 6.01
C GLY A 91 -6.31 -13.79 4.60
N ILE A 92 -7.44 -13.61 3.93
CA ILE A 92 -7.43 -13.02 2.60
C ILE A 92 -7.38 -11.50 2.72
N ASN A 93 -7.95 -11.01 3.81
CA ASN A 93 -8.02 -9.57 4.04
C ASN A 93 -6.75 -9.10 4.75
N GLY A 94 -6.34 -7.89 4.43
CA GLY A 94 -5.13 -7.33 5.01
C GLY A 94 -3.93 -7.54 4.10
N ASP A 95 -4.04 -8.55 3.25
CA ASP A 95 -2.98 -8.89 2.32
C ASP A 95 -2.99 -7.88 1.17
N ALA A 96 -1.85 -7.77 0.50
CA ALA A 96 -1.74 -6.93 -0.67
C ALA A 96 -1.20 -7.75 -1.84
N HIS A 97 -2.03 -7.89 -2.87
CA HIS A 97 -1.69 -8.72 -4.00
C HIS A 97 -1.21 -7.84 -5.16
N PHE A 98 -0.01 -8.14 -5.62
CA PHE A 98 0.55 -7.43 -6.76
C PHE A 98 0.68 -8.36 -7.98
N ASP A 99 0.93 -7.74 -9.12
CA ASP A 99 1.17 -8.50 -10.34
C ASP A 99 2.66 -8.82 -10.44
N ASP A 100 2.94 -10.06 -10.84
CA ASP A 100 4.32 -10.48 -11.01
C ASP A 100 4.65 -10.50 -12.51
N ASP A 101 3.60 -10.62 -13.32
CA ASP A 101 3.77 -10.71 -14.76
C ASP A 101 4.09 -9.31 -15.31
N GLU A 102 3.62 -8.30 -14.60
CA GLU A 102 3.80 -6.93 -15.03
C GLU A 102 5.21 -6.44 -14.69
N GLN A 103 5.69 -5.49 -15.48
CA GLN A 103 6.99 -4.90 -15.24
C GLN A 103 6.94 -3.95 -14.04
N TRP A 104 8.09 -3.74 -13.43
CA TRP A 104 8.19 -2.86 -12.29
C TRP A 104 9.55 -2.16 -12.35
N THR A 105 9.59 -0.97 -11.77
CA THR A 105 10.83 -0.21 -11.70
C THR A 105 10.95 0.48 -10.34
N LYS A 106 12.00 1.28 -10.22
CA LYS A 106 12.24 2.03 -8.98
C LYS A 106 12.20 3.52 -9.29
N ASP A 107 11.64 3.85 -10.45
CA ASP A 107 11.53 5.23 -10.86
C ASP A 107 10.38 5.38 -11.86
N THR A 108 10.35 6.51 -12.54
CA THR A 108 9.27 6.81 -13.46
C THR A 108 9.66 6.41 -14.88
N THR A 109 10.16 5.18 -15.01
CA THR A 109 10.44 4.61 -16.31
C THR A 109 9.44 3.51 -16.64
N GLY A 110 8.94 2.87 -15.59
CA GLY A 110 7.91 1.85 -15.75
C GLY A 110 6.78 2.07 -14.74
N THR A 111 6.27 0.95 -14.23
CA THR A 111 5.29 0.99 -13.17
C THR A 111 5.98 1.05 -11.81
N ASN A 112 6.28 2.28 -11.38
CA ASN A 112 6.96 2.49 -10.12
C ASN A 112 6.27 1.67 -9.02
N LEU A 113 6.96 0.63 -8.58
CA LEU A 113 6.40 -0.28 -7.60
C LEU A 113 6.03 0.51 -6.33
N PHE A 114 7.02 1.20 -5.80
CA PHE A 114 6.84 1.92 -4.56
C PHE A 114 5.56 2.76 -4.58
N LEU A 115 5.39 3.49 -5.68
CA LEU A 115 4.20 4.30 -5.85
C LEU A 115 2.96 3.44 -5.65
N VAL A 116 3.01 2.24 -6.22
CA VAL A 116 1.87 1.34 -6.17
C VAL A 116 1.80 0.72 -4.77
N ALA A 117 2.97 0.52 -4.18
CA ALA A 117 3.05 -0.04 -2.84
C ALA A 117 2.21 0.82 -1.89
N ALA A 118 2.36 2.13 -2.03
CA ALA A 118 1.64 3.05 -1.17
C ALA A 118 0.14 2.91 -1.41
N HIS A 119 -0.30 2.78 -2.66
CA HIS A 119 -1.75 2.60 -3.05
C HIS A 119 -2.31 1.26 -2.45
N GLU A 120 -1.59 0.18 -2.70
CA GLU A 120 -2.03 -1.12 -2.22
C GLU A 120 -2.29 -1.08 -0.72
N ILE A 121 -1.26 -0.64 0.01
CA ILE A 121 -1.35 -0.59 1.46
C ILE A 121 -2.56 0.24 1.87
N GLY A 122 -2.86 1.24 1.04
CA GLY A 122 -4.03 2.08 1.28
C GLY A 122 -5.30 1.25 1.38
N HIS A 123 -5.44 0.31 0.45
CA HIS A 123 -6.57 -0.60 0.46
C HIS A 123 -6.46 -1.53 1.67
N SER A 124 -5.22 -1.91 1.97
CA SER A 124 -4.97 -2.78 3.11
C SER A 124 -5.39 -2.09 4.41
N LEU A 125 -5.14 -0.79 4.47
CA LEU A 125 -5.38 -0.05 5.69
C LEU A 125 -6.86 0.33 5.77
N GLY A 126 -7.14 1.59 5.43
CA GLY A 126 -8.48 2.11 5.55
C GLY A 126 -8.74 3.21 4.52
N LEU A 127 -8.02 3.12 3.41
CA LEU A 127 -8.25 4.00 2.28
C LEU A 127 -8.67 3.16 1.07
N PHE A 128 -9.07 3.87 0.02
CA PHE A 128 -9.45 3.21 -1.22
C PHE A 128 -9.23 4.13 -2.42
N HIS A 129 -10.07 5.15 -2.50
CA HIS A 129 -10.06 6.05 -3.65
C HIS A 129 -10.40 7.47 -3.20
N SER A 130 -9.68 8.42 -3.76
CA SER A 130 -9.85 9.82 -3.38
C SER A 130 -10.43 10.62 -4.54
N ALA A 131 -10.75 11.87 -4.26
CA ALA A 131 -11.34 12.74 -5.27
C ALA A 131 -10.23 13.50 -5.99
N ASN A 132 -9.30 14.01 -5.20
CA ASN A 132 -8.19 14.79 -5.73
C ASN A 132 -7.45 13.97 -6.79
N THR A 133 -6.93 14.66 -7.79
CA THR A 133 -6.24 13.99 -8.88
C THR A 133 -4.73 14.01 -8.64
N GLU A 134 -4.31 14.90 -7.74
CA GLU A 134 -2.90 15.01 -7.40
C GLU A 134 -2.56 14.08 -6.23
N ALA A 135 -3.60 13.46 -5.70
CA ALA A 135 -3.43 12.55 -4.58
C ALA A 135 -2.87 11.21 -5.08
N LEU A 136 -2.72 10.28 -4.15
CA LEU A 136 -2.13 9.00 -4.47
C LEU A 136 -3.23 7.95 -4.60
N MET A 137 -4.16 7.99 -3.65
CA MET A 137 -5.21 6.99 -3.59
C MET A 137 -6.18 7.15 -4.77
N TYR A 138 -6.02 8.24 -5.49
CA TYR A 138 -6.77 8.44 -6.72
C TYR A 138 -6.79 7.17 -7.57
N PRO A 139 -7.97 6.93 -8.20
CA PRO A 139 -8.23 5.64 -8.82
C PRO A 139 -7.46 5.49 -10.13
N LEU A 140 -7.49 6.54 -10.92
CA LEU A 140 -6.73 6.57 -12.16
C LEU A 140 -5.24 6.75 -11.84
N TYR A 141 -4.43 5.93 -12.50
CA TYR A 141 -3.00 5.93 -12.25
C TYR A 141 -2.45 7.37 -12.24
N HIS A 142 -1.43 7.57 -11.43
CA HIS A 142 -0.87 8.90 -11.24
C HIS A 142 0.65 8.80 -11.12
N SER A 143 1.32 9.89 -11.51
CA SER A 143 2.76 9.94 -11.43
C SER A 143 3.24 11.39 -11.45
N LEU A 144 4.16 11.69 -10.54
CA LEU A 144 4.72 13.03 -10.45
C LEU A 144 6.03 13.09 -11.25
N THR A 145 6.35 14.28 -11.70
CA THR A 145 7.59 14.50 -12.44
C THR A 145 8.76 13.84 -11.72
N ASP A 146 8.71 13.92 -10.39
CA ASP A 146 9.73 13.27 -9.57
C ASP A 146 9.04 12.46 -8.46
N LEU A 147 9.09 11.15 -8.64
CA LEU A 147 8.45 10.25 -7.68
C LEU A 147 9.14 10.39 -6.33
N THR A 148 10.36 10.92 -6.36
CA THR A 148 11.14 11.06 -5.16
C THR A 148 10.62 12.22 -4.31
N ARG A 149 9.72 12.99 -4.92
CA ARG A 149 9.14 14.15 -4.25
C ARG A 149 7.66 13.90 -3.96
N PHE A 150 7.17 12.78 -4.47
CA PHE A 150 5.77 12.42 -4.27
C PHE A 150 5.38 12.54 -2.80
N ARG A 151 4.12 12.90 -2.59
CA ARG A 151 3.58 12.99 -1.24
C ARG A 151 2.05 12.81 -1.27
N LEU A 152 1.52 12.34 -0.15
CA LEU A 152 0.09 12.18 -0.01
C LEU A 152 -0.57 13.56 0.10
N SER A 153 -1.74 13.68 -0.51
CA SER A 153 -2.51 14.90 -0.42
C SER A 153 -3.46 14.84 0.78
N GLN A 154 -4.04 15.98 1.09
CA GLN A 154 -4.94 16.07 2.23
C GLN A 154 -6.12 15.09 2.07
N ASP A 155 -6.48 14.86 0.81
CA ASP A 155 -7.56 13.94 0.51
C ASP A 155 -7.23 12.55 1.04
N ASP A 156 -5.97 12.18 0.86
CA ASP A 156 -5.52 10.85 1.27
C ASP A 156 -5.52 10.76 2.80
N ILE A 157 -4.92 11.77 3.42
CA ILE A 157 -4.78 11.77 4.87
C ILE A 157 -6.17 11.86 5.51
N ASN A 158 -7.04 12.61 4.84
CA ASN A 158 -8.39 12.83 5.36
C ASN A 158 -8.88 11.54 6.01
N GLY A 159 -8.65 10.43 5.33
CA GLY A 159 -9.13 9.14 5.80
C GLY A 159 -8.16 8.52 6.81
N ILE A 160 -6.89 8.54 6.45
CA ILE A 160 -5.86 7.91 7.26
C ILE A 160 -5.82 8.57 8.63
N GLN A 161 -6.41 9.76 8.70
CA GLN A 161 -6.45 10.50 9.95
C GLN A 161 -7.79 10.24 10.67
N SER A 162 -8.85 10.22 9.89
CA SER A 162 -10.18 10.01 10.43
C SER A 162 -10.26 8.63 11.09
N LEU A 163 -9.57 7.67 10.48
CA LEU A 163 -9.61 6.31 10.97
C LEU A 163 -8.53 6.13 12.05
N TYR A 164 -7.63 7.11 12.10
CA TYR A 164 -6.55 7.07 13.08
C TYR A 164 -6.09 8.48 13.43
N GLY A 165 -5.07 8.95 12.71
CA GLY A 165 -4.54 10.27 12.92
C GLY A 165 -3.52 10.28 14.05
N PRO A 166 -2.30 10.82 13.72
CA PRO A 166 -1.24 10.92 14.71
C PRO A 166 -1.52 12.07 15.69
N PRO A 167 -0.72 12.08 16.79
CA PRO A 167 -0.87 13.12 17.80
C PRO A 167 -0.28 14.45 17.31
N PRO A 168 -0.64 15.54 18.05
CA PRO A 168 -0.14 16.86 17.71
C PRO A 168 1.33 17.02 18.14
N ASP A 169 1.88 18.18 17.83
CA ASP A 169 3.26 18.47 18.18
C ASP A 169 3.41 18.45 19.70
N SER A 170 4.54 17.92 20.15
CA SER A 170 4.80 17.83 21.57
C SER A 170 6.02 16.93 21.82
N PRO A 171 5.90 15.68 21.30
CA PRO A 171 6.97 14.71 21.46
C PRO A 171 8.15 15.03 20.53
N GLU A 172 8.78 16.16 20.80
CA GLU A 172 9.92 16.59 20.01
C GLU A 172 11.23 16.16 20.67
N THR A 173 11.12 15.76 21.91
CA THR A 173 12.28 15.32 22.66
C THR A 173 11.91 14.18 23.63
ZN ZN B . -7.43 1.80 -5.67
ZN ZN C . -5.64 -10.97 -5.13
C1 8MI D . -7.26 -1.03 -9.20
C2 8MI D . -6.21 -1.46 -8.15
C3 8MI D . -6.70 -1.05 -6.73
O4 8MI D . -7.36 -0.03 -6.61
O5 8MI D . -6.42 -1.78 -5.79
N6 8MI D . -4.91 -0.83 -8.50
C7 8MI D . -5.09 0.59 -8.93
C8 8MI D . -3.76 1.38 -8.72
C9 8MI D . -3.90 2.84 -9.23
C10 8MI D . -2.63 3.63 -8.92
C11 8MI D . -1.37 3.17 -9.35
C12 8MI D . -0.21 3.90 -9.06
C13 8MI D . -0.30 5.08 -8.32
C14 8MI D . -1.54 5.54 -7.88
C15 8MI D . -2.71 4.82 -8.18
C16 8MI D . -5.51 0.71 -10.41
O17 8MI D . -6.19 1.65 -10.80
N18 8MI D . -5.13 -0.24 -11.24
C19 8MI D . -5.50 -0.29 -12.71
C20 8MI D . -7.02 -0.06 -12.86
C21 8MI D . -7.75 -1.41 -13.05
C22 8MI D . -9.25 -1.17 -13.34
N23 8MI D . -9.92 -0.60 -12.12
C24 8MI D . -11.15 -0.08 -12.10
N25 8MI D . -11.61 0.47 -11.00
N26 8MI D . -11.94 -0.12 -13.17
C27 8MI D . -4.69 0.79 -13.48
O28 8MI D . -4.64 1.94 -13.09
N29 8MI D . -4.08 0.42 -14.62
C30 8MI D . -3.29 1.30 -15.31
C31 8MI D . -3.78 2.59 -15.60
C32 8MI D . -2.99 3.50 -16.31
C33 8MI D . -1.72 3.13 -16.75
C34 8MI D . -1.22 1.85 -16.46
C35 8MI D . -2.01 0.94 -15.75
H36 8MI D . -8.18 -1.56 -9.01
H37 8MI D . -6.91 -1.25 -10.18
H38 8MI D . -7.45 0.04 -9.11
H39 8MI D . -6.12 -2.52 -8.20
H40 8MI D . -4.47 -1.38 -9.26
H41 8MI D . -5.86 1.06 -8.32
H42 8MI D . -2.96 0.88 -9.26
H43 8MI D . -3.53 1.39 -7.67
H44 8MI D . -4.73 3.30 -8.75
H45 8MI D . -4.05 2.84 -10.31
H46 8MI D . -1.31 2.26 -9.93
H47 8MI D . 0.74 3.54 -9.40
H48 8MI D . 0.59 5.63 -8.09
H49 8MI D . -1.61 6.45 -7.31
H50 8MI D . -3.67 5.19 -7.83
H51 8MI D . -4.58 -1.01 -10.96
H52 8MI D . -5.24 -1.26 -13.11
H53 8MI D . -7.21 0.56 -13.73
H54 8MI D . -7.39 0.43 -11.98
H55 8MI D . -7.66 -2.00 -12.14
H56 8MI D . -7.31 -1.95 -13.88
H57 8MI D . -9.72 -2.11 -13.59
H58 8MI D . -9.35 -0.48 -14.16
H59 8MI D . -9.37 -0.63 -11.31
H61 8MI D . -12.52 0.87 -10.97
H62 8MI D . -11.61 -0.56 -14.01
H63 8MI D . -12.86 0.26 -13.14
H64 8MI D . -4.18 -0.50 -14.98
H65 8MI D . -4.77 2.87 -15.26
H66 8MI D . -3.37 4.49 -16.52
H67 8MI D . -1.11 3.84 -17.29
H68 8MI D . -0.24 1.56 -16.80
H69 8MI D . -1.63 -0.06 -15.54
H60 8MI D . -11.02 0.51 -10.18
H70 8MI D . -4.28 -0.86 -7.66
N PHE A 1 -11.62 7.78 -0.17
CA PHE A 1 -11.81 7.71 1.27
C PHE A 1 -13.10 6.96 1.61
N ARG A 2 -12.93 5.69 1.94
CA ARG A 2 -14.07 4.85 2.30
C ARG A 2 -13.68 3.85 3.39
N THR A 3 -14.69 3.20 3.94
CA THR A 3 -14.47 2.29 5.05
C THR A 3 -15.05 0.92 4.73
N PHE A 4 -15.67 0.31 5.74
CA PHE A 4 -16.19 -1.04 5.61
C PHE A 4 -17.07 -1.41 6.81
N PRO A 5 -17.75 -2.57 6.68
CA PRO A 5 -18.55 -3.10 7.77
C PRO A 5 -17.66 -3.69 8.87
N GLY A 6 -17.39 -2.88 9.88
CA GLY A 6 -16.42 -3.24 10.90
C GLY A 6 -15.34 -2.16 11.02
N ILE A 7 -15.33 -1.24 10.06
CA ILE A 7 -14.36 -0.17 10.06
C ILE A 7 -12.96 -0.74 9.90
N PRO A 8 -12.34 -0.42 8.74
CA PRO A 8 -11.00 -0.91 8.44
C PRO A 8 -9.94 -0.17 9.27
N LYS A 9 -9.18 -0.94 10.02
CA LYS A 9 -8.23 -0.36 10.96
C LYS A 9 -7.81 -1.43 11.97
N TRP A 10 -6.50 -1.63 12.05
CA TRP A 10 -5.93 -2.54 13.04
C TRP A 10 -6.08 -1.88 14.42
N ARG A 11 -6.69 -2.63 15.33
CA ARG A 11 -6.96 -2.12 16.66
C ARG A 11 -5.65 -1.83 17.40
N LYS A 12 -4.57 -2.34 16.83
CA LYS A 12 -3.25 -2.08 17.38
C LYS A 12 -2.53 -1.03 16.52
N THR A 13 -1.55 -0.38 17.11
CA THR A 13 -0.76 0.61 16.41
C THR A 13 0.51 -0.03 15.83
N HIS A 14 0.99 -1.05 16.53
CA HIS A 14 2.19 -1.75 16.10
C HIS A 14 1.82 -2.79 15.03
N LEU A 15 2.03 -2.40 13.78
CA LEU A 15 1.68 -3.26 12.66
C LEU A 15 2.92 -4.02 12.20
N THR A 16 2.68 -5.20 11.65
CA THR A 16 3.73 -5.98 11.02
C THR A 16 3.38 -6.27 9.56
N TYR A 17 4.41 -6.32 8.74
CA TYR A 17 4.23 -6.66 7.34
C TYR A 17 5.35 -7.58 6.84
N ARG A 18 5.17 -8.08 5.64
CA ARG A 18 6.11 -9.03 5.07
C ARG A 18 5.90 -9.16 3.56
N ILE A 19 6.99 -9.44 2.86
CA ILE A 19 6.92 -9.75 1.45
C ILE A 19 7.04 -11.26 1.25
N VAL A 20 5.96 -11.86 0.78
CA VAL A 20 5.90 -13.31 0.66
C VAL A 20 6.80 -13.75 -0.52
N ASN A 21 6.72 -12.99 -1.60
CA ASN A 21 7.52 -13.28 -2.77
C ASN A 21 7.73 -12.00 -3.58
N TYR A 22 8.63 -12.08 -4.54
CA TYR A 22 8.97 -10.93 -5.35
C TYR A 22 8.74 -11.21 -6.84
N THR A 23 9.00 -10.18 -7.65
CA THR A 23 8.75 -10.29 -9.07
C THR A 23 10.08 -10.45 -9.83
N PRO A 24 10.01 -11.25 -10.92
CA PRO A 24 11.19 -11.47 -11.76
C PRO A 24 11.47 -10.24 -12.63
N ASP A 25 11.82 -9.14 -11.97
CA ASP A 25 12.08 -7.89 -12.67
C ASP A 25 12.90 -6.98 -11.77
N LEU A 26 12.46 -6.86 -10.53
CA LEU A 26 13.15 -6.02 -9.57
C LEU A 26 13.97 -6.92 -8.62
N PRO A 27 14.99 -6.30 -7.98
CA PRO A 27 15.72 -6.95 -6.91
C PRO A 27 14.88 -6.97 -5.62
N LYS A 28 15.29 -7.82 -4.69
CA LYS A 28 14.52 -8.05 -3.50
C LYS A 28 14.45 -6.76 -2.68
N ASP A 29 15.61 -6.23 -2.35
CA ASP A 29 15.70 -5.05 -1.52
C ASP A 29 14.87 -3.93 -2.14
N ALA A 30 14.89 -3.89 -3.48
CA ALA A 30 14.22 -2.82 -4.20
C ALA A 30 12.72 -2.89 -3.93
N VAL A 31 12.19 -4.11 -4.01
CA VAL A 31 10.77 -4.31 -3.80
C VAL A 31 10.41 -3.99 -2.36
N ASP A 32 11.13 -4.62 -1.44
CA ASP A 32 10.89 -4.42 -0.02
C ASP A 32 10.92 -2.92 0.29
N SER A 33 11.79 -2.22 -0.43
CA SER A 33 11.92 -0.79 -0.26
C SER A 33 10.58 -0.10 -0.53
N ALA A 34 9.97 -0.49 -1.64
CA ALA A 34 8.73 0.13 -2.06
C ALA A 34 7.71 0.08 -0.92
N VAL A 35 7.74 -1.03 -0.21
CA VAL A 35 6.83 -1.22 0.92
C VAL A 35 7.37 -0.45 2.14
N GLU A 36 8.64 -0.68 2.42
CA GLU A 36 9.32 0.06 3.46
C GLU A 36 9.05 1.56 3.30
N LYS A 37 8.83 1.96 2.05
CA LYS A 37 8.63 3.37 1.74
C LYS A 37 7.14 3.70 1.82
N ALA A 38 6.35 2.89 1.14
CA ALA A 38 4.91 3.10 1.10
C ALA A 38 4.37 3.15 2.53
N LEU A 39 4.82 2.20 3.33
CA LEU A 39 4.42 2.15 4.72
C LEU A 39 4.75 3.49 5.40
N LYS A 40 6.00 3.90 5.23
CA LYS A 40 6.47 5.12 5.88
C LYS A 40 5.61 6.30 5.42
N VAL A 41 5.28 6.28 4.13
CA VAL A 41 4.49 7.36 3.55
C VAL A 41 3.23 7.58 4.38
N TRP A 42 2.74 6.49 4.95
CA TRP A 42 1.51 6.54 5.73
C TRP A 42 1.89 6.78 7.20
N GLU A 43 3.04 6.23 7.57
CA GLU A 43 3.56 6.44 8.91
C GLU A 43 3.65 7.93 9.23
N GLU A 44 3.75 8.72 8.18
CA GLU A 44 3.96 10.14 8.34
C GLU A 44 2.64 10.84 8.69
N VAL A 45 1.55 10.14 8.40
CA VAL A 45 0.23 10.74 8.52
C VAL A 45 -0.66 9.83 9.37
N THR A 46 0.00 8.93 10.10
CA THR A 46 -0.70 8.14 11.10
C THR A 46 0.21 7.89 12.31
N PRO A 47 -0.44 7.53 13.45
CA PRO A 47 0.29 7.15 14.65
C PRO A 47 0.88 5.75 14.50
N LEU A 48 0.48 5.08 13.43
CA LEU A 48 0.78 3.66 13.27
C LEU A 48 2.29 3.48 13.11
N THR A 49 2.75 2.28 13.43
CA THR A 49 4.13 1.91 13.17
C THR A 49 4.19 0.56 12.45
N PHE A 50 5.30 0.33 11.77
CA PHE A 50 5.46 -0.87 10.97
C PHE A 50 6.76 -1.58 11.30
N SER A 51 6.66 -2.89 11.45
CA SER A 51 7.83 -3.70 11.76
C SER A 51 7.96 -4.84 10.73
N ARG A 52 9.20 -5.26 10.53
CA ARG A 52 9.48 -6.32 9.57
C ARG A 52 9.59 -7.67 10.29
N LEU A 53 9.21 -8.71 9.56
CA LEU A 53 9.29 -10.06 10.11
C LEU A 53 10.00 -10.97 9.11
N TYR A 54 11.28 -11.21 9.38
CA TYR A 54 12.07 -12.06 8.52
C TYR A 54 11.41 -13.43 8.33
N GLU A 55 10.61 -13.80 9.32
CA GLU A 55 9.84 -15.03 9.22
C GLU A 55 8.58 -14.94 10.08
N GLY A 56 7.62 -15.80 9.78
CA GLY A 56 6.37 -15.83 10.51
C GLY A 56 5.29 -15.04 9.78
N GLU A 57 4.14 -14.93 10.44
CA GLU A 57 3.01 -14.22 9.86
C GLU A 57 3.08 -12.73 10.20
N ALA A 58 2.59 -11.92 9.29
CA ALA A 58 2.55 -10.48 9.50
C ALA A 58 1.14 -9.97 9.17
N ASP A 59 0.81 -8.84 9.78
CA ASP A 59 -0.52 -8.27 9.62
C ASP A 59 -0.74 -7.92 8.14
N ILE A 60 0.30 -7.35 7.54
CA ILE A 60 0.23 -6.97 6.14
C ILE A 60 1.23 -7.81 5.35
N MET A 61 0.81 -9.00 4.98
CA MET A 61 1.66 -9.91 4.24
C MET A 61 1.53 -9.71 2.74
N ILE A 62 2.33 -8.79 2.22
CA ILE A 62 2.25 -8.41 0.82
C ILE A 62 2.83 -9.54 -0.03
N SER A 63 2.10 -9.88 -1.09
CA SER A 63 2.47 -11.01 -1.92
C SER A 63 2.16 -10.70 -3.39
N PHE A 64 2.70 -11.54 -4.26
CA PHE A 64 2.44 -11.40 -5.69
C PHE A 64 1.91 -12.69 -6.28
N ALA A 65 1.20 -12.56 -7.39
CA ALA A 65 0.66 -13.72 -8.09
C ALA A 65 0.31 -13.32 -9.52
N VAL A 66 0.56 -14.25 -10.43
CA VAL A 66 0.15 -14.07 -11.82
C VAL A 66 -1.06 -14.96 -12.11
N ARG A 67 -1.50 -14.91 -13.36
CA ARG A 67 -2.60 -15.75 -13.80
C ARG A 67 -3.67 -15.83 -12.72
N GLU A 68 -4.50 -16.86 -12.82
CA GLU A 68 -5.53 -17.10 -11.83
C GLU A 68 -4.89 -17.42 -10.47
N HIS A 69 -5.06 -16.50 -9.54
CA HIS A 69 -4.58 -16.70 -8.18
C HIS A 69 -5.76 -16.91 -7.24
N GLY A 70 -6.64 -17.83 -7.63
CA GLY A 70 -7.84 -18.10 -6.85
C GLY A 70 -8.69 -16.84 -6.72
N ASP A 71 -9.69 -16.93 -5.86
CA ASP A 71 -10.55 -15.79 -5.59
C ASP A 71 -11.25 -15.35 -6.88
N PHE A 72 -12.08 -14.33 -6.75
CA PHE A 72 -12.91 -13.91 -7.87
C PHE A 72 -12.17 -12.91 -8.76
N TYR A 73 -11.00 -12.51 -8.29
CA TYR A 73 -10.17 -11.58 -9.05
C TYR A 73 -8.84 -12.23 -9.45
N PRO A 74 -8.82 -12.77 -10.70
CA PRO A 74 -7.61 -13.34 -11.24
C PRO A 74 -6.63 -12.24 -11.68
N PHE A 75 -5.52 -12.68 -12.26
CA PHE A 75 -4.57 -11.74 -12.84
C PHE A 75 -4.20 -12.17 -14.26
N ASP A 76 -4.14 -11.19 -15.14
CA ASP A 76 -3.84 -11.44 -16.54
C ASP A 76 -4.26 -10.24 -17.39
N GLY A 77 -3.27 -9.62 -18.01
CA GLY A 77 -3.53 -8.53 -18.93
C GLY A 77 -2.33 -7.58 -19.02
N PRO A 78 -2.22 -6.89 -20.18
CA PRO A 78 -1.19 -5.89 -20.36
C PRO A 78 -1.53 -4.61 -19.59
N GLY A 79 -0.94 -4.49 -18.41
CA GLY A 79 -1.24 -3.37 -17.52
C GLY A 79 -2.43 -3.70 -16.62
N ASN A 80 -3.51 -2.98 -16.84
CA ASN A 80 -4.73 -3.20 -16.08
C ASN A 80 -4.37 -3.31 -14.59
N VAL A 81 -5.22 -4.03 -13.87
CA VAL A 81 -4.97 -4.28 -12.46
C VAL A 81 -3.47 -4.52 -12.24
N LEU A 82 -2.90 -3.70 -11.38
CA LEU A 82 -1.50 -3.87 -11.02
C LEU A 82 -1.41 -4.55 -9.65
N ALA A 83 -2.35 -4.19 -8.79
CA ALA A 83 -2.38 -4.74 -7.44
C ALA A 83 -3.67 -4.29 -6.74
N HIS A 84 -4.21 -5.21 -5.94
CA HIS A 84 -5.42 -4.91 -5.20
C HIS A 84 -5.24 -5.34 -3.74
N ALA A 85 -6.05 -4.74 -2.87
CA ALA A 85 -5.96 -5.02 -1.45
C ALA A 85 -7.35 -4.91 -0.82
N TYR A 86 -7.48 -5.50 0.35
CA TYR A 86 -8.78 -5.61 1.00
C TYR A 86 -8.70 -5.28 2.49
N ALA A 87 -9.86 -5.03 3.08
CA ALA A 87 -9.91 -4.71 4.49
C ALA A 87 -9.29 -5.85 5.30
N PRO A 88 -9.22 -5.64 6.64
CA PRO A 88 -8.73 -6.68 7.53
C PRO A 88 -9.78 -7.77 7.74
N GLY A 89 -9.30 -8.96 8.06
CA GLY A 89 -10.17 -10.11 8.22
C GLY A 89 -9.39 -11.42 8.20
N PRO A 90 -9.89 -12.38 7.37
CA PRO A 90 -9.24 -13.66 7.24
C PRO A 90 -7.97 -13.55 6.39
N GLY A 91 -7.43 -14.71 6.03
CA GLY A 91 -6.12 -14.76 5.40
C GLY A 91 -6.14 -14.05 4.05
N ILE A 92 -7.34 -13.84 3.53
CA ILE A 92 -7.51 -13.13 2.29
C ILE A 92 -7.44 -11.61 2.54
N ASN A 93 -7.92 -11.23 3.71
CA ASN A 93 -7.99 -9.82 4.06
C ASN A 93 -6.66 -9.40 4.70
N GLY A 94 -6.38 -8.11 4.61
CA GLY A 94 -5.14 -7.58 5.15
C GLY A 94 -4.00 -7.70 4.13
N ASP A 95 -4.01 -8.81 3.42
CA ASP A 95 -2.99 -9.07 2.41
C ASP A 95 -3.26 -8.20 1.18
N ALA A 96 -2.18 -7.83 0.52
CA ALA A 96 -2.28 -7.04 -0.70
C ALA A 96 -1.65 -7.81 -1.86
N HIS A 97 -2.48 -8.09 -2.86
CA HIS A 97 -2.04 -8.89 -4.00
C HIS A 97 -1.43 -7.97 -5.06
N PHE A 98 -0.23 -8.32 -5.49
CA PHE A 98 0.41 -7.62 -6.58
C PHE A 98 0.54 -8.52 -7.81
N ASP A 99 0.76 -7.89 -8.95
CA ASP A 99 1.01 -8.62 -10.18
C ASP A 99 2.52 -8.90 -10.29
N ASP A 100 2.83 -10.12 -10.69
CA ASP A 100 4.22 -10.52 -10.83
C ASP A 100 4.60 -10.53 -12.32
N ASP A 101 3.58 -10.74 -13.15
CA ASP A 101 3.79 -10.84 -14.58
C ASP A 101 4.06 -9.45 -15.15
N GLU A 102 3.52 -8.45 -14.47
CA GLU A 102 3.62 -7.07 -14.94
C GLU A 102 5.02 -6.52 -14.66
N GLN A 103 5.40 -5.52 -15.43
CA GLN A 103 6.67 -4.84 -15.23
C GLN A 103 6.62 -3.96 -13.98
N TRP A 104 7.79 -3.72 -13.42
CA TRP A 104 7.89 -2.89 -12.22
C TRP A 104 9.20 -2.11 -12.29
N THR A 105 9.22 -0.98 -11.62
CA THR A 105 10.43 -0.18 -11.52
C THR A 105 10.62 0.32 -10.08
N LYS A 106 11.76 0.96 -9.86
CA LYS A 106 12.03 1.57 -8.58
C LYS A 106 12.06 3.10 -8.75
N ASP A 107 11.49 3.54 -9.85
CA ASP A 107 11.48 4.97 -10.17
C ASP A 107 10.42 5.24 -11.25
N THR A 108 10.50 6.43 -11.81
CA THR A 108 9.52 6.85 -12.80
C THR A 108 9.98 6.46 -14.20
N THR A 109 10.00 5.16 -14.43
CA THR A 109 10.33 4.63 -15.75
C THR A 109 9.51 3.38 -16.05
N GLY A 110 8.39 3.26 -15.35
CA GLY A 110 7.51 2.12 -15.54
C GLY A 110 6.31 2.19 -14.59
N THR A 111 5.92 1.02 -14.11
CA THR A 111 4.91 0.95 -13.06
C THR A 111 5.56 1.12 -11.69
N ASN A 112 5.99 2.34 -11.40
CA ASN A 112 6.70 2.62 -10.17
C ASN A 112 6.05 1.83 -9.03
N LEU A 113 6.76 0.82 -8.58
CA LEU A 113 6.20 -0.13 -7.63
C LEU A 113 5.72 0.64 -6.39
N PHE A 114 6.61 1.48 -5.88
CA PHE A 114 6.33 2.20 -4.64
C PHE A 114 4.98 2.92 -4.72
N LEU A 115 4.73 3.50 -5.88
CA LEU A 115 3.47 4.20 -6.10
C LEU A 115 2.31 3.22 -5.88
N VAL A 116 2.51 2.00 -6.34
CA VAL A 116 1.48 0.98 -6.21
C VAL A 116 1.50 0.41 -4.79
N ALA A 117 2.68 0.42 -4.21
CA ALA A 117 2.86 -0.09 -2.85
C ALA A 117 2.03 0.78 -1.89
N ALA A 118 2.20 2.09 -2.04
CA ALA A 118 1.51 3.03 -1.17
C ALA A 118 0.00 2.95 -1.41
N HIS A 119 -0.43 2.88 -2.66
CA HIS A 119 -1.88 2.69 -3.05
C HIS A 119 -2.44 1.37 -2.47
N GLU A 120 -1.71 0.29 -2.68
CA GLU A 120 -2.09 -1.00 -2.13
C GLU A 120 -2.28 -0.90 -0.61
N ILE A 121 -1.22 -0.53 0.07
CA ILE A 121 -1.25 -0.43 1.52
C ILE A 121 -2.49 0.36 1.94
N GLY A 122 -2.78 1.41 1.18
CA GLY A 122 -3.94 2.24 1.46
C GLY A 122 -5.20 1.38 1.64
N HIS A 123 -5.45 0.54 0.64
CA HIS A 123 -6.62 -0.33 0.68
C HIS A 123 -6.52 -1.28 1.87
N SER A 124 -5.29 -1.72 2.14
CA SER A 124 -5.04 -2.64 3.22
C SER A 124 -5.40 -1.99 4.55
N LEU A 125 -5.06 -0.71 4.65
CA LEU A 125 -5.29 0.04 5.88
C LEU A 125 -6.78 0.37 5.99
N GLY A 126 -7.22 1.27 5.12
CA GLY A 126 -8.62 1.65 5.08
C GLY A 126 -8.82 2.93 4.26
N LEU A 127 -8.17 2.96 3.11
CA LEU A 127 -8.35 4.07 2.19
C LEU A 127 -8.99 3.57 0.90
N PHE A 128 -9.52 4.51 0.12
CA PHE A 128 -10.04 4.19 -1.19
C PHE A 128 -10.03 5.42 -2.09
N HIS A 129 -10.24 5.16 -3.38
CA HIS A 129 -10.11 6.21 -4.39
C HIS A 129 -10.68 7.52 -3.83
N SER A 130 -9.83 8.53 -3.83
CA SER A 130 -10.19 9.81 -3.25
C SER A 130 -11.03 10.62 -4.24
N ALA A 131 -10.33 11.40 -5.05
CA ALA A 131 -11.00 12.27 -6.00
C ALA A 131 -9.97 13.20 -6.64
N ASN A 132 -9.12 13.78 -5.81
CA ASN A 132 -8.09 14.69 -6.28
C ASN A 132 -7.12 13.92 -7.17
N THR A 133 -6.58 14.63 -8.16
CA THR A 133 -5.66 14.03 -9.11
C THR A 133 -4.25 13.98 -8.52
N GLU A 134 -3.98 14.92 -7.61
CA GLU A 134 -2.67 15.02 -7.02
C GLU A 134 -2.45 13.89 -6.00
N ALA A 135 -3.55 13.22 -5.68
CA ALA A 135 -3.49 12.12 -4.72
C ALA A 135 -3.04 10.85 -5.44
N LEU A 136 -2.26 10.06 -4.72
CA LEU A 136 -1.84 8.76 -5.23
C LEU A 136 -2.99 7.77 -5.08
N MET A 137 -4.00 8.18 -4.33
CA MET A 137 -5.16 7.34 -4.12
C MET A 137 -6.12 7.42 -5.31
N TYR A 138 -5.88 8.41 -6.15
CA TYR A 138 -6.69 8.59 -7.35
C TYR A 138 -6.71 7.32 -8.20
N PRO A 139 -7.89 7.04 -8.80
CA PRO A 139 -8.06 5.85 -9.61
C PRO A 139 -7.37 6.00 -10.97
N LEU A 140 -6.10 6.38 -10.90
CA LEU A 140 -5.29 6.46 -12.11
C LEU A 140 -3.83 6.65 -11.71
N TYR A 141 -2.96 5.94 -12.43
CA TYR A 141 -1.52 6.07 -12.21
C TYR A 141 -1.00 7.42 -12.70
N HIS A 142 0.06 7.88 -12.06
CA HIS A 142 0.67 9.14 -12.45
C HIS A 142 2.02 9.30 -11.73
N SER A 143 3.06 9.48 -12.53
CA SER A 143 4.40 9.61 -11.99
C SER A 143 4.77 11.09 -11.85
N LEU A 144 5.34 11.41 -10.70
CA LEU A 144 5.77 12.78 -10.44
C LEU A 144 7.23 12.92 -10.88
N THR A 145 7.51 14.05 -11.52
CA THR A 145 8.85 14.33 -12.00
C THR A 145 9.89 13.74 -11.05
N ASP A 146 9.85 14.22 -9.81
CA ASP A 146 10.73 13.70 -8.79
C ASP A 146 9.89 13.07 -7.67
N LEU A 147 9.80 11.75 -7.71
CA LEU A 147 8.99 11.02 -6.76
C LEU A 147 9.65 11.10 -5.37
N THR A 148 10.93 11.44 -5.38
CA THR A 148 11.68 11.51 -4.14
C THR A 148 11.07 12.55 -3.20
N ARG A 149 10.15 13.33 -3.75
CA ARG A 149 9.49 14.37 -2.98
C ARG A 149 7.99 14.08 -2.87
N PHE A 150 7.57 13.05 -3.56
CA PHE A 150 6.15 12.71 -3.62
C PHE A 150 5.52 12.78 -2.22
N ARG A 151 4.23 13.10 -2.21
CA ARG A 151 3.50 13.19 -0.96
C ARG A 151 2.01 12.93 -1.20
N LEU A 152 1.34 12.45 -0.17
CA LEU A 152 -0.09 12.23 -0.23
C LEU A 152 -0.81 13.58 -0.07
N SER A 153 -1.81 13.78 -0.91
CA SER A 153 -2.61 14.98 -0.85
C SER A 153 -3.43 15.00 0.46
N GLN A 154 -3.81 16.19 0.86
CA GLN A 154 -4.56 16.37 2.09
C GLN A 154 -5.80 15.47 2.09
N ASP A 155 -6.31 15.22 0.89
CA ASP A 155 -7.49 14.39 0.74
C ASP A 155 -7.22 13.01 1.34
N ASP A 156 -6.03 12.50 1.08
CA ASP A 156 -5.66 11.17 1.53
C ASP A 156 -5.50 11.17 3.05
N ILE A 157 -4.82 12.19 3.54
CA ILE A 157 -4.53 12.30 4.96
C ILE A 157 -5.84 12.43 5.73
N ASN A 158 -6.77 13.16 5.13
CA ASN A 158 -8.06 13.39 5.74
C ASN A 158 -8.67 12.04 6.15
N GLY A 159 -8.58 11.10 5.23
CA GLY A 159 -9.20 9.79 5.43
C GLY A 159 -8.37 8.94 6.40
N ILE A 160 -7.08 8.87 6.11
CA ILE A 160 -6.18 8.02 6.88
C ILE A 160 -6.15 8.52 8.33
N GLN A 161 -6.53 9.78 8.51
CA GLN A 161 -6.58 10.37 9.83
C GLN A 161 -7.93 10.08 10.48
N SER A 162 -8.98 10.27 9.71
CA SER A 162 -10.33 10.08 10.22
C SER A 162 -10.45 8.72 10.90
N LEU A 163 -9.71 7.76 10.36
CA LEU A 163 -9.74 6.40 10.89
C LEU A 163 -8.78 6.31 12.07
N TYR A 164 -7.70 7.07 11.98
CA TYR A 164 -6.68 7.06 13.02
C TYR A 164 -6.34 8.47 13.47
N GLY A 165 -5.31 9.03 12.84
CA GLY A 165 -4.90 10.39 13.14
C GLY A 165 -3.78 10.42 14.18
N PRO A 166 -2.60 10.93 13.74
CA PRO A 166 -1.46 11.05 14.63
C PRO A 166 -1.64 12.22 15.62
N PRO A 167 -0.76 12.24 16.65
CA PRO A 167 -0.82 13.30 17.64
C PRO A 167 -0.26 14.60 17.08
N PRO A 168 -0.55 15.71 17.82
CA PRO A 168 -0.07 17.03 17.42
C PRO A 168 1.43 17.18 17.72
N ASP A 169 1.96 18.33 17.34
CA ASP A 169 3.36 18.62 17.57
C ASP A 169 3.60 18.88 19.06
N SER A 170 4.86 18.79 19.46
CA SER A 170 5.22 19.03 20.85
C SER A 170 6.69 19.43 20.94
N PRO A 171 6.96 20.71 20.56
CA PRO A 171 8.31 21.22 20.58
C PRO A 171 8.76 21.53 22.02
N GLU A 172 9.08 20.46 22.74
CA GLU A 172 9.55 20.59 24.11
C GLU A 172 10.86 21.38 24.15
N THR A 173 10.92 22.32 25.07
CA THR A 173 12.10 23.15 25.22
C THR A 173 12.17 23.75 26.63
ZN ZN B . -7.55 1.81 -5.65
ZN ZN C . -6.41 -11.32 -5.34
C1 8MI D . -7.44 -1.18 -9.06
C2 8MI D . -6.38 -1.56 -8.01
C3 8MI D . -6.83 -1.07 -6.61
O4 8MI D . -7.47 -0.03 -6.54
O5 8MI D . -6.54 -1.75 -5.64
N6 8MI D . -5.08 -0.99 -8.43
C7 8MI D . -5.23 0.42 -8.87
C8 8MI D . -3.89 1.19 -8.64
C9 8MI D . -4.09 2.72 -8.85
C10 8MI D . -2.77 3.46 -8.65
C11 8MI D . -2.73 4.87 -8.75
C12 8MI D . -1.52 5.55 -8.59
C13 8MI D . -0.34 4.83 -8.33
C14 8MI D . -0.38 3.44 -8.22
C15 8MI D . -1.59 2.75 -8.39
C16 8MI D . -5.61 0.53 -10.37
O17 8MI D . -6.29 1.46 -10.79
N18 8MI D . -5.18 -0.43 -11.19
C19 8MI D . -5.55 -0.51 -12.65
C20 8MI D . -7.08 -0.33 -12.80
C21 8MI D . -7.78 -1.71 -12.95
C22 8MI D . -9.29 -1.52 -13.12
N23 8MI D . -9.90 -1.01 -11.82
C24 8MI D . -10.34 0.23 -11.63
N25 8MI D . -11.14 0.47 -10.62
N26 8MI D . -9.99 1.22 -12.43
C27 8MI D . -4.78 0.57 -13.46
O28 8MI D . -5.05 1.76 -13.33
N29 8MI D . -3.84 0.16 -14.32
C30 8MI D . -3.14 1.07 -15.06
C31 8MI D . -1.91 1.56 -14.57
C32 8MI D . -1.17 2.48 -15.33
C33 8MI D . -1.67 2.93 -16.56
C34 8MI D . -2.88 2.46 -17.04
C35 8MI D . -3.62 1.52 -16.30
H36 8MI D . -7.64 -0.12 -8.99
H37 8MI D . -8.36 -1.73 -8.87
H38 8MI D . -7.08 -1.41 -10.05
H39 8MI D . -6.31 -2.64 -8.00
H40 8MI D . -4.68 -1.57 -9.20
H41 8MI D . -6.00 0.90 -8.29
H42 8MI D . -3.14 0.83 -9.34
H43 8MI D . -3.55 1.01 -7.63
H44 8MI D . -4.80 3.08 -8.12
H45 8MI D . -4.47 2.91 -9.84
H46 8MI D . -3.63 5.42 -8.97
H47 8MI D . -1.49 6.62 -8.67
H48 8MI D . 0.59 5.35 -8.20
H49 8MI D . 0.53 2.88 -8.01
H50 8MI D . -1.61 1.67 -8.30
H51 8MI D . -4.58 -1.14 -10.89
H52 8MI D . -5.27 -1.48 -13.03
H53 8MI D . -7.30 0.27 -13.67
H54 8MI D . -7.47 0.17 -11.92
H55 8MI D . -7.59 -2.30 -12.07
H56 8MI D . -7.39 -2.21 -13.82
H57 8MI D . -9.75 -2.46 -13.37
H58 8MI D . -9.49 -0.81 -13.90
H59 8MI D . -9.94 -1.70 -11.13
H61 8MI D . -11.47 1.39 -10.45
H62 8MI D . -9.40 1.05 -13.22
H63 8MI D . -10.35 2.14 -12.28
H64 8MI D . -3.64 -0.79 -14.44
H65 8MI D . -1.53 1.21 -13.63
H66 8MI D . -0.23 2.85 -14.96
H67 8MI D . -1.10 3.65 -17.14
H68 8MI D . -3.26 2.81 -18.00
H69 8MI D . -4.56 1.15 -16.67
H60 8MI D . -11.42 -0.27 -10.00
H70 8MI D . -4.42 -1.03 -7.62
N PHE A 1 -11.46 8.36 -0.11
CA PHE A 1 -11.54 7.89 1.27
C PHE A 1 -12.89 7.24 1.55
N ARG A 2 -12.83 5.99 1.99
CA ARG A 2 -14.03 5.27 2.34
C ARG A 2 -13.76 4.31 3.50
N THR A 3 -14.81 3.60 3.92
CA THR A 3 -14.68 2.63 4.98
C THR A 3 -15.25 1.28 4.54
N PHE A 4 -15.61 0.48 5.53
CA PHE A 4 -16.09 -0.87 5.26
C PHE A 4 -17.18 -1.26 6.25
N PRO A 5 -17.79 -2.46 6.01
CA PRO A 5 -18.80 -2.99 6.90
C PRO A 5 -18.17 -3.53 8.18
N GLY A 6 -17.89 -2.63 9.11
CA GLY A 6 -17.17 -2.98 10.31
C GLY A 6 -16.08 -1.94 10.62
N ILE A 7 -15.85 -1.07 9.64
CA ILE A 7 -14.86 -0.03 9.80
C ILE A 7 -13.47 -0.65 9.90
N PRO A 8 -12.64 -0.37 8.85
CA PRO A 8 -11.27 -0.87 8.83
C PRO A 8 -10.38 -0.09 9.79
N LYS A 9 -9.67 -0.83 10.63
CA LYS A 9 -8.79 -0.21 11.62
C LYS A 9 -8.20 -1.30 12.51
N TRP A 10 -6.88 -1.37 12.50
CA TRP A 10 -6.17 -2.35 13.29
C TRP A 10 -6.33 -1.97 14.76
N ARG A 11 -6.35 -2.99 15.60
CA ARG A 11 -6.61 -2.79 17.02
C ARG A 11 -5.30 -2.54 17.77
N LYS A 12 -4.21 -2.57 17.02
CA LYS A 12 -2.89 -2.32 17.58
C LYS A 12 -2.10 -1.41 16.64
N THR A 13 -1.23 -0.61 17.23
CA THR A 13 -0.44 0.33 16.46
C THR A 13 0.82 -0.34 15.93
N HIS A 14 1.29 -1.32 16.68
CA HIS A 14 2.48 -2.07 16.28
C HIS A 14 2.13 -3.00 15.12
N LEU A 15 2.09 -2.43 13.93
CA LEU A 15 1.73 -3.19 12.74
C LEU A 15 2.93 -3.99 12.27
N THR A 16 2.65 -5.08 11.57
CA THR A 16 3.69 -5.88 10.96
C THR A 16 3.35 -6.20 9.51
N TYR A 17 4.40 -6.39 8.71
CA TYR A 17 4.22 -6.74 7.31
C TYR A 17 5.30 -7.75 6.87
N ARG A 18 5.15 -8.21 5.63
CA ARG A 18 6.06 -9.20 5.09
C ARG A 18 5.90 -9.29 3.57
N ILE A 19 6.99 -9.68 2.92
CA ILE A 19 6.93 -9.97 1.49
C ILE A 19 7.01 -11.48 1.29
N VAL A 20 5.93 -12.04 0.76
CA VAL A 20 5.82 -13.47 0.62
C VAL A 20 6.69 -13.94 -0.56
N ASN A 21 6.69 -13.13 -1.61
CA ASN A 21 7.48 -13.45 -2.79
C ASN A 21 7.71 -12.16 -3.59
N TYR A 22 8.61 -12.26 -4.55
CA TYR A 22 8.99 -11.10 -5.34
C TYR A 22 8.76 -11.34 -6.83
N THR A 23 9.06 -10.33 -7.63
CA THR A 23 8.86 -10.41 -9.07
C THR A 23 10.19 -10.59 -9.80
N PRO A 24 10.15 -11.42 -10.88
CA PRO A 24 11.33 -11.67 -11.67
C PRO A 24 11.66 -10.46 -12.56
N ASP A 25 12.03 -9.37 -11.91
CA ASP A 25 12.33 -8.14 -12.62
C ASP A 25 13.16 -7.22 -11.71
N LEU A 26 12.68 -7.07 -10.49
CA LEU A 26 13.35 -6.21 -9.52
C LEU A 26 14.14 -7.08 -8.54
N PRO A 27 15.18 -6.45 -7.92
CA PRO A 27 15.87 -7.09 -6.81
C PRO A 27 15.04 -7.06 -5.54
N LYS A 28 15.46 -7.87 -4.57
CA LYS A 28 14.71 -8.02 -3.34
C LYS A 28 14.65 -6.67 -2.61
N ASP A 29 15.82 -6.18 -2.25
CA ASP A 29 15.93 -4.95 -1.49
C ASP A 29 15.08 -3.87 -2.16
N ALA A 30 15.09 -3.89 -3.49
CA ALA A 30 14.40 -2.87 -4.26
C ALA A 30 12.91 -2.93 -3.96
N VAL A 31 12.39 -4.15 -3.96
CA VAL A 31 10.97 -4.35 -3.72
C VAL A 31 10.64 -4.00 -2.27
N ASP A 32 11.39 -4.61 -1.36
CA ASP A 32 11.16 -4.38 0.06
C ASP A 32 11.18 -2.89 0.35
N SER A 33 12.03 -2.19 -0.40
CA SER A 33 12.14 -0.75 -0.23
C SER A 33 10.82 -0.06 -0.56
N ALA A 34 10.25 -0.45 -1.69
CA ALA A 34 8.99 0.11 -2.14
C ALA A 34 7.97 0.04 -1.00
N VAL A 35 7.96 -1.10 -0.34
CA VAL A 35 7.06 -1.30 0.78
C VAL A 35 7.52 -0.46 1.97
N GLU A 36 8.77 -0.65 2.33
CA GLU A 36 9.39 0.13 3.40
C GLU A 36 9.03 1.61 3.23
N LYS A 37 8.94 2.03 1.97
CA LYS A 37 8.68 3.42 1.66
C LYS A 37 7.17 3.69 1.79
N ALA A 38 6.39 2.83 1.16
CA ALA A 38 4.95 2.96 1.19
C ALA A 38 4.46 2.98 2.64
N LEU A 39 5.15 2.20 3.46
CA LEU A 39 4.77 2.08 4.86
C LEU A 39 5.03 3.42 5.56
N LYS A 40 6.24 3.92 5.38
CA LYS A 40 6.63 5.17 6.03
C LYS A 40 5.70 6.29 5.57
N VAL A 41 5.36 6.25 4.29
CA VAL A 41 4.50 7.26 3.71
C VAL A 41 3.24 7.41 4.56
N TRP A 42 2.79 6.28 5.08
CA TRP A 42 1.57 6.26 5.87
C TRP A 42 1.94 6.54 7.33
N GLU A 43 3.10 6.02 7.73
CA GLU A 43 3.57 6.24 9.08
C GLU A 43 3.66 7.73 9.39
N GLU A 44 3.77 8.51 8.32
CA GLU A 44 3.98 9.94 8.47
C GLU A 44 2.66 10.65 8.79
N VAL A 45 1.58 9.95 8.49
CA VAL A 45 0.25 10.54 8.63
C VAL A 45 -0.64 9.60 9.46
N THR A 46 0.01 8.72 10.19
CA THR A 46 -0.68 7.90 11.18
C THR A 46 0.22 7.67 12.40
N PRO A 47 -0.45 7.34 13.54
CA PRO A 47 0.28 6.99 14.76
C PRO A 47 0.89 5.59 14.64
N LEU A 48 0.47 4.87 13.62
CA LEU A 48 0.83 3.48 13.49
C LEU A 48 2.35 3.35 13.34
N THR A 49 2.85 2.18 13.68
CA THR A 49 4.26 1.88 13.48
C THR A 49 4.43 0.48 12.86
N PHE A 50 5.28 0.42 11.85
CA PHE A 50 5.46 -0.81 11.10
C PHE A 50 6.75 -1.52 11.50
N SER A 51 6.63 -2.81 11.78
CA SER A 51 7.78 -3.62 12.14
C SER A 51 7.97 -4.75 11.12
N ARG A 52 9.22 -5.14 10.94
CA ARG A 52 9.55 -6.18 9.98
C ARG A 52 9.55 -7.54 10.66
N LEU A 53 9.25 -8.56 9.87
CA LEU A 53 9.26 -9.93 10.35
C LEU A 53 10.04 -10.82 9.39
N TYR A 54 11.22 -11.22 9.82
CA TYR A 54 12.09 -12.04 8.98
C TYR A 54 11.46 -13.41 8.73
N GLU A 55 10.49 -13.75 9.56
CA GLU A 55 9.72 -14.96 9.36
C GLU A 55 8.40 -14.89 10.13
N GLY A 56 7.50 -15.80 9.79
CA GLY A 56 6.23 -15.88 10.48
C GLY A 56 5.15 -15.06 9.74
N GLU A 57 3.99 -14.96 10.37
CA GLU A 57 2.88 -14.24 9.79
C GLU A 57 2.95 -12.76 10.17
N ALA A 58 2.48 -11.92 9.26
CA ALA A 58 2.42 -10.50 9.52
C ALA A 58 1.03 -9.97 9.18
N ASP A 59 0.68 -8.85 9.81
CA ASP A 59 -0.64 -8.28 9.65
C ASP A 59 -0.83 -7.87 8.18
N ILE A 60 0.25 -7.39 7.59
CA ILE A 60 0.23 -6.99 6.19
C ILE A 60 1.22 -7.86 5.40
N MET A 61 0.75 -9.05 5.05
CA MET A 61 1.59 -9.99 4.32
C MET A 61 1.47 -9.77 2.81
N ILE A 62 2.31 -8.89 2.30
CA ILE A 62 2.24 -8.51 0.89
C ILE A 62 2.74 -9.66 0.03
N SER A 63 1.98 -9.96 -1.02
CA SER A 63 2.25 -11.12 -1.84
C SER A 63 2.02 -10.77 -3.31
N PHE A 64 2.67 -11.53 -4.18
CA PHE A 64 2.46 -11.40 -5.61
C PHE A 64 1.86 -12.68 -6.20
N ALA A 65 1.06 -12.49 -7.23
CA ALA A 65 0.42 -13.62 -7.89
C ALA A 65 0.03 -13.23 -9.31
N VAL A 66 0.15 -14.19 -10.22
CA VAL A 66 -0.27 -13.98 -11.59
C VAL A 66 -1.57 -14.75 -11.84
N ARG A 67 -2.23 -14.40 -12.95
CA ARG A 67 -3.42 -15.10 -13.36
C ARG A 67 -4.33 -15.35 -12.15
N GLU A 68 -5.26 -16.28 -12.34
CA GLU A 68 -6.16 -16.66 -11.26
C GLU A 68 -5.38 -16.97 -9.99
N HIS A 69 -5.53 -16.08 -9.01
CA HIS A 69 -4.99 -16.33 -7.69
C HIS A 69 -6.13 -16.54 -6.69
N GLY A 70 -7.18 -17.17 -7.19
CA GLY A 70 -8.38 -17.38 -6.38
C GLY A 70 -9.22 -16.10 -6.32
N ASP A 71 -10.29 -16.18 -5.53
CA ASP A 71 -11.16 -15.04 -5.34
C ASP A 71 -11.77 -14.63 -6.69
N PHE A 72 -12.39 -13.46 -6.69
CA PHE A 72 -13.18 -13.04 -7.84
C PHE A 72 -12.38 -12.09 -8.73
N TYR A 73 -11.17 -11.81 -8.29
CA TYR A 73 -10.29 -10.93 -9.05
C TYR A 73 -9.02 -11.66 -9.49
N PRO A 74 -9.05 -12.16 -10.76
CA PRO A 74 -7.88 -12.80 -11.33
C PRO A 74 -6.83 -11.76 -11.73
N PHE A 75 -5.84 -12.23 -12.48
CA PHE A 75 -4.78 -11.35 -12.95
C PHE A 75 -4.34 -11.73 -14.37
N ASP A 76 -3.23 -11.15 -14.78
CA ASP A 76 -2.66 -11.45 -16.09
C ASP A 76 -3.42 -10.65 -17.16
N GLY A 77 -2.69 -9.75 -17.80
CA GLY A 77 -3.26 -8.96 -18.88
C GLY A 77 -2.28 -7.87 -19.32
N PRO A 78 -2.70 -7.12 -20.38
CA PRO A 78 -1.89 -6.03 -20.90
C PRO A 78 -1.99 -4.81 -19.96
N GLY A 79 -1.19 -4.86 -18.90
CA GLY A 79 -1.22 -3.81 -17.91
C GLY A 79 -2.37 -4.02 -16.93
N ASN A 80 -3.40 -3.19 -17.08
CA ASN A 80 -4.58 -3.30 -16.25
C ASN A 80 -4.17 -3.36 -14.78
N VAL A 81 -5.05 -3.94 -13.98
CA VAL A 81 -4.78 -4.08 -12.56
C VAL A 81 -3.28 -4.36 -12.36
N LEU A 82 -2.66 -3.49 -11.58
CA LEU A 82 -1.26 -3.67 -11.24
C LEU A 82 -1.16 -4.36 -9.87
N ALA A 83 -2.03 -3.94 -8.97
CA ALA A 83 -2.03 -4.47 -7.62
C ALA A 83 -3.26 -3.95 -6.87
N HIS A 84 -3.82 -4.82 -6.05
CA HIS A 84 -5.00 -4.47 -5.27
C HIS A 84 -4.83 -4.95 -3.83
N ALA A 85 -5.62 -4.36 -2.95
CA ALA A 85 -5.57 -4.71 -1.54
C ALA A 85 -6.96 -4.63 -0.94
N TYR A 86 -7.08 -5.11 0.29
CA TYR A 86 -8.38 -5.18 0.95
C TYR A 86 -8.24 -4.88 2.45
N ALA A 87 -9.28 -4.27 2.99
CA ALA A 87 -9.33 -4.00 4.42
C ALA A 87 -8.93 -5.27 5.18
N PRO A 88 -8.68 -5.07 6.50
CA PRO A 88 -8.28 -6.18 7.36
C PRO A 88 -9.47 -7.09 7.67
N GLY A 89 -9.17 -8.34 7.98
CA GLY A 89 -10.19 -9.34 8.23
C GLY A 89 -9.61 -10.75 8.19
N PRO A 90 -10.25 -11.61 7.36
CA PRO A 90 -9.78 -12.97 7.19
C PRO A 90 -8.51 -13.01 6.33
N GLY A 91 -8.12 -14.23 5.95
CA GLY A 91 -6.83 -14.44 5.34
C GLY A 91 -6.73 -13.72 3.99
N ILE A 92 -7.88 -13.37 3.46
CA ILE A 92 -7.94 -12.63 2.21
C ILE A 92 -7.73 -11.14 2.48
N ASN A 93 -8.16 -10.73 3.66
CA ASN A 93 -8.11 -9.31 4.01
C ASN A 93 -6.77 -9.01 4.67
N GLY A 94 -6.37 -7.75 4.57
CA GLY A 94 -5.12 -7.31 5.17
C GLY A 94 -3.95 -7.53 4.21
N ASP A 95 -4.06 -8.57 3.41
CA ASP A 95 -3.02 -8.90 2.45
C ASP A 95 -3.09 -7.92 1.27
N ALA A 96 -2.00 -7.87 0.52
CA ALA A 96 -1.93 -7.01 -0.65
C ALA A 96 -1.42 -7.81 -1.84
N HIS A 97 -2.26 -7.89 -2.86
CA HIS A 97 -1.96 -8.72 -4.02
C HIS A 97 -1.36 -7.84 -5.12
N PHE A 98 -0.15 -8.22 -5.53
CA PHE A 98 0.50 -7.55 -6.64
C PHE A 98 0.55 -8.44 -7.88
N ASP A 99 0.80 -7.82 -9.02
CA ASP A 99 0.99 -8.57 -10.25
C ASP A 99 2.47 -8.91 -10.43
N ASP A 100 2.72 -10.15 -10.79
CA ASP A 100 4.08 -10.61 -11.01
C ASP A 100 4.34 -10.70 -12.51
N ASP A 101 3.26 -10.85 -13.27
CA ASP A 101 3.36 -11.04 -14.70
C ASP A 101 3.33 -9.67 -15.39
N GLU A 102 4.23 -8.80 -14.95
CA GLU A 102 4.42 -7.52 -15.61
C GLU A 102 5.70 -6.85 -15.12
N GLN A 103 6.09 -5.80 -15.82
CA GLN A 103 7.33 -5.11 -15.51
C GLN A 103 7.15 -4.23 -14.27
N TRP A 104 8.27 -3.96 -13.61
CA TRP A 104 8.25 -3.10 -12.43
C TRP A 104 9.54 -2.29 -12.43
N THR A 105 9.49 -1.16 -11.72
CA THR A 105 10.67 -0.31 -11.59
C THR A 105 10.74 0.25 -10.16
N LYS A 106 11.86 0.91 -9.88
CA LYS A 106 12.05 1.54 -8.60
C LYS A 106 12.15 3.06 -8.79
N ASP A 107 11.63 3.51 -9.93
CA ASP A 107 11.69 4.93 -10.26
C ASP A 107 10.69 5.21 -11.38
N THR A 108 10.58 6.49 -11.72
CA THR A 108 9.64 6.93 -12.73
C THR A 108 10.17 6.60 -14.13
N THR A 109 9.87 5.39 -14.58
CA THR A 109 10.26 4.97 -15.91
C THR A 109 9.34 3.84 -16.40
N GLY A 110 9.09 2.90 -15.50
CA GLY A 110 8.13 1.83 -15.78
C GLY A 110 6.93 1.92 -14.85
N THR A 111 6.52 0.76 -14.36
CA THR A 111 5.50 0.69 -13.31
C THR A 111 6.14 0.94 -11.94
N ASN A 112 6.21 2.22 -11.59
CA ASN A 112 6.83 2.61 -10.33
C ASN A 112 6.22 1.79 -9.19
N LEU A 113 6.99 0.84 -8.71
CA LEU A 113 6.49 -0.11 -7.72
C LEU A 113 6.10 0.65 -6.45
N PHE A 114 7.03 1.46 -5.97
CA PHE A 114 6.84 2.16 -4.71
C PHE A 114 5.55 2.98 -4.73
N LEU A 115 5.34 3.65 -5.84
CA LEU A 115 4.13 4.45 -6.02
C LEU A 115 2.90 3.56 -5.86
N VAL A 116 3.03 2.34 -6.39
CA VAL A 116 1.94 1.38 -6.31
C VAL A 116 1.88 0.78 -4.90
N ALA A 117 3.06 0.66 -4.30
CA ALA A 117 3.15 0.08 -2.98
C ALA A 117 2.29 0.90 -2.00
N ALA A 118 2.39 2.21 -2.14
CA ALA A 118 1.63 3.11 -1.28
C ALA A 118 0.14 2.89 -1.53
N HIS A 119 -0.31 2.89 -2.78
CA HIS A 119 -1.75 2.63 -3.16
C HIS A 119 -2.26 1.29 -2.54
N GLU A 120 -1.48 0.24 -2.73
CA GLU A 120 -1.83 -1.06 -2.20
C GLU A 120 -2.16 -0.94 -0.70
N ILE A 121 -1.13 -0.65 0.07
CA ILE A 121 -1.27 -0.60 1.51
C ILE A 121 -2.45 0.31 1.88
N GLY A 122 -2.64 1.33 1.05
CA GLY A 122 -3.76 2.24 1.24
C GLY A 122 -5.07 1.47 1.45
N HIS A 123 -5.29 0.51 0.56
CA HIS A 123 -6.49 -0.31 0.64
C HIS A 123 -6.39 -1.27 1.83
N SER A 124 -5.18 -1.75 2.05
CA SER A 124 -4.93 -2.68 3.13
C SER A 124 -5.35 -2.05 4.46
N LEU A 125 -5.00 -0.78 4.62
CA LEU A 125 -5.28 -0.08 5.86
C LEU A 125 -6.77 0.20 5.96
N GLY A 126 -7.17 1.33 5.38
CA GLY A 126 -8.57 1.72 5.38
C GLY A 126 -8.80 2.96 4.52
N LEU A 127 -8.08 3.01 3.41
CA LEU A 127 -8.27 4.07 2.44
C LEU A 127 -8.94 3.51 1.19
N PHE A 128 -9.47 4.41 0.37
CA PHE A 128 -10.06 4.03 -0.90
C PHE A 128 -10.10 5.21 -1.86
N HIS A 129 -10.31 4.88 -3.13
CA HIS A 129 -10.20 5.87 -4.19
C HIS A 129 -10.74 7.22 -3.69
N SER A 130 -9.91 8.24 -3.82
CA SER A 130 -10.26 9.56 -3.34
C SER A 130 -10.93 10.36 -4.46
N ALA A 131 -11.56 11.46 -4.07
CA ALA A 131 -12.21 12.34 -5.03
C ALA A 131 -11.14 13.16 -5.76
N ASN A 132 -10.09 13.48 -5.04
CA ASN A 132 -8.98 14.22 -5.62
C ASN A 132 -8.38 13.42 -6.77
N THR A 133 -7.86 14.14 -7.75
CA THR A 133 -7.26 13.52 -8.92
C THR A 133 -5.73 13.60 -8.84
N GLU A 134 -5.26 14.43 -7.93
CA GLU A 134 -3.83 14.63 -7.76
C GLU A 134 -3.29 13.74 -6.63
N ALA A 135 -4.22 13.06 -5.97
CA ALA A 135 -3.87 12.21 -4.85
C ALA A 135 -3.26 10.91 -5.36
N LEU A 136 -2.59 10.21 -4.46
CA LEU A 136 -2.01 8.92 -4.80
C LEU A 136 -3.10 7.85 -4.75
N MET A 137 -4.21 8.20 -4.12
CA MET A 137 -5.31 7.27 -3.96
C MET A 137 -6.19 7.23 -5.21
N TYR A 138 -5.96 8.21 -6.08
CA TYR A 138 -6.70 8.28 -7.33
C TYR A 138 -6.47 7.02 -8.18
N PRO A 139 -7.60 6.46 -8.69
CA PRO A 139 -7.52 5.26 -9.51
C PRO A 139 -7.00 5.59 -10.91
N LEU A 140 -5.76 6.05 -10.95
CA LEU A 140 -5.11 6.34 -12.23
C LEU A 140 -3.61 6.56 -11.99
N TYR A 141 -2.82 5.90 -12.82
CA TYR A 141 -1.37 6.02 -12.72
C TYR A 141 -0.91 7.42 -13.12
N HIS A 142 0.13 7.88 -12.45
CA HIS A 142 0.69 9.19 -12.73
C HIS A 142 2.02 9.36 -12.00
N SER A 143 3.05 9.65 -12.78
CA SER A 143 4.38 9.80 -12.23
C SER A 143 4.77 11.29 -12.20
N LEU A 144 5.32 11.70 -11.06
CA LEU A 144 5.75 13.06 -10.89
C LEU A 144 7.14 13.23 -11.50
N THR A 145 7.43 14.46 -11.93
CA THR A 145 8.71 14.77 -12.51
C THR A 145 9.84 14.32 -11.59
N ASP A 146 9.53 14.29 -10.30
CA ASP A 146 10.48 13.82 -9.30
C ASP A 146 9.72 13.20 -8.13
N LEU A 147 9.76 11.87 -8.06
CA LEU A 147 8.95 11.14 -7.11
C LEU A 147 9.49 11.38 -5.70
N THR A 148 10.73 11.83 -5.65
CA THR A 148 11.39 12.05 -4.38
C THR A 148 10.66 13.13 -3.57
N ARG A 149 9.68 13.74 -4.23
CA ARG A 149 8.93 14.81 -3.61
C ARG A 149 7.47 14.39 -3.39
N PHE A 150 7.15 13.21 -3.92
CA PHE A 150 5.79 12.72 -3.86
C PHE A 150 5.24 12.80 -2.43
N ARG A 151 3.96 13.10 -2.34
CA ARG A 151 3.28 13.16 -1.05
C ARG A 151 1.79 12.86 -1.22
N LEU A 152 1.20 12.34 -0.15
CA LEU A 152 -0.24 12.08 -0.14
C LEU A 152 -0.99 13.40 0.03
N SER A 153 -2.01 13.57 -0.79
CA SER A 153 -2.84 14.76 -0.70
C SER A 153 -3.63 14.76 0.61
N GLN A 154 -4.25 15.90 0.88
CA GLN A 154 -5.01 16.06 2.11
C GLN A 154 -6.18 15.06 2.14
N ASP A 155 -6.62 14.68 0.96
CA ASP A 155 -7.72 13.73 0.84
C ASP A 155 -7.32 12.40 1.49
N ASP A 156 -6.08 12.01 1.25
CA ASP A 156 -5.60 10.73 1.72
C ASP A 156 -5.45 10.78 3.25
N ILE A 157 -4.81 11.84 3.72
CA ILE A 157 -4.54 11.98 5.14
C ILE A 157 -5.86 12.08 5.90
N ASN A 158 -6.79 12.84 5.33
CA ASN A 158 -8.09 13.02 5.94
C ASN A 158 -8.67 11.66 6.32
N GLY A 159 -8.56 10.73 5.38
CA GLY A 159 -9.15 9.41 5.57
C GLY A 159 -8.29 8.54 6.49
N ILE A 160 -7.00 8.53 6.21
CA ILE A 160 -6.08 7.67 6.93
C ILE A 160 -6.02 8.11 8.39
N GLN A 161 -6.43 9.35 8.62
CA GLN A 161 -6.43 9.90 9.97
C GLN A 161 -7.79 9.66 10.63
N SER A 162 -8.83 9.75 9.82
CA SER A 162 -10.19 9.58 10.33
C SER A 162 -10.32 8.22 11.03
N LEU A 163 -9.59 7.25 10.52
CA LEU A 163 -9.68 5.89 11.03
C LEU A 163 -8.59 5.68 12.09
N TYR A 164 -7.63 6.60 12.11
CA TYR A 164 -6.57 6.55 13.08
C TYR A 164 -6.26 7.94 13.63
N GLY A 165 -5.29 8.59 13.00
CA GLY A 165 -4.98 9.98 13.31
C GLY A 165 -3.87 10.08 14.36
N PRO A 166 -2.71 10.63 13.90
CA PRO A 166 -1.57 10.82 14.79
C PRO A 166 -1.80 12.00 15.73
N PRO A 167 -0.94 12.08 16.77
CA PRO A 167 -1.03 13.17 17.74
C PRO A 167 -0.51 14.48 17.16
N PRO A 168 -0.84 15.59 17.85
CA PRO A 168 -0.40 16.90 17.42
C PRO A 168 1.08 17.12 17.73
N ASP A 169 1.59 18.27 17.32
CA ASP A 169 2.98 18.61 17.55
C ASP A 169 3.20 18.85 19.05
N SER A 170 4.45 18.66 19.46
CA SER A 170 4.79 18.81 20.87
C SER A 170 6.19 18.26 21.12
N PRO A 171 6.39 16.97 20.73
CA PRO A 171 7.67 16.32 20.91
C PRO A 171 8.68 16.81 19.87
N GLU A 172 9.46 17.81 20.28
CA GLU A 172 10.48 18.37 19.41
C GLU A 172 11.54 17.32 19.08
N THR A 173 12.06 16.71 20.12
CA THR A 173 13.09 15.69 19.96
C THR A 173 14.08 16.11 18.88
ZN ZN B . -7.35 1.38 -5.82
ZN ZN C . -6.62 -10.73 -5.13
C1 8MI D . -5.70 -2.08 -9.32
C2 8MI D . -5.78 -0.98 -8.22
C3 8MI D . -6.90 0.02 -8.60
O4 8MI D . -7.52 0.55 -7.69
O5 8MI D . -7.11 0.25 -9.78
N6 8MI D . -4.45 -0.36 -8.09
C7 8MI D . -4.21 0.65 -9.18
C8 8MI D . -2.92 1.45 -8.89
C9 8MI D . -3.00 2.88 -9.49
C10 8MI D . -1.75 3.69 -9.14
C11 8MI D . -1.84 4.78 -8.27
C12 8MI D . -0.68 5.51 -7.96
C13 8MI D . 0.55 5.17 -8.53
C14 8MI D . 0.64 4.08 -9.40
C15 8MI D . -0.51 3.34 -9.71
C16 8MI D . -4.08 -0.02 -10.57
O17 8MI D . -3.25 -0.90 -10.78
N18 8MI D . -4.89 0.40 -11.54
C19 8MI D . -4.87 -0.15 -12.95
C20 8MI D . -6.28 0.00 -13.56
C21 8MI D . -7.21 -1.13 -13.07
C22 8MI D . -8.66 -0.85 -13.47
N23 8MI D . -9.57 -1.94 -12.95
C24 8MI D . -9.92 -2.10 -11.67
N25 8MI D . -10.66 -3.13 -11.33
N26 8MI D . -9.56 -1.22 -10.75
C27 8MI D . -3.81 0.61 -13.81
O28 8MI D . -3.48 1.75 -13.53
N29 8MI D . -3.29 -0.03 -14.86
C30 8MI D . -2.38 0.60 -15.68
C31 8MI D . -1.26 -0.11 -16.13
C32 8MI D . -0.32 0.52 -16.95
C33 8MI D . -0.50 1.85 -17.34
C34 8MI D . -1.61 2.56 -16.88
C35 8MI D . -2.56 1.94 -16.06
H36 8MI D . -4.71 -2.50 -9.32
H37 8MI D . -5.93 -1.65 -10.28
H38 8MI D . -6.42 -2.87 -9.09
H39 8MI D . -6.04 -1.45 -7.29
H40 8MI D . -3.72 -1.09 -8.13
H41 8MI D . -5.04 1.34 -9.22
H42 8MI D . -2.07 0.94 -9.31
H43 8MI D . -2.78 1.52 -7.82
H44 8MI D . -3.87 3.38 -9.07
H45 8MI D . -3.11 2.82 -10.56
H46 8MI D . -2.78 5.05 -7.82
H47 8MI D . -0.75 6.35 -7.29
H48 8MI D . 1.44 5.74 -8.29
H49 8MI D . 1.58 3.83 -9.84
H50 8MI D . -0.45 2.50 -10.39
H51 8MI D . -5.55 1.10 -11.40
H52 8MI D . -4.59 -1.19 -12.92
H53 8MI D . -6.22 -0.05 -14.65
H54 8MI D . -6.70 0.95 -13.27
H55 8MI D . -7.14 -1.21 -11.99
H56 8MI D . -6.89 -2.08 -13.51
H57 8MI D . -8.73 -0.81 -14.55
H58 8MI D . -8.97 0.10 -13.06
H59 8MI D . -9.88 -2.56 -13.65
H61 8MI D . -10.93 -3.25 -10.38
H62 8MI D . -9.01 -0.43 -11.00
H63 8MI D . -9.83 -1.35 -9.79
H64 8MI D . -3.55 -0.95 -15.07
H65 8MI D . -1.12 -1.14 -15.83
H66 8MI D . 0.55 -0.03 -17.31
H67 8MI D . 0.23 2.34 -17.98
H68 8MI D . -1.75 3.59 -17.17
H69 8MI D . -3.42 2.49 -15.71
H60 8MI D . -10.95 -3.79 -12.02
H70 8MI D . -4.39 0.12 -7.17
N PHE A 1 -14.38 10.24 2.91
CA PHE A 1 -13.56 9.14 2.45
C PHE A 1 -14.21 7.79 2.76
N ARG A 2 -13.98 6.83 1.88
CA ARG A 2 -14.51 5.50 2.04
C ARG A 2 -13.53 4.62 2.81
N THR A 3 -14.06 3.55 3.39
CA THR A 3 -13.26 2.68 4.23
C THR A 3 -13.75 1.23 4.12
N PHE A 4 -14.88 0.97 4.78
CA PHE A 4 -15.53 -0.32 4.65
C PHE A 4 -16.72 -0.42 5.61
N PRO A 5 -17.54 -1.49 5.38
CA PRO A 5 -18.71 -1.72 6.22
C PRO A 5 -18.30 -2.28 7.59
N GLY A 6 -18.51 -1.45 8.60
CA GLY A 6 -18.12 -1.81 9.95
C GLY A 6 -16.77 -1.19 10.32
N ILE A 7 -16.10 -0.66 9.31
CA ILE A 7 -14.80 -0.04 9.51
C ILE A 7 -13.91 -0.98 10.30
N PRO A 8 -13.48 -2.09 9.63
CA PRO A 8 -12.47 -2.96 10.19
C PRO A 8 -11.08 -2.33 10.09
N LYS A 9 -10.37 -2.35 11.20
CA LYS A 9 -9.07 -1.71 11.28
C LYS A 9 -8.28 -2.30 12.45
N TRP A 10 -6.97 -2.31 12.28
CA TRP A 10 -6.09 -2.88 13.30
C TRP A 10 -6.25 -2.06 14.58
N ARG A 11 -6.36 -2.78 15.69
CA ARG A 11 -6.54 -2.13 16.98
C ARG A 11 -5.17 -1.82 17.61
N LYS A 12 -4.13 -2.31 16.95
CA LYS A 12 -2.78 -2.10 17.44
C LYS A 12 -2.04 -1.15 16.49
N THR A 13 -1.09 -0.42 17.06
CA THR A 13 -0.32 0.53 16.28
C THR A 13 0.94 -0.13 15.72
N HIS A 14 1.46 -1.08 16.48
CA HIS A 14 2.65 -1.81 16.07
C HIS A 14 2.27 -2.81 14.97
N LEU A 15 2.09 -2.28 13.77
CA LEU A 15 1.68 -3.11 12.65
C LEU A 15 2.89 -3.92 12.16
N THR A 16 2.58 -5.03 11.51
CA THR A 16 3.63 -5.84 10.90
C THR A 16 3.27 -6.19 9.45
N TYR A 17 4.30 -6.49 8.68
CA TYR A 17 4.10 -6.86 7.28
C TYR A 17 5.19 -7.83 6.82
N ARG A 18 4.99 -8.36 5.62
CA ARG A 18 5.90 -9.37 5.09
C ARG A 18 5.66 -9.56 3.60
N ILE A 19 6.75 -9.65 2.85
CA ILE A 19 6.67 -9.94 1.44
C ILE A 19 6.98 -11.43 1.20
N VAL A 20 5.98 -12.13 0.67
CA VAL A 20 6.10 -13.56 0.49
C VAL A 20 7.01 -13.86 -0.70
N ASN A 21 6.84 -13.05 -1.75
CA ASN A 21 7.62 -13.25 -2.96
C ASN A 21 7.76 -11.91 -3.68
N TYR A 22 8.59 -11.92 -4.72
CA TYR A 22 8.90 -10.69 -5.44
C TYR A 22 8.67 -10.88 -6.94
N THR A 23 9.08 -9.87 -7.70
CA THR A 23 8.86 -9.87 -9.14
C THR A 23 10.18 -10.07 -9.87
N PRO A 24 10.12 -10.82 -11.00
CA PRO A 24 11.29 -11.08 -11.81
C PRO A 24 11.67 -9.84 -12.63
N ASP A 25 12.00 -8.77 -11.92
CA ASP A 25 12.35 -7.53 -12.56
C ASP A 25 13.22 -6.69 -11.62
N LEU A 26 12.76 -6.58 -10.38
CA LEU A 26 13.49 -5.84 -9.37
C LEU A 26 14.18 -6.82 -8.42
N PRO A 27 15.23 -6.29 -7.73
CA PRO A 27 15.89 -7.06 -6.68
C PRO A 27 15.02 -7.10 -5.41
N LYS A 28 15.41 -7.97 -4.49
CA LYS A 28 14.59 -8.24 -3.32
C LYS A 28 14.47 -6.97 -2.50
N ASP A 29 15.61 -6.50 -2.01
CA ASP A 29 15.64 -5.34 -1.13
C ASP A 29 14.89 -4.18 -1.80
N ALA A 30 15.01 -4.11 -3.12
CA ALA A 30 14.41 -3.02 -3.87
C ALA A 30 12.90 -3.08 -3.73
N VAL A 31 12.37 -4.30 -3.75
CA VAL A 31 10.94 -4.51 -3.65
C VAL A 31 10.49 -4.23 -2.22
N ASP A 32 11.19 -4.85 -1.27
CA ASP A 32 10.88 -4.66 0.13
C ASP A 32 10.90 -3.17 0.45
N SER A 33 11.78 -2.45 -0.24
CA SER A 33 11.90 -1.02 -0.05
C SER A 33 10.58 -0.32 -0.37
N ALA A 34 10.01 -0.71 -1.51
CA ALA A 34 8.76 -0.11 -1.95
C ALA A 34 7.74 -0.18 -0.82
N VAL A 35 7.75 -1.30 -0.12
CA VAL A 35 6.83 -1.50 1.00
C VAL A 35 7.32 -0.68 2.20
N GLU A 36 8.59 -0.87 2.52
CA GLU A 36 9.22 -0.08 3.56
C GLU A 36 8.87 1.41 3.39
N LYS A 37 8.71 1.80 2.13
CA LYS A 37 8.47 3.19 1.81
C LYS A 37 6.97 3.48 1.90
N ALA A 38 6.20 2.67 1.18
CA ALA A 38 4.76 2.85 1.14
C ALA A 38 4.21 2.88 2.56
N LEU A 39 4.74 1.98 3.38
CA LEU A 39 4.32 1.89 4.77
C LEU A 39 4.61 3.23 5.47
N LYS A 40 5.86 3.65 5.35
CA LYS A 40 6.32 4.83 6.07
C LYS A 40 5.53 6.05 5.58
N VAL A 41 5.20 6.03 4.30
CA VAL A 41 4.48 7.13 3.69
C VAL A 41 3.19 7.39 4.49
N TRP A 42 2.65 6.31 5.03
CA TRP A 42 1.43 6.40 5.82
C TRP A 42 1.81 6.73 7.27
N GLU A 43 2.95 6.17 7.69
CA GLU A 43 3.46 6.44 9.01
C GLU A 43 3.63 7.94 9.23
N GLU A 44 3.81 8.65 8.12
CA GLU A 44 4.05 10.08 8.18
C GLU A 44 2.76 10.81 8.53
N VAL A 45 1.64 10.12 8.32
CA VAL A 45 0.34 10.74 8.47
C VAL A 45 -0.55 9.85 9.35
N THR A 46 0.10 8.95 10.07
CA THR A 46 -0.59 8.16 11.08
C THR A 46 0.33 7.90 12.28
N PRO A 47 -0.31 7.56 13.42
CA PRO A 47 0.43 7.17 14.61
C PRO A 47 1.01 5.76 14.47
N LEU A 48 0.52 5.06 13.46
CA LEU A 48 0.85 3.65 13.29
C LEU A 48 2.37 3.51 13.11
N THR A 49 2.86 2.34 13.48
CA THR A 49 4.26 2.00 13.23
C THR A 49 4.37 0.58 12.68
N PHE A 50 5.18 0.45 11.63
CA PHE A 50 5.26 -0.80 10.90
C PHE A 50 6.58 -1.52 11.21
N SER A 51 6.48 -2.84 11.29
CA SER A 51 7.65 -3.67 11.53
C SER A 51 7.68 -4.83 10.54
N ARG A 52 8.87 -5.41 10.39
CA ARG A 52 9.05 -6.51 9.47
C ARG A 52 9.27 -7.81 10.24
N LEU A 53 8.89 -8.92 9.61
CA LEU A 53 9.06 -10.23 10.20
C LEU A 53 9.71 -11.16 9.18
N TYR A 54 10.67 -11.94 9.66
CA TYR A 54 11.38 -12.87 8.80
C TYR A 54 10.67 -14.23 8.77
N GLU A 55 9.68 -14.37 9.64
CA GLU A 55 8.89 -15.58 9.69
C GLU A 55 7.52 -15.30 10.29
N GLY A 56 6.64 -16.29 10.20
CA GLY A 56 5.32 -16.18 10.79
C GLY A 56 4.37 -15.43 9.85
N GLU A 57 3.20 -15.09 10.38
CA GLU A 57 2.20 -14.40 9.60
C GLU A 57 2.06 -12.95 10.08
N ALA A 58 2.56 -12.04 9.27
CA ALA A 58 2.46 -10.62 9.57
C ALA A 58 1.05 -10.14 9.25
N ASP A 59 0.72 -8.97 9.79
CA ASP A 59 -0.60 -8.40 9.60
C ASP A 59 -0.81 -8.10 8.12
N ILE A 60 0.22 -7.53 7.51
CA ILE A 60 0.16 -7.18 6.11
C ILE A 60 1.15 -8.04 5.32
N MET A 61 0.66 -9.19 4.88
CA MET A 61 1.48 -10.11 4.13
C MET A 61 1.36 -9.85 2.62
N ILE A 62 2.27 -9.02 2.13
CA ILE A 62 2.24 -8.65 0.72
C ILE A 62 2.78 -9.81 -0.11
N SER A 63 2.22 -9.95 -1.31
CA SER A 63 2.56 -11.06 -2.18
C SER A 63 2.33 -10.69 -3.63
N PHE A 64 2.83 -11.54 -4.52
CA PHE A 64 2.61 -11.35 -5.95
C PHE A 64 2.02 -12.61 -6.59
N ALA A 65 1.24 -12.39 -7.63
CA ALA A 65 0.65 -13.50 -8.37
C ALA A 65 0.22 -13.02 -9.75
N VAL A 66 0.34 -13.92 -10.72
CA VAL A 66 -0.10 -13.62 -12.08
C VAL A 66 -1.41 -14.37 -12.35
N ARG A 67 -2.19 -13.81 -13.25
CA ARG A 67 -3.45 -14.44 -13.65
C ARG A 67 -4.22 -14.89 -12.41
N GLU A 68 -5.20 -15.76 -12.65
CA GLU A 68 -6.00 -16.28 -11.56
C GLU A 68 -5.10 -16.89 -10.48
N HIS A 69 -5.25 -16.38 -9.26
CA HIS A 69 -4.35 -16.73 -8.18
C HIS A 69 -5.16 -17.10 -6.94
N GLY A 70 -6.27 -17.78 -7.18
CA GLY A 70 -7.06 -18.34 -6.08
C GLY A 70 -8.32 -17.51 -5.84
N ASP A 71 -8.11 -16.23 -5.55
CA ASP A 71 -9.20 -15.36 -5.16
C ASP A 71 -10.05 -15.03 -6.38
N PHE A 72 -11.13 -14.31 -6.14
CA PHE A 72 -12.10 -14.03 -7.19
C PHE A 72 -11.66 -12.82 -8.02
N TYR A 73 -10.53 -12.26 -7.64
CA TYR A 73 -9.92 -11.19 -8.43
C TYR A 73 -8.64 -11.66 -9.10
N PRO A 74 -8.78 -12.10 -10.39
CA PRO A 74 -7.66 -12.63 -11.13
C PRO A 74 -6.72 -11.51 -11.57
N PHE A 75 -5.77 -11.88 -12.43
CA PHE A 75 -4.82 -10.92 -12.95
C PHE A 75 -4.61 -11.11 -14.46
N ASP A 76 -3.73 -10.28 -15.01
CA ASP A 76 -3.45 -10.34 -16.43
C ASP A 76 -1.97 -10.06 -16.67
N GLY A 77 -1.59 -8.81 -16.45
CA GLY A 77 -0.21 -8.40 -16.64
C GLY A 77 -0.12 -6.92 -17.03
N PRO A 78 -0.06 -6.68 -18.36
CA PRO A 78 0.00 -5.32 -18.87
C PRO A 78 -1.36 -4.63 -18.77
N GLY A 79 -1.34 -3.44 -18.21
CA GLY A 79 -2.57 -2.68 -18.04
C GLY A 79 -3.46 -3.29 -16.95
N ASN A 80 -4.67 -2.77 -16.86
CA ASN A 80 -5.64 -3.28 -15.90
C ASN A 80 -5.00 -3.28 -14.51
N VAL A 81 -5.60 -4.06 -13.61
CA VAL A 81 -5.13 -4.13 -12.25
C VAL A 81 -3.61 -4.26 -12.25
N LEU A 82 -2.96 -3.30 -11.60
CA LEU A 82 -1.53 -3.38 -11.37
C LEU A 82 -1.28 -4.10 -10.04
N ALA A 83 -2.09 -3.76 -9.05
CA ALA A 83 -2.00 -4.39 -7.75
C ALA A 83 -3.22 -4.00 -6.91
N HIS A 84 -3.74 -4.98 -6.18
CA HIS A 84 -4.94 -4.77 -5.40
C HIS A 84 -4.73 -5.28 -3.97
N ALA A 85 -5.61 -4.86 -3.09
CA ALA A 85 -5.53 -5.25 -1.69
C ALA A 85 -6.91 -5.15 -1.05
N TYR A 86 -6.98 -5.56 0.21
CA TYR A 86 -8.24 -5.59 0.92
C TYR A 86 -8.05 -5.19 2.39
N ALA A 87 -9.06 -4.50 2.91
CA ALA A 87 -9.08 -4.17 4.32
C ALA A 87 -8.81 -5.43 5.14
N PRO A 88 -8.69 -5.23 6.49
CA PRO A 88 -8.37 -6.33 7.38
C PRO A 88 -9.59 -7.22 7.61
N GLY A 89 -9.32 -8.45 8.02
CA GLY A 89 -10.37 -9.43 8.20
C GLY A 89 -9.80 -10.84 8.34
N PRO A 90 -10.36 -11.77 7.51
CA PRO A 90 -9.87 -13.13 7.47
C PRO A 90 -8.54 -13.21 6.71
N GLY A 91 -8.12 -14.45 6.46
CA GLY A 91 -6.79 -14.68 5.93
C GLY A 91 -6.65 -14.12 4.52
N ILE A 92 -7.79 -13.81 3.92
CA ILE A 92 -7.81 -13.24 2.59
C ILE A 92 -7.64 -11.72 2.69
N ASN A 93 -8.09 -11.18 3.81
CA ASN A 93 -8.07 -9.74 4.01
C ASN A 93 -6.72 -9.34 4.63
N GLY A 94 -6.37 -8.08 4.45
CA GLY A 94 -5.14 -7.56 5.02
C GLY A 94 -3.96 -7.75 4.07
N ASP A 95 -4.07 -8.77 3.24
CA ASP A 95 -3.00 -9.10 2.31
C ASP A 95 -3.01 -8.10 1.15
N ALA A 96 -1.92 -8.10 0.40
CA ALA A 96 -1.81 -7.22 -0.76
C ALA A 96 -1.21 -8.01 -1.93
N HIS A 97 -1.97 -8.05 -3.02
CA HIS A 97 -1.56 -8.82 -4.18
C HIS A 97 -1.08 -7.89 -5.28
N PHE A 98 0.16 -8.11 -5.70
CA PHE A 98 0.71 -7.38 -6.82
C PHE A 98 0.76 -8.24 -8.08
N ASP A 99 1.01 -7.59 -9.20
CA ASP A 99 1.16 -8.29 -10.47
C ASP A 99 2.63 -8.68 -10.65
N ASP A 100 2.84 -9.90 -11.11
CA ASP A 100 4.18 -10.40 -11.35
C ASP A 100 4.38 -10.57 -12.87
N ASP A 101 3.28 -10.50 -13.60
CA ASP A 101 3.31 -10.70 -15.03
C ASP A 101 3.49 -9.34 -15.73
N GLU A 102 4.05 -8.40 -14.99
CA GLU A 102 4.29 -7.08 -15.52
C GLU A 102 5.61 -6.52 -14.98
N GLN A 103 6.17 -5.58 -15.72
CA GLN A 103 7.42 -4.96 -15.34
C GLN A 103 7.22 -4.01 -14.16
N TRP A 104 8.30 -3.79 -13.43
CA TRP A 104 8.26 -2.87 -12.31
C TRP A 104 9.61 -2.13 -12.25
N THR A 105 9.58 -0.96 -11.65
CA THR A 105 10.79 -0.18 -11.46
C THR A 105 10.73 0.60 -10.15
N LYS A 106 11.87 1.16 -9.78
CA LYS A 106 11.95 1.97 -8.56
C LYS A 106 11.88 3.45 -8.93
N ASP A 107 11.59 3.70 -10.20
CA ASP A 107 11.50 5.07 -10.69
C ASP A 107 10.42 5.14 -11.78
N THR A 108 10.45 6.23 -12.52
CA THR A 108 9.44 6.48 -13.54
C THR A 108 9.95 6.02 -14.91
N THR A 109 10.31 4.74 -14.98
CA THR A 109 10.68 4.13 -16.24
C THR A 109 9.83 2.89 -16.50
N GLY A 110 8.82 2.72 -15.66
CA GLY A 110 7.92 1.59 -15.80
C GLY A 110 6.70 1.74 -14.88
N THR A 111 6.28 0.62 -14.33
CA THR A 111 5.27 0.63 -13.28
C THR A 111 5.92 0.89 -11.92
N ASN A 112 5.94 2.16 -11.54
CA ASN A 112 6.60 2.56 -10.30
C ASN A 112 6.03 1.74 -9.14
N LEU A 113 6.86 0.85 -8.62
CA LEU A 113 6.41 -0.09 -7.61
C LEU A 113 6.08 0.66 -6.34
N PHE A 114 7.07 1.38 -5.83
CA PHE A 114 6.94 2.04 -4.54
C PHE A 114 5.67 2.90 -4.50
N LEU A 115 5.47 3.66 -5.56
CA LEU A 115 4.34 4.57 -5.63
C LEU A 115 3.05 3.75 -5.61
N VAL A 116 3.10 2.59 -6.25
CA VAL A 116 1.96 1.70 -6.30
C VAL A 116 1.80 1.01 -4.94
N ALA A 117 2.94 0.78 -4.29
CA ALA A 117 2.94 0.11 -3.01
C ALA A 117 2.08 0.89 -2.02
N ALA A 118 2.18 2.21 -2.10
CA ALA A 118 1.42 3.07 -1.23
C ALA A 118 -0.08 2.84 -1.47
N HIS A 119 -0.53 2.81 -2.71
CA HIS A 119 -1.96 2.52 -3.09
C HIS A 119 -2.42 1.16 -2.51
N GLU A 120 -1.61 0.13 -2.74
CA GLU A 120 -1.90 -1.19 -2.21
C GLU A 120 -2.16 -1.11 -0.70
N ILE A 121 -1.14 -0.68 0.02
CA ILE A 121 -1.20 -0.66 1.47
C ILE A 121 -2.47 0.07 1.91
N GLY A 122 -2.82 1.09 1.13
CA GLY A 122 -4.02 1.86 1.42
C GLY A 122 -5.25 0.96 1.50
N HIS A 123 -5.34 0.03 0.56
CA HIS A 123 -6.43 -0.93 0.55
C HIS A 123 -6.33 -1.83 1.79
N SER A 124 -5.09 -2.12 2.16
CA SER A 124 -4.85 -2.99 3.30
C SER A 124 -5.22 -2.29 4.60
N LEU A 125 -5.05 -0.97 4.60
CA LEU A 125 -5.28 -0.19 5.79
C LEU A 125 -6.78 0.07 5.94
N GLY A 126 -7.19 1.26 5.52
CA GLY A 126 -8.57 1.68 5.69
C GLY A 126 -8.96 2.71 4.65
N LEU A 127 -8.28 2.66 3.51
CA LEU A 127 -8.63 3.49 2.38
C LEU A 127 -8.90 2.61 1.16
N PHE A 128 -9.44 3.24 0.13
CA PHE A 128 -9.62 2.56 -1.15
C PHE A 128 -9.44 3.53 -2.32
N HIS A 129 -10.25 4.58 -2.30
CA HIS A 129 -10.22 5.57 -3.36
C HIS A 129 -10.58 6.95 -2.80
N SER A 130 -9.68 7.90 -3.00
CA SER A 130 -9.88 9.24 -2.48
C SER A 130 -10.85 10.01 -3.37
N ALA A 131 -10.29 10.94 -4.13
CA ALA A 131 -11.09 11.80 -4.98
C ALA A 131 -10.18 12.75 -5.75
N ASN A 132 -9.31 13.41 -5.00
CA ASN A 132 -8.37 14.35 -5.59
C ASN A 132 -7.49 13.61 -6.62
N THR A 133 -7.07 14.36 -7.64
CA THR A 133 -6.30 13.77 -8.71
C THR A 133 -4.80 13.76 -8.36
N GLU A 134 -4.43 14.71 -7.53
CA GLU A 134 -3.03 14.88 -7.16
C GLU A 134 -2.69 13.98 -5.97
N ALA A 135 -3.71 13.30 -5.46
CA ALA A 135 -3.54 12.41 -4.34
C ALA A 135 -2.87 11.11 -4.82
N LEU A 136 -3.13 10.05 -4.09
CA LEU A 136 -2.47 8.78 -4.36
C LEU A 136 -3.53 7.68 -4.51
N MET A 137 -4.43 7.63 -3.55
CA MET A 137 -5.48 6.62 -3.54
C MET A 137 -6.43 6.82 -4.72
N TYR A 138 -6.30 7.96 -5.37
CA TYR A 138 -7.06 8.24 -6.58
C TYR A 138 -7.04 7.04 -7.52
N PRO A 139 -8.25 6.69 -8.04
CA PRO A 139 -8.39 5.56 -8.94
C PRO A 139 -7.86 5.91 -10.34
N LEU A 140 -6.60 6.32 -10.37
CA LEU A 140 -5.95 6.64 -11.63
C LEU A 140 -4.45 6.81 -11.40
N TYR A 141 -3.68 6.17 -12.27
CA TYR A 141 -2.23 6.25 -12.18
C TYR A 141 -1.75 7.69 -12.34
N HIS A 142 -0.69 8.02 -11.60
CA HIS A 142 -0.16 9.37 -11.61
C HIS A 142 1.36 9.32 -11.46
N SER A 143 2.04 9.93 -12.42
CA SER A 143 3.49 9.98 -12.38
C SER A 143 3.96 11.39 -12.05
N LEU A 144 5.27 11.54 -11.93
CA LEU A 144 5.86 12.84 -11.65
C LEU A 144 7.29 12.87 -12.17
N THR A 145 7.69 14.05 -12.62
CA THR A 145 9.04 14.24 -13.16
C THR A 145 10.07 13.70 -12.17
N ASP A 146 9.75 13.82 -10.89
CA ASP A 146 10.61 13.30 -9.85
C ASP A 146 9.75 12.77 -8.70
N LEU A 147 9.73 11.45 -8.58
CA LEU A 147 8.92 10.81 -7.55
C LEU A 147 9.45 11.18 -6.17
N THR A 148 10.69 11.67 -6.16
CA THR A 148 11.32 12.06 -4.91
C THR A 148 10.54 13.19 -4.25
N ARG A 149 9.56 13.71 -4.98
CA ARG A 149 8.78 14.84 -4.51
C ARG A 149 7.36 14.38 -4.17
N PHE A 150 7.08 13.13 -4.49
CA PHE A 150 5.75 12.59 -4.28
C PHE A 150 5.32 12.74 -2.81
N ARG A 151 4.04 13.01 -2.62
CA ARG A 151 3.50 13.16 -1.29
C ARG A 151 1.99 12.89 -1.30
N LEU A 152 1.50 12.36 -0.19
CA LEU A 152 0.07 12.17 -0.01
C LEU A 152 -0.61 13.53 0.12
N SER A 153 -1.60 13.76 -0.73
CA SER A 153 -2.34 15.00 -0.70
C SER A 153 -3.21 15.07 0.55
N GLN A 154 -3.64 16.29 0.87
CA GLN A 154 -4.46 16.50 2.05
C GLN A 154 -5.69 15.59 2.01
N ASP A 155 -6.11 15.26 0.80
CA ASP A 155 -7.24 14.38 0.62
C ASP A 155 -6.92 13.00 1.20
N ASP A 156 -5.69 12.56 0.95
CA ASP A 156 -5.25 11.25 1.42
C ASP A 156 -5.25 11.24 2.95
N ILE A 157 -4.65 12.28 3.51
CA ILE A 157 -4.46 12.35 4.95
C ILE A 157 -5.83 12.52 5.62
N ASN A 158 -6.68 13.26 4.96
CA ASN A 158 -8.03 13.51 5.49
C ASN A 158 -8.65 12.17 5.89
N GLY A 159 -8.49 11.19 5.02
CA GLY A 159 -9.09 9.88 5.25
C GLY A 159 -8.29 9.09 6.29
N ILE A 160 -7.01 8.91 5.98
CA ILE A 160 -6.16 8.07 6.80
C ILE A 160 -6.24 8.52 8.26
N GLN A 161 -6.17 9.83 8.44
CA GLN A 161 -6.17 10.40 9.78
C GLN A 161 -7.55 10.27 10.41
N SER A 162 -8.56 10.22 9.56
CA SER A 162 -9.93 10.04 10.02
C SER A 162 -10.10 8.63 10.58
N LEU A 163 -9.32 7.72 10.05
CA LEU A 163 -9.32 6.34 10.54
C LEU A 163 -8.46 6.26 11.81
N TYR A 164 -7.48 7.15 11.87
CA TYR A 164 -6.54 7.13 12.99
C TYR A 164 -6.17 8.55 13.40
N GLY A 165 -5.11 9.07 12.79
CA GLY A 165 -4.68 10.43 13.04
C GLY A 165 -3.57 10.47 14.09
N PRO A 166 -2.39 11.00 13.67
CA PRO A 166 -1.26 11.12 14.57
C PRO A 166 -1.46 12.28 15.55
N PRO A 167 -0.58 12.30 16.59
CA PRO A 167 -0.65 13.34 17.60
C PRO A 167 -0.09 14.67 17.05
N PRO A 168 -0.94 15.72 17.11
CA PRO A 168 -0.54 17.05 16.67
C PRO A 168 0.40 17.70 17.69
N ASP A 169 0.86 18.88 17.33
CA ASP A 169 1.76 19.63 18.20
C ASP A 169 0.97 20.19 19.40
N SER A 170 1.70 20.49 20.45
CA SER A 170 1.08 21.02 21.66
C SER A 170 0.58 22.44 21.41
N PRO A 171 -0.51 22.81 22.13
CA PRO A 171 -1.09 24.15 22.00
C PRO A 171 -0.23 25.18 22.73
N GLU A 172 0.96 25.41 22.18
CA GLU A 172 1.87 26.38 22.76
C GLU A 172 1.62 27.77 22.18
N THR A 173 2.09 28.77 22.91
CA THR A 173 1.92 30.15 22.47
C THR A 173 2.95 30.50 21.39
ZN ZN B . -7.63 1.38 -5.46
ZN ZN C . -5.57 -11.13 -5.40
C1 8MI D . -6.03 -2.22 -8.81
C2 8MI D . -6.11 -1.04 -7.82
C3 8MI D . -7.35 -0.17 -8.15
O4 8MI D . -7.93 0.39 -7.23
O5 8MI D . -7.70 -0.09 -9.32
N6 8MI D . -4.83 -0.28 -7.87
C7 8MI D . -4.85 0.72 -8.98
C8 8MI D . -3.62 1.65 -8.88
C9 8MI D . -3.89 3.03 -9.55
C10 8MI D . -2.75 4.00 -9.27
C11 8MI D . -1.46 3.75 -9.77
C12 8MI D . -0.42 4.64 -9.51
C13 8MI D . -0.64 5.77 -8.74
C14 8MI D . -1.91 6.03 -8.23
C15 8MI D . -2.97 5.15 -8.49
C16 8MI D . -4.84 0.05 -10.37
O17 8MI D . -4.00 -0.78 -10.67
N18 8MI D . -5.77 0.42 -11.25
C19 8MI D . -5.88 -0.14 -12.65
C20 8MI D . -7.39 -0.24 -13.03
C21 8MI D . -8.01 -1.53 -12.45
C22 8MI D . -9.54 -1.40 -12.36
N23 8MI D . -9.90 -0.39 -11.30
C24 8MI D . -11.12 0.14 -11.15
N25 8MI D . -11.29 1.12 -10.28
N26 8MI D . -12.16 -0.29 -11.84
C27 8MI D . -5.12 0.78 -13.66
O28 8MI D . -5.36 1.98 -13.72
N29 8MI D . -4.21 0.20 -14.44
C30 8MI D . -3.49 0.96 -15.33
C31 8MI D . -2.66 1.99 -14.86
C32 8MI D . -1.92 2.77 -15.77
C33 8MI D . -2.01 2.52 -17.13
C34 8MI D . -2.82 1.49 -17.61
C35 8MI D . -3.57 0.71 -16.72
H36 8MI D . -6.68 -3.01 -8.48
H37 8MI D . -5.01 -2.59 -8.86
H38 8MI D . -6.33 -1.87 -9.79
H39 8MI D . -6.24 -1.45 -6.83
H40 8MI D . -4.05 -0.94 -8.00
H41 8MI D . -5.75 1.33 -8.91
H42 8MI D . -2.77 1.18 -9.34
H43 8MI D . -3.39 1.82 -7.83
H44 8MI D . -4.81 3.43 -9.15
H45 8MI D . -3.99 2.89 -10.62
H46 8MI D . -1.28 2.86 -10.37
H47 8MI D . 0.57 4.44 -9.91
H48 8MI D . 0.17 6.46 -8.54
H49 8MI D . -2.09 6.91 -7.63
H50 8MI D . -3.96 5.35 -8.10
H51 8MI D . -6.46 1.08 -11.03
H52 8MI D . -5.44 -1.13 -12.68
H53 8MI D . -7.48 -0.26 -14.11
H54 8MI D . -7.91 0.62 -12.64
H55 8MI D . -7.61 -1.70 -11.46
H56 8MI D . -7.76 -2.37 -13.09
H57 8MI D . -9.97 -2.36 -12.11
H58 8MI D . -9.92 -1.07 -13.32
H59 8MI D . -9.15 -0.14 -10.72
H61 8MI D . -12.20 1.53 -10.16
H62 8MI D . -12.05 -1.04 -12.50
H63 8MI D . -13.07 0.12 -11.72
H64 8MI D . -4.04 -0.76 -14.41
H65 8MI D . -2.59 2.18 -13.80
H66 8MI D . -1.29 3.56 -15.40
H67 8MI D . -1.43 3.12 -17.83
H68 8MI D . -2.89 1.31 -18.68
H69 8MI D . -4.21 -0.08 -17.09
H60 8MI D . -10.51 1.45 -9.75
H70 8MI D . -4.70 0.22 -6.96
#